data_2K8M
#
_entry.id   2K8M
#
loop_
_entity.id
_entity.type
_entity.pdbx_description
1 polymer 'Putative uncharacterized protein'
2 polymer 'Protein S100-A13'
#
loop_
_entity_poly.entity_id
_entity_poly.type
_entity_poly.pdbx_seq_one_letter_code
_entity_poly.pdbx_strand_id
1 'polypeptide(L)'
;EKLGKLQYSLDYDFQNNQLLVGIIQAAELPALDMGGTSDPYVKVFLLPDKKKKFETKVHRKTLNPVFNEQFTFKVPYSEL
GGKTLVMAVYDFDRFSKHDIIGEFKVPMNTVDFGHVTEEWRDLQSAEK
;
A,D
2 'polypeptide(L)'
;MAAEPLTELEESIETVVTTFFTFARQEGRKDSLSVNEFKELVTQQLPHLLKDVGSLDEKMKSLDVNQDSELKFNEYWRLI
GELAKEIRKKKDLKIRKK
;
B,C
#
# COMPACT_ATOMS: atom_id res chain seq x y z
N GLU A 1 -25.30 35.07 -13.40
CA GLU A 1 -24.86 34.70 -12.04
C GLU A 1 -25.74 33.59 -11.50
N LYS A 2 -25.13 32.50 -11.07
CA LYS A 2 -25.86 31.39 -10.50
C LYS A 2 -25.02 30.68 -9.44
N LEU A 3 -25.64 30.38 -8.32
CA LEU A 3 -24.95 29.69 -7.23
C LEU A 3 -25.87 28.65 -6.61
N GLY A 4 -27.08 28.54 -7.15
CA GLY A 4 -28.03 27.58 -6.65
C GLY A 4 -29.14 28.22 -5.86
N LYS A 5 -29.64 27.50 -4.87
CA LYS A 5 -30.72 27.99 -4.02
C LYS A 5 -30.40 27.71 -2.56
N LEU A 6 -30.72 28.67 -1.70
CA LEU A 6 -30.46 28.53 -0.28
C LEU A 6 -31.76 28.56 0.50
N GLN A 7 -32.07 27.45 1.15
CA GLN A 7 -33.28 27.36 1.95
C GLN A 7 -32.94 27.83 3.36
N TYR A 8 -33.62 28.86 3.85
CA TYR A 8 -33.33 29.37 5.18
C TYR A 8 -34.58 29.89 5.86
N SER A 9 -34.50 30.04 7.17
CA SER A 9 -35.61 30.52 7.98
C SER A 9 -35.11 31.56 8.98
N LEU A 10 -35.63 32.77 8.89
CA LEU A 10 -35.23 33.85 9.80
C LEU A 10 -36.31 34.13 10.84
N ASP A 11 -35.88 34.23 12.09
CA ASP A 11 -36.80 34.54 13.18
C ASP A 11 -36.20 35.67 14.03
N TYR A 12 -37.05 36.44 14.68
CA TYR A 12 -36.57 37.56 15.48
C TYR A 12 -36.67 37.29 16.98
N ASP A 13 -35.69 37.80 17.71
CA ASP A 13 -35.66 37.65 19.16
C ASP A 13 -35.71 39.03 19.80
N PHE A 14 -36.66 39.22 20.70
CA PHE A 14 -36.84 40.51 21.37
C PHE A 14 -36.24 40.54 22.77
N GLN A 15 -35.59 39.46 23.19
CA GLN A 15 -35.00 39.42 24.52
C GLN A 15 -33.53 39.82 24.47
N ASN A 16 -32.84 39.41 23.41
CA ASN A 16 -31.42 39.74 23.25
C ASN A 16 -31.24 40.79 22.17
N ASN A 17 -32.34 41.13 21.50
CA ASN A 17 -32.36 42.13 20.44
C ASN A 17 -31.46 41.73 19.28
N GLN A 18 -31.86 40.70 18.54
CA GLN A 18 -31.10 40.23 17.39
C GLN A 18 -31.98 39.39 16.48
N LEU A 19 -31.48 39.14 15.27
CA LEU A 19 -32.20 38.33 14.31
C LEU A 19 -31.52 36.97 14.18
N LEU A 20 -32.29 35.91 14.34
CA LEU A 20 -31.75 34.57 14.26
C LEU A 20 -31.68 34.11 12.81
N VAL A 21 -30.48 34.08 12.27
CA VAL A 21 -30.26 33.66 10.90
C VAL A 21 -29.92 32.17 10.87
N GLY A 22 -30.90 31.36 10.52
CA GLY A 22 -30.70 29.92 10.45
C GLY A 22 -30.92 29.38 9.06
N ILE A 23 -29.84 28.98 8.41
CA ILE A 23 -29.92 28.43 7.07
C ILE A 23 -30.05 26.92 7.13
N ILE A 24 -30.86 26.35 6.24
CA ILE A 24 -31.07 24.91 6.23
C ILE A 24 -30.04 24.21 5.35
N GLN A 25 -30.07 24.51 4.06
CA GLN A 25 -29.14 23.90 3.11
C GLN A 25 -29.00 24.73 1.85
N ALA A 26 -27.94 24.44 1.11
CA ALA A 26 -27.65 25.11 -0.15
C ALA A 26 -27.30 24.07 -1.20
N ALA A 27 -27.89 24.18 -2.37
CA ALA A 27 -27.63 23.22 -3.44
C ALA A 27 -27.20 23.91 -4.72
N GLU A 28 -26.71 23.10 -5.67
CA GLU A 28 -26.26 23.58 -6.98
C GLU A 28 -25.00 24.42 -6.87
N LEU A 29 -24.23 24.19 -5.80
CA LEU A 29 -23.00 24.93 -5.57
C LEU A 29 -21.92 24.50 -6.56
N PRO A 30 -21.23 25.47 -7.20
CA PRO A 30 -20.16 25.19 -8.14
C PRO A 30 -18.97 24.50 -7.48
N ALA A 31 -18.15 23.84 -8.29
CA ALA A 31 -16.98 23.13 -7.78
C ALA A 31 -15.73 23.98 -7.91
N LEU A 32 -14.81 23.81 -6.97
CA LEU A 32 -13.56 24.55 -6.98
C LEU A 32 -12.39 23.58 -6.82
N ASP A 33 -12.47 22.76 -5.78
CA ASP A 33 -11.43 21.77 -5.52
C ASP A 33 -11.41 20.73 -6.63
N MET A 34 -10.27 20.62 -7.30
CA MET A 34 -10.07 19.69 -8.42
C MET A 34 -10.70 18.33 -8.16
N GLY A 35 -11.54 17.89 -9.09
CA GLY A 35 -12.20 16.60 -8.95
C GLY A 35 -13.70 16.71 -8.89
N GLY A 36 -14.22 17.89 -9.19
CA GLY A 36 -15.67 18.10 -9.17
C GLY A 36 -16.22 18.21 -7.76
N THR A 37 -15.50 18.93 -6.91
CA THR A 37 -15.93 19.12 -5.54
C THR A 37 -15.49 20.49 -5.03
N SER A 38 -15.94 20.84 -3.84
CA SER A 38 -15.58 22.12 -3.23
C SER A 38 -15.78 22.04 -1.74
N ASP A 39 -15.22 23.00 -1.02
CA ASP A 39 -15.36 23.07 0.44
C ASP A 39 -16.05 24.38 0.79
N PRO A 40 -17.35 24.49 0.50
CA PRO A 40 -18.12 25.71 0.72
C PRO A 40 -18.61 25.92 2.15
N TYR A 41 -18.12 26.98 2.76
CA TYR A 41 -18.52 27.36 4.09
C TYR A 41 -18.98 28.82 4.04
N VAL A 42 -20.22 29.05 4.45
CA VAL A 42 -20.79 30.39 4.41
C VAL A 42 -20.32 31.25 5.58
N LYS A 43 -19.97 32.48 5.27
CA LYS A 43 -19.54 33.44 6.27
C LYS A 43 -20.32 34.73 6.10
N VAL A 44 -20.96 35.17 7.15
CA VAL A 44 -21.77 36.38 7.10
C VAL A 44 -20.94 37.63 7.31
N PHE A 45 -21.16 38.60 6.44
CA PHE A 45 -20.47 39.88 6.51
C PHE A 45 -21.51 40.99 6.53
N LEU A 46 -21.09 42.19 6.88
CA LEU A 46 -22.00 43.32 6.96
C LEU A 46 -21.38 44.56 6.34
N LEU A 47 -22.19 45.60 6.23
CA LEU A 47 -21.77 46.89 5.69
C LEU A 47 -20.94 47.62 6.78
N PRO A 48 -20.73 48.97 6.74
CA PRO A 48 -19.96 49.69 7.79
C PRO A 48 -20.33 49.31 9.23
N ASP A 49 -21.47 48.64 9.42
CA ASP A 49 -21.91 48.18 10.73
C ASP A 49 -20.79 47.36 11.38
N LYS A 50 -20.41 46.29 10.68
CA LYS A 50 -19.34 45.38 11.11
C LYS A 50 -19.42 44.99 12.59
N LYS A 51 -20.63 44.81 13.10
CA LYS A 51 -20.79 44.42 14.49
C LYS A 51 -21.17 42.95 14.56
N LYS A 52 -20.66 42.18 13.61
CA LYS A 52 -20.94 40.75 13.53
C LYS A 52 -20.07 40.09 12.45
N LYS A 53 -19.55 38.92 12.77
CA LYS A 53 -18.72 38.16 11.84
C LYS A 53 -18.63 36.72 12.31
N PHE A 54 -19.38 35.85 11.67
CA PHE A 54 -19.39 34.43 12.04
C PHE A 54 -19.18 33.55 10.82
N GLU A 55 -18.27 32.61 10.95
CA GLU A 55 -17.98 31.67 9.87
C GLU A 55 -18.49 30.29 10.25
N THR A 56 -19.17 29.64 9.33
CA THR A 56 -19.72 28.32 9.58
C THR A 56 -18.64 27.25 9.52
N LYS A 57 -18.99 26.02 9.89
CA LYS A 57 -18.05 24.92 9.88
C LYS A 57 -17.64 24.61 8.45
N VAL A 58 -16.36 24.37 8.24
CA VAL A 58 -15.87 24.05 6.91
C VAL A 58 -16.46 22.73 6.41
N HIS A 59 -17.35 22.83 5.43
CA HIS A 59 -17.98 21.67 4.86
C HIS A 59 -17.11 21.18 3.71
N ARG A 60 -16.07 20.44 4.07
CA ARG A 60 -15.12 19.94 3.09
C ARG A 60 -15.70 18.87 2.18
N LYS A 61 -15.38 18.99 0.89
CA LYS A 61 -15.79 18.04 -0.15
C LYS A 61 -17.29 17.80 -0.15
N THR A 62 -18.06 18.80 -0.57
CA THR A 62 -19.51 18.66 -0.65
C THR A 62 -20.10 19.70 -1.60
N LEU A 63 -21.24 19.38 -2.18
CA LEU A 63 -21.91 20.29 -3.11
C LEU A 63 -23.31 20.60 -2.60
N ASN A 64 -23.61 20.06 -1.42
CA ASN A 64 -24.91 20.25 -0.78
C ASN A 64 -24.75 20.04 0.73
N PRO A 65 -24.33 21.08 1.45
CA PRO A 65 -24.13 21.02 2.89
C PRO A 65 -25.41 21.17 3.70
N VAL A 66 -25.58 20.27 4.66
CA VAL A 66 -26.74 20.28 5.55
C VAL A 66 -26.29 20.28 7.00
N PHE A 67 -26.04 21.46 7.55
CA PHE A 67 -25.59 21.57 8.93
C PHE A 67 -26.54 22.43 9.75
N ASN A 68 -27.08 23.48 9.11
CA ASN A 68 -28.01 24.40 9.76
C ASN A 68 -27.34 25.16 10.90
N GLU A 69 -26.27 25.88 10.59
CA GLU A 69 -25.55 26.65 11.59
C GLU A 69 -26.39 27.85 12.04
N GLN A 70 -26.12 28.32 13.25
CA GLN A 70 -26.86 29.44 13.83
C GLN A 70 -26.00 30.71 13.85
N PHE A 71 -26.48 31.76 13.21
CA PHE A 71 -25.76 33.04 13.21
C PHE A 71 -26.54 34.07 14.03
N THR A 72 -25.84 34.71 14.96
CA THR A 72 -26.45 35.72 15.81
C THR A 72 -26.29 37.12 15.20
N PHE A 73 -27.38 37.62 14.62
CA PHE A 73 -27.36 38.95 14.01
C PHE A 73 -27.49 40.00 15.12
N LYS A 74 -26.38 40.25 15.81
CA LYS A 74 -26.33 41.22 16.90
C LYS A 74 -26.58 42.65 16.43
N VAL A 75 -27.84 43.03 16.44
CA VAL A 75 -28.27 44.37 16.04
C VAL A 75 -29.72 44.57 16.48
N PRO A 76 -30.01 45.66 17.20
CA PRO A 76 -31.37 45.95 17.66
C PRO A 76 -32.36 46.02 16.52
N TYR A 77 -33.58 45.57 16.76
CA TYR A 77 -34.62 45.59 15.72
C TYR A 77 -34.85 47.01 15.21
N SER A 78 -34.52 47.99 16.04
CA SER A 78 -34.67 49.39 15.68
C SER A 78 -33.61 49.80 14.65
N GLU A 79 -32.55 49.02 14.55
CA GLU A 79 -31.47 49.32 13.62
C GLU A 79 -31.54 48.41 12.39
N LEU A 80 -32.68 47.75 12.21
CA LEU A 80 -32.85 46.86 11.07
C LEU A 80 -33.19 47.66 9.81
N GLY A 81 -33.56 48.92 10.01
CA GLY A 81 -33.90 49.78 8.90
C GLY A 81 -32.69 50.15 8.06
N GLY A 82 -31.56 50.32 8.72
CA GLY A 82 -30.34 50.66 8.02
C GLY A 82 -29.32 49.56 8.11
N LYS A 83 -29.78 48.32 8.06
CA LYS A 83 -28.91 47.17 8.15
C LYS A 83 -29.25 46.13 7.08
N THR A 84 -28.26 45.81 6.26
CA THR A 84 -28.41 44.82 5.21
C THR A 84 -27.37 43.72 5.39
N LEU A 85 -27.83 42.52 5.69
CA LEU A 85 -26.91 41.40 5.90
C LEU A 85 -26.59 40.73 4.58
N VAL A 86 -25.33 40.31 4.43
CA VAL A 86 -24.88 39.63 3.23
C VAL A 86 -24.26 38.29 3.60
N MET A 87 -24.66 37.25 2.90
CA MET A 87 -24.14 35.91 3.14
C MET A 87 -23.28 35.47 1.98
N ALA A 88 -21.98 35.41 2.21
CA ALA A 88 -21.04 35.02 1.17
C ALA A 88 -20.49 33.64 1.45
N VAL A 89 -20.57 32.75 0.46
CA VAL A 89 -20.06 31.41 0.61
C VAL A 89 -18.62 31.33 0.12
N TYR A 90 -17.73 30.88 1.00
CA TYR A 90 -16.32 30.77 0.68
C TYR A 90 -15.93 29.31 0.51
N ASP A 91 -14.98 29.07 -0.38
CA ASP A 91 -14.47 27.72 -0.60
C ASP A 91 -13.20 27.52 0.21
N PHE A 92 -12.84 26.28 0.46
CA PHE A 92 -11.64 25.98 1.22
C PHE A 92 -10.93 24.76 0.63
N ASP A 93 -10.64 24.83 -0.67
CA ASP A 93 -9.94 23.74 -1.37
C ASP A 93 -8.61 23.37 -0.71
N ARG A 94 -8.09 24.30 0.10
CA ARG A 94 -6.85 24.12 0.85
C ARG A 94 -5.60 24.13 -0.04
N PHE A 95 -5.68 24.74 -1.21
CA PHE A 95 -4.53 24.80 -2.10
C PHE A 95 -4.51 26.10 -2.88
N SER A 96 -5.50 26.27 -3.74
CA SER A 96 -5.59 27.47 -4.56
C SER A 96 -6.10 28.62 -3.71
N LYS A 97 -6.04 29.83 -4.25
CA LYS A 97 -6.52 30.98 -3.52
C LYS A 97 -8.04 31.08 -3.62
N HIS A 98 -8.70 30.09 -3.04
CA HIS A 98 -10.16 30.00 -3.02
C HIS A 98 -10.78 31.34 -2.60
N ASP A 99 -11.83 31.73 -3.31
CA ASP A 99 -12.50 32.99 -3.02
C ASP A 99 -14.00 32.80 -2.87
N ILE A 100 -14.74 33.90 -2.95
CA ILE A 100 -16.19 33.87 -2.84
C ILE A 100 -16.81 33.40 -4.15
N ILE A 101 -17.39 32.20 -4.13
CA ILE A 101 -18.00 31.63 -5.32
C ILE A 101 -19.41 32.18 -5.53
N GLY A 102 -19.93 32.85 -4.52
CA GLY A 102 -21.26 33.43 -4.61
C GLY A 102 -21.71 34.04 -3.30
N GLU A 103 -22.76 34.85 -3.36
CA GLU A 103 -23.28 35.51 -2.18
C GLU A 103 -24.73 35.95 -2.41
N PHE A 104 -25.34 36.47 -1.36
CA PHE A 104 -26.71 36.97 -1.43
C PHE A 104 -26.92 38.01 -0.33
N LYS A 105 -27.76 38.98 -0.61
CA LYS A 105 -28.04 40.04 0.35
C LYS A 105 -29.53 40.35 0.39
N VAL A 106 -30.01 40.77 1.55
CA VAL A 106 -31.42 41.10 1.72
C VAL A 106 -31.58 42.32 2.62
N PRO A 107 -32.29 43.34 2.13
CA PRO A 107 -32.54 44.57 2.90
C PRO A 107 -33.54 44.32 4.03
N MET A 108 -33.06 44.35 5.26
CA MET A 108 -33.91 44.11 6.42
C MET A 108 -34.94 45.22 6.60
N ASN A 109 -34.72 46.34 5.96
CA ASN A 109 -35.65 47.46 6.04
C ASN A 109 -36.96 47.10 5.35
N THR A 110 -36.86 46.37 4.26
CA THR A 110 -38.03 45.95 3.51
C THR A 110 -38.69 44.73 4.17
N VAL A 111 -37.87 43.87 4.75
CA VAL A 111 -38.36 42.67 5.40
C VAL A 111 -38.92 42.99 6.78
N ASP A 112 -40.13 42.53 7.06
CA ASP A 112 -40.75 42.76 8.35
C ASP A 112 -40.42 41.62 9.30
N PHE A 113 -40.38 41.94 10.59
CA PHE A 113 -40.09 40.94 11.60
C PHE A 113 -41.35 40.56 12.35
N GLY A 114 -42.46 40.51 11.63
CA GLY A 114 -43.74 40.16 12.23
C GLY A 114 -43.73 38.77 12.83
N HIS A 115 -43.21 37.80 12.09
CA HIS A 115 -43.14 36.44 12.58
C HIS A 115 -41.83 35.77 12.17
N VAL A 116 -41.83 35.11 11.02
CA VAL A 116 -40.64 34.42 10.54
C VAL A 116 -40.52 34.56 9.02
N THR A 117 -39.29 34.74 8.56
CA THR A 117 -39.02 34.88 7.14
C THR A 117 -38.41 33.59 6.59
N GLU A 118 -39.26 32.65 6.23
CA GLU A 118 -38.80 31.38 5.69
C GLU A 118 -38.99 31.35 4.18
N GLU A 119 -37.92 31.09 3.44
CA GLU A 119 -38.00 31.05 1.99
C GLU A 119 -36.79 30.35 1.39
N TRP A 120 -36.76 30.29 0.06
CA TRP A 120 -35.68 29.64 -0.65
C TRP A 120 -35.02 30.63 -1.60
N ARG A 121 -34.24 31.53 -1.03
CA ARG A 121 -33.56 32.58 -1.79
C ARG A 121 -32.60 32.00 -2.82
N ASP A 122 -32.63 32.55 -4.02
CA ASP A 122 -31.73 32.11 -5.07
C ASP A 122 -30.36 32.75 -4.84
N LEU A 123 -29.31 32.01 -5.14
CA LEU A 123 -27.96 32.51 -4.93
C LEU A 123 -27.33 32.93 -6.25
N GLN A 124 -26.48 33.95 -6.20
CA GLN A 124 -25.80 34.45 -7.38
C GLN A 124 -24.30 34.47 -7.18
N SER A 125 -23.55 34.16 -8.22
CA SER A 125 -22.10 34.15 -8.16
C SER A 125 -21.53 35.55 -8.32
N ALA A 126 -21.65 36.35 -7.28
CA ALA A 126 -21.12 37.70 -7.31
C ALA A 126 -19.64 37.69 -6.94
N GLU A 127 -18.81 37.33 -7.92
CA GLU A 127 -17.37 37.24 -7.74
C GLU A 127 -16.79 38.57 -7.26
N LYS A 128 -15.65 38.50 -6.60
CA LYS A 128 -15.01 39.71 -6.09
C LYS A 128 -13.67 39.93 -6.78
N MET B 1 32.95 -1.15 -15.08
CA MET B 1 33.58 0.03 -14.44
C MET B 1 32.76 0.44 -13.22
N ALA B 2 33.24 1.46 -12.50
CA ALA B 2 32.55 1.94 -11.32
C ALA B 2 31.24 2.63 -11.68
N ALA B 3 30.36 2.76 -10.70
CA ALA B 3 29.06 3.40 -10.87
C ALA B 3 28.20 2.59 -11.85
N GLU B 4 28.16 1.29 -11.64
CA GLU B 4 27.38 0.40 -12.48
C GLU B 4 25.90 0.47 -12.08
N PRO B 5 24.99 0.43 -13.07
CA PRO B 5 23.55 0.49 -12.80
C PRO B 5 22.99 -0.80 -12.21
N LEU B 6 22.01 -0.67 -11.34
CA LEU B 6 21.38 -1.81 -10.70
C LEU B 6 20.09 -2.17 -11.41
N THR B 7 19.27 -3.00 -10.79
CA THR B 7 18.01 -3.41 -11.38
C THR B 7 17.04 -2.23 -11.40
N GLU B 8 16.13 -2.24 -12.38
CA GLU B 8 15.13 -1.19 -12.54
C GLU B 8 14.52 -0.72 -11.22
N LEU B 9 13.89 -1.63 -10.49
CA LEU B 9 13.26 -1.30 -9.21
C LEU B 9 14.26 -0.79 -8.18
N GLU B 10 15.48 -1.34 -8.20
CA GLU B 10 16.52 -0.92 -7.27
C GLU B 10 16.89 0.53 -7.53
N GLU B 11 16.90 0.91 -8.80
CA GLU B 11 17.21 2.27 -9.19
C GLU B 11 16.09 3.22 -8.77
N SER B 12 14.84 2.77 -8.96
CA SER B 12 13.67 3.56 -8.61
C SER B 12 13.60 3.86 -7.12
N ILE B 13 13.88 2.85 -6.29
CA ILE B 13 13.83 3.03 -4.84
C ILE B 13 14.98 3.92 -4.37
N GLU B 14 16.11 3.85 -5.05
CA GLU B 14 17.27 4.66 -4.69
C GLU B 14 16.96 6.14 -4.89
N THR B 15 16.25 6.45 -5.97
CA THR B 15 15.90 7.82 -6.28
C THR B 15 15.00 8.43 -5.19
N VAL B 16 13.90 7.77 -4.88
CA VAL B 16 12.98 8.28 -3.86
C VAL B 16 13.64 8.35 -2.48
N VAL B 17 14.50 7.38 -2.19
CA VAL B 17 15.21 7.37 -0.90
C VAL B 17 16.14 8.57 -0.79
N THR B 18 16.76 8.94 -1.90
CA THR B 18 17.66 10.07 -1.93
C THR B 18 16.91 11.38 -1.63
N THR B 19 15.73 11.53 -2.22
CA THR B 19 14.91 12.71 -1.99
C THR B 19 14.34 12.69 -0.57
N PHE B 20 14.04 11.49 -0.09
CA PHE B 20 13.50 11.31 1.25
C PHE B 20 14.55 11.67 2.29
N PHE B 21 15.79 11.25 2.05
CA PHE B 21 16.88 11.49 2.97
C PHE B 21 17.26 12.98 3.03
N THR B 22 17.18 13.67 1.91
CA THR B 22 17.54 15.08 1.86
C THR B 22 16.57 15.94 2.68
N PHE B 23 15.32 15.50 2.73
CA PHE B 23 14.29 16.24 3.46
C PHE B 23 14.21 15.75 4.91
N ALA B 24 14.74 14.57 5.18
CA ALA B 24 14.72 14.00 6.53
C ALA B 24 15.88 14.52 7.36
N ARG B 25 16.62 15.47 6.79
CA ARG B 25 17.75 16.07 7.48
C ARG B 25 17.62 17.59 7.47
N GLN B 26 16.38 18.06 7.60
CA GLN B 26 16.12 19.49 7.61
C GLN B 26 15.98 19.98 9.03
N GLU B 27 15.22 19.25 9.83
CA GLU B 27 15.00 19.61 11.22
C GLU B 27 15.91 18.78 12.11
N GLY B 28 15.80 17.47 12.01
CA GLY B 28 16.62 16.60 12.82
C GLY B 28 16.20 15.14 12.73
N ARG B 29 17.10 14.25 13.14
CA ARG B 29 16.84 12.82 13.11
C ARG B 29 16.67 12.31 11.69
N LYS B 30 17.78 12.29 10.94
CA LYS B 30 17.79 11.84 9.55
C LYS B 30 17.36 10.37 9.43
N ASP B 31 16.04 10.18 9.37
CA ASP B 31 15.42 8.86 9.27
C ASP B 31 13.91 9.04 9.33
N SER B 32 13.50 10.14 9.95
CA SER B 32 12.10 10.47 10.09
C SER B 32 11.82 11.85 9.53
N LEU B 33 10.58 12.09 9.15
CA LEU B 33 10.16 13.38 8.61
C LEU B 33 9.35 14.16 9.63
N SER B 34 9.90 15.26 10.10
CA SER B 34 9.23 16.11 11.07
C SER B 34 8.10 16.90 10.39
N VAL B 35 7.38 17.70 11.16
CA VAL B 35 6.27 18.50 10.64
C VAL B 35 6.69 19.37 9.46
N ASN B 36 7.69 20.22 9.66
CA ASN B 36 8.15 21.11 8.61
C ASN B 36 8.74 20.35 7.43
N GLU B 37 9.50 19.30 7.73
CA GLU B 37 10.13 18.48 6.70
C GLU B 37 9.09 17.81 5.80
N PHE B 38 8.05 17.25 6.41
CA PHE B 38 6.99 16.58 5.68
C PHE B 38 6.24 17.56 4.78
N LYS B 39 5.98 18.76 5.30
CA LYS B 39 5.27 19.78 4.54
C LYS B 39 6.17 20.38 3.46
N GLU B 40 7.46 20.49 3.77
CA GLU B 40 8.44 21.05 2.83
C GLU B 40 8.54 20.19 1.58
N LEU B 41 8.31 18.89 1.74
CA LEU B 41 8.37 17.95 0.63
C LEU B 41 7.23 18.19 -0.36
N VAL B 42 5.99 18.14 0.14
CA VAL B 42 4.82 18.32 -0.71
C VAL B 42 4.73 19.74 -1.25
N THR B 43 4.92 20.72 -0.39
CA THR B 43 4.84 22.13 -0.79
C THR B 43 6.12 22.56 -1.51
N GLN B 44 6.57 21.74 -2.45
CA GLN B 44 7.76 22.04 -3.20
C GLN B 44 7.89 21.13 -4.41
N GLN B 45 7.94 19.83 -4.17
CA GLN B 45 8.11 18.86 -5.26
C GLN B 45 6.86 18.02 -5.50
N LEU B 46 5.71 18.43 -4.98
CA LEU B 46 4.49 17.68 -5.20
C LEU B 46 3.24 18.56 -5.14
N PRO B 47 3.15 19.60 -5.99
CA PRO B 47 2.00 20.49 -6.03
C PRO B 47 1.03 20.13 -7.16
N HIS B 48 1.19 18.91 -7.70
CA HIS B 48 0.36 18.46 -8.81
C HIS B 48 -0.47 17.24 -8.44
N LEU B 49 0.19 16.17 -7.98
CA LEU B 49 -0.50 14.94 -7.60
C LEU B 49 -1.48 15.20 -6.46
N LEU B 50 -1.03 15.92 -5.45
CA LEU B 50 -1.86 16.26 -4.32
C LEU B 50 -1.79 17.76 -4.08
N LYS B 51 -2.89 18.45 -4.32
CA LYS B 51 -2.93 19.89 -4.15
C LYS B 51 -3.53 20.26 -2.80
N ASP B 52 -2.70 20.27 -1.77
CA ASP B 52 -3.16 20.63 -0.43
C ASP B 52 -2.00 21.23 0.37
N VAL B 53 -2.11 22.50 0.68
CA VAL B 53 -1.08 23.20 1.44
C VAL B 53 -1.69 23.85 2.68
N GLY B 54 -3.00 23.73 2.82
CA GLY B 54 -3.69 24.32 3.95
C GLY B 54 -4.03 23.33 5.04
N SER B 55 -4.15 22.06 4.67
CA SER B 55 -4.48 21.03 5.64
C SER B 55 -3.49 19.87 5.54
N LEU B 56 -2.21 20.19 5.75
CA LEU B 56 -1.15 19.20 5.70
C LEU B 56 -1.24 18.28 6.91
N ASP B 57 -1.63 18.85 8.05
CA ASP B 57 -1.76 18.09 9.29
C ASP B 57 -2.84 17.04 9.15
N GLU B 58 -3.78 17.27 8.24
CA GLU B 58 -4.86 16.33 7.98
C GLU B 58 -4.29 15.02 7.46
N LYS B 59 -3.18 15.11 6.71
CA LYS B 59 -2.53 13.94 6.16
C LYS B 59 -1.64 13.29 7.20
N MET B 60 -0.87 14.11 7.90
CA MET B 60 0.04 13.63 8.94
C MET B 60 -0.69 12.79 9.99
N LYS B 61 -1.80 13.33 10.50
CA LYS B 61 -2.58 12.63 11.53
C LYS B 61 -3.32 11.42 10.97
N SER B 62 -3.26 11.23 9.65
CA SER B 62 -3.92 10.11 9.01
C SER B 62 -2.88 9.09 8.54
N LEU B 63 -1.61 9.42 8.66
CA LEU B 63 -0.54 8.53 8.23
C LEU B 63 0.25 8.05 9.44
N ASP B 64 0.49 8.95 10.37
CA ASP B 64 1.24 8.61 11.58
C ASP B 64 0.36 7.76 12.49
N VAL B 65 0.87 6.58 12.84
CA VAL B 65 0.14 5.65 13.69
C VAL B 65 0.56 5.78 15.15
N ASN B 66 1.61 6.57 15.39
CA ASN B 66 2.11 6.76 16.76
C ASN B 66 1.85 8.18 17.23
N GLN B 67 1.70 9.08 16.26
CA GLN B 67 1.42 10.50 16.50
C GLN B 67 2.49 11.13 17.41
N ASP B 68 3.71 11.26 16.89
CA ASP B 68 4.80 11.87 17.63
C ASP B 68 5.40 13.03 16.85
N SER B 69 4.70 13.39 15.76
CA SER B 69 5.10 14.51 14.89
C SER B 69 6.31 14.18 14.03
N GLU B 70 6.70 12.91 14.00
CA GLU B 70 7.84 12.49 13.21
C GLU B 70 7.52 11.24 12.41
N LEU B 71 7.21 11.43 11.13
CA LEU B 71 6.87 10.32 10.25
C LEU B 71 8.10 9.45 10.00
N LYS B 72 8.08 8.24 10.52
CA LYS B 72 9.20 7.32 10.34
C LYS B 72 9.23 6.80 8.91
N PHE B 73 10.29 6.07 8.56
CA PHE B 73 10.45 5.52 7.22
C PHE B 73 9.18 4.81 6.73
N ASN B 74 8.61 3.98 7.59
CA ASN B 74 7.40 3.23 7.25
C ASN B 74 6.20 4.16 7.08
N GLU B 75 6.03 5.07 8.04
CA GLU B 75 4.91 6.01 8.02
C GLU B 75 5.02 6.98 6.84
N TYR B 76 6.24 7.35 6.48
CA TYR B 76 6.46 8.26 5.35
C TYR B 76 6.13 7.56 4.05
N TRP B 77 6.49 6.29 3.95
CA TRP B 77 6.24 5.50 2.74
C TRP B 77 4.74 5.37 2.52
N ARG B 78 3.96 5.49 3.58
CA ARG B 78 2.51 5.39 3.48
C ARG B 78 1.98 6.48 2.56
N LEU B 79 2.64 7.62 2.57
CA LEU B 79 2.25 8.75 1.72
C LEU B 79 2.43 8.36 0.27
N ILE B 80 3.58 7.77 -0.04
CA ILE B 80 3.89 7.34 -1.40
C ILE B 80 2.87 6.35 -1.91
N GLY B 81 2.41 5.48 -1.02
CA GLY B 81 1.42 4.48 -1.39
C GLY B 81 0.12 5.11 -1.86
N GLU B 82 -0.39 6.06 -1.08
CA GLU B 82 -1.63 6.74 -1.42
C GLU B 82 -1.41 7.66 -2.63
N LEU B 83 -0.19 8.16 -2.77
CA LEU B 83 0.16 9.04 -3.89
C LEU B 83 0.01 8.28 -5.20
N ALA B 84 0.57 7.07 -5.24
CA ALA B 84 0.50 6.22 -6.40
C ALA B 84 -0.94 5.82 -6.70
N LYS B 85 -1.76 5.83 -5.66
CA LYS B 85 -3.16 5.48 -5.80
C LYS B 85 -3.94 6.68 -6.33
N GLU B 86 -3.54 7.87 -5.88
CA GLU B 86 -4.19 9.11 -6.27
C GLU B 86 -3.96 9.45 -7.74
N ILE B 87 -3.06 8.73 -8.40
CA ILE B 87 -2.79 8.99 -9.81
C ILE B 87 -3.71 8.15 -10.70
N ARG B 88 -4.33 7.13 -10.12
CA ARG B 88 -5.23 6.25 -10.86
C ARG B 88 -6.66 6.37 -10.33
N LYS B 89 -6.77 6.65 -9.04
CA LYS B 89 -8.07 6.78 -8.39
C LYS B 89 -8.54 8.24 -8.38
N LYS B 90 -7.69 9.12 -7.86
CA LYS B 90 -8.01 10.54 -7.77
C LYS B 90 -9.34 10.72 -7.03
N LYS B 91 -10.34 11.23 -7.72
CA LYS B 91 -11.65 11.42 -7.13
C LYS B 91 -12.67 10.66 -7.94
N ASP B 92 -12.65 9.34 -7.81
CA ASP B 92 -13.57 8.47 -8.54
C ASP B 92 -14.98 8.57 -7.99
N LEU B 93 -15.60 9.71 -8.26
CA LEU B 93 -16.96 10.00 -7.83
C LEU B 93 -17.56 11.03 -8.76
N LYS B 94 -16.78 12.04 -9.07
CA LYS B 94 -17.22 13.10 -9.96
C LYS B 94 -16.23 13.27 -11.11
N ILE B 95 -15.06 13.82 -10.81
CA ILE B 95 -14.03 14.05 -11.81
C ILE B 95 -12.70 13.43 -11.38
N ARG B 96 -12.07 12.70 -12.28
CA ARG B 96 -10.79 12.07 -12.00
C ARG B 96 -9.70 12.70 -12.85
N LYS B 97 -9.69 12.35 -14.13
CA LYS B 97 -8.72 12.85 -15.10
C LYS B 97 -7.29 12.45 -14.71
N LYS B 98 -6.32 13.11 -15.32
CA LYS B 98 -4.91 12.84 -15.06
C LYS B 98 -4.13 14.15 -15.01
N MET C 1 -6.27 6.56 -18.68
CA MET C 1 -5.68 6.08 -19.93
C MET C 1 -4.16 6.16 -19.89
N ALA C 2 -3.63 7.38 -19.88
CA ALA C 2 -2.19 7.60 -19.84
C ALA C 2 -1.87 8.93 -19.18
N ALA C 3 -0.65 9.08 -18.70
CA ALA C 3 -0.24 10.30 -18.03
C ALA C 3 0.76 11.09 -18.86
N GLU C 4 0.78 12.40 -18.63
CA GLU C 4 1.70 13.29 -19.32
C GLU C 4 2.88 13.59 -18.40
N PRO C 5 3.98 14.20 -18.92
CA PRO C 5 5.18 14.53 -18.12
C PRO C 5 4.86 15.04 -16.71
N LEU C 6 5.52 14.43 -15.73
CA LEU C 6 5.31 14.78 -14.33
C LEU C 6 6.64 15.17 -13.68
N THR C 7 6.63 15.34 -12.35
CA THR C 7 7.84 15.71 -11.63
C THR C 7 8.62 14.46 -11.20
N GLU C 8 9.77 14.67 -10.56
CA GLU C 8 10.64 13.59 -10.09
C GLU C 8 9.87 12.50 -9.34
N LEU C 9 9.24 12.88 -8.24
CA LEU C 9 8.49 11.94 -7.41
C LEU C 9 7.41 11.21 -8.20
N GLU C 10 6.61 11.96 -8.94
CA GLU C 10 5.52 11.39 -9.72
C GLU C 10 6.03 10.39 -10.75
N GLU C 11 7.14 10.73 -11.42
CA GLU C 11 7.70 9.83 -12.41
C GLU C 11 8.41 8.64 -11.77
N SER C 12 8.91 8.84 -10.56
CA SER C 12 9.59 7.77 -9.84
C SER C 12 8.61 6.67 -9.45
N ILE C 13 7.34 7.03 -9.29
CA ILE C 13 6.31 6.06 -8.94
C ILE C 13 5.55 5.61 -10.18
N GLU C 14 5.79 6.30 -11.30
CA GLU C 14 5.13 5.96 -12.55
C GLU C 14 5.94 4.90 -13.28
N THR C 15 7.25 4.93 -13.07
CA THR C 15 8.15 3.98 -13.72
C THR C 15 7.83 2.55 -13.32
N VAL C 16 7.27 2.35 -12.13
CA VAL C 16 6.90 1.01 -11.68
C VAL C 16 5.59 0.59 -12.32
N VAL C 17 4.83 1.57 -12.79
CA VAL C 17 3.56 1.32 -13.46
C VAL C 17 3.85 0.83 -14.88
N THR C 18 4.92 1.36 -15.46
CA THR C 18 5.34 0.97 -16.79
C THR C 18 5.71 -0.50 -16.81
N THR C 19 6.35 -0.95 -15.73
CA THR C 19 6.74 -2.35 -15.58
C THR C 19 5.50 -3.23 -15.52
N PHE C 20 4.47 -2.72 -14.89
CA PHE C 20 3.21 -3.43 -14.76
C PHE C 20 2.54 -3.61 -16.12
N PHE C 21 2.44 -2.52 -16.88
CA PHE C 21 1.80 -2.54 -18.20
C PHE C 21 2.52 -3.46 -19.18
N THR C 22 3.82 -3.68 -18.97
CA THR C 22 4.58 -4.53 -19.87
C THR C 22 4.50 -6.00 -19.45
N PHE C 23 4.30 -6.24 -18.17
CA PHE C 23 4.20 -7.61 -17.66
C PHE C 23 2.76 -8.11 -17.75
N ALA C 24 1.81 -7.24 -17.42
CA ALA C 24 0.39 -7.59 -17.46
C ALA C 24 -0.16 -7.34 -18.85
N ARG C 25 0.19 -8.20 -19.78
CA ARG C 25 -0.28 -8.10 -21.16
C ARG C 25 0.06 -9.37 -21.92
N GLN C 26 0.34 -10.43 -21.17
CA GLN C 26 0.70 -11.71 -21.76
C GLN C 26 -0.50 -12.63 -21.77
N GLU C 27 -1.18 -12.70 -20.63
CA GLU C 27 -2.35 -13.54 -20.51
C GLU C 27 -3.58 -12.84 -21.07
N GLY C 28 -4.05 -11.81 -20.39
CA GLY C 28 -5.21 -11.09 -20.86
C GLY C 28 -5.43 -9.78 -20.13
N ARG C 29 -5.72 -8.73 -20.91
CA ARG C 29 -5.97 -7.38 -20.38
C ARG C 29 -4.70 -6.75 -19.82
N LYS C 30 -4.36 -5.57 -20.33
CA LYS C 30 -3.16 -4.85 -19.89
C LYS C 30 -3.42 -4.06 -18.61
N ASP C 31 -4.50 -4.38 -17.92
CA ASP C 31 -4.85 -3.69 -16.69
C ASP C 31 -5.10 -4.68 -15.55
N SER C 32 -4.69 -5.93 -15.76
CA SER C 32 -4.87 -6.95 -14.75
C SER C 32 -3.71 -7.93 -14.72
N LEU C 33 -3.10 -8.08 -13.56
CA LEU C 33 -1.98 -9.00 -13.39
C LEU C 33 -2.52 -10.41 -13.21
N SER C 34 -2.22 -11.28 -14.16
CA SER C 34 -2.68 -12.66 -14.11
C SER C 34 -1.75 -13.52 -13.25
N VAL C 35 -1.91 -14.84 -13.35
CA VAL C 35 -1.10 -15.76 -12.55
C VAL C 35 0.27 -16.02 -13.19
N ASN C 36 0.31 -16.27 -14.49
CA ASN C 36 1.58 -16.54 -15.17
C ASN C 36 2.48 -15.32 -15.13
N GLU C 37 1.89 -14.17 -15.41
CA GLU C 37 2.63 -12.91 -15.41
C GLU C 37 3.17 -12.58 -14.03
N PHE C 38 2.43 -12.94 -13.00
CA PHE C 38 2.85 -12.68 -11.63
C PHE C 38 4.05 -13.54 -11.28
N LYS C 39 3.98 -14.81 -11.68
CA LYS C 39 5.04 -15.76 -11.41
C LYS C 39 6.31 -15.37 -12.17
N GLU C 40 6.15 -14.97 -13.42
CA GLU C 40 7.29 -14.57 -14.25
C GLU C 40 7.85 -13.23 -13.79
N LEU C 41 7.03 -12.45 -13.09
CA LEU C 41 7.44 -11.16 -12.58
C LEU C 41 8.38 -11.32 -11.39
N VAL C 42 7.95 -12.09 -10.40
CA VAL C 42 8.75 -12.31 -9.20
C VAL C 42 9.99 -13.17 -9.49
N THR C 43 9.84 -14.16 -10.35
CA THR C 43 10.95 -15.05 -10.67
C THR C 43 11.78 -14.50 -11.84
N GLN C 44 11.94 -13.18 -11.89
CA GLN C 44 12.73 -12.55 -12.95
C GLN C 44 13.07 -11.10 -12.62
N GLN C 45 12.08 -10.33 -12.19
CA GLN C 45 12.30 -8.93 -11.88
C GLN C 45 12.53 -8.72 -10.38
N LEU C 46 11.90 -9.54 -9.55
CA LEU C 46 12.06 -9.41 -8.10
C LEU C 46 12.53 -10.71 -7.43
N PRO C 47 13.60 -11.37 -7.91
CA PRO C 47 14.08 -12.61 -7.31
C PRO C 47 15.04 -12.35 -6.16
N HIS C 48 15.50 -11.11 -6.04
CA HIS C 48 16.43 -10.74 -4.99
C HIS C 48 15.72 -9.98 -3.89
N LEU C 49 14.97 -8.93 -4.27
CA LEU C 49 14.24 -8.13 -3.31
C LEU C 49 13.21 -9.00 -2.59
N LEU C 50 12.48 -9.79 -3.37
CA LEU C 50 11.50 -10.70 -2.82
C LEU C 50 12.18 -12.04 -2.63
N LYS C 51 12.30 -12.46 -1.38
CA LYS C 51 12.97 -13.72 -1.07
C LYS C 51 12.08 -14.92 -1.30
N ASP C 52 10.80 -14.68 -1.52
CA ASP C 52 9.87 -15.77 -1.77
C ASP C 52 9.39 -15.78 -3.20
N VAL C 53 9.84 -16.79 -3.94
CA VAL C 53 9.45 -16.97 -5.32
C VAL C 53 8.87 -18.36 -5.49
N GLY C 54 8.56 -18.99 -4.36
CA GLY C 54 8.00 -20.32 -4.38
C GLY C 54 6.60 -20.35 -3.82
N SER C 55 6.38 -19.61 -2.74
CA SER C 55 5.08 -19.54 -2.10
C SER C 55 4.32 -18.33 -2.66
N LEU C 56 4.54 -18.06 -3.95
CA LEU C 56 3.89 -16.96 -4.63
C LEU C 56 2.38 -17.09 -4.52
N ASP C 57 1.90 -18.33 -4.48
CA ASP C 57 0.47 -18.60 -4.36
C ASP C 57 -0.07 -18.02 -3.06
N GLU C 58 0.76 -17.99 -2.03
CA GLU C 58 0.36 -17.42 -0.74
C GLU C 58 0.24 -15.92 -0.89
N LYS C 59 1.24 -15.32 -1.54
CA LYS C 59 1.25 -13.88 -1.76
C LYS C 59 0.05 -13.46 -2.61
N MET C 60 -0.17 -14.18 -3.70
CA MET C 60 -1.28 -13.90 -4.61
C MET C 60 -2.61 -13.91 -3.88
N LYS C 61 -2.79 -14.89 -3.00
CA LYS C 61 -4.03 -15.03 -2.25
C LYS C 61 -4.16 -13.93 -1.19
N SER C 62 -3.03 -13.44 -0.69
CA SER C 62 -3.04 -12.39 0.32
C SER C 62 -3.26 -11.02 -0.31
N LEU C 63 -2.93 -10.90 -1.58
CA LEU C 63 -3.09 -9.64 -2.30
C LEU C 63 -4.48 -9.55 -2.91
N ASP C 64 -4.90 -10.63 -3.55
CA ASP C 64 -6.20 -10.69 -4.19
C ASP C 64 -7.29 -10.96 -3.16
N VAL C 65 -7.80 -9.89 -2.56
CA VAL C 65 -8.85 -10.01 -1.55
C VAL C 65 -10.19 -10.34 -2.19
N ASN C 66 -10.22 -10.30 -3.52
CA ASN C 66 -11.44 -10.61 -4.26
C ASN C 66 -11.50 -12.12 -4.46
N GLN C 67 -10.32 -12.72 -4.52
CA GLN C 67 -10.16 -14.17 -4.70
C GLN C 67 -10.76 -14.62 -6.03
N ASP C 68 -10.59 -13.79 -7.05
CA ASP C 68 -11.10 -14.10 -8.37
C ASP C 68 -9.96 -14.42 -9.32
N SER C 69 -8.74 -14.39 -8.77
CA SER C 69 -7.52 -14.69 -9.52
C SER C 69 -7.23 -13.59 -10.53
N GLU C 70 -7.61 -12.37 -10.19
CA GLU C 70 -7.40 -11.23 -11.06
C GLU C 70 -6.89 -10.05 -10.25
N LEU C 71 -5.60 -9.80 -10.34
CA LEU C 71 -4.98 -8.70 -9.60
C LEU C 71 -5.20 -7.39 -10.37
N LYS C 72 -6.24 -6.68 -9.98
CA LYS C 72 -6.59 -5.41 -10.61
C LYS C 72 -5.60 -4.31 -10.27
N PHE C 73 -5.79 -3.13 -10.85
CA PHE C 73 -4.93 -1.98 -10.63
C PHE C 73 -5.20 -1.37 -9.25
N ASN C 74 -4.97 -2.17 -8.23
CA ASN C 74 -5.16 -1.75 -6.84
C ASN C 74 -4.57 -2.78 -5.91
N GLU C 75 -5.07 -4.02 -6.02
CA GLU C 75 -4.60 -5.12 -5.20
C GLU C 75 -3.16 -5.49 -5.56
N TYR C 76 -2.79 -5.31 -6.81
CA TYR C 76 -1.45 -5.62 -7.29
C TYR C 76 -0.40 -4.70 -6.66
N TRP C 77 -0.77 -3.44 -6.45
CA TRP C 77 0.16 -2.46 -5.87
C TRP C 77 0.56 -2.83 -4.45
N ARG C 78 -0.24 -3.70 -3.82
CA ARG C 78 0.06 -4.13 -2.46
C ARG C 78 1.38 -4.90 -2.44
N LEU C 79 1.70 -5.58 -3.54
CA LEU C 79 2.95 -6.32 -3.64
C LEU C 79 4.13 -5.37 -3.57
N ILE C 80 4.02 -4.26 -4.30
CA ILE C 80 5.07 -3.25 -4.32
C ILE C 80 5.24 -2.65 -2.93
N GLY C 81 4.13 -2.54 -2.21
CA GLY C 81 4.17 -2.01 -0.86
C GLY C 81 4.88 -2.94 0.10
N GLU C 82 4.73 -4.24 -0.14
CA GLU C 82 5.36 -5.25 0.70
C GLU C 82 6.87 -5.33 0.44
N LEU C 83 7.26 -5.40 -0.83
CA LEU C 83 8.68 -5.49 -1.18
C LEU C 83 9.42 -4.21 -0.78
N ALA C 84 8.67 -3.11 -0.64
CA ALA C 84 9.27 -1.84 -0.26
C ALA C 84 9.74 -1.87 1.20
N LYS C 85 9.04 -2.62 2.02
CA LYS C 85 9.40 -2.73 3.43
C LYS C 85 10.35 -3.91 3.64
N GLU C 86 10.58 -4.69 2.59
CA GLU C 86 11.47 -5.84 2.64
C GLU C 86 12.93 -5.40 2.71
N ILE C 87 13.16 -4.10 2.61
CA ILE C 87 14.50 -3.56 2.69
C ILE C 87 14.80 -3.11 4.12
N ARG C 88 13.76 -3.04 4.94
CA ARG C 88 13.92 -2.62 6.33
C ARG C 88 13.54 -3.77 7.25
N LYS C 89 12.46 -4.47 6.92
CA LYS C 89 11.99 -5.61 7.69
C LYS C 89 12.41 -6.90 6.98
N LYS C 90 12.22 -8.03 7.64
CA LYS C 90 12.58 -9.31 7.03
C LYS C 90 11.53 -10.40 7.33
N LYS C 91 11.18 -10.54 8.60
CA LYS C 91 10.18 -11.54 9.01
C LYS C 91 9.22 -10.92 10.01
N ASP C 92 9.36 -9.61 10.17
CA ASP C 92 8.55 -8.83 11.10
C ASP C 92 7.22 -8.45 10.46
N LEU C 93 6.50 -9.44 9.97
CA LEU C 93 5.22 -9.19 9.31
C LEU C 93 4.36 -10.46 9.28
N LYS C 94 3.45 -10.52 8.30
CA LYS C 94 2.54 -11.64 8.11
C LYS C 94 1.38 -11.58 9.10
N ILE C 95 1.65 -11.91 10.37
CA ILE C 95 0.65 -11.92 11.45
C ILE C 95 -0.70 -12.49 10.98
N ARG C 96 -1.81 -11.98 11.52
CA ARG C 96 -3.13 -12.45 11.12
C ARG C 96 -4.23 -11.51 11.63
N LYS C 97 -4.79 -10.72 10.74
CA LYS C 97 -5.86 -9.80 11.10
C LYS C 97 -7.15 -10.22 10.43
N LYS C 98 -8.17 -10.49 11.23
CA LYS C 98 -9.45 -10.91 10.70
C LYS C 98 -10.48 -9.78 10.83
N GLU D 1 18.50 -27.13 -13.71
CA GLU D 1 17.98 -27.00 -12.34
C GLU D 1 19.14 -26.90 -11.35
N LYS D 2 18.97 -26.12 -10.30
CA LYS D 2 20.01 -25.95 -9.29
C LYS D 2 19.40 -25.87 -7.89
N LEU D 3 19.94 -26.68 -7.00
CA LEU D 3 19.49 -26.70 -5.61
C LEU D 3 20.69 -26.63 -4.67
N GLY D 4 21.88 -26.70 -5.26
CA GLY D 4 23.09 -26.62 -4.47
C GLY D 4 23.91 -27.89 -4.54
N LYS D 5 24.50 -28.26 -3.40
CA LYS D 5 25.32 -29.46 -3.31
C LYS D 5 25.11 -30.14 -1.96
N LEU D 6 25.17 -31.45 -1.95
CA LEU D 6 24.99 -32.22 -0.72
C LEU D 6 26.17 -33.14 -0.50
N GLN D 7 26.77 -33.04 0.67
CA GLN D 7 27.91 -33.88 1.02
C GLN D 7 27.41 -35.02 1.90
N TYR D 8 27.74 -36.25 1.54
CA TYR D 8 27.30 -37.40 2.32
C TYR D 8 28.22 -38.60 2.16
N SER D 9 28.13 -39.52 3.12
CA SER D 9 28.94 -40.72 3.13
C SER D 9 28.06 -41.94 3.42
N LEU D 10 27.89 -42.81 2.43
CA LEU D 10 27.06 -43.99 2.59
C LEU D 10 27.90 -45.22 2.90
N ASP D 11 27.43 -46.05 3.81
CA ASP D 11 28.10 -47.28 4.17
C ASP D 11 27.08 -48.40 4.30
N TYR D 12 27.51 -49.63 4.09
CA TYR D 12 26.59 -50.77 4.16
C TYR D 12 26.78 -51.58 5.42
N ASP D 13 25.69 -52.17 5.90
CA ASP D 13 25.73 -53.00 7.09
C ASP D 13 25.10 -54.36 6.77
N PHE D 14 25.88 -55.41 6.93
CA PHE D 14 25.43 -56.77 6.60
C PHE D 14 24.91 -57.53 7.83
N GLN D 15 25.01 -56.91 9.01
CA GLN D 15 24.53 -57.57 10.23
C GLN D 15 23.01 -57.46 10.33
N ASN D 16 22.47 -56.39 9.78
CA ASN D 16 21.03 -56.14 9.80
C ASN D 16 20.48 -56.10 8.38
N ASN D 17 21.41 -56.09 7.42
CA ASN D 17 21.06 -56.04 6.00
C ASN D 17 20.36 -54.74 5.64
N GLN D 18 21.11 -53.65 5.66
CA GLN D 18 20.58 -52.34 5.32
C GLN D 18 21.70 -51.37 4.98
N LEU D 19 21.36 -50.26 4.37
CA LEU D 19 22.34 -49.26 3.99
C LEU D 19 22.25 -48.06 4.94
N LEU D 20 23.39 -47.70 5.52
CA LEU D 20 23.44 -46.58 6.45
C LEU D 20 23.63 -45.28 5.68
N VAL D 21 22.56 -44.49 5.63
CA VAL D 21 22.60 -43.22 4.93
C VAL D 21 22.98 -42.10 5.88
N GLY D 22 24.21 -41.63 5.75
CA GLY D 22 24.69 -40.55 6.59
C GLY D 22 25.04 -39.32 5.77
N ILE D 23 24.21 -38.31 5.85
CA ILE D 23 24.44 -37.07 5.11
C ILE D 23 25.13 -36.06 6.01
N ILE D 24 26.14 -35.38 5.47
CA ILE D 24 26.87 -34.39 6.24
C ILE D 24 26.12 -33.07 6.28
N GLN D 25 25.92 -32.46 5.13
CA GLN D 25 25.21 -31.19 5.05
C GLN D 25 24.83 -30.85 3.62
N ALA D 26 24.05 -29.78 3.48
CA ALA D 26 23.60 -29.29 2.19
C ALA D 26 23.96 -27.82 2.07
N ALA D 27 24.48 -27.42 0.93
CA ALA D 27 24.88 -26.03 0.72
C ALA D 27 24.28 -25.48 -0.56
N GLU D 28 24.23 -24.15 -0.64
CA GLU D 28 23.70 -23.43 -1.81
C GLU D 28 22.20 -23.65 -1.97
N LEU D 29 21.49 -23.81 -0.85
CA LEU D 29 20.05 -24.02 -0.90
C LEU D 29 19.33 -22.73 -1.31
N PRO D 30 18.30 -22.83 -2.16
CA PRO D 30 17.53 -21.68 -2.64
C PRO D 30 16.63 -21.08 -1.55
N ALA D 31 16.24 -19.83 -1.77
CA ALA D 31 15.38 -19.12 -0.83
C ALA D 31 13.92 -19.45 -1.09
N LEU D 32 13.15 -19.65 -0.01
CA LEU D 32 11.73 -19.96 -0.13
C LEU D 32 10.93 -19.13 0.87
N ASP D 33 11.33 -19.16 2.13
CA ASP D 33 10.64 -18.40 3.17
C ASP D 33 11.07 -16.94 3.13
N MET D 34 10.19 -16.05 3.60
CA MET D 34 10.45 -14.62 3.62
C MET D 34 11.69 -14.32 4.43
N GLY D 35 12.43 -13.30 4.03
CA GLY D 35 13.65 -12.95 4.72
C GLY D 35 14.87 -13.58 4.08
N GLY D 36 14.64 -14.67 3.36
CA GLY D 36 15.74 -15.37 2.70
C GLY D 36 16.29 -16.50 3.53
N THR D 37 15.50 -16.96 4.48
CA THR D 37 15.90 -18.05 5.35
C THR D 37 14.78 -19.07 5.50
N SER D 38 14.84 -20.12 4.68
CA SER D 38 13.84 -21.18 4.71
C SER D 38 14.14 -22.19 5.81
N ASP D 39 13.19 -23.08 6.06
CA ASP D 39 13.32 -24.13 7.07
C ASP D 39 13.33 -25.49 6.37
N PRO D 40 14.44 -25.86 5.72
CA PRO D 40 14.54 -27.08 4.96
C PRO D 40 15.13 -28.27 5.73
N TYR D 41 14.52 -29.43 5.52
CA TYR D 41 14.95 -30.69 6.10
C TYR D 41 14.80 -31.76 5.03
N VAL D 42 15.54 -32.86 5.15
CA VAL D 42 15.47 -33.91 4.14
C VAL D 42 14.56 -35.06 4.55
N LYS D 43 13.71 -35.47 3.62
CA LYS D 43 12.81 -36.58 3.85
C LYS D 43 13.08 -37.65 2.81
N VAL D 44 13.45 -38.83 3.27
CA VAL D 44 13.75 -39.94 2.38
C VAL D 44 12.51 -40.53 1.74
N PHE D 45 12.60 -40.74 0.43
CA PHE D 45 11.51 -41.32 -0.32
C PHE D 45 12.05 -42.47 -1.17
N LEU D 46 11.23 -43.47 -1.40
CA LEU D 46 11.65 -44.62 -2.17
C LEU D 46 10.69 -44.90 -3.31
N LEU D 47 11.09 -45.85 -4.16
CA LEU D 47 10.29 -46.28 -5.29
C LEU D 47 9.13 -47.15 -4.76
N PRO D 48 8.35 -47.87 -5.63
CA PRO D 48 7.24 -48.73 -5.17
C PRO D 48 7.54 -49.60 -3.94
N ASP D 49 8.83 -49.77 -3.61
CA ASP D 49 9.24 -50.52 -2.42
C ASP D 49 8.53 -49.96 -1.20
N LYS D 50 8.72 -48.66 -0.98
CA LYS D 50 8.10 -47.91 0.13
C LYS D 50 8.15 -48.67 1.46
N LYS D 51 9.23 -49.40 1.70
CA LYS D 51 9.39 -50.13 2.95
C LYS D 51 10.30 -49.35 3.88
N LYS D 52 10.23 -48.03 3.77
CA LYS D 52 11.07 -47.14 4.58
C LYS D 52 10.66 -45.70 4.37
N LYS D 53 10.65 -44.94 5.46
CA LYS D 53 10.30 -43.52 5.41
C LYS D 53 10.69 -42.87 6.73
N PHE D 54 11.53 -41.86 6.66
CA PHE D 54 11.99 -41.18 7.87
C PHE D 54 12.08 -39.68 7.66
N GLU D 55 11.64 -38.94 8.68
CA GLU D 55 11.68 -37.49 8.64
C GLU D 55 12.83 -37.01 9.52
N THR D 56 13.68 -36.15 8.99
CA THR D 56 14.82 -35.65 9.75
C THR D 56 14.43 -34.50 10.67
N LYS D 57 15.41 -33.86 11.29
CA LYS D 57 15.15 -32.75 12.18
C LYS D 57 14.94 -31.48 11.39
N VAL D 58 13.98 -30.68 11.79
CA VAL D 58 13.69 -29.43 11.10
C VAL D 58 14.75 -28.39 11.41
N HIS D 59 15.47 -27.97 10.37
CA HIS D 59 16.50 -26.96 10.50
C HIS D 59 15.92 -25.63 10.03
N ARG D 60 15.45 -24.83 10.97
CA ARG D 60 14.82 -23.57 10.65
C ARG D 60 15.81 -22.45 10.34
N LYS D 61 15.41 -21.59 9.41
CA LYS D 61 16.16 -20.42 8.99
C LYS D 61 17.63 -20.72 8.69
N THR D 62 17.87 -21.58 7.71
CA THR D 62 19.23 -21.92 7.33
C THR D 62 19.28 -22.51 5.93
N LEU D 63 20.21 -22.01 5.13
CA LEU D 63 20.39 -22.50 3.77
C LEU D 63 21.63 -23.39 3.73
N ASN D 64 22.11 -23.74 4.91
CA ASN D 64 23.29 -24.58 5.07
C ASN D 64 23.19 -25.30 6.42
N PRO D 65 22.39 -26.37 6.49
CA PRO D 65 22.19 -27.12 7.72
C PRO D 65 23.24 -28.21 7.95
N VAL D 66 23.84 -28.21 9.13
CA VAL D 66 24.85 -29.20 9.48
C VAL D 66 24.43 -29.99 10.72
N PHE D 67 23.79 -31.13 10.51
CA PHE D 67 23.34 -31.94 11.64
C PHE D 67 23.81 -33.38 11.50
N ASN D 68 23.90 -33.86 10.26
CA ASN D 68 24.34 -35.22 9.97
C ASN D 68 23.36 -36.24 10.53
N GLU D 69 22.15 -36.26 9.98
CA GLU D 69 21.14 -37.21 10.42
C GLU D 69 21.41 -38.60 9.87
N GLN D 70 20.90 -39.62 10.55
CA GLN D 70 21.11 -41.00 10.14
C GLN D 70 19.80 -41.67 9.72
N PHE D 71 19.82 -42.29 8.55
CA PHE D 71 18.64 -42.99 8.04
C PHE D 71 18.97 -44.47 7.82
N THR D 72 18.08 -45.33 8.27
CA THR D 72 18.24 -46.76 8.14
C THR D 72 17.52 -47.29 6.89
N PHE D 73 18.30 -47.65 5.87
CA PHE D 73 17.73 -48.17 4.63
C PHE D 73 17.39 -49.64 4.81
N LYS D 74 16.33 -49.91 5.56
CA LYS D 74 15.87 -51.26 5.84
C LYS D 74 15.46 -52.03 4.59
N VAL D 75 16.41 -52.78 4.04
CA VAL D 75 16.20 -53.60 2.86
C VAL D 75 17.49 -54.37 2.58
N PRO D 76 17.38 -55.68 2.30
CA PRO D 76 18.55 -56.52 2.01
C PRO D 76 19.42 -55.92 0.91
N TYR D 77 20.73 -55.93 1.12
CA TYR D 77 21.66 -55.37 0.15
C TYR D 77 21.58 -56.11 -1.18
N SER D 78 21.04 -57.32 -1.14
CA SER D 78 20.88 -58.13 -2.33
C SER D 78 19.79 -57.55 -3.23
N GLU D 79 18.90 -56.76 -2.63
CA GLU D 79 17.80 -56.13 -3.37
C GLU D 79 18.16 -54.71 -3.78
N LEU D 80 19.43 -54.34 -3.62
CA LEU D 80 19.89 -52.99 -3.95
C LEU D 80 19.75 -52.73 -5.46
N GLY D 81 19.73 -53.79 -6.25
CA GLY D 81 19.60 -53.65 -7.68
C GLY D 81 18.28 -53.00 -8.08
N GLY D 82 17.20 -53.52 -7.52
CA GLY D 82 15.89 -52.98 -7.81
C GLY D 82 15.40 -52.04 -6.73
N LYS D 83 16.33 -51.27 -6.17
CA LYS D 83 15.97 -50.32 -5.12
C LYS D 83 16.59 -48.95 -5.38
N THR D 84 15.82 -48.09 -6.02
CA THR D 84 16.25 -46.74 -6.31
C THR D 84 15.75 -45.79 -5.22
N LEU D 85 16.67 -45.17 -4.50
CA LEU D 85 16.30 -44.26 -3.42
C LEU D 85 16.47 -42.81 -3.85
N VAL D 86 15.61 -41.94 -3.32
CA VAL D 86 15.67 -40.52 -3.63
C VAL D 86 15.61 -39.71 -2.34
N MET D 87 16.35 -38.61 -2.30
CA MET D 87 16.37 -37.75 -1.14
C MET D 87 15.82 -36.38 -1.50
N ALA D 88 14.66 -36.05 -0.94
CA ALA D 88 14.02 -34.77 -1.22
C ALA D 88 14.09 -33.85 -0.02
N VAL D 89 14.39 -32.58 -0.26
CA VAL D 89 14.46 -31.60 0.80
C VAL D 89 13.20 -30.73 0.82
N TYR D 90 12.56 -30.67 1.97
CA TYR D 90 11.33 -29.89 2.12
C TYR D 90 11.51 -28.78 3.12
N ASP D 91 10.93 -27.63 2.81
CA ASP D 91 10.97 -26.47 3.69
C ASP D 91 9.60 -26.23 4.31
N PHE D 92 9.55 -25.69 5.51
CA PHE D 92 8.28 -25.45 6.18
C PHE D 92 8.35 -24.24 7.10
N ASP D 93 7.84 -23.09 6.62
CA ASP D 93 7.82 -21.87 7.41
C ASP D 93 6.68 -21.91 8.42
N ARG D 94 5.89 -22.99 8.35
CA ARG D 94 4.76 -23.22 9.24
C ARG D 94 3.60 -22.26 8.97
N PHE D 95 3.52 -21.76 7.75
CA PHE D 95 2.45 -20.84 7.39
C PHE D 95 2.00 -21.02 5.93
N SER D 96 2.94 -20.96 5.01
CA SER D 96 2.63 -21.07 3.60
C SER D 96 2.66 -22.52 3.11
N LYS D 97 1.86 -22.81 2.09
CA LYS D 97 1.80 -24.15 1.52
C LYS D 97 2.71 -24.20 0.29
N HIS D 98 3.87 -24.83 0.45
CA HIS D 98 4.81 -24.97 -0.64
C HIS D 98 5.21 -26.43 -0.78
N ASP D 99 5.97 -26.74 -1.83
CA ASP D 99 6.37 -28.11 -2.08
C ASP D 99 7.88 -28.30 -1.94
N ILE D 100 8.37 -29.43 -2.42
CA ILE D 100 9.77 -29.76 -2.38
C ILE D 100 10.57 -28.86 -3.31
N ILE D 101 11.66 -28.29 -2.82
CA ILE D 101 12.50 -27.41 -3.63
C ILE D 101 13.35 -28.20 -4.61
N GLY D 102 13.87 -29.33 -4.16
CA GLY D 102 14.70 -30.15 -5.01
C GLY D 102 14.99 -31.50 -4.41
N GLU D 103 15.66 -32.35 -5.18
CA GLU D 103 15.99 -33.69 -4.72
C GLU D 103 17.08 -34.30 -5.58
N PHE D 104 17.64 -35.41 -5.13
CA PHE D 104 18.66 -36.12 -5.88
C PHE D 104 18.37 -37.62 -5.79
N LYS D 105 18.78 -38.35 -6.81
CA LYS D 105 18.54 -39.78 -6.85
C LYS D 105 19.82 -40.52 -7.23
N VAL D 106 19.95 -41.74 -6.74
CA VAL D 106 21.12 -42.55 -7.02
C VAL D 106 20.72 -44.02 -7.21
N PRO D 107 21.01 -44.59 -8.39
CA PRO D 107 20.70 -45.98 -8.68
C PRO D 107 21.71 -46.92 -8.03
N MET D 108 21.30 -47.55 -6.93
CA MET D 108 22.17 -48.48 -6.20
C MET D 108 22.61 -49.64 -7.09
N ASN D 109 21.81 -49.92 -8.12
CA ASN D 109 22.13 -50.99 -9.06
C ASN D 109 23.43 -50.70 -9.81
N THR D 110 23.79 -49.43 -9.88
CA THR D 110 25.01 -49.01 -10.55
C THR D 110 26.06 -48.57 -9.54
N VAL D 111 25.78 -48.79 -8.26
CA VAL D 111 26.70 -48.42 -7.20
C VAL D 111 27.04 -49.62 -6.34
N ASP D 112 28.25 -50.14 -6.50
CA ASP D 112 28.70 -51.29 -5.73
C ASP D 112 28.93 -50.90 -4.27
N PHE D 113 28.83 -51.88 -3.38
CA PHE D 113 29.02 -51.62 -1.95
C PHE D 113 30.28 -52.31 -1.43
N GLY D 114 31.40 -52.04 -2.07
CA GLY D 114 32.66 -52.62 -1.67
C GLY D 114 33.13 -52.10 -0.33
N HIS D 115 32.98 -50.81 -0.11
CA HIS D 115 33.39 -50.18 1.13
C HIS D 115 32.41 -49.09 1.54
N VAL D 116 32.61 -47.89 1.01
CA VAL D 116 31.76 -46.74 1.33
C VAL D 116 31.58 -45.85 0.10
N THR D 117 30.49 -45.11 0.07
CA THR D 117 30.20 -44.21 -1.03
C THR D 117 30.19 -42.76 -0.54
N GLU D 118 31.33 -42.10 -0.66
CA GLU D 118 31.47 -40.72 -0.25
C GLU D 118 31.66 -39.84 -1.47
N GLU D 119 30.86 -38.77 -1.58
CA GLU D 119 30.96 -37.87 -2.72
C GLU D 119 30.18 -36.58 -2.47
N TRP D 120 30.42 -35.60 -3.34
CA TRP D 120 29.74 -34.32 -3.24
C TRP D 120 28.65 -34.26 -4.30
N ARG D 121 27.56 -34.96 -4.02
CA ARG D 121 26.43 -35.05 -4.94
C ARG D 121 25.81 -33.69 -5.20
N ASP D 122 25.50 -33.45 -6.47
CA ASP D 122 24.89 -32.21 -6.90
C ASP D 122 23.41 -32.22 -6.53
N LEU D 123 22.91 -31.06 -6.17
CA LEU D 123 21.51 -30.92 -5.82
C LEU D 123 20.79 -30.16 -6.93
N GLN D 124 19.69 -30.70 -7.39
CA GLN D 124 18.93 -30.09 -8.46
C GLN D 124 17.47 -29.91 -8.05
N SER D 125 16.86 -28.83 -8.51
CA SER D 125 15.47 -28.54 -8.22
C SER D 125 14.56 -29.57 -8.89
N ALA D 126 13.43 -29.87 -8.24
CA ALA D 126 12.49 -30.83 -8.79
C ALA D 126 11.07 -30.45 -8.40
N GLU D 127 10.42 -29.69 -9.28
CA GLU D 127 9.05 -29.26 -9.04
C GLU D 127 8.10 -30.45 -9.08
N LYS D 128 7.32 -30.60 -8.04
CA LYS D 128 6.37 -31.69 -7.94
C LYS D 128 4.96 -31.20 -8.23
N GLU A 1 -25.24 34.45 -13.33
CA GLU A 1 -25.07 34.22 -11.88
C GLU A 1 -25.96 33.09 -11.40
N LYS A 2 -25.37 31.92 -11.22
CA LYS A 2 -26.10 30.74 -10.75
C LYS A 2 -25.33 30.10 -9.60
N LEU A 3 -26.04 29.72 -8.55
CA LEU A 3 -25.42 29.10 -7.40
C LEU A 3 -26.40 28.17 -6.67
N GLY A 4 -27.57 27.96 -7.26
CA GLY A 4 -28.55 27.09 -6.66
C GLY A 4 -29.50 27.84 -5.75
N LYS A 5 -29.93 27.17 -4.69
CA LYS A 5 -30.85 27.76 -3.72
C LYS A 5 -30.43 27.43 -2.30
N LEU A 6 -30.75 28.33 -1.38
CA LEU A 6 -30.42 28.13 0.02
C LEU A 6 -31.70 28.15 0.85
N GLN A 7 -31.88 27.11 1.65
CA GLN A 7 -33.07 27.02 2.49
C GLN A 7 -32.74 27.52 3.89
N TYR A 8 -33.50 28.50 4.36
CA TYR A 8 -33.26 29.07 5.68
C TYR A 8 -34.55 29.59 6.30
N SER A 9 -34.46 29.99 7.56
CA SER A 9 -35.59 30.53 8.30
C SER A 9 -35.11 31.66 9.21
N LEU A 10 -35.76 32.82 9.12
CA LEU A 10 -35.40 33.97 9.93
C LEU A 10 -36.38 34.18 11.08
N ASP A 11 -35.89 34.05 12.30
CA ASP A 11 -36.69 34.26 13.49
C ASP A 11 -36.20 35.50 14.21
N TYR A 12 -37.10 36.25 14.81
CA TYR A 12 -36.72 37.47 15.50
C TYR A 12 -36.81 37.29 17.01
N ASP A 13 -35.78 37.73 17.72
CA ASP A 13 -35.77 37.62 19.17
C ASP A 13 -35.77 39.00 19.81
N PHE A 14 -36.66 39.20 20.76
CA PHE A 14 -36.79 40.47 21.44
C PHE A 14 -36.23 40.42 22.86
N GLN A 15 -35.81 39.24 23.30
CA GLN A 15 -35.27 39.11 24.65
C GLN A 15 -33.84 39.63 24.68
N ASN A 16 -33.16 39.48 23.56
CA ASN A 16 -31.79 39.94 23.41
C ASN A 16 -31.72 41.00 22.32
N ASN A 17 -32.86 41.18 21.63
CA ASN A 17 -32.99 42.18 20.55
C ASN A 17 -32.03 41.88 19.41
N GLN A 18 -32.32 40.80 18.68
CA GLN A 18 -31.49 40.40 17.54
C GLN A 18 -32.22 39.38 16.68
N LEU A 19 -31.68 39.07 15.51
CA LEU A 19 -32.29 38.11 14.63
C LEU A 19 -31.61 36.76 14.70
N LEU A 20 -32.40 35.71 14.73
CA LEU A 20 -31.89 34.35 14.78
C LEU A 20 -31.86 33.79 13.37
N VAL A 21 -30.70 33.83 12.75
CA VAL A 21 -30.54 33.35 11.40
C VAL A 21 -30.22 31.86 11.39
N GLY A 22 -31.19 31.06 10.96
CA GLY A 22 -31.00 29.63 10.89
C GLY A 22 -31.00 29.13 9.46
N ILE A 23 -29.82 28.79 8.95
CA ILE A 23 -29.70 28.28 7.60
C ILE A 23 -29.70 26.77 7.59
N ILE A 24 -30.67 26.18 6.91
CA ILE A 24 -30.79 24.73 6.84
C ILE A 24 -29.69 24.12 5.98
N GLN A 25 -29.72 24.42 4.68
CA GLN A 25 -28.74 23.88 3.76
C GLN A 25 -28.75 24.62 2.43
N ALA A 26 -27.79 24.28 1.57
CA ALA A 26 -27.66 24.88 0.25
C ALA A 26 -27.42 23.78 -0.77
N ALA A 27 -27.91 23.96 -1.99
CA ALA A 27 -27.74 22.96 -3.02
C ALA A 27 -27.31 23.59 -4.34
N GLU A 28 -26.82 22.73 -5.26
CA GLU A 28 -26.36 23.15 -6.58
C GLU A 28 -25.17 24.09 -6.51
N LEU A 29 -24.29 23.82 -5.56
CA LEU A 29 -23.09 24.63 -5.38
C LEU A 29 -22.01 24.19 -6.38
N PRO A 30 -21.52 25.14 -7.21
CA PRO A 30 -20.48 24.85 -8.21
C PRO A 30 -19.20 24.28 -7.58
N ALA A 31 -18.48 23.49 -8.37
CA ALA A 31 -17.25 22.88 -7.91
C ALA A 31 -16.06 23.81 -8.06
N LEU A 32 -15.25 23.90 -7.02
CA LEU A 32 -14.07 24.75 -7.02
C LEU A 32 -12.81 23.89 -6.94
N ASP A 33 -12.65 23.19 -5.82
CA ASP A 33 -11.49 22.33 -5.60
C ASP A 33 -11.38 21.25 -6.67
N MET A 34 -10.15 20.82 -6.93
CA MET A 34 -9.87 19.80 -7.93
C MET A 34 -10.38 18.45 -7.47
N GLY A 35 -11.43 17.99 -8.13
CA GLY A 35 -12.03 16.72 -7.77
C GLY A 35 -13.53 16.74 -7.98
N GLY A 36 -14.08 17.94 -8.06
CA GLY A 36 -15.51 18.08 -8.27
C GLY A 36 -16.27 18.27 -6.97
N THR A 37 -15.53 18.38 -5.88
CA THR A 37 -16.12 18.57 -4.58
C THR A 37 -15.37 19.63 -3.79
N SER A 38 -15.94 20.83 -3.75
CA SER A 38 -15.33 21.96 -3.05
C SER A 38 -15.55 21.88 -1.54
N ASP A 39 -14.95 22.81 -0.81
CA ASP A 39 -15.09 22.89 0.64
C ASP A 39 -15.77 24.21 0.97
N PRO A 40 -17.08 24.33 0.72
CA PRO A 40 -17.81 25.57 0.92
C PRO A 40 -18.42 25.75 2.32
N TYR A 41 -18.15 26.90 2.91
CA TYR A 41 -18.69 27.29 4.20
C TYR A 41 -19.25 28.70 4.07
N VAL A 42 -20.38 28.96 4.69
CA VAL A 42 -21.02 30.27 4.58
C VAL A 42 -20.54 31.24 5.65
N LYS A 43 -20.18 32.43 5.21
CA LYS A 43 -19.73 33.47 6.11
C LYS A 43 -20.60 34.71 5.90
N VAL A 44 -21.00 35.32 6.99
CA VAL A 44 -21.86 36.48 6.93
C VAL A 44 -21.07 37.75 6.60
N PHE A 45 -21.61 38.52 5.66
CA PHE A 45 -21.00 39.76 5.24
C PHE A 45 -22.00 40.89 5.45
N LEU A 46 -21.74 41.71 6.44
CA LEU A 46 -22.63 42.81 6.76
C LEU A 46 -22.23 44.08 6.02
N LEU A 47 -23.10 45.06 6.07
CA LEU A 47 -22.88 46.36 5.46
C LEU A 47 -21.93 47.16 6.37
N PRO A 48 -21.75 48.50 6.18
CA PRO A 48 -20.87 49.32 7.06
C PRO A 48 -21.00 49.04 8.57
N ASP A 49 -22.08 48.36 8.97
CA ASP A 49 -22.30 48.01 10.37
C ASP A 49 -21.05 47.30 10.91
N LYS A 50 -20.70 46.18 10.28
CA LYS A 50 -19.52 45.39 10.63
C LYS A 50 -19.45 45.02 12.12
N LYS A 51 -20.58 45.04 12.81
CA LYS A 51 -20.61 44.71 14.23
C LYS A 51 -20.98 43.26 14.45
N LYS A 52 -20.46 42.37 13.60
CA LYS A 52 -20.74 40.94 13.69
C LYS A 52 -19.97 40.18 12.62
N LYS A 53 -19.44 39.03 12.99
CA LYS A 53 -18.71 38.18 12.06
C LYS A 53 -18.82 36.73 12.50
N PHE A 54 -19.20 35.86 11.58
CA PHE A 54 -19.36 34.45 11.90
C PHE A 54 -18.71 33.56 10.85
N GLU A 55 -17.91 32.61 11.32
CA GLU A 55 -17.24 31.66 10.45
C GLU A 55 -17.78 30.27 10.73
N THR A 56 -18.53 29.72 9.79
CA THR A 56 -19.12 28.40 9.95
C THR A 56 -18.09 27.28 9.84
N LYS A 57 -18.51 26.08 10.18
CA LYS A 57 -17.66 24.90 10.14
C LYS A 57 -17.26 24.59 8.70
N VAL A 58 -15.99 24.31 8.49
CA VAL A 58 -15.50 23.99 7.17
C VAL A 58 -16.07 22.67 6.68
N HIS A 59 -17.05 22.76 5.79
CA HIS A 59 -17.70 21.58 5.22
C HIS A 59 -16.86 21.08 4.05
N ARG A 60 -15.86 20.27 4.35
CA ARG A 60 -14.96 19.75 3.34
C ARG A 60 -15.60 18.67 2.46
N LYS A 61 -15.37 18.82 1.16
CA LYS A 61 -15.85 17.88 0.14
C LYS A 61 -17.36 17.68 0.17
N THR A 62 -18.10 18.67 -0.34
CA THR A 62 -19.56 18.56 -0.38
C THR A 62 -20.16 19.69 -1.21
N LEU A 63 -21.23 19.36 -1.93
CA LEU A 63 -21.93 20.34 -2.75
C LEU A 63 -23.35 20.49 -2.23
N ASN A 64 -23.58 19.91 -1.06
CA ASN A 64 -24.87 19.95 -0.40
C ASN A 64 -24.67 19.80 1.11
N PRO A 65 -24.17 20.84 1.78
CA PRO A 65 -23.90 20.80 3.21
C PRO A 65 -25.14 20.99 4.08
N VAL A 66 -25.38 20.00 4.95
CA VAL A 66 -26.52 20.03 5.86
C VAL A 66 -26.00 20.08 7.30
N PHE A 67 -25.95 21.28 7.87
CA PHE A 67 -25.46 21.46 9.23
C PHE A 67 -26.43 22.28 10.07
N ASN A 68 -27.03 23.30 9.47
CA ASN A 68 -27.98 24.18 10.17
C ASN A 68 -27.29 24.91 11.32
N GLU A 69 -26.28 25.70 10.98
CA GLU A 69 -25.52 26.45 11.97
C GLU A 69 -26.21 27.80 12.22
N GLN A 70 -26.46 28.09 13.49
CA GLN A 70 -27.13 29.33 13.87
C GLN A 70 -26.18 30.53 13.89
N PHE A 71 -26.63 31.62 13.29
CA PHE A 71 -25.87 32.86 13.26
C PHE A 71 -26.57 33.91 14.11
N THR A 72 -25.85 34.46 15.07
CA THR A 72 -26.39 35.47 15.96
C THR A 72 -26.30 36.87 15.35
N PHE A 73 -27.36 37.30 14.69
CA PHE A 73 -27.40 38.63 14.09
C PHE A 73 -27.75 39.65 15.16
N LYS A 74 -26.75 39.99 15.97
CA LYS A 74 -26.93 40.93 17.07
C LYS A 74 -27.11 42.35 16.56
N VAL A 75 -28.37 42.70 16.32
CA VAL A 75 -28.75 44.03 15.86
C VAL A 75 -30.16 44.34 16.34
N PRO A 76 -30.33 45.43 17.10
CA PRO A 76 -31.63 45.84 17.62
C PRO A 76 -32.67 46.03 16.51
N TYR A 77 -33.91 45.64 16.77
CA TYR A 77 -34.99 45.75 15.79
C TYR A 77 -35.19 47.20 15.33
N SER A 78 -34.69 48.15 16.12
CA SER A 78 -34.81 49.56 15.79
C SER A 78 -33.81 49.95 14.69
N GLU A 79 -32.81 49.11 14.49
CA GLU A 79 -31.79 49.35 13.47
C GLU A 79 -31.95 48.38 12.31
N LEU A 80 -33.02 47.60 12.35
CA LEU A 80 -33.29 46.60 11.31
C LEU A 80 -33.55 47.26 9.96
N GLY A 81 -34.13 48.45 9.98
CA GLY A 81 -34.44 49.16 8.75
C GLY A 81 -33.19 49.54 7.97
N GLY A 82 -32.12 49.83 8.67
CA GLY A 82 -30.89 50.21 8.01
C GLY A 82 -29.78 49.20 8.23
N LYS A 83 -30.13 47.93 8.20
CA LYS A 83 -29.14 46.88 8.40
C LYS A 83 -29.30 45.76 7.37
N THR A 84 -28.69 45.96 6.22
CA THR A 84 -28.73 44.96 5.16
C THR A 84 -27.64 43.92 5.36
N LEU A 85 -28.02 42.65 5.45
CA LEU A 85 -27.06 41.59 5.66
C LEU A 85 -27.03 40.65 4.47
N VAL A 86 -25.85 40.13 4.17
CA VAL A 86 -25.67 39.19 3.07
C VAL A 86 -24.90 37.96 3.55
N MET A 87 -25.11 36.84 2.88
CA MET A 87 -24.42 35.60 3.24
C MET A 87 -23.64 35.09 2.04
N ALA A 88 -22.32 35.04 2.18
CA ALA A 88 -21.47 34.59 1.09
C ALA A 88 -20.86 33.23 1.39
N VAL A 89 -20.74 32.39 0.38
CA VAL A 89 -20.17 31.08 0.55
C VAL A 89 -18.70 31.08 0.12
N TYR A 90 -17.84 30.68 1.03
CA TYR A 90 -16.40 30.65 0.78
C TYR A 90 -15.91 29.21 0.69
N ASP A 91 -14.88 28.99 -0.11
CA ASP A 91 -14.30 27.67 -0.28
C ASP A 91 -13.01 27.57 0.53
N PHE A 92 -12.64 26.35 0.90
CA PHE A 92 -11.43 26.13 1.67
C PHE A 92 -10.60 24.99 1.10
N ASP A 93 -10.29 25.08 -0.19
CA ASP A 93 -9.49 24.07 -0.90
C ASP A 93 -8.12 23.85 -0.25
N ARG A 94 -7.66 24.85 0.51
CA ARG A 94 -6.39 24.80 1.23
C ARG A 94 -5.17 24.77 0.30
N PHE A 95 -5.30 25.31 -0.90
CA PHE A 95 -4.17 25.34 -1.83
C PHE A 95 -4.19 26.60 -2.67
N SER A 96 -5.16 26.68 -3.56
CA SER A 96 -5.29 27.82 -4.42
C SER A 96 -5.94 28.97 -3.67
N LYS A 97 -5.95 30.14 -4.27
CA LYS A 97 -6.57 31.30 -3.66
C LYS A 97 -8.08 31.21 -3.82
N HIS A 98 -8.68 30.30 -3.06
CA HIS A 98 -10.12 30.06 -3.07
C HIS A 98 -10.87 31.38 -3.04
N ASP A 99 -11.84 31.51 -3.92
CA ASP A 99 -12.63 32.73 -4.03
C ASP A 99 -14.06 32.50 -3.57
N ILE A 100 -14.81 33.58 -3.45
CA ILE A 100 -16.21 33.53 -3.05
C ILE A 100 -17.03 32.96 -4.20
N ILE A 101 -17.67 31.83 -3.97
CA ILE A 101 -18.47 31.17 -5.00
C ILE A 101 -19.72 31.97 -5.32
N GLY A 102 -20.35 32.51 -4.28
CA GLY A 102 -21.55 33.29 -4.46
C GLY A 102 -22.12 33.77 -3.16
N GLU A 103 -23.26 34.45 -3.23
CA GLU A 103 -23.92 34.98 -2.04
C GLU A 103 -25.36 35.36 -2.33
N PHE A 104 -25.99 35.99 -1.34
CA PHE A 104 -27.36 36.46 -1.46
C PHE A 104 -27.60 37.53 -0.40
N LYS A 105 -28.43 38.51 -0.72
CA LYS A 105 -28.72 39.60 0.20
C LYS A 105 -30.21 39.78 0.41
N VAL A 106 -30.57 40.27 1.58
CA VAL A 106 -31.98 40.48 1.92
C VAL A 106 -32.18 41.86 2.54
N PRO A 107 -33.09 42.66 1.98
CA PRO A 107 -33.39 44.00 2.51
C PRO A 107 -34.36 43.94 3.69
N MET A 108 -33.80 43.95 4.89
CA MET A 108 -34.61 43.86 6.10
C MET A 108 -35.60 45.02 6.22
N ASN A 109 -35.28 46.15 5.59
CA ASN A 109 -36.16 47.32 5.62
C ASN A 109 -37.51 46.97 5.01
N THR A 110 -37.50 46.11 4.00
CA THR A 110 -38.70 45.69 3.31
C THR A 110 -39.27 44.44 3.97
N VAL A 111 -38.40 43.56 4.45
CA VAL A 111 -38.81 42.33 5.09
C VAL A 111 -39.13 42.58 6.56
N ASP A 112 -40.41 42.83 6.84
CA ASP A 112 -40.86 43.09 8.20
C ASP A 112 -40.81 41.81 9.03
N PHE A 113 -40.52 41.97 10.31
CA PHE A 113 -40.43 40.83 11.22
C PHE A 113 -41.81 40.45 11.77
N GLY A 114 -42.66 39.95 10.90
CA GLY A 114 -43.99 39.55 11.30
C GLY A 114 -43.98 38.42 12.30
N HIS A 115 -43.53 37.25 11.86
CA HIS A 115 -43.45 36.09 12.73
C HIS A 115 -42.21 35.27 12.41
N VAL A 116 -42.20 34.64 11.24
CA VAL A 116 -41.07 33.82 10.82
C VAL A 116 -40.90 33.86 9.31
N THR A 117 -39.77 34.39 8.86
CA THR A 117 -39.49 34.49 7.43
C THR A 117 -38.81 33.22 6.93
N GLU A 118 -39.62 32.26 6.49
CA GLU A 118 -39.12 31.01 5.96
C GLU A 118 -39.28 30.98 4.45
N GLU A 119 -38.16 30.91 3.75
CA GLU A 119 -38.18 30.89 2.29
C GLU A 119 -36.95 30.21 1.73
N TRP A 120 -36.99 29.86 0.46
CA TRP A 120 -35.88 29.21 -0.21
C TRP A 120 -35.27 30.19 -1.21
N ARG A 121 -34.44 31.10 -0.70
CA ARG A 121 -33.81 32.11 -1.52
C ARG A 121 -32.80 31.51 -2.49
N ASP A 122 -32.79 32.04 -3.71
CA ASP A 122 -31.87 31.60 -4.73
C ASP A 122 -30.51 32.22 -4.53
N LEU A 123 -29.46 31.46 -4.79
CA LEU A 123 -28.10 31.93 -4.61
C LEU A 123 -27.55 32.44 -5.93
N GLN A 124 -26.76 33.51 -5.86
CA GLN A 124 -26.17 34.12 -7.05
C GLN A 124 -24.66 34.18 -6.91
N SER A 125 -23.95 33.88 -8.00
CA SER A 125 -22.49 33.91 -7.99
C SER A 125 -21.98 35.35 -8.12
N ALA A 126 -22.01 36.08 -7.02
CA ALA A 126 -21.54 37.46 -7.01
C ALA A 126 -20.02 37.50 -6.94
N GLU A 127 -19.39 37.63 -8.08
CA GLU A 127 -17.93 37.67 -8.16
C GLU A 127 -17.41 38.92 -7.46
N LYS A 128 -16.46 38.72 -6.56
CA LYS A 128 -15.87 39.82 -5.81
C LYS A 128 -14.38 39.94 -6.09
N MET B 1 32.82 -0.20 -16.27
CA MET B 1 33.47 0.62 -15.22
C MET B 1 32.68 0.55 -13.92
N ALA B 2 33.18 1.21 -12.88
CA ALA B 2 32.51 1.24 -11.59
C ALA B 2 31.19 2.00 -11.68
N ALA B 3 30.38 1.89 -10.62
CA ALA B 3 29.07 2.54 -10.55
C ALA B 3 28.16 2.00 -11.65
N GLU B 4 28.16 0.68 -11.81
CA GLU B 4 27.34 0.03 -12.81
C GLU B 4 25.85 0.15 -12.46
N PRO B 5 24.98 0.18 -13.49
CA PRO B 5 23.54 0.28 -13.28
C PRO B 5 22.98 -0.93 -12.55
N LEU B 6 22.13 -0.67 -11.57
CA LEU B 6 21.53 -1.73 -10.77
C LEU B 6 20.24 -2.22 -11.44
N THR B 7 19.53 -3.10 -10.75
CA THR B 7 18.29 -3.64 -11.26
C THR B 7 17.21 -2.55 -11.32
N GLU B 8 16.20 -2.76 -12.16
CA GLU B 8 15.10 -1.82 -12.35
C GLU B 8 14.63 -1.17 -11.05
N LEU B 9 14.00 -1.96 -10.19
CA LEU B 9 13.47 -1.45 -8.93
C LEU B 9 14.58 -0.96 -7.98
N GLU B 10 15.77 -1.52 -8.09
CA GLU B 10 16.88 -1.13 -7.25
C GLU B 10 17.21 0.35 -7.45
N GLU B 11 17.29 0.76 -8.71
CA GLU B 11 17.59 2.14 -9.02
C GLU B 11 16.36 3.01 -8.80
N SER B 12 15.19 2.40 -8.96
CA SER B 12 13.93 3.11 -8.76
C SER B 12 13.81 3.59 -7.32
N ILE B 13 14.15 2.73 -6.37
CA ILE B 13 14.07 3.09 -4.97
C ILE B 13 15.23 4.01 -4.61
N GLU B 14 16.35 3.89 -5.32
CA GLU B 14 17.51 4.72 -5.07
C GLU B 14 17.23 6.17 -5.43
N THR B 15 16.39 6.39 -6.44
CA THR B 15 16.06 7.74 -6.88
C THR B 15 15.08 8.42 -5.93
N VAL B 16 14.41 7.64 -5.07
CA VAL B 16 13.48 8.23 -4.11
C VAL B 16 14.10 8.30 -2.72
N VAL B 17 15.05 7.40 -2.45
CA VAL B 17 15.73 7.40 -1.16
C VAL B 17 16.61 8.63 -1.03
N THR B 18 17.22 9.04 -2.14
CA THR B 18 18.09 10.22 -2.13
C THR B 18 17.30 11.47 -1.75
N THR B 19 16.09 11.60 -2.30
CA THR B 19 15.24 12.74 -2.01
C THR B 19 14.75 12.68 -0.56
N PHE B 20 14.45 11.47 -0.11
CA PHE B 20 13.98 11.24 1.25
C PHE B 20 15.09 11.58 2.25
N PHE B 21 16.29 11.11 1.98
CA PHE B 21 17.43 11.34 2.85
C PHE B 21 17.95 12.77 2.75
N THR B 22 17.75 13.39 1.59
CA THR B 22 18.20 14.77 1.37
C THR B 22 17.31 15.75 2.12
N PHE B 23 16.11 15.32 2.48
CA PHE B 23 15.20 16.18 3.22
C PHE B 23 15.23 15.83 4.70
N ALA B 24 15.36 14.56 5.00
CA ALA B 24 15.42 14.08 6.38
C ALA B 24 16.81 14.30 6.96
N ARG B 25 17.19 15.56 7.10
CA ARG B 25 18.49 15.93 7.64
C ARG B 25 18.58 17.44 7.82
N GLN B 26 17.44 18.10 7.78
CA GLN B 26 17.40 19.55 7.91
C GLN B 26 17.08 19.96 9.34
N GLU B 27 16.06 19.33 9.91
CA GLU B 27 15.66 19.63 11.28
C GLU B 27 16.44 18.77 12.27
N GLY B 28 16.24 17.48 12.23
CA GLY B 28 16.94 16.59 13.13
C GLY B 28 16.72 15.13 12.83
N ARG B 29 17.70 14.30 13.21
CA ARG B 29 17.65 12.85 12.99
C ARG B 29 17.57 12.52 11.51
N LYS B 30 18.72 12.30 10.89
CA LYS B 30 18.78 11.95 9.47
C LYS B 30 18.25 10.53 9.25
N ASP B 31 16.93 10.41 9.33
CA ASP B 31 16.25 9.12 9.16
C ASP B 31 14.74 9.33 9.14
N SER B 32 14.28 10.41 9.76
CA SER B 32 12.86 10.71 9.83
C SER B 32 12.57 12.12 9.33
N LEU B 33 11.32 12.33 8.91
CA LEU B 33 10.89 13.63 8.40
C LEU B 33 10.07 14.37 9.45
N SER B 34 10.52 15.56 9.81
CA SER B 34 9.81 16.38 10.77
C SER B 34 8.65 17.11 10.08
N VAL B 35 7.88 17.87 10.85
CA VAL B 35 6.72 18.59 10.32
C VAL B 35 7.10 19.53 9.17
N ASN B 36 8.10 20.37 9.39
CA ASN B 36 8.53 21.31 8.36
C ASN B 36 9.14 20.58 7.17
N GLU B 37 10.02 19.63 7.43
CA GLU B 37 10.68 18.86 6.37
C GLU B 37 9.63 18.19 5.47
N PHE B 38 8.61 17.61 6.09
CA PHE B 38 7.54 16.95 5.36
C PHE B 38 6.78 17.96 4.50
N LYS B 39 6.45 19.10 5.10
CA LYS B 39 5.74 20.16 4.41
C LYS B 39 6.55 20.71 3.24
N GLU B 40 7.83 20.95 3.48
CA GLU B 40 8.72 21.49 2.47
C GLU B 40 8.84 20.55 1.27
N LEU B 41 8.77 19.25 1.54
CA LEU B 41 8.87 18.23 0.50
C LEU B 41 7.75 18.38 -0.53
N VAL B 42 6.51 18.25 -0.07
CA VAL B 42 5.36 18.33 -0.98
C VAL B 42 5.19 19.72 -1.59
N THR B 43 5.43 20.77 -0.80
CA THR B 43 5.26 22.14 -1.28
C THR B 43 6.30 22.52 -2.35
N GLN B 44 7.43 21.84 -2.39
CA GLN B 44 8.46 22.20 -3.36
C GLN B 44 8.71 21.14 -4.42
N GLN B 45 8.34 19.89 -4.17
CA GLN B 45 8.58 18.84 -5.15
C GLN B 45 7.31 18.09 -5.54
N LEU B 46 6.15 18.62 -5.20
CA LEU B 46 4.89 17.95 -5.55
C LEU B 46 3.77 18.97 -5.82
N PRO B 47 3.95 19.85 -6.82
CA PRO B 47 2.96 20.87 -7.15
C PRO B 47 2.07 20.44 -8.32
N HIS B 48 1.51 19.23 -8.23
CA HIS B 48 0.66 18.72 -9.29
C HIS B 48 -0.15 17.51 -8.81
N LEU B 49 0.55 16.45 -8.43
CA LEU B 49 -0.09 15.22 -7.95
C LEU B 49 -1.06 15.51 -6.81
N LEU B 50 -0.58 16.23 -5.81
CA LEU B 50 -1.42 16.60 -4.67
C LEU B 50 -1.36 18.11 -4.48
N LYS B 51 -2.52 18.75 -4.39
CA LYS B 51 -2.57 20.19 -4.21
C LYS B 51 -3.07 20.53 -2.81
N ASP B 52 -2.13 20.71 -1.89
CA ASP B 52 -2.47 21.06 -0.52
C ASP B 52 -1.28 21.73 0.15
N VAL B 53 -1.40 23.03 0.36
CA VAL B 53 -0.34 23.80 0.99
C VAL B 53 -0.89 24.57 2.18
N GLY B 54 -2.08 24.19 2.60
CA GLY B 54 -2.72 24.87 3.71
C GLY B 54 -2.82 24.00 4.95
N SER B 55 -3.36 22.80 4.80
CA SER B 55 -3.52 21.91 5.94
C SER B 55 -2.71 20.63 5.77
N LEU B 56 -1.40 20.74 5.94
CA LEU B 56 -0.52 19.59 5.83
C LEU B 56 -0.67 18.71 7.07
N ASP B 57 -1.23 19.28 8.11
CA ASP B 57 -1.44 18.57 9.37
C ASP B 57 -2.45 17.43 9.18
N GLU B 58 -3.35 17.61 8.21
CA GLU B 58 -4.34 16.59 7.89
C GLU B 58 -3.64 15.33 7.43
N LYS B 59 -2.65 15.51 6.57
CA LYS B 59 -1.87 14.39 6.03
C LYS B 59 -1.01 13.78 7.13
N MET B 60 -0.38 14.64 7.91
CA MET B 60 0.50 14.21 9.01
C MET B 60 -0.27 13.32 9.99
N LYS B 61 -1.46 13.74 10.38
CA LYS B 61 -2.28 12.99 11.33
C LYS B 61 -2.93 11.77 10.68
N SER B 62 -2.75 11.61 9.38
CA SER B 62 -3.31 10.47 8.68
C SER B 62 -2.21 9.46 8.32
N LEU B 63 -0.99 9.97 8.14
CA LEU B 63 0.14 9.13 7.82
C LEU B 63 0.80 8.60 9.10
N ASP B 64 0.97 9.48 10.06
CA ASP B 64 1.58 9.12 11.34
C ASP B 64 0.53 8.53 12.25
N VAL B 65 0.62 7.22 12.48
CA VAL B 65 -0.33 6.53 13.34
C VAL B 65 0.20 6.46 14.77
N ASN B 66 1.42 6.91 14.97
CA ASN B 66 2.04 6.90 16.30
C ASN B 66 1.84 8.27 16.93
N GLN B 67 1.59 9.26 16.07
CA GLN B 67 1.34 10.64 16.46
C GLN B 67 2.44 11.20 17.36
N ASP B 68 3.60 11.44 16.76
CA ASP B 68 4.71 12.01 17.49
C ASP B 68 5.32 13.17 16.70
N SER B 69 4.69 13.43 15.55
CA SER B 69 5.08 14.52 14.65
C SER B 69 6.42 14.25 13.97
N GLU B 70 6.78 12.98 13.88
CA GLU B 70 8.02 12.59 13.25
C GLU B 70 7.76 11.42 12.30
N LEU B 71 7.67 11.71 11.02
CA LEU B 71 7.40 10.70 10.01
C LEU B 71 8.63 9.85 9.74
N LYS B 72 8.62 8.61 10.21
CA LYS B 72 9.74 7.71 9.99
C LYS B 72 9.67 7.16 8.57
N PHE B 73 10.66 6.38 8.18
CA PHE B 73 10.71 5.80 6.84
C PHE B 73 9.43 5.02 6.52
N ASN B 74 8.89 4.34 7.52
CA ASN B 74 7.67 3.55 7.35
C ASN B 74 6.44 4.44 7.16
N GLU B 75 6.29 5.43 8.04
CA GLU B 75 5.16 6.34 7.99
C GLU B 75 5.23 7.24 6.76
N TYR B 76 6.43 7.67 6.41
CA TYR B 76 6.65 8.53 5.26
C TYR B 76 6.32 7.80 3.96
N TRP B 77 6.66 6.51 3.91
CA TRP B 77 6.41 5.70 2.73
C TRP B 77 4.91 5.60 2.44
N ARG B 78 4.11 5.76 3.49
CA ARG B 78 2.65 5.69 3.33
C ARG B 78 2.16 6.82 2.43
N LEU B 79 2.92 7.91 2.38
CA LEU B 79 2.57 9.05 1.54
C LEU B 79 2.67 8.66 0.07
N ILE B 80 3.75 7.95 -0.26
CA ILE B 80 3.98 7.50 -1.62
C ILE B 80 2.88 6.55 -2.08
N GLY B 81 2.37 5.76 -1.13
CA GLY B 81 1.30 4.84 -1.43
C GLY B 81 0.04 5.56 -1.89
N GLU B 82 -0.27 6.66 -1.21
CA GLU B 82 -1.43 7.47 -1.56
C GLU B 82 -1.17 8.25 -2.83
N LEU B 83 0.08 8.67 -3.02
CA LEU B 83 0.48 9.43 -4.20
C LEU B 83 0.22 8.64 -5.48
N ALA B 84 0.66 7.39 -5.49
CA ALA B 84 0.48 6.53 -6.65
C ALA B 84 -0.99 6.34 -6.99
N LYS B 85 -1.83 6.31 -5.97
CA LYS B 85 -3.26 6.15 -6.18
C LYS B 85 -3.88 7.46 -6.63
N GLU B 86 -3.27 8.58 -6.27
CA GLU B 86 -3.79 9.88 -6.64
C GLU B 86 -3.52 10.21 -8.11
N ILE B 87 -2.74 9.38 -8.79
CA ILE B 87 -2.45 9.61 -10.20
C ILE B 87 -3.41 8.81 -11.09
N ARG B 88 -4.07 7.80 -10.52
CA ARG B 88 -5.00 6.98 -11.27
C ARG B 88 -6.42 7.11 -10.73
N LYS B 89 -6.52 7.14 -9.41
CA LYS B 89 -7.81 7.26 -8.75
C LYS B 89 -8.16 8.73 -8.54
N LYS B 90 -7.26 9.46 -7.88
CA LYS B 90 -7.46 10.87 -7.58
C LYS B 90 -8.81 11.06 -6.89
N LYS B 91 -9.78 11.56 -7.62
CA LYS B 91 -11.12 11.76 -7.08
C LYS B 91 -12.13 11.11 -8.01
N ASP B 92 -11.96 9.81 -8.23
CA ASP B 92 -12.82 9.01 -9.10
C ASP B 92 -14.24 8.95 -8.56
N LEU B 93 -14.95 10.04 -8.75
CA LEU B 93 -16.33 10.17 -8.32
C LEU B 93 -16.97 11.30 -9.11
N LYS B 94 -16.20 12.36 -9.32
CA LYS B 94 -16.66 13.51 -10.09
C LYS B 94 -15.62 13.86 -11.16
N ILE B 95 -14.41 14.23 -10.72
CA ILE B 95 -13.34 14.58 -11.64
C ILE B 95 -12.18 13.59 -11.50
N ARG B 96 -11.87 12.90 -12.59
CA ARG B 96 -10.79 11.93 -12.61
C ARG B 96 -9.60 12.47 -13.37
N LYS B 97 -8.74 11.58 -13.84
CA LYS B 97 -7.56 11.93 -14.61
C LYS B 97 -6.55 12.73 -13.77
N LYS B 98 -5.63 13.41 -14.45
CA LYS B 98 -4.62 14.22 -13.79
C LYS B 98 -4.47 15.56 -14.48
N MET C 1 -5.30 6.44 -18.49
CA MET C 1 -5.31 6.32 -19.95
C MET C 1 -3.91 6.57 -20.51
N ALA C 2 -3.30 7.68 -20.12
CA ALA C 2 -1.97 8.03 -20.58
C ALA C 2 -1.26 8.89 -19.54
N ALA C 3 0.06 9.02 -19.66
CA ALA C 3 0.84 9.80 -18.72
C ALA C 3 1.43 11.03 -19.39
N GLU C 4 1.96 11.94 -18.58
CA GLU C 4 2.56 13.18 -19.06
C GLU C 4 3.83 13.48 -18.27
N PRO C 5 4.78 14.23 -18.86
CA PRO C 5 6.03 14.60 -18.19
C PRO C 5 5.77 15.40 -16.92
N LEU C 6 6.22 14.87 -15.79
CA LEU C 6 5.99 15.52 -14.51
C LEU C 6 7.29 15.69 -13.73
N THR C 7 7.19 15.92 -12.42
CA THR C 7 8.36 16.11 -11.58
C THR C 7 9.04 14.76 -11.30
N GLU C 8 10.23 14.82 -10.72
CA GLU C 8 11.02 13.63 -10.39
C GLU C 8 10.19 12.59 -9.66
N LEU C 9 9.56 13.00 -8.56
CA LEU C 9 8.75 12.10 -7.75
C LEU C 9 7.62 11.47 -8.56
N GLU C 10 6.99 12.28 -9.41
CA GLU C 10 5.88 11.81 -10.24
C GLU C 10 6.37 10.89 -11.37
N GLU C 11 7.62 11.05 -11.78
CA GLU C 11 8.18 10.21 -12.84
C GLU C 11 8.68 8.90 -12.25
N SER C 12 9.12 8.95 -10.99
CA SER C 12 9.65 7.77 -10.31
C SER C 12 8.57 6.68 -10.20
N ILE C 13 7.34 7.09 -9.96
CA ILE C 13 6.24 6.13 -9.85
C ILE C 13 5.83 5.61 -11.22
N GLU C 14 6.20 6.33 -12.27
CA GLU C 14 5.87 5.90 -13.62
C GLU C 14 6.77 4.73 -14.02
N THR C 15 7.99 4.73 -13.51
CA THR C 15 8.95 3.67 -13.78
C THR C 15 8.43 2.32 -13.30
N VAL C 16 7.75 2.29 -12.15
CA VAL C 16 7.20 1.05 -11.63
C VAL C 16 5.89 0.71 -12.34
N VAL C 17 5.24 1.72 -12.90
CA VAL C 17 3.99 1.52 -13.61
C VAL C 17 4.24 0.91 -14.99
N THR C 18 5.26 1.40 -15.67
CA THR C 18 5.59 0.88 -16.99
C THR C 18 5.99 -0.59 -16.89
N THR C 19 6.66 -0.98 -15.80
CA THR C 19 7.07 -2.35 -15.59
C THR C 19 5.84 -3.24 -15.35
N PHE C 20 4.81 -2.63 -14.81
CA PHE C 20 3.55 -3.33 -14.54
C PHE C 20 2.79 -3.51 -15.85
N PHE C 21 2.90 -2.52 -16.72
CA PHE C 21 2.22 -2.52 -18.01
C PHE C 21 2.92 -3.43 -19.01
N THR C 22 4.23 -3.61 -18.86
CA THR C 22 4.98 -4.45 -19.78
C THR C 22 4.71 -5.93 -19.52
N PHE C 23 4.42 -6.26 -18.26
CA PHE C 23 4.14 -7.64 -17.89
C PHE C 23 2.65 -7.95 -18.06
N ALA C 24 1.79 -7.07 -17.56
CA ALA C 24 0.36 -7.25 -17.66
C ALA C 24 -0.11 -6.96 -19.08
N ARG C 25 -0.07 -7.99 -19.92
CA ARG C 25 -0.47 -7.89 -21.32
C ARG C 25 -0.13 -9.18 -22.04
N GLN C 26 0.62 -10.04 -21.37
CA GLN C 26 1.04 -11.32 -21.93
C GLN C 26 -0.15 -12.28 -22.01
N GLU C 27 -0.91 -12.35 -20.92
CA GLU C 27 -2.06 -13.23 -20.88
C GLU C 27 -3.32 -12.48 -21.32
N GLY C 28 -3.79 -11.55 -20.50
CA GLY C 28 -5.00 -10.81 -20.85
C GLY C 28 -5.32 -9.70 -19.88
N ARG C 29 -5.94 -8.64 -20.40
CA ARG C 29 -6.35 -7.47 -19.61
C ARG C 29 -5.13 -6.77 -19.01
N LYS C 30 -4.63 -5.78 -19.73
CA LYS C 30 -3.45 -5.01 -19.29
C LYS C 30 -3.70 -4.23 -18.00
N ASP C 31 -4.95 -4.21 -17.56
CA ASP C 31 -5.34 -3.50 -16.34
C ASP C 31 -5.14 -4.39 -15.11
N SER C 32 -4.62 -5.59 -15.32
CA SER C 32 -4.44 -6.51 -14.20
C SER C 32 -3.31 -7.50 -14.47
N LEU C 33 -2.63 -7.90 -13.40
CA LEU C 33 -1.54 -8.86 -13.47
C LEU C 33 -2.11 -10.27 -13.43
N SER C 34 -1.88 -11.03 -14.48
CA SER C 34 -2.37 -12.41 -14.53
C SER C 34 -1.47 -13.32 -13.71
N VAL C 35 -1.96 -14.49 -13.37
CA VAL C 35 -1.22 -15.46 -12.57
C VAL C 35 0.18 -15.76 -13.15
N ASN C 36 0.27 -16.03 -14.45
CA ASN C 36 1.56 -16.34 -15.06
C ASN C 36 2.45 -15.11 -15.10
N GLU C 37 1.87 -13.96 -15.45
CA GLU C 37 2.61 -12.71 -15.53
C GLU C 37 3.18 -12.33 -14.17
N PHE C 38 2.37 -12.48 -13.14
CA PHE C 38 2.78 -12.17 -11.78
C PHE C 38 3.95 -13.05 -11.36
N LYS C 39 3.83 -14.34 -11.62
CA LYS C 39 4.87 -15.30 -11.28
C LYS C 39 6.15 -15.04 -12.09
N GLU C 40 5.99 -14.67 -13.35
CA GLU C 40 7.13 -14.39 -14.21
C GLU C 40 7.78 -13.06 -13.83
N LEU C 41 7.04 -12.22 -13.12
CA LEU C 41 7.54 -10.93 -12.67
C LEU C 41 8.48 -11.09 -11.48
N VAL C 42 7.98 -11.74 -10.44
CA VAL C 42 8.75 -11.95 -9.22
C VAL C 42 9.96 -12.86 -9.46
N THR C 43 9.78 -13.90 -10.26
CA THR C 43 10.86 -14.83 -10.54
C THR C 43 11.71 -14.34 -11.71
N GLN C 44 11.90 -13.03 -11.81
CA GLN C 44 12.70 -12.45 -12.88
C GLN C 44 13.26 -11.09 -12.47
N GLN C 45 12.37 -10.15 -12.19
CA GLN C 45 12.77 -8.80 -11.82
C GLN C 45 13.04 -8.66 -10.33
N LEU C 46 12.37 -9.46 -9.50
CA LEU C 46 12.55 -9.37 -8.05
C LEU C 46 12.89 -10.72 -7.40
N PRO C 47 13.90 -11.46 -7.89
CA PRO C 47 14.23 -12.76 -7.31
C PRO C 47 15.08 -12.64 -6.04
N HIS C 48 15.89 -11.58 -5.98
CA HIS C 48 16.74 -11.34 -4.82
C HIS C 48 15.99 -10.56 -3.75
N LEU C 49 15.09 -9.69 -4.19
CA LEU C 49 14.30 -8.90 -3.26
C LEU C 49 13.18 -9.79 -2.70
N LEU C 50 12.32 -10.26 -3.60
CA LEU C 50 11.25 -11.15 -3.22
C LEU C 50 11.78 -12.58 -3.33
N LYS C 51 12.66 -12.93 -2.40
CA LYS C 51 13.31 -14.24 -2.36
C LYS C 51 12.32 -15.38 -2.44
N ASP C 52 11.19 -15.25 -1.76
CA ASP C 52 10.19 -16.30 -1.77
C ASP C 52 9.32 -16.22 -3.01
N VAL C 53 9.79 -16.87 -4.06
CA VAL C 53 9.07 -16.91 -5.33
C VAL C 53 8.32 -18.22 -5.43
N GLY C 54 8.56 -19.11 -4.47
CA GLY C 54 7.92 -20.40 -4.45
C GLY C 54 6.52 -20.32 -3.88
N SER C 55 6.39 -19.70 -2.72
CA SER C 55 5.10 -19.54 -2.08
C SER C 55 4.44 -18.24 -2.57
N LEU C 56 4.52 -18.01 -3.88
CA LEU C 56 3.95 -16.82 -4.50
C LEU C 56 2.44 -16.78 -4.32
N ASP C 57 1.81 -17.95 -4.44
CA ASP C 57 0.35 -18.06 -4.31
C ASP C 57 -0.12 -17.56 -2.94
N GLU C 58 0.72 -17.73 -1.93
CA GLU C 58 0.37 -17.28 -0.58
C GLU C 58 0.17 -15.77 -0.57
N LYS C 59 1.12 -15.06 -1.16
CA LYS C 59 1.06 -13.60 -1.23
C LYS C 59 -0.03 -13.16 -2.18
N MET C 60 -0.11 -13.82 -3.34
CA MET C 60 -1.11 -13.50 -4.35
C MET C 60 -2.52 -13.55 -3.76
N LYS C 61 -2.80 -14.59 -2.99
CA LYS C 61 -4.11 -14.77 -2.35
C LYS C 61 -4.35 -13.72 -1.25
N SER C 62 -3.28 -13.15 -0.74
CA SER C 62 -3.36 -12.15 0.31
C SER C 62 -3.39 -10.74 -0.28
N LEU C 63 -3.06 -10.63 -1.56
CA LEU C 63 -3.06 -9.34 -2.23
C LEU C 63 -4.43 -9.05 -2.82
N ASP C 64 -4.97 -10.03 -3.54
CA ASP C 64 -6.27 -9.89 -4.17
C ASP C 64 -7.38 -10.14 -3.16
N VAL C 65 -8.09 -9.09 -2.81
CA VAL C 65 -9.18 -9.19 -1.85
C VAL C 65 -10.50 -9.51 -2.56
N ASN C 66 -10.44 -9.59 -3.89
CA ASN C 66 -11.64 -9.89 -4.68
C ASN C 66 -11.81 -11.40 -4.75
N GLN C 67 -10.69 -12.12 -4.58
CA GLN C 67 -10.66 -13.57 -4.60
C GLN C 67 -11.05 -14.08 -5.99
N ASP C 68 -10.68 -13.30 -7.01
CA ASP C 68 -10.99 -13.66 -8.38
C ASP C 68 -9.71 -13.98 -9.14
N SER C 69 -8.58 -13.85 -8.43
CA SER C 69 -7.26 -14.13 -8.97
C SER C 69 -6.83 -13.10 -10.01
N GLU C 70 -7.49 -11.95 -10.00
CA GLU C 70 -7.17 -10.88 -10.93
C GLU C 70 -6.55 -9.70 -10.20
N LEU C 71 -5.23 -9.61 -10.26
CA LEU C 71 -4.51 -8.54 -9.59
C LEU C 71 -4.65 -7.23 -10.35
N LYS C 72 -5.71 -6.50 -10.04
CA LYS C 72 -6.01 -5.24 -10.71
C LYS C 72 -5.06 -4.14 -10.25
N PHE C 73 -5.10 -3.01 -10.94
CA PHE C 73 -4.26 -1.87 -10.63
C PHE C 73 -4.74 -1.15 -9.36
N ASN C 74 -4.63 -1.86 -8.25
CA ASN C 74 -5.02 -1.36 -6.94
C ASN C 74 -4.50 -2.32 -5.88
N GLU C 75 -4.87 -3.59 -6.02
CA GLU C 75 -4.45 -4.64 -5.11
C GLU C 75 -3.01 -5.05 -5.41
N TYR C 76 -2.63 -4.95 -6.68
CA TYR C 76 -1.29 -5.30 -7.13
C TYR C 76 -0.24 -4.39 -6.50
N TRP C 77 -0.60 -3.15 -6.22
CA TRP C 77 0.33 -2.19 -5.65
C TRP C 77 0.83 -2.65 -4.28
N ARG C 78 0.04 -3.51 -3.62
CA ARG C 78 0.41 -4.02 -2.31
C ARG C 78 1.77 -4.71 -2.39
N LEU C 79 2.01 -5.42 -3.49
CA LEU C 79 3.28 -6.13 -3.69
C LEU C 79 4.44 -5.15 -3.67
N ILE C 80 4.25 -4.00 -4.31
CA ILE C 80 5.28 -2.97 -4.38
C ILE C 80 5.58 -2.44 -2.98
N GLY C 81 4.54 -2.34 -2.16
CA GLY C 81 4.72 -1.87 -0.81
C GLY C 81 5.39 -2.91 0.06
N GLU C 82 5.10 -4.18 -0.21
CA GLU C 82 5.67 -5.29 0.54
C GLU C 82 7.19 -5.36 0.31
N LEU C 83 7.60 -5.37 -0.94
CA LEU C 83 9.03 -5.44 -1.27
C LEU C 83 9.78 -4.23 -0.75
N ALA C 84 9.07 -3.11 -0.61
CA ALA C 84 9.67 -1.89 -0.12
C ALA C 84 9.91 -1.96 1.38
N LYS C 85 9.07 -2.69 2.09
CA LYS C 85 9.23 -2.83 3.53
C LYS C 85 10.08 -4.06 3.87
N GLU C 86 10.14 -5.01 2.95
CA GLU C 86 10.92 -6.24 3.17
C GLU C 86 12.40 -5.92 3.29
N ILE C 87 12.83 -4.84 2.65
CA ILE C 87 14.23 -4.43 2.71
C ILE C 87 14.56 -3.86 4.08
N ARG C 88 13.53 -3.67 4.90
CA ARG C 88 13.68 -3.13 6.24
C ARG C 88 13.27 -4.17 7.30
N LYS C 89 12.32 -5.02 6.93
CA LYS C 89 11.82 -6.06 7.82
C LYS C 89 12.03 -7.45 7.22
N LYS C 90 12.83 -8.26 7.89
CA LYS C 90 13.12 -9.61 7.42
C LYS C 90 11.90 -10.54 7.56
N LYS C 91 11.57 -10.90 8.79
CA LYS C 91 10.44 -11.80 9.04
C LYS C 91 9.50 -11.21 10.10
N ASP C 92 9.66 -9.93 10.38
CA ASP C 92 8.84 -9.27 11.39
C ASP C 92 7.51 -8.80 10.78
N LEU C 93 6.74 -9.76 10.28
CA LEU C 93 5.44 -9.47 9.68
C LEU C 93 4.56 -10.73 9.66
N LYS C 94 3.62 -10.77 8.71
CA LYS C 94 2.68 -11.89 8.54
C LYS C 94 1.56 -11.82 9.59
N ILE C 95 1.94 -11.98 10.86
CA ILE C 95 1.01 -11.96 12.01
C ILE C 95 -0.36 -12.59 11.69
N ARG C 96 -1.43 -11.98 12.16
CA ARG C 96 -2.78 -12.47 11.92
C ARG C 96 -3.80 -11.36 12.12
N LYS C 97 -4.38 -10.89 11.02
CA LYS C 97 -5.37 -9.83 11.08
C LYS C 97 -6.63 -10.27 10.33
N LYS C 98 -7.78 -10.15 10.99
CA LYS C 98 -9.05 -10.54 10.39
C LYS C 98 -9.86 -9.31 10.01
N GLU D 1 18.30 -27.48 -13.35
CA GLU D 1 17.83 -27.76 -11.98
C GLU D 1 18.91 -27.39 -10.96
N LYS D 2 18.75 -26.24 -10.32
CA LYS D 2 19.72 -25.78 -9.33
C LYS D 2 19.14 -25.87 -7.92
N LEU D 3 19.78 -26.68 -7.08
CA LEU D 3 19.33 -26.85 -5.70
C LEU D 3 20.55 -26.98 -4.79
N GLY D 4 21.70 -26.54 -5.30
CA GLY D 4 22.93 -26.60 -4.54
C GLY D 4 23.53 -27.99 -4.58
N LYS D 5 24.29 -28.31 -3.54
CA LYS D 5 24.95 -29.61 -3.45
C LYS D 5 24.78 -30.20 -2.05
N LEU D 6 24.72 -31.52 -1.98
CA LEU D 6 24.55 -32.20 -0.72
C LEU D 6 25.74 -33.11 -0.43
N GLN D 7 26.28 -33.01 0.77
CA GLN D 7 27.41 -33.82 1.18
C GLN D 7 26.89 -34.97 2.02
N TYR D 8 27.20 -36.20 1.63
CA TYR D 8 26.72 -37.36 2.37
C TYR D 8 27.76 -38.47 2.42
N SER D 9 27.62 -39.32 3.43
CA SER D 9 28.49 -40.45 3.62
C SER D 9 27.66 -41.72 3.74
N LEU D 10 27.61 -42.50 2.66
CA LEU D 10 26.83 -43.73 2.64
C LEU D 10 27.71 -44.95 2.87
N ASP D 11 27.38 -45.72 3.89
CA ASP D 11 28.14 -46.94 4.19
C ASP D 11 27.21 -48.13 4.15
N TYR D 12 27.78 -49.33 4.20
CA TYR D 12 26.98 -50.54 4.14
C TYR D 12 27.29 -51.48 5.31
N ASP D 13 26.37 -52.39 5.58
CA ASP D 13 26.55 -53.37 6.64
C ASP D 13 25.71 -54.60 6.34
N PHE D 14 26.10 -55.73 6.91
CA PHE D 14 25.37 -56.97 6.67
C PHE D 14 24.91 -57.58 8.00
N GLN D 15 25.39 -57.04 9.12
CA GLN D 15 25.02 -57.56 10.42
C GLN D 15 23.60 -57.13 10.77
N ASN D 16 23.17 -56.05 10.13
CA ASN D 16 21.84 -55.50 10.34
C ASN D 16 21.06 -55.50 9.04
N ASN D 17 21.74 -55.83 7.94
CA ASN D 17 21.15 -55.89 6.61
C ASN D 17 20.52 -54.54 6.22
N GLN D 18 21.36 -53.50 6.22
CA GLN D 18 20.91 -52.16 5.87
C GLN D 18 22.07 -51.28 5.48
N LEU D 19 21.76 -50.17 4.84
CA LEU D 19 22.76 -49.20 4.44
C LEU D 19 22.57 -47.94 5.27
N LEU D 20 23.66 -47.38 5.75
CA LEU D 20 23.59 -46.20 6.59
C LEU D 20 23.84 -44.93 5.78
N VAL D 21 22.78 -44.16 5.57
CA VAL D 21 22.89 -42.92 4.83
C VAL D 21 23.16 -41.76 5.78
N GLY D 22 24.43 -41.41 5.90
CA GLY D 22 24.80 -40.32 6.79
C GLY D 22 24.95 -39.01 6.04
N ILE D 23 23.85 -38.29 5.89
CA ILE D 23 23.86 -37.02 5.21
C ILE D 23 24.49 -35.96 6.10
N ILE D 24 25.53 -35.30 5.62
CA ILE D 24 26.23 -34.29 6.39
C ILE D 24 25.47 -32.97 6.40
N GLN D 25 25.34 -32.35 5.22
CA GLN D 25 24.65 -31.07 5.11
C GLN D 25 24.33 -30.74 3.65
N ALA D 26 23.45 -29.78 3.48
CA ALA D 26 23.05 -29.31 2.16
C ALA D 26 23.45 -27.85 2.01
N ALA D 27 24.03 -27.49 0.87
CA ALA D 27 24.48 -26.13 0.66
C ALA D 27 23.72 -25.45 -0.48
N GLU D 28 23.42 -24.17 -0.27
CA GLU D 28 22.72 -23.33 -1.24
C GLU D 28 21.30 -23.83 -1.53
N LEU D 29 20.42 -23.62 -0.58
CA LEU D 29 19.03 -24.03 -0.73
C LEU D 29 18.14 -22.81 -0.97
N PRO D 30 17.28 -22.84 -2.00
CA PRO D 30 16.37 -21.74 -2.33
C PRO D 30 15.42 -21.35 -1.20
N ALA D 31 14.87 -20.15 -1.28
CA ALA D 31 13.95 -19.64 -0.28
C ALA D 31 12.51 -19.95 -0.63
N LEU D 32 11.81 -20.59 0.32
CA LEU D 32 10.41 -20.94 0.12
C LEU D 32 9.54 -20.22 1.15
N ASP D 33 10.18 -19.39 1.97
CA ASP D 33 9.49 -18.61 2.99
C ASP D 33 10.00 -17.18 2.96
N MET D 34 9.08 -16.22 3.14
CA MET D 34 9.41 -14.80 3.12
C MET D 34 10.59 -14.48 4.03
N GLY D 35 11.42 -13.56 3.58
CA GLY D 35 12.59 -13.18 4.36
C GLY D 35 13.86 -13.82 3.83
N GLY D 36 13.70 -14.73 2.88
CA GLY D 36 14.85 -15.40 2.29
C GLY D 36 15.43 -16.49 3.17
N THR D 37 14.54 -17.21 3.86
CA THR D 37 14.97 -18.30 4.73
C THR D 37 13.81 -19.26 4.96
N SER D 38 13.96 -20.49 4.47
CA SER D 38 12.92 -21.51 4.60
C SER D 38 13.28 -22.53 5.67
N ASP D 39 12.43 -23.54 5.83
CA ASP D 39 12.65 -24.61 6.80
C ASP D 39 12.86 -25.93 6.04
N PRO D 40 14.05 -26.14 5.47
CA PRO D 40 14.34 -27.33 4.68
C PRO D 40 14.70 -28.57 5.51
N TYR D 41 13.83 -29.57 5.44
CA TYR D 41 14.04 -30.82 6.12
C TYR D 41 13.88 -31.94 5.10
N VAL D 42 14.82 -32.87 5.07
CA VAL D 42 14.79 -33.95 4.11
C VAL D 42 14.02 -35.17 4.60
N LYS D 43 13.32 -35.80 3.69
CA LYS D 43 12.56 -37.00 3.99
C LYS D 43 12.90 -38.05 2.95
N VAL D 44 13.52 -39.11 3.40
CA VAL D 44 13.94 -40.17 2.51
C VAL D 44 12.77 -41.01 2.04
N PHE D 45 12.56 -41.00 0.73
CA PHE D 45 11.50 -41.77 0.13
C PHE D 45 12.11 -42.89 -0.71
N LEU D 46 11.29 -43.86 -1.07
CA LEU D 46 11.76 -44.97 -1.86
C LEU D 46 10.93 -45.10 -3.13
N LEU D 47 11.42 -45.90 -4.06
CA LEU D 47 10.72 -46.14 -5.32
C LEU D 47 9.45 -46.98 -5.02
N PRO D 48 8.71 -47.48 -6.05
CA PRO D 48 7.48 -48.29 -5.84
C PRO D 48 7.56 -49.31 -4.68
N ASP D 49 8.78 -49.67 -4.28
CA ASP D 49 9.01 -50.59 -3.16
C ASP D 49 8.26 -50.09 -1.93
N LYS D 50 8.50 -48.82 -1.60
CA LYS D 50 7.86 -48.12 -0.47
C LYS D 50 7.83 -48.92 0.83
N LYS D 51 8.93 -49.57 1.17
CA LYS D 51 8.96 -50.35 2.41
C LYS D 51 9.71 -49.59 3.51
N LYS D 52 9.77 -48.26 3.39
CA LYS D 52 10.45 -47.43 4.39
C LYS D 52 10.30 -45.95 4.06
N LYS D 53 10.46 -45.13 5.09
CA LYS D 53 10.37 -43.68 4.99
C LYS D 53 10.88 -43.06 6.29
N PHE D 54 11.55 -41.93 6.21
CA PHE D 54 12.07 -41.28 7.41
C PHE D 54 12.04 -39.76 7.27
N GLU D 55 11.56 -39.11 8.31
CA GLU D 55 11.48 -37.66 8.36
C GLU D 55 12.57 -37.13 9.30
N THR D 56 13.35 -36.17 8.84
CA THR D 56 14.42 -35.61 9.66
C THR D 56 13.88 -34.56 10.62
N LYS D 57 14.78 -33.85 11.29
CA LYS D 57 14.37 -32.82 12.24
C LYS D 57 14.09 -31.53 11.49
N VAL D 58 13.11 -30.77 11.98
CA VAL D 58 12.75 -29.50 11.35
C VAL D 58 13.87 -28.47 11.51
N HIS D 59 14.52 -28.16 10.41
CA HIS D 59 15.58 -27.17 10.41
C HIS D 59 14.98 -25.81 10.10
N ARG D 60 14.46 -25.17 11.13
CA ARG D 60 13.79 -23.88 10.98
C ARG D 60 14.70 -22.77 10.45
N LYS D 61 14.15 -22.00 9.51
CA LYS D 61 14.80 -20.85 8.88
C LYS D 61 16.31 -21.02 8.68
N THR D 62 16.68 -21.75 7.64
CA THR D 62 18.08 -21.97 7.33
C THR D 62 18.24 -22.33 5.86
N LEU D 63 19.41 -22.03 5.30
CA LEU D 63 19.68 -22.33 3.90
C LEU D 63 20.91 -23.24 3.80
N ASN D 64 21.37 -23.69 4.96
CA ASN D 64 22.52 -24.57 5.05
C ASN D 64 22.50 -25.34 6.37
N PRO D 65 21.55 -26.28 6.52
CA PRO D 65 21.39 -27.08 7.75
C PRO D 65 22.53 -28.07 7.96
N VAL D 66 23.04 -28.12 9.19
CA VAL D 66 24.13 -29.04 9.53
C VAL D 66 23.76 -29.87 10.76
N PHE D 67 22.93 -30.88 10.57
CA PHE D 67 22.53 -31.74 11.68
C PHE D 67 23.10 -33.14 11.52
N ASN D 68 23.34 -33.54 10.28
CA ASN D 68 23.90 -34.85 9.96
C ASN D 68 23.01 -35.97 10.51
N GLU D 69 21.79 -36.04 10.02
CA GLU D 69 20.84 -37.06 10.45
C GLU D 69 21.25 -38.45 9.92
N GLN D 70 20.64 -39.49 10.49
CA GLN D 70 20.95 -40.85 10.09
C GLN D 70 19.70 -41.57 9.60
N PHE D 71 19.78 -42.14 8.41
CA PHE D 71 18.65 -42.87 7.84
C PHE D 71 18.99 -44.36 7.77
N THR D 72 18.01 -45.19 8.11
CA THR D 72 18.17 -46.63 8.09
C THR D 72 17.60 -47.24 6.82
N PHE D 73 18.45 -47.44 5.81
CA PHE D 73 18.03 -48.04 4.57
C PHE D 73 17.98 -49.56 4.75
N LYS D 74 16.93 -50.03 5.43
CA LYS D 74 16.75 -51.45 5.70
C LYS D 74 16.35 -52.23 4.46
N VAL D 75 17.25 -52.27 3.50
CA VAL D 75 17.03 -53.01 2.27
C VAL D 75 18.18 -53.98 2.10
N PRO D 76 17.88 -55.27 1.94
CA PRO D 76 18.89 -56.31 1.77
C PRO D 76 19.90 -55.94 0.67
N TYR D 77 21.17 -56.15 0.95
CA TYR D 77 22.24 -55.85 0.00
C TYR D 77 22.01 -56.63 -1.30
N SER D 78 21.36 -57.77 -1.18
CA SER D 78 21.06 -58.63 -2.32
C SER D 78 19.83 -58.13 -3.08
N GLU D 79 19.16 -57.13 -2.53
CA GLU D 79 17.97 -56.57 -3.14
C GLU D 79 18.20 -55.11 -3.51
N LEU D 80 19.42 -54.63 -3.27
CA LEU D 80 19.78 -53.25 -3.56
C LEU D 80 19.92 -53.03 -5.07
N GLY D 81 20.08 -54.13 -5.81
CA GLY D 81 20.22 -54.04 -7.25
C GLY D 81 18.98 -53.49 -7.91
N GLY D 82 17.84 -53.62 -7.24
CA GLY D 82 16.61 -53.12 -7.78
C GLY D 82 15.91 -52.19 -6.82
N LYS D 83 16.69 -51.37 -6.13
CA LYS D 83 16.14 -50.43 -5.16
C LYS D 83 16.80 -49.07 -5.28
N THR D 84 16.05 -48.10 -5.79
CA THR D 84 16.54 -46.73 -5.94
C THR D 84 15.92 -45.84 -4.86
N LEU D 85 16.75 -45.13 -4.13
CA LEU D 85 16.27 -44.26 -3.07
C LEU D 85 16.13 -42.82 -3.57
N VAL D 86 15.15 -42.11 -3.03
CA VAL D 86 14.90 -40.73 -3.42
C VAL D 86 14.96 -39.80 -2.20
N MET D 87 16.03 -39.03 -2.12
CA MET D 87 16.20 -38.09 -1.02
C MET D 87 15.60 -36.74 -1.41
N ALA D 88 14.42 -36.45 -0.91
CA ALA D 88 13.74 -35.21 -1.23
C ALA D 88 13.79 -34.24 -0.07
N VAL D 89 14.03 -32.98 -0.38
CA VAL D 89 14.08 -31.93 0.63
C VAL D 89 12.77 -31.14 0.61
N TYR D 90 12.10 -31.10 1.75
CA TYR D 90 10.84 -30.40 1.87
C TYR D 90 10.98 -29.19 2.78
N ASP D 91 10.07 -28.24 2.64
CA ASP D 91 10.09 -27.05 3.46
C ASP D 91 8.97 -27.10 4.50
N PHE D 92 9.12 -26.34 5.56
CA PHE D 92 8.13 -26.29 6.61
C PHE D 92 7.93 -24.85 7.07
N ASP D 93 7.54 -23.99 6.13
CA ASP D 93 7.29 -22.57 6.42
C ASP D 93 6.35 -22.38 7.60
N ARG D 94 5.45 -23.35 7.80
CA ARG D 94 4.48 -23.33 8.89
C ARG D 94 3.46 -22.21 8.72
N PHE D 95 3.09 -21.91 7.48
CA PHE D 95 2.13 -20.85 7.22
C PHE D 95 1.28 -21.15 5.98
N SER D 96 1.95 -21.40 4.86
CA SER D 96 1.26 -21.69 3.62
C SER D 96 1.51 -23.13 3.16
N LYS D 97 1.14 -23.42 1.91
CA LYS D 97 1.34 -24.74 1.35
C LYS D 97 2.72 -24.85 0.73
N HIS D 98 3.71 -25.05 1.59
CA HIS D 98 5.11 -25.18 1.16
C HIS D 98 5.28 -26.24 0.08
N ASP D 99 6.02 -25.88 -0.96
CA ASP D 99 6.28 -26.77 -2.09
C ASP D 99 7.59 -27.54 -1.90
N ILE D 100 7.93 -28.40 -2.84
CA ILE D 100 9.16 -29.17 -2.78
C ILE D 100 10.28 -28.38 -3.43
N ILE D 101 11.39 -28.21 -2.72
CA ILE D 101 12.52 -27.47 -3.26
C ILE D 101 13.26 -28.31 -4.29
N GLY D 102 13.28 -29.63 -4.07
CA GLY D 102 13.96 -30.52 -4.99
C GLY D 102 14.27 -31.87 -4.36
N GLU D 103 15.05 -32.68 -5.06
CA GLU D 103 15.42 -34.00 -4.59
C GLU D 103 16.58 -34.55 -5.42
N PHE D 104 17.09 -35.70 -5.00
CA PHE D 104 18.17 -36.35 -5.71
C PHE D 104 17.98 -37.86 -5.60
N LYS D 105 18.23 -38.57 -6.69
CA LYS D 105 18.07 -40.01 -6.72
C LYS D 105 19.27 -40.66 -7.39
N VAL D 106 19.73 -41.76 -6.80
CA VAL D 106 20.86 -42.48 -7.34
C VAL D 106 20.58 -43.99 -7.38
N PRO D 107 20.76 -44.62 -8.54
CA PRO D 107 20.53 -46.06 -8.69
C PRO D 107 21.60 -46.88 -7.97
N MET D 108 21.19 -47.55 -6.89
CA MET D 108 22.11 -48.37 -6.10
C MET D 108 22.68 -49.53 -6.91
N ASN D 109 22.02 -49.85 -8.01
CA ASN D 109 22.46 -50.93 -8.90
C ASN D 109 23.81 -50.56 -9.52
N THR D 110 24.06 -49.27 -9.65
CA THR D 110 25.30 -48.78 -10.22
C THR D 110 26.30 -48.39 -9.12
N VAL D 111 25.84 -48.43 -7.88
CA VAL D 111 26.68 -48.08 -6.74
C VAL D 111 26.99 -49.31 -5.91
N ASP D 112 28.06 -50.01 -6.24
CA ASP D 112 28.45 -51.20 -5.51
C ASP D 112 29.04 -50.81 -4.16
N PHE D 113 28.70 -51.59 -3.13
CA PHE D 113 29.17 -51.32 -1.78
C PHE D 113 30.60 -51.79 -1.57
N GLY D 114 31.54 -51.14 -2.25
CA GLY D 114 32.94 -51.48 -2.11
C GLY D 114 33.43 -51.24 -0.69
N HIS D 115 33.01 -50.12 -0.12
CA HIS D 115 33.37 -49.76 1.24
C HIS D 115 32.45 -48.64 1.72
N VAL D 116 32.74 -47.42 1.30
CA VAL D 116 31.94 -46.27 1.68
C VAL D 116 31.78 -45.32 0.50
N THR D 117 30.60 -44.74 0.37
CA THR D 117 30.32 -43.80 -0.70
C THR D 117 30.19 -42.39 -0.16
N GLU D 118 31.28 -41.66 -0.17
CA GLU D 118 31.32 -40.30 0.32
C GLU D 118 31.63 -39.36 -0.83
N GLU D 119 30.69 -38.46 -1.14
CA GLU D 119 30.88 -37.51 -2.23
C GLU D 119 29.96 -36.31 -2.06
N TRP D 120 30.11 -35.35 -2.96
CA TRP D 120 29.30 -34.14 -2.95
C TRP D 120 28.37 -34.18 -4.14
N ARG D 121 27.21 -34.78 -3.96
CA ARG D 121 26.24 -34.92 -5.04
C ARG D 121 25.39 -33.65 -5.17
N ASP D 122 25.24 -33.19 -6.41
CA ASP D 122 24.45 -32.03 -6.70
C ASP D 122 22.96 -32.35 -6.56
N LEU D 123 22.18 -31.35 -6.19
CA LEU D 123 20.75 -31.54 -5.98
C LEU D 123 19.96 -30.98 -7.17
N GLN D 124 18.83 -31.60 -7.46
CA GLN D 124 17.99 -31.17 -8.57
C GLN D 124 16.65 -30.64 -8.07
N SER D 125 16.26 -29.47 -8.55
CA SER D 125 14.98 -28.87 -8.17
C SER D 125 13.86 -29.45 -9.02
N ALA D 126 13.42 -30.65 -8.66
CA ALA D 126 12.35 -31.32 -9.40
C ALA D 126 10.98 -30.98 -8.82
N GLU D 127 10.12 -30.44 -9.67
CA GLU D 127 8.78 -30.06 -9.26
C GLU D 127 7.86 -31.29 -9.24
N LYS D 128 7.07 -31.41 -8.18
CA LYS D 128 6.16 -32.54 -8.05
C LYS D 128 4.72 -32.05 -8.00
N GLU A 1 -25.67 35.15 -13.47
CA GLU A 1 -25.03 34.51 -12.30
C GLU A 1 -25.74 33.22 -11.94
N LYS A 2 -25.00 32.27 -11.37
CA LYS A 2 -25.59 30.99 -10.98
C LYS A 2 -24.82 30.40 -9.81
N LEU A 3 -25.51 30.19 -8.70
CA LEU A 3 -24.89 29.60 -7.52
C LEU A 3 -25.84 28.61 -6.87
N GLY A 4 -27.05 28.52 -7.41
CA GLY A 4 -28.03 27.60 -6.88
C GLY A 4 -29.07 28.30 -6.04
N LYS A 5 -29.64 27.58 -5.09
CA LYS A 5 -30.65 28.14 -4.21
C LYS A 5 -30.35 27.76 -2.77
N LEU A 6 -30.72 28.63 -1.84
CA LEU A 6 -30.48 28.38 -0.43
C LEU A 6 -31.78 28.49 0.35
N GLN A 7 -32.13 27.42 1.04
CA GLN A 7 -33.33 27.40 1.86
C GLN A 7 -32.97 27.88 3.25
N TYR A 8 -33.65 28.90 3.75
CA TYR A 8 -33.36 29.42 5.08
C TYR A 8 -34.61 29.87 5.80
N SER A 9 -34.51 29.98 7.11
CA SER A 9 -35.61 30.40 7.95
C SER A 9 -35.14 31.48 8.91
N LEU A 10 -35.74 32.66 8.82
CA LEU A 10 -35.36 33.76 9.70
C LEU A 10 -36.32 33.88 10.87
N ASP A 11 -35.74 34.06 12.06
CA ASP A 11 -36.50 34.22 13.28
C ASP A 11 -36.01 35.47 14.00
N TYR A 12 -36.92 36.31 14.45
CA TYR A 12 -36.53 37.54 15.12
C TYR A 12 -36.64 37.40 16.63
N ASP A 13 -35.62 37.87 17.34
CA ASP A 13 -35.59 37.82 18.79
C ASP A 13 -35.77 39.21 19.38
N PHE A 14 -36.56 39.31 20.42
CA PHE A 14 -36.80 40.58 21.08
C PHE A 14 -36.42 40.51 22.55
N GLN A 15 -35.62 39.51 22.90
CA GLN A 15 -35.18 39.33 24.27
C GLN A 15 -33.77 39.87 24.47
N ASN A 16 -32.91 39.66 23.47
CA ASN A 16 -31.53 40.13 23.55
C ASN A 16 -31.18 41.01 22.36
N ASN A 17 -32.19 41.22 21.49
CA ASN A 17 -32.05 42.06 20.29
C ASN A 17 -31.08 41.46 19.28
N GLN A 18 -31.63 40.61 18.41
CA GLN A 18 -30.84 39.96 17.37
C GLN A 18 -31.74 39.16 16.44
N LEU A 19 -31.27 38.92 15.22
CA LEU A 19 -32.02 38.13 14.26
C LEU A 19 -31.38 36.76 14.12
N LEU A 20 -32.17 35.73 14.33
CA LEU A 20 -31.67 34.36 14.24
C LEU A 20 -31.74 33.89 12.79
N VAL A 21 -30.60 33.91 12.12
CA VAL A 21 -30.53 33.47 10.75
C VAL A 21 -30.27 31.97 10.71
N GLY A 22 -31.33 31.20 10.58
CA GLY A 22 -31.19 29.76 10.53
C GLY A 22 -31.19 29.24 9.10
N ILE A 23 -30.01 29.09 8.53
CA ILE A 23 -29.88 28.59 7.17
C ILE A 23 -30.04 27.08 7.16
N ILE A 24 -30.92 26.58 6.30
CA ILE A 24 -31.17 25.14 6.22
C ILE A 24 -30.08 24.46 5.41
N GLN A 25 -29.97 24.80 4.14
CA GLN A 25 -28.97 24.20 3.27
C GLN A 25 -28.89 24.91 1.92
N ALA A 26 -27.80 24.64 1.20
CA ALA A 26 -27.59 25.22 -0.12
C ALA A 26 -27.43 24.09 -1.13
N ALA A 27 -27.98 24.27 -2.33
CA ALA A 27 -27.90 23.23 -3.34
C ALA A 27 -27.40 23.74 -4.69
N GLU A 28 -26.73 22.84 -5.41
CA GLU A 28 -26.18 23.12 -6.74
C GLU A 28 -25.05 24.14 -6.69
N LEU A 29 -24.13 23.94 -5.76
CA LEU A 29 -22.97 24.84 -5.63
C LEU A 29 -21.89 24.43 -6.63
N PRO A 30 -21.16 25.40 -7.20
CA PRO A 30 -20.09 25.12 -8.16
C PRO A 30 -18.88 24.45 -7.51
N ALA A 31 -18.18 23.62 -8.27
CA ALA A 31 -17.01 22.92 -7.78
C ALA A 31 -15.79 23.83 -7.74
N LEU A 32 -14.82 23.48 -6.91
CA LEU A 32 -13.59 24.26 -6.78
C LEU A 32 -12.39 23.32 -6.64
N ASP A 33 -12.58 22.27 -5.89
CA ASP A 33 -11.53 21.27 -5.65
C ASP A 33 -11.29 20.43 -6.90
N MET A 34 -10.12 19.82 -6.96
CA MET A 34 -9.73 18.98 -8.07
C MET A 34 -10.56 17.70 -8.11
N GLY A 35 -11.16 17.37 -6.98
CA GLY A 35 -11.98 16.18 -6.87
C GLY A 35 -13.39 16.39 -7.39
N GLY A 36 -13.60 17.48 -8.14
CA GLY A 36 -14.92 17.76 -8.67
C GLY A 36 -15.91 18.16 -7.59
N THR A 37 -15.39 18.68 -6.49
CA THR A 37 -16.20 19.09 -5.38
C THR A 37 -15.68 20.41 -4.82
N SER A 38 -16.16 20.79 -3.65
CA SER A 38 -15.71 22.03 -3.02
C SER A 38 -15.94 21.94 -1.51
N ASP A 39 -15.33 22.84 -0.77
CA ASP A 39 -15.49 22.89 0.69
C ASP A 39 -16.14 24.23 1.03
N PRO A 40 -17.43 24.40 0.69
CA PRO A 40 -18.13 25.65 0.88
C PRO A 40 -18.78 25.82 2.24
N TYR A 41 -18.39 26.90 2.91
CA TYR A 41 -18.94 27.26 4.20
C TYR A 41 -19.31 28.74 4.13
N VAL A 42 -20.50 29.08 4.61
CA VAL A 42 -20.97 30.45 4.54
C VAL A 42 -20.46 31.30 5.70
N LYS A 43 -19.88 32.44 5.35
CA LYS A 43 -19.36 33.38 6.32
C LYS A 43 -20.11 34.70 6.16
N VAL A 44 -20.95 35.00 7.12
CA VAL A 44 -21.76 36.20 7.08
C VAL A 44 -20.91 37.46 7.17
N PHE A 45 -21.09 38.33 6.19
CA PHE A 45 -20.39 39.59 6.15
C PHE A 45 -21.39 40.72 6.33
N LEU A 46 -20.98 41.76 7.02
CA LEU A 46 -21.86 42.88 7.28
C LEU A 46 -21.36 44.15 6.61
N LEU A 47 -22.23 45.14 6.56
CA LEU A 47 -21.92 46.44 6.00
C LEU A 47 -21.02 47.21 6.99
N PRO A 48 -20.72 48.52 6.79
CA PRO A 48 -19.87 49.32 7.70
C PRO A 48 -20.14 49.10 9.20
N ASP A 49 -21.32 48.56 9.53
CA ASP A 49 -21.69 48.25 10.91
C ASP A 49 -20.61 47.40 11.57
N LYS A 50 -20.27 46.29 10.91
CA LYS A 50 -19.23 45.35 11.36
C LYS A 50 -19.32 45.01 12.86
N LYS A 51 -20.53 44.85 13.37
CA LYS A 51 -20.71 44.53 14.78
C LYS A 51 -21.09 43.06 14.95
N LYS A 52 -20.64 42.22 14.02
CA LYS A 52 -20.94 40.79 14.06
C LYS A 52 -20.19 40.07 12.95
N LYS A 53 -19.72 38.87 13.26
CA LYS A 53 -18.99 38.04 12.30
C LYS A 53 -19.04 36.59 12.74
N PHE A 54 -19.74 35.76 11.99
CA PHE A 54 -19.88 34.36 12.34
C PHE A 54 -19.35 33.47 11.22
N GLU A 55 -18.64 32.42 11.60
CA GLU A 55 -18.09 31.46 10.65
C GLU A 55 -18.74 30.10 10.88
N THR A 56 -19.18 29.46 9.80
CA THR A 56 -19.83 28.16 9.91
C THR A 56 -18.82 27.02 9.98
N LYS A 57 -19.32 25.80 9.97
CA LYS A 57 -18.48 24.62 10.03
C LYS A 57 -17.99 24.27 8.63
N VAL A 58 -16.71 23.94 8.50
CA VAL A 58 -16.16 23.58 7.20
C VAL A 58 -16.83 22.32 6.64
N HIS A 59 -17.55 22.50 5.56
CA HIS A 59 -18.24 21.39 4.90
C HIS A 59 -17.34 20.87 3.79
N ARG A 60 -16.38 20.02 4.17
CA ARG A 60 -15.41 19.48 3.24
C ARG A 60 -16.01 18.59 2.14
N LYS A 61 -15.60 18.87 0.91
CA LYS A 61 -15.99 18.14 -0.30
C LYS A 61 -17.49 17.88 -0.40
N THR A 62 -18.24 18.88 -0.85
CA THR A 62 -19.68 18.74 -1.03
C THR A 62 -20.23 19.85 -1.94
N LEU A 63 -21.25 19.50 -2.71
CA LEU A 63 -21.90 20.46 -3.60
C LEU A 63 -23.31 20.72 -3.11
N ASN A 64 -23.61 20.15 -1.94
CA ASN A 64 -24.90 20.28 -1.31
C ASN A 64 -24.72 20.08 0.20
N PRO A 65 -24.28 21.12 0.90
CA PRO A 65 -24.04 21.05 2.34
C PRO A 65 -25.32 21.10 3.18
N VAL A 66 -25.30 20.34 4.26
CA VAL A 66 -26.41 20.27 5.19
C VAL A 66 -25.88 20.31 6.62
N PHE A 67 -26.44 21.18 7.44
CA PHE A 67 -26.01 21.31 8.82
C PHE A 67 -27.01 22.16 9.61
N ASN A 68 -27.47 23.24 8.97
CA ASN A 68 -28.44 24.16 9.56
C ASN A 68 -27.81 24.97 10.68
N GLU A 69 -26.66 25.58 10.40
CA GLU A 69 -25.97 26.40 11.38
C GLU A 69 -26.77 27.68 11.63
N GLN A 70 -26.66 28.22 12.84
CA GLN A 70 -27.39 29.43 13.20
C GLN A 70 -26.44 30.61 13.33
N PHE A 71 -26.86 31.76 12.81
CA PHE A 71 -26.06 32.96 12.89
C PHE A 71 -26.73 33.99 13.80
N THR A 72 -25.96 34.54 14.71
CA THR A 72 -26.44 35.52 15.66
C THR A 72 -26.28 36.94 15.11
N PHE A 73 -27.33 37.46 14.47
CA PHE A 73 -27.31 38.81 13.93
C PHE A 73 -27.51 39.81 15.06
N LYS A 74 -26.45 40.03 15.82
CA LYS A 74 -26.47 40.93 16.97
C LYS A 74 -26.70 42.38 16.56
N VAL A 75 -27.92 42.86 16.76
CA VAL A 75 -28.30 44.22 16.43
C VAL A 75 -29.77 44.44 16.79
N PRO A 76 -30.10 45.59 17.40
CA PRO A 76 -31.48 45.90 17.77
C PRO A 76 -32.40 45.97 16.56
N TYR A 77 -33.66 45.55 16.75
CA TYR A 77 -34.64 45.59 15.66
C TYR A 77 -34.87 47.01 15.18
N SER A 78 -34.51 47.97 16.01
CA SER A 78 -34.65 49.38 15.70
C SER A 78 -33.61 49.81 14.66
N GLU A 79 -32.49 49.09 14.63
CA GLU A 79 -31.41 49.40 13.70
C GLU A 79 -31.49 48.51 12.47
N LEU A 80 -32.52 47.66 12.43
CA LEU A 80 -32.74 46.76 11.32
C LEU A 80 -32.99 47.53 10.03
N GLY A 81 -33.61 48.70 10.17
CA GLY A 81 -33.92 49.53 9.03
C GLY A 81 -32.69 50.06 8.32
N GLY A 82 -31.56 50.03 9.01
CA GLY A 82 -30.32 50.53 8.41
C GLY A 82 -29.22 49.50 8.46
N LYS A 83 -29.60 48.23 8.54
CA LYS A 83 -28.63 47.16 8.61
C LYS A 83 -28.89 46.10 7.54
N THR A 84 -27.91 45.93 6.67
CA THR A 84 -27.99 44.95 5.60
C THR A 84 -26.89 43.89 5.75
N LEU A 85 -27.28 42.63 5.76
CA LEU A 85 -26.33 41.54 5.92
C LEU A 85 -26.18 40.77 4.62
N VAL A 86 -25.01 40.18 4.42
CA VAL A 86 -24.74 39.40 3.22
C VAL A 86 -24.23 38.02 3.59
N MET A 87 -24.68 37.02 2.84
CA MET A 87 -24.28 35.64 3.08
C MET A 87 -23.33 35.20 1.99
N ALA A 88 -22.04 35.22 2.27
CA ALA A 88 -21.04 34.84 1.30
C ALA A 88 -20.53 33.43 1.56
N VAL A 89 -20.54 32.60 0.53
CA VAL A 89 -20.07 31.22 0.66
C VAL A 89 -18.61 31.12 0.23
N TYR A 90 -17.76 30.76 1.18
CA TYR A 90 -16.34 30.64 0.94
C TYR A 90 -15.94 29.18 0.82
N ASP A 91 -14.94 28.89 0.01
CA ASP A 91 -14.46 27.52 -0.17
C ASP A 91 -13.20 27.30 0.66
N PHE A 92 -12.93 26.04 0.98
CA PHE A 92 -11.75 25.68 1.76
C PHE A 92 -11.08 24.43 1.17
N ASP A 93 -10.80 24.47 -0.13
CA ASP A 93 -10.15 23.35 -0.82
C ASP A 93 -8.80 23.01 -0.20
N ARG A 94 -8.24 23.96 0.56
CA ARG A 94 -6.97 23.81 1.27
C ARG A 94 -5.76 23.74 0.34
N PHE A 95 -5.87 24.26 -0.87
CA PHE A 95 -4.74 24.24 -1.80
C PHE A 95 -4.71 25.51 -2.64
N SER A 96 -5.74 25.68 -3.44
CA SER A 96 -5.84 26.84 -4.30
C SER A 96 -6.29 28.05 -3.50
N LYS A 97 -6.16 29.24 -4.05
CA LYS A 97 -6.60 30.43 -3.36
C LYS A 97 -8.11 30.55 -3.50
N HIS A 98 -8.80 29.64 -2.81
CA HIS A 98 -10.26 29.57 -2.80
C HIS A 98 -10.89 30.94 -2.67
N ASP A 99 -11.86 31.21 -3.52
CA ASP A 99 -12.54 32.49 -3.53
C ASP A 99 -14.02 32.31 -3.25
N ILE A 100 -14.71 33.43 -3.06
CA ILE A 100 -16.14 33.40 -2.80
C ILE A 100 -16.87 33.06 -4.10
N ILE A 101 -17.41 31.86 -4.17
CA ILE A 101 -18.12 31.42 -5.37
C ILE A 101 -19.38 32.25 -5.62
N GLY A 102 -19.94 32.80 -4.55
CA GLY A 102 -21.13 33.62 -4.68
C GLY A 102 -21.66 34.06 -3.34
N GLU A 103 -22.72 34.86 -3.36
CA GLU A 103 -23.32 35.37 -2.15
C GLU A 103 -24.71 35.91 -2.42
N PHE A 104 -25.42 36.25 -1.36
CA PHE A 104 -26.75 36.83 -1.47
C PHE A 104 -26.97 37.79 -0.31
N LYS A 105 -27.61 38.91 -0.59
CA LYS A 105 -27.87 39.91 0.44
C LYS A 105 -29.29 40.41 0.32
N VAL A 106 -29.86 40.83 1.43
CA VAL A 106 -31.22 41.33 1.45
C VAL A 106 -31.35 42.48 2.44
N PRO A 107 -31.93 43.61 2.00
CA PRO A 107 -32.14 44.77 2.85
C PRO A 107 -33.23 44.52 3.88
N MET A 108 -32.86 44.51 5.15
CA MET A 108 -33.81 44.25 6.23
C MET A 108 -34.82 45.39 6.35
N ASN A 109 -34.52 46.51 5.69
CA ASN A 109 -35.40 47.66 5.71
C ASN A 109 -36.68 47.33 4.94
N THR A 110 -36.57 46.40 4.01
CA THR A 110 -37.71 45.97 3.21
C THR A 110 -38.40 44.79 3.87
N VAL A 111 -37.61 43.85 4.37
CA VAL A 111 -38.14 42.67 5.02
C VAL A 111 -38.50 42.95 6.47
N ASP A 112 -39.78 43.18 6.72
CA ASP A 112 -40.26 43.45 8.08
C ASP A 112 -40.32 42.16 8.88
N PHE A 113 -40.22 42.29 10.20
CA PHE A 113 -40.24 41.13 11.08
C PHE A 113 -41.65 40.82 11.55
N GLY A 114 -42.53 40.48 10.61
CA GLY A 114 -43.91 40.16 10.96
C GLY A 114 -43.98 38.93 11.83
N HIS A 115 -43.33 37.86 11.40
CA HIS A 115 -43.31 36.61 12.15
C HIS A 115 -42.01 35.86 11.84
N VAL A 116 -42.03 35.02 10.82
CA VAL A 116 -40.85 34.25 10.44
C VAL A 116 -40.66 34.29 8.93
N THR A 117 -39.53 34.81 8.49
CA THR A 117 -39.24 34.89 7.07
C THR A 117 -38.56 33.62 6.61
N GLU A 118 -39.35 32.66 6.16
CA GLU A 118 -38.83 31.40 5.68
C GLU A 118 -39.06 31.26 4.18
N GLU A 119 -37.98 31.18 3.44
CA GLU A 119 -38.05 31.07 1.98
C GLU A 119 -36.78 30.45 1.42
N TRP A 120 -36.74 30.29 0.12
CA TRP A 120 -35.58 29.71 -0.56
C TRP A 120 -35.07 30.65 -1.64
N ARG A 121 -34.38 31.69 -1.22
CA ARG A 121 -33.82 32.67 -2.16
C ARG A 121 -32.71 32.06 -2.99
N ASP A 122 -32.58 32.54 -4.22
CA ASP A 122 -31.55 32.04 -5.12
C ASP A 122 -30.20 32.65 -4.77
N LEU A 123 -29.14 31.90 -5.03
CA LEU A 123 -27.79 32.35 -4.74
C LEU A 123 -27.18 32.93 -6.01
N GLN A 124 -26.48 34.03 -5.88
CA GLN A 124 -25.89 34.69 -7.03
C GLN A 124 -24.37 34.73 -6.93
N SER A 125 -23.70 34.43 -8.03
CA SER A 125 -22.24 34.44 -8.08
C SER A 125 -21.72 35.87 -7.95
N ALA A 126 -20.70 36.04 -7.12
CA ALA A 126 -20.10 37.34 -6.90
C ALA A 126 -18.61 37.20 -6.73
N GLU A 127 -17.86 37.69 -7.70
CA GLU A 127 -16.42 37.60 -7.68
C GLU A 127 -15.83 38.77 -6.91
N LYS A 128 -15.25 38.48 -5.75
CA LYS A 128 -14.68 39.52 -4.90
C LYS A 128 -13.15 39.47 -4.96
N MET B 1 32.55 0.39 -17.07
CA MET B 1 33.90 0.74 -16.55
C MET B 1 33.84 1.01 -15.04
N ALA B 2 33.03 1.98 -14.64
CA ALA B 2 32.88 2.33 -13.24
C ALA B 2 31.48 2.88 -12.98
N ALA B 3 31.02 2.78 -11.74
CA ALA B 3 29.70 3.26 -11.35
C ALA B 3 28.62 2.60 -12.20
N GLU B 4 28.61 1.27 -12.18
CA GLU B 4 27.65 0.49 -12.94
C GLU B 4 26.23 0.68 -12.40
N PRO B 5 25.24 0.69 -13.30
CA PRO B 5 23.83 0.85 -12.94
C PRO B 5 23.30 -0.37 -12.19
N LEU B 6 22.12 -0.23 -11.61
CA LEU B 6 21.51 -1.33 -10.86
C LEU B 6 20.26 -1.82 -11.58
N THR B 7 19.50 -2.70 -10.92
CA THR B 7 18.27 -3.23 -11.48
C THR B 7 17.23 -2.12 -11.58
N GLU B 8 16.36 -2.22 -12.58
CA GLU B 8 15.30 -1.24 -12.84
C GLU B 8 14.65 -0.71 -11.56
N LEU B 9 14.06 -1.59 -10.76
CA LEU B 9 13.40 -1.16 -9.53
C LEU B 9 14.41 -0.69 -8.49
N GLU B 10 15.61 -1.24 -8.51
CA GLU B 10 16.65 -0.83 -7.56
C GLU B 10 16.99 0.64 -7.78
N GLU B 11 17.05 1.05 -9.04
CA GLU B 11 17.36 2.43 -9.37
C GLU B 11 16.15 3.31 -9.11
N SER B 12 14.95 2.76 -9.33
CA SER B 12 13.71 3.48 -9.13
C SER B 12 13.51 3.86 -7.66
N ILE B 13 14.10 3.08 -6.76
CA ILE B 13 13.99 3.38 -5.34
C ILE B 13 15.15 4.26 -4.87
N GLU B 14 16.26 4.22 -5.62
CA GLU B 14 17.43 5.02 -5.29
C GLU B 14 17.09 6.50 -5.35
N THR B 15 16.34 6.88 -6.38
CA THR B 15 15.95 8.26 -6.58
C THR B 15 15.11 8.78 -5.41
N VAL B 16 14.00 8.07 -5.11
CA VAL B 16 13.12 8.48 -4.02
C VAL B 16 13.85 8.45 -2.68
N VAL B 17 14.73 7.47 -2.49
CA VAL B 17 15.50 7.37 -1.25
C VAL B 17 16.40 8.60 -1.12
N THR B 18 16.96 9.04 -2.23
CA THR B 18 17.82 10.21 -2.25
C THR B 18 17.04 11.46 -1.82
N THR B 19 15.86 11.65 -2.41
CA THR B 19 15.01 12.78 -2.08
C THR B 19 14.54 12.69 -0.63
N PHE B 20 14.25 11.47 -0.19
CA PHE B 20 13.82 11.22 1.17
C PHE B 20 14.93 11.57 2.16
N PHE B 21 16.12 11.11 1.87
CA PHE B 21 17.27 11.35 2.74
C PHE B 21 17.65 12.83 2.79
N THR B 22 17.63 13.50 1.64
CA THR B 22 17.99 14.92 1.59
C THR B 22 16.98 15.81 2.31
N PHE B 23 15.76 15.31 2.49
CA PHE B 23 14.74 16.08 3.20
C PHE B 23 14.63 15.64 4.65
N ALA B 24 15.31 14.55 4.98
CA ALA B 24 15.29 14.02 6.34
C ALA B 24 16.52 14.50 7.12
N ARG B 25 17.18 15.52 6.60
CA ARG B 25 18.36 16.07 7.23
C ARG B 25 18.30 17.60 7.26
N GLN B 26 17.10 18.12 7.44
CA GLN B 26 16.90 19.56 7.49
C GLN B 26 16.83 20.02 8.93
N GLU B 27 16.03 19.31 9.73
CA GLU B 27 15.89 19.64 11.14
C GLU B 27 16.75 18.72 12.00
N GLY B 28 16.69 17.42 11.72
CA GLY B 28 17.48 16.47 12.48
C GLY B 28 17.00 15.05 12.33
N ARG B 29 17.85 14.10 12.73
CA ARG B 29 17.56 12.67 12.66
C ARG B 29 17.42 12.22 11.20
N LYS B 30 18.55 12.15 10.51
CA LYS B 30 18.61 11.74 9.09
C LYS B 30 18.16 10.30 8.90
N ASP B 31 16.85 10.13 8.80
CA ASP B 31 16.19 8.82 8.63
C ASP B 31 14.70 9.01 8.86
N SER B 32 14.37 10.09 9.55
CA SER B 32 13.00 10.43 9.85
C SER B 32 12.63 11.79 9.26
N LEU B 33 11.35 12.01 9.08
CA LEU B 33 10.85 13.27 8.54
C LEU B 33 10.11 14.05 9.62
N SER B 34 10.64 15.21 9.97
CA SER B 34 10.02 16.07 10.97
C SER B 34 8.79 16.73 10.37
N VAL B 35 8.01 17.42 11.20
CA VAL B 35 6.77 18.08 10.75
C VAL B 35 7.05 19.07 9.62
N ASN B 36 7.97 20.00 9.86
CA ASN B 36 8.32 21.00 8.85
C ASN B 36 8.90 20.36 7.60
N GLU B 37 9.80 19.40 7.80
CA GLU B 37 10.44 18.71 6.68
C GLU B 37 9.41 18.01 5.81
N PHE B 38 8.45 17.35 6.47
CA PHE B 38 7.39 16.63 5.78
C PHE B 38 6.57 17.58 4.92
N LYS B 39 6.27 18.75 5.44
CA LYS B 39 5.49 19.73 4.71
C LYS B 39 6.30 20.30 3.53
N GLU B 40 7.58 20.53 3.78
CA GLU B 40 8.45 21.07 2.74
C GLU B 40 8.57 20.11 1.57
N LEU B 41 8.46 18.82 1.85
CA LEU B 41 8.56 17.79 0.82
C LEU B 41 7.41 17.92 -0.17
N VAL B 42 6.17 17.86 0.33
CA VAL B 42 5.00 17.96 -0.53
C VAL B 42 4.86 19.36 -1.13
N THR B 43 5.09 20.39 -0.32
CA THR B 43 4.98 21.76 -0.76
C THR B 43 6.26 22.19 -1.49
N GLN B 44 6.66 21.38 -2.47
CA GLN B 44 7.86 21.67 -3.25
C GLN B 44 7.93 20.76 -4.46
N GLN B 45 7.86 19.45 -4.23
CA GLN B 45 7.94 18.50 -5.32
C GLN B 45 6.65 17.69 -5.49
N LEU B 46 5.55 18.18 -4.93
CA LEU B 46 4.27 17.48 -5.05
C LEU B 46 3.08 18.44 -4.97
N PRO B 47 3.03 19.47 -5.82
CA PRO B 47 1.94 20.43 -5.84
C PRO B 47 0.93 20.13 -6.95
N HIS B 48 0.99 18.90 -7.45
CA HIS B 48 0.11 18.48 -8.53
C HIS B 48 -0.79 17.33 -8.10
N LEU B 49 -0.18 16.22 -7.67
CA LEU B 49 -0.94 15.05 -7.25
C LEU B 49 -1.84 15.34 -6.05
N LEU B 50 -1.25 15.62 -4.90
CA LEU B 50 -2.02 15.92 -3.71
C LEU B 50 -2.16 17.42 -3.53
N LYS B 51 -3.32 17.94 -3.92
CA LYS B 51 -3.57 19.37 -3.81
C LYS B 51 -4.11 19.75 -2.43
N ASP B 52 -3.21 19.84 -1.46
CA ASP B 52 -3.58 20.20 -0.10
C ASP B 52 -2.37 20.66 0.68
N VAL B 53 -2.22 21.98 0.79
CA VAL B 53 -1.11 22.58 1.51
C VAL B 53 -1.62 23.24 2.79
N GLY B 54 -2.93 23.18 2.98
CA GLY B 54 -3.54 23.78 4.14
C GLY B 54 -3.74 22.80 5.28
N SER B 55 -4.12 21.57 4.94
CA SER B 55 -4.35 20.55 5.96
C SER B 55 -3.24 19.51 5.95
N LEU B 56 -2.03 19.96 6.26
CA LEU B 56 -0.87 19.07 6.31
C LEU B 56 -0.98 18.18 7.55
N ASP B 57 -1.53 18.74 8.62
CA ASP B 57 -1.70 18.01 9.88
C ASP B 57 -2.64 16.82 9.70
N GLU B 58 -3.62 16.97 8.80
CA GLU B 58 -4.57 15.91 8.52
C GLU B 58 -3.84 14.65 8.07
N LYS B 59 -2.87 14.82 7.18
CA LYS B 59 -2.10 13.70 6.66
C LYS B 59 -1.13 13.19 7.72
N MET B 60 -0.51 14.13 8.44
CA MET B 60 0.46 13.79 9.48
C MET B 60 -0.17 12.87 10.53
N LYS B 61 -1.37 13.23 10.98
CA LYS B 61 -2.07 12.45 12.00
C LYS B 61 -2.64 11.14 11.43
N SER B 62 -2.59 10.99 10.12
CA SER B 62 -3.10 9.79 9.47
C SER B 62 -1.96 8.85 9.11
N LEU B 63 -0.81 9.43 8.79
CA LEU B 63 0.36 8.64 8.43
C LEU B 63 1.10 8.17 9.67
N ASP B 64 1.25 9.05 10.64
CA ASP B 64 1.93 8.71 11.89
C ASP B 64 1.00 7.90 12.77
N VAL B 65 1.18 6.59 12.75
CA VAL B 65 0.36 5.68 13.54
C VAL B 65 0.88 5.56 14.96
N ASN B 66 2.00 6.19 15.25
CA ASN B 66 2.60 6.15 16.57
C ASN B 66 2.34 7.47 17.30
N GLN B 67 2.13 8.52 16.50
CA GLN B 67 1.85 9.87 16.98
C GLN B 67 2.95 10.40 17.89
N ASP B 68 4.09 10.71 17.29
CA ASP B 68 5.21 11.27 18.05
C ASP B 68 5.79 12.46 17.30
N SER B 69 5.08 12.86 16.23
CA SER B 69 5.46 13.99 15.40
C SER B 69 6.73 13.70 14.59
N GLU B 70 6.93 12.43 14.26
CA GLU B 70 8.09 12.03 13.50
C GLU B 70 7.71 10.95 12.51
N LEU B 71 7.83 11.26 11.23
CA LEU B 71 7.50 10.31 10.18
C LEU B 71 8.73 9.51 9.80
N LYS B 72 8.83 8.28 10.30
CA LYS B 72 9.97 7.43 9.98
C LYS B 72 9.83 6.92 8.55
N PHE B 73 10.85 6.21 8.05
CA PHE B 73 10.82 5.68 6.69
C PHE B 73 9.53 4.86 6.46
N ASN B 74 9.11 4.16 7.49
CA ASN B 74 7.90 3.34 7.42
C ASN B 74 6.66 4.21 7.17
N GLU B 75 6.51 5.28 7.96
CA GLU B 75 5.38 6.19 7.81
C GLU B 75 5.51 7.01 6.54
N TYR B 76 6.76 7.34 6.19
CA TYR B 76 7.03 8.13 5.00
C TYR B 76 6.59 7.37 3.74
N TRP B 77 6.80 6.06 3.76
CA TRP B 77 6.42 5.21 2.63
C TRP B 77 4.91 5.23 2.46
N ARG B 78 4.18 5.37 3.57
CA ARG B 78 2.72 5.40 3.53
C ARG B 78 2.23 6.58 2.68
N LEU B 79 3.01 7.66 2.66
CA LEU B 79 2.68 8.83 1.87
C LEU B 79 2.81 8.50 0.39
N ILE B 80 3.96 7.95 0.02
CA ILE B 80 4.23 7.57 -1.37
C ILE B 80 3.25 6.51 -1.83
N GLY B 81 2.85 5.65 -0.90
CA GLY B 81 1.90 4.60 -1.19
C GLY B 81 0.60 5.14 -1.72
N GLU B 82 0.01 6.09 -0.99
CA GLU B 82 -1.24 6.70 -1.41
C GLU B 82 -1.06 7.52 -2.69
N LEU B 83 0.14 8.03 -2.89
CA LEU B 83 0.43 8.82 -4.09
C LEU B 83 0.29 7.95 -5.34
N ALA B 84 0.79 6.72 -5.24
CA ALA B 84 0.71 5.78 -6.36
C ALA B 84 -0.72 5.32 -6.58
N LYS B 85 -1.59 5.66 -5.65
CA LYS B 85 -2.99 5.28 -5.74
C LYS B 85 -3.82 6.46 -6.23
N GLU B 86 -3.59 7.62 -5.63
CA GLU B 86 -4.33 8.84 -5.97
C GLU B 86 -4.09 9.27 -7.42
N ILE B 87 -2.98 8.86 -7.99
CA ILE B 87 -2.68 9.20 -9.38
C ILE B 87 -3.74 8.61 -10.32
N ARG B 88 -4.23 7.42 -9.98
CA ARG B 88 -5.24 6.75 -10.81
C ARG B 88 -6.61 6.83 -10.16
N LYS B 89 -6.67 6.61 -8.84
CA LYS B 89 -7.93 6.66 -8.11
C LYS B 89 -8.40 8.09 -7.95
N LYS B 90 -7.60 8.89 -7.24
CA LYS B 90 -7.92 10.28 -6.99
C LYS B 90 -9.26 10.40 -6.28
N LYS B 91 -10.24 11.02 -6.91
CA LYS B 91 -11.54 11.18 -6.32
C LYS B 91 -12.60 10.59 -7.23
N ASP B 92 -12.47 9.29 -7.50
CA ASP B 92 -13.42 8.56 -8.35
C ASP B 92 -14.78 8.48 -7.67
N LEU B 93 -15.47 9.59 -7.74
CA LEU B 93 -16.79 9.78 -7.16
C LEU B 93 -17.45 10.96 -7.84
N LYS B 94 -16.65 12.01 -8.07
CA LYS B 94 -17.11 13.22 -8.73
C LYS B 94 -16.14 13.64 -9.83
N ILE B 95 -15.01 12.94 -9.91
CA ILE B 95 -13.98 13.24 -10.90
C ILE B 95 -13.09 12.01 -11.11
N ARG B 96 -12.15 12.11 -12.03
CA ARG B 96 -11.22 11.01 -12.30
C ARG B 96 -9.84 11.56 -12.61
N LYS B 97 -9.73 12.26 -13.75
CA LYS B 97 -8.48 12.85 -14.20
C LYS B 97 -7.40 11.80 -14.39
N LYS B 98 -6.17 12.24 -14.60
CA LYS B 98 -5.05 11.33 -14.81
C LYS B 98 -3.94 11.60 -13.80
N MET C 1 -6.10 6.92 -19.26
CA MET C 1 -5.29 5.77 -19.65
C MET C 1 -3.88 6.23 -20.03
N ALA C 2 -3.64 7.52 -19.91
CA ALA C 2 -2.35 8.11 -20.23
C ALA C 2 -2.17 9.39 -19.44
N ALA C 3 -0.92 9.76 -19.19
CA ALA C 3 -0.61 10.98 -18.45
C ALA C 3 0.51 11.76 -19.11
N GLU C 4 0.50 13.07 -18.92
CA GLU C 4 1.52 13.93 -19.49
C GLU C 4 2.67 14.08 -18.50
N PRO C 5 3.86 14.50 -18.98
CA PRO C 5 5.06 14.70 -18.16
C PRO C 5 4.75 15.34 -16.80
N LEU C 6 4.99 14.58 -15.75
CA LEU C 6 4.73 15.02 -14.39
C LEU C 6 6.00 15.54 -13.73
N THR C 7 6.00 15.59 -12.40
CA THR C 7 7.16 16.06 -11.64
C THR C 7 8.07 14.90 -11.25
N GLU C 8 9.19 15.22 -10.60
CA GLU C 8 10.18 14.23 -10.17
C GLU C 8 9.55 13.03 -9.47
N LEU C 9 8.94 13.27 -8.31
CA LEU C 9 8.32 12.21 -7.53
C LEU C 9 7.21 11.50 -8.30
N GLU C 10 6.39 12.26 -8.99
CA GLU C 10 5.28 11.69 -9.75
C GLU C 10 5.78 10.81 -10.90
N GLU C 11 6.90 11.17 -11.52
CA GLU C 11 7.46 10.39 -12.61
C GLU C 11 8.17 9.15 -12.06
N SER C 12 8.72 9.28 -10.85
CA SER C 12 9.44 8.19 -10.21
C SER C 12 8.52 6.99 -9.98
N ILE C 13 7.30 7.26 -9.51
CA ILE C 13 6.34 6.20 -9.25
C ILE C 13 5.75 5.65 -10.55
N GLU C 14 5.87 6.42 -11.62
CA GLU C 14 5.36 6.01 -12.92
C GLU C 14 6.23 4.91 -13.53
N THR C 15 7.51 4.89 -13.14
CA THR C 15 8.46 3.89 -13.64
C THR C 15 7.95 2.47 -13.42
N VAL C 16 7.48 2.18 -12.21
CA VAL C 16 6.98 0.85 -11.89
C VAL C 16 5.68 0.57 -12.63
N VAL C 17 4.94 1.64 -12.95
CA VAL C 17 3.68 1.50 -13.67
C VAL C 17 3.98 1.05 -15.10
N THR C 18 5.06 1.57 -15.66
CA THR C 18 5.47 1.21 -17.01
C THR C 18 5.82 -0.29 -17.04
N THR C 19 6.47 -0.75 -15.98
CA THR C 19 6.85 -2.16 -15.84
C THR C 19 5.60 -3.03 -15.74
N PHE C 20 4.59 -2.49 -15.07
CA PHE C 20 3.33 -3.19 -14.89
C PHE C 20 2.68 -3.48 -16.25
N PHE C 21 2.57 -2.43 -17.07
CA PHE C 21 1.95 -2.55 -18.40
C PHE C 21 2.79 -3.36 -19.38
N THR C 22 4.08 -3.53 -19.09
CA THR C 22 4.94 -4.28 -20.00
C THR C 22 4.99 -5.76 -19.61
N PHE C 23 4.63 -6.05 -18.36
CA PHE C 23 4.62 -7.42 -17.88
C PHE C 23 3.21 -8.01 -18.01
N ALA C 24 2.21 -7.19 -17.72
CA ALA C 24 0.82 -7.62 -17.79
C ALA C 24 0.31 -7.52 -19.22
N ARG C 25 0.73 -8.44 -20.07
CA ARG C 25 0.31 -8.45 -21.46
C ARG C 25 0.62 -9.79 -22.11
N GLN C 26 0.50 -10.84 -21.32
CA GLN C 26 0.76 -12.20 -21.80
C GLN C 26 -0.54 -13.01 -21.85
N GLU C 27 -1.31 -12.94 -20.77
CA GLU C 27 -2.57 -13.67 -20.70
C GLU C 27 -3.71 -12.82 -21.25
N GLY C 28 -4.01 -11.72 -20.58
CA GLY C 28 -5.09 -10.85 -21.03
C GLY C 28 -5.33 -9.72 -20.07
N ARG C 29 -5.92 -8.63 -20.57
CA ARG C 29 -6.22 -7.45 -19.75
C ARG C 29 -4.93 -6.84 -19.20
N LYS C 30 -4.33 -5.95 -19.99
CA LYS C 30 -3.07 -5.30 -19.61
C LYS C 30 -3.24 -4.38 -18.40
N ASP C 31 -4.48 -4.12 -18.01
CA ASP C 31 -4.74 -3.26 -16.87
C ASP C 31 -4.90 -4.05 -15.58
N SER C 32 -4.55 -5.33 -15.64
CA SER C 32 -4.62 -6.21 -14.49
C SER C 32 -3.51 -7.26 -14.55
N LEU C 33 -3.10 -7.77 -13.39
CA LEU C 33 -2.04 -8.76 -13.33
C LEU C 33 -2.65 -10.16 -13.22
N SER C 34 -2.30 -11.03 -14.16
CA SER C 34 -2.80 -12.39 -14.16
C SER C 34 -1.91 -13.28 -13.28
N VAL C 35 -1.96 -14.59 -13.51
CA VAL C 35 -1.19 -15.52 -12.70
C VAL C 35 0.18 -15.83 -13.33
N ASN C 36 0.18 -16.08 -14.63
CA ASN C 36 1.41 -16.41 -15.34
C ASN C 36 2.38 -15.23 -15.33
N GLU C 37 1.84 -14.05 -15.63
CA GLU C 37 2.64 -12.83 -15.65
C GLU C 37 3.21 -12.51 -14.27
N PHE C 38 2.47 -12.85 -13.24
CA PHE C 38 2.90 -12.58 -11.88
C PHE C 38 4.12 -13.43 -11.50
N LYS C 39 4.06 -14.71 -11.84
CA LYS C 39 5.16 -15.62 -11.53
C LYS C 39 6.40 -15.25 -12.35
N GLU C 40 6.17 -14.73 -13.56
CA GLU C 40 7.28 -14.33 -14.43
C GLU C 40 7.92 -13.04 -13.92
N LEU C 41 7.11 -12.19 -13.30
CA LEU C 41 7.58 -10.92 -12.76
C LEU C 41 8.60 -11.13 -11.64
N VAL C 42 8.24 -11.92 -10.65
CA VAL C 42 9.13 -12.17 -9.53
C VAL C 42 10.34 -13.02 -9.93
N THR C 43 10.10 -14.09 -10.68
CA THR C 43 11.18 -14.97 -11.11
C THR C 43 11.89 -14.44 -12.35
N GLN C 44 12.22 -13.15 -12.33
CA GLN C 44 12.91 -12.51 -13.45
C GLN C 44 13.33 -11.08 -13.12
N GLN C 45 12.36 -10.25 -12.75
CA GLN C 45 12.62 -8.86 -12.43
C GLN C 45 13.04 -8.67 -10.98
N LEU C 46 12.29 -9.25 -10.04
CA LEU C 46 12.62 -9.09 -8.62
C LEU C 46 12.77 -10.43 -7.90
N PRO C 47 13.79 -11.23 -8.25
CA PRO C 47 14.01 -12.52 -7.60
C PRO C 47 14.89 -12.38 -6.35
N HIS C 48 15.46 -11.20 -6.18
CA HIS C 48 16.33 -10.93 -5.04
C HIS C 48 15.67 -9.93 -4.09
N LEU C 49 14.97 -8.94 -4.66
CA LEU C 49 14.30 -7.94 -3.85
C LEU C 49 13.20 -8.61 -3.04
N LEU C 50 12.44 -9.47 -3.71
CA LEU C 50 11.41 -10.24 -3.07
C LEU C 50 12.01 -11.61 -2.79
N LYS C 51 12.27 -11.88 -1.53
CA LYS C 51 12.90 -13.14 -1.14
C LYS C 51 11.93 -14.32 -1.19
N ASP C 52 11.57 -14.69 -2.42
CA ASP C 52 10.66 -15.81 -2.66
C ASP C 52 10.52 -16.05 -4.15
N VAL C 53 10.74 -17.29 -4.57
CA VAL C 53 10.63 -17.66 -5.97
C VAL C 53 9.81 -18.93 -6.12
N GLY C 54 9.06 -19.27 -5.08
CA GLY C 54 8.26 -20.47 -5.11
C GLY C 54 6.87 -20.26 -4.53
N SER C 55 6.80 -19.58 -3.39
CA SER C 55 5.53 -19.33 -2.73
C SER C 55 4.84 -18.09 -3.30
N LEU C 56 4.94 -17.90 -4.61
CA LEU C 56 4.30 -16.78 -5.27
C LEU C 56 2.79 -16.89 -5.08
N ASP C 57 2.33 -18.14 -4.99
CA ASP C 57 0.91 -18.42 -4.78
C ASP C 57 0.46 -17.85 -3.43
N GLU C 58 1.37 -17.88 -2.46
CA GLU C 58 1.10 -17.35 -1.13
C GLU C 58 0.92 -15.84 -1.24
N LYS C 59 1.84 -15.20 -1.95
CA LYS C 59 1.79 -13.75 -2.14
C LYS C 59 0.51 -13.36 -2.85
N MET C 60 0.19 -14.07 -3.93
CA MET C 60 -1.01 -13.81 -4.72
C MET C 60 -2.27 -13.93 -3.85
N LYS C 61 -2.33 -14.96 -3.03
CA LYS C 61 -3.48 -15.19 -2.16
C LYS C 61 -3.56 -14.13 -1.06
N SER C 62 -2.45 -13.46 -0.80
CA SER C 62 -2.42 -12.43 0.22
C SER C 62 -2.63 -11.06 -0.42
N LEU C 63 -2.52 -11.01 -1.74
CA LEU C 63 -2.70 -9.77 -2.47
C LEU C 63 -4.15 -9.62 -2.91
N ASP C 64 -4.73 -10.69 -3.44
CA ASP C 64 -6.12 -10.66 -3.89
C ASP C 64 -7.02 -10.37 -2.70
N VAL C 65 -8.07 -9.60 -2.93
CA VAL C 65 -8.97 -9.22 -1.87
C VAL C 65 -10.19 -10.14 -1.80
N ASN C 66 -10.61 -10.68 -2.92
CA ASN C 66 -11.78 -11.56 -2.94
C ASN C 66 -11.51 -12.87 -3.67
N GLN C 67 -10.23 -13.12 -3.97
CA GLN C 67 -9.81 -14.35 -4.65
C GLN C 67 -10.40 -14.41 -6.06
N ASP C 68 -10.47 -13.25 -6.70
CA ASP C 68 -11.02 -13.15 -8.05
C ASP C 68 -10.05 -13.76 -9.07
N SER C 69 -8.82 -13.98 -8.64
CA SER C 69 -7.77 -14.56 -9.48
C SER C 69 -7.34 -13.56 -10.55
N GLU C 70 -7.53 -12.29 -10.24
CA GLU C 70 -7.18 -11.20 -11.11
C GLU C 70 -6.75 -10.02 -10.26
N LEU C 71 -5.45 -9.78 -10.19
CA LEU C 71 -4.92 -8.70 -9.37
C LEU C 71 -5.07 -7.36 -10.08
N LYS C 72 -5.93 -6.51 -9.53
CA LYS C 72 -6.15 -5.19 -10.08
C LYS C 72 -5.07 -4.23 -9.58
N PHE C 73 -5.18 -2.96 -9.95
CA PHE C 73 -4.21 -1.95 -9.54
C PHE C 73 -4.07 -1.91 -8.02
N ASN C 74 -5.19 -2.02 -7.32
CA ASN C 74 -5.22 -1.98 -5.86
C ASN C 74 -4.45 -3.17 -5.25
N GLU C 75 -4.71 -4.36 -5.77
CA GLU C 75 -4.06 -5.56 -5.27
C GLU C 75 -2.57 -5.59 -5.62
N TYR C 76 -2.25 -5.18 -6.83
CA TYR C 76 -0.86 -5.15 -7.29
C TYR C 76 -0.06 -4.09 -6.55
N TRP C 77 -0.74 -3.00 -6.19
CA TRP C 77 -0.13 -1.89 -5.46
C TRP C 77 0.50 -2.36 -4.15
N ARG C 78 -0.15 -3.32 -3.50
CA ARG C 78 0.36 -3.85 -2.24
C ARG C 78 1.70 -4.55 -2.45
N LEU C 79 1.86 -5.23 -3.59
CA LEU C 79 3.09 -5.93 -3.89
C LEU C 79 4.28 -4.96 -3.91
N ILE C 80 4.05 -3.78 -4.46
CA ILE C 80 5.08 -2.76 -4.54
C ILE C 80 5.46 -2.29 -3.15
N GLY C 81 4.47 -2.26 -2.26
CA GLY C 81 4.72 -1.85 -0.89
C GLY C 81 5.50 -2.89 -0.12
N GLU C 82 5.27 -4.15 -0.45
CA GLU C 82 5.94 -5.26 0.22
C GLU C 82 7.43 -5.27 -0.13
N LEU C 83 7.75 -5.15 -1.41
CA LEU C 83 9.15 -5.15 -1.84
C LEU C 83 9.88 -3.92 -1.32
N ALA C 84 9.12 -2.84 -1.11
CA ALA C 84 9.67 -1.60 -0.61
C ALA C 84 10.10 -1.75 0.85
N LYS C 85 9.32 -2.51 1.62
CA LYS C 85 9.64 -2.72 3.02
C LYS C 85 10.64 -3.86 3.17
N GLU C 86 10.71 -4.73 2.15
CA GLU C 86 11.61 -5.88 2.16
C GLU C 86 13.07 -5.45 2.29
N ILE C 87 13.38 -4.25 1.82
CA ILE C 87 14.74 -3.73 1.89
C ILE C 87 15.12 -3.38 3.33
N ARG C 88 14.12 -3.09 4.15
CA ARG C 88 14.35 -2.73 5.55
C ARG C 88 13.62 -3.70 6.47
N LYS C 89 13.43 -4.93 6.00
CA LYS C 89 12.74 -5.95 6.77
C LYS C 89 13.46 -7.28 6.66
N LYS C 90 13.35 -8.10 7.69
CA LYS C 90 14.01 -9.40 7.68
C LYS C 90 12.98 -10.52 7.71
N LYS C 91 12.34 -10.72 8.86
CA LYS C 91 11.33 -11.77 9.01
C LYS C 91 10.19 -11.29 9.89
N ASP C 92 10.15 -9.98 10.10
CA ASP C 92 9.13 -9.36 10.93
C ASP C 92 7.89 -9.05 10.09
N LEU C 93 7.19 -10.09 9.67
CA LEU C 93 5.99 -9.95 8.84
C LEU C 93 5.05 -11.14 9.02
N LYS C 94 4.07 -11.25 8.10
CA LYS C 94 3.06 -12.32 8.10
C LYS C 94 2.00 -12.09 9.18
N ILE C 95 2.45 -11.97 10.44
CA ILE C 95 1.58 -11.75 11.61
C ILE C 95 0.29 -12.60 11.56
N ARG C 96 -0.80 -12.06 12.14
CA ARG C 96 -2.08 -12.75 12.17
C ARG C 96 -3.20 -11.78 12.52
N LYS C 97 -4.14 -11.62 11.60
CA LYS C 97 -5.26 -10.72 11.80
C LYS C 97 -6.44 -11.17 10.94
N LYS C 98 -7.66 -10.90 11.40
CA LYS C 98 -8.85 -11.26 10.66
C LYS C 98 -9.96 -10.26 10.95
N GLU D 1 18.38 -27.70 -13.77
CA GLU D 1 17.64 -27.26 -12.56
C GLU D 1 18.62 -26.73 -11.52
N LYS D 2 18.11 -26.16 -10.43
CA LYS D 2 18.97 -25.63 -9.38
C LYS D 2 18.31 -25.72 -8.00
N LEU D 3 18.98 -26.41 -7.08
CA LEU D 3 18.47 -26.56 -5.73
C LEU D 3 19.58 -26.27 -4.72
N GLY D 4 20.83 -26.46 -5.14
CA GLY D 4 21.95 -26.18 -4.26
C GLY D 4 22.99 -27.28 -4.28
N LYS D 5 23.57 -27.57 -3.13
CA LYS D 5 24.58 -28.62 -2.99
C LYS D 5 24.38 -29.38 -1.69
N LEU D 6 24.65 -30.67 -1.70
CA LEU D 6 24.49 -31.49 -0.51
C LEU D 6 25.73 -32.35 -0.27
N GLN D 7 26.11 -32.47 1.00
CA GLN D 7 27.26 -33.28 1.38
C GLN D 7 26.79 -34.42 2.26
N TYR D 8 27.14 -35.65 1.91
CA TYR D 8 26.72 -36.81 2.69
C TYR D 8 27.75 -37.93 2.63
N SER D 9 27.64 -38.85 3.59
CA SER D 9 28.55 -39.98 3.67
C SER D 9 27.76 -41.29 3.71
N LEU D 10 27.98 -42.16 2.74
CA LEU D 10 27.28 -43.44 2.69
C LEU D 10 28.19 -44.58 3.12
N ASP D 11 27.65 -45.48 3.91
CA ASP D 11 28.38 -46.66 4.38
C ASP D 11 27.38 -47.80 4.54
N TYR D 12 27.86 -49.03 4.59
CA TYR D 12 26.96 -50.17 4.70
C TYR D 12 27.33 -51.06 5.87
N ASP D 13 26.31 -51.71 6.43
CA ASP D 13 26.51 -52.63 7.54
C ASP D 13 25.78 -53.93 7.24
N PHE D 14 26.49 -55.04 7.35
CA PHE D 14 25.93 -56.35 7.06
C PHE D 14 25.39 -57.05 8.31
N GLN D 15 25.57 -56.44 9.48
CA GLN D 15 25.08 -57.04 10.71
C GLN D 15 23.56 -56.90 10.80
N ASN D 16 23.06 -55.76 10.34
CA ASN D 16 21.63 -55.50 10.34
C ASN D 16 21.10 -55.44 8.91
N ASN D 17 22.04 -55.59 7.96
CA ASN D 17 21.74 -55.58 6.52
C ASN D 17 20.99 -54.31 6.12
N GLN D 18 21.72 -53.20 6.10
CA GLN D 18 21.13 -51.92 5.72
C GLN D 18 22.22 -50.93 5.35
N LEU D 19 21.82 -49.87 4.66
CA LEU D 19 22.75 -48.83 4.25
C LEU D 19 22.56 -47.62 5.14
N LEU D 20 23.65 -47.11 5.69
CA LEU D 20 23.59 -45.96 6.57
C LEU D 20 23.82 -44.67 5.81
N VAL D 21 22.76 -43.89 5.66
CA VAL D 21 22.84 -42.63 4.96
C VAL D 21 23.15 -41.51 5.94
N GLY D 22 24.43 -41.16 6.03
CA GLY D 22 24.85 -40.11 6.93
C GLY D 22 24.96 -38.77 6.22
N ILE D 23 23.85 -38.05 6.16
CA ILE D 23 23.84 -36.75 5.51
C ILE D 23 24.45 -35.71 6.44
N ILE D 24 25.36 -34.91 5.89
CA ILE D 24 26.02 -33.89 6.68
C ILE D 24 25.21 -32.60 6.70
N GLN D 25 25.04 -32.00 5.53
CA GLN D 25 24.29 -30.76 5.43
C GLN D 25 24.01 -30.41 3.98
N ALA D 26 23.18 -29.40 3.78
CA ALA D 26 22.82 -28.92 2.45
C ALA D 26 22.97 -27.41 2.41
N ALA D 27 23.21 -26.86 1.23
CA ALA D 27 23.39 -25.42 1.10
C ALA D 27 22.89 -24.92 -0.24
N GLU D 28 22.77 -23.60 -0.35
CA GLU D 28 22.32 -22.92 -1.56
C GLU D 28 20.87 -23.25 -1.91
N LEU D 29 20.08 -23.55 -0.90
CA LEU D 29 18.68 -23.88 -1.09
C LEU D 29 17.87 -22.64 -1.49
N PRO D 30 16.87 -22.80 -2.38
CA PRO D 30 16.02 -21.70 -2.85
C PRO D 30 15.11 -21.13 -1.76
N ALA D 31 14.60 -19.94 -2.00
CA ALA D 31 13.72 -19.25 -1.07
C ALA D 31 12.27 -19.72 -1.24
N LEU D 32 11.65 -20.16 -0.15
CA LEU D 32 10.28 -20.64 -0.17
C LEU D 32 9.41 -19.74 0.73
N ASP D 33 9.71 -19.74 2.02
CA ASP D 33 8.96 -18.93 2.98
C ASP D 33 9.39 -17.47 2.84
N MET D 34 8.40 -16.57 2.84
CA MET D 34 8.64 -15.14 2.70
C MET D 34 9.72 -14.66 3.67
N GLY D 35 10.79 -14.10 3.14
CA GLY D 35 11.87 -13.62 3.96
C GLY D 35 13.19 -14.24 3.58
N GLY D 36 13.17 -15.14 2.61
CA GLY D 36 14.37 -15.79 2.15
C GLY D 36 14.85 -16.88 3.09
N THR D 37 14.00 -17.22 4.05
CA THR D 37 14.35 -18.25 5.02
C THR D 37 13.19 -19.22 5.19
N SER D 38 13.34 -20.41 4.61
CA SER D 38 12.31 -21.43 4.66
C SER D 38 12.63 -22.48 5.72
N ASP D 39 11.76 -23.49 5.83
CA ASP D 39 11.92 -24.58 6.78
C ASP D 39 12.08 -25.89 6.02
N PRO D 40 13.23 -26.10 5.36
CA PRO D 40 13.46 -27.28 4.53
C PRO D 40 14.04 -28.47 5.28
N TYR D 41 13.31 -29.57 5.26
CA TYR D 41 13.77 -30.80 5.88
C TYR D 41 13.78 -31.90 4.81
N VAL D 42 14.79 -32.74 4.83
CA VAL D 42 14.89 -33.80 3.83
C VAL D 42 14.12 -35.04 4.26
N LYS D 43 13.29 -35.53 3.38
CA LYS D 43 12.51 -36.73 3.63
C LYS D 43 12.94 -37.82 2.66
N VAL D 44 13.36 -38.94 3.20
CA VAL D 44 13.81 -40.04 2.39
C VAL D 44 12.65 -40.93 1.98
N PHE D 45 12.41 -41.00 0.68
CA PHE D 45 11.35 -41.82 0.14
C PHE D 45 11.96 -42.90 -0.74
N LEU D 46 11.18 -43.91 -1.06
CA LEU D 46 11.67 -45.00 -1.88
C LEU D 46 10.80 -45.20 -3.11
N LEU D 47 11.25 -46.08 -3.99
CA LEU D 47 10.52 -46.42 -5.20
C LEU D 47 9.39 -47.41 -4.80
N PRO D 48 8.70 -48.11 -5.76
CA PRO D 48 7.63 -49.07 -5.44
C PRO D 48 7.88 -49.93 -4.19
N ASP D 49 9.15 -50.16 -3.85
CA ASP D 49 9.52 -50.93 -2.66
C ASP D 49 8.75 -50.42 -1.44
N LYS D 50 8.86 -49.11 -1.22
CA LYS D 50 8.18 -48.41 -0.12
C LYS D 50 8.26 -49.16 1.22
N LYS D 51 9.40 -49.77 1.50
CA LYS D 51 9.57 -50.50 2.75
C LYS D 51 10.40 -49.69 3.74
N LYS D 52 10.42 -48.38 3.55
CA LYS D 52 11.16 -47.47 4.42
C LYS D 52 10.83 -46.03 4.07
N LYS D 53 10.74 -45.20 5.09
CA LYS D 53 10.44 -43.78 4.94
C LYS D 53 10.78 -43.06 6.23
N PHE D 54 11.51 -41.96 6.14
CA PHE D 54 11.90 -41.22 7.32
C PHE D 54 11.95 -39.72 7.05
N GLU D 55 11.48 -38.94 8.01
CA GLU D 55 11.49 -37.49 7.90
C GLU D 55 12.48 -36.91 8.91
N THR D 56 13.30 -35.97 8.48
CA THR D 56 14.27 -35.35 9.35
C THR D 56 13.61 -34.29 10.25
N LYS D 57 14.41 -33.61 11.05
CA LYS D 57 13.89 -32.59 11.94
C LYS D 57 13.66 -31.29 11.18
N VAL D 58 12.60 -30.59 11.52
CA VAL D 58 12.27 -29.33 10.87
C VAL D 58 13.37 -28.29 11.11
N HIS D 59 14.01 -27.87 10.04
CA HIS D 59 15.08 -26.88 10.12
C HIS D 59 14.45 -25.52 9.87
N ARG D 60 13.88 -24.95 10.93
CA ARG D 60 13.20 -23.66 10.86
C ARG D 60 14.09 -22.51 10.37
N LYS D 61 13.55 -21.78 9.41
CA LYS D 61 14.17 -20.59 8.81
C LYS D 61 15.68 -20.72 8.60
N THR D 62 16.07 -21.44 7.57
CA THR D 62 17.48 -21.62 7.24
C THR D 62 17.66 -22.17 5.83
N LEU D 63 18.77 -21.79 5.19
CA LEU D 63 19.08 -22.26 3.85
C LEU D 63 20.30 -23.16 3.90
N ASN D 64 20.82 -23.34 5.11
CA ASN D 64 21.98 -24.18 5.33
C ASN D 64 21.72 -25.07 6.55
N PRO D 65 20.87 -26.10 6.38
CA PRO D 65 20.50 -27.02 7.46
C PRO D 65 21.65 -27.90 7.92
N VAL D 66 22.13 -27.65 9.13
CA VAL D 66 23.21 -28.42 9.72
C VAL D 66 22.70 -29.20 10.93
N PHE D 67 22.67 -30.51 10.81
CA PHE D 67 22.19 -31.37 11.89
C PHE D 67 22.85 -32.73 11.80
N ASN D 68 22.98 -33.23 10.57
CA ASN D 68 23.59 -34.54 10.31
C ASN D 68 22.70 -35.66 10.82
N GLU D 69 21.47 -35.72 10.28
CA GLU D 69 20.52 -36.75 10.67
C GLU D 69 20.96 -38.11 10.11
N GLN D 70 20.40 -39.18 10.67
CA GLN D 70 20.75 -40.52 10.26
C GLN D 70 19.54 -41.28 9.71
N PHE D 71 19.71 -41.87 8.53
CA PHE D 71 18.65 -42.66 7.92
C PHE D 71 19.13 -44.08 7.68
N THR D 72 18.34 -45.05 8.14
CA THR D 72 18.67 -46.45 7.97
C THR D 72 17.93 -47.05 6.79
N PHE D 73 18.66 -47.36 5.74
CA PHE D 73 18.10 -47.96 4.54
C PHE D 73 17.86 -49.44 4.78
N LYS D 74 16.77 -49.75 5.46
CA LYS D 74 16.42 -51.13 5.80
C LYS D 74 16.07 -51.95 4.57
N VAL D 75 17.02 -52.77 4.15
CA VAL D 75 16.86 -53.67 3.01
C VAL D 75 18.18 -54.39 2.78
N PRO D 76 18.13 -55.70 2.45
CA PRO D 76 19.34 -56.49 2.20
C PRO D 76 20.21 -55.86 1.12
N TYR D 77 21.53 -55.87 1.33
CA TYR D 77 22.47 -55.29 0.37
C TYR D 77 22.32 -55.95 -1.00
N SER D 78 21.80 -57.17 -1.02
CA SER D 78 21.59 -57.90 -2.25
C SER D 78 20.45 -57.27 -3.07
N GLU D 79 19.51 -56.65 -2.37
CA GLU D 79 18.36 -56.01 -3.02
C GLU D 79 18.69 -54.59 -3.44
N LEU D 80 19.89 -54.13 -3.10
CA LEU D 80 20.33 -52.78 -3.44
C LEU D 80 20.45 -52.62 -4.94
N GLY D 81 20.69 -53.73 -5.63
CA GLY D 81 20.82 -53.71 -7.08
C GLY D 81 19.55 -53.27 -7.77
N GLY D 82 18.41 -53.56 -7.15
CA GLY D 82 17.14 -53.18 -7.72
C GLY D 82 16.38 -52.24 -6.82
N LYS D 83 17.11 -51.38 -6.13
CA LYS D 83 16.51 -50.43 -5.21
C LYS D 83 17.08 -49.04 -5.41
N THR D 84 16.21 -48.05 -5.59
CA THR D 84 16.63 -46.68 -5.77
C THR D 84 15.93 -45.78 -4.75
N LEU D 85 16.72 -45.02 -4.00
CA LEU D 85 16.17 -44.13 -2.99
C LEU D 85 16.10 -42.70 -3.51
N VAL D 86 15.09 -41.96 -3.07
CA VAL D 86 14.92 -40.59 -3.49
C VAL D 86 14.88 -39.66 -2.28
N MET D 87 15.81 -38.74 -2.20
CA MET D 87 15.88 -37.81 -1.09
C MET D 87 15.33 -36.46 -1.52
N ALA D 88 14.13 -36.14 -1.06
CA ALA D 88 13.48 -34.89 -1.41
C ALA D 88 13.45 -33.95 -0.22
N VAL D 89 13.66 -32.67 -0.49
CA VAL D 89 13.65 -31.67 0.57
C VAL D 89 12.29 -30.96 0.59
N TYR D 90 11.55 -31.20 1.66
CA TYR D 90 10.21 -30.64 1.84
C TYR D 90 10.27 -29.42 2.77
N ASP D 91 9.57 -28.36 2.41
CA ASP D 91 9.55 -27.14 3.21
C ASP D 91 8.36 -27.17 4.18
N PHE D 92 8.49 -26.44 5.27
CA PHE D 92 7.44 -26.35 6.27
C PHE D 92 7.26 -24.91 6.73
N ASP D 93 6.86 -24.03 5.82
CA ASP D 93 6.63 -22.63 6.14
C ASP D 93 5.60 -22.48 7.27
N ARG D 94 4.75 -23.51 7.43
CA ARG D 94 3.73 -23.56 8.46
C ARG D 94 2.67 -22.48 8.26
N PHE D 95 2.42 -22.09 7.02
CA PHE D 95 1.43 -21.06 6.73
C PHE D 95 0.72 -21.34 5.41
N SER D 96 1.47 -21.39 4.33
CA SER D 96 0.90 -21.61 3.00
C SER D 96 1.17 -23.03 2.50
N LYS D 97 0.94 -23.24 1.21
CA LYS D 97 1.14 -24.53 0.58
C LYS D 97 2.62 -24.81 0.30
N HIS D 98 3.35 -25.17 1.34
CA HIS D 98 4.76 -25.48 1.20
C HIS D 98 4.95 -26.76 0.40
N ASP D 99 5.95 -26.79 -0.46
CA ASP D 99 6.18 -27.97 -1.29
C ASP D 99 7.66 -28.34 -1.35
N ILE D 100 7.99 -29.28 -2.22
CA ILE D 100 9.34 -29.76 -2.39
C ILE D 100 10.11 -28.84 -3.34
N ILE D 101 11.24 -28.31 -2.88
CA ILE D 101 12.05 -27.43 -3.70
C ILE D 101 12.90 -28.22 -4.69
N GLY D 102 13.21 -29.45 -4.32
CA GLY D 102 14.01 -30.30 -5.18
C GLY D 102 14.34 -31.62 -4.53
N GLU D 103 15.02 -32.49 -5.27
CA GLU D 103 15.39 -33.81 -4.76
C GLU D 103 16.52 -34.40 -5.58
N PHE D 104 17.23 -35.36 -5.00
CA PHE D 104 18.32 -36.02 -5.69
C PHE D 104 18.25 -37.52 -5.45
N LYS D 105 18.72 -38.29 -6.41
CA LYS D 105 18.69 -39.75 -6.32
C LYS D 105 19.78 -40.35 -7.18
N VAL D 106 20.14 -41.58 -6.87
CA VAL D 106 21.17 -42.29 -7.61
C VAL D 106 20.91 -43.79 -7.55
N PRO D 107 20.96 -44.48 -8.71
CA PRO D 107 20.74 -45.93 -8.76
C PRO D 107 21.80 -46.68 -7.94
N MET D 108 21.35 -47.36 -6.89
CA MET D 108 22.26 -48.10 -6.01
C MET D 108 22.95 -49.24 -6.74
N ASN D 109 22.43 -49.62 -7.89
CA ASN D 109 23.01 -50.70 -8.69
C ASN D 109 24.34 -50.24 -9.27
N THR D 110 24.48 -48.94 -9.44
CA THR D 110 25.70 -48.35 -9.98
C THR D 110 26.69 -48.05 -8.84
N VAL D 111 26.15 -47.90 -7.64
CA VAL D 111 26.96 -47.60 -6.47
C VAL D 111 27.62 -48.88 -5.96
N ASP D 112 28.94 -48.83 -5.81
CA ASP D 112 29.67 -49.98 -5.32
C ASP D 112 29.62 -50.02 -3.80
N PHE D 113 29.50 -51.21 -3.26
CA PHE D 113 29.44 -51.38 -1.82
C PHE D 113 30.75 -51.95 -1.29
N GLY D 114 31.85 -51.38 -1.75
CA GLY D 114 33.15 -51.84 -1.30
C GLY D 114 33.48 -51.31 0.08
N HIS D 115 33.31 -50.02 0.27
CA HIS D 115 33.60 -49.40 1.56
C HIS D 115 32.62 -48.27 1.85
N VAL D 116 32.92 -47.07 1.37
CA VAL D 116 32.05 -45.92 1.60
C VAL D 116 31.89 -45.08 0.35
N THR D 117 30.92 -44.18 0.39
CA THR D 117 30.65 -43.28 -0.72
C THR D 117 30.36 -41.88 -0.19
N GLU D 118 31.39 -41.06 -0.08
CA GLU D 118 31.25 -39.69 0.41
C GLU D 118 31.51 -38.70 -0.72
N GLU D 119 30.44 -38.20 -1.32
CA GLU D 119 30.55 -37.25 -2.42
C GLU D 119 29.69 -36.02 -2.18
N TRP D 120 30.04 -34.92 -2.84
CA TRP D 120 29.29 -33.69 -2.70
C TRP D 120 28.31 -33.56 -3.86
N ARG D 121 27.24 -34.34 -3.78
CA ARG D 121 26.22 -34.37 -4.80
C ARG D 121 25.56 -33.00 -4.99
N ASP D 122 25.32 -32.66 -6.24
CA ASP D 122 24.68 -31.42 -6.59
C ASP D 122 23.18 -31.55 -6.38
N LEU D 123 22.53 -30.45 -6.06
CA LEU D 123 21.10 -30.48 -5.82
C LEU D 123 20.35 -29.79 -6.95
N GLN D 124 19.37 -30.49 -7.50
CA GLN D 124 18.56 -29.95 -8.60
C GLN D 124 17.10 -29.89 -8.19
N SER D 125 16.39 -28.89 -8.68
CA SER D 125 14.98 -28.72 -8.36
C SER D 125 14.13 -29.76 -9.08
N ALA D 126 12.96 -30.06 -8.52
CA ALA D 126 12.06 -31.03 -9.10
C ALA D 126 10.63 -30.74 -8.68
N GLU D 127 9.76 -30.54 -9.66
CA GLU D 127 8.37 -30.25 -9.38
C GLU D 127 7.58 -31.55 -9.28
N LYS D 128 7.36 -31.99 -8.06
CA LYS D 128 6.61 -33.22 -7.81
C LYS D 128 5.15 -32.91 -7.48
N GLU A 1 -25.75 35.28 -13.18
CA GLU A 1 -25.35 34.72 -11.88
C GLU A 1 -25.94 33.34 -11.70
N LYS A 2 -25.19 32.43 -11.08
CA LYS A 2 -25.64 31.07 -10.84
C LYS A 2 -24.85 30.41 -9.73
N LEU A 3 -25.43 30.39 -8.53
CA LEU A 3 -24.80 29.76 -7.39
C LEU A 3 -25.72 28.69 -6.81
N GLY A 4 -26.94 28.66 -7.31
CA GLY A 4 -27.91 27.68 -6.86
C GLY A 4 -29.02 28.32 -6.05
N LYS A 5 -29.50 27.62 -5.05
CA LYS A 5 -30.56 28.12 -4.19
C LYS A 5 -30.30 27.73 -2.74
N LEU A 6 -30.75 28.55 -1.82
CA LEU A 6 -30.57 28.29 -0.40
C LEU A 6 -31.87 28.41 0.35
N GLN A 7 -32.08 27.50 1.29
CA GLN A 7 -33.29 27.51 2.11
C GLN A 7 -32.95 28.09 3.47
N TYR A 8 -33.72 29.08 3.93
CA TYR A 8 -33.44 29.71 5.21
C TYR A 8 -34.70 30.19 5.91
N SER A 9 -34.61 30.25 7.24
CA SER A 9 -35.71 30.71 8.07
C SER A 9 -35.18 31.71 9.09
N LEU A 10 -35.79 32.88 9.13
CA LEU A 10 -35.35 33.94 10.06
C LEU A 10 -36.49 34.36 10.99
N ASP A 11 -36.18 34.46 12.27
CA ASP A 11 -37.15 34.88 13.26
C ASP A 11 -36.58 36.03 14.10
N TYR A 12 -37.44 36.89 14.62
CA TYR A 12 -37.01 38.04 15.40
C TYR A 12 -37.18 37.80 16.90
N ASP A 13 -36.19 38.23 17.67
CA ASP A 13 -36.24 38.08 19.12
C ASP A 13 -36.01 39.43 19.78
N PHE A 14 -36.83 39.73 20.78
CA PHE A 14 -36.75 40.99 21.49
C PHE A 14 -36.19 40.81 22.90
N GLN A 15 -35.84 39.57 23.25
CA GLN A 15 -35.29 39.30 24.58
C GLN A 15 -33.80 39.60 24.59
N ASN A 16 -33.18 39.45 23.43
CA ASN A 16 -31.75 39.70 23.28
C ASN A 16 -31.51 40.77 22.22
N ASN A 17 -32.60 41.22 21.61
CA ASN A 17 -32.55 42.26 20.57
C ASN A 17 -31.66 41.84 19.40
N GLN A 18 -32.10 40.83 18.67
CA GLN A 18 -31.36 40.34 17.51
C GLN A 18 -32.24 39.50 16.62
N LEU A 19 -31.73 39.17 15.44
CA LEU A 19 -32.44 38.33 14.49
C LEU A 19 -31.77 36.96 14.39
N LEU A 20 -32.57 35.91 14.41
CA LEU A 20 -32.03 34.57 14.32
C LEU A 20 -31.91 34.14 12.86
N VAL A 21 -30.69 34.13 12.36
CA VAL A 21 -30.45 33.73 10.99
C VAL A 21 -30.14 32.24 10.95
N GLY A 22 -31.16 31.46 10.63
CA GLY A 22 -30.99 30.02 10.56
C GLY A 22 -31.09 29.51 9.14
N ILE A 23 -29.94 29.22 8.55
CA ILE A 23 -29.90 28.70 7.19
C ILE A 23 -29.95 27.19 7.22
N ILE A 24 -30.82 26.61 6.40
CA ILE A 24 -30.98 25.18 6.35
C ILE A 24 -29.87 24.52 5.52
N GLN A 25 -29.86 24.83 4.23
CA GLN A 25 -28.87 24.26 3.33
C GLN A 25 -28.86 24.99 2.00
N ALA A 26 -27.79 24.76 1.24
CA ALA A 26 -27.63 25.35 -0.08
C ALA A 26 -27.57 24.23 -1.10
N ALA A 27 -28.09 24.45 -2.29
CA ALA A 27 -28.11 23.42 -3.31
C ALA A 27 -27.59 23.93 -4.65
N GLU A 28 -27.02 23.02 -5.43
CA GLU A 28 -26.47 23.31 -6.76
C GLU A 28 -25.29 24.27 -6.70
N LEU A 29 -24.45 24.09 -5.69
CA LEU A 29 -23.27 24.94 -5.53
C LEU A 29 -22.19 24.54 -6.54
N PRO A 30 -21.45 25.52 -7.08
CA PRO A 30 -20.37 25.27 -8.04
C PRO A 30 -19.18 24.56 -7.39
N ALA A 31 -18.41 23.85 -8.20
CA ALA A 31 -17.24 23.14 -7.71
C ALA A 31 -16.02 24.04 -7.67
N LEU A 32 -15.07 23.69 -6.83
CA LEU A 32 -13.83 24.46 -6.69
C LEU A 32 -12.65 23.51 -6.61
N ASP A 33 -12.67 22.66 -5.59
CA ASP A 33 -11.62 21.66 -5.39
C ASP A 33 -11.57 20.72 -6.60
N MET A 34 -10.35 20.37 -6.99
CA MET A 34 -10.15 19.48 -8.13
C MET A 34 -10.79 18.12 -7.88
N GLY A 35 -11.97 17.93 -8.46
CA GLY A 35 -12.66 16.67 -8.29
C GLY A 35 -14.16 16.82 -8.40
N GLY A 36 -14.62 17.99 -8.84
CA GLY A 36 -16.05 18.22 -8.99
C GLY A 36 -16.74 18.47 -7.67
N THR A 37 -15.96 18.87 -6.68
CA THR A 37 -16.49 19.14 -5.35
C THR A 37 -15.88 20.43 -4.79
N SER A 38 -16.36 20.84 -3.63
CA SER A 38 -15.86 22.04 -2.99
C SER A 38 -16.06 21.94 -1.48
N ASP A 39 -15.43 22.84 -0.75
CA ASP A 39 -15.55 22.89 0.71
C ASP A 39 -16.13 24.24 1.10
N PRO A 40 -17.41 24.49 0.79
CA PRO A 40 -18.05 25.76 1.03
C PRO A 40 -18.73 25.93 2.39
N TYR A 41 -18.41 27.02 3.05
CA TYR A 41 -19.01 27.38 4.33
C TYR A 41 -19.50 28.83 4.23
N VAL A 42 -20.69 29.08 4.76
CA VAL A 42 -21.28 30.41 4.68
C VAL A 42 -20.81 31.34 5.81
N LYS A 43 -20.17 32.43 5.42
CA LYS A 43 -19.71 33.42 6.38
C LYS A 43 -20.54 34.67 6.22
N VAL A 44 -20.87 35.30 7.32
CA VAL A 44 -21.69 36.50 7.29
C VAL A 44 -20.86 37.75 7.00
N PHE A 45 -21.43 38.63 6.19
CA PHE A 45 -20.79 39.89 5.84
C PHE A 45 -21.79 41.02 6.00
N LEU A 46 -21.34 42.12 6.57
CA LEU A 46 -22.21 43.26 6.81
C LEU A 46 -21.67 44.53 6.16
N LEU A 47 -22.47 45.57 6.23
CA LEU A 47 -22.13 46.88 5.70
C LEU A 47 -21.23 47.59 6.73
N PRO A 48 -20.98 48.94 6.65
CA PRO A 48 -20.15 49.65 7.64
C PRO A 48 -20.58 49.45 9.11
N ASP A 49 -21.61 48.64 9.34
CA ASP A 49 -22.07 48.32 10.67
C ASP A 49 -20.94 47.65 11.44
N LYS A 50 -20.42 46.57 10.84
CA LYS A 50 -19.30 45.80 11.38
C LYS A 50 -19.43 45.49 12.88
N LYS A 51 -20.64 45.21 13.33
CA LYS A 51 -20.87 44.89 14.72
C LYS A 51 -21.20 43.41 14.86
N LYS A 52 -20.59 42.59 14.02
CA LYS A 52 -20.83 41.14 14.04
C LYS A 52 -19.93 40.41 13.05
N LYS A 53 -19.64 39.16 13.36
CA LYS A 53 -18.81 38.31 12.51
C LYS A 53 -19.04 36.86 12.91
N PHE A 54 -19.18 35.98 11.93
CA PHE A 54 -19.43 34.56 12.21
C PHE A 54 -18.79 33.67 11.16
N GLU A 55 -18.19 32.58 11.63
CA GLU A 55 -17.55 31.61 10.76
C GLU A 55 -18.22 30.25 10.96
N THR A 56 -18.84 29.72 9.93
CA THR A 56 -19.53 28.45 10.04
C THR A 56 -18.57 27.27 9.93
N LYS A 57 -19.11 26.07 10.11
CA LYS A 57 -18.33 24.85 10.04
C LYS A 57 -17.92 24.57 8.61
N VAL A 58 -16.67 24.18 8.41
CA VAL A 58 -16.18 23.86 7.08
C VAL A 58 -16.83 22.57 6.57
N HIS A 59 -17.76 22.73 5.64
CA HIS A 59 -18.45 21.59 5.07
C HIS A 59 -17.61 21.03 3.93
N ARG A 60 -16.59 20.26 4.32
CA ARG A 60 -15.65 19.66 3.39
C ARG A 60 -16.32 18.67 2.42
N LYS A 61 -15.96 18.81 1.14
CA LYS A 61 -16.44 17.95 0.07
C LYS A 61 -17.95 17.80 0.04
N THR A 62 -18.65 18.82 -0.46
CA THR A 62 -20.09 18.77 -0.57
C THR A 62 -20.63 19.90 -1.44
N LEU A 63 -21.72 19.61 -2.14
CA LEU A 63 -22.36 20.60 -2.99
C LEU A 63 -23.73 20.94 -2.41
N ASN A 64 -24.00 20.34 -1.25
CA ASN A 64 -25.24 20.55 -0.51
C ASN A 64 -24.93 20.54 0.98
N PRO A 65 -24.44 21.68 1.50
CA PRO A 65 -24.07 21.81 2.91
C PRO A 65 -25.27 21.80 3.86
N VAL A 66 -25.69 20.61 4.25
CA VAL A 66 -26.78 20.46 5.18
C VAL A 66 -26.24 20.43 6.60
N PHE A 67 -26.80 21.26 7.47
CA PHE A 67 -26.36 21.32 8.85
C PHE A 67 -27.29 22.20 9.70
N ASN A 68 -27.73 23.31 9.10
CA ASN A 68 -28.62 24.26 9.76
C ASN A 68 -27.90 24.93 10.94
N GLU A 69 -27.02 25.86 10.61
CA GLU A 69 -26.27 26.59 11.62
C GLU A 69 -26.98 27.89 11.97
N GLN A 70 -26.83 28.33 13.22
CA GLN A 70 -27.50 29.54 13.69
C GLN A 70 -26.55 30.72 13.82
N PHE A 71 -26.95 31.86 13.25
CA PHE A 71 -26.16 33.07 13.33
C PHE A 71 -26.94 34.14 14.09
N THR A 72 -26.28 34.75 15.07
CA THR A 72 -26.89 35.79 15.89
C THR A 72 -26.68 37.17 15.26
N PHE A 73 -27.73 37.72 14.67
CA PHE A 73 -27.66 39.03 14.05
C PHE A 73 -27.78 40.11 15.12
N LYS A 74 -26.65 40.39 15.78
CA LYS A 74 -26.58 41.38 16.85
C LYS A 74 -26.88 42.79 16.35
N VAL A 75 -28.16 43.13 16.27
CA VAL A 75 -28.60 44.44 15.82
C VAL A 75 -30.00 44.71 16.35
N PRO A 76 -30.18 45.85 17.04
CA PRO A 76 -31.49 46.23 17.60
C PRO A 76 -32.57 46.28 16.53
N TYR A 77 -33.79 45.91 16.92
CA TYR A 77 -34.94 45.90 16.01
C TYR A 77 -35.17 47.29 15.39
N SER A 78 -34.65 48.32 16.05
CA SER A 78 -34.79 49.68 15.57
C SER A 78 -33.81 49.97 14.43
N GLU A 79 -32.64 49.33 14.49
CA GLU A 79 -31.61 49.53 13.48
C GLU A 79 -31.86 48.65 12.26
N LEU A 80 -32.93 47.85 12.32
CA LEU A 80 -33.30 46.95 11.24
C LEU A 80 -33.54 47.71 9.94
N GLY A 81 -34.16 48.88 10.05
CA GLY A 81 -34.45 49.68 8.88
C GLY A 81 -33.22 50.29 8.24
N GLY A 82 -32.07 50.07 8.85
CA GLY A 82 -30.82 50.59 8.32
C GLY A 82 -29.73 49.55 8.35
N LYS A 83 -30.12 48.29 8.17
CA LYS A 83 -29.16 47.20 8.19
C LYS A 83 -29.47 46.16 7.12
N THR A 84 -28.48 45.88 6.29
CA THR A 84 -28.61 44.90 5.23
C THR A 84 -27.51 43.85 5.39
N LEU A 85 -27.89 42.63 5.73
CA LEU A 85 -26.92 41.57 5.93
C LEU A 85 -26.77 40.73 4.67
N VAL A 86 -25.55 40.25 4.44
CA VAL A 86 -25.27 39.42 3.29
C VAL A 86 -24.59 38.13 3.76
N MET A 87 -24.85 37.05 3.05
CA MET A 87 -24.25 35.77 3.39
C MET A 87 -23.41 35.27 2.24
N ALA A 88 -22.10 35.33 2.41
CA ALA A 88 -21.17 34.90 1.38
C ALA A 88 -20.64 33.52 1.67
N VAL A 89 -20.69 32.65 0.69
CA VAL A 89 -20.21 31.29 0.86
C VAL A 89 -18.73 31.21 0.45
N TYR A 90 -17.90 30.90 1.43
CA TYR A 90 -16.47 30.79 1.20
C TYR A 90 -16.07 29.34 1.04
N ASP A 91 -15.17 29.09 0.10
CA ASP A 91 -14.68 27.74 -0.14
C ASP A 91 -13.43 27.48 0.71
N PHE A 92 -13.06 26.22 0.86
CA PHE A 92 -11.90 25.84 1.63
C PHE A 92 -11.13 24.72 0.92
N ASP A 93 -10.84 24.94 -0.36
CA ASP A 93 -10.11 23.97 -1.19
C ASP A 93 -8.80 23.52 -0.53
N ARG A 94 -8.20 24.45 0.23
CA ARG A 94 -6.95 24.20 0.97
C ARG A 94 -5.71 24.24 0.09
N PHE A 95 -5.88 24.18 -1.23
CA PHE A 95 -4.74 24.21 -2.13
C PHE A 95 -4.37 25.63 -2.52
N SER A 96 -5.35 26.35 -3.03
CA SER A 96 -5.11 27.72 -3.47
C SER A 96 -5.84 28.70 -2.57
N LYS A 97 -5.85 29.95 -2.97
CA LYS A 97 -6.55 30.98 -2.23
C LYS A 97 -8.05 30.72 -2.34
N HIS A 98 -8.72 30.67 -1.20
CA HIS A 98 -10.16 30.41 -1.20
C HIS A 98 -10.90 31.59 -1.81
N ASP A 99 -11.88 31.29 -2.64
CA ASP A 99 -12.64 32.32 -3.33
C ASP A 99 -14.11 32.30 -2.89
N ILE A 100 -14.85 33.31 -3.31
CA ILE A 100 -16.26 33.41 -3.02
C ILE A 100 -17.05 33.03 -4.27
N ILE A 101 -17.62 31.83 -4.26
CA ILE A 101 -18.38 31.36 -5.41
C ILE A 101 -19.70 32.11 -5.58
N GLY A 102 -20.12 32.81 -4.53
CA GLY A 102 -21.36 33.57 -4.61
C GLY A 102 -21.85 34.00 -3.24
N GLU A 103 -22.99 34.69 -3.23
CA GLU A 103 -23.58 35.17 -2.00
C GLU A 103 -24.99 35.69 -2.26
N PHE A 104 -25.62 36.18 -1.20
CA PHE A 104 -26.96 36.74 -1.30
C PHE A 104 -27.17 37.75 -0.19
N LYS A 105 -27.96 38.77 -0.47
CA LYS A 105 -28.23 39.81 0.51
C LYS A 105 -29.70 40.17 0.51
N VAL A 106 -30.20 40.59 1.66
CA VAL A 106 -31.59 40.97 1.77
C VAL A 106 -31.73 42.22 2.66
N PRO A 107 -32.32 43.29 2.11
CA PRO A 107 -32.52 44.53 2.87
C PRO A 107 -33.59 44.35 3.94
N MET A 108 -33.17 44.38 5.19
CA MET A 108 -34.09 44.21 6.31
C MET A 108 -35.09 45.36 6.40
N ASN A 109 -34.76 46.47 5.75
CA ASN A 109 -35.64 47.62 5.73
C ASN A 109 -36.88 47.30 4.90
N THR A 110 -36.72 46.35 3.99
CA THR A 110 -37.81 45.93 3.13
C THR A 110 -38.60 44.80 3.78
N VAL A 111 -37.89 43.76 4.19
CA VAL A 111 -38.53 42.61 4.82
C VAL A 111 -38.65 42.83 6.32
N ASP A 112 -39.77 43.40 6.73
CA ASP A 112 -40.04 43.65 8.14
C ASP A 112 -40.32 42.34 8.87
N PHE A 113 -40.05 42.33 10.17
CA PHE A 113 -40.26 41.13 10.97
C PHE A 113 -41.73 40.94 11.35
N GLY A 114 -42.56 40.63 10.36
CA GLY A 114 -43.96 40.41 10.62
C GLY A 114 -44.17 39.22 11.54
N HIS A 115 -43.55 38.10 11.18
CA HIS A 115 -43.63 36.88 11.98
C HIS A 115 -42.34 36.09 11.81
N VAL A 116 -42.25 35.32 10.73
CA VAL A 116 -41.06 34.54 10.45
C VAL A 116 -40.76 34.57 8.96
N THR A 117 -39.53 34.92 8.61
CA THR A 117 -39.12 34.99 7.22
C THR A 117 -38.60 33.63 6.75
N GLU A 118 -39.49 32.81 6.23
CA GLU A 118 -39.12 31.49 5.74
C GLU A 118 -39.39 31.40 4.24
N GLU A 119 -38.33 31.35 3.45
CA GLU A 119 -38.48 31.29 2.00
C GLU A 119 -37.27 30.65 1.34
N TRP A 120 -37.32 30.53 0.01
CA TRP A 120 -36.23 29.96 -0.76
C TRP A 120 -35.49 31.05 -1.51
N ARG A 121 -34.34 31.42 -0.98
CA ARG A 121 -33.55 32.48 -1.59
C ARG A 121 -32.64 31.94 -2.69
N ASP A 122 -32.60 32.65 -3.80
CA ASP A 122 -31.76 32.27 -4.93
C ASP A 122 -30.33 32.74 -4.66
N LEU A 123 -29.37 31.90 -5.03
CA LEU A 123 -27.97 32.21 -4.82
C LEU A 123 -27.34 32.79 -6.07
N GLN A 124 -26.73 33.95 -5.94
CA GLN A 124 -26.09 34.62 -7.07
C GLN A 124 -24.58 34.63 -6.92
N SER A 125 -23.87 34.45 -8.02
CA SER A 125 -22.41 34.43 -8.01
C SER A 125 -21.84 35.85 -8.06
N ALA A 126 -21.59 36.42 -6.88
CA ALA A 126 -21.03 37.76 -6.82
C ALA A 126 -19.51 37.66 -6.75
N GLU A 127 -18.88 37.81 -7.90
CA GLU A 127 -17.42 37.73 -8.00
C GLU A 127 -16.75 38.89 -7.27
N LYS A 128 -15.87 38.57 -6.34
CA LYS A 128 -15.17 39.61 -5.58
C LYS A 128 -13.70 39.62 -5.96
N MET B 1 33.26 -0.90 -15.84
CA MET B 1 33.84 0.21 -15.05
C MET B 1 33.04 0.42 -13.78
N ALA B 2 33.47 1.39 -12.98
CA ALA B 2 32.79 1.70 -11.73
C ALA B 2 31.42 2.31 -12.00
N ALA B 3 30.65 2.51 -10.93
CA ALA B 3 29.31 3.08 -11.01
C ALA B 3 28.42 2.20 -11.89
N GLU B 4 28.38 0.92 -11.55
CA GLU B 4 27.59 -0.05 -12.29
C GLU B 4 26.10 0.16 -12.00
N PRO B 5 25.23 -0.09 -12.99
CA PRO B 5 23.78 0.07 -12.82
C PRO B 5 23.20 -0.98 -11.88
N LEU B 6 21.95 -0.75 -11.48
CA LEU B 6 21.26 -1.67 -10.57
C LEU B 6 20.00 -2.21 -11.25
N THR B 7 19.20 -2.94 -10.50
CA THR B 7 17.96 -3.48 -11.03
C THR B 7 16.94 -2.35 -11.24
N GLU B 8 16.01 -2.55 -12.15
CA GLU B 8 14.98 -1.55 -12.47
C GLU B 8 14.33 -0.96 -11.21
N LEU B 9 13.81 -1.84 -10.35
CA LEU B 9 13.16 -1.38 -9.13
C LEU B 9 14.17 -0.85 -8.12
N GLU B 10 15.41 -1.32 -8.20
CA GLU B 10 16.46 -0.86 -7.29
C GLU B 10 16.77 0.59 -7.56
N GLU B 11 16.88 0.95 -8.83
CA GLU B 11 17.16 2.33 -9.21
C GLU B 11 15.99 3.23 -8.83
N SER B 12 14.78 2.70 -8.95
CA SER B 12 13.57 3.45 -8.64
C SER B 12 13.49 3.78 -7.14
N ILE B 13 13.89 2.85 -6.29
CA ILE B 13 13.86 3.08 -4.85
C ILE B 13 15.07 3.89 -4.39
N GLU B 14 16.16 3.78 -5.13
CA GLU B 14 17.39 4.49 -4.80
C GLU B 14 17.19 6.00 -4.95
N THR B 15 16.52 6.41 -6.01
CA THR B 15 16.28 7.82 -6.26
C THR B 15 15.41 8.44 -5.16
N VAL B 16 14.26 7.82 -4.89
CA VAL B 16 13.36 8.34 -3.86
C VAL B 16 14.00 8.34 -2.48
N VAL B 17 14.82 7.33 -2.19
CA VAL B 17 15.51 7.27 -0.91
C VAL B 17 16.48 8.44 -0.79
N THR B 18 17.12 8.78 -1.90
CA THR B 18 18.04 9.90 -1.94
C THR B 18 17.31 11.20 -1.62
N THR B 19 16.21 11.43 -2.33
CA THR B 19 15.40 12.62 -2.12
C THR B 19 14.84 12.66 -0.69
N PHE B 20 14.44 11.50 -0.19
CA PHE B 20 13.91 11.38 1.16
C PHE B 20 14.99 11.71 2.20
N PHE B 21 16.19 11.23 1.95
CA PHE B 21 17.31 11.45 2.85
C PHE B 21 17.63 12.92 3.01
N THR B 22 17.59 13.67 1.91
CA THR B 22 17.88 15.09 1.94
C THR B 22 16.91 15.85 2.85
N PHE B 23 15.66 15.40 2.89
CA PHE B 23 14.65 16.05 3.71
C PHE B 23 14.64 15.48 5.13
N ALA B 24 15.19 14.28 5.28
CA ALA B 24 15.27 13.63 6.58
C ALA B 24 16.35 14.27 7.46
N ARG B 25 17.19 15.08 6.84
CA ARG B 25 18.25 15.77 7.56
C ARG B 25 18.03 17.28 7.49
N GLN B 26 16.77 17.68 7.48
CA GLN B 26 16.42 19.09 7.41
C GLN B 26 16.30 19.67 8.82
N GLU B 27 15.60 18.96 9.69
CA GLU B 27 15.42 19.40 11.06
C GLU B 27 16.26 18.57 12.01
N GLY B 28 16.28 17.25 11.79
CA GLY B 28 17.06 16.38 12.64
C GLY B 28 16.67 14.92 12.50
N ARG B 29 17.58 14.03 12.90
CA ARG B 29 17.36 12.59 12.83
C ARG B 29 17.13 12.14 11.38
N LYS B 30 18.23 12.00 10.64
CA LYS B 30 18.18 11.58 9.23
C LYS B 30 17.66 10.16 9.09
N ASP B 31 16.33 10.04 9.11
CA ASP B 31 15.65 8.76 8.99
C ASP B 31 14.15 8.98 9.03
N SER B 32 13.75 10.05 9.71
CA SER B 32 12.34 10.39 9.84
C SER B 32 12.09 11.80 9.32
N LEU B 33 10.81 12.12 9.16
CA LEU B 33 10.40 13.42 8.67
C LEU B 33 9.57 14.14 9.73
N SER B 34 10.05 15.29 10.17
CA SER B 34 9.32 16.08 11.15
C SER B 34 8.19 16.86 10.48
N VAL B 35 7.55 17.72 11.24
CA VAL B 35 6.43 18.51 10.73
C VAL B 35 6.84 19.37 9.53
N ASN B 36 7.92 20.13 9.68
CA ASN B 36 8.37 21.01 8.59
C ASN B 36 9.01 20.19 7.47
N GLU B 37 9.85 19.23 7.84
CA GLU B 37 10.53 18.38 6.86
C GLU B 37 9.53 17.73 5.91
N PHE B 38 8.41 17.27 6.47
CA PHE B 38 7.37 16.63 5.70
C PHE B 38 6.65 17.63 4.80
N LYS B 39 6.40 18.81 5.34
CA LYS B 39 5.70 19.87 4.62
C LYS B 39 6.55 20.41 3.47
N GLU B 40 7.86 20.54 3.70
CA GLU B 40 8.77 21.06 2.68
C GLU B 40 8.87 20.12 1.48
N LEU B 41 8.50 18.86 1.67
CA LEU B 41 8.56 17.89 0.58
C LEU B 41 7.45 18.14 -0.43
N VAL B 42 6.20 18.11 0.04
CA VAL B 42 5.05 18.31 -0.84
C VAL B 42 5.00 19.74 -1.37
N THR B 43 5.19 20.72 -0.49
CA THR B 43 5.13 22.12 -0.87
C THR B 43 6.43 22.57 -1.56
N GLN B 44 6.94 21.75 -2.46
CA GLN B 44 8.17 22.08 -3.17
C GLN B 44 8.37 21.21 -4.40
N GLN B 45 8.34 19.89 -4.22
CA GLN B 45 8.56 18.97 -5.32
C GLN B 45 7.34 18.10 -5.61
N LEU B 46 6.17 18.49 -5.12
CA LEU B 46 4.96 17.72 -5.37
C LEU B 46 3.69 18.57 -5.28
N PRO B 47 3.58 19.65 -6.06
CA PRO B 47 2.41 20.52 -6.06
C PRO B 47 1.45 20.13 -7.19
N HIS B 48 1.74 19.00 -7.81
CA HIS B 48 0.94 18.51 -8.93
C HIS B 48 0.08 17.31 -8.52
N LEU B 49 0.74 16.21 -8.16
CA LEU B 49 0.05 14.99 -7.76
C LEU B 49 -0.83 15.23 -6.52
N LEU B 50 -0.26 15.89 -5.53
CA LEU B 50 -0.98 16.19 -4.30
C LEU B 50 -1.08 17.69 -4.13
N LYS B 51 -2.26 18.25 -4.39
CA LYS B 51 -2.45 19.68 -4.28
C LYS B 51 -3.17 20.05 -2.98
N ASP B 52 -2.39 20.27 -1.93
CA ASP B 52 -2.93 20.66 -0.63
C ASP B 52 -1.84 21.31 0.22
N VAL B 53 -2.01 22.60 0.49
CA VAL B 53 -1.05 23.34 1.29
C VAL B 53 -1.75 24.02 2.45
N GLY B 54 -2.98 23.61 2.72
CA GLY B 54 -3.75 24.19 3.79
C GLY B 54 -4.11 23.20 4.86
N SER B 55 -4.03 21.92 4.54
CA SER B 55 -4.36 20.88 5.49
C SER B 55 -3.28 19.80 5.52
N LEU B 56 -2.04 20.21 5.82
CA LEU B 56 -0.93 19.27 5.89
C LEU B 56 -1.11 18.40 7.14
N ASP B 57 -1.72 18.98 8.15
CA ASP B 57 -1.99 18.31 9.42
C ASP B 57 -2.91 17.11 9.19
N GLU B 58 -3.80 17.25 8.21
CA GLU B 58 -4.74 16.19 7.87
C GLU B 58 -4.00 14.93 7.45
N LYS B 59 -2.87 15.09 6.78
CA LYS B 59 -2.06 13.96 6.33
C LYS B 59 -1.26 13.41 7.49
N MET B 60 -0.64 14.32 8.26
CA MET B 60 0.16 13.94 9.41
C MET B 60 -0.64 13.11 10.41
N LYS B 61 -1.86 13.56 10.69
CA LYS B 61 -2.74 12.87 11.64
C LYS B 61 -3.35 11.60 11.04
N SER B 62 -2.93 11.24 9.84
CA SER B 62 -3.45 10.03 9.19
C SER B 62 -2.32 9.03 8.96
N LEU B 63 -1.18 9.53 8.51
CA LEU B 63 -0.04 8.67 8.24
C LEU B 63 0.61 8.21 9.54
N ASP B 64 0.68 9.11 10.51
CA ASP B 64 1.27 8.79 11.80
C ASP B 64 0.24 8.04 12.65
N VAL B 65 0.59 6.82 13.04
CA VAL B 65 -0.30 6.00 13.85
C VAL B 65 0.21 5.89 15.27
N ASN B 66 1.32 6.55 15.54
CA ASN B 66 1.92 6.54 16.87
C ASN B 66 1.74 7.89 17.55
N GLN B 67 1.61 8.92 16.72
CA GLN B 67 1.41 10.29 17.18
C GLN B 67 2.61 10.79 17.98
N ASP B 68 3.71 11.07 17.29
CA ASP B 68 4.91 11.57 17.95
C ASP B 68 5.55 12.70 17.13
N SER B 69 4.92 13.02 16.00
CA SER B 69 5.38 14.09 15.11
C SER B 69 6.70 13.75 14.42
N GLU B 70 6.99 12.46 14.29
CA GLU B 70 8.21 12.01 13.64
C GLU B 70 7.85 10.88 12.68
N LEU B 71 7.62 11.22 11.43
CA LEU B 71 7.26 10.24 10.41
C LEU B 71 8.48 9.45 9.97
N LYS B 72 8.65 8.26 10.53
CA LYS B 72 9.77 7.41 10.17
C LYS B 72 9.62 6.98 8.71
N PHE B 73 10.68 6.45 8.11
CA PHE B 73 10.64 6.02 6.70
C PHE B 73 9.43 5.11 6.43
N ASN B 74 9.12 4.25 7.39
CA ASN B 74 7.99 3.34 7.25
C ASN B 74 6.68 4.12 7.10
N GLU B 75 6.49 5.11 7.96
CA GLU B 75 5.29 5.94 7.92
C GLU B 75 5.35 6.90 6.74
N TYR B 76 6.56 7.29 6.34
CA TYR B 76 6.76 8.20 5.23
C TYR B 76 6.33 7.53 3.93
N TRP B 77 6.60 6.24 3.82
CA TRP B 77 6.25 5.46 2.64
C TRP B 77 4.72 5.46 2.43
N ARG B 78 3.99 5.57 3.54
CA ARG B 78 2.52 5.59 3.48
C ARG B 78 2.03 6.74 2.61
N LEU B 79 2.78 7.84 2.62
CA LEU B 79 2.42 9.01 1.81
C LEU B 79 2.50 8.64 0.33
N ILE B 80 3.62 8.04 -0.06
CA ILE B 80 3.84 7.63 -1.43
C ILE B 80 2.83 6.56 -1.84
N GLY B 81 2.40 5.76 -0.87
CA GLY B 81 1.42 4.73 -1.13
C GLY B 81 0.12 5.30 -1.63
N GLU B 82 -0.33 6.36 -0.97
CA GLU B 82 -1.58 7.03 -1.36
C GLU B 82 -1.34 7.87 -2.61
N LEU B 83 -0.10 8.36 -2.76
CA LEU B 83 0.27 9.18 -3.91
C LEU B 83 0.18 8.38 -5.20
N ALA B 84 0.70 7.15 -5.16
CA ALA B 84 0.68 6.27 -6.33
C ALA B 84 -0.77 5.98 -6.72
N LYS B 85 -1.64 5.95 -5.73
CA LYS B 85 -3.05 5.70 -5.96
C LYS B 85 -3.73 6.98 -6.43
N GLU B 86 -3.17 8.12 -6.04
CA GLU B 86 -3.71 9.42 -6.40
C GLU B 86 -3.47 9.75 -7.87
N ILE B 87 -2.72 8.91 -8.56
CA ILE B 87 -2.46 9.13 -9.98
C ILE B 87 -3.44 8.34 -10.84
N ARG B 88 -4.18 7.44 -10.20
CA ARG B 88 -5.17 6.62 -10.90
C ARG B 88 -6.56 6.85 -10.32
N LYS B 89 -6.61 7.16 -9.04
CA LYS B 89 -7.89 7.40 -8.36
C LYS B 89 -8.17 8.91 -8.32
N LYS B 90 -7.35 9.63 -7.55
CA LYS B 90 -7.49 11.08 -7.40
C LYS B 90 -8.85 11.45 -6.80
N LYS B 91 -9.84 11.62 -7.66
CA LYS B 91 -11.19 11.95 -7.22
C LYS B 91 -12.19 11.07 -7.95
N ASP B 92 -12.12 9.78 -7.67
CA ASP B 92 -13.00 8.79 -8.28
C ASP B 92 -14.44 8.98 -7.78
N LEU B 93 -15.09 9.96 -8.37
CA LEU B 93 -16.47 10.30 -8.04
C LEU B 93 -17.05 11.16 -9.15
N LYS B 94 -16.35 12.25 -9.43
CA LYS B 94 -16.77 13.17 -10.49
C LYS B 94 -15.80 13.09 -11.66
N ILE B 95 -14.71 13.83 -11.55
CA ILE B 95 -13.69 13.86 -12.60
C ILE B 95 -12.39 13.24 -12.09
N ARG B 96 -11.80 12.38 -12.91
CA ARG B 96 -10.56 11.72 -12.56
C ARG B 96 -9.38 12.42 -13.20
N LYS B 97 -9.40 12.50 -14.53
CA LYS B 97 -8.34 13.13 -15.30
C LYS B 97 -7.02 12.39 -15.12
N LYS B 98 -5.90 13.10 -15.23
CA LYS B 98 -4.58 12.49 -15.08
C LYS B 98 -3.84 13.11 -13.90
N MET C 1 -5.59 7.47 -19.89
CA MET C 1 -4.80 6.26 -20.08
C MET C 1 -3.35 6.62 -20.37
N ALA C 2 -3.09 7.90 -20.49
CA ALA C 2 -1.75 8.39 -20.78
C ALA C 2 -1.34 9.42 -19.73
N ALA C 3 -0.06 9.43 -19.38
CA ALA C 3 0.43 10.36 -18.39
C ALA C 3 1.01 11.61 -19.03
N GLU C 4 0.84 12.74 -18.36
CA GLU C 4 1.36 14.01 -18.83
C GLU C 4 2.69 14.26 -18.13
N PRO C 5 3.55 15.15 -18.67
CA PRO C 5 4.86 15.48 -18.08
C PRO C 5 4.82 15.52 -16.54
N LEU C 6 5.36 14.50 -15.91
CA LEU C 6 5.37 14.38 -14.46
C LEU C 6 6.66 14.93 -13.86
N THR C 7 6.67 15.10 -12.55
CA THR C 7 7.86 15.58 -11.85
C THR C 7 8.74 14.41 -11.44
N GLU C 8 9.85 14.70 -10.77
CA GLU C 8 10.79 13.68 -10.32
C GLU C 8 10.10 12.56 -9.53
N LEU C 9 9.43 12.94 -8.45
CA LEU C 9 8.73 11.98 -7.60
C LEU C 9 7.67 11.22 -8.37
N GLU C 10 6.94 11.95 -9.20
CA GLU C 10 5.86 11.36 -10.00
C GLU C 10 6.42 10.39 -11.05
N GLU C 11 7.63 10.67 -11.55
CA GLU C 11 8.24 9.79 -12.53
C GLU C 11 8.85 8.57 -11.87
N SER C 12 9.23 8.73 -10.60
CA SER C 12 9.83 7.63 -9.84
C SER C 12 8.81 6.53 -9.59
N ILE C 13 7.52 6.89 -9.65
CA ILE C 13 6.46 5.92 -9.46
C ILE C 13 5.86 5.52 -10.80
N GLU C 14 6.40 6.10 -11.87
CA GLU C 14 5.94 5.81 -13.22
C GLU C 14 6.67 4.58 -13.77
N THR C 15 7.89 4.38 -13.29
CA THR C 15 8.70 3.25 -13.72
C THR C 15 8.00 1.93 -13.40
N VAL C 16 7.54 1.78 -12.16
CA VAL C 16 6.86 0.57 -11.74
C VAL C 16 5.56 0.37 -12.54
N VAL C 17 4.93 1.48 -12.92
CA VAL C 17 3.70 1.42 -13.72
C VAL C 17 4.04 0.86 -15.09
N THR C 18 5.20 1.27 -15.59
CA THR C 18 5.68 0.80 -16.89
C THR C 18 5.97 -0.70 -16.81
N THR C 19 6.55 -1.14 -15.70
CA THR C 19 6.86 -2.55 -15.48
C THR C 19 5.55 -3.35 -15.47
N PHE C 20 4.52 -2.73 -14.91
CA PHE C 20 3.21 -3.35 -14.83
C PHE C 20 2.63 -3.51 -16.23
N PHE C 21 2.74 -2.46 -17.04
CA PHE C 21 2.20 -2.46 -18.40
C PHE C 21 3.03 -3.29 -19.37
N THR C 22 4.20 -3.76 -18.96
CA THR C 22 5.03 -4.57 -19.84
C THR C 22 4.78 -6.05 -19.58
N PHE C 23 4.35 -6.37 -18.37
CA PHE C 23 4.05 -7.75 -18.01
C PHE C 23 2.58 -8.05 -18.26
N ALA C 24 1.72 -7.14 -17.83
CA ALA C 24 0.28 -7.30 -18.03
C ALA C 24 -0.07 -7.07 -19.49
N ARG C 25 -0.09 -8.17 -20.24
CA ARG C 25 -0.38 -8.15 -21.68
C ARG C 25 -0.08 -9.52 -22.26
N GLN C 26 0.72 -10.29 -21.53
CA GLN C 26 1.12 -11.62 -21.95
C GLN C 26 -0.08 -12.58 -21.94
N GLU C 27 -0.97 -12.41 -20.96
CA GLU C 27 -2.15 -13.26 -20.86
C GLU C 27 -3.39 -12.51 -21.33
N GLY C 28 -3.91 -11.62 -20.49
CA GLY C 28 -5.11 -10.88 -20.86
C GLY C 28 -5.16 -9.50 -20.23
N ARG C 29 -5.55 -8.51 -21.04
CA ARG C 29 -5.67 -7.12 -20.59
C ARG C 29 -4.29 -6.54 -20.27
N LYS C 30 -4.27 -5.26 -19.93
CA LYS C 30 -3.02 -4.59 -19.57
C LYS C 30 -3.23 -3.75 -18.32
N ASP C 31 -4.43 -3.82 -17.78
CA ASP C 31 -4.79 -3.07 -16.57
C ASP C 31 -5.07 -4.03 -15.43
N SER C 32 -4.74 -5.30 -15.66
CA SER C 32 -4.95 -6.34 -14.66
C SER C 32 -3.82 -7.36 -14.75
N LEU C 33 -3.36 -7.82 -13.61
CA LEU C 33 -2.28 -8.80 -13.56
C LEU C 33 -2.85 -10.21 -13.52
N SER C 34 -2.47 -11.03 -14.49
CA SER C 34 -2.92 -12.41 -14.55
C SER C 34 -2.04 -13.30 -13.66
N VAL C 35 -2.14 -14.62 -13.84
CA VAL C 35 -1.37 -15.55 -13.01
C VAL C 35 0.03 -15.80 -13.58
N ASN C 36 0.13 -16.04 -14.88
CA ASN C 36 1.40 -16.31 -15.52
C ASN C 36 2.30 -15.09 -15.46
N GLU C 37 1.71 -13.94 -15.72
CA GLU C 37 2.43 -12.68 -15.71
C GLU C 37 2.93 -12.35 -14.31
N PHE C 38 2.14 -12.69 -13.29
CA PHE C 38 2.52 -12.44 -11.91
C PHE C 38 3.71 -13.30 -11.52
N LYS C 39 3.64 -14.58 -11.85
CA LYS C 39 4.70 -15.52 -11.53
C LYS C 39 5.98 -15.16 -12.28
N GLU C 40 5.84 -14.78 -13.54
CA GLU C 40 6.98 -14.40 -14.36
C GLU C 40 7.57 -13.07 -13.89
N LEU C 41 6.75 -12.26 -13.24
CA LEU C 41 7.21 -10.97 -12.73
C LEU C 41 8.14 -11.19 -11.53
N VAL C 42 7.70 -11.98 -10.58
CA VAL C 42 8.49 -12.25 -9.39
C VAL C 42 9.71 -13.12 -9.71
N THR C 43 9.56 -14.05 -10.63
CA THR C 43 10.66 -14.94 -11.00
C THR C 43 11.43 -14.39 -12.21
N GLN C 44 11.73 -13.09 -12.17
CA GLN C 44 12.47 -12.46 -13.25
C GLN C 44 12.91 -11.06 -12.86
N GLN C 45 11.94 -10.23 -12.49
CA GLN C 45 12.23 -8.85 -12.13
C GLN C 45 12.64 -8.71 -10.67
N LEU C 46 11.98 -9.45 -9.78
CA LEU C 46 12.29 -9.38 -8.35
C LEU C 46 12.61 -10.75 -7.73
N PRO C 47 13.58 -11.52 -8.25
CA PRO C 47 13.93 -12.82 -7.69
C PRO C 47 14.91 -12.69 -6.52
N HIS C 48 15.67 -11.60 -6.53
CA HIS C 48 16.63 -11.33 -5.48
C HIS C 48 15.98 -10.52 -4.36
N LEU C 49 15.02 -9.68 -4.75
CA LEU C 49 14.31 -8.87 -3.78
C LEU C 49 13.27 -9.72 -3.07
N LEU C 50 12.38 -10.32 -3.84
CA LEU C 50 11.35 -11.19 -3.27
C LEU C 50 11.94 -12.57 -3.02
N LYS C 51 11.97 -12.96 -1.76
CA LYS C 51 12.54 -14.24 -1.38
C LYS C 51 11.63 -15.42 -1.74
N ASP C 52 10.33 -15.22 -1.65
CA ASP C 52 9.39 -16.30 -1.97
C ASP C 52 8.91 -16.19 -3.40
N VAL C 53 9.46 -17.03 -4.26
CA VAL C 53 9.08 -17.07 -5.65
C VAL C 53 8.48 -18.43 -5.99
N GLY C 54 8.13 -19.17 -4.94
CA GLY C 54 7.55 -20.49 -5.10
C GLY C 54 6.13 -20.54 -4.61
N SER C 55 5.90 -20.00 -3.42
CA SER C 55 4.57 -19.99 -2.83
C SER C 55 3.84 -18.72 -3.23
N LEU C 56 4.18 -18.19 -4.39
CA LEU C 56 3.57 -16.97 -4.92
C LEU C 56 2.05 -17.13 -4.99
N ASP C 57 1.61 -18.36 -5.26
CA ASP C 57 0.18 -18.66 -5.36
C ASP C 57 -0.55 -18.30 -4.06
N GLU C 58 0.16 -18.43 -2.95
CA GLU C 58 -0.40 -18.12 -1.64
C GLU C 58 -0.47 -16.60 -1.46
N LYS C 59 0.62 -15.92 -1.79
CA LYS C 59 0.69 -14.47 -1.68
C LYS C 59 -0.30 -13.84 -2.64
N MET C 60 -0.46 -14.45 -3.81
CA MET C 60 -1.39 -13.98 -4.82
C MET C 60 -2.80 -14.00 -4.25
N LYS C 61 -3.14 -15.07 -3.56
CA LYS C 61 -4.46 -15.21 -2.94
C LYS C 61 -4.64 -14.15 -1.86
N SER C 62 -3.56 -13.83 -1.17
CA SER C 62 -3.59 -12.83 -0.11
C SER C 62 -3.78 -11.44 -0.69
N LEU C 63 -3.35 -11.26 -1.94
CA LEU C 63 -3.48 -9.99 -2.63
C LEU C 63 -4.85 -9.90 -3.29
N ASP C 64 -5.24 -11.00 -3.94
CA ASP C 64 -6.53 -11.09 -4.62
C ASP C 64 -7.64 -11.29 -3.59
N VAL C 65 -7.89 -10.26 -2.79
CA VAL C 65 -8.92 -10.32 -1.75
C VAL C 65 -10.30 -10.40 -2.36
N ASN C 66 -10.39 -10.04 -3.64
CA ASN C 66 -11.65 -10.09 -4.38
C ASN C 66 -12.03 -11.53 -4.66
N GLN C 67 -11.03 -12.41 -4.56
CA GLN C 67 -11.20 -13.84 -4.78
C GLN C 67 -11.81 -14.14 -6.14
N ASP C 68 -11.17 -13.64 -7.19
CA ASP C 68 -11.65 -13.88 -8.54
C ASP C 68 -10.48 -14.12 -9.50
N SER C 69 -9.27 -14.14 -8.93
CA SER C 69 -8.04 -14.37 -9.69
C SER C 69 -7.87 -13.31 -10.77
N GLU C 70 -7.77 -12.07 -10.33
CA GLU C 70 -7.61 -10.94 -11.23
C GLU C 70 -7.14 -9.73 -10.43
N LEU C 71 -5.83 -9.52 -10.41
CA LEU C 71 -5.26 -8.42 -9.67
C LEU C 71 -5.45 -7.10 -10.41
N LYS C 72 -6.31 -6.25 -9.88
CA LYS C 72 -6.60 -4.97 -10.49
C LYS C 72 -5.55 -3.93 -10.08
N PHE C 73 -5.64 -2.73 -10.64
CA PHE C 73 -4.71 -1.66 -10.32
C PHE C 73 -5.06 -1.02 -8.98
N ASN C 74 -4.88 -1.81 -7.94
CA ASN C 74 -5.14 -1.38 -6.57
C ASN C 74 -4.58 -2.42 -5.61
N GLU C 75 -5.07 -3.65 -5.73
CA GLU C 75 -4.62 -4.76 -4.91
C GLU C 75 -3.20 -5.15 -5.28
N TYR C 76 -2.91 -5.11 -6.58
CA TYR C 76 -1.58 -5.47 -7.08
C TYR C 76 -0.51 -4.57 -6.52
N TRP C 77 -0.85 -3.30 -6.27
CA TRP C 77 0.12 -2.34 -5.76
C TRP C 77 0.67 -2.77 -4.41
N ARG C 78 -0.13 -3.52 -3.64
CA ARG C 78 0.30 -3.96 -2.32
C ARG C 78 1.61 -4.74 -2.42
N LEU C 79 1.79 -5.48 -3.51
CA LEU C 79 3.01 -6.26 -3.72
C LEU C 79 4.22 -5.33 -3.76
N ILE C 80 4.06 -4.20 -4.45
CA ILE C 80 5.12 -3.21 -4.57
C ILE C 80 5.40 -2.58 -3.21
N GLY C 81 4.33 -2.33 -2.46
CA GLY C 81 4.47 -1.74 -1.14
C GLY C 81 5.13 -2.68 -0.16
N GLU C 82 4.85 -3.97 -0.29
CA GLU C 82 5.42 -4.98 0.58
C GLU C 82 6.92 -5.10 0.37
N LEU C 83 7.36 -5.18 -0.89
CA LEU C 83 8.79 -5.32 -1.18
C LEU C 83 9.55 -4.06 -0.78
N ALA C 84 8.86 -2.92 -0.76
CA ALA C 84 9.48 -1.67 -0.38
C ALA C 84 9.77 -1.64 1.11
N LYS C 85 8.84 -2.15 1.91
CA LYS C 85 9.01 -2.18 3.36
C LYS C 85 9.83 -3.40 3.77
N GLU C 86 9.91 -4.37 2.87
CA GLU C 86 10.65 -5.61 3.10
C GLU C 86 12.13 -5.33 3.28
N ILE C 87 12.64 -4.36 2.54
CA ILE C 87 14.05 -3.99 2.63
C ILE C 87 14.36 -3.39 4.01
N ARG C 88 13.31 -3.08 4.75
CA ARG C 88 13.43 -2.52 6.09
C ARG C 88 12.84 -3.49 7.11
N LYS C 89 12.63 -4.73 6.68
CA LYS C 89 12.07 -5.77 7.53
C LYS C 89 12.61 -7.15 7.12
N LYS C 90 11.84 -8.20 7.38
CA LYS C 90 12.23 -9.57 7.06
C LYS C 90 11.01 -10.50 7.15
N LYS C 91 10.84 -11.16 8.28
CA LYS C 91 9.71 -12.05 8.52
C LYS C 91 9.02 -11.59 9.80
N ASP C 92 9.49 -10.46 10.29
CA ASP C 92 9.01 -9.85 11.51
C ASP C 92 7.71 -9.09 11.26
N LEU C 93 6.73 -9.79 10.74
CA LEU C 93 5.42 -9.20 10.45
C LEU C 93 4.34 -10.27 10.49
N LYS C 94 4.02 -10.83 9.32
CA LYS C 94 3.01 -11.88 9.17
C LYS C 94 1.60 -11.36 9.45
N ILE C 95 1.36 -10.95 10.71
CA ILE C 95 0.07 -10.44 11.20
C ILE C 95 -1.06 -11.45 11.04
N ARG C 96 -2.10 -11.30 11.85
CA ARG C 96 -3.24 -12.20 11.80
C ARG C 96 -4.49 -11.51 12.30
N LYS C 97 -5.30 -11.04 11.36
CA LYS C 97 -6.54 -10.33 11.69
C LYS C 97 -7.43 -10.26 10.44
N LYS C 98 -8.74 -10.40 10.62
CA LYS C 98 -9.67 -10.34 9.51
C LYS C 98 -10.83 -9.41 9.85
N GLU D 1 17.69 -27.57 -13.43
CA GLU D 1 17.25 -27.87 -12.05
C GLU D 1 18.44 -27.81 -11.11
N LYS D 2 18.75 -26.62 -10.62
CA LYS D 2 19.88 -26.42 -9.71
C LYS D 2 19.38 -26.13 -8.29
N LEU D 3 19.66 -27.05 -7.37
CA LEU D 3 19.24 -26.90 -5.99
C LEU D 3 20.48 -26.77 -5.09
N GLY D 4 21.66 -26.94 -5.69
CA GLY D 4 22.89 -26.84 -4.95
C GLY D 4 23.65 -28.15 -4.96
N LYS D 5 24.30 -28.46 -3.85
CA LYS D 5 25.06 -29.71 -3.72
C LYS D 5 24.94 -30.26 -2.31
N LEU D 6 25.13 -31.56 -2.18
CA LEU D 6 25.03 -32.21 -0.88
C LEU D 6 26.17 -33.19 -0.69
N GLN D 7 26.85 -33.11 0.45
CA GLN D 7 27.95 -34.00 0.75
C GLN D 7 27.45 -35.13 1.64
N TYR D 8 27.79 -36.37 1.31
CA TYR D 8 27.34 -37.50 2.11
C TYR D 8 28.26 -38.70 1.96
N SER D 9 28.07 -39.68 2.83
CA SER D 9 28.87 -40.89 2.81
C SER D 9 27.99 -42.10 3.14
N LEU D 10 27.83 -43.00 2.19
CA LEU D 10 26.99 -44.17 2.38
C LEU D 10 27.82 -45.42 2.61
N ASP D 11 27.59 -46.09 3.74
CA ASP D 11 28.30 -47.31 4.05
C ASP D 11 27.28 -48.44 4.19
N TYR D 12 27.73 -49.66 4.36
CA TYR D 12 26.82 -50.79 4.47
C TYR D 12 27.18 -51.71 5.62
N ASP D 13 26.16 -52.35 6.18
CA ASP D 13 26.37 -53.29 7.28
C ASP D 13 25.63 -54.59 6.98
N PHE D 14 26.36 -55.68 7.03
CA PHE D 14 25.79 -57.00 6.77
C PHE D 14 25.19 -57.60 8.04
N GLN D 15 25.47 -56.96 9.16
CA GLN D 15 24.96 -57.41 10.45
C GLN D 15 23.44 -57.25 10.53
N ASN D 16 22.97 -56.01 10.39
CA ASN D 16 21.54 -55.73 10.43
C ASN D 16 20.96 -55.69 9.02
N ASN D 17 21.85 -55.78 8.03
CA ASN D 17 21.47 -55.76 6.62
C ASN D 17 20.77 -54.46 6.25
N GLN D 18 21.54 -53.39 6.17
CA GLN D 18 21.01 -52.08 5.81
C GLN D 18 22.12 -51.17 5.30
N LEU D 19 21.71 -50.10 4.63
CA LEU D 19 22.65 -49.11 4.11
C LEU D 19 22.59 -47.88 4.99
N LEU D 20 23.74 -47.49 5.53
CA LEU D 20 23.81 -46.34 6.40
C LEU D 20 23.87 -45.06 5.59
N VAL D 21 22.76 -44.35 5.54
CA VAL D 21 22.68 -43.10 4.82
C VAL D 21 23.04 -41.94 5.73
N GLY D 22 24.29 -41.55 5.69
CA GLY D 22 24.78 -40.46 6.50
C GLY D 22 25.10 -39.24 5.67
N ILE D 23 24.26 -38.22 5.77
CA ILE D 23 24.47 -36.99 5.02
C ILE D 23 25.24 -36.00 5.87
N ILE D 24 26.23 -35.34 5.27
CA ILE D 24 27.04 -34.38 5.99
C ILE D 24 26.33 -33.03 6.06
N GLN D 25 26.14 -32.42 4.90
CA GLN D 25 25.48 -31.11 4.84
C GLN D 25 25.05 -30.78 3.41
N ALA D 26 24.20 -29.76 3.29
CA ALA D 26 23.72 -29.29 2.01
C ALA D 26 24.02 -27.81 1.90
N ALA D 27 24.35 -27.34 0.70
CA ALA D 27 24.67 -25.93 0.50
C ALA D 27 24.07 -25.39 -0.79
N GLU D 28 23.96 -24.05 -0.84
CA GLU D 28 23.43 -23.33 -2.00
C GLU D 28 21.92 -23.56 -2.18
N LEU D 29 21.21 -23.72 -1.07
CA LEU D 29 19.78 -23.94 -1.13
C LEU D 29 19.04 -22.66 -1.55
N PRO D 30 17.98 -22.79 -2.36
CA PRO D 30 17.19 -21.65 -2.84
C PRO D 30 16.32 -21.01 -1.75
N ALA D 31 15.95 -19.76 -1.98
CA ALA D 31 15.11 -19.03 -1.05
C ALA D 31 13.65 -19.45 -1.20
N LEU D 32 12.96 -19.57 -0.07
CA LEU D 32 11.55 -19.96 -0.08
C LEU D 32 10.78 -19.19 0.98
N ASP D 33 11.19 -19.34 2.23
CA ASP D 33 10.54 -18.66 3.34
C ASP D 33 10.83 -17.16 3.33
N MET D 34 9.94 -16.40 3.93
CA MET D 34 10.09 -14.95 4.01
C MET D 34 11.36 -14.60 4.77
N GLY D 35 12.33 -14.04 4.06
CA GLY D 35 13.59 -13.69 4.66
C GLY D 35 14.74 -14.29 3.89
N GLY D 36 14.47 -15.37 3.17
CA GLY D 36 15.49 -16.02 2.38
C GLY D 36 15.93 -17.33 2.97
N THR D 37 16.21 -17.31 4.27
CA THR D 37 16.64 -18.51 4.97
C THR D 37 15.44 -19.40 5.31
N SER D 38 15.14 -20.32 4.40
CA SER D 38 14.02 -21.23 4.56
C SER D 38 14.25 -22.24 5.69
N ASP D 39 13.30 -23.14 5.87
CA ASP D 39 13.38 -24.20 6.89
C ASP D 39 13.38 -25.56 6.19
N PRO D 40 14.47 -25.89 5.47
CA PRO D 40 14.54 -27.13 4.72
C PRO D 40 15.15 -28.32 5.47
N TYR D 41 14.44 -29.42 5.43
CA TYR D 41 14.88 -30.66 6.03
C TYR D 41 14.74 -31.77 4.98
N VAL D 42 15.56 -32.81 5.06
CA VAL D 42 15.49 -33.88 4.08
C VAL D 42 14.64 -35.06 4.55
N LYS D 43 13.73 -35.47 3.69
CA LYS D 43 12.87 -36.60 3.98
C LYS D 43 13.13 -37.69 2.94
N VAL D 44 13.62 -38.82 3.41
CA VAL D 44 13.94 -39.93 2.53
C VAL D 44 12.68 -40.57 1.94
N PHE D 45 12.67 -40.68 0.62
CA PHE D 45 11.56 -41.28 -0.09
C PHE D 45 12.07 -42.45 -0.91
N LEU D 46 11.30 -43.50 -0.98
CA LEU D 46 11.71 -44.69 -1.72
C LEU D 46 10.76 -44.96 -2.88
N LEU D 47 11.17 -45.89 -3.73
CA LEU D 47 10.38 -46.31 -4.88
C LEU D 47 9.24 -47.23 -4.38
N PRO D 48 8.52 -47.99 -5.27
CA PRO D 48 7.42 -48.90 -4.84
C PRO D 48 7.70 -49.74 -3.59
N ASP D 49 8.97 -49.86 -3.21
CA ASP D 49 9.36 -50.61 -2.01
C ASP D 49 8.64 -50.03 -0.79
N LYS D 50 8.89 -48.74 -0.56
CA LYS D 50 8.29 -47.99 0.55
C LYS D 50 8.41 -48.69 1.91
N LYS D 51 9.41 -49.54 2.07
CA LYS D 51 9.60 -50.24 3.34
C LYS D 51 10.63 -49.50 4.18
N LYS D 52 10.60 -48.19 4.12
CA LYS D 52 11.52 -47.35 4.87
C LYS D 52 11.20 -45.87 4.67
N LYS D 53 11.11 -45.14 5.76
CA LYS D 53 10.83 -43.72 5.72
C LYS D 53 11.27 -43.08 7.03
N PHE D 54 11.90 -41.93 6.94
CA PHE D 54 12.38 -41.24 8.13
C PHE D 54 12.37 -39.73 7.91
N GLU D 55 11.93 -39.01 8.93
CA GLU D 55 11.86 -37.56 8.87
C GLU D 55 13.01 -36.98 9.70
N THR D 56 13.76 -36.06 9.11
CA THR D 56 14.88 -35.45 9.82
C THR D 56 14.43 -34.27 10.67
N LYS D 57 15.37 -33.66 11.36
CA LYS D 57 15.06 -32.51 12.20
C LYS D 57 14.79 -31.30 11.35
N VAL D 58 13.74 -30.57 11.67
CA VAL D 58 13.41 -29.37 10.92
C VAL D 58 14.50 -28.31 11.09
N HIS D 59 15.30 -28.14 10.04
CA HIS D 59 16.39 -27.18 10.05
C HIS D 59 15.83 -25.81 9.69
N ARG D 60 15.28 -25.13 10.67
CA ARG D 60 14.69 -23.82 10.45
C ARG D 60 15.74 -22.72 10.33
N LYS D 61 15.47 -21.79 9.41
CA LYS D 61 16.32 -20.62 9.17
C LYS D 61 17.74 -21.00 8.78
N THR D 62 17.89 -21.64 7.63
CA THR D 62 19.21 -22.02 7.16
C THR D 62 19.19 -22.47 5.70
N LEU D 63 20.25 -22.13 4.99
CA LEU D 63 20.41 -22.51 3.60
C LEU D 63 21.62 -23.43 3.49
N ASN D 64 22.17 -23.76 4.66
CA ASN D 64 23.33 -24.62 4.78
C ASN D 64 23.20 -25.46 6.06
N PRO D 65 22.29 -26.44 6.05
CA PRO D 65 22.05 -27.28 7.22
C PRO D 65 23.20 -28.25 7.51
N VAL D 66 23.73 -28.15 8.72
CA VAL D 66 24.82 -29.02 9.17
C VAL D 66 24.39 -29.76 10.43
N PHE D 67 24.03 -31.01 10.29
CA PHE D 67 23.58 -31.81 11.43
C PHE D 67 24.08 -33.25 11.32
N ASN D 68 24.13 -33.75 10.09
CA ASN D 68 24.58 -35.11 9.81
C ASN D 68 23.60 -36.13 10.38
N GLU D 69 22.41 -36.17 9.79
CA GLU D 69 21.39 -37.11 10.21
C GLU D 69 21.71 -38.49 9.66
N GLN D 70 21.20 -39.52 10.33
CA GLN D 70 21.46 -40.89 9.91
C GLN D 70 20.16 -41.65 9.61
N PHE D 71 20.03 -42.09 8.37
CA PHE D 71 18.85 -42.85 7.96
C PHE D 71 19.22 -44.32 7.77
N THR D 72 18.40 -45.20 8.31
CA THR D 72 18.64 -46.63 8.21
C THR D 72 17.88 -47.24 7.04
N PHE D 73 18.61 -47.60 5.98
CA PHE D 73 18.00 -48.20 4.80
C PHE D 73 17.68 -49.67 5.08
N LYS D 74 16.56 -49.92 5.73
CA LYS D 74 16.14 -51.27 6.10
C LYS D 74 15.82 -52.13 4.87
N VAL D 75 16.84 -52.79 4.35
CA VAL D 75 16.72 -53.67 3.20
C VAL D 75 18.04 -54.40 2.98
N PRO D 76 18.00 -55.73 2.79
CA PRO D 76 19.19 -56.54 2.56
C PRO D 76 19.97 -56.10 1.34
N TYR D 77 21.29 -56.29 1.37
CA TYR D 77 22.15 -55.91 0.25
C TYR D 77 21.78 -56.71 -1.01
N SER D 78 21.06 -57.80 -0.81
CA SER D 78 20.62 -58.64 -1.91
C SER D 78 19.55 -57.94 -2.74
N GLU D 79 18.88 -56.97 -2.12
CA GLU D 79 17.82 -56.23 -2.79
C GLU D 79 18.33 -54.88 -3.29
N LEU D 80 19.63 -54.67 -3.16
CA LEU D 80 20.27 -53.41 -3.58
C LEU D 80 20.14 -53.22 -5.09
N GLY D 81 20.27 -54.32 -5.83
CA GLY D 81 20.17 -54.27 -7.28
C GLY D 81 18.76 -54.01 -7.79
N GLY D 82 17.82 -53.88 -6.87
CA GLY D 82 16.45 -53.62 -7.25
C GLY D 82 15.82 -52.57 -6.38
N LYS D 83 16.64 -51.67 -5.85
CA LYS D 83 16.15 -50.61 -4.97
C LYS D 83 16.78 -49.27 -5.33
N THR D 84 15.98 -48.23 -5.27
CA THR D 84 16.43 -46.87 -5.57
C THR D 84 15.83 -45.89 -4.57
N LEU D 85 16.68 -45.13 -3.92
CA LEU D 85 16.22 -44.17 -2.92
C LEU D 85 16.39 -42.74 -3.41
N VAL D 86 15.51 -41.87 -2.96
CA VAL D 86 15.55 -40.46 -3.33
C VAL D 86 15.55 -39.61 -2.05
N MET D 87 16.28 -38.52 -2.08
CA MET D 87 16.36 -37.62 -0.94
C MET D 87 15.71 -36.29 -1.29
N ALA D 88 14.50 -36.08 -0.81
CA ALA D 88 13.77 -34.86 -1.09
C ALA D 88 13.86 -33.89 0.08
N VAL D 89 14.09 -32.62 -0.24
CA VAL D 89 14.19 -31.60 0.79
C VAL D 89 12.88 -30.82 0.87
N TYR D 90 12.31 -30.80 2.06
CA TYR D 90 11.03 -30.13 2.30
C TYR D 90 11.23 -28.94 3.22
N ASP D 91 10.47 -27.87 2.98
CA ASP D 91 10.55 -26.65 3.78
C ASP D 91 9.47 -26.67 4.88
N PHE D 92 9.70 -25.89 5.93
CA PHE D 92 8.75 -25.82 7.03
C PHE D 92 8.61 -24.38 7.54
N ASP D 93 8.35 -23.45 6.61
CA ASP D 93 8.18 -22.03 6.96
C ASP D 93 7.05 -21.81 7.97
N ARG D 94 6.16 -22.80 8.07
CA ARG D 94 5.03 -22.79 9.02
C ARG D 94 3.96 -21.76 8.63
N PHE D 95 3.94 -21.34 7.38
CA PHE D 95 2.94 -20.37 6.95
C PHE D 95 2.45 -20.69 5.55
N SER D 96 3.34 -20.64 4.59
CA SER D 96 3.01 -20.91 3.21
C SER D 96 2.87 -22.40 2.98
N LYS D 97 2.27 -22.77 1.84
CA LYS D 97 2.10 -24.17 1.50
C LYS D 97 3.40 -24.72 0.92
N HIS D 98 4.42 -24.77 1.79
CA HIS D 98 5.76 -25.25 1.42
C HIS D 98 5.72 -26.57 0.65
N ASP D 99 6.51 -26.61 -0.41
CA ASP D 99 6.62 -27.77 -1.27
C ASP D 99 8.05 -28.32 -1.24
N ILE D 100 8.37 -29.21 -2.16
CA ILE D 100 9.70 -29.79 -2.25
C ILE D 100 10.53 -28.96 -3.23
N ILE D 101 11.46 -28.18 -2.70
CA ILE D 101 12.30 -27.31 -3.54
C ILE D 101 13.26 -28.10 -4.43
N GLY D 102 13.57 -29.33 -4.04
CA GLY D 102 14.47 -30.13 -4.83
C GLY D 102 14.74 -31.49 -4.21
N GLU D 103 15.56 -32.28 -4.89
CA GLU D 103 15.89 -33.61 -4.42
C GLU D 103 17.02 -34.20 -5.27
N PHE D 104 17.35 -35.45 -4.98
CA PHE D 104 18.37 -36.16 -5.72
C PHE D 104 18.19 -37.66 -5.47
N LYS D 105 18.40 -38.46 -6.51
CA LYS D 105 18.25 -39.90 -6.39
C LYS D 105 19.41 -40.60 -7.07
N VAL D 106 19.74 -41.79 -6.57
CA VAL D 106 20.83 -42.57 -7.13
C VAL D 106 20.47 -44.05 -7.13
N PRO D 107 20.55 -44.70 -8.30
CA PRO D 107 20.25 -46.12 -8.43
C PRO D 107 21.31 -46.98 -7.76
N MET D 108 20.96 -47.57 -6.63
CA MET D 108 21.88 -48.43 -5.87
C MET D 108 22.37 -49.59 -6.72
N ASN D 109 21.59 -49.95 -7.73
CA ASN D 109 21.94 -51.03 -8.64
C ASN D 109 23.26 -50.73 -9.36
N THR D 110 23.54 -49.46 -9.58
CA THR D 110 24.76 -49.04 -10.25
C THR D 110 25.81 -48.59 -9.23
N VAL D 111 25.49 -48.73 -7.95
CA VAL D 111 26.40 -48.34 -6.89
C VAL D 111 26.92 -49.57 -6.17
N ASP D 112 28.14 -49.94 -6.50
CA ASP D 112 28.77 -51.11 -5.89
C ASP D 112 29.13 -50.83 -4.43
N PHE D 113 28.87 -51.81 -3.57
CA PHE D 113 29.16 -51.67 -2.15
C PHE D 113 30.56 -52.19 -1.85
N GLY D 114 31.57 -51.57 -2.45
CA GLY D 114 32.94 -51.98 -2.23
C GLY D 114 33.37 -51.76 -0.80
N HIS D 115 33.05 -50.58 -0.28
CA HIS D 115 33.40 -50.24 1.09
C HIS D 115 32.55 -49.08 1.56
N VAL D 116 32.81 -47.90 1.00
CA VAL D 116 32.07 -46.70 1.35
C VAL D 116 31.83 -45.86 0.11
N THR D 117 30.62 -45.36 -0.04
CA THR D 117 30.29 -44.51 -1.17
C THR D 117 30.26 -43.05 -0.74
N GLU D 118 31.41 -42.41 -0.81
CA GLU D 118 31.53 -41.01 -0.43
C GLU D 118 31.75 -40.15 -1.66
N GLU D 119 30.77 -39.31 -1.99
CA GLU D 119 30.86 -38.44 -3.15
C GLU D 119 30.03 -37.19 -2.92
N TRP D 120 30.33 -36.14 -3.68
CA TRP D 120 29.61 -34.89 -3.57
C TRP D 120 28.61 -34.76 -4.71
N ARG D 121 27.39 -35.21 -4.45
CA ARG D 121 26.33 -35.19 -5.45
C ARG D 121 25.67 -33.82 -5.55
N ASP D 122 25.28 -33.48 -6.76
CA ASP D 122 24.60 -32.23 -7.05
C ASP D 122 23.11 -32.38 -6.74
N LEU D 123 22.50 -31.30 -6.31
CA LEU D 123 21.08 -31.30 -6.00
C LEU D 123 20.29 -30.70 -7.15
N GLN D 124 19.20 -31.35 -7.53
CA GLN D 124 18.37 -30.88 -8.62
C GLN D 124 16.99 -30.48 -8.11
N SER D 125 16.51 -29.33 -8.55
CA SER D 125 15.20 -28.82 -8.16
C SER D 125 14.09 -29.54 -8.93
N ALA D 126 13.92 -30.83 -8.63
CA ALA D 126 12.89 -31.62 -9.27
C ALA D 126 11.53 -31.29 -8.68
N GLU D 127 10.79 -30.43 -9.37
CA GLU D 127 9.48 -30.00 -8.91
C GLU D 127 8.51 -31.18 -8.78
N LYS D 128 7.44 -30.95 -8.05
CA LYS D 128 6.42 -31.98 -7.84
C LYS D 128 5.06 -31.46 -8.28
N GLU A 1 -26.04 34.86 -13.22
CA GLU A 1 -25.30 34.49 -11.99
C GLU A 1 -26.02 33.37 -11.27
N LYS A 2 -25.44 32.19 -11.27
CA LYS A 2 -26.05 31.05 -10.60
C LYS A 2 -25.16 30.51 -9.50
N LEU A 3 -25.78 30.10 -8.40
CA LEU A 3 -25.07 29.54 -7.27
C LEU A 3 -25.91 28.45 -6.60
N GLY A 4 -27.18 28.34 -7.03
CA GLY A 4 -28.06 27.34 -6.47
C GLY A 4 -29.19 27.96 -5.68
N LYS A 5 -29.59 27.29 -4.61
CA LYS A 5 -30.67 27.78 -3.74
C LYS A 5 -30.31 27.51 -2.30
N LEU A 6 -30.79 28.36 -1.40
CA LEU A 6 -30.51 28.20 0.02
C LEU A 6 -31.78 28.31 0.84
N GLN A 7 -32.00 27.33 1.70
CA GLN A 7 -33.17 27.33 2.56
C GLN A 7 -32.78 27.89 3.92
N TYR A 8 -33.55 28.84 4.42
CA TYR A 8 -33.22 29.46 5.70
C TYR A 8 -34.46 29.97 6.44
N SER A 9 -34.36 29.96 7.76
CA SER A 9 -35.43 30.44 8.62
C SER A 9 -34.92 31.59 9.47
N LEU A 10 -35.43 32.78 9.24
CA LEU A 10 -34.99 33.95 9.99
C LEU A 10 -36.01 34.37 11.02
N ASP A 11 -35.61 34.34 12.29
CA ASP A 11 -36.48 34.75 13.38
C ASP A 11 -35.76 35.85 14.17
N TYR A 12 -36.43 36.44 15.13
CA TYR A 12 -35.83 37.52 15.91
C TYR A 12 -36.18 37.42 17.38
N ASP A 13 -35.41 38.10 18.22
CA ASP A 13 -35.63 38.10 19.65
C ASP A 13 -35.45 39.51 20.19
N PHE A 14 -36.28 39.89 21.16
CA PHE A 14 -36.22 41.23 21.73
C PHE A 14 -35.65 41.24 23.15
N GLN A 15 -35.21 40.09 23.64
CA GLN A 15 -34.64 40.03 24.98
C GLN A 15 -33.13 40.25 24.88
N ASN A 16 -32.56 39.78 23.79
CA ASN A 16 -31.13 39.93 23.53
C ASN A 16 -30.92 41.02 22.47
N ASN A 17 -32.04 41.42 21.86
CA ASN A 17 -32.05 42.46 20.83
C ASN A 17 -31.15 42.09 19.65
N GLN A 18 -31.56 41.05 18.94
CA GLN A 18 -30.82 40.58 17.78
C GLN A 18 -31.68 39.65 16.94
N LEU A 19 -31.19 39.32 15.75
CA LEU A 19 -31.91 38.41 14.85
C LEU A 19 -31.23 37.06 14.83
N LEU A 20 -32.01 36.01 14.68
CA LEU A 20 -31.47 34.66 14.65
C LEU A 20 -31.47 34.14 13.21
N VAL A 21 -30.29 34.09 12.62
CA VAL A 21 -30.13 33.60 11.26
C VAL A 21 -29.87 32.10 11.26
N GLY A 22 -30.90 31.33 10.93
CA GLY A 22 -30.76 29.90 10.90
C GLY A 22 -30.78 29.37 9.48
N ILE A 23 -29.60 29.24 8.89
CA ILE A 23 -29.49 28.73 7.53
C ILE A 23 -29.57 27.21 7.53
N ILE A 24 -30.69 26.69 7.04
CA ILE A 24 -30.92 25.25 7.00
C ILE A 24 -29.86 24.54 6.16
N GLN A 25 -29.85 24.83 4.86
CA GLN A 25 -28.90 24.20 3.96
C GLN A 25 -28.87 24.88 2.60
N ALA A 26 -27.80 24.63 1.87
CA ALA A 26 -27.62 25.16 0.52
C ALA A 26 -27.67 24.00 -0.46
N ALA A 27 -28.29 24.21 -1.61
CA ALA A 27 -28.41 23.14 -2.57
C ALA A 27 -27.82 23.50 -3.93
N GLU A 28 -27.08 22.52 -4.49
CA GLU A 28 -26.45 22.64 -5.80
C GLU A 28 -25.49 23.82 -5.90
N LEU A 29 -24.37 23.72 -5.19
CA LEU A 29 -23.36 24.77 -5.20
C LEU A 29 -22.26 24.42 -6.20
N PRO A 30 -21.67 25.43 -6.88
CA PRO A 30 -20.60 25.21 -7.85
C PRO A 30 -19.36 24.56 -7.22
N ALA A 31 -18.60 23.83 -8.03
CA ALA A 31 -17.41 23.15 -7.54
C ALA A 31 -16.19 24.07 -7.56
N LEU A 32 -15.12 23.64 -6.91
CA LEU A 32 -13.89 24.41 -6.85
C LEU A 32 -12.69 23.48 -6.71
N ASP A 33 -12.75 22.57 -5.74
CA ASP A 33 -11.67 21.63 -5.50
C ASP A 33 -11.52 20.70 -6.70
N MET A 34 -10.33 20.14 -6.87
CA MET A 34 -10.05 19.26 -8.00
C MET A 34 -10.58 17.86 -7.75
N GLY A 35 -11.90 17.74 -7.77
CA GLY A 35 -12.56 16.48 -7.56
C GLY A 35 -14.05 16.59 -7.81
N GLY A 36 -14.44 17.62 -8.56
CA GLY A 36 -15.83 17.85 -8.85
C GLY A 36 -16.63 18.20 -7.62
N THR A 37 -15.93 18.71 -6.61
CA THR A 37 -16.55 19.08 -5.35
C THR A 37 -15.97 20.40 -4.86
N SER A 38 -16.41 20.83 -3.70
CA SER A 38 -15.94 22.06 -3.10
C SER A 38 -16.13 22.02 -1.60
N ASP A 39 -15.51 22.97 -0.90
CA ASP A 39 -15.63 23.06 0.55
C ASP A 39 -16.28 24.41 0.88
N PRO A 40 -17.58 24.55 0.60
CA PRO A 40 -18.30 25.80 0.80
C PRO A 40 -18.87 26.01 2.20
N TYR A 41 -18.48 27.11 2.80
CA TYR A 41 -18.96 27.50 4.11
C TYR A 41 -19.38 28.95 4.06
N VAL A 42 -20.49 29.28 4.69
CA VAL A 42 -21.01 30.64 4.66
C VAL A 42 -20.43 31.50 5.78
N LYS A 43 -19.92 32.65 5.39
CA LYS A 43 -19.38 33.61 6.34
C LYS A 43 -20.15 34.91 6.23
N VAL A 44 -20.98 35.16 7.21
CA VAL A 44 -21.83 36.35 7.24
C VAL A 44 -21.01 37.63 7.31
N PHE A 45 -21.30 38.55 6.40
CA PHE A 45 -20.64 39.82 6.36
C PHE A 45 -21.68 40.93 6.37
N LEU A 46 -21.31 42.09 6.86
CA LEU A 46 -22.24 43.21 6.95
C LEU A 46 -21.70 44.42 6.21
N LEU A 47 -22.51 45.47 6.20
CA LEU A 47 -22.16 46.73 5.58
C LEU A 47 -21.16 47.47 6.49
N PRO A 48 -20.84 48.79 6.28
CA PRO A 48 -19.90 49.55 7.14
C PRO A 48 -20.09 49.32 8.65
N ASP A 49 -21.23 48.77 9.04
CA ASP A 49 -21.52 48.45 10.45
C ASP A 49 -20.39 47.58 11.00
N LYS A 50 -20.16 46.45 10.32
CA LYS A 50 -19.12 45.48 10.68
C LYS A 50 -19.10 45.12 12.17
N LYS A 51 -20.26 45.15 12.81
CA LYS A 51 -20.33 44.82 14.23
C LYS A 51 -20.76 43.37 14.41
N LYS A 52 -20.31 42.50 13.50
CA LYS A 52 -20.64 41.10 13.56
C LYS A 52 -19.97 40.33 12.43
N LYS A 53 -19.68 39.06 12.69
CA LYS A 53 -19.06 38.18 11.71
C LYS A 53 -19.09 36.76 12.26
N PHE A 54 -19.16 35.76 11.38
CA PHE A 54 -19.21 34.38 11.85
C PHE A 54 -18.68 33.43 10.78
N GLU A 55 -17.75 32.60 11.17
CA GLU A 55 -17.17 31.61 10.29
C GLU A 55 -17.79 30.25 10.61
N THR A 56 -18.54 29.70 9.66
CA THR A 56 -19.17 28.41 9.87
C THR A 56 -18.16 27.27 9.78
N LYS A 57 -18.62 26.06 10.07
CA LYS A 57 -17.75 24.89 10.03
C LYS A 57 -17.41 24.56 8.58
N VAL A 58 -16.18 24.15 8.34
CA VAL A 58 -15.74 23.81 6.99
C VAL A 58 -16.48 22.56 6.48
N HIS A 59 -17.44 22.79 5.59
CA HIS A 59 -18.21 21.71 5.00
C HIS A 59 -17.42 21.15 3.83
N ARG A 60 -16.38 20.39 4.16
CA ARG A 60 -15.48 19.82 3.17
C ARG A 60 -16.15 18.78 2.26
N LYS A 61 -15.81 18.88 0.98
CA LYS A 61 -16.27 17.98 -0.08
C LYS A 61 -17.78 17.75 -0.06
N THR A 62 -18.54 18.73 -0.52
CA THR A 62 -19.99 18.60 -0.58
C THR A 62 -20.61 19.73 -1.40
N LEU A 63 -21.64 19.40 -2.15
CA LEU A 63 -22.34 20.38 -2.98
C LEU A 63 -23.74 20.61 -2.42
N ASN A 64 -23.99 20.01 -1.25
CA ASN A 64 -25.27 20.13 -0.56
C ASN A 64 -25.03 20.00 0.94
N PRO A 65 -24.52 21.07 1.57
CA PRO A 65 -24.21 21.08 3.00
C PRO A 65 -25.44 21.29 3.88
N VAL A 66 -25.70 20.31 4.74
CA VAL A 66 -26.82 20.37 5.67
C VAL A 66 -26.29 20.45 7.09
N PHE A 67 -26.41 21.62 7.71
CA PHE A 67 -25.91 21.81 9.06
C PHE A 67 -26.86 22.64 9.92
N ASN A 68 -27.49 23.63 9.30
CA ASN A 68 -28.42 24.51 10.00
C ASN A 68 -27.72 25.25 11.14
N GLU A 69 -26.57 25.83 10.83
CA GLU A 69 -25.79 26.58 11.80
C GLU A 69 -26.48 27.91 12.09
N GLN A 70 -26.41 28.34 13.35
CA GLN A 70 -27.07 29.57 13.76
C GLN A 70 -26.08 30.74 13.89
N PHE A 71 -26.49 31.90 13.39
CA PHE A 71 -25.70 33.10 13.48
C PHE A 71 -26.48 34.17 14.25
N THR A 72 -25.84 34.77 15.24
CA THR A 72 -26.48 35.79 16.05
C THR A 72 -26.25 37.18 15.47
N PHE A 73 -27.30 37.75 14.87
CA PHE A 73 -27.23 39.08 14.29
C PHE A 73 -27.32 40.14 15.37
N LYS A 74 -26.20 40.36 16.06
CA LYS A 74 -26.13 41.31 17.16
C LYS A 74 -26.30 42.76 16.70
N VAL A 75 -27.54 43.22 16.71
CA VAL A 75 -27.90 44.58 16.33
C VAL A 75 -29.34 44.85 16.74
N PRO A 76 -29.60 46.01 17.36
CA PRO A 76 -30.95 46.38 17.80
C PRO A 76 -31.95 46.34 16.66
N TYR A 77 -33.15 45.83 16.96
CA TYR A 77 -34.21 45.72 15.97
C TYR A 77 -34.58 47.10 15.41
N SER A 78 -34.32 48.13 16.19
CA SER A 78 -34.61 49.49 15.80
C SER A 78 -33.60 50.00 14.77
N GLU A 79 -32.47 49.32 14.67
CA GLU A 79 -31.43 49.70 13.72
C GLU A 79 -31.34 48.70 12.57
N LEU A 80 -32.32 47.81 12.48
CA LEU A 80 -32.35 46.80 11.44
C LEU A 80 -32.71 47.42 10.09
N GLY A 81 -33.34 48.59 10.11
CA GLY A 81 -33.73 49.27 8.90
C GLY A 81 -32.55 49.57 8.00
N GLY A 82 -31.47 50.06 8.60
CA GLY A 82 -30.28 50.38 7.84
C GLY A 82 -29.19 49.37 8.07
N LYS A 83 -29.56 48.10 8.18
CA LYS A 83 -28.60 47.05 8.43
C LYS A 83 -28.81 45.87 7.48
N THR A 84 -28.39 46.03 6.25
CA THR A 84 -28.50 44.98 5.25
C THR A 84 -27.37 43.97 5.41
N LEU A 85 -27.71 42.71 5.63
CA LEU A 85 -26.71 41.67 5.82
C LEU A 85 -26.47 40.89 4.54
N VAL A 86 -25.26 40.40 4.36
CA VAL A 86 -24.91 39.63 3.18
C VAL A 86 -24.38 38.25 3.59
N MET A 87 -24.80 37.23 2.86
CA MET A 87 -24.36 35.87 3.14
C MET A 87 -23.43 35.41 2.03
N ALA A 88 -22.14 35.51 2.29
CA ALA A 88 -21.13 35.12 1.32
C ALA A 88 -20.61 33.71 1.60
N VAL A 89 -20.67 32.85 0.61
CA VAL A 89 -20.20 31.49 0.77
C VAL A 89 -18.78 31.36 0.21
N TYR A 90 -17.87 30.95 1.08
CA TYR A 90 -16.47 30.79 0.72
C TYR A 90 -16.11 29.33 0.59
N ASP A 91 -15.12 29.03 -0.24
CA ASP A 91 -14.65 27.67 -0.43
C ASP A 91 -13.38 27.47 0.39
N PHE A 92 -13.07 26.23 0.72
CA PHE A 92 -11.88 25.95 1.51
C PHE A 92 -11.13 24.75 0.94
N ASP A 93 -10.82 24.81 -0.36
CA ASP A 93 -10.08 23.74 -1.04
C ASP A 93 -8.73 23.46 -0.38
N ARG A 94 -8.26 24.43 0.40
CA ARG A 94 -6.99 24.32 1.14
C ARG A 94 -5.76 24.33 0.22
N PHE A 95 -5.88 24.87 -0.97
CA PHE A 95 -4.74 24.92 -1.87
C PHE A 95 -4.74 26.19 -2.70
N SER A 96 -5.70 26.29 -3.60
CA SER A 96 -5.80 27.43 -4.49
C SER A 96 -6.38 28.63 -3.75
N LYS A 97 -6.31 29.79 -4.36
CA LYS A 97 -6.84 30.99 -3.75
C LYS A 97 -8.35 31.03 -3.95
N HIS A 98 -9.02 30.15 -3.23
CA HIS A 98 -10.48 30.02 -3.28
C HIS A 98 -11.15 31.37 -3.04
N ASP A 99 -12.06 31.72 -3.93
CA ASP A 99 -12.77 32.98 -3.84
C ASP A 99 -14.21 32.74 -3.42
N ILE A 100 -15.04 33.76 -3.55
CA ILE A 100 -16.45 33.65 -3.19
C ILE A 100 -17.22 33.09 -4.37
N ILE A 101 -17.80 31.90 -4.20
CA ILE A 101 -18.56 31.26 -5.27
C ILE A 101 -19.85 32.03 -5.54
N GLY A 102 -20.34 32.72 -4.51
CA GLY A 102 -21.57 33.49 -4.65
C GLY A 102 -22.00 34.08 -3.33
N GLU A 103 -23.02 34.92 -3.36
CA GLU A 103 -23.52 35.57 -2.16
C GLU A 103 -24.87 36.22 -2.42
N PHE A 104 -25.62 36.46 -1.36
CA PHE A 104 -26.92 37.10 -1.47
C PHE A 104 -27.11 38.04 -0.29
N LYS A 105 -27.94 39.06 -0.48
CA LYS A 105 -28.21 40.03 0.57
C LYS A 105 -29.68 40.43 0.55
N VAL A 106 -30.27 40.57 1.72
CA VAL A 106 -31.66 40.94 1.83
C VAL A 106 -31.83 42.23 2.64
N PRO A 107 -32.55 43.22 2.09
CA PRO A 107 -32.79 44.48 2.78
C PRO A 107 -33.74 44.31 3.96
N MET A 108 -33.18 44.37 5.16
CA MET A 108 -33.96 44.20 6.38
C MET A 108 -34.96 45.35 6.57
N ASN A 109 -34.79 46.41 5.79
CA ASN A 109 -35.70 47.54 5.87
C ASN A 109 -37.07 47.15 5.34
N THR A 110 -37.07 46.32 4.30
CA THR A 110 -38.31 45.86 3.69
C THR A 110 -38.89 44.67 4.45
N VAL A 111 -38.02 43.88 5.07
CA VAL A 111 -38.44 42.73 5.83
C VAL A 111 -38.81 43.12 7.25
N ASP A 112 -40.11 43.22 7.52
CA ASP A 112 -40.59 43.57 8.84
C ASP A 112 -40.54 42.34 9.73
N PHE A 113 -40.35 42.54 11.03
CA PHE A 113 -40.28 41.44 11.97
C PHE A 113 -41.67 41.02 12.45
N GLY A 114 -42.53 40.65 11.50
CA GLY A 114 -43.88 40.23 11.83
C GLY A 114 -43.90 38.97 12.67
N HIS A 115 -43.07 38.00 12.28
CA HIS A 115 -43.00 36.73 13.00
C HIS A 115 -41.71 36.01 12.64
N VAL A 116 -41.75 35.30 11.50
CA VAL A 116 -40.59 34.54 11.03
C VAL A 116 -40.49 34.65 9.52
N THR A 117 -39.27 34.81 9.03
CA THR A 117 -39.03 34.91 7.61
C THR A 117 -38.39 33.64 7.09
N GLU A 118 -39.22 32.63 6.82
CA GLU A 118 -38.74 31.36 6.31
C GLU A 118 -39.09 31.23 4.83
N GLU A 119 -38.07 31.15 3.99
CA GLU A 119 -38.29 31.05 2.56
C GLU A 119 -37.10 30.36 1.88
N TRP A 120 -37.26 30.06 0.59
CA TRP A 120 -36.22 29.41 -0.17
C TRP A 120 -35.52 30.45 -1.05
N ARG A 121 -34.52 31.11 -0.48
CA ARG A 121 -33.80 32.16 -1.19
C ARG A 121 -32.92 31.59 -2.28
N ASP A 122 -32.91 32.28 -3.42
CA ASP A 122 -32.10 31.90 -4.56
C ASP A 122 -30.66 32.35 -4.33
N LEU A 123 -29.72 31.64 -4.93
CA LEU A 123 -28.32 31.98 -4.79
C LEU A 123 -27.73 32.41 -6.13
N GLN A 124 -26.93 33.46 -6.10
CA GLN A 124 -26.30 33.98 -7.31
C GLN A 124 -24.81 34.24 -7.06
N SER A 125 -24.03 34.14 -8.13
CA SER A 125 -22.59 34.35 -8.05
C SER A 125 -22.26 35.84 -8.14
N ALA A 126 -21.23 36.26 -7.42
CA ALA A 126 -20.80 37.64 -7.42
C ALA A 126 -19.34 37.74 -7.00
N GLU A 127 -18.47 37.95 -7.97
CA GLU A 127 -17.04 38.06 -7.68
C GLU A 127 -16.74 39.36 -6.98
N LYS A 128 -16.02 39.28 -5.87
CA LYS A 128 -15.65 40.45 -5.11
C LYS A 128 -14.13 40.64 -5.15
N MET B 1 32.88 -0.01 -15.75
CA MET B 1 34.09 0.49 -15.05
C MET B 1 33.74 0.87 -13.62
N ALA B 2 32.82 1.81 -13.47
CA ALA B 2 32.39 2.26 -12.15
C ALA B 2 30.95 2.75 -12.22
N ALA B 3 30.30 2.86 -11.07
CA ALA B 3 28.92 3.32 -10.98
C ALA B 3 27.99 2.43 -11.80
N GLU B 4 28.16 1.13 -11.64
CA GLU B 4 27.35 0.16 -12.34
C GLU B 4 25.91 0.21 -11.86
N PRO B 5 24.95 0.24 -12.78
CA PRO B 5 23.53 0.30 -12.45
C PRO B 5 23.01 -1.01 -11.86
N LEU B 6 22.08 -0.90 -10.95
CA LEU B 6 21.47 -2.06 -10.32
C LEU B 6 20.22 -2.48 -11.11
N THR B 7 19.33 -3.22 -10.47
CA THR B 7 18.11 -3.66 -11.13
C THR B 7 17.13 -2.50 -11.27
N GLU B 8 16.19 -2.63 -12.22
CA GLU B 8 15.18 -1.60 -12.50
C GLU B 8 14.59 -0.96 -11.24
N LEU B 9 13.92 -1.77 -10.41
CA LEU B 9 13.30 -1.26 -9.20
C LEU B 9 14.34 -0.78 -8.19
N GLU B 10 15.48 -1.46 -8.13
CA GLU B 10 16.54 -1.09 -7.19
C GLU B 10 17.03 0.33 -7.46
N GLU B 11 17.23 0.65 -8.74
CA GLU B 11 17.67 1.98 -9.14
C GLU B 11 16.59 3.01 -8.83
N SER B 12 15.35 2.64 -9.10
CA SER B 12 14.21 3.51 -8.88
C SER B 12 14.03 3.86 -7.39
N ILE B 13 13.93 2.84 -6.54
CA ILE B 13 13.74 3.07 -5.11
C ILE B 13 14.92 3.82 -4.50
N GLU B 14 16.12 3.57 -5.02
CA GLU B 14 17.33 4.23 -4.54
C GLU B 14 17.19 5.74 -4.72
N THR B 15 16.68 6.14 -5.88
CA THR B 15 16.51 7.54 -6.20
C THR B 15 15.50 8.20 -5.25
N VAL B 16 14.44 7.46 -4.91
CA VAL B 16 13.41 7.95 -4.00
C VAL B 16 14.01 8.15 -2.61
N VAL B 17 14.90 7.23 -2.23
CA VAL B 17 15.56 7.29 -0.93
C VAL B 17 16.41 8.56 -0.84
N THR B 18 17.02 8.95 -1.94
CA THR B 18 17.84 10.15 -1.99
C THR B 18 17.01 11.38 -1.61
N THR B 19 15.83 11.48 -2.19
CA THR B 19 14.94 12.60 -1.91
C THR B 19 14.46 12.56 -0.47
N PHE B 20 14.15 11.35 -0.01
CA PHE B 20 13.69 11.14 1.36
C PHE B 20 14.78 11.53 2.36
N PHE B 21 15.99 11.07 2.09
CA PHE B 21 17.13 11.34 2.96
C PHE B 21 17.54 12.82 2.92
N THR B 22 17.39 13.44 1.76
CA THR B 22 17.76 14.85 1.61
C THR B 22 16.74 15.76 2.30
N PHE B 23 15.59 15.21 2.66
CA PHE B 23 14.56 15.97 3.34
C PHE B 23 14.54 15.66 4.83
N ALA B 24 14.66 14.38 5.17
CA ALA B 24 14.67 13.94 6.56
C ALA B 24 16.05 14.18 7.17
N ARG B 25 16.40 15.45 7.30
CA ARG B 25 17.68 15.85 7.87
C ARG B 25 17.71 17.35 8.13
N GLN B 26 16.54 17.96 8.10
CA GLN B 26 16.42 19.40 8.30
C GLN B 26 16.16 19.69 9.77
N GLU B 27 15.12 19.08 10.31
CA GLU B 27 14.75 19.28 11.71
C GLU B 27 15.61 18.43 12.63
N GLY B 28 15.57 17.12 12.41
CA GLY B 28 16.36 16.22 13.24
C GLY B 28 16.02 14.77 13.01
N ARG B 29 16.95 13.88 13.38
CA ARG B 29 16.78 12.44 13.22
C ARG B 29 16.63 12.05 11.75
N LYS B 30 17.77 11.85 11.09
CA LYS B 30 17.77 11.47 9.67
C LYS B 30 17.19 10.07 9.49
N ASP B 31 15.86 10.01 9.48
CA ASP B 31 15.12 8.76 9.34
C ASP B 31 13.62 9.03 9.44
N SER B 32 13.29 10.09 10.18
CA SER B 32 11.90 10.47 10.38
C SER B 32 11.64 11.87 9.84
N LEU B 33 10.45 12.07 9.29
CA LEU B 33 10.06 13.36 8.75
C LEU B 33 9.22 14.13 9.76
N SER B 34 9.75 15.22 10.26
CA SER B 34 9.03 16.04 11.22
C SER B 34 7.90 16.79 10.51
N VAL B 35 7.01 17.40 11.29
CA VAL B 35 5.87 18.13 10.74
C VAL B 35 6.29 19.13 9.66
N ASN B 36 7.35 19.87 9.93
CA ASN B 36 7.84 20.87 8.99
C ASN B 36 8.36 20.22 7.72
N GLU B 37 9.24 19.22 7.87
CA GLU B 37 9.84 18.52 6.74
C GLU B 37 8.77 17.81 5.90
N PHE B 38 7.73 17.32 6.56
CA PHE B 38 6.63 16.64 5.90
C PHE B 38 5.95 17.57 4.89
N LYS B 39 5.76 18.81 5.30
CA LYS B 39 5.13 19.81 4.44
C LYS B 39 6.07 20.24 3.33
N GLU B 40 7.37 20.33 3.66
CA GLU B 40 8.38 20.75 2.69
C GLU B 40 8.45 19.80 1.50
N LEU B 41 8.00 18.57 1.70
CA LEU B 41 8.02 17.57 0.63
C LEU B 41 6.96 17.88 -0.44
N VAL B 42 5.69 17.87 -0.03
CA VAL B 42 4.60 18.13 -0.95
C VAL B 42 4.54 19.58 -1.40
N THR B 43 4.68 20.51 -0.46
CA THR B 43 4.65 21.94 -0.78
C THR B 43 5.98 22.41 -1.36
N GLN B 44 6.47 21.68 -2.36
CA GLN B 44 7.73 22.00 -3.02
C GLN B 44 7.95 21.12 -4.24
N GLN B 45 7.96 19.80 -4.03
CA GLN B 45 8.22 18.88 -5.13
C GLN B 45 6.97 18.13 -5.57
N LEU B 46 5.82 18.43 -4.98
CA LEU B 46 4.59 17.74 -5.37
C LEU B 46 3.35 18.62 -5.22
N PRO B 47 3.32 19.80 -5.85
CA PRO B 47 2.17 20.68 -5.80
C PRO B 47 1.26 20.47 -7.00
N HIS B 48 1.33 19.27 -7.57
CA HIS B 48 0.55 18.92 -8.75
C HIS B 48 -0.33 17.70 -8.47
N LEU B 49 0.29 16.59 -8.11
CA LEU B 49 -0.42 15.35 -7.81
C LEU B 49 -1.39 15.54 -6.65
N LEU B 50 -0.90 16.14 -5.57
CA LEU B 50 -1.72 16.40 -4.39
C LEU B 50 -1.81 17.89 -4.17
N LYS B 51 -2.99 18.45 -4.38
CA LYS B 51 -3.16 19.87 -4.20
C LYS B 51 -3.74 20.21 -2.83
N ASP B 52 -2.85 20.46 -1.88
CA ASP B 52 -3.23 20.82 -0.52
C ASP B 52 -2.05 21.40 0.21
N VAL B 53 -2.15 22.68 0.56
CA VAL B 53 -1.08 23.35 1.28
C VAL B 53 -1.63 24.00 2.54
N GLY B 54 -2.86 23.66 2.87
CA GLY B 54 -3.50 24.23 4.04
C GLY B 54 -3.77 23.22 5.12
N SER B 55 -4.13 21.99 4.73
CA SER B 55 -4.43 20.96 5.70
C SER B 55 -3.45 19.79 5.60
N LEU B 56 -2.30 19.95 6.23
CA LEU B 56 -1.27 18.92 6.22
C LEU B 56 -1.45 18.00 7.42
N ASP B 57 -1.86 18.58 8.55
CA ASP B 57 -2.08 17.82 9.78
C ASP B 57 -3.16 16.76 9.58
N GLU B 58 -4.14 17.09 8.75
CA GLU B 58 -5.24 16.18 8.44
C GLU B 58 -4.70 14.86 7.88
N LYS B 59 -3.73 14.96 6.99
CA LYS B 59 -3.13 13.80 6.38
C LYS B 59 -2.09 13.18 7.31
N MET B 60 -1.38 14.05 8.02
CA MET B 60 -0.35 13.61 8.97
C MET B 60 -0.93 12.66 10.01
N LYS B 61 -2.01 13.08 10.66
CA LYS B 61 -2.67 12.29 11.68
C LYS B 61 -3.22 10.98 11.11
N SER B 62 -3.47 10.98 9.82
CA SER B 62 -4.01 9.80 9.15
C SER B 62 -2.89 8.82 8.77
N LEU B 63 -1.74 9.35 8.40
CA LEU B 63 -0.61 8.52 8.02
C LEU B 63 0.12 8.01 9.25
N ASP B 64 0.25 8.88 10.25
CA ASP B 64 0.92 8.53 11.49
C ASP B 64 -0.02 7.76 12.39
N VAL B 65 0.30 6.50 12.65
CA VAL B 65 -0.51 5.65 13.51
C VAL B 65 0.08 5.56 14.90
N ASN B 66 1.11 6.34 15.15
CA ASN B 66 1.76 6.37 16.45
C ASN B 66 1.55 7.74 17.09
N GLN B 67 1.31 8.74 16.23
CA GLN B 67 1.06 10.11 16.63
C GLN B 67 2.19 10.67 17.48
N ASP B 68 3.32 10.94 16.84
CA ASP B 68 4.48 11.51 17.54
C ASP B 68 5.02 12.71 16.77
N SER B 69 4.36 13.03 15.66
CA SER B 69 4.72 14.18 14.82
C SER B 69 6.00 13.91 14.02
N GLU B 70 6.41 12.65 13.97
CA GLU B 70 7.61 12.27 13.23
C GLU B 70 7.29 11.08 12.34
N LEU B 71 7.06 11.36 11.07
CA LEU B 71 6.74 10.31 10.11
C LEU B 71 7.98 9.49 9.80
N LYS B 72 8.06 8.30 10.39
CA LYS B 72 9.20 7.41 10.17
C LYS B 72 9.13 6.84 8.76
N PHE B 73 10.16 6.11 8.36
CA PHE B 73 10.24 5.52 7.03
C PHE B 73 8.95 4.76 6.68
N ASN B 74 8.37 4.10 7.68
CA ASN B 74 7.15 3.32 7.50
C ASN B 74 5.95 4.23 7.21
N GLU B 75 5.73 5.22 8.06
CA GLU B 75 4.62 6.16 7.88
C GLU B 75 4.81 7.02 6.64
N TYR B 76 6.06 7.36 6.35
CA TYR B 76 6.39 8.18 5.19
C TYR B 76 6.02 7.46 3.90
N TRP B 77 6.24 6.14 3.87
CA TRP B 77 5.93 5.34 2.70
C TRP B 77 4.42 5.38 2.42
N ARG B 78 3.63 5.53 3.47
CA ARG B 78 2.17 5.59 3.34
C ARG B 78 1.77 6.79 2.49
N LEU B 79 2.55 7.86 2.57
CA LEU B 79 2.27 9.06 1.79
C LEU B 79 2.43 8.77 0.32
N ILE B 80 3.56 8.15 -0.03
CA ILE B 80 3.85 7.78 -1.42
C ILE B 80 2.79 6.80 -1.93
N GLY B 81 2.33 5.95 -1.02
CA GLY B 81 1.32 4.98 -1.38
C GLY B 81 0.04 5.65 -1.83
N GLU B 82 -0.37 6.68 -1.11
CA GLU B 82 -1.57 7.41 -1.45
C GLU B 82 -1.35 8.25 -2.70
N LEU B 83 -0.10 8.67 -2.89
CA LEU B 83 0.27 9.47 -4.06
C LEU B 83 0.05 8.66 -5.33
N ALA B 84 0.54 7.43 -5.33
CA ALA B 84 0.39 6.55 -6.48
C ALA B 84 -1.09 6.24 -6.71
N LYS B 85 -1.85 6.26 -5.63
CA LYS B 85 -3.28 5.99 -5.71
C LYS B 85 -4.00 7.23 -6.25
N GLU B 86 -3.51 8.40 -5.88
CA GLU B 86 -4.11 9.66 -6.31
C GLU B 86 -3.88 9.93 -7.79
N ILE B 87 -2.98 9.19 -8.43
CA ILE B 87 -2.72 9.37 -9.84
C ILE B 87 -3.55 8.41 -10.70
N ARG B 88 -3.99 7.31 -10.10
CA ARG B 88 -4.79 6.32 -10.81
C ARG B 88 -6.26 6.40 -10.40
N LYS B 89 -6.50 6.89 -9.20
CA LYS B 89 -7.85 7.01 -8.69
C LYS B 89 -8.28 8.48 -8.58
N LYS B 90 -7.41 9.29 -7.96
CA LYS B 90 -7.69 10.71 -7.75
C LYS B 90 -9.03 10.86 -7.01
N LYS B 91 -10.03 11.38 -7.68
CA LYS B 91 -11.34 11.55 -7.08
C LYS B 91 -12.39 10.90 -7.98
N ASP B 92 -12.40 9.56 -8.00
CA ASP B 92 -13.34 8.80 -8.81
C ASP B 92 -14.76 8.93 -8.27
N LEU B 93 -15.32 10.10 -8.47
CA LEU B 93 -16.68 10.40 -8.06
C LEU B 93 -17.27 11.39 -9.05
N LYS B 94 -16.44 12.34 -9.45
CA LYS B 94 -16.84 13.35 -10.41
C LYS B 94 -15.83 13.40 -11.54
N ILE B 95 -14.64 13.94 -11.26
CA ILE B 95 -13.59 14.04 -12.27
C ILE B 95 -12.39 13.20 -11.87
N ARG B 96 -11.76 12.56 -12.85
CA ARG B 96 -10.60 11.72 -12.59
C ARG B 96 -9.33 12.41 -13.06
N LYS B 97 -9.38 12.98 -14.27
CA LYS B 97 -8.25 13.68 -14.85
C LYS B 97 -7.02 12.77 -14.96
N LYS B 98 -5.85 13.38 -15.12
CA LYS B 98 -4.61 12.62 -15.22
C LYS B 98 -3.59 13.11 -14.20
N MET C 1 -5.23 7.17 -19.59
CA MET C 1 -4.28 6.07 -19.76
C MET C 1 -2.88 6.62 -19.94
N ALA C 2 -2.79 7.72 -20.68
CA ALA C 2 -1.53 8.37 -20.96
C ALA C 2 -1.35 9.54 -19.99
N ALA C 3 -0.17 9.64 -19.40
CA ALA C 3 0.11 10.71 -18.47
C ALA C 3 0.93 11.82 -19.11
N GLU C 4 0.72 13.04 -18.64
CA GLU C 4 1.43 14.20 -19.14
C GLU C 4 2.77 14.35 -18.41
N PRO C 5 3.64 15.32 -18.82
CA PRO C 5 4.92 15.55 -18.15
C PRO C 5 4.73 15.70 -16.64
N LEU C 6 5.46 14.90 -15.87
CA LEU C 6 5.35 14.91 -14.42
C LEU C 6 6.65 15.39 -13.77
N THR C 7 6.65 15.51 -12.46
CA THR C 7 7.83 15.95 -11.74
C THR C 7 8.65 14.76 -11.24
N GLU C 8 9.71 15.06 -10.50
CA GLU C 8 10.63 14.07 -9.95
C GLU C 8 9.92 12.89 -9.30
N LEU C 9 9.22 13.15 -8.21
CA LEU C 9 8.50 12.10 -7.48
C LEU C 9 7.44 11.43 -8.34
N GLU C 10 6.72 12.22 -9.11
CA GLU C 10 5.68 11.68 -9.98
C GLU C 10 6.26 10.75 -11.03
N GLU C 11 7.44 11.09 -11.55
CA GLU C 11 8.11 10.26 -12.54
C GLU C 11 8.60 8.97 -11.90
N SER C 12 8.87 9.04 -10.60
CA SER C 12 9.35 7.88 -9.85
C SER C 12 8.24 6.82 -9.74
N ILE C 13 7.02 7.26 -9.50
CA ILE C 13 5.90 6.34 -9.38
C ILE C 13 5.38 5.97 -10.76
N GLU C 14 5.79 6.73 -11.77
CA GLU C 14 5.39 6.51 -13.14
C GLU C 14 6.24 5.41 -13.78
N THR C 15 7.51 5.35 -13.38
CA THR C 15 8.44 4.37 -13.91
C THR C 15 8.01 2.94 -13.59
N VAL C 16 7.35 2.74 -12.45
CA VAL C 16 6.89 1.41 -12.07
C VAL C 16 5.63 1.04 -12.83
N VAL C 17 4.94 2.06 -13.34
CA VAL C 17 3.73 1.85 -14.12
C VAL C 17 4.10 1.19 -15.44
N THR C 18 5.25 1.58 -15.96
CA THR C 18 5.76 1.02 -17.20
C THR C 18 6.01 -0.48 -17.04
N THR C 19 6.59 -0.87 -15.90
CA THR C 19 6.86 -2.27 -15.62
C THR C 19 5.56 -3.08 -15.66
N PHE C 20 4.48 -2.46 -15.19
CA PHE C 20 3.17 -3.10 -15.17
C PHE C 20 2.66 -3.32 -16.60
N PHE C 21 2.66 -2.25 -17.39
CA PHE C 21 2.17 -2.31 -18.77
C PHE C 21 3.05 -3.18 -19.67
N THR C 22 4.31 -3.34 -19.32
CA THR C 22 5.20 -4.14 -20.14
C THR C 22 5.20 -5.61 -19.71
N PHE C 23 4.49 -5.91 -18.62
CA PHE C 23 4.42 -7.27 -18.14
C PHE C 23 3.03 -7.85 -18.34
N ALA C 24 2.01 -7.03 -18.09
CA ALA C 24 0.63 -7.45 -18.24
C ALA C 24 0.19 -7.38 -19.70
N ARG C 25 1.00 -7.93 -20.58
CA ARG C 25 0.71 -7.92 -22.01
C ARG C 25 1.07 -9.25 -22.64
N GLN C 26 1.03 -10.31 -21.84
CA GLN C 26 1.34 -11.64 -22.33
C GLN C 26 0.07 -12.47 -22.44
N GLU C 27 -0.73 -12.44 -21.37
CA GLU C 27 -1.97 -13.19 -21.35
C GLU C 27 -3.11 -12.41 -22.00
N GLY C 28 -3.68 -11.46 -21.25
CA GLY C 28 -4.76 -10.68 -21.81
C GLY C 28 -5.20 -9.56 -20.88
N ARG C 29 -5.60 -8.45 -21.48
CA ARG C 29 -6.06 -7.26 -20.75
C ARG C 29 -4.94 -6.64 -19.93
N LYS C 30 -4.30 -5.63 -20.50
CA LYS C 30 -3.19 -4.93 -19.82
C LYS C 30 -3.69 -3.96 -18.76
N ASP C 31 -4.93 -4.16 -18.31
CA ASP C 31 -5.52 -3.30 -17.29
C ASP C 31 -5.34 -3.94 -15.92
N SER C 32 -4.88 -5.20 -15.92
CA SER C 32 -4.65 -5.94 -14.71
C SER C 32 -3.51 -6.94 -14.91
N LEU C 33 -3.00 -7.48 -13.81
CA LEU C 33 -1.90 -8.44 -13.88
C LEU C 33 -2.45 -9.87 -13.87
N SER C 34 -2.06 -10.65 -14.87
CA SER C 34 -2.52 -12.03 -14.97
C SER C 34 -1.70 -12.96 -14.07
N VAL C 35 -2.05 -14.24 -14.05
CA VAL C 35 -1.35 -15.22 -13.20
C VAL C 35 0.04 -15.57 -13.73
N ASN C 36 0.16 -15.82 -15.03
CA ASN C 36 1.44 -16.19 -15.62
C ASN C 36 2.40 -15.00 -15.54
N GLU C 37 1.90 -13.84 -15.91
CA GLU C 37 2.69 -12.61 -15.91
C GLU C 37 3.18 -12.27 -14.51
N PHE C 38 2.40 -12.65 -13.50
CA PHE C 38 2.76 -12.38 -12.12
C PHE C 38 3.99 -13.20 -11.71
N LYS C 39 3.96 -14.50 -11.98
CA LYS C 39 5.07 -15.36 -11.64
C LYS C 39 6.26 -15.07 -12.56
N GLU C 40 5.96 -14.60 -13.77
CA GLU C 40 6.98 -14.26 -14.74
C GLU C 40 7.69 -12.96 -14.33
N LEU C 41 7.01 -12.18 -13.49
CA LEU C 41 7.54 -10.90 -13.02
C LEU C 41 8.48 -11.10 -11.84
N VAL C 42 7.99 -11.77 -10.80
CA VAL C 42 8.79 -11.99 -9.60
C VAL C 42 10.02 -12.85 -9.86
N THR C 43 9.86 -13.89 -10.67
CA THR C 43 10.96 -14.79 -11.00
C THR C 43 11.74 -14.30 -12.21
N GLN C 44 11.99 -12.99 -12.27
CA GLN C 44 12.73 -12.39 -13.37
C GLN C 44 13.14 -10.96 -13.07
N GLN C 45 12.16 -10.11 -12.79
CA GLN C 45 12.43 -8.70 -12.53
C GLN C 45 12.94 -8.45 -11.11
N LEU C 46 12.33 -9.06 -10.11
CA LEU C 46 12.76 -8.83 -8.72
C LEU C 46 12.95 -10.11 -7.91
N PRO C 47 13.80 -11.05 -8.34
CA PRO C 47 14.06 -12.28 -7.59
C PRO C 47 15.09 -12.04 -6.49
N HIS C 48 15.69 -10.86 -6.54
CA HIS C 48 16.69 -10.46 -5.57
C HIS C 48 16.02 -9.81 -4.37
N LEU C 49 14.93 -9.10 -4.63
CA LEU C 49 14.18 -8.43 -3.58
C LEU C 49 13.13 -9.37 -3.04
N LEU C 50 12.32 -9.93 -3.93
CA LEU C 50 11.30 -10.87 -3.54
C LEU C 50 11.86 -12.28 -3.61
N LYS C 51 12.14 -12.86 -2.45
CA LYS C 51 12.69 -14.20 -2.40
C LYS C 51 11.59 -15.25 -2.43
N ASP C 52 10.37 -14.82 -2.13
CA ASP C 52 9.22 -15.71 -2.13
C ASP C 52 8.65 -15.84 -3.54
N VAL C 53 9.47 -16.36 -4.44
CA VAL C 53 9.07 -16.54 -5.83
C VAL C 53 8.44 -17.91 -6.03
N GLY C 54 8.69 -18.80 -5.07
CA GLY C 54 8.14 -20.13 -5.15
C GLY C 54 6.67 -20.18 -4.76
N SER C 55 6.35 -19.60 -3.62
CA SER C 55 4.98 -19.58 -3.13
C SER C 55 4.26 -18.30 -3.55
N LEU C 56 4.57 -17.83 -4.77
CA LEU C 56 3.97 -16.63 -5.31
C LEU C 56 2.44 -16.78 -5.37
N ASP C 57 2.00 -17.99 -5.70
CA ASP C 57 0.58 -18.33 -5.80
C ASP C 57 -0.16 -17.95 -4.53
N GLU C 58 0.50 -18.17 -3.38
CA GLU C 58 -0.10 -17.86 -2.10
C GLU C 58 -0.22 -16.35 -1.93
N LYS C 59 0.82 -15.62 -2.36
CA LYS C 59 0.83 -14.18 -2.26
C LYS C 59 -0.27 -13.58 -3.13
N MET C 60 -0.50 -14.22 -4.28
CA MET C 60 -1.54 -13.78 -5.21
C MET C 60 -2.90 -13.78 -4.51
N LYS C 61 -3.14 -14.83 -3.73
CA LYS C 61 -4.40 -14.98 -3.00
C LYS C 61 -4.52 -13.92 -1.91
N SER C 62 -3.39 -13.38 -1.48
CA SER C 62 -3.39 -12.36 -0.44
C SER C 62 -3.60 -10.96 -1.05
N LEU C 63 -3.20 -10.82 -2.31
CA LEU C 63 -3.34 -9.55 -3.01
C LEU C 63 -4.70 -9.46 -3.67
N ASP C 64 -5.15 -10.58 -4.23
CA ASP C 64 -6.45 -10.65 -4.90
C ASP C 64 -7.55 -10.79 -3.85
N VAL C 65 -7.93 -9.67 -3.26
CA VAL C 65 -8.95 -9.65 -2.21
C VAL C 65 -10.33 -10.03 -2.77
N ASN C 66 -10.54 -9.82 -4.06
CA ASN C 66 -11.81 -10.17 -4.68
C ASN C 66 -11.77 -11.63 -5.13
N GLN C 67 -10.56 -12.15 -5.29
CA GLN C 67 -10.31 -13.53 -5.68
C GLN C 67 -11.02 -13.91 -6.98
N ASP C 68 -10.77 -13.12 -8.02
CA ASP C 68 -11.38 -13.39 -9.33
C ASP C 68 -10.32 -13.90 -10.29
N SER C 69 -9.09 -14.02 -9.77
CA SER C 69 -7.93 -14.50 -10.54
C SER C 69 -7.43 -13.44 -11.50
N GLU C 70 -7.49 -12.18 -11.06
CA GLU C 70 -7.02 -11.06 -11.86
C GLU C 70 -6.64 -9.91 -10.94
N LEU C 71 -5.34 -9.65 -10.84
CA LEU C 71 -4.85 -8.58 -9.99
C LEU C 71 -5.06 -7.23 -10.66
N LYS C 72 -6.16 -6.57 -10.29
CA LYS C 72 -6.52 -5.28 -10.85
C LYS C 72 -5.46 -4.22 -10.55
N PHE C 73 -5.64 -3.03 -11.14
CA PHE C 73 -4.72 -1.92 -10.96
C PHE C 73 -4.88 -1.30 -9.57
N ASN C 74 -4.71 -2.14 -8.56
CA ASN C 74 -4.82 -1.76 -7.16
C ASN C 74 -4.35 -2.94 -6.33
N GLU C 75 -4.87 -4.11 -6.68
CA GLU C 75 -4.53 -5.36 -6.01
C GLU C 75 -3.08 -5.72 -6.29
N TYR C 76 -2.64 -5.44 -7.51
CA TYR C 76 -1.27 -5.72 -7.92
C TYR C 76 -0.30 -4.78 -7.21
N TRP C 77 -0.73 -3.54 -7.03
CA TRP C 77 0.10 -2.52 -6.40
C TRP C 77 0.44 -2.90 -4.96
N ARG C 78 -0.43 -3.67 -4.32
CA ARG C 78 -0.23 -4.10 -2.94
C ARG C 78 1.13 -4.79 -2.77
N LEU C 79 1.56 -5.54 -3.78
CA LEU C 79 2.84 -6.24 -3.72
C LEU C 79 4.00 -5.24 -3.76
N ILE C 80 3.82 -4.15 -4.50
CA ILE C 80 4.85 -3.12 -4.60
C ILE C 80 5.11 -2.48 -3.25
N GLY C 81 4.05 -2.32 -2.46
CA GLY C 81 4.19 -1.73 -1.15
C GLY C 81 4.85 -2.68 -0.17
N GLU C 82 4.69 -3.98 -0.41
CA GLU C 82 5.26 -4.99 0.45
C GLU C 82 6.75 -5.18 0.18
N LEU C 83 7.14 -5.26 -1.09
CA LEU C 83 8.55 -5.44 -1.44
C LEU C 83 9.38 -4.25 -1.01
N ALA C 84 8.75 -3.08 -0.91
CA ALA C 84 9.44 -1.87 -0.49
C ALA C 84 9.73 -1.89 1.00
N LYS C 85 8.93 -2.62 1.75
CA LYS C 85 9.12 -2.69 3.20
C LYS C 85 9.94 -3.92 3.59
N GLU C 86 10.00 -4.90 2.69
CA GLU C 86 10.75 -6.14 2.94
C GLU C 86 12.24 -5.85 3.16
N ILE C 87 12.70 -4.73 2.61
CA ILE C 87 14.09 -4.32 2.75
C ILE C 87 14.44 -4.03 4.22
N ARG C 88 13.40 -3.90 5.04
CA ARG C 88 13.58 -3.65 6.47
C ARG C 88 12.81 -4.69 7.27
N LYS C 89 11.62 -5.04 6.79
CA LYS C 89 10.78 -6.03 7.43
C LYS C 89 10.92 -7.36 6.70
N LYS C 90 11.98 -8.08 7.02
CA LYS C 90 12.25 -9.36 6.37
C LYS C 90 11.25 -10.44 6.81
N LYS C 91 10.88 -10.44 8.07
CA LYS C 91 9.95 -11.43 8.58
C LYS C 91 9.04 -10.86 9.66
N ASP C 92 9.13 -9.56 9.86
CA ASP C 92 8.33 -8.89 10.88
C ASP C 92 6.93 -8.58 10.36
N LEU C 93 6.27 -9.59 9.80
CA LEU C 93 4.93 -9.41 9.27
C LEU C 93 4.10 -10.69 9.44
N LYS C 94 3.55 -11.20 8.32
CA LYS C 94 2.71 -12.40 8.30
C LYS C 94 1.33 -12.10 8.88
N ILE C 95 1.30 -11.73 10.17
CA ILE C 95 0.07 -11.38 10.93
C ILE C 95 -1.08 -12.38 10.72
N ARG C 96 -2.27 -12.01 11.19
CA ARG C 96 -3.46 -12.85 11.07
C ARG C 96 -4.69 -12.10 11.54
N LYS C 97 -5.35 -11.40 10.63
CA LYS C 97 -6.54 -10.63 10.96
C LYS C 97 -7.57 -10.71 9.84
N LYS C 98 -8.82 -10.91 10.21
CA LYS C 98 -9.91 -11.01 9.24
C LYS C 98 -10.39 -9.61 8.87
N GLU D 1 18.19 -27.55 -13.54
CA GLU D 1 18.16 -27.99 -12.12
C GLU D 1 19.34 -27.39 -11.35
N LYS D 2 19.04 -26.73 -10.25
CA LYS D 2 20.07 -26.10 -9.42
C LYS D 2 19.59 -26.02 -7.97
N LEU D 3 19.83 -27.07 -7.21
CA LEU D 3 19.43 -27.10 -5.81
C LEU D 3 20.65 -26.89 -4.91
N GLY D 4 21.84 -27.00 -5.50
CA GLY D 4 23.05 -26.81 -4.73
C GLY D 4 23.93 -28.05 -4.71
N LYS D 5 24.57 -28.29 -3.57
CA LYS D 5 25.43 -29.46 -3.42
C LYS D 5 25.27 -30.03 -2.01
N LEU D 6 25.48 -31.34 -1.88
CA LEU D 6 25.36 -31.99 -0.59
C LEU D 6 26.49 -33.00 -0.38
N GLN D 7 27.06 -32.98 0.80
CA GLN D 7 28.13 -33.91 1.15
C GLN D 7 27.56 -35.04 1.99
N TYR D 8 27.91 -36.28 1.67
CA TYR D 8 27.40 -37.42 2.41
C TYR D 8 28.36 -38.60 2.40
N SER D 9 28.21 -39.45 3.40
CA SER D 9 29.03 -40.64 3.55
C SER D 9 28.13 -41.84 3.84
N LEU D 10 27.97 -42.72 2.87
CA LEU D 10 27.10 -43.87 3.03
C LEU D 10 27.89 -45.17 3.13
N ASP D 11 27.62 -45.95 4.17
CA ASP D 11 28.28 -47.24 4.34
C ASP D 11 27.22 -48.33 4.42
N TYR D 12 27.63 -49.56 4.71
CA TYR D 12 26.68 -50.67 4.76
C TYR D 12 26.86 -51.51 6.03
N ASP D 13 25.79 -52.14 6.46
CA ASP D 13 25.80 -53.00 7.62
C ASP D 13 25.48 -54.42 7.21
N PHE D 14 26.01 -55.39 7.94
CA PHE D 14 25.80 -56.79 7.62
C PHE D 14 25.26 -57.57 8.82
N GLN D 15 24.99 -56.87 9.91
CA GLN D 15 24.49 -57.53 11.11
C GLN D 15 22.97 -57.49 11.17
N ASN D 16 22.39 -56.41 10.64
CA ASN D 16 20.93 -56.26 10.64
C ASN D 16 20.42 -55.92 9.24
N ASN D 17 21.31 -55.97 8.25
CA ASN D 17 20.98 -55.70 6.85
C ASN D 17 20.39 -54.30 6.66
N GLN D 18 21.26 -53.31 6.57
CA GLN D 18 20.82 -51.94 6.36
C GLN D 18 21.95 -51.08 5.82
N LEU D 19 21.60 -49.99 5.17
CA LEU D 19 22.58 -49.06 4.65
C LEU D 19 22.58 -47.81 5.50
N LEU D 20 23.75 -47.43 5.98
CA LEU D 20 23.87 -46.25 6.82
C LEU D 20 23.92 -45.00 5.96
N VAL D 21 22.77 -44.37 5.80
CA VAL D 21 22.66 -43.15 5.02
C VAL D 21 22.91 -41.94 5.91
N GLY D 22 24.17 -41.57 6.02
CA GLY D 22 24.54 -40.43 6.84
C GLY D 22 25.00 -39.25 6.03
N ILE D 23 24.16 -38.22 5.94
CA ILE D 23 24.51 -37.03 5.20
C ILE D 23 25.23 -36.05 6.12
N ILE D 24 26.12 -35.26 5.57
CA ILE D 24 26.88 -34.30 6.36
C ILE D 24 26.17 -32.96 6.40
N GLN D 25 25.99 -32.36 5.24
CA GLN D 25 25.34 -31.06 5.15
C GLN D 25 24.98 -30.72 3.71
N ALA D 26 24.18 -29.68 3.54
CA ALA D 26 23.76 -29.21 2.23
C ALA D 26 24.07 -27.73 2.08
N ALA D 27 24.39 -27.31 0.88
CA ALA D 27 24.73 -25.91 0.64
C ALA D 27 24.10 -25.39 -0.66
N GLU D 28 24.00 -24.07 -0.74
CA GLU D 28 23.45 -23.38 -1.92
C GLU D 28 21.98 -23.69 -2.13
N LEU D 29 21.26 -23.96 -1.05
CA LEU D 29 19.85 -24.28 -1.12
C LEU D 29 19.04 -23.04 -1.55
N PRO D 30 18.11 -23.21 -2.51
CA PRO D 30 17.27 -22.10 -3.01
C PRO D 30 16.39 -21.48 -1.93
N ALA D 31 15.95 -20.25 -2.18
CA ALA D 31 15.10 -19.52 -1.26
C ALA D 31 13.63 -19.82 -1.50
N LEU D 32 12.92 -20.14 -0.43
CA LEU D 32 11.49 -20.44 -0.51
C LEU D 32 10.71 -19.37 0.25
N ASP D 33 10.91 -19.33 1.56
CA ASP D 33 10.25 -18.35 2.42
C ASP D 33 10.92 -16.99 2.22
N MET D 34 10.12 -15.93 2.32
CA MET D 34 10.60 -14.56 2.15
C MET D 34 11.83 -14.29 3.02
N GLY D 35 12.68 -13.40 2.56
CA GLY D 35 13.88 -13.09 3.29
C GLY D 35 15.06 -13.91 2.83
N GLY D 36 14.77 -14.98 2.10
CA GLY D 36 15.82 -15.84 1.59
C GLY D 36 16.23 -16.90 2.59
N THR D 37 15.41 -17.10 3.60
CA THR D 37 15.70 -18.09 4.63
C THR D 37 14.58 -19.12 4.71
N SER D 38 14.78 -20.25 4.04
CA SER D 38 13.81 -21.33 4.02
C SER D 38 14.03 -22.28 5.19
N ASP D 39 13.07 -23.20 5.39
CA ASP D 39 13.14 -24.19 6.46
C ASP D 39 13.14 -25.58 5.83
N PRO D 40 14.25 -25.98 5.20
CA PRO D 40 14.34 -27.25 4.50
C PRO D 40 14.94 -28.39 5.32
N TYR D 41 14.35 -29.56 5.17
CA TYR D 41 14.82 -30.77 5.83
C TYR D 41 14.81 -31.91 4.81
N VAL D 42 15.79 -32.79 4.88
CA VAL D 42 15.90 -33.89 3.93
C VAL D 42 15.13 -35.12 4.40
N LYS D 43 14.10 -35.47 3.64
CA LYS D 43 13.29 -36.63 3.95
C LYS D 43 13.59 -37.74 2.97
N VAL D 44 13.70 -38.96 3.46
CA VAL D 44 14.02 -40.08 2.61
C VAL D 44 12.78 -40.73 2.03
N PHE D 45 12.70 -40.73 0.71
CA PHE D 45 11.58 -41.33 0.02
C PHE D 45 12.07 -42.57 -0.72
N LEU D 46 11.21 -43.57 -0.84
CA LEU D 46 11.59 -44.81 -1.49
C LEU D 46 10.74 -45.09 -2.72
N LEU D 47 11.19 -46.07 -3.50
CA LEU D 47 10.49 -46.50 -4.70
C LEU D 47 9.33 -47.42 -4.28
N PRO D 48 8.65 -48.15 -5.22
CA PRO D 48 7.53 -49.07 -4.88
C PRO D 48 7.71 -49.87 -3.57
N ASP D 49 8.96 -50.08 -3.16
CA ASP D 49 9.26 -50.79 -1.91
C ASP D 49 8.51 -50.14 -0.76
N LYS D 50 8.80 -48.87 -0.51
CA LYS D 50 8.16 -48.07 0.54
C LYS D 50 8.16 -48.75 1.91
N LYS D 51 9.11 -49.64 2.15
CA LYS D 51 9.19 -50.34 3.42
C LYS D 51 10.12 -49.60 4.38
N LYS D 52 10.03 -48.27 4.37
CA LYS D 52 10.87 -47.43 5.21
C LYS D 52 10.52 -45.96 4.98
N LYS D 53 10.68 -45.14 6.02
CA LYS D 53 10.40 -43.72 5.94
C LYS D 53 10.95 -43.03 7.18
N PHE D 54 11.58 -41.88 7.00
CA PHE D 54 12.14 -41.13 8.11
C PHE D 54 11.99 -39.64 7.88
N GLU D 55 11.56 -38.95 8.92
CA GLU D 55 11.39 -37.50 8.88
C GLU D 55 12.47 -36.85 9.73
N THR D 56 13.29 -36.02 9.11
CA THR D 56 14.36 -35.35 9.83
C THR D 56 13.85 -34.11 10.56
N LYS D 57 14.72 -33.54 11.40
CA LYS D 57 14.35 -32.35 12.15
C LYS D 57 14.41 -31.13 11.24
N VAL D 58 13.38 -30.30 11.30
CA VAL D 58 13.32 -29.10 10.50
C VAL D 58 14.43 -28.12 10.89
N HIS D 59 15.15 -27.64 9.90
CA HIS D 59 16.22 -26.68 10.13
C HIS D 59 15.69 -25.30 9.78
N ARG D 60 15.08 -24.65 10.75
CA ARG D 60 14.46 -23.34 10.55
C ARG D 60 15.46 -22.26 10.12
N LYS D 61 15.07 -21.58 9.03
CA LYS D 61 15.83 -20.47 8.46
C LYS D 61 17.31 -20.77 8.28
N THR D 62 17.65 -21.46 7.21
CA THR D 62 19.04 -21.76 6.90
C THR D 62 19.17 -22.45 5.55
N LEU D 63 20.13 -21.99 4.77
CA LEU D 63 20.38 -22.56 3.45
C LEU D 63 21.59 -23.48 3.52
N ASN D 64 22.07 -23.70 4.74
CA ASN D 64 23.20 -24.57 5.00
C ASN D 64 22.98 -25.36 6.29
N PRO D 65 22.13 -26.39 6.24
CA PRO D 65 21.82 -27.20 7.42
C PRO D 65 22.96 -28.15 7.79
N VAL D 66 23.41 -28.05 9.02
CA VAL D 66 24.48 -28.90 9.53
C VAL D 66 24.02 -29.66 10.75
N PHE D 67 23.57 -30.89 10.53
CA PHE D 67 23.08 -31.74 11.62
C PHE D 67 23.71 -33.13 11.51
N ASN D 68 23.91 -33.58 10.27
CA ASN D 68 24.49 -34.90 10.00
C ASN D 68 23.54 -36.01 10.42
N GLU D 69 22.32 -35.95 9.93
CA GLU D 69 21.31 -36.95 10.24
C GLU D 69 21.68 -38.30 9.63
N GLN D 70 21.29 -39.36 10.31
CA GLN D 70 21.58 -40.71 9.85
C GLN D 70 20.29 -41.50 9.64
N PHE D 71 20.11 -42.01 8.44
CA PHE D 71 18.93 -42.80 8.12
C PHE D 71 19.30 -44.27 7.99
N THR D 72 18.45 -45.13 8.54
CA THR D 72 18.66 -46.55 8.51
C THR D 72 17.88 -47.19 7.35
N PHE D 73 18.58 -47.54 6.28
CA PHE D 73 17.95 -48.17 5.12
C PHE D 73 17.67 -49.64 5.41
N LYS D 74 16.51 -49.90 6.01
CA LYS D 74 16.13 -51.27 6.37
C LYS D 74 15.73 -52.10 5.16
N VAL D 75 16.73 -52.71 4.54
CA VAL D 75 16.53 -53.58 3.39
C VAL D 75 17.80 -54.41 3.18
N PRO D 76 17.65 -55.72 2.98
CA PRO D 76 18.79 -56.62 2.77
C PRO D 76 19.68 -56.16 1.61
N TYR D 77 21.00 -56.26 1.81
CA TYR D 77 21.96 -55.86 0.77
C TYR D 77 21.77 -56.70 -0.49
N SER D 78 21.22 -57.89 -0.31
CA SER D 78 20.96 -58.80 -1.40
C SER D 78 19.83 -58.29 -2.29
N GLU D 79 19.04 -57.37 -1.76
CA GLU D 79 17.91 -56.80 -2.48
C GLU D 79 18.20 -55.35 -2.87
N LEU D 80 19.44 -54.92 -2.62
CA LEU D 80 19.85 -53.55 -2.93
C LEU D 80 19.94 -53.35 -4.44
N GLY D 81 20.17 -54.44 -5.16
CA GLY D 81 20.28 -54.38 -6.61
C GLY D 81 19.04 -53.82 -7.27
N GLY D 82 17.88 -54.17 -6.72
CA GLY D 82 16.62 -53.68 -7.26
C GLY D 82 15.97 -52.66 -6.36
N LYS D 83 16.79 -51.92 -5.63
CA LYS D 83 16.30 -50.90 -4.71
C LYS D 83 16.96 -49.56 -4.97
N THR D 84 16.16 -48.53 -5.08
CA THR D 84 16.65 -47.19 -5.32
C THR D 84 16.00 -46.22 -4.35
N LEU D 85 16.82 -45.44 -3.65
CA LEU D 85 16.32 -44.48 -2.68
C LEU D 85 16.52 -43.06 -3.17
N VAL D 86 15.62 -42.17 -2.77
CA VAL D 86 15.71 -40.78 -3.15
C VAL D 86 15.57 -39.89 -1.92
N MET D 87 16.45 -38.92 -1.79
CA MET D 87 16.41 -38.00 -0.66
C MET D 87 15.88 -36.65 -1.13
N ALA D 88 14.68 -36.32 -0.73
CA ALA D 88 14.05 -35.08 -1.13
C ALA D 88 14.09 -34.05 -0.01
N VAL D 89 14.50 -32.84 -0.34
CA VAL D 89 14.56 -31.77 0.64
C VAL D 89 13.25 -31.01 0.62
N TYR D 90 12.52 -31.09 1.71
CA TYR D 90 11.22 -30.44 1.82
C TYR D 90 11.32 -29.24 2.75
N ASP D 91 10.63 -28.16 2.37
CA ASP D 91 10.61 -26.95 3.17
C ASP D 91 9.38 -26.95 4.05
N PHE D 92 9.48 -26.30 5.21
CA PHE D 92 8.36 -26.22 6.13
C PHE D 92 8.37 -24.87 6.84
N ASP D 93 8.14 -23.81 6.08
CA ASP D 93 8.09 -22.44 6.62
C ASP D 93 7.03 -22.29 7.71
N ARG D 94 6.13 -23.29 7.78
CA ARG D 94 5.06 -23.33 8.77
C ARG D 94 3.91 -22.37 8.46
N PHE D 95 3.67 -22.06 7.18
CA PHE D 95 2.57 -21.17 6.82
C PHE D 95 2.27 -21.17 5.32
N SER D 96 3.30 -20.93 4.51
CA SER D 96 3.14 -20.88 3.06
C SER D 96 3.01 -22.28 2.46
N LYS D 97 2.68 -22.33 1.18
CA LYS D 97 2.55 -23.60 0.47
C LYS D 97 3.91 -24.12 0.05
N HIS D 98 4.71 -24.47 1.04
CA HIS D 98 6.06 -24.99 0.81
C HIS D 98 6.03 -26.28 0.00
N ASP D 99 6.88 -26.35 -1.01
CA ASP D 99 6.94 -27.52 -1.88
C ASP D 99 8.36 -28.09 -1.88
N ILE D 100 8.57 -29.19 -2.59
CA ILE D 100 9.88 -29.81 -2.69
C ILE D 100 10.77 -29.03 -3.65
N ILE D 101 11.76 -28.34 -3.10
CA ILE D 101 12.67 -27.53 -3.92
C ILE D 101 13.62 -28.41 -4.72
N GLY D 102 13.81 -29.64 -4.29
CA GLY D 102 14.71 -30.53 -5.00
C GLY D 102 14.94 -31.84 -4.29
N GLU D 103 15.79 -32.68 -4.89
CA GLU D 103 16.10 -33.99 -4.34
C GLU D 103 17.27 -34.60 -5.11
N PHE D 104 17.70 -35.77 -4.69
CA PHE D 104 18.77 -36.47 -5.37
C PHE D 104 18.55 -37.97 -5.25
N LYS D 105 18.84 -38.69 -6.34
CA LYS D 105 18.65 -40.13 -6.38
C LYS D 105 19.92 -40.81 -6.83
N VAL D 106 20.12 -42.04 -6.37
CA VAL D 106 21.30 -42.82 -6.73
C VAL D 106 20.94 -44.31 -6.84
N PRO D 107 21.29 -44.93 -7.98
CA PRO D 107 21.01 -46.36 -8.21
C PRO D 107 21.96 -47.24 -7.41
N MET D 108 21.40 -48.00 -6.47
CA MET D 108 22.20 -48.88 -5.63
C MET D 108 22.71 -50.07 -6.41
N ASN D 109 22.17 -50.26 -7.61
CA ASN D 109 22.59 -51.35 -8.48
C ASN D 109 23.99 -51.07 -9.03
N THR D 110 24.29 -49.80 -9.17
CA THR D 110 25.60 -49.37 -9.69
C THR D 110 26.59 -49.18 -8.55
N VAL D 111 26.09 -48.73 -7.40
CA VAL D 111 26.94 -48.50 -6.25
C VAL D 111 27.07 -49.76 -5.40
N ASP D 112 28.19 -50.44 -5.55
CA ASP D 112 28.46 -51.66 -4.80
C ASP D 112 28.77 -51.32 -3.34
N PHE D 113 28.40 -52.22 -2.45
CA PHE D 113 28.63 -52.04 -1.02
C PHE D 113 30.02 -52.56 -0.63
N GLY D 114 31.04 -51.94 -1.20
CA GLY D 114 32.40 -52.35 -0.91
C GLY D 114 32.79 -52.02 0.51
N HIS D 115 32.75 -50.73 0.85
CA HIS D 115 33.10 -50.29 2.20
C HIS D 115 32.40 -48.98 2.53
N VAL D 116 32.97 -47.88 2.06
CA VAL D 116 32.39 -46.56 2.33
C VAL D 116 32.22 -45.79 1.03
N THR D 117 31.03 -45.21 0.85
CA THR D 117 30.73 -44.42 -0.33
C THR D 117 30.62 -42.95 0.04
N GLU D 118 31.71 -42.23 -0.13
CA GLU D 118 31.75 -40.81 0.20
C GLU D 118 32.06 -39.99 -1.03
N GLU D 119 31.14 -39.12 -1.41
CA GLU D 119 31.30 -38.27 -2.58
C GLU D 119 30.52 -36.98 -2.42
N TRP D 120 30.74 -36.05 -3.33
CA TRP D 120 30.05 -34.76 -3.31
C TRP D 120 28.89 -34.79 -4.28
N ARG D 121 27.73 -35.21 -3.76
CA ARG D 121 26.52 -35.32 -4.56
C ARG D 121 25.96 -33.97 -4.98
N ASP D 122 25.54 -33.90 -6.23
CA ASP D 122 24.94 -32.70 -6.78
C ASP D 122 23.47 -32.66 -6.41
N LEU D 123 22.98 -31.47 -6.12
CA LEU D 123 21.58 -31.30 -5.75
C LEU D 123 20.75 -30.81 -6.94
N GLN D 124 19.74 -31.59 -7.30
CA GLN D 124 18.90 -31.26 -8.44
C GLN D 124 17.52 -30.80 -7.97
N SER D 125 16.93 -29.90 -8.74
CA SER D 125 15.61 -29.37 -8.41
C SER D 125 14.51 -30.14 -9.12
N ALA D 126 14.02 -31.19 -8.49
CA ALA D 126 12.97 -31.99 -9.08
C ALA D 126 11.61 -31.38 -8.77
N GLU D 127 11.20 -30.42 -9.58
CA GLU D 127 9.92 -29.75 -9.41
C GLU D 127 8.78 -30.76 -9.50
N LYS D 128 7.88 -30.72 -8.53
CA LYS D 128 6.75 -31.64 -8.50
C LYS D 128 5.46 -30.90 -8.84
N GLU A 1 -25.82 34.36 -13.51
CA GLU A 1 -25.25 33.81 -12.26
C GLU A 1 -25.87 32.46 -11.96
N LYS A 2 -25.14 31.63 -11.21
CA LYS A 2 -25.61 30.29 -10.85
C LYS A 2 -24.89 29.78 -9.60
N LEU A 3 -25.63 29.64 -8.52
CA LEU A 3 -25.06 29.15 -7.27
C LEU A 3 -26.01 28.15 -6.60
N GLY A 4 -27.24 28.09 -7.09
CA GLY A 4 -28.21 27.17 -6.52
C GLY A 4 -29.24 27.88 -5.67
N LYS A 5 -29.67 27.23 -4.60
CA LYS A 5 -30.65 27.81 -3.69
C LYS A 5 -30.32 27.42 -2.26
N LEU A 6 -30.66 28.31 -1.33
CA LEU A 6 -30.39 28.07 0.08
C LEU A 6 -31.68 28.11 0.88
N GLN A 7 -31.88 27.09 1.69
CA GLN A 7 -33.08 27.01 2.53
C GLN A 7 -32.75 27.59 3.89
N TYR A 8 -33.59 28.50 4.37
CA TYR A 8 -33.33 29.15 5.65
C TYR A 8 -34.62 29.59 6.34
N SER A 9 -34.53 29.78 7.65
CA SER A 9 -35.65 30.21 8.46
C SER A 9 -35.19 31.35 9.38
N LEU A 10 -35.72 32.55 9.15
CA LEU A 10 -35.36 33.70 9.96
C LEU A 10 -36.34 33.91 11.11
N ASP A 11 -35.81 34.06 12.31
CA ASP A 11 -36.62 34.30 13.50
C ASP A 11 -36.21 35.62 14.12
N TYR A 12 -37.13 36.33 14.73
CA TYR A 12 -36.81 37.62 15.33
C TYR A 12 -37.03 37.60 16.84
N ASP A 13 -36.11 38.20 17.57
CA ASP A 13 -36.22 38.25 19.02
C ASP A 13 -36.04 39.68 19.51
N PHE A 14 -36.75 40.01 20.58
CA PHE A 14 -36.69 41.35 21.14
C PHE A 14 -36.13 41.35 22.55
N GLN A 15 -35.89 40.16 23.11
CA GLN A 15 -35.37 40.05 24.47
C GLN A 15 -33.87 40.29 24.48
N ASN A 16 -33.22 39.93 23.38
CA ASN A 16 -31.78 40.12 23.25
C ASN A 16 -31.45 41.05 22.10
N ASN A 17 -32.51 41.51 21.43
CA ASN A 17 -32.40 42.43 20.29
C ASN A 17 -31.44 41.90 19.22
N GLN A 18 -31.93 40.95 18.45
CA GLN A 18 -31.15 40.34 17.37
C GLN A 18 -32.04 39.45 16.52
N LEU A 19 -31.58 39.14 15.32
CA LEU A 19 -32.32 38.27 14.42
C LEU A 19 -31.63 36.91 14.34
N LEU A 20 -32.39 35.88 14.62
CA LEU A 20 -31.86 34.52 14.60
C LEU A 20 -31.87 33.99 13.17
N VAL A 21 -30.72 34.08 12.52
CA VAL A 21 -30.59 33.60 11.15
C VAL A 21 -30.21 32.13 11.15
N GLY A 22 -31.21 31.27 10.94
CA GLY A 22 -30.97 29.86 10.92
C GLY A 22 -31.01 29.29 9.52
N ILE A 23 -29.84 29.06 8.94
CA ILE A 23 -29.76 28.49 7.60
C ILE A 23 -29.82 26.98 7.69
N ILE A 24 -30.66 26.36 6.89
CA ILE A 24 -30.83 24.91 6.92
C ILE A 24 -29.74 24.22 6.11
N GLN A 25 -29.74 24.47 4.80
CA GLN A 25 -28.76 23.86 3.92
C GLN A 25 -28.74 24.56 2.56
N ALA A 26 -27.69 24.30 1.80
CA ALA A 26 -27.53 24.88 0.47
C ALA A 26 -27.36 23.77 -0.55
N ALA A 27 -27.89 23.97 -1.75
CA ALA A 27 -27.81 22.95 -2.79
C ALA A 27 -27.32 23.54 -4.11
N GLU A 28 -26.81 22.65 -4.96
CA GLU A 28 -26.30 23.01 -6.29
C GLU A 28 -25.07 23.90 -6.23
N LEU A 29 -24.25 23.70 -5.22
CA LEU A 29 -23.04 24.50 -5.07
C LEU A 29 -21.98 24.00 -6.06
N PRO A 30 -21.38 24.92 -6.84
CA PRO A 30 -20.34 24.58 -7.83
C PRO A 30 -19.10 23.96 -7.19
N ALA A 31 -18.40 23.14 -7.96
CA ALA A 31 -17.19 22.47 -7.49
C ALA A 31 -15.97 23.35 -7.71
N LEU A 32 -15.11 23.41 -6.70
CA LEU A 32 -13.90 24.24 -6.79
C LEU A 32 -12.64 23.40 -6.58
N ASP A 33 -12.72 22.45 -5.68
CA ASP A 33 -11.57 21.59 -5.39
C ASP A 33 -11.39 20.56 -6.50
N MET A 34 -10.15 20.14 -6.71
CA MET A 34 -9.83 19.17 -7.75
C MET A 34 -10.35 17.79 -7.36
N GLY A 35 -11.51 17.45 -7.88
CA GLY A 35 -12.12 16.17 -7.58
C GLY A 35 -13.60 16.21 -7.80
N GLY A 36 -14.14 17.42 -7.95
CA GLY A 36 -15.56 17.56 -8.18
C GLY A 36 -16.31 17.94 -6.93
N THR A 37 -15.58 18.42 -5.94
CA THR A 37 -16.18 18.84 -4.68
C THR A 37 -15.56 20.14 -4.23
N SER A 38 -16.04 20.68 -3.12
CA SER A 38 -15.52 21.92 -2.58
C SER A 38 -15.70 21.94 -1.07
N ASP A 39 -15.10 22.92 -0.43
CA ASP A 39 -15.21 23.08 1.03
C ASP A 39 -15.91 24.42 1.27
N PRO A 40 -17.23 24.48 1.01
CA PRO A 40 -17.99 25.71 1.14
C PRO A 40 -18.57 25.97 2.53
N TYR A 41 -18.15 27.08 3.09
CA TYR A 41 -18.63 27.53 4.38
C TYR A 41 -19.11 28.97 4.24
N VAL A 42 -20.26 29.28 4.79
CA VAL A 42 -20.83 30.61 4.65
C VAL A 42 -20.37 31.56 5.76
N LYS A 43 -20.03 32.76 5.36
CA LYS A 43 -19.61 33.79 6.29
C LYS A 43 -20.44 35.04 6.05
N VAL A 44 -20.82 35.71 7.11
CA VAL A 44 -21.67 36.89 6.99
C VAL A 44 -20.87 38.14 6.60
N PHE A 45 -21.42 38.88 5.64
CA PHE A 45 -20.81 40.10 5.16
C PHE A 45 -21.76 41.26 5.40
N LEU A 46 -21.38 42.15 6.29
CA LEU A 46 -22.22 43.28 6.64
C LEU A 46 -21.77 44.54 5.91
N LEU A 47 -22.69 45.51 5.85
CA LEU A 47 -22.43 46.80 5.23
C LEU A 47 -21.53 47.63 6.16
N PRO A 48 -21.28 48.95 5.92
CA PRO A 48 -20.43 49.79 6.79
C PRO A 48 -20.68 49.60 8.30
N ASP A 49 -21.87 49.09 8.65
CA ASP A 49 -22.21 48.82 10.04
C ASP A 49 -21.15 47.93 10.68
N LYS A 50 -20.98 46.73 10.13
CA LYS A 50 -20.00 45.75 10.57
C LYS A 50 -20.00 45.54 12.10
N LYS A 51 -21.16 45.66 12.72
CA LYS A 51 -21.27 45.47 14.16
C LYS A 51 -21.57 44.00 14.48
N LYS A 52 -20.94 43.10 13.73
CA LYS A 52 -21.13 41.66 13.91
C LYS A 52 -20.28 40.89 12.89
N LYS A 53 -19.71 39.77 13.31
CA LYS A 53 -18.89 38.95 12.43
C LYS A 53 -18.95 37.48 12.85
N PHE A 54 -19.66 36.67 12.09
CA PHE A 54 -19.81 35.25 12.39
C PHE A 54 -19.43 34.39 11.19
N GLU A 55 -18.78 33.28 11.47
CA GLU A 55 -18.36 32.35 10.43
C GLU A 55 -18.85 30.95 10.79
N THR A 56 -19.27 30.18 9.80
CA THR A 56 -19.76 28.83 10.04
C THR A 56 -18.64 27.80 10.06
N LYS A 57 -19.00 26.55 10.29
CA LYS A 57 -18.03 25.47 10.33
C LYS A 57 -17.67 25.05 8.91
N VAL A 58 -16.38 24.85 8.66
CA VAL A 58 -15.92 24.45 7.34
C VAL A 58 -16.51 23.08 6.95
N HIS A 59 -17.31 23.08 5.91
CA HIS A 59 -17.93 21.84 5.43
C HIS A 59 -17.05 21.26 4.33
N ARG A 60 -16.03 20.53 4.74
CA ARG A 60 -15.06 19.95 3.82
C ARG A 60 -15.68 18.91 2.88
N LYS A 61 -15.30 19.02 1.60
CA LYS A 61 -15.72 18.11 0.54
C LYS A 61 -17.22 17.81 0.57
N THR A 62 -18.02 18.74 0.07
CA THR A 62 -19.46 18.54 0.02
C THR A 62 -20.10 19.55 -0.93
N LEU A 63 -21.18 19.13 -1.58
CA LEU A 63 -21.90 20.00 -2.50
C LEU A 63 -23.29 20.29 -1.94
N ASN A 64 -23.49 19.92 -0.68
CA ASN A 64 -24.75 20.13 0.01
C ASN A 64 -24.51 20.22 1.51
N PRO A 65 -24.02 21.38 1.98
CA PRO A 65 -23.72 21.61 3.39
C PRO A 65 -24.95 21.52 4.28
N VAL A 66 -24.98 20.48 5.10
CA VAL A 66 -26.10 20.27 6.03
C VAL A 66 -25.58 20.31 7.47
N PHE A 67 -25.81 21.44 8.12
CA PHE A 67 -25.37 21.62 9.50
C PHE A 67 -26.36 22.49 10.27
N ASN A 68 -26.94 23.47 9.57
CA ASN A 68 -27.92 24.38 10.15
C ASN A 68 -27.32 25.24 11.25
N GLU A 69 -26.23 25.94 10.93
CA GLU A 69 -25.57 26.81 11.90
C GLU A 69 -26.46 28.00 12.24
N GLN A 70 -26.26 28.56 13.42
CA GLN A 70 -27.05 29.69 13.87
C GLN A 70 -26.24 30.98 13.86
N PHE A 71 -26.72 31.98 13.13
CA PHE A 71 -26.05 33.27 13.07
C PHE A 71 -26.82 34.29 13.88
N THR A 72 -26.15 34.87 14.87
CA THR A 72 -26.75 35.87 15.73
C THR A 72 -26.60 37.25 15.11
N PHE A 73 -27.66 37.74 14.46
CA PHE A 73 -27.64 39.06 13.85
C PHE A 73 -27.78 40.12 14.93
N LYS A 74 -26.70 40.35 15.66
CA LYS A 74 -26.68 41.31 16.74
C LYS A 74 -26.94 42.74 16.25
N VAL A 75 -28.17 43.19 16.44
CA VAL A 75 -28.57 44.52 16.04
C VAL A 75 -30.02 44.76 16.49
N PRO A 76 -30.31 45.95 17.06
CA PRO A 76 -31.65 46.29 17.52
C PRO A 76 -32.67 46.26 16.38
N TYR A 77 -33.89 45.84 16.68
CA TYR A 77 -34.95 45.77 15.69
C TYR A 77 -35.25 47.14 15.08
N SER A 78 -34.86 48.20 15.79
CA SER A 78 -35.07 49.55 15.32
C SER A 78 -34.02 49.92 14.27
N GLU A 79 -33.01 49.08 14.11
CA GLU A 79 -31.96 49.32 13.13
C GLU A 79 -32.18 48.45 11.90
N LEU A 80 -33.24 47.66 11.92
CA LEU A 80 -33.59 46.76 10.83
C LEU A 80 -33.91 47.54 9.56
N GLY A 81 -34.40 48.76 9.74
CA GLY A 81 -34.76 49.60 8.61
C GLY A 81 -33.56 50.13 7.86
N GLY A 82 -32.36 49.85 8.35
CA GLY A 82 -31.17 50.32 7.69
C GLY A 82 -30.03 49.32 7.79
N LYS A 83 -30.36 48.05 7.82
CA LYS A 83 -29.36 47.01 7.92
C LYS A 83 -29.64 45.86 6.95
N THR A 84 -28.85 45.78 5.89
CA THR A 84 -28.98 44.74 4.90
C THR A 84 -27.83 43.74 5.06
N LEU A 85 -28.17 42.49 5.32
CA LEU A 85 -27.17 41.45 5.52
C LEU A 85 -26.90 40.68 4.23
N VAL A 86 -25.66 40.22 4.12
CA VAL A 86 -25.23 39.44 2.96
C VAL A 86 -24.52 38.18 3.44
N MET A 87 -24.91 37.05 2.89
CA MET A 87 -24.28 35.78 3.27
C MET A 87 -23.50 35.24 2.09
N ALA A 88 -22.17 35.24 2.21
CA ALA A 88 -21.32 34.77 1.14
C ALA A 88 -20.74 33.39 1.46
N VAL A 89 -20.71 32.53 0.46
CA VAL A 89 -20.17 31.19 0.64
C VAL A 89 -18.71 31.15 0.17
N TYR A 90 -17.83 30.78 1.08
CA TYR A 90 -16.41 30.72 0.79
C TYR A 90 -15.95 29.28 0.70
N ASP A 91 -14.96 29.02 -0.14
CA ASP A 91 -14.41 27.69 -0.29
C ASP A 91 -13.12 27.56 0.53
N PHE A 92 -12.73 26.34 0.83
CA PHE A 92 -11.51 26.09 1.59
C PHE A 92 -10.79 24.87 1.06
N ASP A 93 -10.50 24.88 -0.24
CA ASP A 93 -9.79 23.78 -0.92
C ASP A 93 -8.44 23.46 -0.26
N ARG A 94 -7.94 24.40 0.55
CA ARG A 94 -6.68 24.26 1.28
C ARG A 94 -5.46 24.28 0.35
N PHE A 95 -5.60 24.87 -0.82
CA PHE A 95 -4.48 24.95 -1.75
C PHE A 95 -4.53 26.25 -2.55
N SER A 96 -5.47 26.33 -3.46
CA SER A 96 -5.64 27.50 -4.30
C SER A 96 -6.15 28.66 -3.47
N LYS A 97 -6.03 29.87 -3.99
CA LYS A 97 -6.53 31.04 -3.28
C LYS A 97 -8.04 31.12 -3.46
N HIS A 98 -8.72 30.18 -2.79
CA HIS A 98 -10.18 30.06 -2.84
C HIS A 98 -10.85 31.40 -2.70
N ASP A 99 -11.74 31.68 -3.65
CA ASP A 99 -12.48 32.92 -3.71
C ASP A 99 -13.95 32.67 -3.36
N ILE A 100 -14.74 33.73 -3.26
CA ILE A 100 -16.16 33.62 -2.94
C ILE A 100 -16.89 32.95 -4.11
N ILE A 101 -17.56 31.85 -3.84
CA ILE A 101 -18.29 31.11 -4.87
C ILE A 101 -19.61 31.81 -5.19
N GLY A 102 -20.13 32.54 -4.22
CA GLY A 102 -21.37 33.25 -4.41
C GLY A 102 -21.92 33.80 -3.11
N GLU A 103 -23.06 34.46 -3.18
CA GLU A 103 -23.67 35.05 -2.00
C GLU A 103 -25.13 35.39 -2.25
N PHE A 104 -25.77 35.96 -1.25
CA PHE A 104 -27.15 36.41 -1.35
C PHE A 104 -27.39 37.52 -0.35
N LYS A 105 -28.14 38.53 -0.77
CA LYS A 105 -28.43 39.67 0.09
C LYS A 105 -29.92 39.93 0.10
N VAL A 106 -30.44 40.29 1.27
CA VAL A 106 -31.86 40.56 1.42
C VAL A 106 -32.07 41.85 2.23
N PRO A 107 -32.83 42.80 1.66
CA PRO A 107 -33.12 44.07 2.32
C PRO A 107 -34.10 43.88 3.48
N MET A 108 -33.58 43.99 4.70
CA MET A 108 -34.40 43.80 5.89
C MET A 108 -35.43 44.92 6.03
N ASN A 109 -35.21 46.03 5.34
CA ASN A 109 -36.14 47.15 5.39
C ASN A 109 -37.43 46.79 4.64
N THR A 110 -37.32 45.80 3.76
CA THR A 110 -38.45 45.34 2.97
C THR A 110 -39.08 44.11 3.63
N VAL A 111 -38.33 43.46 4.50
CA VAL A 111 -38.82 42.27 5.20
C VAL A 111 -39.10 42.60 6.66
N ASP A 112 -40.36 42.87 6.97
CA ASP A 112 -40.77 43.20 8.33
C ASP A 112 -40.70 41.95 9.21
N PHE A 113 -40.48 42.17 10.51
CA PHE A 113 -40.39 41.07 11.46
C PHE A 113 -41.77 40.66 11.97
N GLY A 114 -42.58 40.10 11.08
CA GLY A 114 -43.90 39.65 11.46
C GLY A 114 -43.83 38.54 12.49
N HIS A 115 -43.15 37.47 12.13
CA HIS A 115 -42.97 36.33 13.02
C HIS A 115 -41.71 35.57 12.63
N VAL A 116 -41.80 34.86 11.51
CA VAL A 116 -40.68 34.09 10.99
C VAL A 116 -40.63 34.18 9.48
N THR A 117 -39.43 34.16 8.93
CA THR A 117 -39.26 34.23 7.50
C THR A 117 -38.69 32.93 6.96
N GLU A 118 -39.57 31.98 6.70
CA GLU A 118 -39.18 30.69 6.17
C GLU A 118 -39.42 30.64 4.67
N GLU A 119 -38.34 30.61 3.90
CA GLU A 119 -38.46 30.60 2.45
C GLU A 119 -37.22 30.00 1.80
N TRP A 120 -37.25 29.89 0.48
CA TRP A 120 -36.13 29.35 -0.28
C TRP A 120 -35.43 30.49 -1.00
N ARG A 121 -34.27 30.88 -0.49
CA ARG A 121 -33.50 31.98 -1.07
C ARG A 121 -32.71 31.54 -2.29
N ASP A 122 -32.75 32.38 -3.32
CA ASP A 122 -32.02 32.12 -4.55
C ASP A 122 -30.58 32.56 -4.37
N LEU A 123 -29.65 31.71 -4.78
CA LEU A 123 -28.24 31.99 -4.65
C LEU A 123 -27.67 32.49 -5.97
N GLN A 124 -26.70 33.38 -5.90
CA GLN A 124 -26.08 33.94 -7.09
C GLN A 124 -24.56 34.02 -6.93
N SER A 125 -23.83 33.66 -7.97
CA SER A 125 -22.38 33.69 -7.95
C SER A 125 -21.87 35.09 -8.28
N ALA A 126 -21.79 35.94 -7.27
CA ALA A 126 -21.31 37.29 -7.44
C ALA A 126 -19.83 37.37 -7.11
N GLU A 127 -19.03 37.78 -8.08
CA GLU A 127 -17.60 37.89 -7.89
C GLU A 127 -17.24 39.21 -7.21
N LYS A 128 -16.20 39.18 -6.40
CA LYS A 128 -15.75 40.35 -5.68
C LYS A 128 -14.32 40.68 -6.07
N MET B 1 32.82 0.33 -16.14
CA MET B 1 34.05 0.53 -15.31
C MET B 1 33.68 0.70 -13.84
N ALA B 2 33.10 1.85 -13.50
CA ALA B 2 32.70 2.11 -12.13
C ALA B 2 31.25 2.57 -12.09
N ALA B 3 30.65 2.48 -10.90
CA ALA B 3 29.26 2.87 -10.70
C ALA B 3 28.33 2.10 -11.65
N GLU B 4 28.27 0.79 -11.45
CA GLU B 4 27.42 -0.05 -12.30
C GLU B 4 25.96 0.08 -11.87
N PRO B 5 25.03 0.18 -12.84
CA PRO B 5 23.61 0.30 -12.56
C PRO B 5 23.02 -1.01 -12.03
N LEU B 6 21.99 -0.89 -11.20
CA LEU B 6 21.35 -2.06 -10.62
C LEU B 6 20.05 -2.36 -11.36
N THR B 7 19.19 -3.18 -10.77
CA THR B 7 17.91 -3.52 -11.38
C THR B 7 17.05 -2.27 -11.50
N GLU B 8 16.15 -2.25 -12.48
CA GLU B 8 15.27 -1.12 -12.73
C GLU B 8 14.63 -0.59 -11.44
N LEU B 9 13.96 -1.46 -10.70
CA LEU B 9 13.30 -1.08 -9.46
C LEU B 9 14.31 -0.61 -8.40
N GLU B 10 15.52 -1.14 -8.47
CA GLU B 10 16.57 -0.76 -7.52
C GLU B 10 16.98 0.68 -7.77
N GLU B 11 16.96 1.08 -9.04
CA GLU B 11 17.31 2.43 -9.41
C GLU B 11 16.17 3.38 -9.01
N SER B 12 14.94 2.87 -9.13
CA SER B 12 13.76 3.63 -8.80
C SER B 12 13.73 3.99 -7.31
N ILE B 13 13.94 2.98 -6.45
CA ILE B 13 13.93 3.22 -5.01
C ILE B 13 15.06 4.17 -4.61
N GLU B 14 16.19 4.08 -5.30
CA GLU B 14 17.33 4.95 -5.03
C GLU B 14 16.96 6.42 -5.24
N THR B 15 16.06 6.67 -6.17
CA THR B 15 15.63 8.03 -6.47
C THR B 15 14.77 8.60 -5.35
N VAL B 16 13.88 7.79 -4.78
CA VAL B 16 13.02 8.25 -3.70
C VAL B 16 13.73 8.19 -2.34
N VAL B 17 14.64 7.24 -2.16
CA VAL B 17 15.36 7.11 -0.90
C VAL B 17 16.34 8.27 -0.73
N THR B 18 17.04 8.64 -1.81
CA THR B 18 18.00 9.73 -1.72
C THR B 18 17.29 11.05 -1.42
N THR B 19 16.11 11.28 -2.01
CA THR B 19 15.35 12.50 -1.77
C THR B 19 14.86 12.50 -0.33
N PHE B 20 14.40 11.35 0.13
CA PHE B 20 13.93 11.19 1.50
C PHE B 20 15.05 11.55 2.48
N PHE B 21 16.26 11.11 2.16
CA PHE B 21 17.41 11.38 3.00
C PHE B 21 17.87 12.82 2.85
N THR B 22 17.40 13.51 1.82
CA THR B 22 17.76 14.91 1.62
C THR B 22 16.82 15.81 2.45
N PHE B 23 15.61 15.33 2.68
CA PHE B 23 14.63 16.09 3.45
C PHE B 23 14.70 15.74 4.94
N ALA B 24 14.94 14.47 5.23
CA ALA B 24 15.02 14.02 6.62
C ALA B 24 16.42 14.30 7.19
N ARG B 25 16.76 15.58 7.27
CA ARG B 25 18.06 16.01 7.79
C ARG B 25 18.09 17.53 7.92
N GLN B 26 16.91 18.13 7.98
CA GLN B 26 16.80 19.58 8.08
C GLN B 26 16.61 19.99 9.53
N GLU B 27 15.74 19.28 10.22
CA GLU B 27 15.47 19.56 11.62
C GLU B 27 16.38 18.73 12.52
N GLY B 28 16.35 17.42 12.32
CA GLY B 28 17.17 16.53 13.12
C GLY B 28 16.74 15.09 12.98
N ARG B 29 17.58 14.17 13.45
CA ARG B 29 17.29 12.74 13.38
C ARG B 29 17.10 12.30 11.94
N LYS B 30 18.23 12.18 11.23
CA LYS B 30 18.24 11.77 9.83
C LYS B 30 17.75 10.34 9.64
N ASP B 31 16.44 10.19 9.66
CA ASP B 31 15.77 8.90 9.51
C ASP B 31 14.25 9.10 9.64
N SER B 32 13.89 10.20 10.27
CA SER B 32 12.49 10.56 10.47
C SER B 32 12.18 11.91 9.86
N LEU B 33 10.97 12.06 9.36
CA LEU B 33 10.53 13.31 8.75
C LEU B 33 9.76 14.14 9.78
N SER B 34 10.31 15.28 10.15
CA SER B 34 9.67 16.18 11.09
C SER B 34 8.53 16.91 10.39
N VAL B 35 7.75 17.69 11.14
CA VAL B 35 6.63 18.42 10.59
C VAL B 35 7.08 19.36 9.47
N ASN B 36 8.09 20.17 9.74
CA ASN B 36 8.61 21.11 8.74
C ASN B 36 9.12 20.38 7.51
N GLU B 37 9.92 19.35 7.73
CA GLU B 37 10.51 18.57 6.65
C GLU B 37 9.43 17.90 5.80
N PHE B 38 8.40 17.37 6.45
CA PHE B 38 7.31 16.72 5.75
C PHE B 38 6.56 17.74 4.90
N LYS B 39 6.34 18.93 5.46
CA LYS B 39 5.65 19.99 4.77
C LYS B 39 6.49 20.51 3.61
N GLU B 40 7.80 20.62 3.81
CA GLU B 40 8.71 21.10 2.79
C GLU B 40 8.80 20.12 1.62
N LEU B 41 8.44 18.87 1.88
CA LEU B 41 8.47 17.84 0.85
C LEU B 41 7.36 18.09 -0.17
N VAL B 42 6.12 18.15 0.32
CA VAL B 42 4.97 18.38 -0.54
C VAL B 42 4.95 19.80 -1.09
N THR B 43 5.27 20.77 -0.24
CA THR B 43 5.29 22.16 -0.66
C THR B 43 6.60 22.53 -1.35
N GLN B 44 6.99 21.72 -2.33
CA GLN B 44 8.21 21.95 -3.08
C GLN B 44 8.30 21.03 -4.28
N GLN B 45 8.34 19.73 -4.03
CA GLN B 45 8.46 18.75 -5.11
C GLN B 45 7.17 17.99 -5.36
N LEU B 46 6.06 18.48 -4.82
CA LEU B 46 4.78 17.81 -5.04
C LEU B 46 3.62 18.81 -5.16
N PRO B 47 3.72 19.81 -6.06
CA PRO B 47 2.67 20.79 -6.25
C PRO B 47 1.78 20.44 -7.44
N HIS B 48 1.78 19.17 -7.81
CA HIS B 48 1.01 18.70 -8.96
C HIS B 48 0.14 17.50 -8.57
N LEU B 49 0.78 16.42 -8.17
CA LEU B 49 0.08 15.18 -7.79
C LEU B 49 -0.96 15.45 -6.69
N LEU B 50 -0.53 16.13 -5.62
CA LEU B 50 -1.42 16.44 -4.52
C LEU B 50 -1.44 17.95 -4.30
N LYS B 51 -2.62 18.54 -4.34
CA LYS B 51 -2.73 19.98 -4.16
C LYS B 51 -3.31 20.31 -2.78
N ASP B 52 -2.45 20.32 -1.78
CA ASP B 52 -2.86 20.64 -0.41
C ASP B 52 -1.70 21.23 0.36
N VAL B 53 -1.74 22.53 0.56
CA VAL B 53 -0.69 23.23 1.28
C VAL B 53 -1.25 23.88 2.53
N GLY B 54 -2.49 23.54 2.86
CA GLY B 54 -3.13 24.11 4.02
C GLY B 54 -3.35 23.11 5.13
N SER B 55 -4.08 22.04 4.85
CA SER B 55 -4.35 21.03 5.85
C SER B 55 -3.28 19.94 5.84
N LEU B 56 -2.07 20.33 6.24
CA LEU B 56 -0.96 19.40 6.31
C LEU B 56 -1.10 18.48 7.51
N ASP B 57 -1.70 19.03 8.57
CA ASP B 57 -1.91 18.29 9.80
C ASP B 57 -2.87 17.12 9.55
N GLU B 58 -3.74 17.31 8.58
CA GLU B 58 -4.72 16.29 8.21
C GLU B 58 -4.02 15.02 7.72
N LYS B 59 -2.89 15.20 7.03
CA LYS B 59 -2.13 14.07 6.53
C LYS B 59 -1.31 13.44 7.64
N MET B 60 -0.73 14.28 8.49
CA MET B 60 0.09 13.82 9.60
C MET B 60 -0.70 12.89 10.53
N LYS B 61 -1.90 13.31 10.91
CA LYS B 61 -2.73 12.52 11.82
C LYS B 61 -3.32 11.29 11.12
N SER B 62 -3.08 11.16 9.83
CA SER B 62 -3.59 10.02 9.09
C SER B 62 -2.46 9.06 8.74
N LEU B 63 -1.25 9.59 8.61
CA LEU B 63 -0.09 8.77 8.27
C LEU B 63 0.64 8.30 9.52
N ASP B 64 0.72 9.15 10.53
CA ASP B 64 1.39 8.79 11.77
C ASP B 64 0.47 7.93 12.63
N VAL B 65 0.87 6.68 12.82
CA VAL B 65 0.08 5.73 13.60
C VAL B 65 0.57 5.65 15.04
N ASN B 66 1.58 6.45 15.38
CA ASN B 66 2.12 6.44 16.73
C ASN B 66 1.94 7.81 17.40
N GLN B 67 1.79 8.84 16.57
CA GLN B 67 1.57 10.21 17.03
C GLN B 67 2.77 10.77 17.80
N ASP B 68 3.94 10.72 17.19
CA ASP B 68 5.14 11.24 17.83
C ASP B 68 5.67 12.43 17.03
N SER B 69 4.96 12.74 15.95
CA SER B 69 5.27 13.87 15.07
C SER B 69 6.55 13.64 14.25
N GLU B 70 7.00 12.39 14.19
CA GLU B 70 8.18 12.06 13.42
C GLU B 70 7.87 10.93 12.47
N LEU B 71 7.62 11.27 11.21
CA LEU B 71 7.29 10.27 10.20
C LEU B 71 8.54 9.51 9.78
N LYS B 72 8.75 8.33 10.35
CA LYS B 72 9.90 7.50 10.00
C LYS B 72 9.73 6.93 8.60
N PHE B 73 10.75 6.24 8.10
CA PHE B 73 10.70 5.65 6.76
C PHE B 73 9.45 4.78 6.58
N ASN B 74 9.04 4.12 7.64
CA ASN B 74 7.86 3.26 7.62
C ASN B 74 6.59 4.08 7.40
N GLU B 75 6.44 5.15 8.18
CA GLU B 75 5.26 6.00 8.08
C GLU B 75 5.32 6.84 6.80
N TYR B 76 6.53 7.21 6.41
CA TYR B 76 6.75 8.02 5.21
C TYR B 76 6.29 7.28 3.96
N TRP B 77 6.50 5.97 3.94
CA TRP B 77 6.11 5.14 2.80
C TRP B 77 4.60 5.19 2.61
N ARG B 78 3.87 5.37 3.71
CA ARG B 78 2.41 5.42 3.66
C ARG B 78 1.94 6.59 2.80
N LEU B 79 2.74 7.65 2.75
CA LEU B 79 2.41 8.82 1.95
C LEU B 79 2.53 8.49 0.47
N ILE B 80 3.63 7.83 0.12
CA ILE B 80 3.88 7.43 -1.26
C ILE B 80 2.83 6.44 -1.74
N GLY B 81 2.30 5.66 -0.81
CA GLY B 81 1.27 4.69 -1.12
C GLY B 81 0.04 5.35 -1.73
N GLU B 82 -0.35 6.49 -1.19
CA GLU B 82 -1.51 7.21 -1.70
C GLU B 82 -1.11 8.06 -2.90
N LEU B 83 0.17 8.45 -2.96
CA LEU B 83 0.68 9.26 -4.06
C LEU B 83 0.47 8.55 -5.39
N ALA B 84 0.86 7.28 -5.43
CA ALA B 84 0.72 6.50 -6.65
C ALA B 84 -0.75 6.18 -6.93
N LYS B 85 -1.58 6.32 -5.91
CA LYS B 85 -3.00 6.07 -6.07
C LYS B 85 -3.73 7.33 -6.54
N GLU B 86 -3.16 8.48 -6.22
CA GLU B 86 -3.74 9.76 -6.59
C GLU B 86 -3.56 10.07 -8.08
N ILE B 87 -2.86 9.19 -8.79
CA ILE B 87 -2.63 9.38 -10.22
C ILE B 87 -3.67 8.60 -11.04
N ARG B 88 -4.36 7.67 -10.39
CA ARG B 88 -5.36 6.85 -11.07
C ARG B 88 -6.71 6.93 -10.35
N LYS B 89 -6.67 6.80 -9.04
CA LYS B 89 -7.87 6.86 -8.23
C LYS B 89 -8.28 8.32 -8.00
N LYS B 90 -7.33 9.10 -7.47
CA LYS B 90 -7.55 10.53 -7.19
C LYS B 90 -8.89 10.75 -6.47
N LYS B 91 -9.90 11.14 -7.23
CA LYS B 91 -11.24 11.38 -6.68
C LYS B 91 -12.27 10.68 -7.55
N ASP B 92 -12.29 9.35 -7.48
CA ASP B 92 -13.22 8.55 -8.25
C ASP B 92 -14.63 8.70 -7.69
N LEU B 93 -15.25 9.83 -8.00
CA LEU B 93 -16.60 10.14 -7.55
C LEU B 93 -17.23 11.18 -8.48
N LYS B 94 -16.51 12.26 -8.73
CA LYS B 94 -16.99 13.31 -9.62
C LYS B 94 -15.99 13.60 -10.72
N ILE B 95 -14.91 14.30 -10.37
CA ILE B 95 -13.88 14.65 -11.34
C ILE B 95 -12.57 13.96 -10.99
N ARG B 96 -11.98 13.29 -11.95
CA ARG B 96 -10.71 12.60 -11.74
C ARG B 96 -9.59 13.34 -12.45
N LYS B 97 -9.14 12.80 -13.59
CA LYS B 97 -8.08 13.39 -14.40
C LYS B 97 -6.71 13.35 -13.71
N LYS B 98 -5.70 12.94 -14.48
CA LYS B 98 -4.34 12.87 -13.98
C LYS B 98 -3.62 14.18 -14.26
N MET C 1 -5.47 6.90 -18.68
CA MET C 1 -5.09 6.67 -20.07
C MET C 1 -3.63 7.06 -20.34
N ALA C 2 -3.37 8.36 -20.36
CA ALA C 2 -2.03 8.85 -20.64
C ALA C 2 -1.45 9.58 -19.43
N ALA C 3 -0.16 9.86 -19.49
CA ALA C 3 0.52 10.55 -18.40
C ALA C 3 1.28 11.76 -18.92
N GLU C 4 0.84 12.95 -18.51
CA GLU C 4 1.47 14.20 -18.90
C GLU C 4 2.78 14.40 -18.14
N PRO C 5 3.62 15.39 -18.53
CA PRO C 5 4.89 15.68 -17.86
C PRO C 5 4.74 15.69 -16.34
N LEU C 6 5.44 14.77 -15.69
CA LEU C 6 5.39 14.64 -14.25
C LEU C 6 6.68 15.16 -13.61
N THR C 7 6.64 15.39 -12.30
CA THR C 7 7.82 15.88 -11.60
C THR C 7 8.72 14.71 -11.21
N GLU C 8 9.86 15.03 -10.57
CA GLU C 8 10.85 14.03 -10.16
C GLU C 8 10.21 12.84 -9.45
N LEU C 9 9.51 13.11 -8.35
CA LEU C 9 8.87 12.06 -7.57
C LEU C 9 7.77 11.36 -8.37
N GLU C 10 7.00 12.15 -9.10
CA GLU C 10 5.90 11.62 -9.91
C GLU C 10 6.40 10.68 -11.00
N GLU C 11 7.51 11.02 -11.64
CA GLU C 11 8.07 10.19 -12.67
C GLU C 11 8.63 8.90 -12.08
N SER C 12 9.20 9.01 -10.88
CA SER C 12 9.76 7.86 -10.19
C SER C 12 8.68 6.80 -9.93
N ILE C 13 7.53 7.24 -9.45
CA ILE C 13 6.43 6.31 -9.17
C ILE C 13 5.77 5.84 -10.45
N GLU C 14 5.94 6.60 -11.53
CA GLU C 14 5.37 6.24 -12.82
C GLU C 14 6.24 5.19 -13.50
N THR C 15 7.53 5.19 -13.15
CA THR C 15 8.48 4.24 -13.73
C THR C 15 8.06 2.80 -13.47
N VAL C 16 7.63 2.50 -12.25
CA VAL C 16 7.20 1.15 -11.90
C VAL C 16 5.89 0.82 -12.63
N VAL C 17 5.14 1.84 -12.99
CA VAL C 17 3.89 1.67 -13.70
C VAL C 17 4.19 1.27 -15.14
N THR C 18 5.25 1.83 -15.70
CA THR C 18 5.66 1.50 -17.05
C THR C 18 6.02 0.02 -17.13
N THR C 19 6.78 -0.44 -16.14
CA THR C 19 7.18 -1.84 -16.07
C THR C 19 5.96 -2.75 -15.95
N PHE C 20 5.00 -2.31 -15.15
CA PHE C 20 3.77 -3.05 -14.94
C PHE C 20 2.97 -3.18 -16.24
N PHE C 21 2.89 -2.08 -16.99
CA PHE C 21 2.15 -2.06 -18.25
C PHE C 21 2.75 -3.00 -19.29
N THR C 22 4.06 -3.10 -19.33
CA THR C 22 4.74 -3.96 -20.30
C THR C 22 4.63 -5.44 -19.91
N PHE C 23 4.47 -5.70 -18.62
CA PHE C 23 4.36 -7.07 -18.13
C PHE C 23 2.90 -7.54 -18.14
N ALA C 24 2.00 -6.66 -17.73
CA ALA C 24 0.58 -6.97 -17.68
C ALA C 24 -0.06 -6.83 -19.06
N ARG C 25 0.40 -7.64 -20.00
CA ARG C 25 -0.12 -7.63 -21.35
C ARG C 25 0.36 -8.87 -22.10
N GLN C 26 0.91 -9.81 -21.35
CA GLN C 26 1.42 -11.04 -21.92
C GLN C 26 0.30 -12.02 -22.18
N GLU C 27 -0.69 -12.04 -21.28
CA GLU C 27 -1.82 -12.93 -21.42
C GLU C 27 -3.02 -12.18 -21.99
N GLY C 28 -3.53 -11.22 -21.23
CA GLY C 28 -4.67 -10.46 -21.67
C GLY C 28 -5.11 -9.43 -20.65
N ARG C 29 -5.77 -8.38 -21.13
CA ARG C 29 -6.27 -7.29 -20.29
C ARG C 29 -5.12 -6.55 -19.63
N LYS C 30 -4.61 -5.53 -20.33
CA LYS C 30 -3.49 -4.73 -19.84
C LYS C 30 -3.93 -3.74 -18.76
N ASP C 31 -4.98 -4.10 -18.04
CA ASP C 31 -5.49 -3.28 -16.96
C ASP C 31 -5.45 -4.08 -15.67
N SER C 32 -4.88 -5.27 -15.76
CA SER C 32 -4.78 -6.16 -14.61
C SER C 32 -3.59 -7.10 -14.76
N LEU C 33 -3.21 -7.74 -13.67
CA LEU C 33 -2.09 -8.68 -13.66
C LEU C 33 -2.61 -10.12 -13.75
N SER C 34 -2.27 -10.79 -14.84
CA SER C 34 -2.68 -12.17 -15.04
C SER C 34 -1.79 -13.12 -14.24
N VAL C 35 -2.23 -14.36 -14.10
CA VAL C 35 -1.49 -15.37 -13.33
C VAL C 35 -0.06 -15.58 -13.83
N ASN C 36 0.11 -15.73 -15.15
CA ASN C 36 1.44 -15.96 -15.72
C ASN C 36 2.30 -14.71 -15.61
N GLU C 37 1.71 -13.56 -15.93
CA GLU C 37 2.42 -12.29 -15.90
C GLU C 37 2.95 -11.99 -14.50
N PHE C 38 2.17 -12.32 -13.48
CA PHE C 38 2.58 -12.10 -12.11
C PHE C 38 3.81 -12.93 -11.77
N LYS C 39 3.75 -14.23 -12.08
CA LYS C 39 4.85 -15.13 -11.81
C LYS C 39 6.06 -14.79 -12.68
N GLU C 40 5.79 -14.33 -13.89
CA GLU C 40 6.85 -13.95 -14.82
C GLU C 40 7.62 -12.75 -14.29
N LEU C 41 6.88 -11.82 -13.67
CA LEU C 41 7.46 -10.61 -13.11
C LEU C 41 8.43 -10.90 -11.97
N VAL C 42 7.97 -11.67 -10.99
CA VAL C 42 8.78 -12.00 -9.83
C VAL C 42 10.02 -12.83 -10.21
N THR C 43 9.83 -13.81 -11.08
CA THR C 43 10.93 -14.67 -11.50
C THR C 43 11.67 -14.07 -12.70
N GLN C 44 11.89 -12.76 -12.66
CA GLN C 44 12.57 -12.08 -13.76
C GLN C 44 13.13 -10.74 -13.33
N GLN C 45 12.26 -9.86 -12.83
CA GLN C 45 12.68 -8.53 -12.42
C GLN C 45 12.76 -8.38 -10.91
N LEU C 46 12.10 -9.26 -10.16
CA LEU C 46 12.12 -9.16 -8.70
C LEU C 46 12.54 -10.46 -8.00
N PRO C 47 13.62 -11.14 -8.42
CA PRO C 47 14.03 -12.38 -7.77
C PRO C 47 14.94 -12.13 -6.57
N HIS C 48 15.49 -10.92 -6.49
CA HIS C 48 16.37 -10.56 -5.37
C HIS C 48 15.55 -9.99 -4.22
N LEU C 49 14.63 -9.08 -4.56
CA LEU C 49 13.77 -8.50 -3.55
C LEU C 49 12.75 -9.54 -3.10
N LEU C 50 12.06 -10.13 -4.05
CA LEU C 50 11.10 -11.17 -3.75
C LEU C 50 11.81 -12.51 -3.88
N LYS C 51 12.39 -12.96 -2.78
CA LYS C 51 13.14 -14.20 -2.75
C LYS C 51 12.26 -15.41 -3.00
N ASP C 52 10.95 -15.24 -2.87
CA ASP C 52 10.03 -16.34 -3.10
C ASP C 52 9.37 -16.21 -4.47
N VAL C 53 9.77 -17.09 -5.38
CA VAL C 53 9.21 -17.11 -6.71
C VAL C 53 8.50 -18.44 -6.94
N GLY C 54 8.29 -19.18 -5.85
CA GLY C 54 7.65 -20.47 -5.94
C GLY C 54 6.30 -20.47 -5.23
N SER C 55 6.29 -19.98 -4.00
CA SER C 55 5.07 -19.92 -3.22
C SER C 55 4.38 -18.57 -3.43
N LEU C 56 4.64 -17.99 -4.61
CA LEU C 56 4.07 -16.70 -4.97
C LEU C 56 2.55 -16.75 -4.91
N ASP C 57 1.99 -17.94 -5.06
CA ASP C 57 0.55 -18.14 -5.01
C ASP C 57 0.00 -17.66 -3.66
N GLU C 58 0.80 -17.83 -2.60
CA GLU C 58 0.40 -17.41 -1.27
C GLU C 58 0.22 -15.89 -1.24
N LYS C 59 1.22 -15.18 -1.76
CA LYS C 59 1.19 -13.73 -1.80
C LYS C 59 0.08 -13.25 -2.74
N MET C 60 -0.02 -13.88 -3.90
CA MET C 60 -1.02 -13.52 -4.90
C MET C 60 -2.43 -13.62 -4.32
N LYS C 61 -2.71 -14.71 -3.61
CA LYS C 61 -4.03 -14.92 -3.02
C LYS C 61 -4.26 -13.97 -1.84
N SER C 62 -3.19 -13.51 -1.21
CA SER C 62 -3.29 -12.59 -0.10
C SER C 62 -3.50 -11.16 -0.60
N LEU C 63 -2.94 -10.87 -1.78
CA LEU C 63 -3.08 -9.55 -2.38
C LEU C 63 -4.48 -9.40 -2.98
N ASP C 64 -4.96 -10.49 -3.55
CA ASP C 64 -6.29 -10.51 -4.17
C ASP C 64 -7.37 -10.60 -3.11
N VAL C 65 -7.87 -9.44 -2.70
CA VAL C 65 -8.91 -9.38 -1.67
C VAL C 65 -10.28 -9.58 -2.29
N ASN C 66 -10.32 -9.62 -3.62
CA ASN C 66 -11.57 -9.81 -4.34
C ASN C 66 -11.79 -11.31 -4.54
N GLN C 67 -10.67 -12.01 -4.69
CA GLN C 67 -10.65 -13.46 -4.89
C GLN C 67 -11.30 -13.81 -6.22
N ASP C 68 -10.95 -13.05 -7.25
CA ASP C 68 -11.49 -13.27 -8.58
C ASP C 68 -10.37 -13.72 -9.52
N SER C 69 -9.17 -13.88 -8.96
CA SER C 69 -7.99 -14.34 -9.69
C SER C 69 -7.52 -13.32 -10.72
N GLU C 70 -7.88 -12.06 -10.53
CA GLU C 70 -7.49 -11.00 -11.44
C GLU C 70 -7.06 -9.76 -10.65
N LEU C 71 -5.76 -9.62 -10.46
CA LEU C 71 -5.21 -8.49 -9.71
C LEU C 71 -5.30 -7.20 -10.51
N LYS C 72 -6.12 -6.26 -10.05
CA LYS C 72 -6.27 -4.98 -10.72
C LYS C 72 -5.22 -4.00 -10.21
N PHE C 73 -5.16 -2.82 -10.82
CA PHE C 73 -4.19 -1.81 -10.40
C PHE C 73 -4.68 -1.13 -9.12
N ASN C 74 -4.73 -1.90 -8.06
CA ASN C 74 -5.16 -1.45 -6.75
C ASN C 74 -4.62 -2.42 -5.71
N GLU C 75 -4.88 -3.71 -5.93
CA GLU C 75 -4.41 -4.75 -5.04
C GLU C 75 -2.99 -5.16 -5.42
N TYR C 76 -2.70 -5.12 -6.72
CA TYR C 76 -1.39 -5.48 -7.24
C TYR C 76 -0.30 -4.53 -6.72
N TRP C 77 -0.64 -3.26 -6.57
CA TRP C 77 0.31 -2.26 -6.11
C TRP C 77 0.87 -2.61 -4.73
N ARG C 78 0.06 -3.33 -3.94
CA ARG C 78 0.47 -3.73 -2.60
C ARG C 78 1.74 -4.57 -2.65
N LEU C 79 1.93 -5.31 -3.75
CA LEU C 79 3.11 -6.14 -3.92
C LEU C 79 4.37 -5.28 -3.88
N ILE C 80 4.30 -4.12 -4.53
CA ILE C 80 5.42 -3.19 -4.57
C ILE C 80 5.70 -2.66 -3.16
N GLY C 81 4.63 -2.47 -2.40
CA GLY C 81 4.76 -1.98 -1.05
C GLY C 81 5.40 -3.02 -0.15
N GLU C 82 5.13 -4.29 -0.43
CA GLU C 82 5.69 -5.38 0.36
C GLU C 82 7.20 -5.48 0.16
N LEU C 83 7.64 -5.45 -1.09
CA LEU C 83 9.08 -5.54 -1.38
C LEU C 83 9.80 -4.27 -0.91
N ALA C 84 9.08 -3.15 -0.89
CA ALA C 84 9.64 -1.89 -0.45
C ALA C 84 9.94 -1.91 1.04
N LYS C 85 9.12 -2.65 1.80
CA LYS C 85 9.32 -2.73 3.23
C LYS C 85 10.25 -3.89 3.58
N GLU C 86 10.34 -4.88 2.69
CA GLU C 86 11.17 -6.06 2.90
C GLU C 86 12.66 -5.69 2.94
N ILE C 87 13.00 -4.57 2.31
CA ILE C 87 14.38 -4.09 2.29
C ILE C 87 14.84 -3.76 3.72
N ARG C 88 13.87 -3.60 4.61
CA ARG C 88 14.13 -3.30 6.00
C ARG C 88 13.60 -4.43 6.88
N LYS C 89 12.35 -4.78 6.68
CA LYS C 89 11.71 -5.86 7.43
C LYS C 89 11.89 -7.18 6.68
N LYS C 90 12.87 -7.95 7.10
CA LYS C 90 13.17 -9.23 6.46
C LYS C 90 11.99 -10.19 6.57
N LYS C 91 11.57 -10.48 7.80
CA LYS C 91 10.45 -11.39 8.02
C LYS C 91 9.57 -10.92 9.17
N ASP C 92 9.64 -9.62 9.47
CA ASP C 92 8.85 -9.03 10.55
C ASP C 92 7.48 -8.59 10.05
N LEU C 93 6.73 -9.53 9.50
CA LEU C 93 5.40 -9.24 8.97
C LEU C 93 4.51 -10.49 9.04
N LYS C 94 3.80 -10.78 7.93
CA LYS C 94 2.89 -11.92 7.83
C LYS C 94 1.60 -11.65 8.62
N ILE C 95 1.73 -11.63 9.96
CA ILE C 95 0.61 -11.38 10.90
C ILE C 95 -0.65 -12.17 10.57
N ARG C 96 -1.76 -11.81 11.22
CA ARG C 96 -3.04 -12.46 11.01
C ARG C 96 -4.17 -11.53 11.42
N LYS C 97 -4.88 -10.99 10.43
CA LYS C 97 -5.99 -10.09 10.69
C LYS C 97 -7.16 -10.46 9.79
N LYS C 98 -8.37 -10.26 10.31
CA LYS C 98 -9.58 -10.56 9.55
C LYS C 98 -10.48 -9.34 9.51
N GLU D 1 17.87 -27.45 -13.71
CA GLU D 1 17.45 -27.79 -12.34
C GLU D 1 18.63 -27.73 -11.38
N LYS D 2 18.64 -26.72 -10.51
CA LYS D 2 19.73 -26.57 -9.55
C LYS D 2 19.17 -26.39 -8.14
N LEU D 3 19.66 -27.21 -7.22
CA LEU D 3 19.24 -27.14 -5.83
C LEU D 3 20.45 -26.91 -4.93
N GLY D 4 21.63 -27.12 -5.49
CA GLY D 4 22.85 -26.93 -4.73
C GLY D 4 23.73 -28.16 -4.74
N LYS D 5 24.46 -28.35 -3.65
CA LYS D 5 25.36 -29.50 -3.52
C LYS D 5 25.17 -30.15 -2.16
N LEU D 6 25.24 -31.47 -2.11
CA LEU D 6 25.06 -32.20 -0.87
C LEU D 6 26.23 -33.14 -0.61
N GLN D 7 26.76 -33.08 0.60
CA GLN D 7 27.87 -33.93 1.00
C GLN D 7 27.33 -35.04 1.89
N TYR D 8 27.63 -36.29 1.54
CA TYR D 8 27.14 -37.42 2.32
C TYR D 8 28.04 -38.63 2.18
N SER D 9 27.81 -39.62 3.04
CA SER D 9 28.57 -40.86 3.03
C SER D 9 27.64 -42.02 3.38
N LEU D 10 27.74 -43.11 2.62
CA LEU D 10 26.91 -44.27 2.86
C LEU D 10 27.75 -45.51 3.11
N ASP D 11 27.45 -46.23 4.18
CA ASP D 11 28.17 -47.45 4.51
C ASP D 11 27.18 -48.58 4.71
N TYR D 12 27.59 -49.80 4.45
CA TYR D 12 26.71 -50.95 4.59
C TYR D 12 26.98 -51.71 5.88
N ASP D 13 25.92 -52.21 6.49
CA ASP D 13 26.05 -52.98 7.72
C ASP D 13 25.34 -54.32 7.57
N PHE D 14 26.06 -55.38 7.89
CA PHE D 14 25.53 -56.74 7.76
C PHE D 14 25.00 -57.27 9.09
N GLN D 15 25.14 -56.49 10.16
CA GLN D 15 24.66 -56.92 11.47
C GLN D 15 23.14 -56.74 11.57
N ASN D 16 22.62 -55.79 10.80
CA ASN D 16 21.20 -55.51 10.80
C ASN D 16 20.63 -55.61 9.39
N ASN D 17 21.52 -55.84 8.42
CA ASN D 17 21.16 -55.96 7.01
C ASN D 17 20.50 -54.69 6.48
N GLN D 18 21.27 -53.60 6.46
CA GLN D 18 20.77 -52.33 5.96
C GLN D 18 21.92 -51.40 5.59
N LEU D 19 21.59 -50.28 4.98
CA LEU D 19 22.58 -49.31 4.59
C LEU D 19 22.48 -48.08 5.49
N LEU D 20 23.61 -47.65 6.03
CA LEU D 20 23.65 -46.50 6.91
C LEU D 20 23.76 -45.22 6.08
N VAL D 21 22.64 -44.53 5.92
CA VAL D 21 22.61 -43.30 5.17
C VAL D 21 22.92 -42.11 6.08
N GLY D 22 24.10 -41.54 5.90
CA GLY D 22 24.50 -40.41 6.69
C GLY D 22 24.84 -39.19 5.85
N ILE D 23 24.06 -38.14 6.00
CA ILE D 23 24.28 -36.92 5.24
C ILE D 23 25.04 -35.91 6.10
N ILE D 24 26.09 -35.33 5.54
CA ILE D 24 26.90 -34.36 6.26
C ILE D 24 26.21 -33.02 6.33
N GLN D 25 25.88 -32.47 5.15
CA GLN D 25 25.22 -31.18 5.05
C GLN D 25 24.81 -30.89 3.63
N ALA D 26 24.04 -29.83 3.45
CA ALA D 26 23.60 -29.39 2.14
C ALA D 26 23.94 -27.92 1.97
N ALA D 27 24.28 -27.52 0.75
CA ALA D 27 24.65 -26.14 0.50
C ALA D 27 24.00 -25.59 -0.76
N GLU D 28 23.86 -24.26 -0.79
CA GLU D 28 23.29 -23.53 -1.93
C GLU D 28 21.80 -23.82 -2.13
N LEU D 29 21.09 -24.02 -1.04
CA LEU D 29 19.66 -24.30 -1.11
C LEU D 29 18.88 -23.02 -1.46
N PRO D 30 17.95 -23.11 -2.44
CA PRO D 30 17.13 -21.97 -2.86
C PRO D 30 16.19 -21.47 -1.75
N ALA D 31 15.63 -20.28 -1.95
CA ALA D 31 14.74 -19.68 -0.98
C ALA D 31 13.29 -20.11 -1.20
N LEU D 32 12.54 -20.19 -0.11
CA LEU D 32 11.13 -20.57 -0.16
C LEU D 32 10.30 -19.51 0.56
N ASP D 33 10.61 -19.28 1.83
CA ASP D 33 9.89 -18.27 2.61
C ASP D 33 10.50 -16.89 2.38
N MET D 34 9.81 -15.84 2.81
CA MET D 34 10.28 -14.48 2.63
C MET D 34 11.56 -14.25 3.43
N GLY D 35 12.32 -13.22 3.03
CA GLY D 35 13.56 -12.92 3.71
C GLY D 35 14.72 -13.69 3.15
N GLY D 36 14.41 -14.65 2.28
CA GLY D 36 15.44 -15.46 1.66
C GLY D 36 15.94 -16.52 2.61
N THR D 37 15.02 -17.07 3.39
CA THR D 37 15.37 -18.10 4.36
C THR D 37 14.28 -19.17 4.41
N SER D 38 14.61 -20.35 3.90
CA SER D 38 13.68 -21.47 3.88
C SER D 38 13.87 -22.35 5.10
N ASP D 39 12.92 -23.25 5.33
CA ASP D 39 12.99 -24.18 6.47
C ASP D 39 13.00 -25.60 5.90
N PRO D 40 14.10 -26.01 5.25
CA PRO D 40 14.19 -27.32 4.60
C PRO D 40 14.76 -28.45 5.46
N TYR D 41 14.29 -29.64 5.17
CA TYR D 41 14.74 -30.86 5.82
C TYR D 41 14.74 -31.98 4.79
N VAL D 42 15.71 -32.87 4.87
CA VAL D 42 15.82 -33.96 3.91
C VAL D 42 15.00 -35.18 4.32
N LYS D 43 13.93 -35.45 3.58
CA LYS D 43 13.11 -36.60 3.85
C LYS D 43 13.42 -37.71 2.84
N VAL D 44 13.59 -38.90 3.34
CA VAL D 44 13.92 -40.03 2.48
C VAL D 44 12.69 -40.81 2.08
N PHE D 45 12.45 -40.89 0.79
CA PHE D 45 11.33 -41.61 0.24
C PHE D 45 11.84 -42.75 -0.62
N LEU D 46 11.03 -43.76 -0.81
CA LEU D 46 11.42 -44.92 -1.59
C LEU D 46 10.51 -45.11 -2.80
N LEU D 47 10.94 -46.02 -3.67
CA LEU D 47 10.18 -46.37 -4.86
C LEU D 47 8.99 -47.27 -4.44
N PRO D 48 8.28 -48.00 -5.36
CA PRO D 48 7.15 -48.89 -4.99
C PRO D 48 7.37 -49.69 -3.69
N ASP D 49 8.63 -49.90 -3.30
CA ASP D 49 8.98 -50.60 -2.06
C ASP D 49 8.15 -50.03 -0.91
N LYS D 50 8.37 -48.75 -0.63
CA LYS D 50 7.66 -48.01 0.42
C LYS D 50 7.69 -48.72 1.78
N LYS D 51 8.71 -49.54 2.01
CA LYS D 51 8.83 -50.26 3.28
C LYS D 51 9.78 -49.51 4.21
N LYS D 52 9.67 -48.18 4.19
CA LYS D 52 10.50 -47.31 5.02
C LYS D 52 10.16 -45.85 4.73
N LYS D 53 10.37 -45.00 5.73
CA LYS D 53 10.12 -43.57 5.59
C LYS D 53 10.64 -42.85 6.83
N PHE D 54 11.38 -41.77 6.62
CA PHE D 54 11.95 -41.02 7.73
C PHE D 54 11.85 -39.52 7.50
N GLU D 55 11.61 -38.80 8.59
CA GLU D 55 11.51 -37.35 8.55
C GLU D 55 12.62 -36.78 9.41
N THR D 56 13.39 -35.84 8.88
CA THR D 56 14.49 -35.26 9.62
C THR D 56 14.04 -34.05 10.44
N LYS D 57 14.93 -33.57 11.29
CA LYS D 57 14.64 -32.42 12.14
C LYS D 57 14.58 -31.16 11.28
N VAL D 58 13.50 -30.41 11.42
CA VAL D 58 13.32 -29.19 10.64
C VAL D 58 14.37 -28.13 11.00
N HIS D 59 15.00 -27.57 9.97
CA HIS D 59 16.00 -26.53 10.16
C HIS D 59 15.40 -25.23 9.66
N ARG D 60 14.81 -24.46 10.57
CA ARG D 60 14.15 -23.20 10.22
C ARG D 60 15.13 -22.12 9.77
N LYS D 61 14.69 -21.36 8.76
CA LYS D 61 15.43 -20.23 8.19
C LYS D 61 16.92 -20.51 8.00
N THR D 62 17.24 -21.32 7.00
CA THR D 62 18.61 -21.65 6.70
C THR D 62 18.73 -22.21 5.29
N LEU D 63 19.81 -21.87 4.61
CA LEU D 63 20.05 -22.34 3.26
C LEU D 63 21.23 -23.32 3.24
N ASN D 64 21.81 -23.53 4.40
CA ASN D 64 22.94 -24.43 4.58
C ASN D 64 22.79 -25.18 5.90
N PRO D 65 21.96 -26.23 5.91
CA PRO D 65 21.70 -27.03 7.12
C PRO D 65 22.84 -27.97 7.48
N VAL D 66 23.21 -27.97 8.75
CA VAL D 66 24.26 -28.82 9.27
C VAL D 66 23.76 -29.55 10.52
N PHE D 67 23.72 -30.87 10.44
CA PHE D 67 23.25 -31.67 11.57
C PHE D 67 23.80 -33.10 11.50
N ASN D 68 23.92 -33.60 10.27
CA ASN D 68 24.44 -34.94 10.00
C ASN D 68 23.49 -36.02 10.55
N GLU D 69 22.25 -35.96 10.10
CA GLU D 69 21.23 -36.91 10.51
C GLU D 69 21.54 -38.30 9.95
N GLN D 70 20.90 -39.32 10.50
CA GLN D 70 21.11 -40.69 10.07
C GLN D 70 19.80 -41.37 9.70
N PHE D 71 19.78 -42.04 8.56
CA PHE D 71 18.60 -42.75 8.10
C PHE D 71 18.91 -44.24 7.96
N THR D 72 18.00 -45.06 8.46
CA THR D 72 18.16 -46.51 8.39
C THR D 72 17.53 -47.08 7.12
N PHE D 73 18.34 -47.35 6.12
CA PHE D 73 17.86 -47.92 4.87
C PHE D 73 17.71 -49.42 5.04
N LYS D 74 16.62 -49.82 5.68
CA LYS D 74 16.32 -51.23 5.94
C LYS D 74 16.06 -52.02 4.66
N VAL D 75 17.13 -52.35 3.96
CA VAL D 75 17.04 -53.12 2.73
C VAL D 75 18.21 -54.10 2.68
N PRO D 76 17.90 -55.40 2.66
CA PRO D 76 18.93 -56.44 2.60
C PRO D 76 19.82 -56.28 1.38
N TYR D 77 21.10 -56.61 1.54
CA TYR D 77 22.08 -56.50 0.44
C TYR D 77 21.62 -57.30 -0.78
N SER D 78 20.79 -58.31 -0.55
CA SER D 78 20.27 -59.14 -1.61
C SER D 78 19.22 -58.40 -2.45
N GLU D 79 18.62 -57.37 -1.86
CA GLU D 79 17.59 -56.59 -2.55
C GLU D 79 18.15 -55.23 -2.98
N LEU D 80 19.43 -55.02 -2.72
CA LEU D 80 20.11 -53.77 -3.06
C LEU D 80 20.10 -53.53 -4.57
N GLY D 81 20.15 -54.62 -5.32
CA GLY D 81 20.16 -54.53 -6.77
C GLY D 81 18.86 -54.02 -7.34
N GLY D 82 17.78 -54.15 -6.59
CA GLY D 82 16.49 -53.70 -7.06
C GLY D 82 15.85 -52.70 -6.12
N LYS D 83 16.65 -51.80 -5.56
CA LYS D 83 16.14 -50.81 -4.64
C LYS D 83 16.84 -49.47 -4.83
N THR D 84 16.08 -48.44 -5.14
CA THR D 84 16.61 -47.11 -5.34
C THR D 84 15.98 -46.13 -4.34
N LEU D 85 16.82 -45.44 -3.57
CA LEU D 85 16.34 -44.50 -2.58
C LEU D 85 16.29 -43.09 -3.16
N VAL D 86 15.32 -42.31 -2.71
CA VAL D 86 15.16 -40.94 -3.18
C VAL D 86 15.19 -39.97 -2.02
N MET D 87 16.19 -39.09 -2.00
CA MET D 87 16.32 -38.11 -0.95
C MET D 87 15.79 -36.77 -1.43
N ALA D 88 14.65 -36.36 -0.91
CA ALA D 88 14.04 -35.11 -1.31
C ALA D 88 14.03 -34.11 -0.16
N VAL D 89 14.34 -32.87 -0.47
CA VAL D 89 14.34 -31.83 0.55
C VAL D 89 13.03 -31.06 0.53
N TYR D 90 12.33 -31.09 1.65
CA TYR D 90 11.05 -30.42 1.77
C TYR D 90 11.16 -29.22 2.69
N ASP D 91 10.37 -28.20 2.41
CA ASP D 91 10.37 -27.00 3.23
C ASP D 91 9.25 -27.10 4.26
N PHE D 92 9.44 -26.46 5.40
CA PHE D 92 8.44 -26.51 6.45
C PHE D 92 8.19 -25.11 7.02
N ASP D 93 7.89 -24.16 6.14
CA ASP D 93 7.62 -22.78 6.54
C ASP D 93 6.41 -22.71 7.50
N ARG D 94 5.53 -23.70 7.42
CA ARG D 94 4.34 -23.79 8.27
C ARG D 94 3.35 -22.65 8.00
N PHE D 95 3.30 -22.16 6.76
CA PHE D 95 2.38 -21.07 6.44
C PHE D 95 1.91 -21.17 4.98
N SER D 96 2.84 -21.24 4.06
CA SER D 96 2.50 -21.33 2.65
C SER D 96 2.45 -22.79 2.20
N LYS D 97 2.20 -23.00 0.92
CA LYS D 97 2.13 -24.34 0.36
C LYS D 97 3.53 -24.83 -0.02
N HIS D 98 4.34 -25.06 1.00
CA HIS D 98 5.71 -25.55 0.81
C HIS D 98 5.72 -26.89 0.10
N ASP D 99 6.65 -27.06 -0.83
CA ASP D 99 6.76 -28.29 -1.60
C ASP D 99 8.22 -28.73 -1.67
N ILE D 100 8.50 -29.73 -2.50
CA ILE D 100 9.85 -30.22 -2.68
C ILE D 100 10.71 -29.18 -3.40
N ILE D 101 11.80 -28.77 -2.75
CA ILE D 101 12.70 -27.78 -3.34
C ILE D 101 13.63 -28.46 -4.34
N GLY D 102 13.89 -29.74 -4.09
CA GLY D 102 14.76 -30.52 -4.94
C GLY D 102 15.00 -31.90 -4.35
N GLU D 103 15.61 -32.78 -5.14
CA GLU D 103 15.87 -34.14 -4.68
C GLU D 103 16.95 -34.80 -5.52
N PHE D 104 17.37 -35.97 -5.08
CA PHE D 104 18.37 -36.74 -5.79
C PHE D 104 18.17 -38.23 -5.52
N LYS D 105 18.46 -39.05 -6.50
CA LYS D 105 18.30 -40.49 -6.37
C LYS D 105 19.49 -41.20 -7.00
N VAL D 106 19.92 -42.29 -6.39
CA VAL D 106 21.04 -43.05 -6.90
C VAL D 106 20.72 -44.54 -6.91
N PRO D 107 20.88 -45.20 -8.07
CA PRO D 107 20.61 -46.62 -8.21
C PRO D 107 21.65 -47.47 -7.48
N MET D 108 21.22 -48.15 -6.43
CA MET D 108 22.10 -49.00 -5.64
C MET D 108 22.57 -50.20 -6.46
N ASN D 109 21.90 -50.43 -7.58
CA ASN D 109 22.24 -51.52 -8.49
C ASN D 109 23.60 -51.26 -9.13
N THR D 110 23.96 -49.98 -9.19
CA THR D 110 25.23 -49.56 -9.77
C THR D 110 26.28 -49.33 -8.68
N VAL D 111 25.83 -48.94 -7.50
CA VAL D 111 26.73 -48.68 -6.39
C VAL D 111 26.95 -49.91 -5.54
N ASP D 112 28.10 -50.54 -5.70
CA ASP D 112 28.43 -51.74 -4.94
C ASP D 112 28.80 -51.35 -3.51
N PHE D 113 28.53 -52.24 -2.57
CA PHE D 113 28.83 -51.97 -1.17
C PHE D 113 30.28 -52.33 -0.85
N GLY D 114 31.21 -51.57 -1.42
CA GLY D 114 32.61 -51.81 -1.17
C GLY D 114 33.01 -51.57 0.26
N HIS D 115 32.76 -50.36 0.74
CA HIS D 115 33.08 -49.99 2.12
C HIS D 115 32.30 -48.74 2.52
N VAL D 116 32.69 -47.62 1.96
CA VAL D 116 32.03 -46.35 2.25
C VAL D 116 31.87 -45.54 0.97
N THR D 117 30.64 -45.19 0.66
CA THR D 117 30.34 -44.39 -0.52
C THR D 117 30.33 -42.91 -0.15
N GLU D 118 31.44 -42.23 -0.40
CA GLU D 118 31.57 -40.82 -0.08
C GLU D 118 31.75 -40.01 -1.35
N GLU D 119 30.78 -39.16 -1.64
CA GLU D 119 30.84 -38.33 -2.83
C GLU D 119 30.08 -37.03 -2.62
N TRP D 120 30.25 -36.09 -3.55
CA TRP D 120 29.59 -34.80 -3.48
C TRP D 120 28.47 -34.76 -4.50
N ARG D 121 27.35 -35.36 -4.13
CA ARG D 121 26.19 -35.45 -5.01
C ARG D 121 25.60 -34.09 -5.35
N ASP D 122 25.26 -33.94 -6.62
CA ASP D 122 24.65 -32.71 -7.13
C ASP D 122 23.18 -32.69 -6.74
N LEU D 123 22.67 -31.50 -6.48
CA LEU D 123 21.27 -31.34 -6.11
C LEU D 123 20.52 -30.61 -7.20
N GLN D 124 19.39 -31.17 -7.62
CA GLN D 124 18.59 -30.56 -8.66
C GLN D 124 17.15 -30.34 -8.19
N SER D 125 16.56 -29.24 -8.61
CA SER D 125 15.20 -28.89 -8.24
C SER D 125 14.18 -29.66 -9.08
N ALA D 126 13.78 -30.84 -8.60
CA ALA D 126 12.80 -31.65 -9.29
C ALA D 126 11.40 -31.25 -8.87
N GLU D 127 10.77 -30.41 -9.69
CA GLU D 127 9.42 -29.92 -9.42
C GLU D 127 8.42 -31.05 -9.33
N LYS D 128 7.41 -30.85 -8.49
CA LYS D 128 6.35 -31.83 -8.29
C LYS D 128 5.01 -31.14 -8.33
N GLU A 1 -26.16 36.06 -12.72
CA GLU A 1 -25.47 35.29 -11.68
C GLU A 1 -26.32 34.13 -11.22
N LYS A 2 -25.69 32.99 -11.01
CA LYS A 2 -26.41 31.79 -10.58
C LYS A 2 -25.47 30.88 -9.79
N LEU A 3 -25.89 30.49 -8.60
CA LEU A 3 -25.09 29.63 -7.75
C LEU A 3 -25.96 28.59 -7.06
N GLY A 4 -27.21 28.51 -7.50
CA GLY A 4 -28.13 27.57 -6.91
C GLY A 4 -29.12 28.23 -5.99
N LYS A 5 -29.56 27.51 -4.97
CA LYS A 5 -30.51 28.03 -4.00
C LYS A 5 -30.14 27.58 -2.60
N LEU A 6 -30.55 28.36 -1.61
CA LEU A 6 -30.26 28.04 -0.23
C LEU A 6 -31.53 28.14 0.61
N GLN A 7 -31.82 27.08 1.36
CA GLN A 7 -32.99 27.04 2.20
C GLN A 7 -32.64 27.59 3.57
N TYR A 8 -33.38 28.58 4.03
CA TYR A 8 -33.09 29.20 5.32
C TYR A 8 -34.36 29.63 6.06
N SER A 9 -34.24 29.74 7.37
CA SER A 9 -35.33 30.15 8.23
C SER A 9 -34.83 31.23 9.20
N LEU A 10 -35.43 32.41 9.13
CA LEU A 10 -35.02 33.51 10.00
C LEU A 10 -36.07 33.80 11.07
N ASP A 11 -35.72 33.53 12.32
CA ASP A 11 -36.61 33.78 13.44
C ASP A 11 -36.08 34.95 14.27
N TYR A 12 -36.97 35.85 14.66
CA TYR A 12 -36.58 37.02 15.43
C TYR A 12 -36.68 36.73 16.93
N ASP A 13 -35.94 37.50 17.72
CA ASP A 13 -35.94 37.36 19.17
C ASP A 13 -35.80 38.72 19.83
N PHE A 14 -36.69 39.03 20.77
CA PHE A 14 -36.65 40.32 21.45
C PHE A 14 -36.09 40.22 22.87
N GLN A 15 -35.61 39.03 23.24
CA GLN A 15 -35.05 38.85 24.58
C GLN A 15 -33.56 39.15 24.56
N ASN A 16 -32.90 38.75 23.47
CA ASN A 16 -31.48 38.96 23.30
C ASN A 16 -31.25 40.08 22.29
N ASN A 17 -32.34 40.59 21.76
CA ASN A 17 -32.32 41.68 20.77
C ASN A 17 -31.48 41.31 19.56
N GLN A 18 -31.92 40.29 18.83
CA GLN A 18 -31.21 39.84 17.64
C GLN A 18 -32.07 38.92 16.80
N LEU A 19 -31.56 38.55 15.63
CA LEU A 19 -32.26 37.65 14.73
C LEU A 19 -31.45 36.39 14.57
N LEU A 20 -32.11 35.25 14.65
CA LEU A 20 -31.44 33.98 14.52
C LEU A 20 -31.42 33.53 13.06
N VAL A 21 -30.24 33.58 12.45
CA VAL A 21 -30.08 33.18 11.07
C VAL A 21 -29.78 31.69 10.99
N GLY A 22 -30.81 30.91 10.74
CA GLY A 22 -30.65 29.47 10.64
C GLY A 22 -30.69 29.00 9.20
N ILE A 23 -29.52 28.66 8.67
CA ILE A 23 -29.43 28.17 7.31
C ILE A 23 -29.54 26.65 7.29
N ILE A 24 -30.53 26.15 6.57
CA ILE A 24 -30.76 24.71 6.48
C ILE A 24 -29.68 24.05 5.64
N GLN A 25 -29.65 24.38 4.35
CA GLN A 25 -28.68 23.81 3.43
C GLN A 25 -28.67 24.54 2.10
N ALA A 26 -27.64 24.29 1.31
CA ALA A 26 -27.49 24.91 0.00
C ALA A 26 -27.37 23.83 -1.06
N ALA A 27 -27.80 24.13 -2.28
CA ALA A 27 -27.73 23.16 -3.36
C ALA A 27 -27.32 23.82 -4.67
N GLU A 28 -26.85 22.99 -5.62
CA GLU A 28 -26.44 23.43 -6.94
C GLU A 28 -25.15 24.26 -6.89
N LEU A 29 -24.26 23.91 -5.97
CA LEU A 29 -23.00 24.63 -5.82
C LEU A 29 -21.97 24.08 -6.81
N PRO A 30 -21.16 24.96 -7.45
CA PRO A 30 -20.14 24.56 -8.41
C PRO A 30 -18.93 23.89 -7.74
N ALA A 31 -18.08 23.28 -8.56
CA ALA A 31 -16.89 22.59 -8.07
C ALA A 31 -15.65 23.48 -8.12
N LEU A 32 -14.92 23.55 -7.02
CA LEU A 32 -13.71 24.37 -6.95
C LEU A 32 -12.46 23.50 -6.86
N ASP A 33 -12.52 22.46 -6.04
CA ASP A 33 -11.40 21.54 -5.87
C ASP A 33 -11.18 20.72 -7.14
N MET A 34 -9.97 20.20 -7.29
CA MET A 34 -9.60 19.42 -8.47
C MET A 34 -10.15 17.99 -8.39
N GLY A 35 -11.16 17.79 -7.56
CA GLY A 35 -11.77 16.49 -7.42
C GLY A 35 -13.21 16.51 -7.88
N GLY A 36 -13.66 17.68 -8.30
CA GLY A 36 -15.02 17.84 -8.75
C GLY A 36 -15.95 18.19 -7.61
N THR A 37 -15.35 18.57 -6.50
CA THR A 37 -16.08 18.96 -5.32
C THR A 37 -15.57 20.30 -4.81
N SER A 38 -16.10 20.74 -3.67
CA SER A 38 -15.68 22.00 -3.09
C SER A 38 -15.79 21.93 -1.58
N ASP A 39 -15.16 22.88 -0.91
CA ASP A 39 -15.21 22.95 0.55
C ASP A 39 -15.76 24.32 0.95
N PRO A 40 -17.03 24.60 0.62
CA PRO A 40 -17.64 25.89 0.87
C PRO A 40 -18.40 26.00 2.19
N TYR A 41 -18.21 27.14 2.84
CA TYR A 41 -18.90 27.44 4.09
C TYR A 41 -19.43 28.87 4.00
N VAL A 42 -20.48 29.17 4.76
CA VAL A 42 -21.08 30.49 4.69
C VAL A 42 -20.53 31.42 5.78
N LYS A 43 -19.84 32.47 5.35
CA LYS A 43 -19.27 33.44 6.28
C LYS A 43 -20.12 34.70 6.25
N VAL A 44 -20.92 34.89 7.29
CA VAL A 44 -21.79 36.05 7.38
C VAL A 44 -21.01 37.34 7.56
N PHE A 45 -21.27 38.29 6.68
CA PHE A 45 -20.62 39.58 6.75
C PHE A 45 -21.68 40.67 6.70
N LEU A 46 -21.34 41.85 7.18
CA LEU A 46 -22.28 42.95 7.23
C LEU A 46 -21.77 44.16 6.48
N LEU A 47 -22.62 45.18 6.40
CA LEU A 47 -22.30 46.44 5.76
C LEU A 47 -21.40 47.26 6.72
N PRO A 48 -21.21 48.61 6.52
CA PRO A 48 -20.38 49.45 7.44
C PRO A 48 -20.48 49.09 8.92
N ASP A 49 -21.63 48.53 9.33
CA ASP A 49 -21.85 48.09 10.71
C ASP A 49 -20.63 47.32 11.21
N LYS A 50 -20.37 46.18 10.55
CA LYS A 50 -19.23 45.31 10.87
C LYS A 50 -19.12 44.98 12.36
N LYS A 51 -20.24 44.95 13.06
CA LYS A 51 -20.23 44.64 14.48
C LYS A 51 -20.58 43.17 14.69
N LYS A 52 -20.20 42.34 13.73
CA LYS A 52 -20.48 40.92 13.80
C LYS A 52 -19.79 40.17 12.66
N LYS A 53 -19.31 38.97 12.97
CA LYS A 53 -18.63 38.13 12.00
C LYS A 53 -18.60 36.71 12.52
N PHE A 54 -19.11 35.76 11.73
CA PHE A 54 -19.13 34.37 12.14
C PHE A 54 -18.70 33.46 11.01
N GLU A 55 -17.69 32.63 11.29
CA GLU A 55 -17.19 31.69 10.32
C GLU A 55 -17.74 30.31 10.63
N THR A 56 -18.50 29.75 9.69
CA THR A 56 -19.10 28.43 9.89
C THR A 56 -18.07 27.31 9.76
N LYS A 57 -18.51 26.08 9.94
CA LYS A 57 -17.63 24.93 9.84
C LYS A 57 -17.36 24.59 8.39
N VAL A 58 -16.11 24.36 8.07
CA VAL A 58 -15.74 24.02 6.71
C VAL A 58 -16.39 22.69 6.30
N HIS A 59 -17.30 22.77 5.35
CA HIS A 59 -17.98 21.59 4.86
C HIS A 59 -17.12 20.96 3.78
N ARG A 60 -16.14 20.18 4.22
CA ARG A 60 -15.19 19.53 3.33
C ARG A 60 -15.85 18.63 2.29
N LYS A 61 -15.43 18.82 1.05
CA LYS A 61 -15.89 18.07 -0.12
C LYS A 61 -17.40 17.84 -0.14
N THR A 62 -18.15 18.85 -0.52
CA THR A 62 -19.60 18.72 -0.60
C THR A 62 -20.20 19.81 -1.50
N LEU A 63 -21.19 19.43 -2.28
CA LEU A 63 -21.87 20.36 -3.17
C LEU A 63 -23.25 20.66 -2.61
N ASN A 64 -23.53 20.05 -1.48
CA ASN A 64 -24.79 20.20 -0.78
C ASN A 64 -24.52 20.22 0.72
N PRO A 65 -24.10 21.37 1.26
CA PRO A 65 -23.76 21.53 2.68
C PRO A 65 -24.98 21.46 3.60
N VAL A 66 -25.09 20.35 4.33
CA VAL A 66 -26.18 20.16 5.26
C VAL A 66 -25.62 20.14 6.69
N PHE A 67 -26.13 21.01 7.53
CA PHE A 67 -25.65 21.09 8.91
C PHE A 67 -26.59 21.92 9.78
N ASN A 68 -27.19 22.94 9.17
CA ASN A 68 -28.10 23.85 9.88
C ASN A 68 -27.36 24.61 10.97
N GLU A 69 -26.39 25.40 10.55
CA GLU A 69 -25.62 26.21 11.48
C GLU A 69 -26.37 27.50 11.77
N GLN A 70 -26.20 28.05 12.95
CA GLN A 70 -26.91 29.26 13.32
C GLN A 70 -25.97 30.43 13.56
N PHE A 71 -26.41 31.60 13.12
CA PHE A 71 -25.65 32.83 13.29
C PHE A 71 -26.43 33.80 14.16
N THR A 72 -25.78 34.35 15.17
CA THR A 72 -26.41 35.30 16.08
C THR A 72 -26.26 36.72 15.55
N PHE A 73 -27.30 37.19 14.86
CA PHE A 73 -27.31 38.54 14.29
C PHE A 73 -27.61 39.56 15.38
N LYS A 74 -26.60 39.85 16.19
CA LYS A 74 -26.73 40.80 17.31
C LYS A 74 -26.94 42.24 16.83
N VAL A 75 -28.17 42.53 16.42
CA VAL A 75 -28.54 43.85 15.96
C VAL A 75 -29.93 44.17 16.50
N PRO A 76 -30.09 45.31 17.19
CA PRO A 76 -31.39 45.72 17.73
C PRO A 76 -32.42 45.84 16.62
N TYR A 77 -33.65 45.39 16.88
CA TYR A 77 -34.71 45.46 15.89
C TYR A 77 -34.94 46.88 15.41
N SER A 78 -34.58 47.85 16.24
CA SER A 78 -34.72 49.25 15.90
C SER A 78 -33.69 49.67 14.85
N GLU A 79 -32.65 48.86 14.70
CA GLU A 79 -31.59 49.12 13.74
C GLU A 79 -31.66 48.13 12.58
N LEU A 80 -32.72 47.33 12.57
CA LEU A 80 -32.92 46.31 11.54
C LEU A 80 -33.13 46.95 10.17
N GLY A 81 -33.79 48.10 10.14
CA GLY A 81 -34.03 48.78 8.88
C GLY A 81 -32.75 49.24 8.22
N GLY A 82 -31.83 49.76 9.01
CA GLY A 82 -30.57 50.23 8.48
C GLY A 82 -29.49 49.18 8.57
N LYS A 83 -29.87 47.92 8.48
CA LYS A 83 -28.92 46.82 8.56
C LYS A 83 -29.22 45.75 7.53
N THR A 84 -28.39 45.66 6.50
CA THR A 84 -28.56 44.66 5.46
C THR A 84 -27.45 43.61 5.60
N LEU A 85 -27.84 42.38 5.90
CA LEU A 85 -26.87 41.30 6.07
C LEU A 85 -26.47 40.69 4.74
N VAL A 86 -25.23 40.24 4.65
CA VAL A 86 -24.70 39.63 3.43
C VAL A 86 -24.15 38.24 3.73
N MET A 87 -24.76 37.23 3.13
CA MET A 87 -24.34 35.86 3.32
C MET A 87 -23.50 35.41 2.14
N ALA A 88 -22.19 35.34 2.33
CA ALA A 88 -21.28 34.94 1.27
C ALA A 88 -20.69 33.56 1.54
N VAL A 89 -20.57 32.76 0.50
CA VAL A 89 -20.00 31.43 0.64
C VAL A 89 -18.54 31.43 0.22
N TYR A 90 -17.70 30.87 1.08
CA TYR A 90 -16.26 30.82 0.83
C TYR A 90 -15.80 29.37 0.72
N ASP A 91 -14.92 29.11 -0.24
CA ASP A 91 -14.39 27.76 -0.44
C ASP A 91 -13.10 27.59 0.37
N PHE A 92 -12.74 26.34 0.64
CA PHE A 92 -11.54 26.03 1.39
C PHE A 92 -10.85 24.80 0.81
N ASP A 93 -10.58 24.84 -0.50
CA ASP A 93 -9.93 23.72 -1.21
C ASP A 93 -8.55 23.40 -0.62
N ARG A 94 -8.02 24.32 0.18
CA ARG A 94 -6.73 24.17 0.86
C ARG A 94 -5.54 24.18 -0.11
N PHE A 95 -5.65 24.94 -1.20
CA PHE A 95 -4.54 25.02 -2.16
C PHE A 95 -4.68 26.24 -3.06
N SER A 96 -5.78 26.31 -3.76
CA SER A 96 -6.05 27.41 -4.68
C SER A 96 -6.38 28.67 -3.89
N LYS A 97 -6.28 29.82 -4.56
CA LYS A 97 -6.59 31.08 -3.91
C LYS A 97 -8.10 31.30 -3.92
N HIS A 98 -8.79 30.33 -3.33
CA HIS A 98 -10.25 30.32 -3.24
C HIS A 98 -10.81 31.66 -2.76
N ASP A 99 -11.77 32.18 -3.51
CA ASP A 99 -12.41 33.44 -3.18
C ASP A 99 -13.90 33.21 -2.90
N ILE A 100 -14.69 34.27 -2.96
CA ILE A 100 -16.11 34.15 -2.74
C ILE A 100 -16.78 33.57 -3.98
N ILE A 101 -17.40 32.40 -3.83
CA ILE A 101 -18.04 31.74 -4.95
C ILE A 101 -19.39 32.39 -5.26
N GLY A 102 -20.06 32.83 -4.22
CA GLY A 102 -21.35 33.46 -4.38
C GLY A 102 -21.88 33.99 -3.08
N GLU A 103 -22.95 34.77 -3.15
CA GLU A 103 -23.55 35.35 -1.97
C GLU A 103 -24.99 35.78 -2.24
N PHE A 104 -25.64 36.28 -1.20
CA PHE A 104 -27.00 36.79 -1.32
C PHE A 104 -27.28 37.77 -0.20
N LYS A 105 -28.07 38.78 -0.51
CA LYS A 105 -28.42 39.81 0.46
C LYS A 105 -29.88 40.21 0.28
N VAL A 106 -30.48 40.71 1.34
CA VAL A 106 -31.88 41.13 1.30
C VAL A 106 -32.10 42.29 2.26
N PRO A 107 -32.76 43.36 1.81
CA PRO A 107 -33.04 44.53 2.65
C PRO A 107 -33.96 44.17 3.82
N MET A 108 -33.38 44.12 5.01
CA MET A 108 -34.13 43.77 6.22
C MET A 108 -35.19 44.82 6.51
N ASN A 109 -35.00 46.02 5.99
CA ASN A 109 -35.94 47.11 6.18
C ASN A 109 -37.30 46.74 5.61
N THR A 110 -37.29 45.91 4.58
CA THR A 110 -38.51 45.45 3.93
C THR A 110 -39.03 44.17 4.57
N VAL A 111 -38.12 43.44 5.21
CA VAL A 111 -38.48 42.18 5.87
C VAL A 111 -38.90 42.43 7.31
N ASP A 112 -40.20 42.60 7.51
CA ASP A 112 -40.74 42.84 8.84
C ASP A 112 -40.56 41.59 9.70
N PHE A 113 -40.29 41.80 10.98
CA PHE A 113 -40.09 40.69 11.91
C PHE A 113 -41.43 40.23 12.50
N GLY A 114 -42.28 39.71 11.62
CA GLY A 114 -43.59 39.24 12.05
C GLY A 114 -43.48 38.03 12.95
N HIS A 115 -42.77 37.01 12.48
CA HIS A 115 -42.56 35.79 13.26
C HIS A 115 -41.36 35.03 12.75
N VAL A 116 -41.55 34.27 11.68
CA VAL A 116 -40.47 33.49 11.10
C VAL A 116 -40.45 33.63 9.57
N THR A 117 -39.37 34.18 9.06
CA THR A 117 -39.22 34.35 7.63
C THR A 117 -38.52 33.13 7.03
N GLU A 118 -39.32 32.17 6.58
CA GLU A 118 -38.80 30.95 6.00
C GLU A 118 -39.09 30.92 4.51
N GLU A 119 -38.05 30.82 3.70
CA GLU A 119 -38.20 30.81 2.25
C GLU A 119 -36.97 30.19 1.59
N TRP A 120 -37.02 30.02 0.28
CA TRP A 120 -35.91 29.46 -0.47
C TRP A 120 -35.22 30.57 -1.26
N ARG A 121 -34.11 31.05 -0.72
CA ARG A 121 -33.36 32.14 -1.36
C ARG A 121 -32.44 31.63 -2.47
N ASP A 122 -32.32 32.44 -3.51
CA ASP A 122 -31.47 32.13 -4.64
C ASP A 122 -30.05 32.58 -4.34
N LEU A 123 -29.07 31.82 -4.83
CA LEU A 123 -27.68 32.16 -4.61
C LEU A 123 -27.11 32.85 -5.85
N GLN A 124 -26.49 34.00 -5.65
CA GLN A 124 -25.93 34.76 -6.74
C GLN A 124 -24.40 34.68 -6.72
N SER A 125 -23.82 34.21 -7.82
CA SER A 125 -22.37 34.10 -7.92
C SER A 125 -21.72 35.45 -8.18
N ALA A 126 -21.77 36.31 -7.17
CA ALA A 126 -21.18 37.64 -7.28
C ALA A 126 -19.68 37.56 -7.07
N GLU A 127 -18.94 37.69 -8.16
CA GLU A 127 -17.49 37.64 -8.11
C GLU A 127 -16.94 38.84 -7.35
N LYS A 128 -16.40 38.58 -6.17
CA LYS A 128 -15.85 39.62 -5.33
C LYS A 128 -14.34 39.66 -5.47
N MET B 1 34.10 1.34 -15.61
CA MET B 1 35.11 1.18 -14.52
C MET B 1 34.42 1.05 -13.17
N ALA B 2 33.43 1.89 -12.94
CA ALA B 2 32.68 1.89 -11.69
C ALA B 2 31.34 2.57 -11.89
N ALA B 3 30.60 2.77 -10.80
CA ALA B 3 29.29 3.40 -10.84
C ALA B 3 28.34 2.62 -11.75
N GLU B 4 28.50 1.30 -11.75
CA GLU B 4 27.68 0.42 -12.55
C GLU B 4 26.21 0.56 -12.14
N PRO B 5 25.30 0.62 -13.13
CA PRO B 5 23.88 0.75 -12.88
C PRO B 5 23.31 -0.47 -12.16
N LEU B 6 22.35 -0.23 -11.28
CA LEU B 6 21.72 -1.30 -10.52
C LEU B 6 20.48 -1.79 -11.25
N THR B 7 19.68 -2.62 -10.59
CA THR B 7 18.48 -3.15 -11.19
C THR B 7 17.45 -2.02 -11.36
N GLU B 8 16.59 -2.15 -12.36
CA GLU B 8 15.55 -1.16 -12.66
C GLU B 8 14.84 -0.65 -11.40
N LEU B 9 14.21 -1.56 -10.66
CA LEU B 9 13.51 -1.19 -9.45
C LEU B 9 14.46 -0.70 -8.36
N GLU B 10 15.66 -1.26 -8.32
CA GLU B 10 16.65 -0.86 -7.31
C GLU B 10 16.97 0.62 -7.45
N GLU B 11 17.24 1.05 -8.68
CA GLU B 11 17.56 2.45 -8.93
C GLU B 11 16.34 3.34 -8.71
N SER B 12 15.16 2.81 -9.05
CA SER B 12 13.92 3.55 -8.88
C SER B 12 13.62 3.80 -7.41
N ILE B 13 13.84 2.79 -6.57
CA ILE B 13 13.60 2.94 -5.14
C ILE B 13 14.80 3.58 -4.44
N GLU B 14 15.83 3.87 -5.22
CA GLU B 14 17.03 4.49 -4.67
C GLU B 14 16.97 6.01 -4.85
N THR B 15 16.52 6.45 -6.03
CA THR B 15 16.42 7.87 -6.31
C THR B 15 15.45 8.55 -5.34
N VAL B 16 14.40 7.83 -4.93
CA VAL B 16 13.43 8.38 -3.99
C VAL B 16 14.05 8.52 -2.61
N VAL B 17 14.99 7.64 -2.29
CA VAL B 17 15.68 7.67 -1.01
C VAL B 17 16.57 8.91 -0.94
N THR B 18 17.16 9.26 -2.09
CA THR B 18 18.02 10.44 -2.18
C THR B 18 17.24 11.68 -1.78
N THR B 19 16.11 11.92 -2.45
CA THR B 19 15.27 13.06 -2.17
C THR B 19 14.74 13.01 -0.74
N PHE B 20 14.34 11.81 -0.31
CA PHE B 20 13.82 11.58 1.03
C PHE B 20 14.85 11.96 2.09
N PHE B 21 16.06 11.42 1.94
CA PHE B 21 17.14 11.69 2.89
C PHE B 21 17.52 13.17 2.87
N THR B 22 17.45 13.78 1.69
CA THR B 22 17.77 15.19 1.52
C THR B 22 16.79 16.07 2.27
N PHE B 23 15.57 15.60 2.45
CA PHE B 23 14.57 16.37 3.16
C PHE B 23 14.50 15.97 4.63
N ALA B 24 15.17 14.87 4.97
CA ALA B 24 15.19 14.38 6.34
C ALA B 24 16.43 14.87 7.09
N ARG B 25 17.02 15.95 6.61
CA ARG B 25 18.20 16.51 7.23
C ARG B 25 18.10 18.03 7.34
N GLN B 26 16.89 18.53 7.52
CA GLN B 26 16.68 19.97 7.63
C GLN B 26 16.61 20.39 9.09
N GLU B 27 15.74 19.74 9.84
CA GLU B 27 15.57 20.04 11.25
C GLU B 27 16.48 19.18 12.11
N GLY B 28 16.23 17.88 12.14
CA GLY B 28 17.03 17.00 12.94
C GLY B 28 16.61 15.56 12.79
N ARG B 29 17.48 14.65 13.23
CA ARG B 29 17.23 13.21 13.14
C ARG B 29 17.18 12.77 11.68
N LYS B 30 18.33 12.78 11.03
CA LYS B 30 18.42 12.39 9.61
C LYS B 30 18.04 10.92 9.43
N ASP B 31 16.74 10.70 9.27
CA ASP B 31 16.16 9.38 9.10
C ASP B 31 14.64 9.50 9.03
N SER B 32 14.12 10.50 9.74
CA SER B 32 12.69 10.74 9.77
C SER B 32 12.37 12.14 9.25
N LEU B 33 11.11 12.35 8.92
CA LEU B 33 10.65 13.64 8.41
C LEU B 33 9.81 14.38 9.45
N SER B 34 10.20 15.59 9.78
CA SER B 34 9.44 16.40 10.72
C SER B 34 8.23 16.98 9.99
N VAL B 35 7.28 17.53 10.73
CA VAL B 35 6.09 18.11 10.11
C VAL B 35 6.47 19.28 9.21
N ASN B 36 7.50 20.02 9.61
CA ASN B 36 7.96 21.17 8.85
C ASN B 36 8.63 20.71 7.56
N GLU B 37 9.55 19.76 7.69
CA GLU B 37 10.27 19.23 6.53
C GLU B 37 9.31 18.53 5.57
N PHE B 38 8.33 17.84 6.15
CA PHE B 38 7.33 17.13 5.37
C PHE B 38 6.55 18.10 4.49
N LYS B 39 6.23 19.26 5.05
CA LYS B 39 5.49 20.28 4.33
C LYS B 39 6.33 20.85 3.19
N GLU B 40 7.62 21.07 3.46
CA GLU B 40 8.52 21.61 2.46
C GLU B 40 8.66 20.66 1.27
N LEU B 41 8.48 19.36 1.53
CA LEU B 41 8.58 18.35 0.48
C LEU B 41 7.43 18.48 -0.52
N VAL B 42 6.20 18.42 -0.01
CA VAL B 42 5.02 18.50 -0.87
C VAL B 42 4.87 19.87 -1.52
N THR B 43 5.20 20.93 -0.80
CA THR B 43 5.08 22.29 -1.33
C THR B 43 6.12 22.58 -2.42
N GLN B 44 7.13 21.72 -2.53
CA GLN B 44 8.18 21.92 -3.52
C GLN B 44 8.05 20.98 -4.72
N GLN B 45 7.94 19.69 -4.47
CA GLN B 45 7.88 18.72 -5.57
C GLN B 45 6.54 18.00 -5.68
N LEU B 46 5.48 18.56 -5.12
CA LEU B 46 4.18 17.91 -5.23
C LEU B 46 3.00 18.90 -5.29
N PRO B 47 3.07 19.97 -6.11
CA PRO B 47 2.00 20.94 -6.23
C PRO B 47 1.09 20.66 -7.42
N HIS B 48 1.19 19.43 -7.94
CA HIS B 48 0.39 19.01 -9.09
C HIS B 48 -0.53 17.85 -8.73
N LEU B 49 0.05 16.74 -8.33
CA LEU B 49 -0.72 15.55 -7.97
C LEU B 49 -1.59 15.81 -6.74
N LEU B 50 -0.96 16.12 -5.63
CA LEU B 50 -1.67 16.39 -4.40
C LEU B 50 -1.70 17.88 -4.12
N LYS B 51 -2.72 18.55 -4.63
CA LYS B 51 -2.85 19.99 -4.44
C LYS B 51 -3.54 20.30 -3.12
N ASP B 52 -2.78 20.21 -2.03
CA ASP B 52 -3.31 20.50 -0.70
C ASP B 52 -2.18 21.00 0.20
N VAL B 53 -2.06 22.31 0.31
CA VAL B 53 -1.03 22.93 1.13
C VAL B 53 -1.63 23.64 2.33
N GLY B 54 -2.96 23.64 2.40
CA GLY B 54 -3.64 24.32 3.49
C GLY B 54 -3.71 23.48 4.75
N SER B 55 -4.31 22.30 4.66
CA SER B 55 -4.44 21.43 5.81
C SER B 55 -3.45 20.27 5.74
N LEU B 56 -2.18 20.56 5.95
CA LEU B 56 -1.15 19.53 5.94
C LEU B 56 -1.32 18.63 7.16
N ASP B 57 -1.94 19.19 8.19
CA ASP B 57 -2.20 18.46 9.43
C ASP B 57 -3.15 17.29 9.17
N GLU B 58 -4.01 17.47 8.18
CA GLU B 58 -4.96 16.43 7.80
C GLU B 58 -4.20 15.22 7.26
N LYS B 59 -3.13 15.49 6.51
CA LYS B 59 -2.31 14.44 5.94
C LYS B 59 -1.49 13.78 7.05
N MET B 60 -0.89 14.62 7.88
CA MET B 60 -0.07 14.15 9.00
C MET B 60 -0.84 13.18 9.89
N LYS B 61 -2.06 13.57 10.28
CA LYS B 61 -2.90 12.74 11.15
C LYS B 61 -3.30 11.43 10.47
N SER B 62 -3.34 11.41 9.16
CA SER B 62 -3.74 10.21 8.43
C SER B 62 -2.52 9.31 8.14
N LEU B 63 -1.34 9.90 8.08
CA LEU B 63 -0.13 9.17 7.79
C LEU B 63 0.53 8.66 9.07
N ASP B 64 0.66 9.53 10.07
CA ASP B 64 1.27 9.16 11.33
C ASP B 64 0.27 8.34 12.15
N VAL B 65 0.60 7.07 12.34
CA VAL B 65 -0.27 6.17 13.09
C VAL B 65 0.05 6.18 14.58
N ASN B 66 1.10 6.88 14.95
CA ASN B 66 1.50 6.97 16.35
C ASN B 66 1.26 8.39 16.86
N GLN B 67 1.26 9.34 15.92
CA GLN B 67 1.02 10.75 16.20
C GLN B 67 2.03 11.31 17.20
N ASP B 68 3.26 11.48 16.74
CA ASP B 68 4.31 12.05 17.58
C ASP B 68 5.08 13.13 16.81
N SER B 69 4.54 13.46 15.63
CA SER B 69 5.10 14.50 14.76
C SER B 69 6.45 14.08 14.18
N GLU B 70 6.65 12.77 14.02
CA GLU B 70 7.88 12.24 13.47
C GLU B 70 7.55 11.14 12.46
N LEU B 71 7.58 11.51 11.18
CA LEU B 71 7.27 10.56 10.12
C LEU B 71 8.49 9.71 9.79
N LYS B 72 8.45 8.45 10.18
CA LYS B 72 9.56 7.54 9.90
C LYS B 72 9.49 7.10 8.45
N PHE B 73 10.51 6.39 7.99
CA PHE B 73 10.57 5.91 6.60
C PHE B 73 9.29 5.13 6.25
N ASN B 74 8.83 4.31 7.18
CA ASN B 74 7.63 3.50 6.97
C ASN B 74 6.39 4.39 6.81
N GLU B 75 6.21 5.31 7.74
CA GLU B 75 5.09 6.23 7.72
C GLU B 75 5.17 7.18 6.53
N TYR B 76 6.38 7.56 6.16
CA TYR B 76 6.62 8.45 5.03
C TYR B 76 6.25 7.76 3.71
N TRP B 77 6.56 6.47 3.62
CA TRP B 77 6.26 5.69 2.42
C TRP B 77 4.75 5.64 2.18
N ARG B 78 3.98 5.76 3.26
CA ARG B 78 2.53 5.72 3.16
C ARG B 78 2.02 6.86 2.29
N LEU B 79 2.73 7.99 2.31
CA LEU B 79 2.37 9.14 1.50
C LEU B 79 2.54 8.80 0.03
N ILE B 80 3.71 8.26 -0.29
CA ILE B 80 4.03 7.86 -1.67
C ILE B 80 3.06 6.78 -2.15
N GLY B 81 2.70 5.89 -1.24
CA GLY B 81 1.77 4.83 -1.58
C GLY B 81 0.43 5.39 -2.02
N GLU B 82 -0.04 6.41 -1.31
CA GLU B 82 -1.29 7.07 -1.64
C GLU B 82 -1.15 7.89 -2.92
N LEU B 83 0.05 8.39 -3.17
CA LEU B 83 0.33 9.17 -4.36
C LEU B 83 0.15 8.31 -5.60
N ALA B 84 0.66 7.08 -5.53
CA ALA B 84 0.55 6.14 -6.64
C ALA B 84 -0.90 5.74 -6.86
N LYS B 85 -1.72 5.97 -5.85
CA LYS B 85 -3.13 5.65 -5.92
C LYS B 85 -3.89 6.84 -6.50
N GLU B 86 -3.55 8.04 -6.04
CA GLU B 86 -4.20 9.26 -6.51
C GLU B 86 -3.91 9.54 -7.98
N ILE B 87 -2.78 9.03 -8.46
CA ILE B 87 -2.39 9.23 -9.85
C ILE B 87 -3.19 8.33 -10.80
N ARG B 88 -3.95 7.39 -10.23
CA ARG B 88 -4.73 6.47 -11.03
C ARG B 88 -6.21 6.51 -10.64
N LYS B 89 -6.48 6.71 -9.37
CA LYS B 89 -7.85 6.75 -8.86
C LYS B 89 -8.33 8.18 -8.69
N LYS B 90 -7.47 9.03 -8.14
CA LYS B 90 -7.79 10.43 -7.89
C LYS B 90 -9.08 10.53 -7.05
N LYS B 91 -10.04 11.30 -7.50
CA LYS B 91 -11.29 11.45 -6.78
C LYS B 91 -12.40 10.69 -7.48
N ASP B 92 -12.59 9.44 -7.09
CA ASP B 92 -13.61 8.58 -7.66
C ASP B 92 -15.00 9.04 -7.23
N LEU B 93 -15.43 10.16 -7.81
CA LEU B 93 -16.72 10.76 -7.51
C LEU B 93 -17.13 11.68 -8.65
N LYS B 94 -16.22 12.57 -9.04
CA LYS B 94 -16.47 13.51 -10.12
C LYS B 94 -15.30 13.49 -11.10
N ILE B 95 -14.19 14.11 -10.71
CA ILE B 95 -13.00 14.15 -11.55
C ILE B 95 -12.08 13.01 -11.16
N ARG B 96 -12.05 11.98 -11.99
CA ARG B 96 -11.21 10.82 -11.73
C ARG B 96 -10.26 10.54 -12.89
N LYS B 97 -9.44 11.54 -13.22
CA LYS B 97 -8.48 11.40 -14.30
C LYS B 97 -7.20 12.15 -13.94
N LYS B 98 -6.13 11.93 -14.70
CA LYS B 98 -4.85 12.61 -14.45
C LYS B 98 -5.01 14.11 -14.66
N MET C 1 -4.48 6.49 -18.57
CA MET C 1 -4.54 6.37 -20.02
C MET C 1 -3.65 7.42 -20.70
N ALA C 2 -2.99 8.22 -19.89
CA ALA C 2 -2.11 9.26 -20.39
C ALA C 2 -0.84 9.37 -19.55
N ALA C 3 0.27 9.68 -20.19
CA ALA C 3 1.55 9.83 -19.50
C ALA C 3 2.18 11.17 -19.86
N GLU C 4 1.72 12.22 -19.20
CA GLU C 4 2.22 13.56 -19.43
C GLU C 4 3.50 13.81 -18.63
N PRO C 5 4.32 14.80 -19.03
CA PRO C 5 5.56 15.15 -18.33
C PRO C 5 5.28 15.55 -16.88
N LEU C 6 5.87 14.83 -15.94
CA LEU C 6 5.66 15.10 -14.53
C LEU C 6 6.98 15.37 -13.81
N THR C 7 6.90 15.57 -12.50
CA THR C 7 8.09 15.85 -11.69
C THR C 7 8.82 14.56 -11.31
N GLU C 8 9.96 14.71 -10.64
CA GLU C 8 10.79 13.58 -10.21
C GLU C 8 9.98 12.55 -9.42
N LEU C 9 9.24 13.01 -8.42
CA LEU C 9 8.45 12.11 -7.58
C LEU C 9 7.44 11.33 -8.41
N GLU C 10 6.72 12.04 -9.27
CA GLU C 10 5.71 11.44 -10.13
C GLU C 10 6.35 10.49 -11.15
N GLU C 11 7.57 10.81 -11.54
CA GLU C 11 8.31 9.98 -12.50
C GLU C 11 8.83 8.71 -11.83
N SER C 12 9.30 8.86 -10.59
CA SER C 12 9.84 7.74 -9.83
C SER C 12 8.77 6.69 -9.52
N ILE C 13 7.51 7.10 -9.50
CA ILE C 13 6.42 6.17 -9.24
C ILE C 13 5.81 5.69 -10.55
N GLU C 14 6.23 6.28 -11.66
CA GLU C 14 5.72 5.89 -12.96
C GLU C 14 6.57 4.79 -13.56
N THR C 15 7.81 4.67 -13.09
CA THR C 15 8.72 3.66 -13.56
C THR C 15 8.15 2.27 -13.36
N VAL C 16 7.64 2.00 -12.16
CA VAL C 16 7.04 0.71 -11.85
C VAL C 16 5.81 0.46 -12.73
N VAL C 17 5.17 1.54 -13.15
CA VAL C 17 4.00 1.45 -14.00
C VAL C 17 4.39 0.98 -15.40
N THR C 18 5.58 1.39 -15.84
CA THR C 18 6.07 1.00 -17.16
C THR C 18 6.35 -0.51 -17.19
N THR C 19 6.86 -1.03 -16.08
CA THR C 19 7.14 -2.46 -15.98
C THR C 19 5.83 -3.25 -15.90
N PHE C 20 4.87 -2.69 -15.17
CA PHE C 20 3.56 -3.31 -15.01
C PHE C 20 2.81 -3.36 -16.34
N PHE C 21 2.82 -2.25 -17.06
CA PHE C 21 2.12 -2.15 -18.34
C PHE C 21 2.77 -3.00 -19.43
N THR C 22 3.99 -3.46 -19.21
CA THR C 22 4.68 -4.27 -20.20
C THR C 22 4.69 -5.76 -19.81
N PHE C 23 4.36 -6.04 -18.55
CA PHE C 23 4.34 -7.42 -18.07
C PHE C 23 2.94 -7.98 -18.03
N ALA C 24 1.96 -7.13 -17.75
CA ALA C 24 0.56 -7.56 -17.66
C ALA C 24 -0.10 -7.63 -19.04
N ARG C 25 0.71 -7.83 -20.08
CA ARG C 25 0.18 -7.92 -21.43
C ARG C 25 0.62 -9.22 -22.10
N GLN C 26 0.84 -10.24 -21.29
CA GLN C 26 1.28 -11.53 -21.79
C GLN C 26 0.08 -12.48 -21.93
N GLU C 27 -0.84 -12.40 -20.98
CA GLU C 27 -2.03 -13.23 -20.99
C GLU C 27 -3.22 -12.47 -21.59
N GLY C 28 -3.47 -11.27 -21.08
CA GLY C 28 -4.57 -10.48 -21.59
C GLY C 28 -4.94 -9.34 -20.67
N ARG C 29 -5.36 -8.21 -21.26
CA ARG C 29 -5.74 -7.02 -20.51
C ARG C 29 -4.56 -6.48 -19.71
N LYS C 30 -3.82 -5.56 -20.33
CA LYS C 30 -2.62 -4.96 -19.73
C LYS C 30 -2.90 -4.23 -18.41
N ASP C 31 -4.16 -3.98 -18.11
CA ASP C 31 -4.51 -3.29 -16.87
C ASP C 31 -4.91 -4.28 -15.78
N SER C 32 -4.47 -5.53 -15.94
CA SER C 32 -4.76 -6.57 -14.96
C SER C 32 -3.60 -7.57 -14.91
N LEU C 33 -3.15 -7.88 -13.70
CA LEU C 33 -2.05 -8.82 -13.53
C LEU C 33 -2.55 -10.26 -13.49
N SER C 34 -2.18 -11.03 -14.50
CA SER C 34 -2.58 -12.42 -14.58
C SER C 34 -1.62 -13.33 -13.83
N VAL C 35 -2.02 -14.58 -13.60
CA VAL C 35 -1.22 -15.55 -12.85
C VAL C 35 0.18 -15.77 -13.45
N ASN C 36 0.25 -16.02 -14.76
CA ASN C 36 1.53 -16.27 -15.43
C ASN C 36 2.43 -15.05 -15.36
N GLU C 37 1.85 -13.89 -15.63
CA GLU C 37 2.59 -12.64 -15.63
C GLU C 37 3.10 -12.27 -14.24
N PHE C 38 2.27 -12.49 -13.23
CA PHE C 38 2.64 -12.19 -11.86
C PHE C 38 3.84 -13.01 -11.42
N LYS C 39 3.77 -14.32 -11.61
CA LYS C 39 4.85 -15.21 -11.24
C LYS C 39 6.08 -14.99 -12.12
N GLU C 40 5.86 -14.54 -13.34
CA GLU C 40 6.95 -14.28 -14.27
C GLU C 40 7.72 -13.02 -13.86
N LEU C 41 6.99 -12.05 -13.31
CA LEU C 41 7.58 -10.79 -12.88
C LEU C 41 8.47 -10.99 -11.66
N VAL C 42 7.93 -11.63 -10.63
CA VAL C 42 8.67 -11.85 -9.39
C VAL C 42 9.90 -12.72 -9.63
N THR C 43 9.74 -13.86 -10.29
CA THR C 43 10.85 -14.76 -10.56
C THR C 43 11.65 -14.29 -11.77
N GLN C 44 11.94 -13.00 -11.82
CA GLN C 44 12.70 -12.42 -12.92
C GLN C 44 13.23 -11.04 -12.54
N GLN C 45 12.32 -10.13 -12.24
CA GLN C 45 12.70 -8.77 -11.89
C GLN C 45 12.95 -8.62 -10.39
N LEU C 46 12.24 -9.40 -9.57
CA LEU C 46 12.41 -9.32 -8.12
C LEU C 46 12.77 -10.67 -7.48
N PRO C 47 13.84 -11.35 -7.92
CA PRO C 47 14.21 -12.65 -7.33
C PRO C 47 15.10 -12.48 -6.10
N HIS C 48 15.56 -11.26 -5.88
CA HIS C 48 16.42 -10.96 -4.74
C HIS C 48 15.73 -10.00 -3.78
N LEU C 49 15.10 -8.96 -4.32
CA LEU C 49 14.39 -7.99 -3.50
C LEU C 49 13.25 -8.68 -2.76
N LEU C 50 12.52 -9.51 -3.48
CA LEU C 50 11.43 -10.26 -2.91
C LEU C 50 11.87 -11.71 -2.78
N LYS C 51 11.97 -12.19 -1.55
CA LYS C 51 12.42 -13.56 -1.32
C LYS C 51 11.23 -14.50 -1.22
N ASP C 52 10.26 -14.27 -2.09
CA ASP C 52 9.05 -15.09 -2.13
C ASP C 52 8.74 -15.48 -3.56
N VAL C 53 9.70 -16.13 -4.20
CA VAL C 53 9.54 -16.58 -5.58
C VAL C 53 8.99 -17.99 -5.63
N GLY C 54 8.73 -18.56 -4.47
CA GLY C 54 8.22 -19.92 -4.40
C GLY C 54 6.80 -19.96 -3.88
N SER C 55 6.59 -19.39 -2.71
CA SER C 55 5.27 -19.37 -2.08
C SER C 55 4.44 -18.18 -2.56
N LEU C 56 4.85 -17.64 -3.72
CA LEU C 56 4.18 -16.50 -4.33
C LEU C 56 2.70 -16.80 -4.54
N ASP C 57 2.36 -18.08 -4.69
CA ASP C 57 0.98 -18.49 -4.89
C ASP C 57 0.09 -18.03 -3.73
N GLU C 58 0.56 -18.25 -2.51
CA GLU C 58 -0.18 -17.84 -1.33
C GLU C 58 -0.22 -16.32 -1.20
N LYS C 59 0.91 -15.68 -1.52
CA LYS C 59 1.00 -14.23 -1.45
C LYS C 59 0.04 -13.59 -2.43
N MET C 60 0.05 -14.07 -3.67
CA MET C 60 -0.83 -13.55 -4.72
C MET C 60 -2.29 -13.73 -4.31
N LYS C 61 -2.59 -14.89 -3.72
CA LYS C 61 -3.94 -15.20 -3.27
C LYS C 61 -4.36 -14.26 -2.13
N SER C 62 -3.39 -13.86 -1.33
CA SER C 62 -3.66 -12.96 -0.21
C SER C 62 -3.73 -11.50 -0.70
N LEU C 63 -3.11 -11.24 -1.85
CA LEU C 63 -3.11 -9.90 -2.42
C LEU C 63 -4.47 -9.61 -3.06
N ASP C 64 -4.99 -10.59 -3.77
CA ASP C 64 -6.30 -10.44 -4.41
C ASP C 64 -7.40 -10.77 -3.41
N VAL C 65 -7.96 -9.73 -2.81
CA VAL C 65 -9.02 -9.91 -1.83
C VAL C 65 -10.34 -10.26 -2.49
N ASN C 66 -10.39 -10.10 -3.82
CA ASN C 66 -11.58 -10.42 -4.58
C ASN C 66 -11.61 -11.91 -4.84
N GLN C 67 -10.41 -12.48 -4.92
CA GLN C 67 -10.23 -13.91 -5.17
C GLN C 67 -10.88 -14.29 -6.50
N ASP C 68 -10.69 -13.42 -7.49
CA ASP C 68 -11.24 -13.64 -8.82
C ASP C 68 -10.10 -14.00 -9.78
N SER C 69 -8.89 -14.05 -9.22
CA SER C 69 -7.68 -14.42 -9.94
C SER C 69 -7.25 -13.34 -10.94
N GLU C 70 -7.71 -12.12 -10.72
CA GLU C 70 -7.36 -11.01 -11.59
C GLU C 70 -6.92 -9.82 -10.74
N LEU C 71 -5.61 -9.66 -10.61
CA LEU C 71 -5.05 -8.58 -9.82
C LEU C 71 -5.25 -7.25 -10.52
N LYS C 72 -6.22 -6.49 -10.06
CA LYS C 72 -6.54 -5.19 -10.63
C LYS C 72 -5.55 -4.13 -10.14
N PHE C 73 -5.65 -2.92 -10.69
CA PHE C 73 -4.77 -1.82 -10.32
C PHE C 73 -5.18 -1.25 -8.96
N ASN C 74 -5.09 -2.09 -7.95
CA ASN C 74 -5.41 -1.74 -6.58
C ASN C 74 -4.83 -2.81 -5.66
N GLU C 75 -5.12 -4.06 -5.99
CA GLU C 75 -4.61 -5.19 -5.23
C GLU C 75 -3.13 -5.41 -5.54
N TYR C 76 -2.79 -5.26 -6.82
CA TYR C 76 -1.41 -5.41 -7.27
C TYR C 76 -0.53 -4.31 -6.68
N TRP C 77 -1.15 -3.17 -6.40
CA TRP C 77 -0.46 -2.02 -5.83
C TRP C 77 0.19 -2.37 -4.49
N ARG C 78 -0.43 -3.32 -3.79
CA ARG C 78 0.07 -3.74 -2.48
C ARG C 78 1.40 -4.50 -2.61
N LEU C 79 1.65 -5.05 -3.80
CA LEU C 79 2.90 -5.79 -4.03
C LEU C 79 4.09 -4.85 -3.96
N ILE C 80 3.87 -3.61 -4.37
CA ILE C 80 4.92 -2.60 -4.35
C ILE C 80 5.29 -2.30 -2.90
N GLY C 81 4.30 -2.37 -2.03
CA GLY C 81 4.54 -2.12 -0.62
C GLY C 81 5.28 -3.28 0.01
N GLU C 82 5.14 -4.47 -0.57
CA GLU C 82 5.80 -5.66 -0.09
C GLU C 82 7.31 -5.55 -0.26
N LEU C 83 7.74 -5.26 -1.48
CA LEU C 83 9.16 -5.13 -1.78
C LEU C 83 9.76 -3.94 -1.03
N ALA C 84 8.93 -2.95 -0.75
CA ALA C 84 9.37 -1.76 -0.03
C ALA C 84 9.62 -2.07 1.43
N LYS C 85 8.69 -2.81 2.05
CA LYS C 85 8.82 -3.17 3.46
C LYS C 85 9.90 -4.24 3.64
N GLU C 86 10.10 -5.06 2.61
CA GLU C 86 11.10 -6.13 2.65
C GLU C 86 12.52 -5.59 2.73
N ILE C 87 12.68 -4.27 2.62
CA ILE C 87 14.00 -3.66 2.69
C ILE C 87 14.35 -3.28 4.13
N ARG C 88 13.34 -3.27 5.01
CA ARG C 88 13.57 -2.93 6.41
C ARG C 88 12.91 -3.95 7.34
N LYS C 89 12.03 -4.77 6.80
CA LYS C 89 11.35 -5.80 7.58
C LYS C 89 11.52 -7.16 6.91
N LYS C 90 12.45 -7.95 7.43
CA LYS C 90 12.75 -9.27 6.90
C LYS C 90 11.60 -10.26 7.14
N LYS C 91 11.12 -10.31 8.37
CA LYS C 91 10.02 -11.21 8.72
C LYS C 91 9.27 -10.67 9.93
N ASP C 92 9.51 -9.42 10.24
CA ASP C 92 8.89 -8.77 11.39
C ASP C 92 7.49 -8.29 11.06
N LEU C 93 6.60 -9.23 10.76
CA LEU C 93 5.22 -8.90 10.42
C LEU C 93 4.28 -10.05 10.78
N LYS C 94 4.19 -11.04 9.88
CA LYS C 94 3.33 -12.21 10.07
C LYS C 94 1.86 -11.81 9.92
N ILE C 95 1.34 -11.12 10.95
CA ILE C 95 -0.04 -10.62 11.02
C ILE C 95 -1.10 -11.72 10.92
N ARG C 96 -2.24 -11.45 11.55
CA ARG C 96 -3.38 -12.36 11.56
C ARG C 96 -4.60 -11.59 12.03
N LYS C 97 -5.22 -10.89 11.10
CA LYS C 97 -6.40 -10.07 11.40
C LYS C 97 -7.53 -10.38 10.42
N LYS C 98 -8.76 -10.32 10.91
CA LYS C 98 -9.93 -10.57 10.09
C LYS C 98 -10.49 -9.24 9.59
N GLU D 1 17.24 -26.04 -13.46
CA GLU D 1 17.04 -26.78 -12.19
C GLU D 1 18.30 -26.67 -11.33
N LYS D 2 18.18 -25.96 -10.22
CA LYS D 2 19.30 -25.78 -9.31
C LYS D 2 18.84 -25.91 -7.86
N LEU D 3 19.55 -26.72 -7.10
CA LEU D 3 19.22 -26.92 -5.70
C LEU D 3 20.50 -26.97 -4.86
N GLY D 4 21.63 -26.70 -5.51
CA GLY D 4 22.90 -26.70 -4.82
C GLY D 4 23.55 -28.07 -4.84
N LYS D 5 24.32 -28.37 -3.79
CA LYS D 5 25.00 -29.65 -3.69
C LYS D 5 24.85 -30.21 -2.27
N LEU D 6 24.97 -31.52 -2.16
CA LEU D 6 24.84 -32.18 -0.87
C LEU D 6 26.00 -33.14 -0.62
N GLN D 7 26.58 -33.07 0.56
CA GLN D 7 27.68 -33.94 0.93
C GLN D 7 27.11 -35.10 1.74
N TYR D 8 27.41 -36.33 1.33
CA TYR D 8 26.88 -37.48 2.04
C TYR D 8 27.87 -38.65 2.06
N SER D 9 27.79 -39.42 3.14
CA SER D 9 28.65 -40.58 3.33
C SER D 9 27.81 -41.78 3.77
N LEU D 10 27.63 -42.73 2.86
CA LEU D 10 26.82 -43.90 3.15
C LEU D 10 27.67 -45.16 3.21
N ASP D 11 27.44 -45.98 4.23
CA ASP D 11 28.17 -47.23 4.38
C ASP D 11 27.17 -48.38 4.44
N TYR D 12 27.65 -49.60 4.25
CA TYR D 12 26.77 -50.76 4.26
C TYR D 12 26.96 -51.59 5.52
N ASP D 13 25.85 -52.07 6.07
CA ASP D 13 25.88 -52.91 7.26
C ASP D 13 25.18 -54.23 6.97
N PHE D 14 25.91 -55.32 7.11
CA PHE D 14 25.36 -56.63 6.85
C PHE D 14 25.01 -57.36 8.16
N GLN D 15 25.15 -56.66 9.28
CA GLN D 15 24.84 -57.25 10.58
C GLN D 15 23.34 -57.19 10.84
N ASN D 16 22.69 -56.19 10.24
CA ASN D 16 21.26 -56.00 10.38
C ASN D 16 20.61 -55.81 9.02
N ASN D 17 21.45 -55.86 7.97
CA ASN D 17 21.02 -55.70 6.59
C ASN D 17 20.36 -54.33 6.35
N GLN D 18 21.20 -53.32 6.21
CA GLN D 18 20.73 -51.97 5.95
C GLN D 18 21.88 -51.08 5.51
N LEU D 19 21.55 -49.96 4.87
CA LEU D 19 22.55 -49.02 4.43
C LEU D 19 22.50 -47.79 5.34
N LEU D 20 23.64 -47.41 5.88
CA LEU D 20 23.73 -46.27 6.76
C LEU D 20 23.80 -44.99 5.95
N VAL D 21 22.63 -44.39 5.71
CA VAL D 21 22.55 -43.16 4.96
C VAL D 21 22.85 -41.97 5.87
N GLY D 22 24.10 -41.54 5.85
CA GLY D 22 24.51 -40.42 6.67
C GLY D 22 24.86 -39.20 5.84
N ILE D 23 23.97 -38.23 5.83
CA ILE D 23 24.19 -37.01 5.08
C ILE D 23 24.89 -35.99 5.96
N ILE D 24 25.85 -35.28 5.40
CA ILE D 24 26.60 -34.28 6.15
C ILE D 24 25.83 -32.97 6.20
N GLN D 25 25.58 -32.39 5.03
CA GLN D 25 24.87 -31.13 4.94
C GLN D 25 24.55 -30.80 3.48
N ALA D 26 23.84 -29.69 3.29
CA ALA D 26 23.47 -29.23 1.96
C ALA D 26 23.80 -27.75 1.84
N ALA D 27 24.18 -27.31 0.65
CA ALA D 27 24.53 -25.92 0.42
C ALA D 27 23.89 -25.38 -0.85
N GLU D 28 23.72 -24.05 -0.87
CA GLU D 28 23.14 -23.33 -2.00
C GLU D 28 21.66 -23.71 -2.20
N LEU D 29 20.91 -23.71 -1.12
CA LEU D 29 19.49 -24.03 -1.16
C LEU D 29 18.69 -22.80 -1.55
N PRO D 30 17.65 -22.98 -2.39
CA PRO D 30 16.79 -21.88 -2.85
C PRO D 30 15.89 -21.31 -1.74
N ALA D 31 15.32 -20.13 -2.01
CA ALA D 31 14.45 -19.47 -1.06
C ALA D 31 12.99 -19.86 -1.31
N LEU D 32 12.36 -20.43 -0.29
CA LEU D 32 10.96 -20.85 -0.39
C LEU D 32 10.09 -19.97 0.50
N ASP D 33 10.57 -19.71 1.70
CA ASP D 33 9.84 -18.89 2.66
C ASP D 33 10.28 -17.43 2.57
N MET D 34 9.30 -16.52 2.64
CA MET D 34 9.55 -15.09 2.56
C MET D 34 10.56 -14.66 3.62
N GLY D 35 11.56 -13.89 3.20
CA GLY D 35 12.58 -13.44 4.10
C GLY D 35 13.93 -14.01 3.73
N GLY D 36 13.90 -15.03 2.89
CA GLY D 36 15.13 -15.66 2.44
C GLY D 36 15.62 -16.72 3.41
N THR D 37 14.71 -17.24 4.22
CA THR D 37 15.06 -18.25 5.20
C THR D 37 13.98 -19.34 5.24
N SER D 38 14.27 -20.46 4.60
CA SER D 38 13.33 -21.57 4.54
C SER D 38 13.61 -22.58 5.66
N ASP D 39 12.71 -23.54 5.82
CA ASP D 39 12.82 -24.60 6.83
C ASP D 39 12.95 -25.94 6.12
N PRO D 40 14.09 -26.22 5.49
CA PRO D 40 14.28 -27.42 4.71
C PRO D 40 14.91 -28.59 5.47
N TYR D 41 14.25 -29.73 5.39
CA TYR D 41 14.74 -30.97 5.99
C TYR D 41 14.64 -32.07 4.95
N VAL D 42 15.62 -32.97 4.95
CA VAL D 42 15.64 -34.05 3.97
C VAL D 42 14.76 -35.23 4.41
N LYS D 43 13.75 -35.51 3.62
CA LYS D 43 12.85 -36.62 3.88
C LYS D 43 13.11 -37.72 2.86
N VAL D 44 13.50 -38.88 3.37
CA VAL D 44 13.79 -40.00 2.50
C VAL D 44 12.53 -40.65 1.98
N PHE D 45 12.49 -40.88 0.68
CA PHE D 45 11.35 -41.52 0.04
C PHE D 45 11.83 -42.62 -0.88
N LEU D 46 11.03 -43.65 -1.04
CA LEU D 46 11.40 -44.77 -1.88
C LEU D 46 10.39 -44.96 -3.00
N LEU D 47 10.68 -45.94 -3.85
CA LEU D 47 9.82 -46.30 -4.97
C LEU D 47 8.63 -47.11 -4.41
N PRO D 48 7.81 -47.81 -5.24
CA PRO D 48 6.67 -48.63 -4.75
C PRO D 48 7.00 -49.53 -3.54
N ASP D 49 8.29 -49.69 -3.25
CA ASP D 49 8.74 -50.48 -2.10
C ASP D 49 7.99 -50.04 -0.85
N LYS D 50 8.11 -48.74 -0.55
CA LYS D 50 7.44 -48.12 0.60
C LYS D 50 7.64 -48.90 1.91
N LYS D 51 8.81 -49.49 2.08
CA LYS D 51 9.11 -50.23 3.29
C LYS D 51 10.19 -49.52 4.09
N LYS D 52 10.21 -48.20 3.98
CA LYS D 52 11.20 -47.38 4.67
C LYS D 52 10.91 -45.90 4.47
N LYS D 53 10.84 -45.17 5.57
CA LYS D 53 10.58 -43.73 5.55
C LYS D 53 11.08 -43.10 6.85
N PHE D 54 11.67 -41.92 6.75
CA PHE D 54 12.19 -41.24 7.92
C PHE D 54 12.19 -39.73 7.71
N GLU D 55 11.76 -39.00 8.73
CA GLU D 55 11.73 -37.54 8.67
C GLU D 55 12.83 -36.98 9.54
N THR D 56 13.64 -36.10 8.97
CA THR D 56 14.73 -35.50 9.72
C THR D 56 14.22 -34.38 10.63
N LYS D 57 15.14 -33.69 11.29
CA LYS D 57 14.78 -32.61 12.18
C LYS D 57 14.54 -31.34 11.38
N VAL D 58 13.42 -30.67 11.62
CA VAL D 58 13.09 -29.45 10.92
C VAL D 58 14.14 -28.36 11.19
N HIS D 59 14.93 -28.07 10.18
CA HIS D 59 15.97 -27.04 10.29
C HIS D 59 15.34 -25.69 9.98
N ARG D 60 14.67 -25.16 10.99
CA ARG D 60 13.97 -23.89 10.85
C ARG D 60 14.88 -22.72 10.49
N LYS D 61 14.43 -21.98 9.47
CA LYS D 61 15.10 -20.80 8.96
C LYS D 61 16.61 -20.95 8.79
N THR D 62 17.00 -21.66 7.74
CA THR D 62 18.42 -21.86 7.46
C THR D 62 18.60 -22.35 6.02
N LEU D 63 19.66 -21.89 5.37
CA LEU D 63 19.95 -22.30 4.00
C LEU D 63 21.12 -23.27 3.99
N ASN D 64 21.62 -23.57 5.17
CA ASN D 64 22.73 -24.50 5.34
C ASN D 64 22.48 -25.39 6.56
N PRO D 65 21.76 -26.49 6.36
CA PRO D 65 21.43 -27.42 7.44
C PRO D 65 22.57 -28.36 7.81
N VAL D 66 23.27 -28.03 8.89
CA VAL D 66 24.38 -28.85 9.36
C VAL D 66 23.98 -29.62 10.62
N PHE D 67 23.52 -30.85 10.44
CA PHE D 67 23.11 -31.67 11.56
C PHE D 67 23.72 -33.06 11.44
N ASN D 68 23.77 -33.57 10.21
CA ASN D 68 24.32 -34.89 9.92
C ASN D 68 23.42 -35.98 10.47
N GLU D 69 22.15 -35.95 10.05
CA GLU D 69 21.18 -36.95 10.49
C GLU D 69 21.49 -38.33 9.91
N GLN D 70 20.87 -39.35 10.49
CA GLN D 70 21.09 -40.71 10.06
C GLN D 70 19.78 -41.39 9.67
N PHE D 71 19.78 -42.04 8.53
CA PHE D 71 18.59 -42.76 8.06
C PHE D 71 18.93 -44.25 7.91
N THR D 72 18.05 -45.10 8.40
CA THR D 72 18.24 -46.53 8.32
C THR D 72 17.58 -47.12 7.08
N PHE D 73 18.39 -47.41 6.07
CA PHE D 73 17.88 -48.00 4.84
C PHE D 73 17.73 -49.50 5.05
N LYS D 74 16.76 -49.87 5.87
CA LYS D 74 16.50 -51.26 6.21
C LYS D 74 16.07 -52.07 4.99
N VAL D 75 17.02 -52.82 4.44
CA VAL D 75 16.77 -53.65 3.28
C VAL D 75 17.96 -54.58 3.07
N PRO D 76 17.70 -55.84 2.71
CA PRO D 76 18.77 -56.81 2.46
C PRO D 76 19.68 -56.35 1.33
N TYR D 77 20.97 -56.67 1.43
CA TYR D 77 21.95 -56.28 0.42
C TYR D 77 21.57 -56.84 -0.95
N SER D 78 20.75 -57.88 -0.94
CA SER D 78 20.29 -58.52 -2.17
C SER D 78 19.26 -57.64 -2.88
N GLU D 79 18.43 -56.96 -2.11
CA GLU D 79 17.39 -56.10 -2.66
C GLU D 79 17.96 -54.76 -3.12
N LEU D 80 19.22 -54.52 -2.81
CA LEU D 80 19.90 -53.28 -3.18
C LEU D 80 19.88 -53.08 -4.70
N GLY D 81 20.02 -54.18 -5.43
CA GLY D 81 20.02 -54.13 -6.88
C GLY D 81 18.73 -53.59 -7.46
N GLY D 82 17.64 -53.73 -6.72
CA GLY D 82 16.35 -53.24 -7.20
C GLY D 82 15.69 -52.31 -6.21
N LYS D 83 16.48 -51.41 -5.63
CA LYS D 83 15.95 -50.46 -4.67
C LYS D 83 16.63 -49.10 -4.80
N THR D 84 16.01 -48.21 -5.56
CA THR D 84 16.54 -46.87 -5.75
C THR D 84 15.87 -45.90 -4.77
N LEU D 85 16.65 -45.33 -3.87
CA LEU D 85 16.11 -44.40 -2.89
C LEU D 85 16.24 -42.97 -3.36
N VAL D 86 15.33 -42.12 -2.91
CA VAL D 86 15.35 -40.72 -3.28
C VAL D 86 15.38 -39.86 -2.01
N MET D 87 16.09 -38.75 -2.09
CA MET D 87 16.21 -37.83 -0.97
C MET D 87 15.61 -36.49 -1.36
N ALA D 88 14.42 -36.21 -0.85
CA ALA D 88 13.73 -34.98 -1.17
C ALA D 88 13.82 -33.98 -0.02
N VAL D 89 14.10 -32.73 -0.34
CA VAL D 89 14.20 -31.70 0.68
C VAL D 89 12.85 -30.99 0.79
N TYR D 90 12.21 -31.15 1.94
CA TYR D 90 10.91 -30.55 2.18
C TYR D 90 11.02 -29.33 3.08
N ASP D 91 10.29 -28.29 2.74
CA ASP D 91 10.30 -27.06 3.53
C ASP D 91 9.10 -27.03 4.47
N PHE D 92 9.24 -26.29 5.56
CA PHE D 92 8.17 -26.16 6.54
C PHE D 92 8.09 -24.72 7.02
N ASP D 93 7.81 -23.81 6.09
CA ASP D 93 7.68 -22.38 6.36
C ASP D 93 6.70 -22.10 7.51
N ARG D 94 5.74 -23.01 7.69
CA ARG D 94 4.74 -22.92 8.75
C ARG D 94 3.73 -21.80 8.49
N PHE D 95 3.48 -21.49 7.21
CA PHE D 95 2.53 -20.43 6.86
C PHE D 95 1.82 -20.70 5.54
N SER D 96 2.60 -20.93 4.49
CA SER D 96 2.04 -21.15 3.16
C SER D 96 2.06 -22.63 2.77
N LYS D 97 1.87 -22.88 1.48
CA LYS D 97 1.84 -24.23 0.93
C LYS D 97 3.25 -24.69 0.57
N HIS D 98 4.09 -24.81 1.59
CA HIS D 98 5.47 -25.26 1.42
C HIS D 98 5.51 -26.62 0.71
N ASP D 99 6.48 -26.79 -0.17
CA ASP D 99 6.61 -28.04 -0.92
C ASP D 99 8.07 -28.43 -1.09
N ILE D 100 8.30 -29.48 -1.87
CA ILE D 100 9.64 -29.98 -2.14
C ILE D 100 10.29 -29.12 -3.21
N ILE D 101 11.42 -28.50 -2.87
CA ILE D 101 12.13 -27.64 -3.80
C ILE D 101 13.06 -28.45 -4.70
N GLY D 102 13.40 -29.66 -4.28
CA GLY D 102 14.27 -30.49 -5.08
C GLY D 102 14.56 -31.81 -4.41
N GLU D 103 15.24 -32.69 -5.15
CA GLU D 103 15.58 -34.01 -4.63
C GLU D 103 16.66 -34.64 -5.50
N PHE D 104 17.18 -35.77 -5.03
CA PHE D 104 18.19 -36.50 -5.77
C PHE D 104 18.02 -37.99 -5.52
N LYS D 105 18.34 -38.79 -6.51
CA LYS D 105 18.21 -40.24 -6.40
C LYS D 105 19.41 -40.90 -7.08
N VAL D 106 19.88 -41.98 -6.49
CA VAL D 106 21.01 -42.70 -7.04
C VAL D 106 20.72 -44.20 -7.08
N PRO D 107 20.86 -44.81 -8.27
CA PRO D 107 20.61 -46.24 -8.44
C PRO D 107 21.64 -47.08 -7.69
N MET D 108 21.21 -47.65 -6.56
CA MET D 108 22.09 -48.48 -5.73
C MET D 108 22.64 -49.66 -6.52
N ASN D 109 21.92 -50.05 -7.56
CA ASN D 109 22.32 -51.15 -8.42
C ASN D 109 23.66 -50.84 -9.10
N THR D 110 23.87 -49.56 -9.37
CA THR D 110 25.10 -49.11 -10.02
C THR D 110 26.12 -48.62 -8.99
N VAL D 111 25.79 -48.78 -7.72
CA VAL D 111 26.67 -48.35 -6.64
C VAL D 111 27.24 -49.57 -5.92
N ASP D 112 28.48 -49.90 -6.24
CA ASP D 112 29.15 -51.03 -5.62
C ASP D 112 29.45 -50.69 -4.15
N PHE D 113 29.02 -51.59 -3.26
CA PHE D 113 29.23 -51.40 -1.83
C PHE D 113 30.54 -52.05 -1.38
N GLY D 114 31.65 -51.52 -1.88
CA GLY D 114 32.94 -52.05 -1.53
C GLY D 114 33.34 -51.69 -0.11
N HIS D 115 33.20 -50.42 0.22
CA HIS D 115 33.55 -49.94 1.55
C HIS D 115 32.58 -48.84 2.00
N VAL D 116 32.84 -47.63 1.56
CA VAL D 116 32.00 -46.49 1.92
C VAL D 116 31.74 -45.62 0.70
N THR D 117 30.55 -45.04 0.63
CA THR D 117 30.18 -44.17 -0.46
C THR D 117 30.04 -42.73 0.02
N GLU D 118 31.12 -41.98 -0.09
CA GLU D 118 31.13 -40.59 0.33
C GLU D 118 31.52 -39.71 -0.86
N GLU D 119 30.57 -38.92 -1.32
CA GLU D 119 30.79 -38.05 -2.47
C GLU D 119 29.97 -36.78 -2.35
N TRP D 120 30.11 -35.90 -3.34
CA TRP D 120 29.39 -34.64 -3.37
C TRP D 120 28.32 -34.72 -4.45
N ARG D 121 27.11 -35.03 -4.05
CA ARG D 121 26.00 -35.18 -4.99
C ARG D 121 25.40 -33.84 -5.39
N ASP D 122 25.09 -33.72 -6.67
CA ASP D 122 24.49 -32.52 -7.23
C ASP D 122 22.98 -32.53 -6.94
N LEU D 123 22.48 -31.42 -6.43
CA LEU D 123 21.06 -31.31 -6.11
C LEU D 123 20.35 -30.58 -7.23
N GLN D 124 19.24 -31.14 -7.67
CA GLN D 124 18.46 -30.54 -8.75
C GLN D 124 17.02 -30.31 -8.29
N SER D 125 16.37 -29.33 -8.90
CA SER D 125 14.99 -29.01 -8.56
C SER D 125 14.04 -29.98 -9.27
N ALA D 126 13.13 -30.54 -8.51
CA ALA D 126 12.16 -31.48 -9.06
C ALA D 126 10.78 -31.16 -8.51
N GLU D 127 10.04 -30.34 -9.25
CA GLU D 127 8.70 -29.95 -8.83
C GLU D 127 7.78 -31.16 -8.78
N LYS D 128 6.80 -31.13 -7.90
CA LYS D 128 5.86 -32.22 -7.76
C LYS D 128 4.55 -31.89 -8.44
N GLU A 1 -25.66 34.98 -13.53
CA GLU A 1 -24.94 34.52 -12.32
C GLU A 1 -25.80 33.54 -11.53
N LYS A 2 -25.27 32.35 -11.29
CA LYS A 2 -25.98 31.32 -10.54
C LYS A 2 -25.02 30.63 -9.57
N LEU A 3 -25.51 30.32 -8.39
CA LEU A 3 -24.70 29.64 -7.39
C LEU A 3 -25.46 28.42 -6.86
N GLY A 4 -26.77 28.45 -6.94
CA GLY A 4 -27.58 27.34 -6.49
C GLY A 4 -28.78 27.80 -5.69
N LYS A 5 -29.19 27.00 -4.73
CA LYS A 5 -30.33 27.32 -3.88
C LYS A 5 -29.97 27.13 -2.42
N LEU A 6 -30.50 27.97 -1.56
CA LEU A 6 -30.22 27.87 -0.13
C LEU A 6 -31.51 27.90 0.67
N GLN A 7 -31.71 26.89 1.49
CA GLN A 7 -32.91 26.81 2.32
C GLN A 7 -32.57 27.34 3.71
N TYR A 8 -33.37 28.28 4.21
CA TYR A 8 -33.10 28.86 5.52
C TYR A 8 -34.38 29.29 6.23
N SER A 9 -34.26 29.44 7.54
CA SER A 9 -35.37 29.87 8.38
C SER A 9 -34.85 30.91 9.38
N LEU A 10 -35.40 32.12 9.31
CA LEU A 10 -34.97 33.19 10.19
C LEU A 10 -36.10 33.63 11.11
N ASP A 11 -35.77 33.87 12.37
CA ASP A 11 -36.74 34.34 13.35
C ASP A 11 -36.12 35.47 14.16
N TYR A 12 -36.95 36.32 14.75
CA TYR A 12 -36.45 37.46 15.51
C TYR A 12 -36.53 37.21 17.01
N ASP A 13 -35.54 37.75 17.73
CA ASP A 13 -35.49 37.63 19.18
C ASP A 13 -35.71 39.00 19.81
N PHE A 14 -36.29 39.02 21.00
CA PHE A 14 -36.55 40.27 21.70
C PHE A 14 -36.02 40.22 23.13
N GLN A 15 -35.08 39.32 23.40
CA GLN A 15 -34.53 39.20 24.74
C GLN A 15 -33.12 39.78 24.78
N ASN A 16 -32.36 39.60 23.71
CA ASN A 16 -31.00 40.13 23.64
C ASN A 16 -30.78 40.90 22.34
N ASN A 17 -31.87 41.09 21.62
CA ASN A 17 -31.87 41.83 20.35
C ASN A 17 -30.97 41.19 19.29
N GLN A 18 -31.51 40.23 18.56
CA GLN A 18 -30.77 39.55 17.53
C GLN A 18 -31.69 38.78 16.59
N LEU A 19 -31.19 38.47 15.42
CA LEU A 19 -31.93 37.70 14.44
C LEU A 19 -31.30 36.32 14.31
N LEU A 20 -32.08 35.28 14.58
CA LEU A 20 -31.59 33.92 14.50
C LEU A 20 -31.52 33.45 13.06
N VAL A 21 -30.35 33.60 12.46
CA VAL A 21 -30.14 33.19 11.08
C VAL A 21 -29.78 31.71 11.03
N GLY A 22 -30.79 30.88 10.80
CA GLY A 22 -30.55 29.45 10.74
C GLY A 22 -30.64 28.93 9.31
N ILE A 23 -29.50 28.54 8.77
CA ILE A 23 -29.46 28.02 7.41
C ILE A 23 -29.49 26.50 7.44
N ILE A 24 -30.40 25.92 6.68
CA ILE A 24 -30.54 24.47 6.63
C ILE A 24 -29.44 23.85 5.79
N GLN A 25 -29.42 24.20 4.50
CA GLN A 25 -28.42 23.66 3.59
C GLN A 25 -28.46 24.38 2.25
N ALA A 26 -27.45 24.11 1.43
CA ALA A 26 -27.36 24.69 0.10
C ALA A 26 -27.36 23.57 -0.93
N ALA A 27 -27.77 23.87 -2.15
CA ALA A 27 -27.82 22.87 -3.20
C ALA A 27 -27.26 23.39 -4.52
N GLU A 28 -26.70 22.46 -5.30
CA GLU A 28 -26.13 22.74 -6.62
C GLU A 28 -25.01 23.77 -6.59
N LEU A 29 -24.08 23.58 -5.67
CA LEU A 29 -22.94 24.50 -5.55
C LEU A 29 -21.87 24.17 -6.59
N PRO A 30 -21.17 25.19 -7.13
CA PRO A 30 -20.13 24.99 -8.15
C PRO A 30 -18.88 24.32 -7.58
N ALA A 31 -18.12 23.67 -8.46
CA ALA A 31 -16.90 22.99 -8.06
C ALA A 31 -15.72 23.94 -8.12
N LEU A 32 -15.00 24.05 -7.02
CA LEU A 32 -13.83 24.90 -6.95
C LEU A 32 -12.58 24.05 -7.03
N ASP A 33 -12.48 23.09 -6.12
CA ASP A 33 -11.33 22.20 -6.06
C ASP A 33 -11.43 21.11 -7.13
N MET A 34 -10.28 20.55 -7.48
CA MET A 34 -10.18 19.50 -8.47
C MET A 34 -10.81 18.22 -7.96
N GLY A 35 -11.87 17.79 -8.61
CA GLY A 35 -12.55 16.58 -8.21
C GLY A 35 -14.05 16.71 -8.33
N GLY A 36 -14.51 17.95 -8.43
CA GLY A 36 -15.94 18.20 -8.56
C GLY A 36 -16.60 18.41 -7.22
N THR A 37 -15.78 18.49 -6.19
CA THR A 37 -16.27 18.69 -4.83
C THR A 37 -15.41 19.73 -4.11
N SER A 38 -16.04 20.83 -3.72
CA SER A 38 -15.34 21.90 -3.03
C SER A 38 -15.61 21.84 -1.53
N ASP A 39 -14.99 22.75 -0.79
CA ASP A 39 -15.17 22.84 0.65
C ASP A 39 -15.78 24.19 0.98
N PRO A 40 -17.09 24.35 0.69
CA PRO A 40 -17.78 25.62 0.88
C PRO A 40 -18.46 25.77 2.23
N TYR A 41 -18.14 26.85 2.91
CA TYR A 41 -18.75 27.18 4.18
C TYR A 41 -19.32 28.59 4.08
N VAL A 42 -20.42 28.85 4.76
CA VAL A 42 -21.06 30.15 4.68
C VAL A 42 -20.58 31.09 5.78
N LYS A 43 -20.00 32.20 5.38
CA LYS A 43 -19.52 33.21 6.30
C LYS A 43 -20.37 34.46 6.15
N VAL A 44 -20.78 35.02 7.26
CA VAL A 44 -21.63 36.20 7.22
C VAL A 44 -20.82 37.47 6.98
N PHE A 45 -21.33 38.30 6.10
CA PHE A 45 -20.70 39.56 5.77
C PHE A 45 -21.71 40.67 5.98
N LEU A 46 -21.34 41.68 6.74
CA LEU A 46 -22.23 42.77 7.03
C LEU A 46 -21.84 44.04 6.30
N LEU A 47 -22.72 45.01 6.35
CA LEU A 47 -22.52 46.32 5.74
C LEU A 47 -21.48 47.10 6.57
N PRO A 48 -21.23 48.41 6.32
CA PRO A 48 -20.26 49.23 7.10
C PRO A 48 -20.28 49.01 8.61
N ASP A 49 -21.36 48.43 9.15
CA ASP A 49 -21.46 48.13 10.58
C ASP A 49 -20.25 47.31 11.01
N LYS A 50 -20.10 46.15 10.37
CA LYS A 50 -18.97 45.24 10.61
C LYS A 50 -18.80 44.86 12.08
N LYS A 51 -19.87 44.95 12.87
CA LYS A 51 -19.79 44.61 14.28
C LYS A 51 -20.22 43.17 14.49
N LYS A 52 -19.85 42.29 13.55
CA LYS A 52 -20.21 40.89 13.62
C LYS A 52 -19.59 40.11 12.46
N LYS A 53 -18.94 39.01 12.77
CA LYS A 53 -18.32 38.16 11.76
C LYS A 53 -18.24 36.73 12.29
N PHE A 54 -18.94 35.82 11.64
CA PHE A 54 -18.96 34.43 12.05
C PHE A 54 -18.52 33.52 10.91
N GLU A 55 -17.64 32.59 11.24
CA GLU A 55 -17.12 31.64 10.27
C GLU A 55 -17.63 30.23 10.61
N THR A 56 -18.42 29.65 9.71
CA THR A 56 -18.97 28.32 9.94
C THR A 56 -17.90 27.26 9.80
N LYS A 57 -18.25 26.03 10.14
CA LYS A 57 -17.31 24.93 10.06
C LYS A 57 -17.08 24.55 8.61
N VAL A 58 -15.83 24.32 8.25
CA VAL A 58 -15.48 23.94 6.88
C VAL A 58 -16.16 22.64 6.49
N HIS A 59 -17.05 22.73 5.51
CA HIS A 59 -17.78 21.56 5.03
C HIS A 59 -16.95 20.89 3.94
N ARG A 60 -16.01 20.07 4.39
CA ARG A 60 -15.09 19.37 3.50
C ARG A 60 -15.80 18.53 2.43
N LYS A 61 -15.38 18.80 1.19
CA LYS A 61 -15.86 18.10 -0.01
C LYS A 61 -17.35 17.78 0.00
N THR A 62 -18.16 18.74 -0.42
CA THR A 62 -19.60 18.54 -0.49
C THR A 62 -20.27 19.68 -1.26
N LEU A 63 -21.22 19.31 -2.12
CA LEU A 63 -21.96 20.29 -2.90
C LEU A 63 -23.24 20.67 -2.15
N ASN A 64 -23.57 19.83 -1.16
CA ASN A 64 -24.73 20.05 -0.32
C ASN A 64 -24.27 20.08 1.13
N PRO A 65 -23.85 21.26 1.62
CA PRO A 65 -23.37 21.44 2.98
C PRO A 65 -24.48 21.38 4.02
N VAL A 66 -24.85 20.19 4.42
CA VAL A 66 -25.89 20.01 5.42
C VAL A 66 -25.27 20.04 6.81
N PHE A 67 -25.77 20.92 7.66
CA PHE A 67 -25.25 21.06 9.01
C PHE A 67 -26.26 21.79 9.91
N ASN A 68 -26.91 22.80 9.32
CA ASN A 68 -27.90 23.62 10.02
C ASN A 68 -27.23 24.48 11.10
N GLU A 69 -26.24 25.24 10.69
CA GLU A 69 -25.53 26.11 11.60
C GLU A 69 -26.31 27.42 11.74
N GLN A 70 -26.16 28.10 12.87
CA GLN A 70 -26.89 29.32 13.11
C GLN A 70 -25.96 30.50 13.41
N PHE A 71 -26.34 31.66 12.92
CA PHE A 71 -25.59 32.88 13.13
C PHE A 71 -26.39 33.83 14.01
N THR A 72 -25.74 34.43 15.00
CA THR A 72 -26.39 35.35 15.90
C THR A 72 -26.22 36.79 15.44
N PHE A 73 -27.22 37.32 14.75
CA PHE A 73 -27.19 38.68 14.25
C PHE A 73 -27.48 39.65 15.39
N LYS A 74 -26.47 39.88 16.22
CA LYS A 74 -26.60 40.76 17.38
C LYS A 74 -26.75 42.21 16.95
N VAL A 75 -27.99 42.66 16.85
CA VAL A 75 -28.32 44.03 16.47
C VAL A 75 -29.79 44.29 16.80
N PRO A 76 -30.10 45.42 17.46
CA PRO A 76 -31.46 45.78 17.81
C PRO A 76 -32.40 45.72 16.62
N TYR A 77 -33.54 45.05 16.79
CA TYR A 77 -34.52 44.91 15.72
C TYR A 77 -35.06 46.27 15.27
N SER A 78 -34.93 47.26 16.15
CA SER A 78 -35.39 48.60 15.86
C SER A 78 -34.35 49.36 15.00
N GLU A 79 -33.19 48.75 14.81
CA GLU A 79 -32.13 49.35 14.02
C GLU A 79 -31.70 48.42 12.89
N LEU A 80 -32.56 47.45 12.57
CA LEU A 80 -32.25 46.50 11.51
C LEU A 80 -32.55 47.09 10.14
N GLY A 81 -33.31 48.19 10.12
CA GLY A 81 -33.67 48.84 8.87
C GLY A 81 -32.45 49.21 8.03
N GLY A 82 -31.44 49.75 8.68
CA GLY A 82 -30.24 50.14 7.98
C GLY A 82 -29.10 49.20 8.29
N LYS A 83 -29.41 47.93 8.46
CA LYS A 83 -28.41 46.93 8.77
C LYS A 83 -28.56 45.71 7.85
N THR A 84 -28.40 45.95 6.55
CA THR A 84 -28.51 44.89 5.56
C THR A 84 -27.36 43.88 5.72
N LEU A 85 -27.71 42.63 5.94
CA LEU A 85 -26.70 41.58 6.11
C LEU A 85 -26.64 40.71 4.87
N VAL A 86 -25.48 40.13 4.61
CA VAL A 86 -25.27 39.26 3.46
C VAL A 86 -24.62 37.95 3.90
N MET A 87 -24.82 36.90 3.13
CA MET A 87 -24.24 35.61 3.43
C MET A 87 -23.39 35.15 2.26
N ALA A 88 -22.10 35.07 2.46
CA ALA A 88 -21.18 34.67 1.40
C ALA A 88 -20.60 33.29 1.66
N VAL A 89 -20.60 32.45 0.65
CA VAL A 89 -20.06 31.10 0.78
C VAL A 89 -18.62 31.07 0.27
N TYR A 90 -17.72 30.68 1.16
CA TYR A 90 -16.30 30.62 0.84
C TYR A 90 -15.81 29.18 0.79
N ASP A 91 -14.92 28.90 -0.15
CA ASP A 91 -14.34 27.57 -0.31
C ASP A 91 -13.01 27.48 0.43
N PHE A 92 -12.59 26.28 0.78
CA PHE A 92 -11.34 26.08 1.48
C PHE A 92 -10.60 24.86 0.93
N ASP A 93 -10.30 24.90 -0.37
CA ASP A 93 -9.58 23.82 -1.06
C ASP A 93 -8.21 23.54 -0.42
N ARG A 94 -7.73 24.49 0.38
CA ARG A 94 -6.46 24.38 1.10
C ARG A 94 -5.24 24.35 0.18
N PHE A 95 -5.33 24.97 -0.98
CA PHE A 95 -4.20 25.01 -1.90
C PHE A 95 -4.25 26.24 -2.78
N SER A 96 -5.25 26.27 -3.64
CA SER A 96 -5.44 27.38 -4.54
C SER A 96 -5.99 28.57 -3.77
N LYS A 97 -5.94 29.74 -4.36
CA LYS A 97 -6.47 30.92 -3.71
C LYS A 97 -7.97 30.94 -3.88
N HIS A 98 -8.62 30.03 -3.16
CA HIS A 98 -10.08 29.87 -3.17
C HIS A 98 -10.79 31.20 -3.12
N ASP A 99 -11.80 31.35 -3.94
CA ASP A 99 -12.56 32.58 -4.04
C ASP A 99 -14.01 32.37 -3.62
N ILE A 100 -14.73 33.47 -3.50
CA ILE A 100 -16.14 33.43 -3.13
C ILE A 100 -16.95 33.01 -4.34
N ILE A 101 -17.49 31.79 -4.30
CA ILE A 101 -18.30 31.26 -5.40
C ILE A 101 -19.57 32.06 -5.59
N GLY A 102 -20.08 32.65 -4.51
CA GLY A 102 -21.28 33.44 -4.59
C GLY A 102 -21.80 33.83 -3.23
N GLU A 103 -22.91 34.55 -3.21
CA GLU A 103 -23.51 35.00 -1.97
C GLU A 103 -24.93 35.50 -2.23
N PHE A 104 -25.53 36.10 -1.21
CA PHE A 104 -26.86 36.66 -1.32
C PHE A 104 -27.09 37.68 -0.21
N LYS A 105 -27.95 38.64 -0.48
CA LYS A 105 -28.27 39.69 0.48
C LYS A 105 -29.73 40.06 0.36
N VAL A 106 -30.35 40.43 1.48
CA VAL A 106 -31.75 40.81 1.48
C VAL A 106 -31.98 42.05 2.35
N PRO A 107 -32.71 43.05 1.81
CA PRO A 107 -33.02 44.28 2.55
C PRO A 107 -33.84 44.02 3.79
N MET A 108 -33.19 44.11 4.95
CA MET A 108 -33.86 43.87 6.24
C MET A 108 -34.91 44.92 6.54
N ASN A 109 -34.85 46.04 5.83
CA ASN A 109 -35.83 47.11 6.03
C ASN A 109 -37.16 46.73 5.39
N THR A 110 -37.08 45.95 4.32
CA THR A 110 -38.25 45.49 3.61
C THR A 110 -38.84 44.26 4.31
N VAL A 111 -37.97 43.37 4.75
CA VAL A 111 -38.41 42.17 5.44
C VAL A 111 -38.89 42.50 6.85
N ASP A 112 -40.16 42.24 7.11
CA ASP A 112 -40.73 42.51 8.41
C ASP A 112 -40.52 41.32 9.33
N PHE A 113 -40.43 41.59 10.63
CA PHE A 113 -40.23 40.53 11.61
C PHE A 113 -41.52 40.27 12.38
N GLY A 114 -42.62 40.19 11.64
CA GLY A 114 -43.90 39.91 12.26
C GLY A 114 -43.95 38.53 12.86
N HIS A 115 -43.30 37.58 12.21
CA HIS A 115 -43.25 36.20 12.68
C HIS A 115 -41.92 35.54 12.32
N VAL A 116 -41.90 34.80 11.22
CA VAL A 116 -40.69 34.11 10.80
C VAL A 116 -40.46 34.27 9.29
N THR A 117 -39.21 34.13 8.88
CA THR A 117 -38.85 34.24 7.49
C THR A 117 -38.35 32.90 6.95
N GLU A 118 -39.24 32.16 6.30
CA GLU A 118 -38.89 30.86 5.74
C GLU A 118 -39.13 30.85 4.23
N GLU A 119 -38.05 30.77 3.47
CA GLU A 119 -38.15 30.77 2.03
C GLU A 119 -36.96 30.05 1.40
N TRP A 120 -37.07 29.71 0.14
CA TRP A 120 -36.01 29.02 -0.58
C TRP A 120 -35.18 30.06 -1.33
N ARG A 121 -34.27 30.68 -0.60
CA ARG A 121 -33.41 31.73 -1.14
C ARG A 121 -32.55 31.23 -2.31
N ASP A 122 -32.49 32.03 -3.35
CA ASP A 122 -31.71 31.72 -4.52
C ASP A 122 -30.27 32.20 -4.33
N LEU A 123 -29.33 31.38 -4.78
CA LEU A 123 -27.92 31.70 -4.65
C LEU A 123 -27.40 32.19 -5.99
N GLN A 124 -26.67 33.30 -5.97
CA GLN A 124 -26.12 33.87 -7.19
C GLN A 124 -24.62 34.07 -7.04
N SER A 125 -23.91 34.09 -8.17
CA SER A 125 -22.47 34.29 -8.15
C SER A 125 -22.14 35.77 -8.00
N ALA A 126 -21.21 36.08 -7.10
CA ALA A 126 -20.81 37.46 -6.88
C ALA A 126 -19.30 37.54 -6.69
N GLU A 127 -18.59 37.78 -7.78
CA GLU A 127 -17.14 37.89 -7.74
C GLU A 127 -16.75 39.21 -7.08
N LYS A 128 -15.94 39.13 -6.04
CA LYS A 128 -15.50 40.33 -5.33
C LYS A 128 -14.05 40.65 -5.67
N MET B 1 34.40 0.55 -16.37
CA MET B 1 34.49 1.41 -15.17
C MET B 1 33.55 0.89 -14.11
N ALA B 2 33.40 1.66 -13.03
CA ALA B 2 32.52 1.26 -11.93
C ALA B 2 31.16 1.93 -12.09
N ALA B 3 30.42 2.05 -10.98
CA ALA B 3 29.10 2.65 -10.97
C ALA B 3 28.15 1.91 -11.90
N GLU B 4 28.13 0.59 -11.77
CA GLU B 4 27.27 -0.25 -12.59
C GLU B 4 25.81 -0.12 -12.14
N PRO B 5 24.89 -0.03 -13.10
CA PRO B 5 23.46 0.13 -12.82
C PRO B 5 22.88 -1.13 -12.14
N LEU B 6 21.97 -0.90 -11.20
CA LEU B 6 21.33 -2.00 -10.49
C LEU B 6 20.03 -2.38 -11.19
N THR B 7 19.24 -3.23 -10.56
CA THR B 7 17.97 -3.65 -11.13
C THR B 7 17.03 -2.45 -11.23
N GLU B 8 16.17 -2.45 -12.26
CA GLU B 8 15.22 -1.36 -12.50
C GLU B 8 14.59 -0.81 -11.22
N LEU B 9 13.86 -1.67 -10.51
CA LEU B 9 13.19 -1.27 -9.27
C LEU B 9 14.17 -0.84 -8.20
N GLU B 10 15.32 -1.49 -8.14
CA GLU B 10 16.35 -1.17 -7.14
C GLU B 10 16.88 0.25 -7.38
N GLU B 11 16.86 0.69 -8.63
CA GLU B 11 17.32 2.02 -8.97
C GLU B 11 16.21 3.03 -8.75
N SER B 12 14.97 2.60 -8.98
CA SER B 12 13.81 3.47 -8.79
C SER B 12 13.69 3.86 -7.32
N ILE B 13 13.92 2.89 -6.43
CA ILE B 13 13.85 3.15 -5.01
C ILE B 13 15.05 4.00 -4.56
N GLU B 14 16.16 3.87 -5.28
CA GLU B 14 17.36 4.63 -4.95
C GLU B 14 17.11 6.12 -5.19
N THR B 15 16.26 6.42 -6.17
CA THR B 15 15.93 7.80 -6.50
C THR B 15 15.12 8.45 -5.37
N VAL B 16 14.07 7.78 -4.92
CA VAL B 16 13.25 8.32 -3.84
C VAL B 16 14.02 8.33 -2.52
N VAL B 17 14.91 7.36 -2.34
CA VAL B 17 15.72 7.28 -1.13
C VAL B 17 16.67 8.46 -1.03
N THR B 18 17.28 8.84 -2.15
CA THR B 18 18.21 9.96 -2.15
C THR B 18 17.46 11.27 -1.90
N THR B 19 16.34 11.46 -2.59
CA THR B 19 15.52 12.65 -2.42
C THR B 19 15.03 12.75 -0.96
N PHE B 20 14.56 11.62 -0.43
CA PHE B 20 14.07 11.57 0.95
C PHE B 20 15.21 11.89 1.92
N PHE B 21 16.41 11.44 1.59
CA PHE B 21 17.57 11.67 2.44
C PHE B 21 17.93 13.15 2.50
N THR B 22 17.67 13.89 1.43
CA THR B 22 17.98 15.31 1.39
C THR B 22 16.95 16.12 2.18
N PHE B 23 15.81 15.49 2.48
CA PHE B 23 14.77 16.15 3.23
C PHE B 23 14.86 15.78 4.71
N ALA B 24 15.11 14.51 4.98
CA ALA B 24 15.24 14.02 6.35
C ALA B 24 16.60 14.36 6.92
N ARG B 25 16.88 15.65 7.03
CA ARG B 25 18.16 16.15 7.55
C ARG B 25 18.14 17.66 7.63
N GLN B 26 16.95 18.25 7.68
CA GLN B 26 16.81 19.69 7.72
C GLN B 26 16.71 20.16 9.17
N GLU B 27 15.81 19.53 9.91
CA GLU B 27 15.61 19.89 11.31
C GLU B 27 16.35 18.90 12.22
N GLY B 28 16.33 17.64 11.86
CA GLY B 28 17.02 16.65 12.66
C GLY B 28 16.49 15.25 12.44
N ARG B 29 17.21 14.27 12.99
CA ARG B 29 16.85 12.86 12.89
C ARG B 29 16.86 12.40 11.44
N LYS B 30 18.07 12.24 10.90
CA LYS B 30 18.26 11.82 9.51
C LYS B 30 17.83 10.37 9.30
N ASP B 31 16.51 10.20 9.21
CA ASP B 31 15.88 8.89 9.01
C ASP B 31 14.36 9.07 9.09
N SER B 32 13.97 10.16 9.74
CA SER B 32 12.56 10.50 9.90
C SER B 32 12.27 11.89 9.32
N LEU B 33 11.00 12.19 9.12
CA LEU B 33 10.59 13.48 8.60
C LEU B 33 9.84 14.29 9.66
N SER B 34 10.35 15.48 9.95
CA SER B 34 9.71 16.36 10.91
C SER B 34 8.51 17.03 10.25
N VAL B 35 7.70 17.71 11.05
CA VAL B 35 6.50 18.39 10.55
C VAL B 35 6.85 19.39 9.45
N ASN B 36 7.89 20.18 9.70
CA ASN B 36 8.32 21.19 8.72
C ASN B 36 8.88 20.52 7.47
N GLU B 37 9.78 19.56 7.66
CA GLU B 37 10.42 18.86 6.55
C GLU B 37 9.39 18.16 5.67
N PHE B 38 8.40 17.55 6.31
CA PHE B 38 7.35 16.84 5.60
C PHE B 38 6.57 17.80 4.69
N LYS B 39 6.36 19.02 5.17
CA LYS B 39 5.64 20.02 4.40
C LYS B 39 6.49 20.52 3.24
N GLU B 40 7.80 20.61 3.47
CA GLU B 40 8.73 21.07 2.44
C GLU B 40 8.78 20.11 1.25
N LEU B 41 8.30 18.88 1.46
CA LEU B 41 8.28 17.88 0.41
C LEU B 41 7.21 18.21 -0.62
N VAL B 42 5.96 18.27 -0.17
CA VAL B 42 4.83 18.56 -1.05
C VAL B 42 4.86 20.01 -1.53
N THR B 43 5.08 20.94 -0.61
CA THR B 43 5.10 22.36 -0.94
C THR B 43 6.42 22.76 -1.58
N GLN B 44 6.83 22.01 -2.59
CA GLN B 44 8.08 22.27 -3.31
C GLN B 44 8.27 21.31 -4.47
N GLN B 45 8.22 20.02 -4.19
CA GLN B 45 8.44 19.01 -5.23
C GLN B 45 7.17 18.27 -5.63
N LEU B 46 6.02 18.62 -5.07
CA LEU B 46 4.78 17.94 -5.45
C LEU B 46 3.54 18.83 -5.33
N PRO B 47 3.51 19.97 -6.02
CA PRO B 47 2.36 20.87 -6.01
C PRO B 47 1.43 20.59 -7.19
N HIS B 48 1.50 19.37 -7.70
CA HIS B 48 0.69 18.96 -8.85
C HIS B 48 -0.17 17.75 -8.54
N LEU B 49 0.46 16.62 -8.26
CA LEU B 49 -0.26 15.38 -7.94
C LEU B 49 -1.17 15.55 -6.73
N LEU B 50 -0.60 16.07 -5.66
CA LEU B 50 -1.35 16.31 -4.43
C LEU B 50 -1.31 17.79 -4.09
N LYS B 51 -2.44 18.46 -4.27
CA LYS B 51 -2.50 19.87 -4.00
C LYS B 51 -3.17 20.16 -2.65
N ASP B 52 -2.37 20.14 -1.59
CA ASP B 52 -2.86 20.42 -0.25
C ASP B 52 -1.74 20.98 0.59
N VAL B 53 -1.70 22.30 0.69
CA VAL B 53 -0.66 22.97 1.46
C VAL B 53 -1.28 23.74 2.62
N GLY B 54 -2.58 23.63 2.75
CA GLY B 54 -3.28 24.32 3.81
C GLY B 54 -3.48 23.45 5.03
N SER B 55 -3.92 22.22 4.80
CA SER B 55 -4.15 21.28 5.89
C SER B 55 -3.16 20.13 5.85
N LEU B 56 -1.90 20.44 6.07
CA LEU B 56 -0.84 19.44 6.07
C LEU B 56 -1.00 18.53 7.28
N ASP B 57 -1.58 19.10 8.34
CA ASP B 57 -1.82 18.36 9.58
C ASP B 57 -2.86 17.27 9.37
N GLU B 58 -3.75 17.47 8.39
CA GLU B 58 -4.78 16.48 8.09
C GLU B 58 -4.11 15.20 7.59
N LYS B 59 -3.06 15.37 6.80
CA LYS B 59 -2.32 14.25 6.25
C LYS B 59 -1.47 13.61 7.33
N MET B 60 -0.82 14.45 8.13
CA MET B 60 0.04 13.99 9.20
C MET B 60 -0.73 13.12 10.19
N LYS B 61 -1.92 13.57 10.59
CA LYS B 61 -2.75 12.83 11.54
C LYS B 61 -3.32 11.56 10.91
N SER B 62 -3.13 11.39 9.62
CA SER B 62 -3.62 10.21 8.92
C SER B 62 -2.48 9.23 8.67
N LEU B 63 -1.31 9.75 8.33
CA LEU B 63 -0.15 8.93 8.05
C LEU B 63 0.50 8.46 9.35
N ASP B 64 0.59 9.35 10.32
CA ASP B 64 1.18 9.00 11.61
C ASP B 64 0.15 8.31 12.48
N VAL B 65 0.27 7.00 12.56
CA VAL B 65 -0.66 6.21 13.36
C VAL B 65 -0.16 6.05 14.79
N ASN B 66 1.04 6.54 15.05
CA ASN B 66 1.63 6.46 16.38
C ASN B 66 1.44 7.79 17.09
N GLN B 67 1.30 8.84 16.29
CA GLN B 67 1.08 10.21 16.75
C GLN B 67 2.18 10.67 17.71
N ASP B 68 3.37 10.85 17.16
CA ASP B 68 4.50 11.30 17.96
C ASP B 68 5.18 12.50 17.30
N SER B 69 4.65 12.87 16.13
CA SER B 69 5.15 14.01 15.35
C SER B 69 6.48 13.71 14.69
N GLU B 70 6.73 12.44 14.43
CA GLU B 70 7.96 12.01 13.77
C GLU B 70 7.61 10.98 12.70
N LEU B 71 7.55 11.43 11.46
CA LEU B 71 7.22 10.55 10.35
C LEU B 71 8.42 9.67 10.00
N LYS B 72 8.41 8.43 10.48
CA LYS B 72 9.49 7.51 10.19
C LYS B 72 9.46 7.12 8.72
N PHE B 73 10.50 6.44 8.24
CA PHE B 73 10.56 6.01 6.84
C PHE B 73 9.33 5.19 6.46
N ASN B 74 8.85 4.38 7.41
CA ASN B 74 7.67 3.54 7.18
C ASN B 74 6.43 4.41 7.00
N GLU B 75 6.32 5.46 7.80
CA GLU B 75 5.18 6.37 7.74
C GLU B 75 5.30 7.26 6.51
N TYR B 76 6.52 7.55 6.10
CA TYR B 76 6.78 8.39 4.93
C TYR B 76 6.32 7.67 3.67
N TRP B 77 6.56 6.35 3.63
CA TRP B 77 6.15 5.53 2.49
C TRP B 77 4.64 5.58 2.32
N ARG B 78 3.93 5.70 3.45
CA ARG B 78 2.47 5.75 3.43
C ARG B 78 1.98 6.90 2.55
N LEU B 79 2.76 7.99 2.52
CA LEU B 79 2.41 9.15 1.70
C LEU B 79 2.49 8.78 0.23
N ILE B 80 3.62 8.21 -0.15
CA ILE B 80 3.85 7.79 -1.53
C ILE B 80 2.81 6.76 -1.96
N GLY B 81 2.40 5.94 -0.99
CA GLY B 81 1.40 4.92 -1.26
C GLY B 81 0.11 5.52 -1.77
N GLU B 82 -0.36 6.58 -1.11
CA GLU B 82 -1.58 7.24 -1.52
C GLU B 82 -1.34 8.11 -2.75
N LEU B 83 -0.10 8.57 -2.92
CA LEU B 83 0.26 9.38 -4.08
C LEU B 83 0.13 8.57 -5.35
N ALA B 84 0.63 7.34 -5.31
CA ALA B 84 0.56 6.45 -6.45
C ALA B 84 -0.89 6.08 -6.75
N LYS B 85 -1.73 6.25 -5.74
CA LYS B 85 -3.15 5.95 -5.86
C LYS B 85 -3.86 7.17 -6.46
N GLU B 86 -3.37 8.35 -6.09
CA GLU B 86 -3.95 9.62 -6.55
C GLU B 86 -3.62 9.88 -8.03
N ILE B 87 -2.72 9.10 -8.61
CA ILE B 87 -2.36 9.31 -9.99
C ILE B 87 -3.30 8.55 -10.93
N ARG B 88 -4.01 7.57 -10.38
CA ARG B 88 -4.95 6.78 -11.19
C ARG B 88 -6.37 6.93 -10.67
N LYS B 89 -6.53 6.97 -9.35
CA LYS B 89 -7.84 7.10 -8.73
C LYS B 89 -8.27 8.56 -8.73
N LYS B 90 -7.48 9.40 -8.06
CA LYS B 90 -7.75 10.83 -7.93
C LYS B 90 -9.13 11.06 -7.34
N LYS B 91 -10.13 11.30 -8.18
CA LYS B 91 -11.48 11.53 -7.74
C LYS B 91 -12.47 10.93 -8.72
N ASP B 92 -12.58 9.60 -8.72
CA ASP B 92 -13.49 8.90 -9.63
C ASP B 92 -14.91 9.03 -9.14
N LEU B 93 -15.43 10.23 -9.25
CA LEU B 93 -16.79 10.55 -8.84
C LEU B 93 -17.34 11.65 -9.72
N LYS B 94 -16.57 12.73 -9.85
CA LYS B 94 -16.99 13.86 -10.67
C LYS B 94 -15.88 14.22 -11.67
N ILE B 95 -14.83 14.89 -11.18
CA ILE B 95 -13.72 15.30 -12.03
C ILE B 95 -12.52 14.37 -11.84
N ARG B 96 -12.10 13.73 -12.93
CA ARG B 96 -10.97 12.82 -12.89
C ARG B 96 -9.80 13.39 -13.69
N LYS B 97 -8.96 12.50 -14.23
CA LYS B 97 -7.79 12.89 -15.03
C LYS B 97 -6.75 13.60 -14.18
N LYS B 98 -5.75 14.17 -14.83
CA LYS B 98 -4.69 14.88 -14.13
C LYS B 98 -4.52 16.28 -14.70
N MET C 1 -5.22 6.48 -17.93
CA MET C 1 -5.13 6.27 -19.37
C MET C 1 -3.71 6.51 -19.87
N ALA C 2 -3.21 7.70 -19.59
CA ALA C 2 -1.87 8.09 -19.99
C ALA C 2 -1.27 9.02 -18.95
N ALA C 3 0.05 9.17 -18.99
CA ALA C 3 0.73 10.02 -18.03
C ALA C 3 1.43 11.18 -18.72
N GLU C 4 0.91 12.37 -18.51
CA GLU C 4 1.48 13.59 -19.09
C GLU C 4 2.74 13.97 -18.32
N PRO C 5 3.61 14.83 -18.90
CA PRO C 5 4.86 15.27 -18.27
C PRO C 5 4.69 15.55 -16.77
N LEU C 6 5.47 14.83 -15.97
CA LEU C 6 5.40 14.97 -14.52
C LEU C 6 6.76 15.30 -13.92
N THR C 7 6.78 15.56 -12.61
CA THR C 7 8.01 15.90 -11.91
C THR C 7 8.79 14.64 -11.50
N GLU C 8 9.88 14.83 -10.75
CA GLU C 8 10.73 13.73 -10.30
C GLU C 8 9.94 12.65 -9.57
N LEU C 9 9.34 13.03 -8.44
CA LEU C 9 8.57 12.09 -7.62
C LEU C 9 7.49 11.39 -8.43
N GLU C 10 6.79 12.15 -9.27
CA GLU C 10 5.73 11.61 -10.10
C GLU C 10 6.28 10.65 -11.15
N GLU C 11 7.51 10.89 -11.60
CA GLU C 11 8.15 10.05 -12.59
C GLU C 11 8.59 8.73 -11.97
N SER C 12 9.06 8.79 -10.73
CA SER C 12 9.51 7.59 -10.02
C SER C 12 8.37 6.58 -9.92
N ILE C 13 7.19 7.05 -9.53
CA ILE C 13 6.03 6.17 -9.39
C ILE C 13 5.45 5.81 -10.76
N GLU C 14 5.84 6.56 -11.79
CA GLU C 14 5.36 6.29 -13.14
C GLU C 14 6.17 5.17 -13.76
N THR C 15 7.45 5.11 -13.40
CA THR C 15 8.34 4.09 -13.93
C THR C 15 7.87 2.68 -13.52
N VAL C 16 7.35 2.54 -12.30
CA VAL C 16 6.87 1.24 -11.86
C VAL C 16 5.58 0.88 -12.58
N VAL C 17 4.83 1.92 -12.96
CA VAL C 17 3.59 1.74 -13.69
C VAL C 17 3.93 1.24 -15.09
N THR C 18 5.06 1.70 -15.60
CA THR C 18 5.54 1.29 -16.90
C THR C 18 5.85 -0.21 -16.89
N THR C 19 6.51 -0.66 -15.82
CA THR C 19 6.85 -2.06 -15.66
C THR C 19 5.58 -2.91 -15.49
N PHE C 20 4.54 -2.27 -14.95
CA PHE C 20 3.26 -2.94 -14.75
C PHE C 20 2.59 -3.19 -16.10
N PHE C 21 2.56 -2.17 -16.95
CA PHE C 21 1.94 -2.26 -18.27
C PHE C 21 2.74 -3.12 -19.23
N THR C 22 4.03 -3.28 -18.98
CA THR C 22 4.87 -4.09 -19.85
C THR C 22 4.73 -5.58 -19.53
N PHE C 23 4.24 -5.87 -18.33
CA PHE C 23 4.05 -7.24 -17.91
C PHE C 23 2.60 -7.66 -18.09
N ALA C 24 1.69 -6.73 -17.81
CA ALA C 24 0.26 -6.98 -17.94
C ALA C 24 -0.17 -6.92 -19.41
N ARG C 25 0.29 -7.90 -20.17
CA ARG C 25 -0.01 -8.00 -21.60
C ARG C 25 0.50 -9.32 -22.15
N GLN C 26 0.48 -10.36 -21.33
CA GLN C 26 0.94 -11.67 -21.74
C GLN C 26 -0.19 -12.68 -21.69
N GLU C 27 -1.13 -12.47 -20.76
CA GLU C 27 -2.27 -13.37 -20.62
C GLU C 27 -3.56 -12.70 -21.09
N GLY C 28 -3.94 -11.62 -20.41
CA GLY C 28 -5.15 -10.92 -20.77
C GLY C 28 -5.28 -9.59 -20.07
N ARG C 29 -5.84 -8.61 -20.78
CA ARG C 29 -6.04 -7.26 -20.26
C ARG C 29 -4.70 -6.55 -20.02
N LYS C 30 -4.77 -5.24 -19.76
CA LYS C 30 -3.58 -4.45 -19.50
C LYS C 30 -3.82 -3.56 -18.29
N ASP C 31 -4.94 -3.79 -17.63
CA ASP C 31 -5.32 -3.00 -16.48
C ASP C 31 -5.16 -3.83 -15.20
N SER C 32 -4.82 -5.10 -15.38
CA SER C 32 -4.64 -6.01 -14.26
C SER C 32 -3.51 -6.99 -14.54
N LEU C 33 -2.95 -7.54 -13.48
CA LEU C 33 -1.86 -8.51 -13.60
C LEU C 33 -2.42 -9.93 -13.50
N SER C 34 -2.10 -10.76 -14.49
CA SER C 34 -2.56 -12.13 -14.51
C SER C 34 -1.60 -13.03 -13.72
N VAL C 35 -1.91 -14.32 -13.61
CA VAL C 35 -1.09 -15.23 -12.85
C VAL C 35 0.26 -15.54 -13.52
N ASN C 36 0.27 -15.73 -14.83
CA ASN C 36 1.51 -16.04 -15.54
C ASN C 36 2.44 -14.84 -15.54
N GLU C 37 1.87 -13.68 -15.84
CA GLU C 37 2.62 -12.43 -15.87
C GLU C 37 3.21 -12.11 -14.50
N PHE C 38 2.43 -12.41 -13.46
CA PHE C 38 2.87 -12.17 -12.09
C PHE C 38 4.06 -13.05 -11.75
N LYS C 39 3.99 -14.31 -12.16
CA LYS C 39 5.06 -15.25 -11.90
C LYS C 39 6.29 -14.90 -12.72
N GLU C 40 6.09 -14.40 -13.94
CA GLU C 40 7.20 -14.00 -14.79
C GLU C 40 7.89 -12.78 -14.19
N LEU C 41 7.11 -11.97 -13.49
CA LEU C 41 7.63 -10.76 -12.86
C LEU C 41 8.51 -11.09 -11.66
N VAL C 42 8.01 -11.91 -10.76
CA VAL C 42 8.75 -12.26 -9.55
C VAL C 42 9.96 -13.16 -9.84
N THR C 43 9.84 -14.05 -10.82
CA THR C 43 10.92 -14.96 -11.14
C THR C 43 11.75 -14.48 -12.33
N GLN C 44 11.93 -13.17 -12.44
CA GLN C 44 12.72 -12.59 -13.52
C GLN C 44 13.10 -11.15 -13.23
N GLN C 45 12.14 -10.36 -12.81
CA GLN C 45 12.38 -8.95 -12.53
C GLN C 45 12.77 -8.70 -11.08
N LEU C 46 12.12 -9.37 -10.14
CA LEU C 46 12.44 -9.16 -8.72
C LEU C 46 12.77 -10.47 -7.97
N PRO C 47 13.75 -11.28 -8.43
CA PRO C 47 14.11 -12.52 -7.75
C PRO C 47 14.93 -12.25 -6.48
N HIS C 48 15.60 -11.10 -6.45
CA HIS C 48 16.40 -10.70 -5.29
C HIS C 48 15.53 -9.95 -4.29
N LEU C 49 14.78 -8.98 -4.79
CA LEU C 49 13.91 -8.18 -3.93
C LEU C 49 12.85 -9.08 -3.32
N LEU C 50 12.15 -9.83 -4.16
CA LEU C 50 11.13 -10.74 -3.69
C LEU C 50 11.74 -12.12 -3.53
N LYS C 51 12.03 -12.48 -2.29
CA LYS C 51 12.65 -13.77 -2.00
C LYS C 51 11.68 -14.92 -2.22
N ASP C 52 10.40 -14.66 -2.02
CA ASP C 52 9.38 -15.68 -2.20
C ASP C 52 8.97 -15.78 -3.67
N VAL C 53 9.58 -16.73 -4.37
CA VAL C 53 9.29 -16.95 -5.78
C VAL C 53 8.61 -18.30 -5.98
N GLY C 54 8.30 -18.97 -4.86
CA GLY C 54 7.67 -20.27 -4.93
C GLY C 54 6.26 -20.25 -4.39
N SER C 55 6.08 -19.58 -3.27
CA SER C 55 4.78 -19.48 -2.64
C SER C 55 4.05 -18.22 -3.12
N LEU C 56 4.39 -17.80 -4.34
CA LEU C 56 3.79 -16.61 -4.93
C LEU C 56 2.27 -16.77 -4.99
N ASP C 57 1.81 -18.00 -5.22
CA ASP C 57 0.38 -18.29 -5.29
C ASP C 57 -0.32 -17.92 -3.98
N GLU C 58 0.40 -18.10 -2.87
CA GLU C 58 -0.14 -17.80 -1.55
C GLU C 58 -0.25 -16.29 -1.37
N LYS C 59 0.82 -15.58 -1.73
CA LYS C 59 0.84 -14.13 -1.61
C LYS C 59 -0.17 -13.50 -2.57
N MET C 60 -0.30 -14.12 -3.73
CA MET C 60 -1.24 -13.64 -4.75
C MET C 60 -2.66 -13.58 -4.18
N LYS C 61 -3.04 -14.61 -3.43
CA LYS C 61 -4.37 -14.68 -2.84
C LYS C 61 -4.53 -13.60 -1.77
N SER C 62 -3.43 -13.24 -1.12
CA SER C 62 -3.45 -12.22 -0.08
C SER C 62 -3.55 -10.82 -0.68
N LEU C 63 -3.14 -10.70 -1.93
CA LEU C 63 -3.19 -9.42 -2.64
C LEU C 63 -4.52 -9.28 -3.35
N ASP C 64 -5.00 -10.39 -3.89
CA ASP C 64 -6.28 -10.44 -4.61
C ASP C 64 -7.40 -9.89 -3.72
N VAL C 65 -7.53 -10.48 -2.53
CA VAL C 65 -8.51 -10.08 -1.52
C VAL C 65 -9.96 -10.44 -1.92
N ASN C 66 -10.33 -10.18 -3.17
CA ASN C 66 -11.67 -10.48 -3.63
C ASN C 66 -11.73 -11.91 -4.16
N GLN C 67 -10.56 -12.43 -4.52
CA GLN C 67 -10.41 -13.79 -5.03
C GLN C 67 -11.12 -13.99 -6.37
N ASP C 68 -10.63 -13.31 -7.40
CA ASP C 68 -11.19 -13.45 -8.73
C ASP C 68 -10.07 -13.75 -9.73
N SER C 69 -8.88 -13.97 -9.18
CA SER C 69 -7.69 -14.32 -9.96
C SER C 69 -7.28 -13.21 -10.92
N GLU C 70 -7.53 -11.97 -10.53
CA GLU C 70 -7.17 -10.85 -11.36
C GLU C 70 -6.61 -9.72 -10.50
N LEU C 71 -5.29 -9.63 -10.44
CA LEU C 71 -4.62 -8.61 -9.66
C LEU C 71 -4.77 -7.25 -10.32
N LYS C 72 -5.84 -6.54 -9.99
CA LYS C 72 -6.10 -5.23 -10.55
C LYS C 72 -5.05 -4.23 -10.07
N PHE C 73 -5.02 -3.07 -10.70
CA PHE C 73 -4.06 -2.01 -10.35
C PHE C 73 -3.98 -1.77 -8.85
N ASN C 74 -5.12 -1.66 -8.20
CA ASN C 74 -5.18 -1.41 -6.75
C ASN C 74 -4.58 -2.56 -5.96
N GLU C 75 -4.88 -3.77 -6.38
CA GLU C 75 -4.39 -4.97 -5.71
C GLU C 75 -2.90 -5.17 -5.97
N TYR C 76 -2.47 -4.89 -7.19
CA TYR C 76 -1.07 -5.02 -7.57
C TYR C 76 -0.21 -4.01 -6.81
N TRP C 77 -0.81 -2.87 -6.51
CA TRP C 77 -0.15 -1.79 -5.77
C TRP C 77 0.38 -2.30 -4.43
N ARG C 78 -0.30 -3.26 -3.85
CA ARG C 78 0.08 -3.85 -2.57
C ARG C 78 1.46 -4.50 -2.66
N LEU C 79 1.74 -5.15 -3.79
CA LEU C 79 3.03 -5.82 -3.99
C LEU C 79 4.19 -4.85 -3.85
N ILE C 80 4.05 -3.68 -4.46
CA ILE C 80 5.09 -2.66 -4.42
C ILE C 80 5.28 -2.19 -2.98
N GLY C 81 4.18 -2.05 -2.26
CA GLY C 81 4.24 -1.61 -0.88
C GLY C 81 4.95 -2.60 0.02
N GLU C 82 4.63 -3.89 -0.16
CA GLU C 82 5.25 -4.93 0.65
C GLU C 82 6.74 -5.02 0.36
N LEU C 83 7.12 -4.93 -0.92
CA LEU C 83 8.52 -5.00 -1.30
C LEU C 83 9.30 -3.82 -0.73
N ALA C 84 8.65 -2.67 -0.68
CA ALA C 84 9.28 -1.45 -0.17
C ALA C 84 9.53 -1.53 1.33
N LYS C 85 8.72 -2.32 2.03
CA LYS C 85 8.89 -2.45 3.48
C LYS C 85 9.76 -3.66 3.83
N GLU C 86 9.77 -4.68 2.96
CA GLU C 86 10.56 -5.89 3.19
C GLU C 86 12.06 -5.57 3.17
N ILE C 87 12.41 -4.47 2.52
CA ILE C 87 13.81 -4.07 2.43
C ILE C 87 14.34 -3.61 3.79
N ARG C 88 13.44 -3.15 4.66
CA ARG C 88 13.81 -2.71 5.99
C ARG C 88 13.36 -3.73 7.04
N LYS C 89 12.19 -4.31 6.82
CA LYS C 89 11.64 -5.31 7.72
C LYS C 89 11.67 -6.68 7.06
N LYS C 90 12.52 -7.57 7.56
CA LYS C 90 12.66 -8.90 6.98
C LYS C 90 11.47 -9.80 7.34
N LYS C 91 11.44 -10.27 8.57
CA LYS C 91 10.36 -11.16 9.02
C LYS C 91 9.64 -10.56 10.21
N ASP C 92 9.73 -9.25 10.36
CA ASP C 92 9.10 -8.55 11.47
C ASP C 92 7.69 -8.10 11.11
N LEU C 93 6.88 -9.03 10.63
CA LEU C 93 5.51 -8.72 10.25
C LEU C 93 4.63 -9.98 10.37
N LYS C 94 4.14 -10.47 9.23
CA LYS C 94 3.28 -11.67 9.17
C LYS C 94 1.89 -11.38 9.69
N ILE C 95 1.79 -11.16 11.01
CA ILE C 95 0.52 -10.87 11.72
C ILE C 95 -0.62 -11.84 11.38
N ARG C 96 -1.82 -11.52 11.84
CA ARG C 96 -3.00 -12.34 11.60
C ARG C 96 -4.26 -11.57 12.01
N LYS C 97 -4.92 -10.96 11.04
CA LYS C 97 -6.14 -10.20 11.30
C LYS C 97 -7.11 -10.33 10.13
N LYS C 98 -8.40 -10.27 10.41
CA LYS C 98 -9.41 -10.37 9.37
C LYS C 98 -9.94 -8.98 9.03
N GLU D 1 17.93 -27.49 -13.65
CA GLU D 1 17.44 -27.50 -12.25
C GLU D 1 18.59 -27.19 -11.29
N LYS D 2 18.31 -26.42 -10.25
CA LYS D 2 19.32 -26.06 -9.28
C LYS D 2 18.76 -26.07 -7.87
N LEU D 3 19.39 -26.83 -6.99
CA LEU D 3 18.96 -26.93 -5.60
C LEU D 3 20.18 -26.83 -4.67
N GLY D 4 21.33 -26.60 -5.28
CA GLY D 4 22.55 -26.50 -4.51
C GLY D 4 23.36 -27.78 -4.54
N LYS D 5 24.03 -28.06 -3.44
CA LYS D 5 24.85 -29.27 -3.33
C LYS D 5 24.67 -29.89 -1.95
N LEU D 6 24.81 -31.20 -1.87
CA LEU D 6 24.65 -31.91 -0.61
C LEU D 6 25.85 -32.79 -0.34
N GLN D 7 26.38 -32.69 0.88
CA GLN D 7 27.52 -33.49 1.29
C GLN D 7 27.01 -34.66 2.13
N TYR D 8 27.41 -35.87 1.76
CA TYR D 8 26.96 -37.04 2.50
C TYR D 8 27.98 -38.17 2.43
N SER D 9 27.84 -39.12 3.35
CA SER D 9 28.72 -40.28 3.41
C SER D 9 27.90 -41.53 3.72
N LEU D 10 27.72 -42.37 2.71
CA LEU D 10 26.94 -43.59 2.87
C LEU D 10 27.83 -44.78 3.18
N ASP D 11 27.45 -45.56 4.17
CA ASP D 11 28.20 -46.75 4.55
C ASP D 11 27.23 -47.94 4.67
N TYR D 12 27.75 -49.15 4.75
CA TYR D 12 26.90 -50.33 4.84
C TYR D 12 27.15 -51.12 6.12
N ASP D 13 26.09 -51.74 6.61
CA ASP D 13 26.17 -52.55 7.81
C ASP D 13 25.71 -53.97 7.49
N PHE D 14 26.56 -54.94 7.78
CA PHE D 14 26.26 -56.33 7.50
C PHE D 14 25.70 -57.05 8.73
N GLN D 15 25.71 -56.38 9.88
CA GLN D 15 25.21 -56.99 11.11
C GLN D 15 23.69 -57.05 11.09
N ASN D 16 23.08 -56.05 10.48
CA ASN D 16 21.62 -55.98 10.38
C ASN D 16 21.19 -56.04 8.93
N ASN D 17 22.18 -56.00 8.03
CA ASN D 17 21.95 -56.05 6.58
C ASN D 17 21.15 -54.84 6.12
N GLN D 18 21.80 -53.68 6.15
CA GLN D 18 21.16 -52.44 5.73
C GLN D 18 22.23 -51.38 5.42
N LEU D 19 21.82 -50.27 4.84
CA LEU D 19 22.74 -49.19 4.51
C LEU D 19 22.54 -48.00 5.44
N LEU D 20 23.64 -47.44 5.90
CA LEU D 20 23.59 -46.30 6.79
C LEU D 20 23.68 -45.01 5.98
N VAL D 21 22.56 -44.33 5.84
CA VAL D 21 22.52 -43.09 5.10
C VAL D 21 22.84 -41.91 6.00
N GLY D 22 24.10 -41.52 5.99
CA GLY D 22 24.54 -40.40 6.81
C GLY D 22 24.76 -39.14 5.99
N ILE D 23 23.85 -38.20 6.11
CA ILE D 23 23.96 -36.94 5.39
C ILE D 23 24.63 -35.90 6.28
N ILE D 24 25.49 -35.08 5.71
CA ILE D 24 26.18 -34.06 6.48
C ILE D 24 25.40 -32.76 6.49
N GLN D 25 25.22 -32.17 5.31
CA GLN D 25 24.51 -30.90 5.19
C GLN D 25 24.21 -30.57 3.74
N ALA D 26 23.36 -29.58 3.54
CA ALA D 26 22.98 -29.11 2.22
C ALA D 26 23.29 -27.62 2.10
N ALA D 27 23.80 -27.21 0.96
CA ALA D 27 24.15 -25.81 0.76
C ALA D 27 23.48 -25.22 -0.48
N GLU D 28 23.22 -23.91 -0.42
CA GLU D 28 22.59 -23.16 -1.52
C GLU D 28 21.15 -23.58 -1.78
N LEU D 29 20.36 -23.69 -0.73
CA LEU D 29 18.96 -24.08 -0.87
C LEU D 29 18.14 -22.87 -1.32
N PRO D 30 17.27 -23.05 -2.34
CA PRO D 30 16.42 -21.98 -2.87
C PRO D 30 15.49 -21.35 -1.84
N ALA D 31 15.08 -20.12 -2.10
CA ALA D 31 14.20 -19.40 -1.20
C ALA D 31 12.74 -19.76 -1.47
N LEU D 32 12.04 -20.19 -0.43
CA LEU D 32 10.63 -20.55 -0.55
C LEU D 32 9.79 -19.62 0.31
N ASP D 33 10.06 -19.63 1.61
CA ASP D 33 9.32 -18.78 2.55
C ASP D 33 9.80 -17.33 2.47
N MET D 34 8.84 -16.42 2.59
CA MET D 34 9.12 -14.99 2.52
C MET D 34 10.24 -14.60 3.48
N GLY D 35 11.15 -13.76 3.01
CA GLY D 35 12.27 -13.35 3.82
C GLY D 35 13.56 -13.96 3.34
N GLY D 36 13.43 -15.01 2.53
CA GLY D 36 14.60 -15.68 1.99
C GLY D 36 15.09 -16.80 2.88
N THR D 37 14.22 -17.30 3.73
CA THR D 37 14.59 -18.38 4.63
C THR D 37 13.42 -19.34 4.84
N SER D 38 13.58 -20.56 4.35
CA SER D 38 12.53 -21.57 4.46
C SER D 38 12.86 -22.59 5.55
N ASP D 39 12.01 -23.61 5.70
CA ASP D 39 12.21 -24.67 6.69
C ASP D 39 12.43 -25.99 5.98
N PRO D 40 13.62 -26.21 5.40
CA PRO D 40 13.92 -27.40 4.63
C PRO D 40 14.49 -28.56 5.45
N TYR D 41 13.87 -29.72 5.29
CA TYR D 41 14.31 -30.94 5.94
C TYR D 41 14.37 -32.06 4.91
N VAL D 42 15.28 -32.99 5.08
CA VAL D 42 15.44 -34.08 4.13
C VAL D 42 14.60 -35.30 4.52
N LYS D 43 13.66 -35.65 3.67
CA LYS D 43 12.82 -36.80 3.90
C LYS D 43 13.15 -37.87 2.86
N VAL D 44 13.23 -39.10 3.30
CA VAL D 44 13.57 -40.19 2.40
C VAL D 44 12.35 -40.69 1.63
N PHE D 45 12.57 -41.04 0.38
CA PHE D 45 11.53 -41.58 -0.47
C PHE D 45 12.10 -42.76 -1.24
N LEU D 46 11.30 -43.80 -1.38
CA LEU D 46 11.76 -45.00 -2.07
C LEU D 46 10.93 -45.28 -3.31
N LEU D 47 11.38 -46.29 -4.05
CA LEU D 47 10.69 -46.74 -5.25
C LEU D 47 9.51 -47.63 -4.80
N PRO D 48 8.84 -48.41 -5.71
CA PRO D 48 7.71 -49.30 -5.32
C PRO D 48 7.90 -50.05 -4.00
N ASP D 49 9.16 -50.24 -3.58
CA ASP D 49 9.48 -50.91 -2.32
C ASP D 49 8.66 -50.31 -1.18
N LYS D 50 8.88 -49.02 -0.91
CA LYS D 50 8.16 -48.27 0.13
C LYS D 50 8.12 -49.03 1.45
N LYS D 51 9.20 -49.73 1.79
CA LYS D 51 9.24 -50.46 3.05
C LYS D 51 10.18 -49.76 4.02
N LYS D 52 10.18 -48.44 3.97
CA LYS D 52 11.04 -47.62 4.83
C LYS D 52 10.70 -46.14 4.67
N LYS D 53 10.70 -45.43 5.78
CA LYS D 53 10.41 -44.01 5.78
C LYS D 53 11.05 -43.34 6.99
N PHE D 54 11.46 -42.09 6.83
CA PHE D 54 12.10 -41.35 7.90
C PHE D 54 11.92 -39.85 7.70
N GLU D 55 11.42 -39.18 8.71
CA GLU D 55 11.22 -37.74 8.66
C GLU D 55 12.21 -37.07 9.60
N THR D 56 13.11 -36.27 9.03
CA THR D 56 14.12 -35.58 9.83
C THR D 56 13.55 -34.38 10.57
N LYS D 57 14.33 -33.85 11.51
CA LYS D 57 13.92 -32.69 12.29
C LYS D 57 13.87 -31.46 11.41
N VAL D 58 12.75 -30.75 11.43
CA VAL D 58 12.61 -29.57 10.61
C VAL D 58 13.56 -28.46 11.07
N HIS D 59 14.39 -28.01 10.15
CA HIS D 59 15.35 -26.95 10.44
C HIS D 59 14.70 -25.62 10.12
N ARG D 60 14.13 -24.99 11.13
CA ARG D 60 13.42 -23.73 10.98
C ARG D 60 14.30 -22.60 10.43
N LYS D 61 13.78 -21.95 9.40
CA LYS D 61 14.41 -20.80 8.73
C LYS D 61 15.93 -20.93 8.58
N THR D 62 16.35 -21.60 7.52
CA THR D 62 17.76 -21.77 7.23
C THR D 62 17.97 -22.13 5.77
N LEU D 63 19.12 -21.77 5.23
CA LEU D 63 19.44 -22.07 3.83
C LEU D 63 20.62 -23.04 3.77
N ASN D 64 21.13 -23.39 4.94
CA ASN D 64 22.25 -24.31 5.06
C ASN D 64 22.08 -25.14 6.33
N PRO D 65 21.18 -26.13 6.31
CA PRO D 65 20.90 -26.98 7.47
C PRO D 65 22.03 -27.95 7.79
N VAL D 66 22.59 -27.78 8.98
CA VAL D 66 23.65 -28.65 9.45
C VAL D 66 23.16 -29.42 10.67
N PHE D 67 23.21 -30.74 10.60
CA PHE D 67 22.75 -31.57 11.71
C PHE D 67 23.34 -32.96 11.64
N ASN D 68 23.45 -33.48 10.41
CA ASN D 68 24.00 -34.82 10.16
C ASN D 68 23.05 -35.89 10.68
N GLU D 69 21.91 -35.99 10.03
CA GLU D 69 20.90 -36.98 10.39
C GLU D 69 21.31 -38.37 9.93
N GLN D 70 20.81 -39.38 10.64
CA GLN D 70 21.14 -40.76 10.33
C GLN D 70 19.89 -41.55 9.93
N PHE D 71 19.84 -41.99 8.69
CA PHE D 71 18.71 -42.78 8.20
C PHE D 71 19.15 -44.23 7.98
N THR D 72 18.37 -45.15 8.51
CA THR D 72 18.66 -46.57 8.38
C THR D 72 17.94 -47.17 7.18
N PHE D 73 18.68 -47.44 6.12
CA PHE D 73 18.12 -48.04 4.91
C PHE D 73 17.96 -49.54 5.13
N LYS D 74 16.92 -49.90 5.87
CA LYS D 74 16.63 -51.28 6.22
C LYS D 74 16.29 -52.14 4.99
N VAL D 75 17.32 -52.62 4.32
CA VAL D 75 17.17 -53.46 3.14
C VAL D 75 18.46 -54.26 2.92
N PRO D 76 18.35 -55.57 2.72
CA PRO D 76 19.50 -56.44 2.51
C PRO D 76 20.31 -56.03 1.27
N TYR D 77 21.62 -56.22 1.34
CA TYR D 77 22.51 -55.88 0.23
C TYR D 77 22.11 -56.67 -1.03
N SER D 78 21.42 -57.79 -0.80
CA SER D 78 20.97 -58.63 -1.88
C SER D 78 19.85 -57.96 -2.68
N GLU D 79 19.17 -57.01 -2.05
CA GLU D 79 18.08 -56.28 -2.70
C GLU D 79 18.55 -54.89 -3.15
N LEU D 80 19.82 -54.60 -2.87
CA LEU D 80 20.42 -53.32 -3.21
C LEU D 80 20.37 -53.06 -4.71
N GLY D 81 20.54 -54.12 -5.49
CA GLY D 81 20.52 -53.99 -6.94
C GLY D 81 19.18 -53.51 -7.49
N GLY D 82 18.11 -53.72 -6.73
CA GLY D 82 16.80 -53.31 -7.18
C GLY D 82 16.12 -52.41 -6.17
N LYS D 83 16.91 -51.61 -5.48
CA LYS D 83 16.36 -50.70 -4.48
C LYS D 83 16.92 -49.29 -4.64
N THR D 84 16.38 -48.56 -5.60
CA THR D 84 16.80 -47.19 -5.85
C THR D 84 16.19 -46.25 -4.82
N LEU D 85 17.02 -45.59 -4.05
CA LEU D 85 16.54 -44.66 -3.03
C LEU D 85 16.73 -43.22 -3.48
N VAL D 86 15.81 -42.36 -3.07
CA VAL D 86 15.89 -40.95 -3.41
C VAL D 86 15.72 -40.10 -2.15
N MET D 87 16.30 -38.91 -2.18
CA MET D 87 16.21 -38.01 -1.05
C MET D 87 15.52 -36.72 -1.47
N ALA D 88 14.38 -36.43 -0.86
CA ALA D 88 13.61 -35.24 -1.19
C ALA D 88 13.60 -34.26 -0.03
N VAL D 89 13.98 -33.03 -0.31
CA VAL D 89 14.00 -32.01 0.71
C VAL D 89 12.68 -31.25 0.71
N TYR D 90 11.93 -31.40 1.78
CA TYR D 90 10.63 -30.76 1.92
C TYR D 90 10.75 -29.52 2.79
N ASP D 91 9.90 -28.54 2.53
CA ASP D 91 9.88 -27.31 3.31
C ASP D 91 8.71 -27.33 4.29
N PHE D 92 8.78 -26.49 5.30
CA PHE D 92 7.73 -26.38 6.29
C PHE D 92 7.41 -24.91 6.55
N ASP D 93 6.79 -24.30 5.55
CA ASP D 93 6.40 -22.89 5.60
C ASP D 93 5.59 -22.56 6.86
N ARG D 94 4.69 -23.46 7.23
CA ARG D 94 3.84 -23.30 8.42
C ARG D 94 2.84 -22.16 8.20
N PHE D 95 2.64 -21.78 6.94
CA PHE D 95 1.72 -20.72 6.60
C PHE D 95 0.51 -21.27 5.83
N SER D 96 0.75 -21.76 4.62
CA SER D 96 -0.33 -22.29 3.81
C SER D 96 0.04 -23.64 3.18
N LYS D 97 0.84 -23.61 2.11
CA LYS D 97 1.19 -24.84 1.43
C LYS D 97 2.67 -24.87 1.05
N HIS D 98 3.40 -25.75 1.71
CA HIS D 98 4.83 -25.92 1.46
C HIS D 98 5.04 -26.99 0.40
N ASP D 99 6.05 -26.83 -0.43
CA ASP D 99 6.32 -27.80 -1.49
C ASP D 99 7.75 -28.34 -1.39
N ILE D 100 8.14 -29.12 -2.38
CA ILE D 100 9.47 -29.70 -2.42
C ILE D 100 10.38 -28.83 -3.28
N ILE D 101 11.48 -28.37 -2.69
CA ILE D 101 12.43 -27.52 -3.41
C ILE D 101 13.28 -28.31 -4.39
N GLY D 102 13.44 -29.60 -4.13
CA GLY D 102 14.23 -30.43 -5.01
C GLY D 102 14.47 -31.81 -4.45
N GLU D 103 15.23 -32.62 -5.18
CA GLU D 103 15.54 -33.98 -4.78
C GLU D 103 16.69 -34.55 -5.59
N PHE D 104 17.15 -35.72 -5.20
CA PHE D 104 18.22 -36.40 -5.91
C PHE D 104 18.09 -37.91 -5.69
N LYS D 105 18.46 -38.69 -6.69
CA LYS D 105 18.39 -40.14 -6.62
C LYS D 105 19.74 -40.75 -6.94
N VAL D 106 20.01 -41.91 -6.34
CA VAL D 106 21.27 -42.58 -6.56
C VAL D 106 21.05 -44.03 -6.97
N PRO D 107 21.58 -44.42 -8.15
CA PRO D 107 21.46 -45.79 -8.67
C PRO D 107 22.32 -46.76 -7.88
N MET D 108 21.74 -47.37 -6.85
CA MET D 108 22.45 -48.31 -6.00
C MET D 108 23.06 -49.47 -6.80
N ASN D 109 22.39 -49.86 -7.88
CA ASN D 109 22.87 -50.94 -8.73
C ASN D 109 24.17 -50.56 -9.43
N THR D 110 24.47 -49.27 -9.45
CA THR D 110 25.68 -48.77 -10.08
C THR D 110 26.66 -48.24 -9.03
N VAL D 111 26.37 -48.51 -7.77
CA VAL D 111 27.21 -48.07 -6.67
C VAL D 111 27.83 -49.26 -5.96
N ASP D 112 29.12 -49.17 -5.65
CA ASP D 112 29.83 -50.23 -4.96
C ASP D 112 29.67 -50.07 -3.46
N PHE D 113 29.72 -51.18 -2.75
CA PHE D 113 29.61 -51.17 -1.30
C PHE D 113 30.83 -51.82 -0.67
N GLY D 114 32.00 -51.49 -1.21
CA GLY D 114 33.24 -52.02 -0.69
C GLY D 114 33.60 -51.43 0.65
N HIS D 115 33.39 -50.12 0.78
CA HIS D 115 33.68 -49.42 2.01
C HIS D 115 32.62 -48.37 2.29
N VAL D 116 32.84 -47.16 1.78
CA VAL D 116 31.90 -46.07 1.98
C VAL D 116 31.80 -45.21 0.73
N THR D 117 30.66 -44.56 0.55
CA THR D 117 30.45 -43.69 -0.59
C THR D 117 30.23 -42.25 -0.10
N GLU D 118 31.31 -41.47 -0.14
CA GLU D 118 31.26 -40.08 0.30
C GLU D 118 31.57 -39.16 -0.87
N GLU D 119 30.62 -38.32 -1.24
CA GLU D 119 30.81 -37.39 -2.34
C GLU D 119 29.87 -36.20 -2.20
N TRP D 120 30.11 -35.18 -3.00
CA TRP D 120 29.29 -33.98 -3.00
C TRP D 120 28.37 -34.01 -4.21
N ARG D 121 27.17 -34.54 -4.02
CA ARG D 121 26.20 -34.66 -5.10
C ARG D 121 25.48 -33.34 -5.35
N ASP D 122 25.28 -33.05 -6.62
CA ASP D 122 24.57 -31.85 -7.04
C ASP D 122 23.09 -32.05 -6.83
N LEU D 123 22.41 -31.02 -6.38
CA LEU D 123 20.98 -31.10 -6.13
C LEU D 123 20.19 -30.45 -7.25
N GLN D 124 19.07 -31.08 -7.62
CA GLN D 124 18.22 -30.57 -8.69
C GLN D 124 16.80 -30.29 -8.18
N SER D 125 16.23 -29.19 -8.64
CA SER D 125 14.89 -28.81 -8.26
C SER D 125 13.85 -29.49 -9.15
N ALA D 126 13.52 -30.73 -8.84
CA ALA D 126 12.54 -31.47 -9.62
C ALA D 126 11.13 -31.10 -9.18
N GLU D 127 10.41 -30.43 -10.08
CA GLU D 127 9.04 -30.01 -9.80
C GLU D 127 8.17 -31.21 -9.44
N LYS D 128 7.48 -31.11 -8.32
CA LYS D 128 6.61 -32.19 -7.86
C LYS D 128 5.15 -31.78 -8.00
N GLU A 1 -25.65 34.96 -13.49
CA GLU A 1 -24.83 34.54 -12.32
C GLU A 1 -25.57 33.49 -11.52
N LYS A 2 -25.05 32.27 -11.53
CA LYS A 2 -25.68 31.16 -10.82
C LYS A 2 -24.80 30.62 -9.70
N LEU A 3 -25.44 30.07 -8.68
CA LEU A 3 -24.74 29.49 -7.54
C LEU A 3 -25.65 28.48 -6.85
N GLY A 4 -26.82 28.25 -7.43
CA GLY A 4 -27.77 27.31 -6.86
C GLY A 4 -28.84 28.01 -6.05
N LYS A 5 -29.33 27.32 -5.02
CA LYS A 5 -30.37 27.87 -4.15
C LYS A 5 -30.10 27.49 -2.71
N LEU A 6 -30.49 28.36 -1.79
CA LEU A 6 -30.28 28.11 -0.37
C LEU A 6 -31.59 28.21 0.40
N GLN A 7 -31.87 27.20 1.20
CA GLN A 7 -33.09 27.17 2.00
C GLN A 7 -32.75 27.61 3.42
N TYR A 8 -33.49 28.57 3.95
CA TYR A 8 -33.22 29.07 5.30
C TYR A 8 -34.48 29.58 5.98
N SER A 9 -34.41 29.64 7.30
CA SER A 9 -35.53 30.10 8.12
C SER A 9 -35.07 31.26 9.01
N LEU A 10 -35.67 32.42 8.84
CA LEU A 10 -35.32 33.58 9.64
C LEU A 10 -36.25 33.73 10.84
N ASP A 11 -35.68 33.59 12.03
CA ASP A 11 -36.44 33.72 13.27
C ASP A 11 -36.00 34.99 13.99
N TYR A 12 -36.88 35.58 14.78
CA TYR A 12 -36.53 36.80 15.49
C TYR A 12 -36.72 36.63 16.99
N ASP A 13 -35.95 37.40 17.76
CA ASP A 13 -36.04 37.34 19.21
C ASP A 13 -35.86 38.73 19.79
N PHE A 14 -36.58 39.02 20.87
CA PHE A 14 -36.53 40.32 21.50
C PHE A 14 -35.87 40.26 22.88
N GLN A 15 -35.63 39.06 23.40
CA GLN A 15 -35.01 38.93 24.71
C GLN A 15 -33.54 39.34 24.65
N ASN A 16 -32.91 39.04 23.52
CA ASN A 16 -31.51 39.39 23.31
C ASN A 16 -31.40 40.40 22.18
N ASN A 17 -32.50 40.59 21.47
CA ASN A 17 -32.59 41.53 20.34
C ASN A 17 -31.61 41.16 19.25
N GLN A 18 -31.98 40.16 18.48
CA GLN A 18 -31.15 39.67 17.38
C GLN A 18 -31.98 38.80 16.44
N LEU A 19 -31.45 38.56 15.26
CA LEU A 19 -32.12 37.72 14.28
C LEU A 19 -31.44 36.37 14.19
N LEU A 20 -32.22 35.31 14.33
CA LEU A 20 -31.69 33.96 14.27
C LEU A 20 -31.67 33.49 12.82
N VAL A 21 -30.52 33.61 12.18
CA VAL A 21 -30.38 33.19 10.79
C VAL A 21 -30.08 31.70 10.73
N GLY A 22 -31.13 30.90 10.59
CA GLY A 22 -30.98 29.47 10.52
C GLY A 22 -30.94 28.98 9.08
N ILE A 23 -29.74 28.78 8.56
CA ILE A 23 -29.58 28.30 7.20
C ILE A 23 -29.59 26.77 7.20
N ILE A 24 -30.51 26.20 6.42
CA ILE A 24 -30.65 24.75 6.35
C ILE A 24 -29.55 24.14 5.49
N GLN A 25 -29.60 24.39 4.19
CA GLN A 25 -28.60 23.84 3.28
C GLN A 25 -28.60 24.59 1.94
N ALA A 26 -27.53 24.38 1.19
CA ALA A 26 -27.37 25.00 -0.12
C ALA A 26 -27.18 23.91 -1.16
N ALA A 27 -27.75 24.11 -2.34
CA ALA A 27 -27.65 23.12 -3.40
C ALA A 27 -27.11 23.74 -4.69
N GLU A 28 -26.51 22.89 -5.53
CA GLU A 28 -25.96 23.30 -6.82
C GLU A 28 -24.75 24.22 -6.68
N LEU A 29 -23.89 23.92 -5.73
CA LEU A 29 -22.69 24.74 -5.51
C LEU A 29 -21.58 24.34 -6.50
N PRO A 30 -20.92 25.33 -7.13
CA PRO A 30 -19.83 25.08 -8.09
C PRO A 30 -18.62 24.39 -7.45
N ALA A 31 -17.76 23.83 -8.30
CA ALA A 31 -16.58 23.13 -7.82
C ALA A 31 -15.32 23.99 -7.95
N LEU A 32 -14.60 24.12 -6.84
CA LEU A 32 -13.37 24.89 -6.81
C LEU A 32 -12.17 23.96 -6.63
N ASP A 33 -12.35 22.98 -5.75
CA ASP A 33 -11.31 22.00 -5.46
C ASP A 33 -11.17 21.01 -6.60
N MET A 34 -9.91 20.67 -6.94
CA MET A 34 -9.62 19.73 -8.01
C MET A 34 -10.12 18.33 -7.64
N GLY A 35 -11.32 18.04 -8.11
CA GLY A 35 -11.94 16.76 -7.83
C GLY A 35 -13.44 16.83 -8.03
N GLY A 36 -13.96 18.06 -8.00
CA GLY A 36 -15.38 18.27 -8.19
C GLY A 36 -16.12 18.46 -6.90
N THR A 37 -15.40 18.45 -5.79
CA THR A 37 -16.00 18.63 -4.48
C THR A 37 -15.18 19.60 -3.64
N SER A 38 -15.61 20.85 -3.66
CA SER A 38 -14.93 21.92 -2.91
C SER A 38 -15.27 21.85 -1.42
N ASP A 39 -14.69 22.77 -0.66
CA ASP A 39 -14.93 22.86 0.78
C ASP A 39 -15.59 24.20 1.08
N PRO A 40 -16.88 24.36 0.71
CA PRO A 40 -17.60 25.60 0.88
C PRO A 40 -18.28 25.77 2.23
N TYR A 41 -17.87 26.81 2.95
CA TYR A 41 -18.46 27.14 4.23
C TYR A 41 -19.00 28.57 4.14
N VAL A 42 -20.15 28.80 4.73
CA VAL A 42 -20.77 30.12 4.67
C VAL A 42 -20.29 31.00 5.83
N LYS A 43 -19.90 32.20 5.46
CA LYS A 43 -19.44 33.18 6.43
C LYS A 43 -20.29 34.43 6.31
N VAL A 44 -20.76 34.93 7.42
CA VAL A 44 -21.61 36.10 7.41
C VAL A 44 -20.81 37.39 7.25
N PHE A 45 -21.30 38.27 6.40
CA PHE A 45 -20.66 39.54 6.17
C PHE A 45 -21.71 40.64 6.25
N LEU A 46 -21.32 41.78 6.79
CA LEU A 46 -22.24 42.90 6.94
C LEU A 46 -21.73 44.15 6.26
N LEU A 47 -22.53 45.19 6.33
CA LEU A 47 -22.18 46.49 5.76
C LEU A 47 -21.15 47.15 6.71
N PRO A 48 -20.87 48.49 6.61
CA PRO A 48 -19.91 49.15 7.53
C PRO A 48 -20.19 48.91 9.02
N ASP A 49 -21.32 48.26 9.31
CA ASP A 49 -21.70 47.92 10.68
C ASP A 49 -20.54 47.20 11.35
N LYS A 50 -20.10 46.11 10.73
CA LYS A 50 -18.97 45.30 11.19
C LYS A 50 -19.06 44.93 12.67
N LYS A 51 -20.27 44.84 13.21
CA LYS A 51 -20.44 44.48 14.61
C LYS A 51 -20.76 42.99 14.73
N LYS A 52 -20.30 42.21 13.77
CA LYS A 52 -20.52 40.77 13.74
C LYS A 52 -19.70 40.11 12.64
N LYS A 53 -19.33 38.86 12.86
CA LYS A 53 -18.55 38.08 11.91
C LYS A 53 -18.42 36.65 12.40
N PHE A 54 -18.99 35.72 11.65
CA PHE A 54 -18.97 34.31 12.03
C PHE A 54 -18.79 33.41 10.82
N GLU A 55 -17.96 32.39 10.98
CA GLU A 55 -17.70 31.42 9.93
C GLU A 55 -18.19 30.06 10.36
N THR A 56 -18.94 29.38 9.49
CA THR A 56 -19.46 28.06 9.81
C THR A 56 -18.35 27.02 9.73
N LYS A 57 -18.66 25.80 10.16
CA LYS A 57 -17.68 24.71 10.12
C LYS A 57 -17.33 24.39 8.68
N VAL A 58 -16.03 24.26 8.41
CA VAL A 58 -15.56 23.93 7.08
C VAL A 58 -16.21 22.63 6.59
N HIS A 59 -17.05 22.77 5.57
CA HIS A 59 -17.75 21.63 5.00
C HIS A 59 -16.85 20.95 3.97
N ARG A 60 -15.90 20.18 4.49
CA ARG A 60 -14.93 19.49 3.67
C ARG A 60 -15.55 18.56 2.62
N LYS A 61 -15.20 18.82 1.36
CA LYS A 61 -15.65 18.03 0.21
C LYS A 61 -17.16 17.87 0.14
N THR A 62 -17.84 18.89 -0.38
CA THR A 62 -19.29 18.83 -0.52
C THR A 62 -19.80 19.87 -1.51
N LEU A 63 -20.97 19.61 -2.05
CA LEU A 63 -21.62 20.50 -2.99
C LEU A 63 -23.03 20.79 -2.50
N ASN A 64 -23.32 20.25 -1.32
CA ASN A 64 -24.62 20.41 -0.69
C ASN A 64 -24.44 20.30 0.83
N PRO A 65 -23.90 21.36 1.46
CA PRO A 65 -23.66 21.38 2.90
C PRO A 65 -24.93 21.31 3.74
N VAL A 66 -25.16 20.15 4.34
CA VAL A 66 -26.32 19.95 5.19
C VAL A 66 -25.88 19.92 6.65
N PHE A 67 -26.03 21.04 7.33
CA PHE A 67 -25.63 21.14 8.73
C PHE A 67 -26.61 21.95 9.55
N ASN A 68 -27.15 23.02 8.95
CA ASN A 68 -28.09 23.90 9.64
C ASN A 68 -27.43 24.50 10.87
N GLU A 69 -26.48 25.39 10.63
CA GLU A 69 -25.76 26.05 11.72
C GLU A 69 -26.45 27.36 12.08
N GLN A 70 -26.21 27.84 13.29
CA GLN A 70 -26.85 29.05 13.78
C GLN A 70 -25.92 30.26 13.80
N PHE A 71 -26.46 31.40 13.42
CA PHE A 71 -25.73 32.66 13.43
C PHE A 71 -26.53 33.70 14.23
N THR A 72 -25.87 34.34 15.17
CA THR A 72 -26.53 35.35 16.00
C THR A 72 -26.35 36.75 15.41
N PHE A 73 -27.38 37.23 14.73
CA PHE A 73 -27.36 38.56 14.13
C PHE A 73 -27.63 39.61 15.20
N LYS A 74 -26.61 39.94 15.98
CA LYS A 74 -26.73 40.92 17.05
C LYS A 74 -26.98 42.33 16.54
N VAL A 75 -28.25 42.67 16.36
CA VAL A 75 -28.68 43.98 15.90
C VAL A 75 -30.11 44.21 16.37
N PRO A 76 -30.35 45.28 17.16
CA PRO A 76 -31.68 45.60 17.66
C PRO A 76 -32.68 45.81 16.52
N TYR A 77 -33.93 45.40 16.76
CA TYR A 77 -34.99 45.54 15.75
C TYR A 77 -35.19 47.01 15.35
N SER A 78 -34.75 47.92 16.21
CA SER A 78 -34.88 49.33 15.95
C SER A 78 -33.86 49.77 14.89
N GLU A 79 -32.81 48.97 14.71
CA GLU A 79 -31.77 49.29 13.73
C GLU A 79 -31.91 48.38 12.51
N LEU A 80 -32.91 47.52 12.54
CA LEU A 80 -33.18 46.58 11.46
C LEU A 80 -33.49 47.32 10.15
N GLY A 81 -34.03 48.52 10.27
CA GLY A 81 -34.38 49.30 9.10
C GLY A 81 -33.17 49.73 8.28
N GLY A 82 -32.00 49.74 8.90
CA GLY A 82 -30.80 50.13 8.19
C GLY A 82 -29.71 49.09 8.32
N LYS A 83 -30.08 47.83 8.21
CA LYS A 83 -29.10 46.75 8.31
C LYS A 83 -29.38 45.66 7.29
N THR A 84 -28.48 45.53 6.33
CA THR A 84 -28.59 44.51 5.30
C THR A 84 -27.53 43.43 5.53
N LEU A 85 -27.97 42.21 5.80
CA LEU A 85 -27.04 41.12 6.05
C LEU A 85 -26.75 40.36 4.77
N VAL A 86 -25.51 39.90 4.64
CA VAL A 86 -25.10 39.14 3.47
C VAL A 86 -24.43 37.84 3.92
N MET A 87 -24.64 36.79 3.15
CA MET A 87 -24.05 35.50 3.45
C MET A 87 -23.20 35.04 2.28
N ALA A 88 -21.90 35.05 2.48
CA ALA A 88 -20.97 34.66 1.42
C ALA A 88 -20.43 33.26 1.67
N VAL A 89 -20.47 32.44 0.64
CA VAL A 89 -19.95 31.08 0.75
C VAL A 89 -18.49 31.05 0.29
N TYR A 90 -17.61 30.76 1.23
CA TYR A 90 -16.18 30.73 0.94
C TYR A 90 -15.67 29.30 0.86
N ASP A 91 -14.78 29.07 -0.09
CA ASP A 91 -14.19 27.74 -0.28
C ASP A 91 -12.95 27.60 0.60
N PHE A 92 -12.59 26.35 0.89
CA PHE A 92 -11.43 26.07 1.71
C PHE A 92 -10.71 24.83 1.15
N ASP A 93 -10.35 24.89 -0.13
CA ASP A 93 -9.65 23.78 -0.80
C ASP A 93 -8.32 23.44 -0.13
N ARG A 94 -7.85 24.36 0.72
CA ARG A 94 -6.60 24.21 1.48
C ARG A 94 -5.36 24.18 0.58
N PHE A 95 -5.44 24.76 -0.61
CA PHE A 95 -4.28 24.78 -1.49
C PHE A 95 -4.22 26.06 -2.29
N SER A 96 -5.16 26.19 -3.21
CA SER A 96 -5.23 27.33 -4.08
C SER A 96 -5.80 28.53 -3.35
N LYS A 97 -5.79 29.68 -4.01
CA LYS A 97 -6.35 30.88 -3.44
C LYS A 97 -7.86 30.82 -3.59
N HIS A 98 -8.52 30.23 -2.60
CA HIS A 98 -9.97 30.08 -2.64
C HIS A 98 -10.66 31.42 -2.77
N ASP A 99 -11.68 31.45 -3.62
CA ASP A 99 -12.44 32.66 -3.87
C ASP A 99 -13.89 32.46 -3.48
N ILE A 100 -14.65 33.53 -3.53
CA ILE A 100 -16.06 33.47 -3.18
C ILE A 100 -16.85 33.14 -4.43
N ILE A 101 -17.39 31.91 -4.47
CA ILE A 101 -18.18 31.47 -5.62
C ILE A 101 -19.47 32.26 -5.75
N GLY A 102 -19.94 32.82 -4.64
CA GLY A 102 -21.16 33.60 -4.66
C GLY A 102 -21.64 33.95 -3.27
N GLU A 103 -22.73 34.71 -3.22
CA GLU A 103 -23.30 35.14 -1.96
C GLU A 103 -24.71 35.69 -2.19
N PHE A 104 -25.42 35.95 -1.11
CA PHE A 104 -26.76 36.51 -1.21
C PHE A 104 -26.97 37.52 -0.08
N LYS A 105 -27.77 38.53 -0.35
CA LYS A 105 -28.03 39.57 0.63
C LYS A 105 -29.47 40.07 0.47
N VAL A 106 -30.04 40.57 1.55
CA VAL A 106 -31.40 41.07 1.52
C VAL A 106 -31.59 42.15 2.59
N PRO A 107 -32.11 43.32 2.20
CA PRO A 107 -32.36 44.42 3.12
C PRO A 107 -33.45 44.04 4.12
N MET A 108 -33.11 44.07 5.40
CA MET A 108 -34.06 43.71 6.45
C MET A 108 -35.16 44.75 6.58
N ASN A 109 -34.97 45.90 5.96
CA ASN A 109 -35.98 46.96 5.99
C ASN A 109 -37.20 46.55 5.17
N THR A 110 -36.99 45.63 4.24
CA THR A 110 -38.05 45.14 3.39
C THR A 110 -38.66 43.86 3.97
N VAL A 111 -37.85 43.12 4.71
CA VAL A 111 -38.29 41.87 5.31
C VAL A 111 -38.94 42.11 6.66
N ASP A 112 -40.20 41.73 6.78
CA ASP A 112 -40.93 41.90 8.04
C ASP A 112 -40.47 40.88 9.07
N PHE A 113 -40.70 41.18 10.33
CA PHE A 113 -40.32 40.30 11.42
C PHE A 113 -41.55 39.91 12.23
N GLY A 114 -42.68 39.78 11.55
CA GLY A 114 -43.92 39.42 12.22
C GLY A 114 -43.87 38.02 12.80
N HIS A 115 -43.28 37.11 12.03
CA HIS A 115 -43.16 35.71 12.45
C HIS A 115 -41.83 35.13 11.96
N VAL A 116 -41.88 34.02 11.24
CA VAL A 116 -40.66 33.40 10.74
C VAL A 116 -40.65 33.43 9.23
N THR A 117 -39.64 34.09 8.67
CA THR A 117 -39.50 34.19 7.23
C THR A 117 -38.71 33.00 6.70
N GLU A 118 -39.44 31.95 6.34
CA GLU A 118 -38.84 30.74 5.80
C GLU A 118 -39.01 30.72 4.29
N GLU A 119 -37.91 30.85 3.57
CA GLU A 119 -37.96 30.87 2.12
C GLU A 119 -36.71 30.25 1.51
N TRP A 120 -36.74 30.11 0.19
CA TRP A 120 -35.63 29.54 -0.55
C TRP A 120 -35.01 30.62 -1.42
N ARG A 121 -33.97 31.25 -0.91
CA ARG A 121 -33.29 32.32 -1.62
C ARG A 121 -32.42 31.76 -2.74
N ASP A 122 -32.44 32.43 -3.88
CA ASP A 122 -31.63 32.04 -5.01
C ASP A 122 -30.20 32.52 -4.81
N LEU A 123 -29.26 31.66 -5.09
CA LEU A 123 -27.85 31.99 -4.95
C LEU A 123 -27.30 32.51 -6.26
N GLN A 124 -26.41 33.49 -6.17
CA GLN A 124 -25.81 34.08 -7.35
C GLN A 124 -24.31 34.26 -7.16
N SER A 125 -23.57 34.18 -8.26
CA SER A 125 -22.12 34.32 -8.22
C SER A 125 -21.73 35.76 -7.90
N ALA A 126 -20.70 35.92 -7.07
CA ALA A 126 -20.23 37.24 -6.69
C ALA A 126 -18.72 37.22 -6.48
N GLU A 127 -17.99 37.30 -7.58
CA GLU A 127 -16.53 37.30 -7.52
C GLU A 127 -16.03 38.59 -6.87
N LYS A 128 -15.38 38.44 -5.72
CA LYS A 128 -14.87 39.59 -4.98
C LYS A 128 -13.37 39.71 -5.11
N MET B 1 33.32 -0.67 -15.95
CA MET B 1 34.40 0.02 -15.21
C MET B 1 33.95 0.38 -13.80
N ALA B 2 32.98 1.27 -13.71
CA ALA B 2 32.45 1.70 -12.42
C ALA B 2 31.05 2.26 -12.59
N ALA B 3 30.41 2.61 -11.48
CA ALA B 3 29.05 3.17 -11.48
C ALA B 3 28.08 2.23 -12.18
N GLU B 4 28.18 0.94 -11.85
CA GLU B 4 27.31 -0.07 -12.42
C GLU B 4 25.88 0.13 -11.93
N PRO B 5 24.91 0.13 -12.86
CA PRO B 5 23.50 0.33 -12.52
C PRO B 5 22.89 -0.93 -11.91
N LEU B 6 21.92 -0.73 -11.03
CA LEU B 6 21.24 -1.83 -10.38
C LEU B 6 20.01 -2.23 -11.18
N THR B 7 19.14 -3.03 -10.60
CA THR B 7 17.91 -3.43 -11.29
C THR B 7 17.01 -2.22 -11.46
N GLU B 8 16.17 -2.24 -12.49
CA GLU B 8 15.24 -1.15 -12.79
C GLU B 8 14.57 -0.61 -11.53
N LEU B 9 13.89 -1.48 -10.80
CA LEU B 9 13.19 -1.06 -9.58
C LEU B 9 14.16 -0.63 -8.48
N GLU B 10 15.35 -1.21 -8.48
CA GLU B 10 16.36 -0.85 -7.48
C GLU B 10 16.79 0.60 -7.66
N GLU B 11 16.79 1.05 -8.91
CA GLU B 11 17.15 2.43 -9.22
C GLU B 11 16.02 3.36 -8.80
N SER B 12 14.77 2.93 -9.06
CA SER B 12 13.60 3.72 -8.72
C SER B 12 13.50 3.92 -7.20
N ILE B 13 13.81 2.88 -6.45
CA ILE B 13 13.74 2.99 -4.99
C ILE B 13 14.97 3.69 -4.42
N GLU B 14 16.04 3.77 -5.20
CA GLU B 14 17.25 4.42 -4.74
C GLU B 14 17.12 5.95 -4.85
N THR B 15 16.66 6.42 -6.01
CA THR B 15 16.51 7.85 -6.24
C THR B 15 15.55 8.48 -5.24
N VAL B 16 14.47 7.79 -4.90
CA VAL B 16 13.50 8.34 -3.95
C VAL B 16 14.11 8.42 -2.56
N VAL B 17 15.02 7.50 -2.24
CA VAL B 17 15.69 7.49 -0.96
C VAL B 17 16.60 8.71 -0.87
N THR B 18 17.26 9.02 -1.98
CA THR B 18 18.14 10.17 -2.04
C THR B 18 17.36 11.44 -1.72
N THR B 19 16.22 11.62 -2.40
CA THR B 19 15.38 12.79 -2.19
C THR B 19 14.85 12.80 -0.75
N PHE B 20 14.45 11.63 -0.27
CA PHE B 20 13.93 11.48 1.08
C PHE B 20 15.00 11.89 2.10
N PHE B 21 16.23 11.47 1.88
CA PHE B 21 17.34 11.78 2.78
C PHE B 21 17.74 13.25 2.65
N THR B 22 17.36 13.89 1.55
CA THR B 22 17.67 15.29 1.33
C THR B 22 16.80 16.17 2.23
N PHE B 23 15.61 15.68 2.54
CA PHE B 23 14.67 16.43 3.38
C PHE B 23 14.78 16.00 4.84
N ALA B 24 14.98 14.70 5.05
CA ALA B 24 15.12 14.14 6.40
C ALA B 24 16.51 14.41 6.95
N ARG B 25 16.82 15.69 7.16
CA ARG B 25 18.11 16.11 7.68
C ARG B 25 18.16 17.63 7.86
N GLN B 26 16.99 18.27 7.85
CA GLN B 26 16.92 19.71 7.97
C GLN B 26 16.73 20.11 9.43
N GLU B 27 15.72 19.53 10.06
CA GLU B 27 15.41 19.84 11.45
C GLU B 27 16.27 19.00 12.39
N GLY B 28 16.12 17.68 12.32
CA GLY B 28 16.88 16.81 13.19
C GLY B 28 16.63 15.35 12.91
N ARG B 29 17.60 14.51 13.27
CA ARG B 29 17.51 13.06 13.07
C ARG B 29 17.41 12.71 11.59
N LYS B 30 18.55 12.54 10.94
CA LYS B 30 18.59 12.21 9.52
C LYS B 30 18.14 10.77 9.29
N ASP B 31 16.82 10.57 9.30
CA ASP B 31 16.22 9.27 9.12
C ASP B 31 14.71 9.40 9.03
N SER B 32 14.17 10.36 9.77
CA SER B 32 12.74 10.59 9.79
C SER B 32 12.41 12.02 9.36
N LEU B 33 11.15 12.29 9.08
CA LEU B 33 10.70 13.60 8.65
C LEU B 33 9.95 14.32 9.77
N SER B 34 10.40 15.51 10.10
CA SER B 34 9.75 16.32 11.12
C SER B 34 8.56 17.07 10.50
N VAL B 35 7.93 17.92 11.31
CA VAL B 35 6.75 18.68 10.87
C VAL B 35 7.04 19.57 9.65
N ASN B 36 8.08 20.39 9.73
CA ASN B 36 8.42 21.29 8.63
C ASN B 36 8.98 20.53 7.44
N GLU B 37 9.89 19.59 7.70
CA GLU B 37 10.51 18.80 6.63
C GLU B 37 9.47 18.10 5.77
N PHE B 38 8.45 17.54 6.42
CA PHE B 38 7.39 16.85 5.70
C PHE B 38 6.63 17.82 4.80
N LYS B 39 6.38 19.02 5.30
CA LYS B 39 5.66 20.05 4.56
C LYS B 39 6.49 20.56 3.39
N GLU B 40 7.79 20.73 3.61
CA GLU B 40 8.69 21.23 2.59
C GLU B 40 8.74 20.29 1.38
N LEU B 41 8.40 19.02 1.61
CA LEU B 41 8.41 18.04 0.54
C LEU B 41 7.26 18.29 -0.44
N VAL B 42 6.04 18.37 0.09
CA VAL B 42 4.87 18.60 -0.75
C VAL B 42 4.82 20.03 -1.28
N THR B 43 5.05 21.01 -0.42
CA THR B 43 5.01 22.41 -0.82
C THR B 43 6.33 22.81 -1.51
N GLN B 44 6.73 22.01 -2.49
CA GLN B 44 7.96 22.25 -3.23
C GLN B 44 8.09 21.27 -4.40
N GLN B 45 8.14 19.99 -4.08
CA GLN B 45 8.33 18.96 -5.10
C GLN B 45 7.02 18.25 -5.45
N LEU B 46 5.91 18.65 -4.86
CA LEU B 46 4.64 18.00 -5.16
C LEU B 46 3.45 18.97 -5.15
N PRO B 47 3.50 20.04 -5.95
CA PRO B 47 2.43 21.02 -6.03
C PRO B 47 1.53 20.74 -7.24
N HIS B 48 1.42 19.46 -7.59
CA HIS B 48 0.62 19.05 -8.74
C HIS B 48 -0.29 17.86 -8.40
N LEU B 49 0.32 16.76 -7.98
CA LEU B 49 -0.42 15.55 -7.64
C LEU B 49 -1.35 15.79 -6.46
N LEU B 50 -0.78 16.13 -5.31
CA LEU B 50 -1.57 16.40 -4.12
C LEU B 50 -1.63 17.91 -3.90
N LYS B 51 -2.82 18.46 -4.03
CA LYS B 51 -3.00 19.89 -3.86
C LYS B 51 -3.55 20.24 -2.48
N ASP B 52 -2.67 20.30 -1.51
CA ASP B 52 -3.04 20.65 -0.15
C ASP B 52 -1.83 21.19 0.61
N VAL B 53 -1.76 22.51 0.70
CA VAL B 53 -0.65 23.16 1.39
C VAL B 53 -1.14 23.87 2.64
N GLY B 54 -2.43 23.67 2.95
CA GLY B 54 -3.00 24.30 4.11
C GLY B 54 -3.33 23.31 5.22
N SER B 55 -3.85 22.16 4.84
CA SER B 55 -4.23 21.15 5.82
C SER B 55 -3.18 20.04 5.88
N LEU B 56 -1.97 20.40 6.28
CA LEU B 56 -0.90 19.42 6.41
C LEU B 56 -1.16 18.53 7.62
N ASP B 57 -2.04 19.03 8.48
CA ASP B 57 -2.42 18.31 9.69
C ASP B 57 -3.19 17.05 9.33
N GLU B 58 -4.06 17.15 8.32
CA GLU B 58 -4.85 16.00 7.88
C GLU B 58 -3.93 14.88 7.42
N LYS B 59 -2.84 15.24 6.75
CA LYS B 59 -1.88 14.26 6.24
C LYS B 59 -1.17 13.59 7.40
N MET B 60 -0.65 14.39 8.32
CA MET B 60 0.07 13.87 9.48
C MET B 60 -0.84 12.99 10.34
N LYS B 61 -2.07 13.46 10.56
CA LYS B 61 -3.02 12.73 11.39
C LYS B 61 -3.50 11.43 10.73
N SER B 62 -3.20 11.26 9.44
CA SER B 62 -3.60 10.06 8.74
C SER B 62 -2.41 9.13 8.50
N LEU B 63 -1.22 9.70 8.46
CA LEU B 63 -0.01 8.92 8.24
C LEU B 63 0.58 8.45 9.56
N ASP B 64 0.65 9.34 10.53
CA ASP B 64 1.19 8.99 11.85
C ASP B 64 0.11 8.40 12.72
N VAL B 65 0.18 7.09 12.92
CA VAL B 65 -0.79 6.39 13.74
C VAL B 65 -0.28 6.23 15.18
N ASN B 66 0.96 6.64 15.40
CA ASN B 66 1.57 6.53 16.72
C ASN B 66 1.45 7.86 17.46
N GLN B 67 1.34 8.93 16.67
CA GLN B 67 1.19 10.29 17.18
C GLN B 67 2.43 10.74 17.97
N ASP B 68 3.50 11.03 17.25
CA ASP B 68 4.72 11.51 17.87
C ASP B 68 5.35 12.61 17.02
N SER B 69 4.72 12.85 15.87
CA SER B 69 5.15 13.89 14.92
C SER B 69 6.46 13.54 14.24
N GLU B 70 6.86 12.28 14.30
CA GLU B 70 8.09 11.83 13.66
C GLU B 70 7.74 10.81 12.58
N LEU B 71 7.77 11.25 11.33
CA LEU B 71 7.44 10.37 10.21
C LEU B 71 8.67 9.60 9.76
N LYS B 72 8.75 8.33 10.13
CA LYS B 72 9.88 7.50 9.74
C LYS B 72 9.71 7.05 8.29
N PHE B 73 10.63 6.23 7.82
CA PHE B 73 10.57 5.72 6.44
C PHE B 73 9.24 5.01 6.18
N ASN B 74 8.72 4.33 7.20
CA ASN B 74 7.46 3.61 7.08
C ASN B 74 6.30 4.58 6.85
N GLU B 75 6.18 5.55 7.74
CA GLU B 75 5.11 6.54 7.67
C GLU B 75 5.24 7.40 6.42
N TYR B 76 6.47 7.71 6.05
CA TYR B 76 6.74 8.52 4.87
C TYR B 76 6.33 7.76 3.60
N TRP B 77 6.60 6.45 3.59
CA TRP B 77 6.25 5.61 2.46
C TRP B 77 4.74 5.58 2.26
N ARG B 78 3.99 5.68 3.37
CA ARG B 78 2.54 5.67 3.33
C ARG B 78 2.02 6.83 2.48
N LEU B 79 2.75 7.94 2.48
CA LEU B 79 2.37 9.10 1.70
C LEU B 79 2.52 8.79 0.22
N ILE B 80 3.66 8.23 -0.15
CA ILE B 80 3.93 7.87 -1.54
C ILE B 80 2.96 6.80 -2.00
N GLY B 81 2.55 5.94 -1.08
CA GLY B 81 1.59 4.90 -1.40
C GLY B 81 0.28 5.48 -1.87
N GLU B 82 -0.20 6.49 -1.17
CA GLU B 82 -1.45 7.16 -1.53
C GLU B 82 -1.25 8.00 -2.79
N LEU B 83 -0.03 8.51 -2.99
CA LEU B 83 0.29 9.31 -4.17
C LEU B 83 0.14 8.45 -5.42
N ALA B 84 0.60 7.21 -5.33
CA ALA B 84 0.52 6.28 -6.45
C ALA B 84 -0.93 5.91 -6.72
N LYS B 85 -1.78 6.17 -5.73
CA LYS B 85 -3.20 5.89 -5.85
C LYS B 85 -3.92 7.10 -6.43
N GLU B 86 -3.57 8.27 -5.91
CA GLU B 86 -4.17 9.54 -6.35
C GLU B 86 -3.95 9.78 -7.84
N ILE B 87 -2.81 9.35 -8.36
CA ILE B 87 -2.49 9.55 -9.76
C ILE B 87 -3.45 8.83 -10.71
N ARG B 88 -4.14 7.80 -10.22
CA ARG B 88 -5.07 7.06 -11.05
C ARG B 88 -6.49 7.11 -10.47
N LYS B 89 -6.60 7.42 -9.19
CA LYS B 89 -7.90 7.48 -8.53
C LYS B 89 -8.42 8.90 -8.45
N LYS B 90 -7.59 9.80 -7.93
CA LYS B 90 -7.96 11.19 -7.73
C LYS B 90 -9.27 11.29 -6.95
N LYS B 91 -10.36 11.57 -7.64
CA LYS B 91 -11.66 11.66 -7.00
C LYS B 91 -12.67 10.86 -7.79
N ASP B 92 -12.75 9.56 -7.48
CA ASP B 92 -13.66 8.63 -8.16
C ASP B 92 -15.11 8.89 -7.74
N LEU B 93 -15.57 10.10 -8.01
CA LEU B 93 -16.92 10.52 -7.68
C LEU B 93 -17.40 11.56 -8.69
N LYS B 94 -16.62 12.61 -8.85
CA LYS B 94 -16.97 13.68 -9.78
C LYS B 94 -15.90 13.78 -10.88
N ILE B 95 -14.85 14.54 -10.62
CA ILE B 95 -13.78 14.71 -11.60
C ILE B 95 -12.70 13.66 -11.37
N ARG B 96 -12.45 12.84 -12.38
CA ARG B 96 -11.45 11.79 -12.29
C ARG B 96 -10.28 12.08 -13.23
N LYS B 97 -9.30 11.19 -13.23
CA LYS B 97 -8.10 11.31 -14.08
C LYS B 97 -7.22 12.46 -13.62
N LYS B 98 -6.38 12.96 -14.51
CA LYS B 98 -5.48 14.06 -14.18
C LYS B 98 -5.60 15.18 -15.23
N MET C 1 -5.35 7.45 -17.91
CA MET C 1 -5.44 7.11 -19.33
C MET C 1 -4.12 7.39 -20.05
N ALA C 2 -3.45 8.45 -19.64
CA ALA C 2 -2.19 8.83 -20.25
C ALA C 2 -1.22 9.37 -19.21
N ALA C 3 0.04 9.47 -19.57
CA ALA C 3 1.06 9.96 -18.67
C ALA C 3 1.75 11.19 -19.27
N GLU C 4 1.35 12.35 -18.78
CA GLU C 4 1.90 13.62 -19.24
C GLU C 4 3.21 13.91 -18.48
N PRO C 5 4.00 14.91 -18.93
CA PRO C 5 5.25 15.28 -18.26
C PRO C 5 4.99 15.65 -16.81
N LEU C 6 5.65 14.97 -15.88
CA LEU C 6 5.45 15.21 -14.47
C LEU C 6 6.77 15.52 -13.75
N THR C 7 6.70 15.68 -12.44
CA THR C 7 7.89 15.98 -11.64
C THR C 7 8.64 14.70 -11.27
N GLU C 8 9.80 14.85 -10.62
CA GLU C 8 10.63 13.73 -10.21
C GLU C 8 9.83 12.70 -9.41
N LEU C 9 9.12 13.17 -8.38
CA LEU C 9 8.33 12.28 -7.53
C LEU C 9 7.29 11.52 -8.34
N GLU C 10 6.62 12.22 -9.25
CA GLU C 10 5.60 11.62 -10.09
C GLU C 10 6.24 10.66 -11.10
N GLU C 11 7.44 11.00 -11.55
CA GLU C 11 8.18 10.18 -12.50
C GLU C 11 8.68 8.91 -11.83
N SER C 12 9.06 9.03 -10.57
CA SER C 12 9.56 7.91 -9.79
C SER C 12 8.49 6.85 -9.58
N ILE C 13 7.22 7.26 -9.67
CA ILE C 13 6.12 6.32 -9.51
C ILE C 13 5.56 5.95 -10.87
N GLU C 14 6.04 6.62 -11.91
CA GLU C 14 5.59 6.36 -13.27
C GLU C 14 6.38 5.18 -13.84
N THR C 15 7.61 5.03 -13.37
CA THR C 15 8.47 3.96 -13.81
C THR C 15 7.84 2.61 -13.49
N VAL C 16 7.30 2.47 -12.27
CA VAL C 16 6.65 1.23 -11.86
C VAL C 16 5.39 1.00 -12.68
N VAL C 17 4.74 2.09 -13.11
CA VAL C 17 3.55 2.00 -13.93
C VAL C 17 3.95 1.46 -15.29
N THR C 18 5.14 1.87 -15.74
CA THR C 18 5.67 1.42 -17.01
C THR C 18 5.94 -0.08 -16.95
N THR C 19 6.51 -0.51 -15.82
CA THR C 19 6.81 -1.93 -15.60
C THR C 19 5.51 -2.74 -15.58
N PHE C 20 4.45 -2.12 -15.08
CA PHE C 20 3.14 -2.76 -15.01
C PHE C 20 2.59 -3.03 -16.43
N PHE C 21 2.62 -1.99 -17.26
CA PHE C 21 2.09 -2.09 -18.62
C PHE C 21 2.98 -2.94 -19.53
N THR C 22 4.25 -3.09 -19.18
CA THR C 22 5.17 -3.88 -19.99
C THR C 22 5.08 -5.37 -19.62
N PHE C 23 4.38 -5.65 -18.53
CA PHE C 23 4.21 -7.02 -18.07
C PHE C 23 2.79 -7.50 -18.33
N ALA C 24 1.81 -6.65 -18.04
CA ALA C 24 0.40 -6.99 -18.24
C ALA C 24 0.02 -6.88 -19.71
N ARG C 25 0.56 -7.80 -20.52
CA ARG C 25 0.28 -7.81 -21.94
C ARG C 25 0.63 -9.17 -22.55
N GLN C 26 0.57 -10.21 -21.73
CA GLN C 26 0.87 -11.56 -22.19
C GLN C 26 -0.42 -12.36 -22.30
N GLU C 27 -1.30 -12.20 -21.32
CA GLU C 27 -2.57 -12.90 -21.32
C GLU C 27 -3.65 -12.01 -21.94
N GLY C 28 -3.86 -10.84 -21.37
CA GLY C 28 -4.86 -9.94 -21.91
C GLY C 28 -5.24 -8.84 -20.93
N ARG C 29 -5.78 -7.75 -21.47
CA ARG C 29 -6.20 -6.59 -20.68
C ARG C 29 -5.03 -5.98 -19.92
N LYS C 30 -4.42 -4.98 -20.54
CA LYS C 30 -3.23 -4.31 -19.98
C LYS C 30 -3.53 -3.51 -18.70
N ASP C 31 -4.79 -3.46 -18.28
CA ASP C 31 -5.13 -2.73 -17.06
C ASP C 31 -5.42 -3.71 -15.92
N SER C 32 -4.85 -4.90 -16.04
CA SER C 32 -5.00 -5.95 -15.04
C SER C 32 -3.84 -6.93 -15.11
N LEU C 33 -3.29 -7.29 -13.96
CA LEU C 33 -2.17 -8.22 -13.91
C LEU C 33 -2.70 -9.66 -13.88
N SER C 34 -2.29 -10.44 -14.87
CA SER C 34 -2.71 -11.83 -14.97
C SER C 34 -1.79 -12.73 -14.14
N VAL C 35 -2.20 -13.98 -13.93
CA VAL C 35 -1.40 -14.91 -13.13
C VAL C 35 -0.06 -15.25 -13.80
N ASN C 36 -0.08 -15.39 -15.13
CA ASN C 36 1.15 -15.71 -15.86
C ASN C 36 2.14 -14.58 -15.76
N GLU C 37 1.65 -13.37 -15.99
CA GLU C 37 2.48 -12.17 -15.94
C GLU C 37 2.99 -11.91 -14.54
N PHE C 38 2.14 -12.16 -13.53
CA PHE C 38 2.52 -11.97 -12.14
C PHE C 38 3.65 -12.92 -11.76
N LYS C 39 3.53 -14.16 -12.23
CA LYS C 39 4.54 -15.18 -11.96
C LYS C 39 5.86 -14.80 -12.63
N GLU C 40 5.78 -14.32 -13.87
CA GLU C 40 6.98 -13.90 -14.61
C GLU C 40 7.63 -12.71 -13.93
N LEU C 41 6.81 -11.83 -13.38
CA LEU C 41 7.28 -10.63 -12.70
C LEU C 41 8.22 -10.94 -11.53
N VAL C 42 7.75 -11.75 -10.59
CA VAL C 42 8.55 -12.09 -9.41
C VAL C 42 9.72 -13.02 -9.72
N THR C 43 9.57 -13.86 -10.73
CA THR C 43 10.63 -14.81 -11.08
C THR C 43 11.55 -14.26 -12.18
N GLN C 44 11.54 -12.95 -12.37
CA GLN C 44 12.38 -12.34 -13.41
C GLN C 44 12.78 -10.92 -13.04
N GLN C 45 11.81 -10.08 -12.74
CA GLN C 45 12.09 -8.69 -12.40
C GLN C 45 12.46 -8.53 -10.93
N LEU C 46 11.80 -9.27 -10.04
CA LEU C 46 12.08 -9.16 -8.60
C LEU C 46 12.44 -10.52 -7.97
N PRO C 47 13.46 -11.24 -8.47
CA PRO C 47 13.84 -12.54 -7.89
C PRO C 47 14.77 -12.38 -6.70
N HIS C 48 15.40 -11.22 -6.61
CA HIS C 48 16.32 -10.93 -5.52
C HIS C 48 15.63 -10.08 -4.45
N LEU C 49 14.75 -9.20 -4.90
CA LEU C 49 14.01 -8.35 -3.97
C LEU C 49 12.94 -9.18 -3.27
N LEU C 50 11.99 -9.68 -4.06
CA LEU C 50 10.94 -10.52 -3.52
C LEU C 50 11.49 -11.93 -3.36
N LYS C 51 11.86 -12.26 -2.14
CA LYS C 51 12.47 -13.54 -1.83
C LYS C 51 11.44 -14.64 -1.60
N ASP C 52 10.56 -14.82 -2.57
CA ASP C 52 9.53 -15.85 -2.51
C ASP C 52 8.86 -15.99 -3.87
N VAL C 53 9.32 -16.97 -4.62
CA VAL C 53 8.77 -17.25 -5.94
C VAL C 53 8.08 -18.60 -5.94
N GLY C 54 8.06 -19.23 -4.76
CA GLY C 54 7.44 -20.54 -4.63
C GLY C 54 6.06 -20.45 -4.02
N SER C 55 5.89 -19.51 -3.10
CA SER C 55 4.61 -19.30 -2.45
C SER C 55 3.91 -18.09 -3.03
N LEU C 56 4.29 -17.75 -4.26
CA LEU C 56 3.73 -16.61 -4.98
C LEU C 56 2.20 -16.70 -5.03
N ASP C 57 1.69 -17.89 -5.32
CA ASP C 57 0.26 -18.13 -5.40
C ASP C 57 -0.44 -17.77 -4.09
N GLU C 58 0.24 -18.03 -2.98
CA GLU C 58 -0.31 -17.73 -1.66
C GLU C 58 -0.36 -16.22 -1.43
N LYS C 59 0.73 -15.55 -1.75
CA LYS C 59 0.82 -14.10 -1.59
C LYS C 59 -0.14 -13.40 -2.53
N MET C 60 -0.21 -13.87 -3.77
CA MET C 60 -1.09 -13.30 -4.78
C MET C 60 -2.54 -13.38 -4.34
N LYS C 61 -2.92 -14.53 -3.76
CA LYS C 61 -4.28 -14.73 -3.28
C LYS C 61 -4.62 -13.75 -2.18
N SER C 62 -3.60 -13.35 -1.42
CA SER C 62 -3.79 -12.40 -0.33
C SER C 62 -3.89 -10.96 -0.84
N LEU C 63 -3.44 -10.74 -2.07
CA LEU C 63 -3.49 -9.41 -2.66
C LEU C 63 -4.69 -9.27 -3.58
N ASP C 64 -5.22 -10.39 -4.03
CA ASP C 64 -6.39 -10.43 -4.92
C ASP C 64 -7.66 -10.08 -4.16
N VAL C 65 -7.52 -9.96 -2.82
CA VAL C 65 -8.61 -9.62 -1.87
C VAL C 65 -9.95 -10.29 -2.19
N ASN C 66 -10.74 -9.72 -3.11
CA ASN C 66 -12.04 -10.27 -3.48
C ASN C 66 -11.90 -11.69 -4.02
N GLN C 67 -10.71 -11.99 -4.53
CA GLN C 67 -10.38 -13.32 -5.06
C GLN C 67 -11.22 -13.68 -6.28
N ASP C 68 -10.83 -13.14 -7.43
CA ASP C 68 -11.51 -13.43 -8.69
C ASP C 68 -10.46 -13.72 -9.76
N SER C 69 -9.21 -13.82 -9.31
CA SER C 69 -8.07 -14.07 -10.19
C SER C 69 -7.88 -12.91 -11.15
N GLU C 70 -7.62 -11.75 -10.60
CA GLU C 70 -7.44 -10.55 -11.38
C GLU C 70 -6.82 -9.46 -10.52
N LEU C 71 -5.56 -9.16 -10.78
CA LEU C 71 -4.89 -8.12 -10.02
C LEU C 71 -5.15 -6.77 -10.66
N LYS C 72 -6.17 -6.09 -10.16
CA LYS C 72 -6.58 -4.78 -10.68
C LYS C 72 -5.54 -3.72 -10.32
N PHE C 73 -5.74 -2.50 -10.84
CA PHE C 73 -4.82 -1.40 -10.57
C PHE C 73 -5.04 -0.87 -9.15
N ASN C 74 -4.79 -1.74 -8.19
CA ASN C 74 -4.93 -1.46 -6.78
C ASN C 74 -4.43 -2.68 -6.01
N GLU C 75 -4.78 -3.84 -6.54
CA GLU C 75 -4.36 -5.12 -5.95
C GLU C 75 -2.88 -5.31 -6.18
N TYR C 76 -2.43 -5.00 -7.40
CA TYR C 76 -1.02 -5.11 -7.76
C TYR C 76 -0.21 -4.06 -7.00
N TRP C 77 -0.86 -2.94 -6.68
CA TRP C 77 -0.23 -1.86 -5.95
C TRP C 77 0.23 -2.34 -4.57
N ARG C 78 -0.54 -3.26 -3.98
CA ARG C 78 -0.22 -3.81 -2.68
C ARG C 78 1.14 -4.49 -2.69
N LEU C 79 1.45 -5.19 -3.78
CA LEU C 79 2.72 -5.90 -3.91
C LEU C 79 3.88 -4.91 -3.87
N ILE C 80 3.71 -3.77 -4.53
CA ILE C 80 4.75 -2.75 -4.57
C ILE C 80 5.07 -2.25 -3.16
N GLY C 81 4.03 -2.08 -2.36
CA GLY C 81 4.21 -1.60 -1.01
C GLY C 81 4.89 -2.63 -0.11
N GLU C 82 4.74 -3.90 -0.44
CA GLU C 82 5.33 -4.98 0.34
C GLU C 82 6.84 -5.08 0.06
N LEU C 83 7.22 -5.16 -1.21
CA LEU C 83 8.63 -5.26 -1.57
C LEU C 83 9.40 -4.03 -1.13
N ALA C 84 8.71 -2.91 -1.05
CA ALA C 84 9.33 -1.64 -0.64
C ALA C 84 9.67 -1.67 0.84
N LYS C 85 8.80 -2.29 1.64
CA LYS C 85 9.03 -2.36 3.07
C LYS C 85 9.93 -3.53 3.44
N GLU C 86 10.03 -4.52 2.55
CA GLU C 86 10.85 -5.71 2.80
C GLU C 86 12.32 -5.34 2.97
N ILE C 87 12.72 -4.19 2.41
CA ILE C 87 14.11 -3.73 2.53
C ILE C 87 14.44 -3.40 3.99
N ARG C 88 13.40 -3.23 4.80
CA ARG C 88 13.56 -2.92 6.21
C ARG C 88 12.67 -3.84 7.05
N LYS C 89 12.32 -4.98 6.46
CA LYS C 89 11.46 -5.96 7.12
C LYS C 89 11.80 -7.35 6.60
N LYS C 90 12.78 -7.99 7.22
CA LYS C 90 13.23 -9.32 6.82
C LYS C 90 12.12 -10.38 6.98
N LYS C 91 11.52 -10.44 8.15
CA LYS C 91 10.45 -11.40 8.42
C LYS C 91 9.66 -10.97 9.63
N ASP C 92 9.50 -9.67 9.77
CA ASP C 92 8.79 -9.09 10.91
C ASP C 92 7.41 -8.59 10.47
N LEU C 93 6.48 -9.52 10.30
CA LEU C 93 5.12 -9.17 9.90
C LEU C 93 4.15 -10.31 10.21
N LYS C 94 3.91 -11.16 9.21
CA LYS C 94 2.99 -12.30 9.32
C LYS C 94 1.54 -11.83 9.43
N ILE C 95 1.21 -11.21 10.57
CA ILE C 95 -0.13 -10.68 10.89
C ILE C 95 -1.22 -11.76 10.81
N ARG C 96 -2.41 -11.42 11.31
CA ARG C 96 -3.54 -12.35 11.31
C ARG C 96 -4.80 -11.61 11.76
N LYS C 97 -4.89 -10.34 11.41
CA LYS C 97 -6.03 -9.52 11.79
C LYS C 97 -7.12 -9.61 10.73
N LYS C 98 -8.37 -9.73 11.17
CA LYS C 98 -9.50 -9.81 10.28
C LYS C 98 -10.55 -8.81 10.69
N GLU D 1 16.84 -26.94 -13.31
CA GLU D 1 17.04 -27.78 -12.11
C GLU D 1 18.22 -27.28 -11.29
N LYS D 2 17.92 -26.50 -10.26
CA LYS D 2 18.95 -25.95 -9.39
C LYS D 2 18.55 -26.09 -7.92
N LEU D 3 19.39 -26.75 -7.15
CA LEU D 3 19.11 -26.96 -5.74
C LEU D 3 20.41 -27.02 -4.93
N GLY D 4 21.53 -26.72 -5.60
CA GLY D 4 22.81 -26.72 -4.93
C GLY D 4 23.45 -28.09 -4.91
N LYS D 5 24.19 -28.38 -3.84
CA LYS D 5 24.87 -29.67 -3.69
C LYS D 5 24.72 -30.18 -2.27
N LEU D 6 24.78 -31.50 -2.12
CA LEU D 6 24.66 -32.12 -0.81
C LEU D 6 25.82 -33.08 -0.57
N GLN D 7 26.47 -32.92 0.57
CA GLN D 7 27.59 -33.78 0.92
C GLN D 7 27.11 -34.88 1.85
N TYR D 8 27.51 -36.11 1.59
CA TYR D 8 27.09 -37.23 2.42
C TYR D 8 28.08 -38.38 2.33
N SER D 9 27.90 -39.38 3.20
CA SER D 9 28.76 -40.55 3.23
C SER D 9 27.93 -41.80 3.50
N LEU D 10 28.00 -42.76 2.61
CA LEU D 10 27.24 -44.00 2.76
C LEU D 10 28.14 -45.17 3.13
N ASP D 11 27.69 -45.96 4.09
CA ASP D 11 28.42 -47.15 4.53
C ASP D 11 27.42 -48.29 4.75
N TYR D 12 27.88 -49.52 4.69
CA TYR D 12 27.00 -50.67 4.84
C TYR D 12 27.21 -51.37 6.18
N ASP D 13 26.15 -51.99 6.67
CA ASP D 13 26.17 -52.72 7.93
C ASP D 13 25.64 -54.13 7.70
N PHE D 14 26.37 -55.12 8.19
CA PHE D 14 25.98 -56.51 8.04
C PHE D 14 25.47 -57.10 9.35
N GLN D 15 25.41 -56.28 10.39
CA GLN D 15 24.94 -56.76 11.69
C GLN D 15 23.42 -56.86 11.66
N ASN D 16 22.77 -55.88 11.06
CA ASN D 16 21.32 -55.87 10.94
C ASN D 16 20.90 -55.87 9.48
N ASN D 17 21.91 -55.82 8.61
CA ASN D 17 21.73 -55.82 7.16
C ASN D 17 20.96 -54.59 6.71
N GLN D 18 21.68 -53.49 6.56
CA GLN D 18 21.11 -52.22 6.13
C GLN D 18 22.20 -51.25 5.68
N LEU D 19 21.81 -50.15 5.09
CA LEU D 19 22.76 -49.15 4.63
C LEU D 19 22.63 -47.89 5.48
N LEU D 20 23.74 -47.37 5.94
CA LEU D 20 23.75 -46.18 6.76
C LEU D 20 23.82 -44.94 5.90
N VAL D 21 22.68 -44.29 5.72
CA VAL D 21 22.61 -43.08 4.92
C VAL D 21 22.87 -41.87 5.82
N GLY D 22 24.13 -41.45 5.86
CA GLY D 22 24.51 -40.32 6.67
C GLY D 22 24.83 -39.10 5.84
N ILE D 23 24.01 -38.08 5.95
CA ILE D 23 24.22 -36.84 5.22
C ILE D 23 25.01 -35.86 6.07
N ILE D 24 25.84 -35.05 5.43
CA ILE D 24 26.66 -34.09 6.14
C ILE D 24 25.98 -32.72 6.18
N GLN D 25 25.70 -32.17 5.01
CA GLN D 25 25.06 -30.86 4.92
C GLN D 25 24.63 -30.56 3.48
N ALA D 26 23.89 -29.47 3.32
CA ALA D 26 23.44 -29.03 2.01
C ALA D 26 23.87 -27.59 1.79
N ALA D 27 24.09 -27.19 0.55
CA ALA D 27 24.53 -25.84 0.25
C ALA D 27 23.76 -25.22 -0.91
N GLU D 28 23.40 -23.94 -0.73
CA GLU D 28 22.69 -23.15 -1.74
C GLU D 28 21.29 -23.70 -2.03
N LEU D 29 20.39 -23.52 -1.09
CA LEU D 29 19.01 -23.97 -1.24
C LEU D 29 18.12 -22.81 -1.68
N PRO D 30 17.15 -23.05 -2.58
CA PRO D 30 16.23 -22.02 -3.09
C PRO D 30 15.37 -21.38 -2.00
N ALA D 31 14.85 -20.20 -2.29
CA ALA D 31 14.00 -19.46 -1.37
C ALA D 31 12.53 -19.81 -1.54
N LEU D 32 11.91 -20.30 -0.46
CA LEU D 32 10.50 -20.66 -0.48
C LEU D 32 9.73 -19.84 0.54
N ASP D 33 10.40 -19.47 1.63
CA ASP D 33 9.78 -18.66 2.68
C ASP D 33 10.20 -17.20 2.53
N MET D 34 9.28 -16.31 2.88
CA MET D 34 9.50 -14.87 2.78
C MET D 34 10.78 -14.46 3.49
N GLY D 35 11.63 -13.73 2.80
CA GLY D 35 12.88 -13.30 3.39
C GLY D 35 14.06 -14.14 2.95
N GLY D 36 13.78 -15.11 2.08
CA GLY D 36 14.84 -15.98 1.58
C GLY D 36 15.40 -16.88 2.66
N THR D 37 14.51 -17.46 3.45
CA THR D 37 14.90 -18.34 4.53
C THR D 37 13.85 -19.43 4.74
N SER D 38 13.95 -20.49 3.96
CA SER D 38 13.02 -21.61 4.04
C SER D 38 13.38 -22.56 5.17
N ASP D 39 12.50 -23.54 5.43
CA ASP D 39 12.73 -24.55 6.47
C ASP D 39 12.85 -25.91 5.80
N PRO D 40 14.02 -26.22 5.23
CA PRO D 40 14.22 -27.47 4.50
C PRO D 40 14.68 -28.64 5.36
N TYR D 41 13.94 -29.74 5.26
CA TYR D 41 14.27 -30.97 5.96
C TYR D 41 14.21 -32.12 4.95
N VAL D 42 15.25 -32.93 4.95
CA VAL D 42 15.35 -34.04 4.01
C VAL D 42 14.61 -35.29 4.47
N LYS D 43 13.64 -35.72 3.69
CA LYS D 43 12.88 -36.91 4.02
C LYS D 43 13.21 -38.00 3.01
N VAL D 44 13.50 -39.18 3.51
CA VAL D 44 13.86 -40.30 2.65
C VAL D 44 12.63 -40.99 2.07
N PHE D 45 12.56 -41.02 0.75
CA PHE D 45 11.47 -41.66 0.05
C PHE D 45 11.99 -42.86 -0.69
N LEU D 46 11.23 -43.94 -0.70
CA LEU D 46 11.65 -45.15 -1.36
C LEU D 46 10.72 -45.52 -2.51
N LEU D 47 11.21 -46.42 -3.36
CA LEU D 47 10.44 -46.92 -4.50
C LEU D 47 9.35 -47.89 -3.97
N PRO D 48 8.63 -48.66 -4.84
CA PRO D 48 7.58 -49.60 -4.42
C PRO D 48 7.90 -50.40 -3.12
N ASP D 49 9.18 -50.52 -2.79
CA ASP D 49 9.59 -51.22 -1.56
C ASP D 49 8.84 -50.67 -0.36
N LYS D 50 8.98 -49.36 -0.14
CA LYS D 50 8.31 -48.64 0.95
C LYS D 50 8.46 -49.33 2.31
N LYS D 51 9.56 -50.04 2.52
CA LYS D 51 9.80 -50.72 3.79
C LYS D 51 10.71 -49.88 4.67
N LYS D 52 10.57 -48.56 4.56
CA LYS D 52 11.37 -47.63 5.34
C LYS D 52 10.87 -46.20 5.14
N LYS D 53 11.16 -45.35 6.11
CA LYS D 53 10.76 -43.95 6.10
C LYS D 53 11.34 -43.25 7.30
N PHE D 54 11.71 -41.97 7.16
CA PHE D 54 12.29 -41.23 8.27
C PHE D 54 12.20 -39.73 8.04
N GLU D 55 11.74 -39.02 9.07
CA GLU D 55 11.64 -37.58 9.03
C GLU D 55 12.83 -36.98 9.78
N THR D 56 13.51 -36.03 9.17
CA THR D 56 14.67 -35.42 9.81
C THR D 56 14.28 -34.22 10.67
N LYS D 57 15.26 -33.67 11.37
CA LYS D 57 15.04 -32.52 12.23
C LYS D 57 14.77 -31.28 11.38
N VAL D 58 13.69 -30.57 11.68
CA VAL D 58 13.35 -29.38 10.93
C VAL D 58 14.40 -28.28 11.13
N HIS D 59 15.07 -27.92 10.04
CA HIS D 59 16.09 -26.88 10.08
C HIS D 59 15.42 -25.57 9.67
N ARG D 60 14.87 -24.89 10.66
CA ARG D 60 14.13 -23.64 10.44
C ARG D 60 14.99 -22.49 9.94
N LYS D 61 14.46 -21.79 8.94
CA LYS D 61 15.07 -20.60 8.34
C LYS D 61 16.57 -20.79 8.06
N THR D 62 16.89 -21.53 7.01
CA THR D 62 18.28 -21.75 6.65
C THR D 62 18.40 -22.28 5.22
N LEU D 63 19.47 -21.90 4.55
CA LEU D 63 19.73 -22.36 3.18
C LEU D 63 20.99 -23.20 3.15
N ASN D 64 21.53 -23.42 4.35
CA ASN D 64 22.73 -24.22 4.55
C ASN D 64 22.60 -25.00 5.86
N PRO D 65 21.72 -26.03 5.88
CA PRO D 65 21.45 -26.81 7.07
C PRO D 65 22.52 -27.84 7.39
N VAL D 66 22.81 -27.99 8.67
CA VAL D 66 23.78 -28.95 9.17
C VAL D 66 23.20 -29.70 10.36
N PHE D 67 23.57 -30.96 10.53
CA PHE D 67 23.08 -31.78 11.62
C PHE D 67 23.67 -33.18 11.55
N ASN D 68 23.93 -33.63 10.32
CA ASN D 68 24.50 -34.96 10.08
C ASN D 68 23.57 -36.05 10.59
N GLU D 69 22.31 -35.99 10.15
CA GLU D 69 21.31 -36.98 10.55
C GLU D 69 21.69 -38.38 10.09
N GLN D 70 21.03 -39.38 10.67
CA GLN D 70 21.31 -40.77 10.33
C GLN D 70 20.02 -41.50 9.97
N PHE D 71 20.01 -42.13 8.80
CA PHE D 71 18.86 -42.88 8.35
C PHE D 71 19.22 -44.36 8.20
N THR D 72 18.39 -45.22 8.76
CA THR D 72 18.60 -46.65 8.70
C THR D 72 17.88 -47.25 7.50
N PHE D 73 18.63 -47.56 6.45
CA PHE D 73 18.07 -48.17 5.24
C PHE D 73 17.84 -49.65 5.48
N LYS D 74 16.82 -49.94 6.29
CA LYS D 74 16.46 -51.31 6.66
C LYS D 74 16.08 -52.16 5.45
N VAL D 75 17.06 -52.88 4.95
CA VAL D 75 16.88 -53.79 3.82
C VAL D 75 18.23 -54.46 3.53
N PRO D 76 18.23 -55.78 3.34
CA PRO D 76 19.45 -56.54 3.06
C PRO D 76 20.18 -56.02 1.83
N TYR D 77 21.51 -55.97 1.89
CA TYR D 77 22.31 -55.49 0.76
C TYR D 77 22.13 -56.41 -0.44
N SER D 78 21.56 -57.59 -0.21
CA SER D 78 21.31 -58.54 -1.27
C SER D 78 20.15 -58.04 -2.15
N GLU D 79 19.36 -57.12 -1.61
CA GLU D 79 18.23 -56.55 -2.32
C GLU D 79 18.54 -55.13 -2.78
N LEU D 80 19.79 -54.73 -2.62
CA LEU D 80 20.24 -53.39 -2.99
C LEU D 80 20.14 -53.17 -4.51
N GLY D 81 20.31 -54.25 -5.28
CA GLY D 81 20.24 -54.16 -6.72
C GLY D 81 18.89 -53.66 -7.22
N GLY D 82 17.83 -53.99 -6.49
CA GLY D 82 16.50 -53.56 -6.88
C GLY D 82 15.85 -52.68 -5.83
N LYS D 83 16.65 -51.81 -5.22
CA LYS D 83 16.14 -50.92 -4.20
C LYS D 83 16.64 -49.50 -4.41
N THR D 84 15.90 -48.75 -5.21
CA THR D 84 16.25 -47.36 -5.49
C THR D 84 15.67 -46.42 -4.44
N LEU D 85 16.54 -45.65 -3.79
CA LEU D 85 16.11 -44.72 -2.77
C LEU D 85 16.30 -43.28 -3.24
N VAL D 86 15.43 -42.38 -2.80
CA VAL D 86 15.52 -40.98 -3.17
C VAL D 86 15.43 -40.11 -1.92
N MET D 87 16.16 -39.02 -1.92
CA MET D 87 16.15 -38.10 -0.79
C MET D 87 15.55 -36.77 -1.23
N ALA D 88 14.35 -36.49 -0.76
CA ALA D 88 13.66 -35.26 -1.12
C ALA D 88 13.69 -34.26 0.02
N VAL D 89 14.11 -33.04 -0.29
CA VAL D 89 14.15 -31.99 0.70
C VAL D 89 12.85 -31.19 0.67
N TYR D 90 12.08 -31.33 1.74
CA TYR D 90 10.79 -30.67 1.85
C TYR D 90 10.90 -29.40 2.68
N ASP D 91 10.16 -28.38 2.29
CA ASP D 91 10.18 -27.11 3.02
C ASP D 91 9.05 -27.09 4.06
N PHE D 92 9.27 -26.36 5.13
CA PHE D 92 8.30 -26.24 6.20
C PHE D 92 8.22 -24.80 6.67
N ASP D 93 7.96 -23.88 5.75
CA ASP D 93 7.86 -22.44 6.04
C ASP D 93 6.90 -22.16 7.21
N ARG D 94 5.89 -23.02 7.37
CA ARG D 94 4.88 -22.94 8.43
C ARG D 94 3.88 -21.80 8.18
N PHE D 95 3.68 -21.43 6.93
CA PHE D 95 2.73 -20.36 6.62
C PHE D 95 2.01 -20.61 5.30
N SER D 96 2.78 -20.75 4.24
CA SER D 96 2.24 -20.96 2.91
C SER D 96 2.21 -22.45 2.56
N LYS D 97 1.84 -22.75 1.32
CA LYS D 97 1.79 -24.13 0.86
C LYS D 97 3.18 -24.61 0.46
N HIS D 98 3.96 -25.00 1.46
CA HIS D 98 5.31 -25.51 1.23
C HIS D 98 5.28 -26.77 0.39
N ASP D 99 6.35 -27.00 -0.36
CA ASP D 99 6.45 -28.17 -1.22
C ASP D 99 7.89 -28.68 -1.27
N ILE D 100 8.16 -29.58 -2.20
CA ILE D 100 9.49 -30.14 -2.37
C ILE D 100 10.30 -29.23 -3.29
N ILE D 101 11.29 -28.56 -2.73
CA ILE D 101 12.14 -27.67 -3.50
C ILE D 101 13.06 -28.44 -4.44
N GLY D 102 13.33 -29.69 -4.09
CA GLY D 102 14.18 -30.51 -4.92
C GLY D 102 14.51 -31.84 -4.26
N GLU D 103 15.33 -32.64 -4.93
CA GLU D 103 15.71 -33.94 -4.42
C GLU D 103 16.84 -34.53 -5.25
N PHE D 104 17.29 -35.71 -4.85
CA PHE D 104 18.33 -36.42 -5.57
C PHE D 104 18.10 -37.91 -5.46
N LYS D 105 18.38 -38.63 -6.53
CA LYS D 105 18.20 -40.07 -6.57
C LYS D 105 19.38 -40.74 -7.24
N VAL D 106 19.66 -41.96 -6.83
CA VAL D 106 20.77 -42.71 -7.39
C VAL D 106 20.46 -44.21 -7.36
N PRO D 107 20.67 -44.91 -8.49
CA PRO D 107 20.43 -46.34 -8.56
C PRO D 107 21.43 -47.11 -7.70
N MET D 108 20.93 -47.75 -6.64
CA MET D 108 21.79 -48.50 -5.74
C MET D 108 22.49 -49.64 -6.46
N ASN D 109 21.94 -50.07 -7.59
CA ASN D 109 22.54 -51.14 -8.37
C ASN D 109 23.88 -50.68 -8.95
N THR D 110 23.98 -49.39 -9.19
CA THR D 110 25.20 -48.80 -9.74
C THR D 110 26.17 -48.43 -8.61
N VAL D 111 25.65 -48.35 -7.39
CA VAL D 111 26.47 -48.01 -6.23
C VAL D 111 26.94 -49.29 -5.54
N ASP D 112 28.18 -49.66 -5.80
CA ASP D 112 28.74 -50.86 -5.20
C ASP D 112 29.06 -50.63 -3.73
N PHE D 113 28.83 -51.65 -2.93
CA PHE D 113 29.08 -51.57 -1.49
C PHE D 113 30.42 -52.18 -1.12
N GLY D 114 31.42 -52.00 -1.99
CA GLY D 114 32.74 -52.54 -1.73
C GLY D 114 33.33 -52.01 -0.44
N HIS D 115 33.08 -50.73 -0.18
CA HIS D 115 33.56 -50.07 1.03
C HIS D 115 32.61 -48.96 1.45
N VAL D 116 33.03 -47.72 1.28
CA VAL D 116 32.21 -46.57 1.63
C VAL D 116 32.03 -45.66 0.42
N THR D 117 30.94 -44.93 0.39
CA THR D 117 30.67 -44.04 -0.71
C THR D 117 30.66 -42.58 -0.26
N GLU D 118 31.78 -41.90 -0.46
CA GLU D 118 31.91 -40.50 -0.12
C GLU D 118 31.95 -39.68 -1.40
N GLU D 119 31.02 -38.74 -1.54
CA GLU D 119 30.95 -37.91 -2.72
C GLU D 119 30.10 -36.67 -2.49
N TRP D 120 30.12 -35.78 -3.47
CA TRP D 120 29.34 -34.56 -3.43
C TRP D 120 28.26 -34.61 -4.48
N ARG D 121 27.10 -35.12 -4.11
CA ARG D 121 25.99 -35.27 -5.04
C ARG D 121 25.33 -33.93 -5.31
N ASP D 122 25.12 -33.63 -6.58
CA ASP D 122 24.46 -32.40 -6.98
C ASP D 122 22.96 -32.55 -6.78
N LEU D 123 22.30 -31.47 -6.42
CA LEU D 123 20.88 -31.49 -6.19
C LEU D 123 20.12 -30.89 -7.37
N GLN D 124 18.86 -31.26 -7.52
CA GLN D 124 18.02 -30.76 -8.60
C GLN D 124 16.61 -30.50 -8.12
N SER D 125 15.98 -29.48 -8.68
CA SER D 125 14.62 -29.11 -8.29
C SER D 125 13.58 -29.94 -9.05
N ALA D 126 13.31 -31.14 -8.55
CA ALA D 126 12.32 -32.00 -9.16
C ALA D 126 10.93 -31.67 -8.61
N GLU D 127 10.34 -30.60 -9.15
CA GLU D 127 9.03 -30.15 -8.73
C GLU D 127 7.95 -31.19 -9.00
N LYS D 128 6.92 -31.21 -8.17
CA LYS D 128 5.84 -32.15 -8.29
C LYS D 128 4.55 -31.42 -8.63
N GLU A 1 -25.98 34.73 -13.62
CA GLU A 1 -25.17 34.11 -12.55
C GLU A 1 -25.98 33.05 -11.82
N LYS A 2 -25.38 31.89 -11.60
CA LYS A 2 -26.07 30.82 -10.90
C LYS A 2 -25.16 30.23 -9.83
N LEU A 3 -25.77 29.68 -8.78
CA LEU A 3 -25.02 29.08 -7.70
C LEU A 3 -25.89 28.09 -6.93
N GLY A 4 -27.07 27.80 -7.46
CA GLY A 4 -27.97 26.88 -6.81
C GLY A 4 -29.00 27.60 -5.99
N LYS A 5 -29.48 26.95 -4.94
CA LYS A 5 -30.49 27.52 -4.06
C LYS A 5 -30.16 27.21 -2.60
N LEU A 6 -30.53 28.11 -1.71
CA LEU A 6 -30.28 27.94 -0.29
C LEU A 6 -31.58 28.06 0.50
N GLN A 7 -31.90 27.03 1.26
CA GLN A 7 -33.11 27.03 2.07
C GLN A 7 -32.77 27.66 3.41
N TYR A 8 -33.60 28.61 3.86
CA TYR A 8 -33.33 29.27 5.12
C TYR A 8 -34.60 29.70 5.85
N SER A 9 -34.47 29.80 7.16
CA SER A 9 -35.57 30.20 8.03
C SER A 9 -35.09 31.25 9.01
N LEU A 10 -35.62 32.46 8.91
CA LEU A 10 -35.21 33.54 9.79
C LEU A 10 -36.35 33.97 10.71
N ASP A 11 -36.03 34.12 11.99
CA ASP A 11 -37.02 34.56 12.98
C ASP A 11 -36.45 35.72 13.78
N TYR A 12 -37.27 36.31 14.64
CA TYR A 12 -36.82 37.46 15.43
C TYR A 12 -37.11 37.28 16.92
N ASP A 13 -36.37 38.00 17.74
CA ASP A 13 -36.54 37.94 19.18
C ASP A 13 -36.62 39.35 19.76
N PHE A 14 -37.15 39.48 20.97
CA PHE A 14 -37.30 40.79 21.60
C PHE A 14 -36.64 40.83 22.98
N GLN A 15 -35.83 39.84 23.29
CA GLN A 15 -35.15 39.80 24.58
C GLN A 15 -33.65 40.03 24.39
N ASN A 16 -33.12 39.52 23.29
CA ASN A 16 -31.70 39.69 22.98
C ASN A 16 -31.50 40.83 21.98
N ASN A 17 -32.63 41.32 21.45
CA ASN A 17 -32.63 42.42 20.48
C ASN A 17 -31.76 42.10 19.26
N GLN A 18 -32.12 41.03 18.56
CA GLN A 18 -31.39 40.61 17.38
C GLN A 18 -32.24 39.64 16.56
N LEU A 19 -31.78 39.35 15.34
CA LEU A 19 -32.49 38.43 14.46
C LEU A 19 -31.79 37.08 14.46
N LEU A 20 -32.57 36.02 14.34
CA LEU A 20 -32.01 34.69 14.33
C LEU A 20 -31.90 34.17 12.90
N VAL A 21 -30.67 34.12 12.40
CA VAL A 21 -30.42 33.64 11.06
C VAL A 21 -30.11 32.15 11.07
N GLY A 22 -31.08 31.35 10.67
CA GLY A 22 -30.90 29.92 10.64
C GLY A 22 -31.02 29.35 9.25
N ILE A 23 -29.89 29.14 8.59
CA ILE A 23 -29.88 28.58 7.25
C ILE A 23 -29.98 27.07 7.34
N ILE A 24 -30.71 26.47 6.43
CA ILE A 24 -30.88 25.02 6.44
C ILE A 24 -29.76 24.32 5.67
N GLN A 25 -29.74 24.53 4.35
CA GLN A 25 -28.73 23.91 3.51
C GLN A 25 -28.66 24.58 2.15
N ALA A 26 -27.59 24.31 1.43
CA ALA A 26 -27.38 24.86 0.10
C ALA A 26 -27.27 23.71 -0.90
N ALA A 27 -27.89 23.87 -2.06
CA ALA A 27 -27.87 22.82 -3.06
C ALA A 27 -27.32 23.32 -4.39
N GLU A 28 -26.68 22.40 -5.12
CA GLU A 28 -26.10 22.68 -6.44
C GLU A 28 -24.95 23.69 -6.36
N LEU A 29 -24.04 23.47 -5.43
CA LEU A 29 -22.89 24.34 -5.27
C LEU A 29 -21.84 24.05 -6.34
N PRO A 30 -21.04 25.06 -6.73
CA PRO A 30 -20.00 24.91 -7.76
C PRO A 30 -18.77 24.17 -7.23
N ALA A 31 -17.96 23.66 -8.15
CA ALA A 31 -16.75 22.92 -7.79
C ALA A 31 -15.55 23.85 -7.74
N LEU A 32 -14.61 23.55 -6.86
CA LEU A 32 -13.41 24.37 -6.73
C LEU A 32 -12.18 23.47 -6.54
N ASP A 33 -12.27 22.58 -5.57
CA ASP A 33 -11.18 21.66 -5.28
C ASP A 33 -11.06 20.61 -6.38
N MET A 34 -9.83 20.39 -6.84
CA MET A 34 -9.57 19.41 -7.89
C MET A 34 -10.21 18.07 -7.56
N GLY A 35 -11.12 17.64 -8.41
CA GLY A 35 -11.82 16.39 -8.18
C GLY A 35 -13.31 16.55 -8.34
N GLY A 36 -13.75 17.78 -8.58
CA GLY A 36 -15.15 18.05 -8.77
C GLY A 36 -15.89 18.26 -7.47
N THR A 37 -15.18 18.73 -6.47
CA THR A 37 -15.76 18.99 -5.17
C THR A 37 -15.23 20.30 -4.61
N SER A 38 -15.78 20.74 -3.49
CA SER A 38 -15.35 21.98 -2.88
C SER A 38 -15.56 21.91 -1.38
N ASP A 39 -15.00 22.86 -0.65
CA ASP A 39 -15.16 22.94 0.79
C ASP A 39 -15.87 24.25 1.11
N PRO A 40 -17.18 24.32 0.81
CA PRO A 40 -17.95 25.54 0.97
C PRO A 40 -18.56 25.74 2.36
N TYR A 41 -18.21 26.86 2.97
CA TYR A 41 -18.73 27.24 4.27
C TYR A 41 -19.23 28.67 4.17
N VAL A 42 -20.43 28.92 4.66
CA VAL A 42 -21.02 30.24 4.57
C VAL A 42 -20.56 31.16 5.69
N LYS A 43 -20.24 32.39 5.32
CA LYS A 43 -19.80 33.39 6.29
C LYS A 43 -20.56 34.69 6.02
N VAL A 44 -21.03 35.32 7.08
CA VAL A 44 -21.79 36.54 6.95
C VAL A 44 -20.90 37.74 6.69
N PHE A 45 -21.23 38.49 5.66
CA PHE A 45 -20.48 39.68 5.30
C PHE A 45 -21.40 40.89 5.34
N LEU A 46 -21.42 41.56 6.48
CA LEU A 46 -22.26 42.72 6.68
C LEU A 46 -21.77 43.94 5.90
N LEU A 47 -22.60 44.96 5.87
CA LEU A 47 -22.31 46.21 5.19
C LEU A 47 -21.25 46.99 6.01
N PRO A 48 -20.93 48.27 5.70
CA PRO A 48 -19.94 49.07 6.47
C PRO A 48 -20.13 49.02 7.99
N ASP A 49 -21.25 48.45 8.44
CA ASP A 49 -21.53 48.28 9.87
C ASP A 49 -20.41 47.44 10.49
N LYS A 50 -20.20 46.26 9.90
CA LYS A 50 -19.16 45.31 10.32
C LYS A 50 -19.12 45.07 11.83
N LYS A 51 -20.27 45.11 12.49
CA LYS A 51 -20.32 44.87 13.93
C LYS A 51 -20.69 43.42 14.20
N LYS A 52 -20.28 42.53 13.31
CA LYS A 52 -20.55 41.11 13.42
C LYS A 52 -19.87 40.34 12.30
N LYS A 53 -19.37 39.17 12.63
CA LYS A 53 -18.70 38.31 11.66
C LYS A 53 -18.60 36.90 12.22
N PHE A 54 -19.36 35.99 11.62
CA PHE A 54 -19.37 34.61 12.07
C PHE A 54 -19.00 33.66 10.94
N GLU A 55 -18.24 32.64 11.26
CA GLU A 55 -17.82 31.65 10.30
C GLU A 55 -18.43 30.30 10.66
N THR A 56 -18.86 29.55 9.65
CA THR A 56 -19.48 28.26 9.89
C THR A 56 -18.44 27.13 9.88
N LYS A 57 -18.92 25.90 9.99
CA LYS A 57 -18.05 24.73 10.00
C LYS A 57 -17.54 24.47 8.59
N VAL A 58 -16.25 24.15 8.47
CA VAL A 58 -15.68 23.88 7.17
C VAL A 58 -16.22 22.56 6.61
N HIS A 59 -17.22 22.69 5.75
CA HIS A 59 -17.84 21.51 5.13
C HIS A 59 -16.95 21.05 3.99
N ARG A 60 -15.95 20.25 4.34
CA ARG A 60 -14.98 19.74 3.38
C ARG A 60 -15.57 18.73 2.40
N LYS A 61 -15.20 18.89 1.13
CA LYS A 61 -15.61 18.01 0.04
C LYS A 61 -17.12 17.77 0.00
N THR A 62 -17.86 18.76 -0.45
CA THR A 62 -19.30 18.66 -0.56
C THR A 62 -19.88 19.71 -1.48
N LEU A 63 -21.00 19.37 -2.11
CA LEU A 63 -21.70 20.28 -3.02
C LEU A 63 -23.14 20.43 -2.54
N ASN A 64 -23.41 19.82 -1.40
CA ASN A 64 -24.73 19.84 -0.78
C ASN A 64 -24.58 19.60 0.71
N PRO A 65 -24.19 20.63 1.46
CA PRO A 65 -23.98 20.54 2.90
C PRO A 65 -25.24 20.84 3.71
N VAL A 66 -25.52 19.97 4.67
CA VAL A 66 -26.66 20.12 5.56
C VAL A 66 -26.18 20.16 7.00
N PHE A 67 -26.29 21.32 7.64
CA PHE A 67 -25.84 21.45 9.03
C PHE A 67 -26.78 22.34 9.83
N ASN A 68 -27.38 23.31 9.14
CA ASN A 68 -28.31 24.24 9.76
C ASN A 68 -27.63 25.07 10.84
N GLU A 69 -26.52 25.71 10.49
CA GLU A 69 -25.78 26.55 11.43
C GLU A 69 -26.62 27.77 11.84
N GLN A 70 -26.38 28.28 13.04
CA GLN A 70 -27.12 29.43 13.55
C GLN A 70 -26.23 30.66 13.68
N PHE A 71 -26.68 31.77 13.12
CA PHE A 71 -25.94 33.02 13.21
C PHE A 71 -26.74 34.05 13.98
N THR A 72 -26.09 34.71 14.93
CA THR A 72 -26.73 35.73 15.74
C THR A 72 -26.59 37.11 15.11
N PHE A 73 -27.66 37.58 14.47
CA PHE A 73 -27.66 38.89 13.83
C PHE A 73 -27.92 39.96 14.89
N LYS A 74 -26.89 40.25 15.66
CA LYS A 74 -26.96 41.25 16.73
C LYS A 74 -27.17 42.66 16.20
N VAL A 75 -28.41 42.97 15.87
CA VAL A 75 -28.78 44.28 15.36
C VAL A 75 -30.16 44.67 15.89
N PRO A 76 -30.26 45.84 16.53
CA PRO A 76 -31.53 46.33 17.07
C PRO A 76 -32.61 46.41 15.99
N TYR A 77 -33.83 46.02 16.34
CA TYR A 77 -34.95 46.05 15.41
C TYR A 77 -35.21 47.47 14.91
N SER A 78 -34.72 48.45 15.66
CA SER A 78 -34.88 49.85 15.32
C SER A 78 -33.85 50.29 14.27
N GLU A 79 -32.89 49.41 13.98
CA GLU A 79 -31.86 49.71 12.99
C GLU A 79 -32.00 48.78 11.78
N LEU A 80 -33.05 47.96 11.81
CA LEU A 80 -33.32 46.99 10.75
C LEU A 80 -33.52 47.67 9.40
N GLY A 81 -34.15 48.84 9.42
CA GLY A 81 -34.43 49.58 8.20
C GLY A 81 -33.17 49.99 7.44
N GLY A 82 -32.03 49.98 8.12
CA GLY A 82 -30.80 50.36 7.47
C GLY A 82 -29.69 49.38 7.73
N LYS A 83 -30.04 48.12 7.91
CA LYS A 83 -29.04 47.10 8.17
C LYS A 83 -29.30 45.83 7.35
N THR A 84 -28.92 45.89 6.09
CA THR A 84 -29.09 44.76 5.19
C THR A 84 -27.86 43.85 5.26
N LEU A 85 -28.07 42.60 5.66
CA LEU A 85 -26.99 41.65 5.78
C LEU A 85 -26.90 40.76 4.54
N VAL A 86 -25.72 40.22 4.31
CA VAL A 86 -25.50 39.34 3.17
C VAL A 86 -24.75 38.08 3.63
N MET A 87 -25.03 36.98 2.97
CA MET A 87 -24.39 35.71 3.29
C MET A 87 -23.56 35.26 2.09
N ALA A 88 -22.27 35.10 2.30
CA ALA A 88 -21.38 34.68 1.23
C ALA A 88 -20.79 33.31 1.50
N VAL A 89 -20.82 32.45 0.50
CA VAL A 89 -20.27 31.11 0.65
C VAL A 89 -18.81 31.10 0.22
N TYR A 90 -17.94 30.68 1.12
CA TYR A 90 -16.51 30.64 0.86
C TYR A 90 -16.04 29.19 0.73
N ASP A 91 -14.97 28.99 -0.01
CA ASP A 91 -14.40 27.67 -0.20
C ASP A 91 -13.10 27.53 0.59
N PHE A 92 -12.74 26.31 0.91
CA PHE A 92 -11.53 26.03 1.66
C PHE A 92 -10.80 24.83 1.08
N ASP A 93 -10.53 24.87 -0.22
CA ASP A 93 -9.83 23.79 -0.92
C ASP A 93 -8.44 23.53 -0.33
N ARG A 94 -7.95 24.51 0.43
CA ARG A 94 -6.64 24.44 1.12
C ARG A 94 -5.46 24.45 0.16
N PHE A 95 -5.62 25.05 -1.00
CA PHE A 95 -4.52 25.12 -1.97
C PHE A 95 -4.65 26.36 -2.83
N SER A 96 -5.68 26.38 -3.65
CA SER A 96 -5.94 27.48 -4.54
C SER A 96 -6.35 28.70 -3.72
N LYS A 97 -6.21 29.88 -4.29
CA LYS A 97 -6.59 31.09 -3.60
C LYS A 97 -8.10 31.27 -3.68
N HIS A 98 -8.79 30.37 -2.98
CA HIS A 98 -10.25 30.35 -2.92
C HIS A 98 -10.82 31.73 -2.56
N ASP A 99 -11.81 32.14 -3.33
CA ASP A 99 -12.48 33.42 -3.14
C ASP A 99 -13.98 33.20 -2.99
N ILE A 100 -14.76 34.26 -3.03
CA ILE A 100 -16.21 34.17 -2.90
C ILE A 100 -16.80 33.64 -4.21
N ILE A 101 -17.36 32.45 -4.17
CA ILE A 101 -17.97 31.86 -5.36
C ILE A 101 -19.34 32.47 -5.60
N GLY A 102 -20.04 32.79 -4.52
CA GLY A 102 -21.36 33.37 -4.64
C GLY A 102 -21.89 33.86 -3.31
N GLU A 103 -22.92 34.68 -3.35
CA GLU A 103 -23.53 35.22 -2.14
C GLU A 103 -24.94 35.70 -2.44
N PHE A 104 -25.66 36.05 -1.40
CA PHE A 104 -27.03 36.54 -1.54
C PHE A 104 -27.30 37.59 -0.48
N LYS A 105 -28.15 38.55 -0.82
CA LYS A 105 -28.50 39.63 0.08
C LYS A 105 -29.98 39.96 -0.05
N VAL A 106 -30.59 40.39 1.04
CA VAL A 106 -31.99 40.75 1.04
C VAL A 106 -32.21 42.02 1.87
N PRO A 107 -32.90 43.03 1.30
CA PRO A 107 -33.18 44.28 2.00
C PRO A 107 -34.08 44.07 3.20
N MET A 108 -33.49 44.09 4.39
CA MET A 108 -34.23 43.90 5.64
C MET A 108 -35.23 45.01 5.86
N ASN A 109 -35.01 46.13 5.19
CA ASN A 109 -35.89 47.28 5.28
C ASN A 109 -37.28 46.94 4.74
N THR A 110 -37.32 46.05 3.76
CA THR A 110 -38.58 45.63 3.15
C THR A 110 -39.15 44.39 3.83
N VAL A 111 -38.29 43.60 4.44
CA VAL A 111 -38.72 42.38 5.11
C VAL A 111 -39.05 42.65 6.58
N ASP A 112 -40.31 42.98 6.83
CA ASP A 112 -40.78 43.25 8.19
C ASP A 112 -40.83 41.96 8.99
N PHE A 113 -40.54 42.05 10.27
CA PHE A 113 -40.55 40.87 11.13
C PHE A 113 -41.95 40.57 11.65
N GLY A 114 -42.84 40.17 10.75
CA GLY A 114 -44.19 39.84 11.13
C GLY A 114 -44.26 38.59 11.96
N HIS A 115 -43.83 37.47 11.38
CA HIS A 115 -43.82 36.20 12.07
C HIS A 115 -42.50 35.48 11.86
N VAL A 116 -42.31 34.94 10.66
CA VAL A 116 -41.09 34.23 10.30
C VAL A 116 -40.82 34.34 8.81
N THR A 117 -39.56 34.26 8.45
CA THR A 117 -39.15 34.34 7.05
C THR A 117 -38.55 33.00 6.60
N GLU A 118 -39.42 32.07 6.24
CA GLU A 118 -38.98 30.76 5.77
C GLU A 118 -39.27 30.63 4.29
N GLU A 119 -38.22 30.46 3.50
CA GLU A 119 -38.37 30.33 2.05
C GLU A 119 -37.10 29.79 1.42
N TRP A 120 -37.11 29.73 0.10
CA TRP A 120 -35.98 29.22 -0.66
C TRP A 120 -35.33 30.38 -1.40
N ARG A 121 -34.12 30.74 -0.99
CA ARG A 121 -33.41 31.84 -1.60
C ARG A 121 -32.53 31.35 -2.75
N ASP A 122 -32.62 32.06 -3.86
CA ASP A 122 -31.83 31.75 -5.03
C ASP A 122 -30.41 32.22 -4.82
N LEU A 123 -29.45 31.42 -5.23
CA LEU A 123 -28.05 31.79 -5.08
C LEU A 123 -27.49 32.22 -6.43
N GLN A 124 -26.52 33.12 -6.40
CA GLN A 124 -25.91 33.62 -7.61
C GLN A 124 -24.42 33.80 -7.42
N SER A 125 -23.67 33.65 -8.51
CA SER A 125 -22.22 33.80 -8.46
C SER A 125 -21.85 35.27 -8.22
N ALA A 126 -20.96 35.49 -7.28
CA ALA A 126 -20.53 36.84 -6.94
C ALA A 126 -19.06 37.01 -7.24
N GLU A 127 -18.77 37.51 -8.43
CA GLU A 127 -17.40 37.73 -8.85
C GLU A 127 -16.82 38.94 -8.13
N LYS A 128 -16.12 38.69 -7.03
CA LYS A 128 -15.53 39.75 -6.24
C LYS A 128 -14.03 39.80 -6.46
N MET B 1 33.13 -1.68 -15.15
CA MET B 1 33.33 -0.22 -15.14
C MET B 1 32.80 0.38 -13.84
N ALA B 2 33.11 1.64 -13.59
CA ALA B 2 32.67 2.32 -12.38
C ALA B 2 31.17 2.62 -12.43
N ALA B 3 30.56 2.65 -11.25
CA ALA B 3 29.13 2.93 -11.11
C ALA B 3 28.28 2.01 -11.98
N GLU B 4 28.21 0.74 -11.58
CA GLU B 4 27.43 -0.23 -12.32
C GLU B 4 25.94 -0.03 -12.06
N PRO B 5 25.09 -0.26 -13.08
CA PRO B 5 23.65 -0.12 -12.93
C PRO B 5 23.05 -1.19 -12.04
N LEU B 6 22.11 -0.82 -11.21
CA LEU B 6 21.47 -1.77 -10.31
C LEU B 6 20.20 -2.32 -10.96
N THR B 7 19.42 -3.09 -10.22
CA THR B 7 18.20 -3.64 -10.75
C THR B 7 17.16 -2.53 -10.99
N GLU B 8 16.25 -2.77 -11.91
CA GLU B 8 15.22 -1.81 -12.30
C GLU B 8 14.58 -1.10 -11.10
N LEU B 9 13.95 -1.88 -10.22
CA LEU B 9 13.29 -1.32 -9.04
C LEU B 9 14.29 -0.74 -8.03
N GLU B 10 15.50 -1.29 -8.01
CA GLU B 10 16.53 -0.82 -7.10
C GLU B 10 16.93 0.61 -7.44
N GLU B 11 17.10 0.89 -8.73
CA GLU B 11 17.45 2.23 -9.18
C GLU B 11 16.26 3.16 -9.04
N SER B 12 15.06 2.58 -9.09
CA SER B 12 13.84 3.35 -8.96
C SER B 12 13.67 3.87 -7.53
N ILE B 13 13.91 3.02 -6.55
CA ILE B 13 13.77 3.42 -5.15
C ILE B 13 14.90 4.35 -4.74
N GLU B 14 16.04 4.25 -5.42
CA GLU B 14 17.18 5.10 -5.13
C GLU B 14 16.81 6.57 -5.30
N THR B 15 16.01 6.84 -6.32
CA THR B 15 15.56 8.20 -6.63
C THR B 15 14.73 8.80 -5.50
N VAL B 16 13.89 7.99 -4.85
CA VAL B 16 13.06 8.51 -3.77
C VAL B 16 13.84 8.50 -2.45
N VAL B 17 14.81 7.60 -2.33
CA VAL B 17 15.63 7.51 -1.13
C VAL B 17 16.48 8.77 -0.96
N THR B 18 17.09 9.22 -2.06
CA THR B 18 17.92 10.41 -2.01
C THR B 18 17.07 11.63 -1.67
N THR B 19 15.89 11.72 -2.27
CA THR B 19 14.96 12.82 -2.01
C THR B 19 14.55 12.82 -0.54
N PHE B 20 14.28 11.63 -0.01
CA PHE B 20 13.89 11.47 1.37
C PHE B 20 15.02 11.94 2.30
N PHE B 21 16.25 11.56 1.94
CA PHE B 21 17.42 11.93 2.73
C PHE B 21 17.68 13.44 2.72
N THR B 22 17.46 14.09 1.58
CA THR B 22 17.70 15.52 1.47
C THR B 22 16.70 16.34 2.29
N PHE B 23 15.57 15.75 2.62
CA PHE B 23 14.57 16.45 3.41
C PHE B 23 14.68 16.06 4.88
N ALA B 24 14.95 14.79 5.14
CA ALA B 24 15.09 14.28 6.49
C ALA B 24 16.47 14.63 7.05
N ARG B 25 16.76 15.92 7.13
CA ARG B 25 18.03 16.41 7.62
C ARG B 25 17.99 17.92 7.81
N GLN B 26 16.78 18.48 7.77
CA GLN B 26 16.61 19.91 7.92
C GLN B 26 16.40 20.27 9.38
N GLU B 27 15.59 19.48 10.06
CA GLU B 27 15.31 19.71 11.47
C GLU B 27 16.13 18.76 12.35
N GLY B 28 16.51 17.64 11.79
CA GLY B 28 17.31 16.68 12.52
C GLY B 28 16.86 15.25 12.28
N ARG B 29 17.57 14.30 12.88
CA ARG B 29 17.27 12.86 12.74
C ARG B 29 17.17 12.44 11.28
N LYS B 30 18.33 12.16 10.67
CA LYS B 30 18.39 11.73 9.28
C LYS B 30 17.82 10.32 9.11
N ASP B 31 16.49 10.25 9.16
CA ASP B 31 15.74 8.99 9.04
C ASP B 31 14.27 9.27 9.27
N SER B 32 13.98 10.38 9.93
CA SER B 32 12.61 10.78 10.21
C SER B 32 12.27 12.11 9.53
N LEU B 33 10.99 12.34 9.30
CA LEU B 33 10.52 13.57 8.69
C LEU B 33 9.70 14.37 9.68
N SER B 34 10.23 15.51 10.09
CA SER B 34 9.53 16.38 11.02
C SER B 34 8.42 17.14 10.28
N VAL B 35 7.57 17.81 11.04
CA VAL B 35 6.45 18.57 10.47
C VAL B 35 6.90 19.51 9.36
N ASN B 36 7.91 20.32 9.64
CA ASN B 36 8.42 21.28 8.66
C ASN B 36 8.94 20.57 7.42
N GLU B 37 9.84 19.61 7.63
CA GLU B 37 10.45 18.86 6.53
C GLU B 37 9.40 18.15 5.68
N PHE B 38 8.40 17.57 6.35
CA PHE B 38 7.33 16.85 5.67
C PHE B 38 6.53 17.78 4.77
N LYS B 39 6.24 18.99 5.25
CA LYS B 39 5.47 19.94 4.46
C LYS B 39 6.30 20.47 3.30
N GLU B 40 7.59 20.71 3.54
CA GLU B 40 8.48 21.20 2.48
C GLU B 40 8.55 20.21 1.33
N LEU B 41 8.38 18.94 1.64
CA LEU B 41 8.42 17.87 0.64
C LEU B 41 7.33 18.08 -0.42
N VAL B 42 6.08 18.12 0.00
CA VAL B 42 4.97 18.27 -0.93
C VAL B 42 4.89 19.66 -1.56
N THR B 43 5.15 20.69 -0.77
CA THR B 43 5.08 22.06 -1.26
C THR B 43 6.19 22.39 -2.27
N GLN B 44 7.20 21.54 -2.36
CA GLN B 44 8.30 21.80 -3.29
C GLN B 44 8.47 20.69 -4.34
N GLN B 45 8.39 19.44 -3.91
CA GLN B 45 8.59 18.33 -4.83
C GLN B 45 7.29 17.69 -5.31
N LEU B 46 6.14 18.18 -4.85
CA LEU B 46 4.88 17.59 -5.27
C LEU B 46 3.75 18.62 -5.35
N PRO B 47 3.90 19.69 -6.15
CA PRO B 47 2.87 20.71 -6.29
C PRO B 47 1.90 20.41 -7.43
N HIS B 48 1.74 19.13 -7.73
CA HIS B 48 0.87 18.70 -8.82
C HIS B 48 0.00 17.51 -8.40
N LEU B 49 0.64 16.42 -7.98
CA LEU B 49 -0.08 15.21 -7.57
C LEU B 49 -1.03 15.48 -6.40
N LEU B 50 -0.55 16.18 -5.38
CA LEU B 50 -1.37 16.49 -4.23
C LEU B 50 -1.36 17.98 -3.94
N LYS B 51 -2.51 18.62 -4.14
CA LYS B 51 -2.63 20.05 -3.92
C LYS B 51 -3.25 20.36 -2.56
N ASP B 52 -2.46 20.16 -1.50
CA ASP B 52 -2.92 20.43 -0.15
C ASP B 52 -1.82 21.08 0.67
N VAL B 53 -1.75 22.40 0.60
CA VAL B 53 -0.74 23.16 1.33
C VAL B 53 -1.34 23.84 2.54
N GLY B 54 -2.66 23.77 2.64
CA GLY B 54 -3.35 24.40 3.74
C GLY B 54 -3.51 23.48 4.93
N SER B 55 -3.90 22.24 4.69
CA SER B 55 -4.10 21.30 5.77
C SER B 55 -3.17 20.10 5.65
N LEU B 56 -1.86 20.36 5.67
CA LEU B 56 -0.87 19.30 5.60
C LEU B 56 -0.93 18.51 6.91
N ASP B 57 -1.44 19.17 7.94
CA ASP B 57 -1.59 18.57 9.26
C ASP B 57 -2.64 17.45 9.19
N GLU B 58 -3.63 17.64 8.32
CA GLU B 58 -4.68 16.63 8.14
C GLU B 58 -4.04 15.34 7.62
N LYS B 59 -3.03 15.51 6.77
CA LYS B 59 -2.31 14.38 6.21
C LYS B 59 -1.48 13.74 7.30
N MET B 60 -0.78 14.58 8.06
CA MET B 60 0.06 14.12 9.16
C MET B 60 -0.75 13.31 10.17
N LYS B 61 -1.93 13.81 10.52
CA LYS B 61 -2.80 13.15 11.48
C LYS B 61 -3.34 11.82 10.95
N SER B 62 -3.32 11.66 9.63
CA SER B 62 -3.81 10.44 9.00
C SER B 62 -2.66 9.47 8.73
N LEU B 63 -1.44 9.99 8.67
CA LEU B 63 -0.26 9.17 8.40
C LEU B 63 0.41 8.73 9.70
N ASP B 64 0.59 9.67 10.63
CA ASP B 64 1.22 9.37 11.90
C ASP B 64 0.31 8.47 12.72
N VAL B 65 0.81 7.29 13.07
CA VAL B 65 0.05 6.32 13.84
C VAL B 65 0.67 6.11 15.22
N ASN B 66 1.64 6.94 15.56
CA ASN B 66 2.31 6.84 16.84
C ASN B 66 2.15 8.14 17.63
N GLN B 67 1.91 9.22 16.89
CA GLN B 67 1.70 10.56 17.47
C GLN B 67 2.94 11.10 18.17
N ASP B 68 3.97 11.42 17.38
CA ASP B 68 5.19 11.99 17.91
C ASP B 68 5.67 13.15 17.04
N SER B 69 4.88 13.42 16.00
CA SER B 69 5.15 14.50 15.06
C SER B 69 6.40 14.23 14.23
N GLU B 70 6.78 12.96 14.13
CA GLU B 70 7.94 12.58 13.35
C GLU B 70 7.64 11.36 12.48
N LEU B 71 7.51 11.59 11.19
CA LEU B 71 7.22 10.52 10.25
C LEU B 71 8.51 9.77 9.91
N LYS B 72 8.72 8.63 10.54
CA LYS B 72 9.92 7.84 10.28
C LYS B 72 9.85 7.25 8.87
N PHE B 73 10.95 6.64 8.43
CA PHE B 73 11.03 6.03 7.10
C PHE B 73 9.79 5.18 6.78
N ASN B 74 9.31 4.47 7.78
CA ASN B 74 8.14 3.61 7.63
C ASN B 74 6.87 4.45 7.41
N GLU B 75 6.66 5.45 8.27
CA GLU B 75 5.49 6.31 8.18
C GLU B 75 5.55 7.19 6.93
N TYR B 76 6.76 7.62 6.57
CA TYR B 76 6.95 8.46 5.39
C TYR B 76 6.51 7.72 4.13
N TRP B 77 6.75 6.41 4.11
CA TRP B 77 6.39 5.59 2.96
C TRP B 77 4.87 5.51 2.80
N ARG B 78 4.13 5.83 3.85
CA ARG B 78 2.68 5.79 3.80
C ARG B 78 2.17 6.89 2.85
N LEU B 79 2.92 7.99 2.79
CA LEU B 79 2.56 9.08 1.91
C LEU B 79 2.61 8.62 0.46
N ILE B 80 3.68 7.89 0.13
CA ILE B 80 3.88 7.36 -1.21
C ILE B 80 2.76 6.39 -1.56
N GLY B 81 2.25 5.70 -0.54
CA GLY B 81 1.16 4.76 -0.75
C GLY B 81 -0.10 5.45 -1.23
N GLU B 82 -0.36 6.63 -0.66
CA GLU B 82 -1.53 7.40 -1.05
C GLU B 82 -1.27 8.10 -2.38
N LEU B 83 -0.01 8.46 -2.62
CA LEU B 83 0.38 9.12 -3.86
C LEU B 83 0.07 8.24 -5.07
N ALA B 84 0.37 6.95 -4.94
CA ALA B 84 0.12 6.01 -6.01
C ALA B 84 -1.36 5.94 -6.35
N LYS B 85 -2.19 6.04 -5.33
CA LYS B 85 -3.63 6.00 -5.52
C LYS B 85 -4.14 7.34 -6.07
N GLU B 86 -3.40 8.40 -5.79
CA GLU B 86 -3.76 9.73 -6.24
C GLU B 86 -3.39 9.95 -7.71
N ILE B 87 -2.66 9.01 -8.28
CA ILE B 87 -2.25 9.12 -9.68
C ILE B 87 -3.14 8.26 -10.58
N ARG B 88 -4.06 7.52 -9.98
CA ARG B 88 -4.97 6.67 -10.73
C ARG B 88 -6.42 6.85 -10.28
N LYS B 89 -6.61 7.07 -8.99
CA LYS B 89 -7.94 7.26 -8.43
C LYS B 89 -8.24 8.73 -8.24
N LYS B 90 -7.40 9.41 -7.46
CA LYS B 90 -7.55 10.84 -7.17
C LYS B 90 -8.87 11.12 -6.43
N LYS B 91 -9.95 11.24 -7.18
CA LYS B 91 -11.25 11.49 -6.60
C LYS B 91 -12.34 10.96 -7.53
N ASP B 92 -12.48 9.64 -7.56
CA ASP B 92 -13.48 9.01 -8.41
C ASP B 92 -14.88 9.21 -7.84
N LEU B 93 -15.44 10.38 -8.11
CA LEU B 93 -16.76 10.73 -7.65
C LEU B 93 -17.36 11.72 -8.64
N LYS B 94 -16.58 12.74 -8.97
CA LYS B 94 -17.00 13.75 -9.92
C LYS B 94 -15.95 13.91 -11.02
N ILE B 95 -14.74 14.29 -10.64
CA ILE B 95 -13.65 14.46 -11.58
C ILE B 95 -12.41 13.70 -11.10
N ARG B 96 -12.04 12.67 -11.86
CA ARG B 96 -10.87 11.87 -11.52
C ARG B 96 -9.79 12.07 -12.58
N LYS B 97 -8.74 11.23 -12.52
CA LYS B 97 -7.62 11.30 -13.45
C LYS B 97 -6.81 12.58 -13.23
N LYS B 98 -5.98 12.93 -14.19
CA LYS B 98 -5.16 14.13 -14.10
C LYS B 98 -5.15 14.84 -15.45
N MET C 1 -5.37 6.40 -17.36
CA MET C 1 -5.40 5.98 -18.75
C MET C 1 -4.37 6.72 -19.58
N ALA C 2 -3.85 7.80 -19.03
CA ALA C 2 -2.85 8.60 -19.73
C ALA C 2 -1.69 8.93 -18.80
N ALA C 3 -0.55 9.27 -19.38
CA ALA C 3 0.63 9.60 -18.59
C ALA C 3 1.36 10.81 -19.16
N GLU C 4 0.91 11.99 -18.76
CA GLU C 4 1.54 13.22 -19.22
C GLU C 4 2.79 13.50 -18.38
N PRO C 5 3.67 14.42 -18.83
CA PRO C 5 4.89 14.76 -18.09
C PRO C 5 4.63 15.11 -16.63
N LEU C 6 5.34 14.44 -15.74
CA LEU C 6 5.18 14.64 -14.31
C LEU C 6 6.47 15.17 -13.68
N THR C 7 6.47 15.32 -12.36
CA THR C 7 7.65 15.80 -11.65
C THR C 7 8.49 14.64 -11.13
N GLU C 8 9.62 14.95 -10.51
CA GLU C 8 10.56 13.96 -9.97
C GLU C 8 9.86 12.79 -9.26
N LEU C 9 9.21 13.09 -8.13
CA LEU C 9 8.53 12.06 -7.35
C LEU C 9 7.48 11.33 -8.18
N GLU C 10 6.67 12.09 -8.91
CA GLU C 10 5.61 11.53 -9.74
C GLU C 10 6.17 10.60 -10.83
N GLU C 11 7.31 10.98 -11.41
CA GLU C 11 7.92 10.16 -12.45
C GLU C 11 8.55 8.92 -11.82
N SER C 12 9.08 9.08 -10.62
CA SER C 12 9.72 7.98 -9.90
C SER C 12 8.72 6.86 -9.59
N ILE C 13 7.49 7.24 -9.29
CA ILE C 13 6.45 6.26 -8.98
C ILE C 13 5.77 5.75 -10.25
N GLU C 14 6.11 6.35 -11.39
CA GLU C 14 5.53 5.94 -12.65
C GLU C 14 6.31 4.77 -13.23
N THR C 15 7.58 4.66 -12.84
CA THR C 15 8.46 3.60 -13.31
C THR C 15 7.86 2.22 -13.01
N VAL C 16 7.35 2.06 -11.79
CA VAL C 16 6.75 0.79 -11.38
C VAL C 16 5.47 0.53 -12.17
N VAL C 17 4.84 1.61 -12.62
CA VAL C 17 3.62 1.50 -13.41
C VAL C 17 3.97 0.95 -14.79
N THR C 18 5.12 1.36 -15.31
CA THR C 18 5.59 0.88 -16.60
C THR C 18 5.88 -0.62 -16.51
N THR C 19 6.50 -1.02 -15.39
CA THR C 19 6.82 -2.42 -15.15
C THR C 19 5.53 -3.24 -15.07
N PHE C 20 4.49 -2.62 -14.54
CA PHE C 20 3.20 -3.26 -14.41
C PHE C 20 2.60 -3.51 -15.80
N PHE C 21 2.62 -2.48 -16.64
CA PHE C 21 2.07 -2.57 -17.99
C PHE C 21 2.94 -3.39 -18.94
N THR C 22 4.10 -3.84 -18.48
CA THR C 22 4.98 -4.64 -19.31
C THR C 22 4.94 -6.10 -18.88
N PHE C 23 4.37 -6.34 -17.70
CA PHE C 23 4.27 -7.69 -17.17
C PHE C 23 2.82 -8.16 -17.13
N ALA C 24 1.89 -7.22 -17.24
CA ALA C 24 0.47 -7.54 -17.23
C ALA C 24 -0.11 -7.40 -18.63
N ARG C 25 0.39 -8.20 -19.55
CA ARG C 25 -0.08 -8.16 -20.94
C ARG C 25 0.33 -9.41 -21.69
N GLN C 26 0.45 -10.53 -20.98
CA GLN C 26 0.84 -11.79 -21.59
C GLN C 26 -0.32 -12.78 -21.54
N GLU C 27 -1.07 -12.72 -20.45
CA GLU C 27 -2.21 -13.60 -20.26
C GLU C 27 -3.49 -12.95 -20.77
N GLY C 28 -3.75 -11.74 -20.33
CA GLY C 28 -4.94 -11.03 -20.77
C GLY C 28 -5.40 -9.98 -19.77
N ARG C 29 -5.93 -8.87 -20.31
CA ARG C 29 -6.42 -7.74 -19.51
C ARG C 29 -5.27 -7.05 -18.79
N LYS C 30 -4.78 -5.97 -19.40
CA LYS C 30 -3.66 -5.20 -18.84
C LYS C 30 -4.10 -4.35 -17.66
N ASP C 31 -5.37 -4.44 -17.32
CA ASP C 31 -5.93 -3.69 -16.20
C ASP C 31 -5.72 -4.43 -14.90
N SER C 32 -5.10 -5.60 -14.97
CA SER C 32 -4.87 -6.41 -13.79
C SER C 32 -3.74 -7.41 -14.01
N LEU C 33 -3.11 -7.82 -12.91
CA LEU C 33 -2.02 -8.79 -12.95
C LEU C 33 -2.58 -10.20 -12.93
N SER C 34 -2.18 -11.02 -13.89
CA SER C 34 -2.65 -12.40 -13.96
C SER C 34 -1.77 -13.31 -13.10
N VAL C 35 -2.10 -14.60 -13.07
CA VAL C 35 -1.35 -15.57 -12.27
C VAL C 35 0.02 -15.90 -12.87
N ASN C 36 0.05 -16.22 -14.17
CA ASN C 36 1.31 -16.56 -14.83
C ASN C 36 2.22 -15.34 -14.90
N GLU C 37 1.62 -14.19 -15.13
CA GLU C 37 2.36 -12.94 -15.22
C GLU C 37 2.98 -12.57 -13.88
N PHE C 38 2.25 -12.84 -12.80
CA PHE C 38 2.72 -12.53 -11.46
C PHE C 38 3.97 -13.33 -11.12
N LYS C 39 3.93 -14.63 -11.39
CA LYS C 39 5.06 -15.50 -11.11
C LYS C 39 6.24 -15.13 -11.99
N GLU C 40 5.96 -14.71 -13.22
CA GLU C 40 7.00 -14.32 -14.17
C GLU C 40 7.71 -13.04 -13.69
N LEU C 41 6.97 -12.21 -12.97
CA LEU C 41 7.50 -10.96 -12.45
C LEU C 41 8.49 -11.19 -11.30
N VAL C 42 8.04 -11.94 -10.29
CA VAL C 42 8.87 -12.20 -9.12
C VAL C 42 10.07 -13.09 -9.42
N THR C 43 9.92 -14.01 -10.38
CA THR C 43 11.01 -14.90 -10.72
C THR C 43 11.88 -14.35 -11.85
N GLN C 44 11.92 -13.02 -11.98
CA GLN C 44 12.71 -12.39 -13.03
C GLN C 44 13.15 -10.99 -12.64
N GLN C 45 12.19 -10.13 -12.33
CA GLN C 45 12.48 -8.75 -11.98
C GLN C 45 12.82 -8.59 -10.50
N LEU C 46 12.12 -9.32 -9.63
CA LEU C 46 12.37 -9.22 -8.18
C LEU C 46 12.73 -10.57 -7.54
N PRO C 47 13.74 -11.31 -8.06
CA PRO C 47 14.12 -12.60 -7.47
C PRO C 47 15.05 -12.43 -6.27
N HIS C 48 15.60 -11.23 -6.12
CA HIS C 48 16.50 -10.93 -5.01
C HIS C 48 15.81 -10.00 -4.02
N LEU C 49 14.99 -9.09 -4.52
CA LEU C 49 14.27 -8.18 -3.67
C LEU C 49 13.16 -8.93 -2.93
N LEU C 50 12.46 -9.79 -3.66
CA LEU C 50 11.42 -10.60 -3.09
C LEU C 50 11.97 -11.99 -2.87
N LYS C 51 12.22 -12.35 -1.63
CA LYS C 51 12.81 -13.65 -1.30
C LYS C 51 11.76 -14.76 -1.23
N ASP C 52 10.96 -14.87 -2.28
CA ASP C 52 9.93 -15.90 -2.35
C ASP C 52 9.36 -15.96 -3.76
N VAL C 53 9.80 -16.96 -4.51
CA VAL C 53 9.33 -17.17 -5.86
C VAL C 53 8.62 -18.51 -5.97
N GLY C 54 8.52 -19.19 -4.84
CA GLY C 54 7.87 -20.49 -4.80
C GLY C 54 6.52 -20.44 -4.14
N SER C 55 6.42 -19.67 -3.06
CA SER C 55 5.17 -19.53 -2.34
C SER C 55 4.44 -18.27 -2.80
N LEU C 56 4.68 -17.89 -4.05
CA LEU C 56 4.07 -16.72 -4.66
C LEU C 56 2.54 -16.80 -4.56
N ASP C 57 2.02 -18.02 -4.68
CA ASP C 57 0.59 -18.26 -4.61
C ASP C 57 0.01 -17.80 -3.27
N GLU C 58 0.84 -17.87 -2.23
CA GLU C 58 0.43 -17.46 -0.89
C GLU C 58 0.25 -15.94 -0.86
N LYS C 59 1.21 -15.24 -1.45
CA LYS C 59 1.16 -13.78 -1.52
C LYS C 59 0.00 -13.35 -2.40
N MET C 60 -0.17 -14.08 -3.51
CA MET C 60 -1.24 -13.80 -4.45
C MET C 60 -2.60 -13.86 -3.75
N LYS C 61 -2.82 -14.91 -2.97
CA LYS C 61 -4.07 -15.09 -2.24
C LYS C 61 -4.30 -13.93 -1.27
N SER C 62 -3.23 -13.51 -0.61
CA SER C 62 -3.30 -12.41 0.35
C SER C 62 -3.55 -11.07 -0.35
N LEU C 63 -3.04 -10.94 -1.56
CA LEU C 63 -3.22 -9.72 -2.33
C LEU C 63 -4.61 -9.65 -2.96
N ASP C 64 -5.09 -10.80 -3.42
CA ASP C 64 -6.42 -10.89 -4.06
C ASP C 64 -7.50 -10.37 -3.11
N VAL C 65 -7.48 -10.83 -1.87
CA VAL C 65 -8.44 -10.44 -0.85
C VAL C 65 -9.82 -11.06 -1.10
N ASN C 66 -10.44 -10.70 -2.23
CA ASN C 66 -11.75 -11.24 -2.58
C ASN C 66 -11.58 -12.61 -3.24
N GLN C 67 -10.37 -12.86 -3.73
CA GLN C 67 -10.02 -14.12 -4.37
C GLN C 67 -10.83 -14.36 -5.63
N ASP C 68 -10.64 -13.49 -6.62
CA ASP C 68 -11.33 -13.63 -7.90
C ASP C 68 -10.33 -13.93 -9.00
N SER C 69 -9.07 -14.03 -8.61
CA SER C 69 -7.96 -14.34 -9.52
C SER C 69 -7.69 -13.18 -10.48
N GLU C 70 -7.72 -11.98 -9.93
CA GLU C 70 -7.47 -10.79 -10.71
C GLU C 70 -6.90 -9.68 -9.86
N LEU C 71 -5.59 -9.52 -9.89
CA LEU C 71 -4.94 -8.50 -9.10
C LEU C 71 -5.09 -7.14 -9.78
N LYS C 72 -6.12 -6.41 -9.36
CA LYS C 72 -6.42 -5.11 -9.93
C LYS C 72 -5.32 -4.11 -9.60
N PHE C 73 -5.33 -2.97 -10.29
CA PHE C 73 -4.33 -1.93 -10.09
C PHE C 73 -4.62 -1.15 -8.80
N ASN C 74 -4.54 -1.86 -7.70
CA ASN C 74 -4.76 -1.32 -6.37
C ASN C 74 -4.28 -2.36 -5.36
N GLU C 75 -4.82 -3.57 -5.51
CA GLU C 75 -4.45 -4.70 -4.67
C GLU C 75 -3.01 -5.11 -4.97
N TYR C 76 -2.66 -5.07 -6.25
CA TYR C 76 -1.32 -5.45 -6.71
C TYR C 76 -0.25 -4.52 -6.15
N TRP C 77 -0.59 -3.26 -5.93
CA TRP C 77 0.37 -2.29 -5.43
C TRP C 77 0.91 -2.70 -4.06
N ARG C 78 0.13 -3.46 -3.31
CA ARG C 78 0.54 -3.91 -1.99
C ARG C 78 1.85 -4.69 -2.07
N LEU C 79 2.05 -5.38 -3.20
CA LEU C 79 3.27 -6.16 -3.41
C LEU C 79 4.48 -5.23 -3.42
N ILE C 80 4.34 -4.10 -4.11
CA ILE C 80 5.40 -3.11 -4.21
C ILE C 80 5.71 -2.54 -2.83
N GLY C 81 4.67 -2.36 -2.04
CA GLY C 81 4.82 -1.84 -0.69
C GLY C 81 5.53 -2.83 0.21
N GLU C 82 5.27 -4.11 0.01
CA GLU C 82 5.89 -5.16 0.81
C GLU C 82 7.39 -5.22 0.56
N LEU C 83 7.78 -5.32 -0.71
CA LEU C 83 9.21 -5.39 -1.05
C LEU C 83 9.94 -4.11 -0.65
N ALA C 84 9.19 -3.02 -0.55
CA ALA C 84 9.76 -1.74 -0.18
C ALA C 84 10.06 -1.69 1.32
N LYS C 85 9.27 -2.40 2.11
CA LYS C 85 9.47 -2.42 3.56
C LYS C 85 10.36 -3.59 3.97
N GLU C 86 10.40 -4.62 3.14
CA GLU C 86 11.22 -5.80 3.42
C GLU C 86 12.71 -5.45 3.40
N ILE C 87 13.03 -4.28 2.86
CA ILE C 87 14.41 -3.83 2.80
C ILE C 87 14.87 -3.38 4.19
N ARG C 88 13.91 -3.11 5.08
CA ARG C 88 14.21 -2.68 6.43
C ARG C 88 13.74 -3.74 7.42
N LYS C 89 12.66 -4.43 7.08
CA LYS C 89 12.11 -5.50 7.90
C LYS C 89 12.39 -6.85 7.26
N LYS C 90 13.32 -7.58 7.82
CA LYS C 90 13.72 -8.88 7.29
C LYS C 90 12.67 -9.96 7.59
N LYS C 91 12.24 -10.03 8.84
CA LYS C 91 11.25 -11.02 9.25
C LYS C 91 10.45 -10.48 10.42
N ASP C 92 10.09 -9.22 10.30
CA ASP C 92 9.33 -8.53 11.33
C ASP C 92 8.03 -7.98 10.76
N LEU C 93 7.13 -8.88 10.40
CA LEU C 93 5.85 -8.51 9.81
C LEU C 93 4.88 -9.70 9.78
N LYS C 94 4.04 -9.76 8.74
CA LYS C 94 3.06 -10.82 8.52
C LYS C 94 1.85 -10.66 9.44
N ILE C 95 2.01 -11.03 10.71
CA ILE C 95 0.95 -10.97 11.74
C ILE C 95 -0.35 -11.68 11.29
N ARG C 96 -1.40 -11.55 12.09
CA ARG C 96 -2.67 -12.19 11.78
C ARG C 96 -3.83 -11.25 12.11
N LYS C 97 -4.43 -10.69 11.07
CA LYS C 97 -5.55 -9.76 11.23
C LYS C 97 -6.77 -10.30 10.48
N LYS C 98 -7.91 -10.32 11.16
CA LYS C 98 -9.15 -10.80 10.55
C LYS C 98 -10.26 -9.76 10.70
N GLU D 1 18.02 -27.06 -13.56
CA GLU D 1 17.45 -27.29 -12.21
C GLU D 1 18.55 -27.49 -11.18
N LYS D 2 19.11 -26.39 -10.69
CA LYS D 2 20.19 -26.44 -9.71
C LYS D 2 19.70 -26.01 -8.33
N LEU D 3 20.02 -26.79 -7.32
CA LEU D 3 19.60 -26.48 -5.96
C LEU D 3 20.78 -26.48 -4.99
N GLY D 4 21.99 -26.48 -5.53
CA GLY D 4 23.17 -26.48 -4.71
C GLY D 4 23.87 -27.82 -4.70
N LYS D 5 24.57 -28.13 -3.62
CA LYS D 5 25.28 -29.39 -3.50
C LYS D 5 25.06 -29.99 -2.13
N LEU D 6 25.15 -31.31 -2.04
CA LEU D 6 24.95 -32.02 -0.79
C LEU D 6 26.10 -32.99 -0.54
N GLN D 7 26.68 -32.93 0.65
CA GLN D 7 27.78 -33.81 1.02
C GLN D 7 27.23 -34.95 1.85
N TYR D 8 27.51 -36.18 1.43
CA TYR D 8 27.03 -37.36 2.15
C TYR D 8 27.91 -38.57 1.91
N SER D 9 27.82 -39.52 2.83
CA SER D 9 28.59 -40.74 2.76
C SER D 9 27.67 -41.94 2.99
N LEU D 10 27.78 -42.94 2.13
CA LEU D 10 26.94 -44.13 2.24
C LEU D 10 27.78 -45.37 2.54
N ASP D 11 27.29 -46.21 3.44
CA ASP D 11 27.96 -47.46 3.78
C ASP D 11 26.93 -48.57 3.87
N TYR D 12 27.35 -49.78 4.20
CA TYR D 12 26.41 -50.90 4.27
C TYR D 12 26.83 -51.92 5.32
N ASP D 13 25.91 -52.85 5.60
CA ASP D 13 26.16 -53.92 6.55
C ASP D 13 25.29 -55.12 6.17
N PHE D 14 25.67 -56.30 6.64
CA PHE D 14 24.95 -57.51 6.32
C PHE D 14 24.26 -58.11 7.54
N GLN D 15 24.68 -57.70 8.73
CA GLN D 15 24.09 -58.23 9.96
C GLN D 15 22.66 -57.71 10.12
N ASN D 16 22.43 -56.52 9.63
CA ASN D 16 21.12 -55.89 9.69
C ASN D 16 20.46 -55.92 8.32
N ASN D 17 21.28 -56.18 7.30
CA ASN D 17 20.83 -56.25 5.91
C ASN D 17 20.17 -54.94 5.48
N GLN D 18 20.97 -53.89 5.42
CA GLN D 18 20.47 -52.58 5.03
C GLN D 18 21.60 -51.68 4.57
N LEU D 19 21.25 -50.50 4.08
CA LEU D 19 22.23 -49.53 3.63
C LEU D 19 22.20 -48.34 4.58
N LEU D 20 23.36 -47.83 4.93
CA LEU D 20 23.44 -46.71 5.85
C LEU D 20 23.65 -45.41 5.09
N VAL D 21 22.70 -44.51 5.22
CA VAL D 21 22.78 -43.22 4.55
C VAL D 21 23.19 -42.13 5.55
N GLY D 22 24.43 -41.67 5.42
CA GLY D 22 24.93 -40.63 6.30
C GLY D 22 25.05 -39.31 5.58
N ILE D 23 23.99 -38.53 5.61
CA ILE D 23 23.96 -37.22 4.96
C ILE D 23 24.56 -36.17 5.88
N ILE D 24 25.64 -35.54 5.44
CA ILE D 24 26.32 -34.53 6.25
C ILE D 24 25.56 -33.20 6.24
N GLN D 25 25.47 -32.57 5.07
CA GLN D 25 24.79 -31.29 4.96
C GLN D 25 24.50 -30.93 3.51
N ALA D 26 23.76 -29.84 3.35
CA ALA D 26 23.40 -29.30 2.05
C ALA D 26 23.67 -27.81 2.05
N ALA D 27 23.98 -27.24 0.89
CA ALA D 27 24.27 -25.82 0.81
C ALA D 27 23.71 -25.20 -0.45
N GLU D 28 23.65 -23.86 -0.44
CA GLU D 28 23.15 -23.08 -1.58
C GLU D 28 21.66 -23.32 -1.82
N LEU D 29 20.91 -23.49 -0.74
CA LEU D 29 19.48 -23.74 -0.83
C LEU D 29 18.75 -22.43 -1.18
N PRO D 30 17.58 -22.54 -1.85
CA PRO D 30 16.80 -21.38 -2.28
C PRO D 30 15.96 -20.75 -1.16
N ALA D 31 15.54 -19.51 -1.41
CA ALA D 31 14.71 -18.78 -0.46
C ALA D 31 13.23 -19.08 -0.71
N LEU D 32 12.58 -19.67 0.27
CA LEU D 32 11.17 -19.99 0.16
C LEU D 32 10.37 -19.23 1.20
N ASP D 33 10.92 -19.15 2.39
CA ASP D 33 10.28 -18.44 3.50
C ASP D 33 10.70 -16.97 3.45
N MET D 34 9.72 -16.10 3.60
CA MET D 34 9.94 -14.66 3.57
C MET D 34 11.07 -14.24 4.51
N GLY D 35 11.98 -13.44 3.99
CA GLY D 35 13.11 -13.00 4.78
C GLY D 35 14.41 -13.50 4.21
N GLY D 36 14.31 -14.42 3.25
CA GLY D 36 15.49 -14.97 2.62
C GLY D 36 15.98 -16.22 3.32
N THR D 37 15.04 -17.07 3.72
CA THR D 37 15.40 -18.30 4.42
C THR D 37 14.40 -19.41 4.08
N SER D 38 14.51 -20.52 4.80
CA SER D 38 13.64 -21.66 4.60
C SER D 38 13.86 -22.67 5.72
N ASP D 39 12.97 -23.65 5.82
CA ASP D 39 13.09 -24.71 6.83
C ASP D 39 13.28 -26.03 6.10
N PRO D 40 14.48 -26.25 5.53
CA PRO D 40 14.77 -27.44 4.74
C PRO D 40 15.03 -28.69 5.56
N TYR D 41 14.14 -29.65 5.44
CA TYR D 41 14.27 -30.93 6.11
C TYR D 41 14.04 -32.03 5.07
N VAL D 42 14.98 -32.94 4.97
CA VAL D 42 14.91 -34.00 3.98
C VAL D 42 14.12 -35.20 4.46
N LYS D 43 13.35 -35.77 3.55
CA LYS D 43 12.55 -36.94 3.83
C LYS D 43 12.87 -37.99 2.78
N VAL D 44 13.23 -39.17 3.24
CA VAL D 44 13.61 -40.24 2.34
C VAL D 44 12.39 -40.88 1.66
N PHE D 45 12.30 -40.68 0.35
CA PHE D 45 11.23 -41.25 -0.42
C PHE D 45 11.80 -42.42 -1.22
N LEU D 46 10.98 -43.41 -1.49
CA LEU D 46 11.44 -44.58 -2.22
C LEU D 46 10.52 -44.89 -3.39
N LEU D 47 10.98 -45.77 -4.25
CA LEU D 47 10.23 -46.22 -5.40
C LEU D 47 9.07 -47.13 -4.92
N PRO D 48 8.29 -47.80 -5.82
CA PRO D 48 7.17 -48.68 -5.43
C PRO D 48 7.41 -49.55 -4.18
N ASP D 49 8.69 -49.78 -3.84
CA ASP D 49 9.04 -50.56 -2.64
C ASP D 49 8.28 -50.03 -1.43
N LYS D 50 8.41 -48.72 -1.20
CA LYS D 50 7.74 -48.02 -0.10
C LYS D 50 7.88 -48.71 1.25
N LYS D 51 8.99 -49.40 1.47
CA LYS D 51 9.20 -50.10 2.73
C LYS D 51 10.17 -49.30 3.61
N LYS D 52 10.10 -47.99 3.52
CA LYS D 52 10.96 -47.10 4.30
C LYS D 52 10.57 -45.65 4.06
N LYS D 53 10.60 -44.86 5.13
CA LYS D 53 10.27 -43.44 5.07
C LYS D 53 10.76 -42.76 6.33
N PHE D 54 11.84 -42.01 6.22
CA PHE D 54 12.41 -41.32 7.36
C PHE D 54 12.42 -39.82 7.14
N GLU D 55 12.00 -39.09 8.15
CA GLU D 55 11.95 -37.65 8.12
C GLU D 55 12.99 -37.08 9.07
N THR D 56 13.81 -36.17 8.59
CA THR D 56 14.86 -35.57 9.42
C THR D 56 14.30 -34.46 10.29
N LYS D 57 15.08 -34.06 11.28
CA LYS D 57 14.69 -33.01 12.20
C LYS D 57 14.58 -31.68 11.45
N VAL D 58 13.46 -31.00 11.61
CA VAL D 58 13.26 -29.73 10.94
C VAL D 58 14.34 -28.71 11.32
N HIS D 59 15.04 -28.23 10.32
CA HIS D 59 16.09 -27.25 10.50
C HIS D 59 15.51 -25.87 10.15
N ARG D 60 14.90 -25.24 11.13
CA ARG D 60 14.24 -23.95 10.93
C ARG D 60 15.21 -22.81 10.59
N LYS D 61 14.81 -22.05 9.56
CA LYS D 61 15.53 -20.88 9.08
C LYS D 61 17.04 -21.11 8.91
N THR D 62 17.43 -21.81 7.87
CA THR D 62 18.84 -22.07 7.61
C THR D 62 19.03 -22.52 6.16
N LEU D 63 20.09 -22.03 5.52
CA LEU D 63 20.37 -22.40 4.14
C LEU D 63 21.46 -23.47 4.07
N ASN D 64 22.13 -23.67 5.20
CA ASN D 64 23.18 -24.69 5.29
C ASN D 64 22.90 -25.55 6.52
N PRO D 65 21.96 -26.50 6.40
CA PRO D 65 21.57 -27.38 7.50
C PRO D 65 22.61 -28.45 7.82
N VAL D 66 23.53 -28.11 8.71
CA VAL D 66 24.56 -29.05 9.14
C VAL D 66 24.06 -29.79 10.39
N PHE D 67 24.04 -31.11 10.33
CA PHE D 67 23.57 -31.91 11.44
C PHE D 67 24.04 -33.35 11.33
N ASN D 68 23.93 -33.90 10.11
CA ASN D 68 24.32 -35.28 9.81
C ASN D 68 23.38 -36.26 10.51
N GLU D 69 22.24 -36.52 9.87
CA GLU D 69 21.24 -37.44 10.41
C GLU D 69 21.32 -38.77 9.68
N GLN D 70 21.40 -39.84 10.45
CA GLN D 70 21.54 -41.19 9.92
C GLN D 70 20.19 -41.81 9.55
N PHE D 71 20.11 -42.36 8.34
CA PHE D 71 18.90 -43.03 7.87
C PHE D 71 19.17 -44.51 7.66
N THR D 72 18.20 -45.34 8.03
CA THR D 72 18.31 -46.79 7.89
C THR D 72 17.55 -47.29 6.66
N PHE D 73 18.29 -47.60 5.58
CA PHE D 73 17.68 -48.12 4.36
C PHE D 73 17.36 -49.59 4.54
N LYS D 74 16.23 -49.87 5.19
CA LYS D 74 15.80 -51.23 5.47
C LYS D 74 15.44 -52.03 4.23
N VAL D 75 16.46 -52.66 3.64
CA VAL D 75 16.29 -53.49 2.45
C VAL D 75 17.56 -54.32 2.25
N PRO D 76 17.41 -55.61 1.93
CA PRO D 76 18.56 -56.50 1.71
C PRO D 76 19.49 -56.00 0.62
N TYR D 77 20.79 -56.18 0.85
CA TYR D 77 21.81 -55.74 -0.11
C TYR D 77 21.60 -56.41 -1.47
N SER D 78 21.04 -57.61 -1.44
CA SER D 78 20.77 -58.37 -2.65
C SER D 78 19.56 -57.83 -3.40
N GLU D 79 18.85 -56.88 -2.78
CA GLU D 79 17.66 -56.29 -3.38
C GLU D 79 17.88 -54.80 -3.66
N LEU D 80 19.13 -54.35 -3.57
CA LEU D 80 19.44 -52.96 -3.81
C LEU D 80 19.35 -52.61 -5.29
N GLY D 81 19.40 -53.62 -6.15
CA GLY D 81 19.33 -53.40 -7.58
C GLY D 81 18.03 -52.73 -7.98
N GLY D 82 16.92 -53.25 -7.47
CA GLY D 82 15.63 -52.68 -7.77
C GLY D 82 15.13 -51.83 -6.62
N LYS D 83 16.02 -51.00 -6.07
CA LYS D 83 15.67 -50.13 -4.96
C LYS D 83 16.37 -48.78 -5.09
N THR D 84 15.78 -47.89 -5.87
CA THR D 84 16.34 -46.56 -6.08
C THR D 84 15.83 -45.60 -5.01
N LEU D 85 16.75 -45.00 -4.25
CA LEU D 85 16.39 -44.08 -3.19
C LEU D 85 16.20 -42.66 -3.74
N VAL D 86 15.23 -41.95 -3.16
CA VAL D 86 14.92 -40.59 -3.56
C VAL D 86 15.01 -39.66 -2.36
N MET D 87 16.06 -38.87 -2.29
CA MET D 87 16.23 -37.94 -1.19
C MET D 87 15.64 -36.58 -1.55
N ALA D 88 14.48 -36.28 -1.01
CA ALA D 88 13.81 -35.02 -1.30
C ALA D 88 13.85 -34.08 -0.11
N VAL D 89 14.19 -32.83 -0.37
CA VAL D 89 14.26 -31.83 0.68
C VAL D 89 12.99 -30.99 0.67
N TYR D 90 12.29 -31.01 1.79
CA TYR D 90 11.04 -30.29 1.94
C TYR D 90 11.24 -29.07 2.82
N ASP D 91 10.37 -28.08 2.67
CA ASP D 91 10.43 -26.86 3.47
C ASP D 91 9.32 -26.87 4.51
N PHE D 92 9.50 -26.13 5.59
CA PHE D 92 8.52 -26.07 6.65
C PHE D 92 8.39 -24.63 7.17
N ASP D 93 8.14 -23.69 6.25
CA ASP D 93 7.99 -22.27 6.59
C ASP D 93 6.93 -22.07 7.70
N ARG D 94 6.00 -23.02 7.79
CA ARG D 94 4.93 -23.02 8.80
C ARG D 94 3.83 -22.02 8.48
N PHE D 95 3.59 -21.73 7.20
CA PHE D 95 2.53 -20.80 6.83
C PHE D 95 2.08 -21.01 5.39
N SER D 96 3.02 -20.88 4.47
CA SER D 96 2.75 -21.02 3.05
C SER D 96 2.65 -22.48 2.64
N LYS D 97 2.26 -22.71 1.39
CA LYS D 97 2.13 -24.05 0.85
C LYS D 97 3.49 -24.57 0.38
N HIS D 98 4.37 -24.81 1.35
CA HIS D 98 5.72 -25.30 1.09
C HIS D 98 5.69 -26.64 0.36
N ASP D 99 6.41 -26.71 -0.75
CA ASP D 99 6.46 -27.92 -1.56
C ASP D 99 7.90 -28.44 -1.60
N ILE D 100 8.19 -29.35 -2.53
CA ILE D 100 9.52 -29.92 -2.66
C ILE D 100 10.41 -28.95 -3.44
N ILE D 101 11.50 -28.52 -2.82
CA ILE D 101 12.41 -27.59 -3.48
C ILE D 101 13.42 -28.33 -4.36
N GLY D 102 13.71 -29.58 -4.00
CA GLY D 102 14.65 -30.36 -4.76
C GLY D 102 14.74 -31.79 -4.28
N GLU D 103 15.25 -32.67 -5.12
CA GLU D 103 15.37 -34.08 -4.78
C GLU D 103 16.34 -34.79 -5.72
N PHE D 104 17.35 -35.42 -5.15
CA PHE D 104 18.33 -36.16 -5.96
C PHE D 104 18.11 -37.65 -5.81
N LYS D 105 18.47 -38.40 -6.84
CA LYS D 105 18.30 -39.85 -6.83
C LYS D 105 19.37 -40.51 -7.67
N VAL D 106 19.77 -41.70 -7.25
CA VAL D 106 20.80 -42.45 -7.96
C VAL D 106 20.46 -43.95 -7.94
N PRO D 107 20.52 -44.61 -9.11
CA PRO D 107 20.23 -46.05 -9.21
C PRO D 107 21.25 -46.88 -8.44
N MET D 108 20.82 -47.45 -7.31
CA MET D 108 21.69 -48.27 -6.47
C MET D 108 22.24 -49.48 -7.22
N ASN D 109 21.53 -49.89 -8.27
CA ASN D 109 21.94 -51.03 -9.09
C ASN D 109 23.29 -50.77 -9.75
N THR D 110 23.61 -49.50 -9.95
CA THR D 110 24.86 -49.13 -10.58
C THR D 110 25.88 -48.64 -9.55
N VAL D 111 25.57 -48.86 -8.28
CA VAL D 111 26.45 -48.46 -7.20
C VAL D 111 27.12 -49.69 -6.60
N ASP D 112 28.43 -49.75 -6.72
CA ASP D 112 29.19 -50.87 -6.16
C ASP D 112 29.34 -50.73 -4.67
N PHE D 113 28.69 -51.62 -3.94
CA PHE D 113 28.74 -51.61 -2.49
C PHE D 113 29.99 -52.33 -2.00
N GLY D 114 31.14 -51.76 -2.31
CA GLY D 114 32.40 -52.35 -1.90
C GLY D 114 32.82 -51.89 -0.53
N HIS D 115 33.10 -50.61 -0.40
CA HIS D 115 33.52 -50.04 0.87
C HIS D 115 32.56 -48.96 1.33
N VAL D 116 32.81 -47.72 0.92
CA VAL D 116 31.96 -46.60 1.29
C VAL D 116 31.75 -45.68 0.09
N THR D 117 30.53 -45.21 -0.07
CA THR D 117 30.21 -44.31 -1.18
C THR D 117 30.18 -42.87 -0.69
N GLU D 118 31.32 -42.19 -0.79
CA GLU D 118 31.42 -40.81 -0.35
C GLU D 118 31.63 -39.90 -1.57
N GLU D 119 30.61 -39.12 -1.90
CA GLU D 119 30.70 -38.23 -3.04
C GLU D 119 29.97 -36.92 -2.76
N TRP D 120 30.25 -35.92 -3.59
CA TRP D 120 29.61 -34.62 -3.46
C TRP D 120 28.55 -34.47 -4.53
N ARG D 121 27.38 -35.03 -4.25
CA ARG D 121 26.27 -34.99 -5.19
C ARG D 121 25.63 -33.61 -5.25
N ASP D 122 25.24 -33.22 -6.45
CA ASP D 122 24.59 -31.93 -6.66
C ASP D 122 23.10 -32.06 -6.45
N LEU D 123 22.47 -30.97 -6.06
CA LEU D 123 21.04 -30.97 -5.81
C LEU D 123 20.31 -30.43 -7.03
N GLN D 124 19.22 -31.08 -7.39
CA GLN D 124 18.42 -30.68 -8.54
C GLN D 124 17.02 -30.30 -8.10
N SER D 125 16.60 -29.11 -8.49
CA SER D 125 15.28 -28.59 -8.14
C SER D 125 14.18 -29.24 -8.99
N ALA D 126 13.92 -30.51 -8.72
CA ALA D 126 12.90 -31.25 -9.45
C ALA D 126 11.51 -30.92 -8.91
N GLU D 127 10.86 -29.96 -9.56
CA GLU D 127 9.52 -29.54 -9.18
C GLU D 127 8.55 -30.71 -9.32
N LYS D 128 7.55 -30.75 -8.45
CA LYS D 128 6.55 -31.81 -8.49
C LYS D 128 5.15 -31.24 -8.58
N GLU A 1 -25.76 34.85 -13.01
CA GLU A 1 -24.89 34.00 -12.16
C GLU A 1 -25.68 32.79 -11.67
N LYS A 2 -24.97 31.75 -11.24
CA LYS A 2 -25.62 30.54 -10.76
C LYS A 2 -24.75 29.84 -9.70
N LEU A 3 -25.18 29.91 -8.45
CA LEU A 3 -24.46 29.28 -7.35
C LEU A 3 -25.31 28.16 -6.76
N GLY A 4 -26.60 28.17 -7.08
CA GLY A 4 -27.51 27.15 -6.57
C GLY A 4 -28.66 27.77 -5.80
N LYS A 5 -29.19 27.02 -4.84
CA LYS A 5 -30.31 27.50 -4.02
C LYS A 5 -30.08 27.12 -2.57
N LEU A 6 -30.48 28.00 -1.66
CA LEU A 6 -30.33 27.75 -0.24
C LEU A 6 -31.65 27.99 0.48
N GLN A 7 -31.99 27.05 1.36
CA GLN A 7 -33.21 27.16 2.15
C GLN A 7 -32.86 27.60 3.56
N TYR A 8 -33.60 28.54 4.10
CA TYR A 8 -33.31 29.05 5.45
C TYR A 8 -34.57 29.54 6.14
N SER A 9 -34.50 29.60 7.47
CA SER A 9 -35.60 30.07 8.28
C SER A 9 -35.13 31.23 9.17
N LEU A 10 -35.66 32.42 8.90
CA LEU A 10 -35.28 33.60 9.67
C LEU A 10 -36.20 33.80 10.86
N ASP A 11 -35.60 33.90 12.04
CA ASP A 11 -36.34 34.12 13.28
C ASP A 11 -35.81 35.38 13.95
N TYR A 12 -36.69 36.15 14.58
CA TYR A 12 -36.27 37.38 15.22
C TYR A 12 -36.46 37.31 16.74
N ASP A 13 -35.47 37.79 17.47
CA ASP A 13 -35.52 37.79 18.92
C ASP A 13 -35.61 39.22 19.43
N PHE A 14 -36.49 39.44 20.39
CA PHE A 14 -36.67 40.78 20.95
C PHE A 14 -36.32 40.82 22.42
N GLN A 15 -35.64 39.79 22.90
CA GLN A 15 -35.26 39.74 24.31
C GLN A 15 -33.81 40.19 24.48
N ASN A 16 -32.96 39.82 23.53
CA ASN A 16 -31.55 40.23 23.59
C ASN A 16 -31.17 40.94 22.29
N ASN A 17 -32.17 41.13 21.43
CA ASN A 17 -32.02 41.83 20.16
C ASN A 17 -31.01 41.15 19.23
N GLN A 18 -31.50 40.17 18.48
CA GLN A 18 -30.67 39.43 17.54
C GLN A 18 -31.52 38.66 16.56
N LEU A 19 -31.06 38.57 15.33
CA LEU A 19 -31.78 37.82 14.31
C LEU A 19 -31.15 36.44 14.18
N LEU A 20 -31.97 35.42 14.27
CA LEU A 20 -31.50 34.06 14.17
C LEU A 20 -31.60 33.57 12.73
N VAL A 21 -30.48 33.59 12.03
CA VAL A 21 -30.45 33.14 10.65
C VAL A 21 -30.20 31.65 10.60
N GLY A 22 -31.28 30.88 10.63
CA GLY A 22 -31.17 29.44 10.59
C GLY A 22 -31.09 28.91 9.17
N ILE A 23 -29.88 28.81 8.66
CA ILE A 23 -29.68 28.29 7.31
C ILE A 23 -29.79 26.78 7.31
N ILE A 24 -30.75 26.27 6.57
CA ILE A 24 -30.98 24.83 6.51
C ILE A 24 -29.86 24.14 5.74
N GLN A 25 -29.76 24.43 4.44
CA GLN A 25 -28.73 23.83 3.61
C GLN A 25 -28.70 24.45 2.22
N ALA A 26 -27.56 24.27 1.54
CA ALA A 26 -27.38 24.77 0.19
C ALA A 26 -27.29 23.59 -0.76
N ALA A 27 -27.79 23.75 -1.97
CA ALA A 27 -27.76 22.67 -2.94
C ALA A 27 -27.24 23.14 -4.30
N GLU A 28 -26.63 22.19 -5.01
CA GLU A 28 -26.09 22.43 -6.35
C GLU A 28 -24.95 23.46 -6.36
N LEU A 29 -24.03 23.32 -5.42
CA LEU A 29 -22.90 24.24 -5.33
C LEU A 29 -21.84 23.86 -6.35
N PRO A 30 -21.19 24.86 -6.97
CA PRO A 30 -20.14 24.62 -7.97
C PRO A 30 -18.91 23.91 -7.38
N ALA A 31 -18.20 23.19 -8.25
CA ALA A 31 -17.02 22.45 -7.84
C ALA A 31 -15.77 23.32 -7.96
N LEU A 32 -15.04 23.44 -6.86
CA LEU A 32 -13.82 24.23 -6.83
C LEU A 32 -12.60 23.32 -6.71
N ASP A 33 -12.65 22.44 -5.74
CA ASP A 33 -11.56 21.48 -5.51
C ASP A 33 -11.48 20.49 -6.67
N MET A 34 -10.29 20.00 -6.95
CA MET A 34 -10.08 19.08 -8.06
C MET A 34 -10.73 17.72 -7.77
N GLY A 35 -11.71 17.34 -8.58
CA GLY A 35 -12.36 16.07 -8.39
C GLY A 35 -13.87 16.18 -8.26
N GLY A 36 -14.43 17.23 -8.85
CA GLY A 36 -15.87 17.44 -8.80
C GLY A 36 -16.40 17.56 -7.39
N THR A 37 -15.70 18.34 -6.57
CA THR A 37 -16.08 18.55 -5.19
C THR A 37 -15.50 19.86 -4.67
N SER A 38 -16.01 20.33 -3.55
CA SER A 38 -15.52 21.57 -2.95
C SER A 38 -15.66 21.49 -1.45
N ASP A 39 -15.04 22.43 -0.75
CA ASP A 39 -15.13 22.50 0.71
C ASP A 39 -15.77 23.84 1.06
N PRO A 40 -17.07 24.01 0.77
CA PRO A 40 -17.76 25.26 0.96
C PRO A 40 -18.40 25.44 2.34
N TYR A 41 -18.03 26.51 2.99
CA TYR A 41 -18.56 26.88 4.28
C TYR A 41 -19.00 28.34 4.20
N VAL A 42 -20.16 28.64 4.74
CA VAL A 42 -20.68 30.00 4.67
C VAL A 42 -20.13 30.89 5.77
N LYS A 43 -19.68 32.07 5.38
CA LYS A 43 -19.16 33.05 6.31
C LYS A 43 -19.95 34.34 6.14
N VAL A 44 -20.54 34.81 7.22
CA VAL A 44 -21.35 36.00 7.18
C VAL A 44 -20.53 37.26 6.99
N PHE A 45 -20.98 38.11 6.08
CA PHE A 45 -20.33 39.37 5.80
C PHE A 45 -21.35 40.49 5.93
N LEU A 46 -20.93 41.59 6.52
CA LEU A 46 -21.83 42.71 6.74
C LEU A 46 -21.35 43.97 6.05
N LEU A 47 -22.21 44.97 6.05
CA LEU A 47 -21.92 46.28 5.48
C LEU A 47 -20.99 47.04 6.46
N PRO A 48 -20.79 48.38 6.34
CA PRO A 48 -19.93 49.14 7.29
C PRO A 48 -20.21 48.87 8.77
N ASP A 49 -21.29 48.15 9.07
CA ASP A 49 -21.64 47.79 10.44
C ASP A 49 -20.44 47.16 11.14
N LYS A 50 -19.91 46.10 10.52
CA LYS A 50 -18.73 45.36 11.02
C LYS A 50 -18.86 44.94 12.48
N LYS A 51 -20.08 44.82 12.98
CA LYS A 51 -20.30 44.43 14.37
C LYS A 51 -20.70 42.97 14.46
N LYS A 52 -20.20 42.16 13.52
CA LYS A 52 -20.50 40.73 13.49
C LYS A 52 -19.73 40.05 12.36
N LYS A 53 -19.13 38.90 12.68
CA LYS A 53 -18.39 38.12 11.70
C LYS A 53 -18.18 36.70 12.21
N PHE A 54 -18.79 35.73 11.55
CA PHE A 54 -18.68 34.35 11.97
C PHE A 54 -18.56 33.42 10.77
N GLU A 55 -17.66 32.45 10.88
CA GLU A 55 -17.44 31.47 9.83
C GLU A 55 -17.94 30.11 10.30
N THR A 56 -18.74 29.45 9.49
CA THR A 56 -19.30 28.16 9.84
C THR A 56 -18.25 27.05 9.79
N LYS A 57 -18.65 25.85 10.16
CA LYS A 57 -17.75 24.72 10.17
C LYS A 57 -17.37 24.33 8.75
N VAL A 58 -16.10 24.04 8.53
CA VAL A 58 -15.63 23.65 7.21
C VAL A 58 -16.28 22.34 6.77
N HIS A 59 -16.98 22.41 5.64
CA HIS A 59 -17.66 21.24 5.11
C HIS A 59 -16.79 20.63 4.02
N ARG A 60 -15.85 19.78 4.45
CA ARG A 60 -14.92 19.14 3.53
C ARG A 60 -15.59 18.22 2.51
N LYS A 61 -15.25 18.45 1.24
CA LYS A 61 -15.74 17.67 0.10
C LYS A 61 -17.25 17.47 0.10
N THR A 62 -17.98 18.48 -0.37
CA THR A 62 -19.42 18.41 -0.45
C THR A 62 -19.98 19.46 -1.41
N LEU A 63 -21.11 19.15 -2.01
CA LEU A 63 -21.78 20.06 -2.92
C LEU A 63 -23.20 20.30 -2.43
N ASN A 64 -23.46 19.77 -1.24
CA ASN A 64 -24.76 19.88 -0.59
C ASN A 64 -24.57 19.73 0.92
N PRO A 65 -24.08 20.79 1.58
CA PRO A 65 -23.82 20.78 3.01
C PRO A 65 -25.08 20.86 3.86
N VAL A 66 -25.38 19.79 4.57
CA VAL A 66 -26.54 19.73 5.44
C VAL A 66 -26.11 19.72 6.91
N PHE A 67 -25.90 20.89 7.47
CA PHE A 67 -25.48 21.00 8.85
C PHE A 67 -26.44 21.87 9.64
N ASN A 68 -26.90 22.95 9.01
CA ASN A 68 -27.85 23.88 9.63
C ASN A 68 -27.19 24.63 10.79
N GLU A 69 -26.12 25.35 10.48
CA GLU A 69 -25.40 26.13 11.49
C GLU A 69 -26.27 27.28 12.00
N GLN A 70 -25.82 27.92 13.07
CA GLN A 70 -26.55 29.03 13.65
C GLN A 70 -25.73 30.32 13.58
N PHE A 71 -26.38 31.41 13.21
CA PHE A 71 -25.73 32.70 13.13
C PHE A 71 -26.47 33.71 13.99
N THR A 72 -25.78 34.27 14.96
CA THR A 72 -26.34 35.24 15.87
C THR A 72 -26.13 36.67 15.35
N PHE A 73 -27.17 37.23 14.76
CA PHE A 73 -27.11 38.59 14.23
C PHE A 73 -27.27 39.60 15.37
N LYS A 74 -26.18 39.89 16.06
CA LYS A 74 -26.20 40.84 17.17
C LYS A 74 -26.39 42.27 16.70
N VAL A 75 -27.64 42.71 16.69
CA VAL A 75 -28.00 44.06 16.29
C VAL A 75 -29.45 44.33 16.71
N PRO A 76 -29.71 45.49 17.31
CA PRO A 76 -31.07 45.87 17.74
C PRO A 76 -32.03 45.92 16.56
N TYR A 77 -33.28 45.52 16.80
CA TYR A 77 -34.30 45.53 15.74
C TYR A 77 -34.49 46.94 15.21
N SER A 78 -34.17 47.93 16.04
CA SER A 78 -34.28 49.33 15.69
C SER A 78 -33.23 49.72 14.63
N GLU A 79 -32.23 48.86 14.49
CA GLU A 79 -31.16 49.11 13.52
C GLU A 79 -31.29 48.18 12.33
N LEU A 80 -32.30 47.29 12.36
CA LEU A 80 -32.52 46.35 11.27
C LEU A 80 -32.97 47.08 10.01
N GLY A 81 -33.69 48.19 10.19
CA GLY A 81 -34.16 48.96 9.06
C GLY A 81 -33.03 49.56 8.26
N GLY A 82 -31.88 49.72 8.89
CA GLY A 82 -30.73 50.29 8.22
C GLY A 82 -29.56 49.33 8.25
N LYS A 83 -29.85 48.04 8.16
CA LYS A 83 -28.81 47.02 8.19
C LYS A 83 -29.04 46.00 7.08
N THR A 84 -27.98 45.67 6.36
CA THR A 84 -28.06 44.70 5.29
C THR A 84 -26.97 43.65 5.46
N LEU A 85 -27.37 42.40 5.61
CA LEU A 85 -26.42 41.31 5.80
C LEU A 85 -26.28 40.49 4.53
N VAL A 86 -25.10 39.92 4.33
CA VAL A 86 -24.84 39.10 3.18
C VAL A 86 -24.22 37.77 3.62
N MET A 87 -24.58 36.70 2.93
CA MET A 87 -24.06 35.38 3.25
C MET A 87 -23.19 34.89 2.11
N ALA A 88 -21.88 34.92 2.32
CA ALA A 88 -20.94 34.49 1.30
C ALA A 88 -20.41 33.10 1.60
N VAL A 89 -20.44 32.23 0.60
CA VAL A 89 -19.95 30.88 0.77
C VAL A 89 -18.51 30.80 0.26
N TYR A 90 -17.62 30.30 1.10
CA TYR A 90 -16.22 30.19 0.75
C TYR A 90 -15.79 28.73 0.65
N ASP A 91 -14.85 28.47 -0.26
CA ASP A 91 -14.33 27.13 -0.47
C ASP A 91 -13.04 26.94 0.33
N PHE A 92 -12.68 25.70 0.59
CA PHE A 92 -11.48 25.39 1.32
C PHE A 92 -10.75 24.20 0.69
N ASP A 93 -10.45 24.31 -0.61
CA ASP A 93 -9.75 23.25 -1.35
C ASP A 93 -8.39 22.94 -0.72
N ARG A 94 -7.90 23.88 0.09
CA ARG A 94 -6.63 23.74 0.81
C ARG A 94 -5.41 23.74 -0.12
N PHE A 95 -5.51 24.36 -1.28
CA PHE A 95 -4.38 24.43 -2.20
C PHE A 95 -4.42 25.72 -2.98
N SER A 96 -5.45 25.85 -3.80
CA SER A 96 -5.62 27.02 -4.61
C SER A 96 -6.08 28.17 -3.73
N LYS A 97 -5.90 29.39 -4.19
CA LYS A 97 -6.35 30.53 -3.42
C LYS A 97 -7.85 30.68 -3.59
N HIS A 98 -8.57 29.74 -2.99
CA HIS A 98 -10.04 29.70 -3.05
C HIS A 98 -10.66 31.06 -2.80
N ASP A 99 -11.68 31.37 -3.58
CA ASP A 99 -12.38 32.64 -3.49
C ASP A 99 -13.86 32.40 -3.26
N ILE A 100 -14.62 33.48 -3.21
CA ILE A 100 -16.06 33.42 -3.03
C ILE A 100 -16.72 32.91 -4.31
N ILE A 101 -17.32 31.73 -4.24
CA ILE A 101 -18.00 31.16 -5.40
C ILE A 101 -19.38 31.75 -5.57
N GLY A 102 -19.83 32.48 -4.55
CA GLY A 102 -21.13 33.11 -4.61
C GLY A 102 -21.62 33.57 -3.25
N GLU A 103 -22.69 34.35 -3.26
CA GLU A 103 -23.27 34.88 -2.04
C GLU A 103 -24.67 35.40 -2.31
N PHE A 104 -25.31 35.96 -1.29
CA PHE A 104 -26.64 36.53 -1.41
C PHE A 104 -26.91 37.50 -0.27
N LYS A 105 -27.73 38.50 -0.55
CA LYS A 105 -28.06 39.51 0.45
C LYS A 105 -29.52 39.93 0.29
N VAL A 106 -30.12 40.38 1.38
CA VAL A 106 -31.51 40.80 1.36
C VAL A 106 -31.70 42.03 2.26
N PRO A 107 -32.36 43.07 1.74
CA PRO A 107 -32.61 44.30 2.50
C PRO A 107 -33.58 44.04 3.67
N MET A 108 -33.06 44.15 4.89
CA MET A 108 -33.88 43.92 6.08
C MET A 108 -34.91 45.03 6.26
N ASN A 109 -34.81 46.06 5.44
CA ASN A 109 -35.76 47.17 5.48
C ASN A 109 -37.08 46.74 4.86
N THR A 110 -37.00 45.76 3.97
CA THR A 110 -38.18 45.23 3.29
C THR A 110 -38.72 44.02 4.05
N VAL A 111 -37.84 43.27 4.70
CA VAL A 111 -38.24 42.09 5.45
C VAL A 111 -38.74 42.47 6.83
N ASP A 112 -40.04 42.35 7.03
CA ASP A 112 -40.65 42.68 8.32
C ASP A 112 -40.49 41.53 9.29
N PHE A 113 -40.17 41.86 10.54
CA PHE A 113 -39.97 40.84 11.57
C PHE A 113 -41.30 40.48 12.23
N GLY A 114 -42.24 40.01 11.43
CA GLY A 114 -43.54 39.63 11.95
C GLY A 114 -43.44 38.47 12.92
N HIS A 115 -42.78 37.41 12.48
CA HIS A 115 -42.59 36.22 13.29
C HIS A 115 -41.41 35.43 12.76
N VAL A 116 -41.65 34.68 11.70
CA VAL A 116 -40.61 33.88 11.07
C VAL A 116 -40.68 34.03 9.57
N THR A 117 -39.54 34.05 8.92
CA THR A 117 -39.48 34.18 7.47
C THR A 117 -38.72 33.01 6.86
N GLU A 118 -39.44 31.99 6.46
CA GLU A 118 -38.84 30.81 5.85
C GLU A 118 -39.09 30.79 4.35
N GLU A 119 -38.01 30.79 3.58
CA GLU A 119 -38.10 30.76 2.12
C GLU A 119 -36.81 30.22 1.51
N TRP A 120 -36.85 29.94 0.22
CA TRP A 120 -35.68 29.45 -0.50
C TRP A 120 -35.12 30.56 -1.36
N ARG A 121 -33.90 30.97 -1.06
CA ARG A 121 -33.25 32.04 -1.80
C ARG A 121 -32.30 31.51 -2.86
N ASP A 122 -32.29 32.16 -4.01
CA ASP A 122 -31.41 31.81 -5.09
C ASP A 122 -30.01 32.30 -4.78
N LEU A 123 -29.01 31.49 -5.10
CA LEU A 123 -27.64 31.85 -4.83
C LEU A 123 -26.97 32.39 -6.08
N GLN A 124 -26.38 33.57 -5.97
CA GLN A 124 -25.71 34.20 -7.09
C GLN A 124 -24.20 34.20 -6.90
N SER A 125 -23.49 33.81 -7.95
CA SER A 125 -22.03 33.76 -7.92
C SER A 125 -21.43 35.17 -8.03
N ALA A 126 -21.56 35.95 -6.96
CA ALA A 126 -21.02 37.30 -6.95
C ALA A 126 -19.51 37.26 -6.76
N GLU A 127 -18.79 37.34 -7.87
CA GLU A 127 -17.33 37.31 -7.85
C GLU A 127 -16.77 38.58 -7.24
N LYS A 128 -15.73 38.43 -6.43
CA LYS A 128 -15.11 39.57 -5.77
C LYS A 128 -13.62 39.61 -6.09
N MET B 1 33.89 1.60 -15.98
CA MET B 1 34.89 1.53 -14.90
C MET B 1 34.22 1.35 -13.55
N ALA B 2 33.42 2.34 -13.15
CA ALA B 2 32.73 2.28 -11.88
C ALA B 2 31.35 2.91 -12.00
N ALA B 3 30.63 2.95 -10.88
CA ALA B 3 29.29 3.53 -10.82
C ALA B 3 28.34 2.83 -11.79
N GLU B 4 28.41 1.51 -11.84
CA GLU B 4 27.55 0.73 -12.72
C GLU B 4 26.12 0.71 -12.18
N PRO B 5 25.12 1.01 -13.04
CA PRO B 5 23.71 1.03 -12.63
C PRO B 5 23.22 -0.33 -12.15
N LEU B 6 22.29 -0.30 -11.22
CA LEU B 6 21.72 -1.51 -10.65
C LEU B 6 20.47 -1.93 -11.43
N THR B 7 19.65 -2.81 -10.84
CA THR B 7 18.42 -3.27 -11.47
C THR B 7 17.42 -2.10 -11.59
N GLU B 8 16.46 -2.24 -12.49
CA GLU B 8 15.46 -1.20 -12.72
C GLU B 8 14.87 -0.63 -11.43
N LEU B 9 14.22 -1.49 -10.65
CA LEU B 9 13.61 -1.05 -9.39
C LEU B 9 14.67 -0.63 -8.37
N GLU B 10 15.85 -1.25 -8.43
CA GLU B 10 16.94 -0.92 -7.52
C GLU B 10 17.41 0.51 -7.75
N GLU B 11 17.26 0.98 -8.98
CA GLU B 11 17.64 2.33 -9.34
C GLU B 11 16.55 3.32 -8.92
N SER B 12 15.30 2.91 -9.08
CA SER B 12 14.15 3.75 -8.72
C SER B 12 14.12 4.06 -7.23
N ILE B 13 14.39 3.06 -6.39
CA ILE B 13 14.37 3.26 -4.96
C ILE B 13 15.49 4.20 -4.51
N GLU B 14 16.61 4.16 -5.22
CA GLU B 14 17.74 5.03 -4.92
C GLU B 14 17.37 6.50 -5.13
N THR B 15 16.56 6.75 -6.15
CA THR B 15 16.13 8.09 -6.47
C THR B 15 15.29 8.69 -5.34
N VAL B 16 14.22 7.99 -4.95
CA VAL B 16 13.35 8.48 -3.88
C VAL B 16 14.10 8.59 -2.55
N VAL B 17 15.03 7.67 -2.30
CA VAL B 17 15.82 7.70 -1.06
C VAL B 17 16.64 8.98 -1.00
N THR B 18 17.19 9.39 -2.14
CA THR B 18 17.99 10.60 -2.22
C THR B 18 17.18 11.82 -1.81
N THR B 19 15.99 11.97 -2.40
CA THR B 19 15.12 13.09 -2.10
C THR B 19 14.63 13.01 -0.65
N PHE B 20 14.24 11.81 -0.23
CA PHE B 20 13.75 11.57 1.13
C PHE B 20 14.82 11.93 2.16
N PHE B 21 16.05 11.48 1.92
CA PHE B 21 17.16 11.75 2.83
C PHE B 21 17.46 13.25 2.91
N THR B 22 17.42 13.91 1.77
CA THR B 22 17.70 15.35 1.71
C THR B 22 16.74 16.15 2.61
N PHE B 23 15.49 15.73 2.67
CA PHE B 23 14.49 16.42 3.47
C PHE B 23 14.47 15.91 4.91
N ALA B 24 15.09 14.76 5.13
CA ALA B 24 15.13 14.16 6.47
C ALA B 24 16.25 14.73 7.32
N ARG B 25 17.04 15.64 6.75
CA ARG B 25 18.14 16.24 7.47
C ARG B 25 18.04 17.77 7.43
N GLN B 26 16.85 18.28 7.70
CA GLN B 26 16.63 19.72 7.70
C GLN B 26 16.52 20.23 9.12
N GLU B 27 15.65 19.63 9.90
CA GLU B 27 15.45 20.04 11.28
C GLU B 27 16.24 19.15 12.23
N GLY B 28 16.01 17.84 12.16
CA GLY B 28 16.73 16.94 13.04
C GLY B 28 16.32 15.49 12.85
N ARG B 29 17.19 14.58 13.33
CA ARG B 29 16.97 13.14 13.25
C ARG B 29 16.78 12.70 11.81
N LYS B 30 17.90 12.55 11.10
CA LYS B 30 17.89 12.13 9.69
C LYS B 30 17.33 10.72 9.51
N ASP B 31 16.00 10.64 9.45
CA ASP B 31 15.26 9.39 9.28
C ASP B 31 13.80 9.65 9.59
N SER B 32 13.57 10.67 10.41
CA SER B 32 12.24 11.08 10.81
C SER B 32 11.89 12.42 10.17
N LEU B 33 10.83 12.45 9.38
CA LEU B 33 10.40 13.67 8.74
C LEU B 33 9.60 14.52 9.72
N SER B 34 10.19 15.61 10.17
CA SER B 34 9.52 16.51 11.09
C SER B 34 8.32 17.16 10.40
N VAL B 35 7.42 17.74 11.20
CA VAL B 35 6.21 18.37 10.66
C VAL B 35 6.54 19.37 9.55
N ASN B 36 7.49 20.26 9.81
CA ASN B 36 7.88 21.25 8.81
C ASN B 36 8.57 20.59 7.62
N GLU B 37 9.49 19.66 7.90
CA GLU B 37 10.21 18.96 6.84
C GLU B 37 9.24 18.25 5.90
N PHE B 38 8.25 17.60 6.49
CA PHE B 38 7.24 16.88 5.74
C PHE B 38 6.46 17.83 4.85
N LYS B 39 6.14 19.00 5.38
CA LYS B 39 5.39 20.01 4.63
C LYS B 39 6.24 20.59 3.51
N GLU B 40 7.54 20.74 3.77
CA GLU B 40 8.47 21.29 2.79
C GLU B 40 8.58 20.37 1.57
N LEU B 41 8.26 19.11 1.76
CA LEU B 41 8.32 18.12 0.68
C LEU B 41 7.15 18.32 -0.29
N VAL B 42 5.93 18.28 0.25
CA VAL B 42 4.74 18.43 -0.57
C VAL B 42 4.60 19.85 -1.12
N THR B 43 4.84 20.84 -0.28
CA THR B 43 4.74 22.24 -0.68
C THR B 43 5.99 22.69 -1.44
N GLN B 44 6.44 21.85 -2.37
CA GLN B 44 7.61 22.14 -3.17
C GLN B 44 7.70 21.23 -4.37
N GLN B 45 7.89 19.93 -4.12
CA GLN B 45 8.04 18.97 -5.20
C GLN B 45 6.78 18.14 -5.45
N LEU B 46 5.64 18.55 -4.90
CA LEU B 46 4.41 17.79 -5.11
C LEU B 46 3.16 18.68 -5.13
N PRO B 47 3.12 19.72 -5.98
CA PRO B 47 1.97 20.60 -6.09
C PRO B 47 1.07 20.23 -7.27
N HIS B 48 1.24 19.02 -7.78
CA HIS B 48 0.47 18.56 -8.93
C HIS B 48 -0.34 17.30 -8.59
N LEU B 49 0.32 16.25 -8.13
CA LEU B 49 -0.35 15.00 -7.79
C LEU B 49 -1.37 15.20 -6.68
N LEU B 50 -0.92 15.72 -5.55
CA LEU B 50 -1.81 15.97 -4.42
C LEU B 50 -1.84 17.45 -4.10
N LYS B 51 -2.82 18.14 -4.67
CA LYS B 51 -2.94 19.59 -4.45
C LYS B 51 -3.57 19.90 -3.10
N ASP B 52 -2.75 19.90 -2.07
CA ASP B 52 -3.20 20.20 -0.71
C ASP B 52 -2.03 20.65 0.14
N VAL B 53 -1.86 21.96 0.24
CA VAL B 53 -0.78 22.55 1.02
C VAL B 53 -1.33 23.29 2.23
N GLY B 54 -2.64 23.21 2.40
CA GLY B 54 -3.29 23.89 3.51
C GLY B 54 -3.42 22.99 4.72
N SER B 55 -4.03 21.82 4.54
CA SER B 55 -4.23 20.90 5.64
C SER B 55 -3.21 19.77 5.60
N LEU B 56 -1.97 20.09 5.93
CA LEU B 56 -0.90 19.12 5.95
C LEU B 56 -0.99 18.28 7.23
N ASP B 57 -1.44 18.92 8.30
CA ASP B 57 -1.58 18.26 9.59
C ASP B 57 -2.63 17.16 9.52
N GLU B 58 -3.64 17.36 8.69
CA GLU B 58 -4.71 16.38 8.50
C GLU B 58 -4.12 15.04 8.06
N LYS B 59 -3.17 15.12 7.13
CA LYS B 59 -2.51 13.93 6.61
C LYS B 59 -1.54 13.38 7.63
N MET B 60 -0.90 14.27 8.37
CA MET B 60 0.06 13.88 9.41
C MET B 60 -0.63 13.01 10.46
N LYS B 61 -1.82 13.43 10.88
CA LYS B 61 -2.59 12.70 11.88
C LYS B 61 -3.24 11.45 11.29
N SER B 62 -3.04 11.23 10.00
CA SER B 62 -3.59 10.07 9.32
C SER B 62 -2.49 9.06 9.02
N LEU B 63 -1.34 9.56 8.58
CA LEU B 63 -0.20 8.71 8.26
C LEU B 63 0.50 8.27 9.54
N ASP B 64 0.73 9.23 10.43
CA ASP B 64 1.38 8.94 11.70
C ASP B 64 0.32 8.61 12.75
N VAL B 65 0.19 7.33 13.05
CA VAL B 65 -0.78 6.88 14.04
C VAL B 65 -0.14 6.79 15.42
N ASN B 66 1.08 7.26 15.52
CA ASN B 66 1.80 7.26 16.80
C ASN B 66 1.79 8.67 17.38
N GLN B 67 1.65 9.65 16.48
CA GLN B 67 1.58 11.06 16.82
C GLN B 67 2.74 11.54 17.70
N ASP B 68 3.96 11.43 17.19
CA ASP B 68 5.12 11.90 17.93
C ASP B 68 5.81 13.01 17.15
N SER B 69 5.13 13.47 16.09
CA SER B 69 5.62 14.56 15.23
C SER B 69 6.82 14.13 14.39
N GLU B 70 7.10 12.84 14.35
CA GLU B 70 8.23 12.34 13.58
C GLU B 70 7.79 11.31 12.55
N LEU B 71 7.63 11.76 11.32
CA LEU B 71 7.23 10.89 10.23
C LEU B 71 8.42 10.04 9.78
N LYS B 72 8.64 8.94 10.46
CA LYS B 72 9.74 8.03 10.13
C LYS B 72 9.53 7.41 8.75
N PHE B 73 10.58 6.80 8.21
CA PHE B 73 10.53 6.16 6.89
C PHE B 73 9.27 5.31 6.71
N ASN B 74 8.91 4.57 7.74
CA ASN B 74 7.73 3.70 7.68
C ASN B 74 6.44 4.51 7.49
N GLU B 75 6.28 5.53 8.31
CA GLU B 75 5.12 6.41 8.25
C GLU B 75 5.15 7.28 7.00
N TYR B 76 6.35 7.69 6.61
CA TYR B 76 6.55 8.52 5.43
C TYR B 76 6.17 7.76 4.16
N TRP B 77 6.48 6.47 4.14
CA TRP B 77 6.17 5.63 2.99
C TRP B 77 4.65 5.55 2.79
N ARG B 78 3.89 5.74 3.87
CA ARG B 78 2.44 5.71 3.79
C ARG B 78 1.93 6.79 2.84
N LEU B 79 2.65 7.91 2.79
CA LEU B 79 2.28 9.01 1.91
C LEU B 79 2.46 8.59 0.45
N ILE B 80 3.63 8.04 0.16
CA ILE B 80 3.94 7.58 -1.19
C ILE B 80 2.98 6.47 -1.62
N GLY B 81 2.60 5.62 -0.66
CA GLY B 81 1.68 4.55 -0.93
C GLY B 81 0.35 5.06 -1.47
N GLU B 82 -0.18 6.08 -0.80
CA GLU B 82 -1.44 6.67 -1.20
C GLU B 82 -1.25 7.51 -2.45
N LEU B 83 -0.07 8.11 -2.59
CA LEU B 83 0.24 8.94 -3.76
C LEU B 83 0.21 8.10 -5.04
N ALA B 84 0.80 6.92 -4.97
CA ALA B 84 0.84 6.03 -6.12
C ALA B 84 -0.56 5.51 -6.43
N LYS B 85 -1.35 5.36 -5.37
CA LYS B 85 -2.73 4.90 -5.52
C LYS B 85 -3.58 6.01 -6.15
N GLU B 86 -3.25 7.24 -5.77
CA GLU B 86 -3.93 8.44 -6.26
C GLU B 86 -3.79 8.61 -7.77
N ILE B 87 -2.70 8.11 -8.34
CA ILE B 87 -2.47 8.24 -9.77
C ILE B 87 -3.58 7.61 -10.61
N ARG B 88 -4.32 6.69 -10.01
CA ARG B 88 -5.42 6.05 -10.71
C ARG B 88 -6.65 5.99 -9.80
N LYS B 89 -6.81 7.02 -8.98
CA LYS B 89 -7.93 7.08 -8.07
C LYS B 89 -8.52 8.49 -8.01
N LYS B 90 -7.76 9.43 -7.44
CA LYS B 90 -8.20 10.81 -7.29
C LYS B 90 -9.53 10.88 -6.55
N LYS B 91 -10.60 11.07 -7.29
CA LYS B 91 -11.93 11.12 -6.71
C LYS B 91 -12.87 10.24 -7.52
N ASP B 92 -12.67 8.92 -7.37
CA ASP B 92 -13.46 7.92 -8.08
C ASP B 92 -14.92 7.99 -7.66
N LEU B 93 -15.63 8.91 -8.28
CA LEU B 93 -17.04 9.15 -8.03
C LEU B 93 -17.52 10.17 -9.04
N LYS B 94 -16.74 11.23 -9.18
CA LYS B 94 -17.05 12.30 -10.12
C LYS B 94 -16.11 12.20 -11.31
N ILE B 95 -14.84 12.53 -11.08
CA ILE B 95 -13.82 12.48 -12.12
C ILE B 95 -12.50 11.98 -11.57
N ARG B 96 -11.77 11.24 -12.39
CA ARG B 96 -10.48 10.70 -12.00
C ARG B 96 -9.36 11.49 -12.68
N LYS B 97 -9.64 11.93 -13.91
CA LYS B 97 -8.68 12.71 -14.70
C LYS B 97 -7.41 11.91 -14.98
N LYS B 98 -6.37 12.59 -15.45
CA LYS B 98 -5.11 11.93 -15.75
C LYS B 98 -4.05 12.32 -14.72
N MET C 1 -6.06 7.83 -18.75
CA MET C 1 -5.34 6.57 -18.89
C MET C 1 -3.90 6.82 -19.32
N ALA C 2 -3.48 8.06 -19.18
CA ALA C 2 -2.12 8.46 -19.51
C ALA C 2 -1.67 9.53 -18.55
N ALA C 3 -0.42 9.94 -18.62
CA ALA C 3 0.10 10.95 -17.73
C ALA C 3 0.82 12.07 -18.47
N GLU C 4 0.53 13.29 -18.08
CA GLU C 4 1.16 14.47 -18.66
C GLU C 4 2.49 14.70 -17.93
N PRO C 5 3.34 15.64 -18.41
CA PRO C 5 4.64 15.92 -17.79
C PRO C 5 4.57 15.98 -16.27
N LEU C 6 5.30 15.08 -15.62
CA LEU C 6 5.30 15.00 -14.16
C LEU C 6 6.66 15.40 -13.58
N THR C 7 6.69 15.60 -12.27
CA THR C 7 7.91 15.98 -11.58
C THR C 7 8.70 14.74 -11.16
N GLU C 8 9.85 14.95 -10.53
CA GLU C 8 10.74 13.87 -10.09
C GLU C 8 9.98 12.77 -9.34
N LEU C 9 9.31 13.13 -8.25
CA LEU C 9 8.58 12.17 -7.43
C LEU C 9 7.53 11.41 -8.25
N GLU C 10 6.79 12.15 -9.07
CA GLU C 10 5.74 11.54 -9.89
C GLU C 10 6.35 10.65 -10.97
N GLU C 11 7.51 11.04 -11.49
CA GLU C 11 8.20 10.25 -12.50
C GLU C 11 8.71 8.95 -11.90
N SER C 12 9.08 9.00 -10.63
CA SER C 12 9.58 7.84 -9.91
C SER C 12 8.50 6.76 -9.84
N ILE C 13 7.29 7.16 -9.46
CA ILE C 13 6.18 6.22 -9.37
C ILE C 13 5.71 5.82 -10.76
N GLU C 14 6.00 6.68 -11.73
CA GLU C 14 5.62 6.43 -13.12
C GLU C 14 6.51 5.32 -13.68
N THR C 15 7.75 5.25 -13.19
CA THR C 15 8.70 4.24 -13.63
C THR C 15 8.19 2.84 -13.33
N VAL C 16 7.56 2.66 -12.16
CA VAL C 16 7.05 1.35 -11.78
C VAL C 16 5.69 1.10 -12.45
N VAL C 17 4.98 2.18 -12.77
CA VAL C 17 3.68 2.06 -13.43
C VAL C 17 3.88 1.56 -14.86
N THR C 18 4.92 2.05 -15.51
CA THR C 18 5.21 1.64 -16.88
C THR C 18 5.58 0.15 -16.91
N THR C 19 6.20 -0.34 -15.84
CA THR C 19 6.59 -1.75 -15.75
C THR C 19 5.33 -2.61 -15.63
N PHE C 20 4.32 -2.08 -14.97
CA PHE C 20 3.05 -2.77 -14.80
C PHE C 20 2.39 -3.02 -16.15
N PHE C 21 2.26 -1.96 -16.94
CA PHE C 21 1.61 -2.05 -18.25
C PHE C 21 2.44 -2.82 -19.28
N THR C 22 3.76 -2.87 -19.09
CA THR C 22 4.62 -3.56 -20.03
C THR C 22 4.75 -5.05 -19.70
N PHE C 23 4.41 -5.42 -18.47
CA PHE C 23 4.52 -6.81 -18.06
C PHE C 23 3.15 -7.45 -17.88
N ALA C 24 2.11 -6.71 -18.23
CA ALA C 24 0.75 -7.21 -18.11
C ALA C 24 0.05 -7.15 -19.46
N ARG C 25 0.64 -7.79 -20.45
CA ARG C 25 0.09 -7.80 -21.80
C ARG C 25 0.34 -9.15 -22.46
N GLN C 26 0.47 -10.18 -21.64
CA GLN C 26 0.74 -11.53 -22.13
C GLN C 26 -0.54 -12.35 -22.11
N GLU C 27 -1.20 -12.37 -20.96
CA GLU C 27 -2.43 -13.12 -20.80
C GLU C 27 -3.61 -12.30 -21.33
N GLY C 28 -3.85 -11.16 -20.72
CA GLY C 28 -4.95 -10.31 -21.15
C GLY C 28 -5.31 -9.26 -20.13
N ARG C 29 -5.90 -8.17 -20.60
CA ARG C 29 -6.33 -7.05 -19.77
C ARG C 29 -5.14 -6.40 -19.07
N LYS C 30 -4.52 -5.43 -19.74
CA LYS C 30 -3.36 -4.73 -19.20
C LYS C 30 -3.76 -3.83 -18.01
N ASP C 31 -5.06 -3.82 -17.71
CA ASP C 31 -5.59 -3.03 -16.61
C ASP C 31 -5.41 -3.80 -15.31
N SER C 32 -4.85 -5.00 -15.41
CA SER C 32 -4.65 -5.85 -14.26
C SER C 32 -3.44 -6.77 -14.48
N LEU C 33 -3.00 -7.42 -13.42
CA LEU C 33 -1.86 -8.34 -13.48
C LEU C 33 -2.36 -9.78 -13.43
N SER C 34 -2.00 -10.57 -14.43
CA SER C 34 -2.40 -11.96 -14.50
C SER C 34 -1.51 -12.84 -13.61
N VAL C 35 -1.84 -14.13 -13.54
CA VAL C 35 -1.09 -15.07 -12.72
C VAL C 35 0.26 -15.43 -13.35
N ASN C 36 0.28 -15.71 -14.64
CA ASN C 36 1.51 -16.06 -15.33
C ASN C 36 2.45 -14.88 -15.36
N GLU C 37 1.90 -13.72 -15.70
CA GLU C 37 2.66 -12.49 -15.78
C GLU C 37 3.26 -12.11 -14.43
N PHE C 38 2.48 -12.31 -13.37
CA PHE C 38 2.92 -12.00 -12.01
C PHE C 38 4.14 -12.84 -11.65
N LYS C 39 4.05 -14.14 -11.90
CA LYS C 39 5.14 -15.06 -11.59
C LYS C 39 6.35 -14.76 -12.45
N GLU C 40 6.12 -14.40 -13.71
CA GLU C 40 7.21 -14.08 -14.62
C GLU C 40 7.92 -12.80 -14.18
N LEU C 41 7.16 -11.84 -13.70
CA LEU C 41 7.71 -10.56 -13.25
C LEU C 41 8.65 -10.74 -12.07
N VAL C 42 8.23 -11.49 -11.06
CA VAL C 42 9.04 -11.69 -9.87
C VAL C 42 10.26 -12.57 -10.12
N THR C 43 10.16 -13.49 -11.08
CA THR C 43 11.27 -14.39 -11.38
C THR C 43 12.22 -13.79 -12.42
N GLN C 44 11.97 -12.56 -12.83
CA GLN C 44 12.83 -11.91 -13.82
C GLN C 44 13.26 -10.51 -13.40
N GLN C 45 12.28 -9.67 -13.07
CA GLN C 45 12.58 -8.29 -12.69
C GLN C 45 12.89 -8.12 -11.21
N LEU C 46 12.28 -8.95 -10.36
CA LEU C 46 12.52 -8.82 -8.91
C LEU C 46 12.94 -10.14 -8.24
N PRO C 47 13.94 -10.87 -8.77
CA PRO C 47 14.37 -12.13 -8.17
C PRO C 47 15.38 -11.90 -7.04
N HIS C 48 15.86 -10.67 -6.94
CA HIS C 48 16.81 -10.29 -5.91
C HIS C 48 16.07 -9.71 -4.70
N LEU C 49 15.07 -8.91 -4.99
CA LEU C 49 14.27 -8.29 -3.94
C LEU C 49 13.31 -9.33 -3.39
N LEU C 50 12.41 -9.81 -4.24
CA LEU C 50 11.47 -10.83 -3.85
C LEU C 50 12.18 -12.18 -3.91
N LYS C 51 12.68 -12.59 -2.76
CA LYS C 51 13.45 -13.81 -2.63
C LYS C 51 12.62 -15.08 -2.77
N ASP C 52 11.30 -14.95 -2.65
CA ASP C 52 10.42 -16.11 -2.77
C ASP C 52 9.71 -16.11 -4.11
N VAL C 53 10.12 -17.02 -4.98
CA VAL C 53 9.51 -17.14 -6.29
C VAL C 53 8.88 -18.52 -6.43
N GLY C 54 8.80 -19.23 -5.31
CA GLY C 54 8.22 -20.56 -5.30
C GLY C 54 6.82 -20.55 -4.75
N SER C 55 6.65 -19.91 -3.60
CA SER C 55 5.35 -19.82 -2.95
C SER C 55 4.66 -18.52 -3.35
N LEU C 56 4.92 -18.07 -4.58
CA LEU C 56 4.32 -16.85 -5.10
C LEU C 56 2.79 -16.95 -5.08
N ASP C 57 2.30 -18.17 -5.22
CA ASP C 57 0.86 -18.43 -5.21
C ASP C 57 0.24 -17.96 -3.88
N GLU C 58 1.00 -18.10 -2.81
CA GLU C 58 0.55 -17.68 -1.49
C GLU C 58 0.46 -16.17 -1.45
N LYS C 59 1.51 -15.51 -1.90
CA LYS C 59 1.58 -14.06 -1.92
C LYS C 59 0.47 -13.50 -2.79
N MET C 60 0.23 -14.14 -3.93
CA MET C 60 -0.81 -13.72 -4.87
C MET C 60 -2.18 -13.74 -4.19
N LYS C 61 -2.47 -14.83 -3.48
CA LYS C 61 -3.75 -14.97 -2.79
C LYS C 61 -3.87 -13.94 -1.66
N SER C 62 -2.74 -13.60 -1.06
CA SER C 62 -2.71 -12.65 0.04
C SER C 62 -2.88 -11.22 -0.48
N LEU C 63 -2.52 -11.00 -1.74
CA LEU C 63 -2.64 -9.69 -2.34
C LEU C 63 -4.04 -9.49 -2.91
N ASP C 64 -4.56 -10.52 -3.55
CA ASP C 64 -5.90 -10.46 -4.13
C ASP C 64 -6.95 -10.81 -3.10
N VAL C 65 -7.56 -9.78 -2.53
CA VAL C 65 -8.58 -9.96 -1.52
C VAL C 65 -9.92 -10.29 -2.17
N ASN C 66 -9.99 -10.21 -3.49
CA ASN C 66 -11.21 -10.51 -4.23
C ASN C 66 -11.28 -12.01 -4.47
N GLN C 67 -10.12 -12.64 -4.53
CA GLN C 67 -9.98 -14.07 -4.74
C GLN C 67 -10.49 -14.47 -6.12
N ASP C 68 -10.36 -13.56 -7.09
CA ASP C 68 -10.81 -13.83 -8.44
C ASP C 68 -9.63 -14.09 -9.36
N SER C 69 -8.43 -14.01 -8.78
CA SER C 69 -7.17 -14.26 -9.49
C SER C 69 -6.82 -13.16 -10.48
N GLU C 70 -7.35 -11.96 -10.25
CA GLU C 70 -7.06 -10.84 -11.13
C GLU C 70 -6.61 -9.65 -10.30
N LEU C 71 -5.30 -9.39 -10.31
CA LEU C 71 -4.73 -8.28 -9.55
C LEU C 71 -5.00 -6.96 -10.26
N LYS C 72 -5.97 -6.21 -9.74
CA LYS C 72 -6.32 -4.93 -10.33
C LYS C 72 -5.34 -3.85 -9.89
N PHE C 73 -5.59 -2.61 -10.32
CA PHE C 73 -4.72 -1.49 -9.96
C PHE C 73 -4.97 -1.05 -8.52
N ASN C 74 -4.78 -1.99 -7.61
CA ASN C 74 -4.98 -1.76 -6.19
C ASN C 74 -4.28 -2.87 -5.41
N GLU C 75 -4.68 -4.09 -5.69
CA GLU C 75 -4.13 -5.27 -5.04
C GLU C 75 -2.70 -5.51 -5.52
N TYR C 76 -2.43 -5.16 -6.77
CA TYR C 76 -1.11 -5.34 -7.35
C TYR C 76 -0.05 -4.49 -6.65
N TRP C 77 -0.41 -3.26 -6.30
CA TRP C 77 0.54 -2.35 -5.67
C TRP C 77 0.99 -2.88 -4.31
N ARG C 78 0.20 -3.75 -3.71
CA ARG C 78 0.54 -4.34 -2.43
C ARG C 78 1.88 -5.05 -2.50
N LEU C 79 2.19 -5.61 -3.67
CA LEU C 79 3.46 -6.30 -3.88
C LEU C 79 4.61 -5.30 -3.78
N ILE C 80 4.43 -4.15 -4.41
CA ILE C 80 5.44 -3.09 -4.40
C ILE C 80 5.66 -2.58 -2.98
N GLY C 81 4.58 -2.52 -2.22
CA GLY C 81 4.67 -2.06 -0.85
C GLY C 81 5.41 -3.05 0.03
N GLU C 82 5.32 -4.33 -0.30
CA GLU C 82 5.98 -5.38 0.46
C GLU C 82 7.48 -5.41 0.16
N LEU C 83 7.84 -5.42 -1.11
CA LEU C 83 9.25 -5.46 -1.50
C LEU C 83 9.99 -4.20 -1.06
N ALA C 84 9.24 -3.11 -0.91
CA ALA C 84 9.83 -1.85 -0.48
C ALA C 84 10.15 -1.87 1.01
N LYS C 85 9.35 -2.61 1.78
CA LYS C 85 9.56 -2.68 3.22
C LYS C 85 10.59 -3.75 3.56
N GLU C 86 10.80 -4.69 2.63
CA GLU C 86 11.76 -5.77 2.83
C GLU C 86 13.19 -5.25 2.97
N ILE C 87 13.42 -4.01 2.55
CA ILE C 87 14.73 -3.41 2.65
C ILE C 87 15.03 -3.00 4.09
N ARG C 88 13.99 -2.85 4.89
CA ARG C 88 14.16 -2.47 6.29
C ARG C 88 13.66 -3.60 7.21
N LYS C 89 12.72 -4.38 6.73
CA LYS C 89 12.18 -5.50 7.50
C LYS C 89 12.57 -6.82 6.84
N LYS C 90 13.32 -7.62 7.57
CA LYS C 90 13.80 -8.91 7.08
C LYS C 90 12.63 -9.89 6.85
N LYS C 91 12.02 -10.35 7.93
CA LYS C 91 10.90 -11.28 7.85
C LYS C 91 10.01 -11.07 9.06
N ASP C 92 10.19 -9.93 9.68
CA ASP C 92 9.47 -9.56 10.88
C ASP C 92 8.08 -9.02 10.53
N LEU C 93 7.28 -9.85 9.87
CA LEU C 93 5.93 -9.47 9.48
C LEU C 93 5.01 -10.70 9.46
N LYS C 94 4.19 -10.83 8.42
CA LYS C 94 3.24 -11.93 8.26
C LYS C 94 2.00 -11.72 9.14
N ILE C 95 2.23 -11.58 10.46
CA ILE C 95 1.17 -11.36 11.46
C ILE C 95 -0.06 -12.26 11.24
N ARG C 96 -1.22 -11.80 11.71
CA ARG C 96 -2.46 -12.54 11.57
C ARG C 96 -3.65 -11.68 12.02
N LYS C 97 -4.37 -11.12 11.06
CA LYS C 97 -5.53 -10.29 11.35
C LYS C 97 -6.51 -10.35 10.19
N LYS C 98 -7.79 -10.57 10.51
CA LYS C 98 -8.82 -10.65 9.50
C LYS C 98 -9.73 -9.43 9.56
N GLU D 1 17.58 -27.50 -13.56
CA GLU D 1 16.98 -27.55 -12.21
C GLU D 1 18.08 -27.37 -11.15
N LYS D 2 18.13 -26.19 -10.55
CA LYS D 2 19.13 -25.91 -9.54
C LYS D 2 18.51 -25.88 -8.14
N LEU D 3 19.08 -26.69 -7.24
CA LEU D 3 18.62 -26.75 -5.87
C LEU D 3 19.79 -26.55 -4.92
N GLY D 4 21.00 -26.67 -5.45
CA GLY D 4 22.20 -26.49 -4.65
C GLY D 4 23.07 -27.74 -4.66
N LYS D 5 23.81 -27.93 -3.59
CA LYS D 5 24.69 -29.09 -3.46
C LYS D 5 24.54 -29.70 -2.08
N LEU D 6 24.67 -31.00 -1.99
CA LEU D 6 24.54 -31.69 -0.70
C LEU D 6 25.70 -32.65 -0.47
N GLN D 7 26.20 -32.66 0.76
CA GLN D 7 27.29 -33.52 1.14
C GLN D 7 26.74 -34.67 1.99
N TYR D 8 27.09 -35.89 1.64
CA TYR D 8 26.58 -37.04 2.39
C TYR D 8 27.52 -38.24 2.30
N SER D 9 27.49 -39.06 3.33
CA SER D 9 28.31 -40.26 3.41
C SER D 9 27.42 -41.49 3.40
N LEU D 10 27.83 -42.51 2.65
CA LEU D 10 27.07 -43.74 2.57
C LEU D 10 27.91 -44.93 2.99
N ASP D 11 27.42 -45.68 3.96
CA ASP D 11 28.11 -46.87 4.44
C ASP D 11 27.12 -48.00 4.59
N TYR D 12 27.60 -49.23 4.50
CA TYR D 12 26.73 -50.39 4.62
C TYR D 12 27.02 -51.17 5.89
N ASP D 13 26.03 -51.90 6.37
CA ASP D 13 26.19 -52.72 7.57
C ASP D 13 25.59 -54.10 7.34
N PHE D 14 26.31 -55.12 7.74
CA PHE D 14 25.88 -56.50 7.56
C PHE D 14 25.32 -57.12 8.84
N GLN D 15 25.33 -56.38 9.94
CA GLN D 15 24.83 -56.90 11.20
C GLN D 15 23.31 -56.73 11.26
N ASN D 16 22.84 -55.65 10.67
CA ASN D 16 21.41 -55.36 10.64
C ASN D 16 20.87 -55.41 9.21
N ASN D 17 21.79 -55.61 8.27
CA ASN D 17 21.45 -55.70 6.84
C ASN D 17 20.70 -54.46 6.36
N GLN D 18 21.43 -53.36 6.24
CA GLN D 18 20.85 -52.10 5.77
C GLN D 18 21.96 -51.13 5.38
N LEU D 19 21.56 -50.00 4.81
CA LEU D 19 22.52 -48.98 4.40
C LEU D 19 22.36 -47.74 5.27
N LEU D 20 23.46 -47.22 5.75
CA LEU D 20 23.45 -46.04 6.59
C LEU D 20 23.67 -44.79 5.75
N VAL D 21 22.68 -43.92 5.74
CA VAL D 21 22.76 -42.69 4.98
C VAL D 21 23.04 -41.51 5.91
N GLY D 22 24.26 -41.01 5.86
CA GLY D 22 24.64 -39.89 6.69
C GLY D 22 24.70 -38.60 5.89
N ILE D 23 23.58 -37.89 5.86
CA ILE D 23 23.51 -36.63 5.13
C ILE D 23 24.09 -35.50 5.98
N ILE D 24 25.30 -35.08 5.62
CA ILE D 24 25.99 -34.03 6.36
C ILE D 24 25.18 -32.74 6.35
N GLN D 25 24.93 -32.19 5.16
CA GLN D 25 24.18 -30.95 5.04
C GLN D 25 23.94 -30.59 3.58
N ALA D 26 23.15 -29.55 3.38
CA ALA D 26 22.83 -29.04 2.06
C ALA D 26 23.13 -27.54 2.02
N ALA D 27 23.54 -27.05 0.86
CA ALA D 27 23.86 -25.63 0.73
C ALA D 27 23.26 -25.04 -0.54
N GLU D 28 23.03 -23.72 -0.49
CA GLU D 28 22.48 -22.97 -1.62
C GLU D 28 21.03 -23.35 -1.94
N LEU D 29 20.26 -23.61 -0.89
CA LEU D 29 18.86 -23.98 -1.06
C LEU D 29 18.02 -22.75 -1.37
N PRO D 30 17.15 -22.82 -2.40
CA PRO D 30 16.27 -21.71 -2.77
C PRO D 30 15.29 -21.32 -1.67
N ALA D 31 14.78 -20.09 -1.73
CA ALA D 31 13.85 -19.58 -0.74
C ALA D 31 12.41 -19.85 -1.15
N LEU D 32 11.65 -20.46 -0.24
CA LEU D 32 10.25 -20.78 -0.48
C LEU D 32 9.35 -19.99 0.46
N ASP D 33 9.96 -19.06 1.20
CA ASP D 33 9.23 -18.22 2.15
C ASP D 33 9.74 -16.79 2.09
N MET D 34 8.94 -15.87 2.60
CA MET D 34 9.30 -14.45 2.59
C MET D 34 10.55 -14.22 3.42
N GLY D 35 11.32 -13.20 3.06
CA GLY D 35 12.53 -12.89 3.77
C GLY D 35 13.71 -13.66 3.22
N GLY D 36 13.42 -14.65 2.39
CA GLY D 36 14.47 -15.45 1.79
C GLY D 36 15.00 -16.51 2.72
N THR D 37 14.14 -17.03 3.58
CA THR D 37 14.53 -18.06 4.54
C THR D 37 13.44 -19.11 4.69
N SER D 38 13.63 -20.24 4.02
CA SER D 38 12.67 -21.34 4.08
C SER D 38 13.01 -22.31 5.22
N ASP D 39 12.16 -23.31 5.40
CA ASP D 39 12.36 -24.33 6.43
C ASP D 39 12.54 -25.69 5.75
N PRO D 40 13.71 -25.95 5.17
CA PRO D 40 13.98 -27.18 4.43
C PRO D 40 14.37 -28.38 5.30
N TYR D 41 13.56 -29.42 5.21
CA TYR D 41 13.81 -30.67 5.91
C TYR D 41 13.71 -31.82 4.91
N VAL D 42 14.74 -32.65 4.86
CA VAL D 42 14.77 -33.75 3.93
C VAL D 42 14.03 -34.97 4.46
N LYS D 43 13.22 -35.56 3.59
CA LYS D 43 12.45 -36.74 3.93
C LYS D 43 12.85 -37.85 2.96
N VAL D 44 13.34 -38.95 3.51
CA VAL D 44 13.78 -40.06 2.68
C VAL D 44 12.61 -40.90 2.21
N PHE D 45 12.43 -40.95 0.91
CA PHE D 45 11.37 -41.73 0.32
C PHE D 45 11.96 -42.81 -0.57
N LEU D 46 11.13 -43.73 -1.02
CA LEU D 46 11.58 -44.82 -1.88
C LEU D 46 10.57 -45.06 -2.99
N LEU D 47 10.87 -46.03 -3.84
CA LEU D 47 10.01 -46.44 -4.94
C LEU D 47 8.85 -47.29 -4.36
N PRO D 48 8.07 -48.07 -5.17
CA PRO D 48 6.98 -48.91 -4.63
C PRO D 48 7.38 -49.82 -3.46
N ASP D 49 8.68 -49.84 -3.14
CA ASP D 49 9.19 -50.61 -2.02
C ASP D 49 8.47 -50.18 -0.76
N LYS D 50 8.49 -48.88 -0.51
CA LYS D 50 7.83 -48.24 0.63
C LYS D 50 8.07 -48.98 1.94
N LYS D 51 9.26 -49.54 2.11
CA LYS D 51 9.60 -50.24 3.34
C LYS D 51 10.54 -49.38 4.16
N LYS D 52 10.40 -48.06 4.00
CA LYS D 52 11.22 -47.10 4.71
C LYS D 52 10.71 -45.69 4.43
N LYS D 53 10.83 -44.83 5.44
CA LYS D 53 10.40 -43.44 5.34
C LYS D 53 10.77 -42.72 6.63
N PHE D 54 11.56 -41.67 6.52
CA PHE D 54 11.99 -40.93 7.69
C PHE D 54 12.14 -39.44 7.39
N GLU D 55 11.64 -38.60 8.28
CA GLU D 55 11.74 -37.17 8.13
C GLU D 55 12.80 -36.63 9.08
N THR D 56 13.67 -35.78 8.58
CA THR D 56 14.73 -35.19 9.41
C THR D 56 14.15 -34.12 10.34
N LYS D 57 15.01 -33.49 11.12
CA LYS D 57 14.57 -32.47 12.05
C LYS D 57 14.22 -31.21 11.27
N VAL D 58 13.11 -30.58 11.62
CA VAL D 58 12.68 -29.37 10.93
C VAL D 58 13.69 -28.24 11.15
N HIS D 59 14.45 -27.94 10.10
CA HIS D 59 15.44 -26.87 10.15
C HIS D 59 14.77 -25.58 9.68
N ARG D 60 14.18 -24.86 10.62
CA ARG D 60 13.47 -23.62 10.31
C ARG D 60 14.39 -22.46 9.95
N LYS D 61 13.94 -21.67 8.98
CA LYS D 61 14.64 -20.47 8.51
C LYS D 61 16.14 -20.67 8.34
N THR D 62 16.53 -21.37 7.29
CA THR D 62 17.94 -21.59 7.01
C THR D 62 18.12 -22.21 5.63
N LEU D 63 19.04 -21.64 4.86
CA LEU D 63 19.34 -22.14 3.52
C LEU D 63 20.60 -22.98 3.56
N ASN D 64 21.11 -23.17 4.77
CA ASN D 64 22.31 -23.97 5.01
C ASN D 64 22.09 -24.84 6.24
N PRO D 65 21.19 -25.83 6.14
CA PRO D 65 20.84 -26.72 7.25
C PRO D 65 21.94 -27.72 7.58
N VAL D 66 22.55 -27.53 8.75
CA VAL D 66 23.61 -28.42 9.22
C VAL D 66 23.11 -29.19 10.43
N PHE D 67 23.18 -30.52 10.35
CA PHE D 67 22.72 -31.37 11.45
C PHE D 67 23.28 -32.77 11.30
N ASN D 68 23.13 -33.35 10.11
CA ASN D 68 23.60 -34.70 9.79
C ASN D 68 22.74 -35.75 10.50
N GLU D 69 21.49 -35.85 10.09
CA GLU D 69 20.57 -36.82 10.65
C GLU D 69 20.90 -38.22 10.14
N GLN D 70 20.65 -39.22 10.96
CA GLN D 70 20.93 -40.59 10.59
C GLN D 70 19.68 -41.30 10.06
N PHE D 71 19.79 -41.85 8.86
CA PHE D 71 18.68 -42.58 8.26
C PHE D 71 19.01 -44.06 8.17
N THR D 72 18.03 -44.91 8.38
CA THR D 72 18.23 -46.35 8.33
C THR D 72 17.57 -46.94 7.08
N PHE D 73 18.38 -47.26 6.08
CA PHE D 73 17.87 -47.84 4.84
C PHE D 73 17.56 -49.31 5.07
N LYS D 74 16.46 -49.55 5.77
CA LYS D 74 16.01 -50.90 6.11
C LYS D 74 15.70 -51.74 4.87
N VAL D 75 16.72 -52.41 4.35
CA VAL D 75 16.62 -53.27 3.20
C VAL D 75 17.96 -53.98 3.00
N PRO D 76 17.93 -55.31 2.78
CA PRO D 76 19.15 -56.10 2.58
C PRO D 76 19.92 -55.66 1.35
N TYR D 77 21.24 -55.80 1.40
CA TYR D 77 22.11 -55.44 0.29
C TYR D 77 21.76 -56.24 -0.96
N SER D 78 21.15 -57.40 -0.74
CA SER D 78 20.73 -58.29 -1.81
C SER D 78 19.55 -57.72 -2.59
N GLU D 79 18.93 -56.68 -2.02
CA GLU D 79 17.80 -56.03 -2.65
C GLU D 79 18.17 -54.61 -3.05
N LEU D 80 19.42 -54.24 -2.81
CA LEU D 80 19.91 -52.91 -3.13
C LEU D 80 19.97 -52.70 -4.64
N GLY D 81 20.18 -53.79 -5.38
CA GLY D 81 20.26 -53.71 -6.83
C GLY D 81 18.94 -53.26 -7.44
N GLY D 82 17.86 -53.37 -6.68
CA GLY D 82 16.57 -52.97 -7.15
C GLY D 82 15.91 -51.98 -6.20
N LYS D 83 16.74 -51.22 -5.50
CA LYS D 83 16.23 -50.26 -4.53
C LYS D 83 16.89 -48.88 -4.71
N THR D 84 16.30 -48.07 -5.57
CA THR D 84 16.79 -46.72 -5.82
C THR D 84 16.15 -45.75 -4.83
N LEU D 85 16.97 -45.07 -4.04
CA LEU D 85 16.47 -44.14 -3.05
C LEU D 85 16.16 -42.77 -3.66
N VAL D 86 15.17 -42.10 -3.11
CA VAL D 86 14.78 -40.78 -3.56
C VAL D 86 14.64 -39.83 -2.38
N MET D 87 15.64 -38.99 -2.18
CA MET D 87 15.63 -38.05 -1.07
C MET D 87 15.07 -36.70 -1.52
N ALA D 88 13.92 -36.35 -0.98
CA ALA D 88 13.26 -35.10 -1.32
C ALA D 88 13.32 -34.11 -0.16
N VAL D 89 13.57 -32.85 -0.48
CA VAL D 89 13.63 -31.82 0.53
C VAL D 89 12.34 -31.00 0.53
N TYR D 90 11.66 -31.01 1.66
CA TYR D 90 10.41 -30.28 1.79
C TYR D 90 10.59 -29.05 2.66
N ASP D 91 9.76 -28.04 2.43
CA ASP D 91 9.81 -26.81 3.20
C ASP D 91 8.71 -26.82 4.26
N PHE D 92 8.80 -25.94 5.24
CA PHE D 92 7.81 -25.85 6.29
C PHE D 92 7.40 -24.39 6.48
N ASP D 93 6.72 -23.85 5.47
CA ASP D 93 6.24 -22.47 5.46
C ASP D 93 5.45 -22.12 6.72
N ARG D 94 4.61 -23.05 7.17
CA ARG D 94 3.79 -22.86 8.36
C ARG D 94 2.76 -21.76 8.16
N PHE D 95 2.29 -21.59 6.93
CA PHE D 95 1.31 -20.54 6.64
C PHE D 95 0.24 -21.01 5.65
N SER D 96 0.64 -21.27 4.42
CA SER D 96 -0.31 -21.69 3.40
C SER D 96 -0.04 -23.11 2.91
N LYS D 97 0.86 -23.27 1.95
CA LYS D 97 1.15 -24.59 1.40
C LYS D 97 2.59 -24.68 0.89
N HIS D 98 3.46 -25.24 1.72
CA HIS D 98 4.86 -25.44 1.36
C HIS D 98 4.99 -26.47 0.24
N ASP D 99 5.98 -26.28 -0.61
CA ASP D 99 6.18 -27.20 -1.72
C ASP D 99 7.57 -27.85 -1.65
N ILE D 100 7.83 -28.80 -2.52
CA ILE D 100 9.11 -29.48 -2.57
C ILE D 100 10.13 -28.61 -3.29
N ILE D 101 11.32 -28.51 -2.71
CA ILE D 101 12.38 -27.69 -3.31
C ILE D 101 13.16 -28.50 -4.33
N GLY D 102 13.15 -29.82 -4.17
CA GLY D 102 13.85 -30.70 -5.08
C GLY D 102 14.10 -32.05 -4.48
N GLU D 103 14.64 -32.96 -5.27
CA GLU D 103 14.92 -34.31 -4.81
C GLU D 103 15.98 -34.98 -5.67
N PHE D 104 17.02 -35.51 -5.04
CA PHE D 104 18.08 -36.18 -5.76
C PHE D 104 17.93 -37.69 -5.62
N LYS D 105 18.42 -38.43 -6.60
CA LYS D 105 18.30 -39.88 -6.57
C LYS D 105 19.44 -40.53 -7.36
N VAL D 106 19.75 -41.76 -7.01
CA VAL D 106 20.80 -42.51 -7.67
C VAL D 106 20.55 -44.01 -7.46
N PRO D 107 20.56 -44.79 -8.56
CA PRO D 107 20.34 -46.23 -8.49
C PRO D 107 21.41 -46.93 -7.67
N MET D 108 21.00 -47.54 -6.56
CA MET D 108 21.93 -48.23 -5.67
C MET D 108 22.56 -49.43 -6.35
N ASN D 109 21.98 -49.83 -7.48
CA ASN D 109 22.50 -50.95 -8.26
C ASN D 109 23.87 -50.60 -8.83
N THR D 110 24.03 -49.34 -9.21
CA THR D 110 25.28 -48.86 -9.77
C THR D 110 26.26 -48.47 -8.66
N VAL D 111 25.74 -48.38 -7.45
CA VAL D 111 26.57 -48.02 -6.30
C VAL D 111 27.13 -49.26 -5.64
N ASP D 112 28.44 -49.39 -5.66
CA ASP D 112 29.10 -50.54 -5.05
C ASP D 112 29.18 -50.35 -3.55
N PHE D 113 28.98 -51.44 -2.81
CA PHE D 113 29.02 -51.37 -1.36
C PHE D 113 30.31 -51.97 -0.82
N GLY D 114 31.43 -51.61 -1.45
CA GLY D 114 32.72 -52.11 -1.03
C GLY D 114 33.09 -51.64 0.36
N HIS D 115 32.93 -50.35 0.61
CA HIS D 115 33.24 -49.79 1.91
C HIS D 115 32.37 -48.58 2.20
N VAL D 116 32.78 -47.43 1.70
CA VAL D 116 32.03 -46.20 1.90
C VAL D 116 31.95 -45.38 0.62
N THR D 117 30.81 -44.74 0.42
CA THR D 117 30.59 -43.91 -0.75
C THR D 117 30.35 -42.46 -0.32
N GLU D 118 31.28 -41.59 -0.69
CA GLU D 118 31.17 -40.18 -0.36
C GLU D 118 31.37 -39.33 -1.61
N GLU D 119 30.39 -38.49 -1.89
CA GLU D 119 30.46 -37.62 -3.06
C GLU D 119 29.63 -36.37 -2.84
N TRP D 120 29.97 -35.32 -3.57
CA TRP D 120 29.25 -34.06 -3.47
C TRP D 120 28.13 -34.04 -4.52
N ARG D 121 27.03 -34.68 -4.16
CA ARG D 121 25.88 -34.78 -5.05
C ARG D 121 25.20 -33.44 -5.30
N ASP D 122 24.88 -33.20 -6.55
CA ASP D 122 24.20 -31.99 -6.97
C ASP D 122 22.71 -32.12 -6.67
N LEU D 123 22.08 -31.03 -6.33
CA LEU D 123 20.67 -31.04 -6.02
C LEU D 123 19.84 -30.50 -7.18
N GLN D 124 18.81 -31.24 -7.55
CA GLN D 124 17.94 -30.87 -8.67
C GLN D 124 16.53 -30.53 -8.16
N SER D 125 16.02 -29.39 -8.60
CA SER D 125 14.69 -28.95 -8.19
C SER D 125 13.62 -29.62 -9.04
N ALA D 126 13.30 -30.86 -8.70
CA ALA D 126 12.29 -31.61 -9.43
C ALA D 126 10.90 -31.22 -8.97
N GLU D 127 10.14 -30.60 -9.86
CA GLU D 127 8.78 -30.15 -9.56
C GLU D 127 7.84 -31.34 -9.40
N LYS D 128 7.37 -31.55 -8.18
CA LYS D 128 6.46 -32.64 -7.88
C LYS D 128 5.09 -32.09 -7.54
N GLU A 1 -25.50 33.80 -13.71
CA GLU A 1 -24.65 33.41 -12.57
C GLU A 1 -25.43 32.48 -11.64
N LYS A 2 -25.25 31.18 -11.81
CA LYS A 2 -25.95 30.22 -10.99
C LYS A 2 -25.04 29.60 -9.92
N LEU A 3 -25.42 29.77 -8.67
CA LEU A 3 -24.66 29.21 -7.56
C LEU A 3 -25.48 28.11 -6.89
N GLY A 4 -26.75 28.02 -7.29
CA GLY A 4 -27.64 27.03 -6.74
C GLY A 4 -28.77 27.64 -5.96
N LYS A 5 -29.20 26.96 -4.91
CA LYS A 5 -30.29 27.43 -4.06
C LYS A 5 -29.99 27.11 -2.61
N LEU A 6 -30.40 28.00 -1.72
CA LEU A 6 -30.17 27.82 -0.29
C LEU A 6 -31.49 27.92 0.47
N GLN A 7 -31.73 26.95 1.33
CA GLN A 7 -32.94 26.92 2.14
C GLN A 7 -32.60 27.47 3.53
N TYR A 8 -33.40 28.40 4.01
CA TYR A 8 -33.14 28.99 5.32
C TYR A 8 -34.41 29.42 6.04
N SER A 9 -34.30 29.55 7.35
CA SER A 9 -35.40 29.96 8.20
C SER A 9 -34.91 31.03 9.17
N LEU A 10 -35.44 32.25 9.04
CA LEU A 10 -35.04 33.35 9.90
C LEU A 10 -36.14 33.72 10.88
N ASP A 11 -35.76 33.94 12.12
CA ASP A 11 -36.71 34.33 13.16
C ASP A 11 -36.14 35.51 13.94
N TYR A 12 -37.00 36.29 14.57
CA TYR A 12 -36.56 37.47 15.32
C TYR A 12 -36.57 37.21 16.83
N ASP A 13 -35.58 37.76 17.51
CA ASP A 13 -35.48 37.63 18.96
C ASP A 13 -35.31 39.00 19.59
N PHE A 14 -36.27 39.39 20.41
CA PHE A 14 -36.23 40.69 21.05
C PHE A 14 -35.68 40.61 22.47
N GLN A 15 -35.36 39.40 22.93
CA GLN A 15 -34.82 39.23 24.27
C GLN A 15 -33.38 39.73 24.32
N ASN A 16 -32.68 39.59 23.21
CA ASN A 16 -31.29 40.03 23.11
C ASN A 16 -31.12 40.98 21.93
N ASN A 17 -32.26 41.40 21.36
CA ASN A 17 -32.29 42.32 20.22
C ASN A 17 -31.41 41.87 19.07
N GLN A 18 -31.85 40.83 18.36
CA GLN A 18 -31.08 40.31 17.24
C GLN A 18 -31.96 39.41 16.36
N LEU A 19 -31.45 39.06 15.19
CA LEU A 19 -32.17 38.19 14.27
C LEU A 19 -31.47 36.84 14.17
N LEU A 20 -32.23 35.78 14.35
CA LEU A 20 -31.68 34.44 14.30
C LEU A 20 -31.66 33.95 12.86
N VAL A 21 -30.47 33.95 12.26
CA VAL A 21 -30.29 33.50 10.91
C VAL A 21 -29.94 32.02 10.89
N GLY A 22 -30.95 31.19 10.64
CA GLY A 22 -30.73 29.75 10.59
C GLY A 22 -30.77 29.21 9.19
N ILE A 23 -29.61 28.94 8.63
CA ILE A 23 -29.50 28.41 7.28
C ILE A 23 -29.58 26.89 7.33
N ILE A 24 -30.53 26.32 6.59
CA ILE A 24 -30.71 24.88 6.58
C ILE A 24 -29.63 24.18 5.76
N GLN A 25 -29.61 24.42 4.46
CA GLN A 25 -28.63 23.80 3.58
C GLN A 25 -28.56 24.52 2.24
N ALA A 26 -27.55 24.18 1.47
CA ALA A 26 -27.35 24.75 0.15
C ALA A 26 -27.12 23.63 -0.85
N ALA A 27 -27.61 23.81 -2.07
CA ALA A 27 -27.45 22.80 -3.09
C ALA A 27 -27.04 23.41 -4.43
N GLU A 28 -26.55 22.56 -5.33
CA GLU A 28 -26.12 22.96 -6.66
C GLU A 28 -24.89 23.85 -6.63
N LEU A 29 -24.02 23.64 -5.66
CA LEU A 29 -22.81 24.44 -5.52
C LEU A 29 -21.75 23.99 -6.54
N PRO A 30 -20.97 24.93 -7.09
CA PRO A 30 -19.92 24.63 -8.08
C PRO A 30 -18.72 23.91 -7.46
N ALA A 31 -18.01 23.16 -8.30
CA ALA A 31 -16.84 22.42 -7.86
C ALA A 31 -15.60 23.29 -7.88
N LEU A 32 -14.75 23.14 -6.87
CA LEU A 32 -13.52 23.92 -6.78
C LEU A 32 -12.30 23.02 -6.64
N ASP A 33 -12.28 22.21 -5.58
CA ASP A 33 -11.18 21.30 -5.30
C ASP A 33 -10.99 20.29 -6.44
N MET A 34 -9.78 19.76 -6.54
CA MET A 34 -9.45 18.80 -7.57
C MET A 34 -10.12 17.46 -7.30
N GLY A 35 -11.07 17.11 -8.15
CA GLY A 35 -11.79 15.87 -7.99
C GLY A 35 -13.26 16.02 -8.30
N GLY A 36 -13.72 17.27 -8.36
CA GLY A 36 -15.11 17.53 -8.66
C GLY A 36 -15.92 17.82 -7.41
N THR A 37 -15.24 18.30 -6.39
CA THR A 37 -15.88 18.63 -5.12
C THR A 37 -15.34 19.95 -4.59
N SER A 38 -15.88 20.42 -3.49
CA SER A 38 -15.43 21.67 -2.89
C SER A 38 -15.62 21.62 -1.38
N ASP A 39 -15.04 22.58 -0.68
CA ASP A 39 -15.18 22.69 0.77
C ASP A 39 -15.88 24.00 1.07
N PRO A 40 -17.20 24.08 0.80
CA PRO A 40 -17.96 25.30 0.98
C PRO A 40 -18.44 25.56 2.40
N TYR A 41 -18.05 26.70 2.91
CA TYR A 41 -18.45 27.17 4.22
C TYR A 41 -18.85 28.64 4.10
N VAL A 42 -20.06 28.95 4.51
CA VAL A 42 -20.57 30.31 4.38
C VAL A 42 -20.15 31.21 5.54
N LYS A 43 -19.83 32.44 5.21
CA LYS A 43 -19.45 33.42 6.20
C LYS A 43 -20.22 34.71 5.92
N VAL A 44 -20.70 35.32 6.99
CA VAL A 44 -21.51 36.52 6.86
C VAL A 44 -20.66 37.78 6.64
N PHE A 45 -21.10 38.60 5.72
CA PHE A 45 -20.46 39.85 5.41
C PHE A 45 -21.48 40.97 5.52
N LEU A 46 -21.15 42.00 6.27
CA LEU A 46 -22.07 43.10 6.47
C LEU A 46 -21.58 44.37 5.80
N LEU A 47 -22.43 45.38 5.86
CA LEU A 47 -22.15 46.70 5.31
C LEU A 47 -21.19 47.42 6.28
N PRO A 48 -20.93 48.75 6.14
CA PRO A 48 -20.05 49.50 7.06
C PRO A 48 -20.39 49.34 8.55
N ASP A 49 -21.46 48.59 8.85
CA ASP A 49 -21.87 48.31 10.23
C ASP A 49 -20.71 47.63 10.97
N LYS A 50 -20.21 46.55 10.37
CA LYS A 50 -19.08 45.77 10.89
C LYS A 50 -19.20 45.40 12.37
N LYS A 51 -20.41 45.19 12.85
CA LYS A 51 -20.61 44.83 14.25
C LYS A 51 -20.95 43.35 14.38
N LYS A 52 -20.43 42.53 13.46
CA LYS A 52 -20.70 41.10 13.47
C LYS A 52 -19.83 40.37 12.45
N LYS A 53 -19.34 39.20 12.84
CA LYS A 53 -18.51 38.38 11.95
C LYS A 53 -18.55 36.93 12.43
N PHE A 54 -19.25 36.09 11.69
CA PHE A 54 -19.38 34.68 12.05
C PHE A 54 -19.00 33.78 10.87
N GLU A 55 -18.33 32.68 11.16
CA GLU A 55 -17.92 31.73 10.16
C GLU A 55 -18.48 30.35 10.51
N THR A 56 -19.10 29.69 9.54
CA THR A 56 -19.70 28.38 9.76
C THR A 56 -18.64 27.28 9.85
N LYS A 57 -19.10 26.03 9.88
CA LYS A 57 -18.21 24.88 9.97
C LYS A 57 -17.71 24.52 8.59
N VAL A 58 -16.43 24.18 8.49
CA VAL A 58 -15.85 23.80 7.21
C VAL A 58 -16.42 22.46 6.76
N HIS A 59 -17.32 22.51 5.79
CA HIS A 59 -17.93 21.31 5.24
C HIS A 59 -17.04 20.78 4.13
N ARG A 60 -15.98 20.09 4.53
CA ARG A 60 -15.00 19.54 3.59
C ARG A 60 -15.61 18.49 2.66
N LYS A 61 -15.29 18.65 1.37
CA LYS A 61 -15.73 17.74 0.31
C LYS A 61 -17.24 17.54 0.28
N THR A 62 -17.96 18.53 -0.25
CA THR A 62 -19.40 18.43 -0.36
C THR A 62 -19.95 19.51 -1.28
N LEU A 63 -21.08 19.22 -1.91
CA LEU A 63 -21.73 20.17 -2.79
C LEU A 63 -23.14 20.43 -2.28
N ASN A 64 -23.41 19.87 -1.12
CA ASN A 64 -24.70 20.01 -0.45
C ASN A 64 -24.49 20.02 1.05
N PRO A 65 -24.00 21.14 1.61
CA PRO A 65 -23.74 21.27 3.04
C PRO A 65 -25.02 21.25 3.87
N VAL A 66 -25.12 20.24 4.73
CA VAL A 66 -26.27 20.08 5.60
C VAL A 66 -25.84 20.06 7.07
N PHE A 67 -26.07 21.16 7.76
CA PHE A 67 -25.68 21.26 9.17
C PHE A 67 -26.64 22.18 9.93
N ASN A 68 -26.95 23.32 9.32
CA ASN A 68 -27.85 24.32 9.89
C ASN A 68 -27.16 25.06 11.04
N GLU A 69 -26.10 25.79 10.71
CA GLU A 69 -25.37 26.57 11.70
C GLU A 69 -26.20 27.77 12.14
N GLN A 70 -25.86 28.33 13.30
CA GLN A 70 -26.60 29.46 13.85
C GLN A 70 -25.79 30.76 13.81
N PHE A 71 -26.32 31.76 13.13
CA PHE A 71 -25.67 33.06 13.05
C PHE A 71 -26.46 34.09 13.84
N THR A 72 -25.80 34.72 14.79
CA THR A 72 -26.43 35.73 15.64
C THR A 72 -26.31 37.12 15.01
N PHE A 73 -27.39 37.60 14.43
CA PHE A 73 -27.41 38.92 13.81
C PHE A 73 -27.60 39.98 14.89
N LYS A 74 -26.55 40.18 15.68
CA LYS A 74 -26.56 41.14 16.79
C LYS A 74 -26.69 42.58 16.30
N VAL A 75 -27.92 43.06 16.25
CA VAL A 75 -28.22 44.42 15.84
C VAL A 75 -29.67 44.74 16.22
N PRO A 76 -29.90 45.93 16.79
CA PRO A 76 -31.25 46.34 17.20
C PRO A 76 -32.24 46.32 16.04
N TYR A 77 -33.46 45.90 16.33
CA TYR A 77 -34.51 45.83 15.31
C TYR A 77 -34.74 47.21 14.69
N SER A 78 -34.44 48.25 15.43
CA SER A 78 -34.60 49.62 14.96
C SER A 78 -33.55 49.95 13.90
N GLU A 79 -32.45 49.21 13.93
CA GLU A 79 -31.37 49.43 12.99
C GLU A 79 -31.48 48.46 11.82
N LEU A 80 -32.51 47.61 11.85
CA LEU A 80 -32.73 46.62 10.81
C LEU A 80 -33.13 47.30 9.49
N GLY A 81 -33.74 48.48 9.60
CA GLY A 81 -34.16 49.21 8.41
C GLY A 81 -32.99 49.59 7.53
N GLY A 82 -31.85 49.84 8.15
CA GLY A 82 -30.66 50.20 7.41
C GLY A 82 -29.54 49.22 7.63
N LYS A 83 -29.88 47.93 7.57
CA LYS A 83 -28.91 46.88 7.77
C LYS A 83 -29.17 45.72 6.81
N THR A 84 -28.41 45.68 5.73
CA THR A 84 -28.54 44.62 4.75
C THR A 84 -27.43 43.59 4.96
N LEU A 85 -27.80 42.38 5.32
CA LEU A 85 -26.83 41.32 5.56
C LEU A 85 -26.61 40.50 4.30
N VAL A 86 -25.37 40.10 4.06
CA VAL A 86 -25.03 39.30 2.92
C VAL A 86 -24.30 38.04 3.37
N MET A 87 -24.60 36.92 2.73
CA MET A 87 -23.97 35.67 3.06
C MET A 87 -23.19 35.17 1.86
N ALA A 88 -21.88 35.07 2.01
CA ALA A 88 -21.02 34.62 0.93
C ALA A 88 -20.48 33.23 1.22
N VAL A 89 -20.55 32.36 0.24
CA VAL A 89 -20.05 31.00 0.39
C VAL A 89 -18.59 30.94 -0.02
N TYR A 90 -17.75 30.49 0.90
CA TYR A 90 -16.32 30.40 0.65
C TYR A 90 -15.91 28.94 0.54
N ASP A 91 -14.83 28.69 -0.16
CA ASP A 91 -14.31 27.34 -0.33
C ASP A 91 -13.05 27.18 0.52
N PHE A 92 -12.70 25.94 0.84
CA PHE A 92 -11.50 25.69 1.65
C PHE A 92 -10.70 24.53 1.06
N ASP A 93 -10.42 24.62 -0.24
CA ASP A 93 -9.64 23.60 -0.96
C ASP A 93 -8.26 23.41 -0.33
N ARG A 94 -7.84 24.41 0.46
CA ARG A 94 -6.56 24.39 1.18
C ARG A 94 -5.35 24.42 0.25
N PHE A 95 -5.50 24.98 -0.93
CA PHE A 95 -4.38 25.07 -1.85
C PHE A 95 -4.44 26.34 -2.67
N SER A 96 -5.46 26.44 -3.50
CA SER A 96 -5.65 27.59 -4.34
C SER A 96 -6.24 28.73 -3.53
N LYS A 97 -6.16 29.94 -4.06
CA LYS A 97 -6.71 31.09 -3.37
C LYS A 97 -8.20 31.16 -3.66
N HIS A 98 -8.92 30.21 -3.08
CA HIS A 98 -10.37 30.09 -3.24
C HIS A 98 -11.07 31.43 -3.13
N ASP A 99 -11.83 31.76 -4.16
CA ASP A 99 -12.56 33.01 -4.25
C ASP A 99 -14.03 32.79 -3.89
N ILE A 100 -14.77 33.89 -3.69
CA ILE A 100 -16.19 33.79 -3.36
C ILE A 100 -16.96 33.29 -4.56
N ILE A 101 -17.42 32.05 -4.49
CA ILE A 101 -18.18 31.44 -5.59
C ILE A 101 -19.50 32.18 -5.80
N GLY A 102 -20.09 32.65 -4.72
CA GLY A 102 -21.35 33.35 -4.81
C GLY A 102 -21.81 33.88 -3.47
N GLU A 103 -22.82 34.73 -3.50
CA GLU A 103 -23.36 35.33 -2.29
C GLU A 103 -24.79 35.77 -2.51
N PHE A 104 -25.47 36.10 -1.42
CA PHE A 104 -26.83 36.57 -1.50
C PHE A 104 -27.09 37.56 -0.36
N LYS A 105 -27.86 38.59 -0.66
CA LYS A 105 -28.20 39.60 0.32
C LYS A 105 -29.67 39.93 0.26
N VAL A 106 -30.23 40.36 1.37
CA VAL A 106 -31.64 40.70 1.45
C VAL A 106 -31.83 41.92 2.35
N PRO A 107 -32.54 42.95 1.85
CA PRO A 107 -32.80 44.16 2.62
C PRO A 107 -33.83 43.93 3.73
N MET A 108 -33.37 44.04 4.97
CA MET A 108 -34.24 43.83 6.14
C MET A 108 -35.26 44.96 6.26
N ASN A 109 -35.06 46.00 5.47
CA ASN A 109 -35.97 47.14 5.46
C ASN A 109 -37.30 46.70 4.85
N THR A 110 -37.21 45.85 3.84
CA THR A 110 -38.38 45.34 3.16
C THR A 110 -38.94 44.13 3.89
N VAL A 111 -38.06 43.26 4.35
CA VAL A 111 -38.46 42.06 5.07
C VAL A 111 -38.79 42.37 6.52
N ASP A 112 -40.07 42.50 6.81
CA ASP A 112 -40.53 42.79 8.15
C ASP A 112 -40.53 41.52 8.98
N PHE A 113 -40.06 41.63 10.21
CA PHE A 113 -39.98 40.50 11.12
C PHE A 113 -41.34 40.27 11.80
N GLY A 114 -42.35 39.99 10.98
CA GLY A 114 -43.68 39.74 11.51
C GLY A 114 -43.73 38.46 12.32
N HIS A 115 -43.19 37.39 11.76
CA HIS A 115 -43.17 36.10 12.44
C HIS A 115 -41.87 35.37 12.13
N VAL A 116 -41.89 34.61 11.05
CA VAL A 116 -40.72 33.84 10.63
C VAL A 116 -40.52 33.97 9.13
N THR A 117 -39.27 34.19 8.73
CA THR A 117 -38.95 34.32 7.32
C THR A 117 -38.40 33.01 6.77
N GLU A 118 -39.30 32.19 6.24
CA GLU A 118 -38.92 30.90 5.67
C GLU A 118 -39.18 30.90 4.18
N GLU A 119 -38.13 30.81 3.39
CA GLU A 119 -38.25 30.81 1.94
C GLU A 119 -37.07 30.09 1.30
N TRP A 120 -37.16 29.87 -0.01
CA TRP A 120 -36.09 29.21 -0.74
C TRP A 120 -35.31 30.24 -1.53
N ARG A 121 -34.20 30.70 -0.95
CA ARG A 121 -33.38 31.73 -1.57
C ARG A 121 -32.53 31.18 -2.71
N ASP A 122 -32.48 31.94 -3.79
CA ASP A 122 -31.70 31.59 -4.96
C ASP A 122 -30.27 32.07 -4.76
N LEU A 123 -29.32 31.30 -5.25
CA LEU A 123 -27.92 31.66 -5.11
C LEU A 123 -27.34 32.09 -6.45
N GLN A 124 -26.75 33.28 -6.47
CA GLN A 124 -26.15 33.81 -7.68
C GLN A 124 -24.65 33.96 -7.49
N SER A 125 -23.90 33.64 -8.53
CA SER A 125 -22.45 33.75 -8.48
C SER A 125 -22.02 35.22 -8.54
N ALA A 126 -21.11 35.58 -7.66
CA ALA A 126 -20.62 36.95 -7.60
C ALA A 126 -19.14 36.96 -7.24
N GLU A 127 -18.29 36.81 -8.24
CA GLU A 127 -16.85 36.81 -8.04
C GLU A 127 -16.38 38.15 -7.48
N LYS A 128 -15.81 38.12 -6.28
CA LYS A 128 -15.33 39.33 -5.63
C LYS A 128 -13.82 39.25 -5.43
N MET B 1 32.92 -0.41 -16.47
CA MET B 1 33.60 0.56 -15.60
C MET B 1 32.92 0.61 -14.23
N ALA B 2 33.35 1.54 -13.40
CA ALA B 2 32.75 1.69 -12.08
C ALA B 2 31.38 2.34 -12.18
N ALA B 3 30.62 2.33 -11.09
CA ALA B 3 29.28 2.90 -11.06
C ALA B 3 28.37 2.18 -12.06
N GLU B 4 28.28 0.88 -11.90
CA GLU B 4 27.46 0.05 -12.77
C GLU B 4 25.98 0.22 -12.43
N PRO B 5 25.09 0.03 -13.41
CA PRO B 5 23.65 0.14 -13.21
C PRO B 5 23.11 -1.05 -12.42
N LEU B 6 21.99 -0.84 -11.75
CA LEU B 6 21.37 -1.89 -10.96
C LEU B 6 20.07 -2.32 -11.63
N THR B 7 19.31 -3.16 -10.95
CA THR B 7 18.05 -3.63 -11.50
C THR B 7 17.05 -2.47 -11.56
N GLU B 8 16.09 -2.56 -12.48
CA GLU B 8 15.07 -1.54 -12.69
C GLU B 8 14.53 -0.94 -11.39
N LEU B 9 13.88 -1.77 -10.58
CA LEU B 9 13.30 -1.29 -9.32
C LEU B 9 14.37 -0.87 -8.31
N GLU B 10 15.54 -1.50 -8.38
CA GLU B 10 16.64 -1.18 -7.47
C GLU B 10 17.12 0.26 -7.68
N GLU B 11 17.12 0.69 -8.94
CA GLU B 11 17.53 2.05 -9.27
C GLU B 11 16.40 3.03 -8.99
N SER B 12 15.16 2.55 -9.12
CA SER B 12 13.99 3.37 -8.88
C SER B 12 13.88 3.74 -7.40
N ILE B 13 14.10 2.77 -6.52
CA ILE B 13 14.02 3.02 -5.08
C ILE B 13 15.17 3.93 -4.64
N GLU B 14 16.27 3.90 -5.39
CA GLU B 14 17.42 4.73 -5.08
C GLU B 14 17.06 6.21 -5.22
N THR B 15 16.30 6.53 -6.26
CA THR B 15 15.87 7.89 -6.52
C THR B 15 15.03 8.45 -5.36
N VAL B 16 13.97 7.72 -4.99
CA VAL B 16 13.10 8.16 -3.90
C VAL B 16 13.84 8.22 -2.58
N VAL B 17 14.73 7.26 -2.33
CA VAL B 17 15.52 7.24 -1.10
C VAL B 17 16.40 8.48 -1.04
N THR B 18 16.93 8.88 -2.19
CA THR B 18 17.78 10.06 -2.28
C THR B 18 16.99 11.32 -1.92
N THR B 19 15.81 11.47 -2.54
CA THR B 19 14.94 12.60 -2.28
C THR B 19 14.57 12.66 -0.80
N PHE B 20 14.23 11.50 -0.25
CA PHE B 20 13.85 11.38 1.15
C PHE B 20 14.99 11.81 2.06
N PHE B 21 16.21 11.43 1.68
CA PHE B 21 17.39 11.76 2.46
C PHE B 21 17.67 13.26 2.47
N THR B 22 17.46 13.92 1.33
CA THR B 22 17.71 15.36 1.23
C THR B 22 16.71 16.17 2.07
N PHE B 23 15.62 15.54 2.47
CA PHE B 23 14.61 16.21 3.28
C PHE B 23 14.76 15.85 4.74
N ALA B 24 15.06 14.59 5.02
CA ALA B 24 15.23 14.12 6.39
C ALA B 24 16.63 14.46 6.89
N ARG B 25 16.94 15.75 6.88
CA ARG B 25 18.24 16.24 7.32
C ARG B 25 18.20 17.76 7.48
N GLN B 26 16.98 18.29 7.56
CA GLN B 26 16.80 19.73 7.69
C GLN B 26 16.73 20.11 9.16
N GLU B 27 16.02 19.30 9.93
CA GLU B 27 15.87 19.55 11.35
C GLU B 27 16.72 18.60 12.17
N GLY B 28 16.71 17.31 11.81
CA GLY B 28 17.52 16.35 12.53
C GLY B 28 17.00 14.93 12.42
N ARG B 29 17.86 13.96 12.78
CA ARG B 29 17.52 12.54 12.75
C ARG B 29 17.23 12.08 11.32
N LYS B 30 18.29 11.87 10.54
CA LYS B 30 18.17 11.43 9.16
C LYS B 30 17.61 10.01 9.06
N ASP B 31 16.28 9.94 9.03
CA ASP B 31 15.54 8.69 8.94
C ASP B 31 14.07 8.98 9.16
N SER B 32 13.81 10.08 9.85
CA SER B 32 12.45 10.50 10.15
C SER B 32 12.22 11.93 9.69
N LEU B 33 11.06 12.17 9.10
CA LEU B 33 10.69 13.49 8.61
C LEU B 33 9.94 14.26 9.69
N SER B 34 10.53 15.36 10.14
CA SER B 34 9.89 16.20 11.14
C SER B 34 8.72 16.94 10.51
N VAL B 35 7.93 17.63 11.33
CA VAL B 35 6.75 18.36 10.83
C VAL B 35 7.12 19.31 9.69
N ASN B 36 8.13 20.13 9.91
CA ASN B 36 8.56 21.10 8.90
C ASN B 36 9.10 20.39 7.66
N GLU B 37 9.99 19.43 7.86
CA GLU B 37 10.61 18.70 6.75
C GLU B 37 9.56 18.01 5.89
N PHE B 38 8.58 17.40 6.54
CA PHE B 38 7.51 16.70 5.82
C PHE B 38 6.68 17.68 5.00
N LYS B 39 6.42 18.85 5.58
CA LYS B 39 5.64 19.88 4.90
C LYS B 39 6.40 20.43 3.70
N GLU B 40 7.72 20.55 3.84
CA GLU B 40 8.55 21.07 2.77
C GLU B 40 8.61 20.10 1.59
N LEU B 41 8.28 18.83 1.84
CA LEU B 41 8.29 17.82 0.80
C LEU B 41 7.18 18.09 -0.21
N VAL B 42 5.95 18.15 0.29
CA VAL B 42 4.79 18.38 -0.57
C VAL B 42 4.80 19.81 -1.11
N THR B 43 5.12 20.77 -0.25
CA THR B 43 5.14 22.17 -0.64
C THR B 43 6.44 22.53 -1.35
N GLN B 44 6.84 21.70 -2.32
CA GLN B 44 8.07 21.93 -3.06
C GLN B 44 8.19 20.98 -4.26
N GLN B 45 8.27 19.69 -3.99
CA GLN B 45 8.42 18.71 -5.05
C GLN B 45 7.14 17.95 -5.35
N LEU B 46 6.01 18.39 -4.79
CA LEU B 46 4.75 17.73 -5.05
C LEU B 46 3.56 18.69 -4.92
N PRO B 47 3.57 19.83 -5.63
CA PRO B 47 2.49 20.80 -5.57
C PRO B 47 1.50 20.59 -6.72
N HIS B 48 1.51 19.41 -7.29
CA HIS B 48 0.64 19.07 -8.41
C HIS B 48 -0.31 17.94 -8.05
N LEU B 49 0.25 16.81 -7.63
CA LEU B 49 -0.55 15.63 -7.27
C LEU B 49 -1.45 15.94 -6.08
N LEU B 50 -0.85 16.11 -4.90
CA LEU B 50 -1.62 16.40 -3.70
C LEU B 50 -1.59 17.89 -3.42
N LYS B 51 -2.54 18.61 -3.97
CA LYS B 51 -2.62 20.05 -3.78
C LYS B 51 -3.27 20.41 -2.44
N ASP B 52 -2.47 20.35 -1.37
CA ASP B 52 -2.93 20.67 -0.04
C ASP B 52 -1.82 21.34 0.75
N VAL B 53 -1.94 22.63 0.95
CA VAL B 53 -0.95 23.41 1.68
C VAL B 53 -1.63 24.24 2.76
N GLY B 54 -2.85 23.84 3.10
CA GLY B 54 -3.61 24.57 4.11
C GLY B 54 -3.75 23.81 5.41
N SER B 55 -3.79 22.48 5.33
CA SER B 55 -3.93 21.66 6.53
C SER B 55 -3.08 20.39 6.41
N LEU B 56 -1.77 20.54 6.63
CA LEU B 56 -0.85 19.41 6.57
C LEU B 56 -1.06 18.50 7.76
N ASP B 57 -1.64 19.05 8.82
CA ASP B 57 -1.90 18.29 10.05
C ASP B 57 -2.85 17.14 9.78
N GLU B 58 -3.73 17.32 8.80
CA GLU B 58 -4.69 16.30 8.42
C GLU B 58 -3.96 15.04 7.96
N LYS B 59 -2.93 15.23 7.14
CA LYS B 59 -2.14 14.13 6.63
C LYS B 59 -1.32 13.51 7.74
N MET B 60 -0.77 14.36 8.60
CA MET B 60 0.05 13.91 9.72
C MET B 60 -0.73 12.96 10.63
N LYS B 61 -1.97 13.35 10.96
CA LYS B 61 -2.82 12.55 11.83
C LYS B 61 -3.35 11.29 11.13
N SER B 62 -3.02 11.14 9.85
CA SER B 62 -3.46 9.98 9.09
C SER B 62 -2.29 9.05 8.79
N LEU B 63 -1.14 9.63 8.50
CA LEU B 63 0.05 8.85 8.19
C LEU B 63 0.74 8.40 9.46
N ASP B 64 0.80 9.29 10.45
CA ASP B 64 1.42 8.96 11.72
C ASP B 64 0.37 8.44 12.68
N VAL B 65 0.38 7.13 12.89
CA VAL B 65 -0.58 6.49 13.77
C VAL B 65 -0.01 6.33 15.19
N ASN B 66 1.19 6.84 15.37
CA ASN B 66 1.86 6.77 16.66
C ASN B 66 1.82 8.14 17.33
N GLN B 67 1.79 9.17 16.49
CA GLN B 67 1.73 10.56 16.92
C GLN B 67 2.96 10.96 17.73
N ASP B 68 4.08 11.11 17.06
CA ASP B 68 5.31 11.53 17.71
C ASP B 68 5.93 12.69 16.94
N SER B 69 5.23 13.10 15.87
CA SER B 69 5.65 14.22 15.03
C SER B 69 6.87 13.87 14.18
N GLU B 70 7.21 12.60 14.09
CA GLU B 70 8.36 12.18 13.30
C GLU B 70 7.95 11.06 12.35
N LEU B 71 7.79 11.43 11.09
CA LEU B 71 7.41 10.47 10.06
C LEU B 71 8.63 9.66 9.66
N LYS B 72 8.81 8.50 10.30
CA LYS B 72 9.93 7.63 9.99
C LYS B 72 9.79 7.08 8.58
N PHE B 73 10.86 6.48 8.06
CA PHE B 73 10.86 5.91 6.71
C PHE B 73 9.62 5.07 6.43
N ASN B 74 9.21 4.27 7.42
CA ASN B 74 8.04 3.41 7.28
C ASN B 74 6.78 4.26 7.12
N GLU B 75 6.59 5.24 8.01
CA GLU B 75 5.43 6.11 7.95
C GLU B 75 5.47 7.00 6.72
N TYR B 76 6.68 7.37 6.30
CA TYR B 76 6.86 8.21 5.13
C TYR B 76 6.42 7.48 3.88
N TRP B 77 6.69 6.17 3.83
CA TRP B 77 6.30 5.36 2.69
C TRP B 77 4.79 5.35 2.52
N ARG B 78 4.08 5.47 3.64
CA ARG B 78 2.62 5.49 3.62
C ARG B 78 2.11 6.64 2.75
N LEU B 79 2.84 7.75 2.76
CA LEU B 79 2.47 8.91 1.96
C LEU B 79 2.54 8.56 0.49
N ILE B 80 3.65 7.93 0.10
CA ILE B 80 3.86 7.54 -1.29
C ILE B 80 2.78 6.56 -1.75
N GLY B 81 2.36 5.69 -0.83
CA GLY B 81 1.32 4.73 -1.14
C GLY B 81 0.01 5.40 -1.49
N GLU B 82 -0.31 6.47 -0.76
CA GLU B 82 -1.54 7.21 -1.01
C GLU B 82 -1.39 8.07 -2.25
N LEU B 83 -0.17 8.57 -2.48
CA LEU B 83 0.12 9.41 -3.65
C LEU B 83 -0.15 8.64 -4.93
N ALA B 84 0.37 7.43 -5.01
CA ALA B 84 0.19 6.59 -6.20
C ALA B 84 -1.28 6.27 -6.40
N LYS B 85 -2.03 6.24 -5.30
CA LYS B 85 -3.44 5.97 -5.35
C LYS B 85 -4.21 7.19 -5.85
N GLU B 86 -3.72 8.38 -5.52
CA GLU B 86 -4.37 9.61 -5.94
C GLU B 86 -4.08 9.91 -7.41
N ILE B 87 -2.94 9.46 -7.90
CA ILE B 87 -2.58 9.70 -9.29
C ILE B 87 -3.31 8.73 -10.23
N ARG B 88 -3.73 7.59 -9.69
CA ARG B 88 -4.42 6.58 -10.49
C ARG B 88 -5.91 6.56 -10.20
N LYS B 89 -6.30 6.95 -8.99
CA LYS B 89 -7.71 6.96 -8.60
C LYS B 89 -8.20 8.37 -8.32
N LYS B 90 -7.55 9.06 -7.38
CA LYS B 90 -7.92 10.41 -6.98
C LYS B 90 -9.33 10.43 -6.39
N LYS B 91 -10.23 11.22 -6.96
CA LYS B 91 -11.58 11.31 -6.48
C LYS B 91 -12.52 10.53 -7.40
N ASP B 92 -12.59 9.23 -7.19
CA ASP B 92 -13.43 8.36 -8.00
C ASP B 92 -14.90 8.55 -7.63
N LEU B 93 -15.46 9.64 -8.13
CA LEU B 93 -16.85 9.98 -7.90
C LEU B 93 -17.30 10.97 -8.97
N LYS B 94 -16.48 11.99 -9.18
CA LYS B 94 -16.76 13.01 -10.18
C LYS B 94 -15.74 12.94 -11.30
N ILE B 95 -14.51 13.35 -10.99
CA ILE B 95 -13.43 13.31 -11.98
C ILE B 95 -12.19 12.65 -11.38
N ARG B 96 -11.66 11.66 -12.07
CA ARG B 96 -10.48 10.95 -11.60
C ARG B 96 -9.22 11.70 -12.03
N LYS B 97 -9.23 12.16 -13.29
CA LYS B 97 -8.11 12.90 -13.88
C LYS B 97 -6.86 12.04 -13.97
N LYS B 98 -5.82 12.58 -14.58
CA LYS B 98 -4.57 11.84 -14.76
C LYS B 98 -3.65 12.02 -13.53
N MET C 1 -6.15 7.52 -19.41
CA MET C 1 -5.60 6.18 -19.61
C MET C 1 -4.09 6.27 -19.79
N ALA C 2 -3.58 7.49 -19.68
CA ALA C 2 -2.17 7.75 -19.82
C ALA C 2 -1.70 8.73 -18.76
N ALA C 3 -0.44 9.10 -18.78
CA ALA C 3 0.09 10.03 -17.81
C ALA C 3 0.75 11.22 -18.48
N GLU C 4 0.29 12.42 -18.12
CA GLU C 4 0.83 13.66 -18.65
C GLU C 4 2.21 13.94 -18.04
N PRO C 5 2.95 14.96 -18.53
CA PRO C 5 4.26 15.31 -17.96
C PRO C 5 4.18 15.44 -16.44
N LEU C 6 4.90 14.57 -15.75
CA LEU C 6 4.90 14.57 -14.28
C LEU C 6 6.22 15.08 -13.72
N THR C 7 6.23 15.37 -12.42
CA THR C 7 7.42 15.85 -11.76
C THR C 7 8.31 14.70 -11.27
N GLU C 8 9.33 15.05 -10.50
CA GLU C 8 10.30 14.08 -9.95
C GLU C 8 9.60 12.87 -9.31
N LEU C 9 8.99 13.08 -8.15
CA LEU C 9 8.31 12.01 -7.41
C LEU C 9 7.24 11.32 -8.24
N GLU C 10 6.48 12.12 -8.97
CA GLU C 10 5.41 11.59 -9.81
C GLU C 10 5.97 10.67 -10.90
N GLU C 11 7.13 11.02 -11.44
CA GLU C 11 7.73 10.18 -12.48
C GLU C 11 8.38 8.96 -11.84
N SER C 12 8.82 9.09 -10.60
CA SER C 12 9.44 7.99 -9.89
C SER C 12 8.46 6.84 -9.74
N ILE C 13 7.23 7.16 -9.35
CA ILE C 13 6.20 6.14 -9.18
C ILE C 13 5.70 5.64 -10.54
N GLU C 14 5.91 6.45 -11.57
CA GLU C 14 5.50 6.08 -12.93
C GLU C 14 6.35 4.91 -13.43
N THR C 15 7.59 4.86 -12.96
CA THR C 15 8.51 3.81 -13.34
C THR C 15 7.96 2.42 -12.96
N VAL C 16 7.39 2.31 -11.77
CA VAL C 16 6.84 1.03 -11.33
C VAL C 16 5.49 0.78 -11.98
N VAL C 17 4.87 1.85 -12.47
CA VAL C 17 3.56 1.75 -13.12
C VAL C 17 3.73 1.18 -14.53
N THR C 18 4.71 1.68 -15.26
CA THR C 18 4.95 1.21 -16.62
C THR C 18 5.41 -0.26 -16.61
N THR C 19 6.15 -0.66 -15.56
CA THR C 19 6.61 -2.04 -15.43
C THR C 19 5.42 -2.99 -15.31
N PHE C 20 4.33 -2.48 -14.76
CA PHE C 20 3.11 -3.26 -14.60
C PHE C 20 2.54 -3.60 -15.97
N PHE C 21 2.55 -2.60 -16.86
CA PHE C 21 2.01 -2.76 -18.21
C PHE C 21 2.90 -3.64 -19.08
N THR C 22 4.18 -3.73 -18.76
CA THR C 22 5.10 -4.55 -19.53
C THR C 22 4.96 -6.03 -19.18
N PHE C 23 4.36 -6.30 -18.02
CA PHE C 23 4.17 -7.67 -17.57
C PHE C 23 2.72 -8.11 -17.75
N ALA C 24 1.80 -7.20 -17.48
CA ALA C 24 0.37 -7.49 -17.62
C ALA C 24 -0.06 -7.47 -19.08
N ARG C 25 0.53 -8.35 -19.86
CA ARG C 25 0.22 -8.45 -21.28
C ARG C 25 0.65 -9.82 -21.79
N GLN C 26 0.75 -10.78 -20.90
CA GLN C 26 1.16 -12.12 -21.25
C GLN C 26 -0.06 -13.04 -21.32
N GLU C 27 -0.95 -12.90 -20.35
CA GLU C 27 -2.16 -13.71 -20.31
C GLU C 27 -3.33 -12.95 -20.93
N GLY C 28 -3.44 -11.66 -20.60
CA GLY C 28 -4.50 -10.84 -21.14
C GLY C 28 -4.97 -9.78 -20.17
N ARG C 29 -5.63 -8.75 -20.71
CA ARG C 29 -6.15 -7.64 -19.90
C ARG C 29 -5.02 -6.88 -19.19
N LYS C 30 -4.57 -5.80 -19.80
CA LYS C 30 -3.49 -4.98 -19.25
C LYS C 30 -4.03 -4.01 -18.18
N ASP C 31 -5.05 -4.46 -17.48
CA ASP C 31 -5.67 -3.66 -16.43
C ASP C 31 -5.57 -4.40 -15.11
N SER C 32 -4.96 -5.58 -15.16
CA SER C 32 -4.78 -6.41 -13.99
C SER C 32 -3.59 -7.33 -14.17
N LEU C 33 -3.16 -7.97 -13.09
CA LEU C 33 -2.04 -8.89 -13.12
C LEU C 33 -2.52 -10.33 -12.99
N SER C 34 -2.15 -11.16 -13.97
CA SER C 34 -2.54 -12.56 -13.97
C SER C 34 -1.54 -13.41 -13.19
N VAL C 35 -1.88 -14.68 -12.97
CA VAL C 35 -1.02 -15.58 -12.19
C VAL C 35 0.31 -15.88 -12.90
N ASN C 36 0.27 -16.13 -14.21
CA ASN C 36 1.48 -16.45 -14.95
C ASN C 36 2.40 -15.24 -14.97
N GLU C 37 1.82 -14.08 -15.19
CA GLU C 37 2.57 -12.83 -15.23
C GLU C 37 3.13 -12.50 -13.86
N PHE C 38 2.36 -12.81 -12.81
CA PHE C 38 2.78 -12.55 -11.44
C PHE C 38 3.98 -13.41 -11.08
N LYS C 39 3.89 -14.70 -11.37
CA LYS C 39 4.97 -15.63 -11.07
C LYS C 39 6.20 -15.28 -11.92
N GLU C 40 5.95 -14.79 -13.13
CA GLU C 40 7.03 -14.38 -14.03
C GLU C 40 7.75 -13.16 -13.49
N LEU C 41 6.97 -12.22 -12.95
CA LEU C 41 7.50 -10.98 -12.40
C LEU C 41 8.45 -11.22 -11.22
N VAL C 42 7.98 -11.96 -10.23
CA VAL C 42 8.77 -12.21 -9.02
C VAL C 42 10.00 -13.07 -9.30
N THR C 43 9.94 -13.93 -10.30
CA THR C 43 11.05 -14.82 -10.61
C THR C 43 11.91 -14.28 -11.76
N GLN C 44 11.81 -12.98 -12.04
CA GLN C 44 12.59 -12.38 -13.12
C GLN C 44 12.98 -10.94 -12.80
N GLN C 45 12.00 -10.14 -12.38
CA GLN C 45 12.25 -8.73 -12.10
C GLN C 45 12.51 -8.48 -10.61
N LEU C 46 11.91 -9.29 -9.74
CA LEU C 46 12.09 -9.08 -8.30
C LEU C 46 12.54 -10.34 -7.53
N PRO C 47 13.47 -11.17 -8.05
CA PRO C 47 13.91 -12.37 -7.32
C PRO C 47 15.01 -12.04 -6.32
N HIS C 48 15.43 -10.77 -6.33
CA HIS C 48 16.49 -10.30 -5.45
C HIS C 48 15.90 -9.55 -4.26
N LEU C 49 14.91 -8.70 -4.52
CA LEU C 49 14.27 -7.94 -3.46
C LEU C 49 13.25 -8.80 -2.74
N LEU C 50 12.37 -9.44 -3.49
CA LEU C 50 11.37 -10.33 -2.91
C LEU C 50 12.04 -11.65 -2.57
N LYS C 51 12.16 -11.92 -1.28
CA LYS C 51 12.82 -13.12 -0.81
C LYS C 51 11.89 -14.33 -0.85
N ASP C 52 11.31 -14.58 -2.02
CA ASP C 52 10.40 -15.72 -2.21
C ASP C 52 9.97 -15.83 -3.66
N VAL C 53 10.20 -17.00 -4.25
CA VAL C 53 9.83 -17.28 -5.63
C VAL C 53 9.13 -18.62 -5.71
N GLY C 54 8.76 -19.14 -4.53
CA GLY C 54 8.09 -20.42 -4.48
C GLY C 54 6.71 -20.31 -3.88
N SER C 55 6.60 -19.57 -2.78
CA SER C 55 5.33 -19.38 -2.11
C SER C 55 4.60 -18.17 -2.69
N LEU C 56 4.76 -17.98 -3.99
CA LEU C 56 4.12 -16.88 -4.69
C LEU C 56 2.60 -17.00 -4.57
N ASP C 57 2.14 -18.24 -4.51
CA ASP C 57 0.71 -18.52 -4.36
C ASP C 57 0.18 -17.89 -3.08
N GLU C 58 1.03 -17.87 -2.06
CA GLU C 58 0.67 -17.28 -0.77
C GLU C 58 0.56 -15.77 -0.93
N LYS C 59 1.53 -15.19 -1.63
CA LYS C 59 1.55 -13.75 -1.86
C LYS C 59 0.31 -13.31 -2.62
N MET C 60 -0.05 -14.06 -3.66
CA MET C 60 -1.22 -13.76 -4.47
C MET C 60 -2.49 -13.74 -3.62
N LYS C 61 -2.68 -14.80 -2.83
CA LYS C 61 -3.85 -14.93 -1.97
C LYS C 61 -3.88 -13.83 -0.90
N SER C 62 -2.71 -13.37 -0.49
CA SER C 62 -2.62 -12.33 0.52
C SER C 62 -2.90 -10.95 -0.08
N LEU C 63 -2.77 -10.83 -1.39
CA LEU C 63 -3.02 -9.57 -2.07
C LEU C 63 -4.45 -9.50 -2.57
N ASP C 64 -4.87 -10.53 -3.29
CA ASP C 64 -6.22 -10.58 -3.81
C ASP C 64 -7.21 -10.91 -2.71
N VAL C 65 -7.95 -9.91 -2.27
CA VAL C 65 -8.95 -10.09 -1.22
C VAL C 65 -10.29 -10.46 -1.82
N ASN C 66 -10.39 -10.34 -3.14
CA ASN C 66 -11.62 -10.65 -3.85
C ASN C 66 -11.70 -12.14 -4.10
N GLN C 67 -10.54 -12.74 -4.30
CA GLN C 67 -10.40 -14.17 -4.56
C GLN C 67 -10.96 -14.51 -5.93
N ASP C 68 -10.58 -13.71 -6.92
CA ASP C 68 -11.03 -13.91 -8.28
C ASP C 68 -9.83 -14.22 -9.18
N SER C 69 -8.64 -14.24 -8.57
CA SER C 69 -7.39 -14.54 -9.27
C SER C 69 -7.03 -13.45 -10.28
N GLU C 70 -7.62 -12.28 -10.11
CA GLU C 70 -7.36 -11.17 -11.00
C GLU C 70 -6.90 -9.97 -10.17
N LEU C 71 -5.59 -9.80 -10.09
CA LEU C 71 -5.01 -8.71 -9.30
C LEU C 71 -5.24 -7.37 -9.96
N LYS C 72 -6.18 -6.61 -9.43
CA LYS C 72 -6.50 -5.28 -9.97
C LYS C 72 -5.38 -4.29 -9.66
N PHE C 73 -5.40 -3.14 -10.34
CA PHE C 73 -4.38 -2.12 -10.15
C PHE C 73 -4.62 -1.33 -8.86
N ASN C 74 -4.80 -2.07 -7.78
CA ASN C 74 -5.04 -1.50 -6.47
C ASN C 74 -4.43 -2.44 -5.43
N GLU C 75 -4.87 -3.70 -5.47
CA GLU C 75 -4.36 -4.72 -4.57
C GLU C 75 -2.94 -5.10 -4.99
N TYR C 76 -2.68 -5.05 -6.30
CA TYR C 76 -1.38 -5.38 -6.84
C TYR C 76 -0.31 -4.40 -6.35
N TRP C 77 -0.69 -3.15 -6.16
CA TRP C 77 0.24 -2.13 -5.70
C TRP C 77 0.78 -2.45 -4.32
N ARG C 78 0.02 -3.24 -3.55
CA ARG C 78 0.43 -3.61 -2.21
C ARG C 78 1.71 -4.44 -2.28
N LEU C 79 1.91 -5.15 -3.38
CA LEU C 79 3.11 -5.96 -3.57
C LEU C 79 4.34 -5.06 -3.57
N ILE C 80 4.20 -3.90 -4.22
CA ILE C 80 5.27 -2.92 -4.29
C ILE C 80 5.58 -2.40 -2.90
N GLY C 81 4.54 -2.33 -2.07
CA GLY C 81 4.71 -1.87 -0.71
C GLY C 81 5.40 -2.92 0.14
N GLU C 82 5.16 -4.19 -0.19
CA GLU C 82 5.76 -5.29 0.54
C GLU C 82 7.26 -5.37 0.24
N LEU C 83 7.62 -5.29 -1.03
CA LEU C 83 9.04 -5.35 -1.42
C LEU C 83 9.79 -4.13 -0.87
N ALA C 84 9.05 -3.05 -0.65
CA ALA C 84 9.64 -1.84 -0.10
C ALA C 84 10.00 -2.05 1.37
N LYS C 85 9.12 -2.74 2.10
CA LYS C 85 9.36 -3.02 3.50
C LYS C 85 10.34 -4.19 3.66
N GLU C 86 10.54 -4.93 2.58
CA GLU C 86 11.46 -6.07 2.57
C GLU C 86 12.90 -5.60 2.74
N ILE C 87 13.15 -4.33 2.43
CA ILE C 87 14.48 -3.76 2.56
C ILE C 87 14.64 -3.05 3.90
N ARG C 88 13.52 -2.85 4.60
CA ARG C 88 13.56 -2.19 5.91
C ARG C 88 13.42 -3.23 7.02
N LYS C 89 12.67 -4.27 6.75
CA LYS C 89 12.47 -5.35 7.71
C LYS C 89 13.27 -6.58 7.31
N LYS C 90 13.25 -7.60 8.14
CA LYS C 90 14.01 -8.81 7.88
C LYS C 90 13.10 -10.02 7.73
N LYS C 91 12.33 -10.29 8.78
CA LYS C 91 11.41 -11.43 8.81
C LYS C 91 10.27 -11.10 9.75
N ASP C 92 10.13 -9.83 10.02
CA ASP C 92 9.12 -9.32 10.93
C ASP C 92 7.88 -8.88 10.16
N LEU C 93 7.16 -9.87 9.63
CA LEU C 93 5.96 -9.60 8.85
C LEU C 93 5.02 -10.81 8.88
N LYS C 94 4.17 -10.91 7.84
CA LYS C 94 3.19 -12.00 7.70
C LYS C 94 2.00 -11.79 8.65
N ILE C 95 2.28 -11.75 9.95
CA ILE C 95 1.27 -11.54 11.02
C ILE C 95 -0.02 -12.33 10.81
N ARG C 96 -1.10 -11.87 11.44
CA ARG C 96 -2.41 -12.52 11.33
C ARG C 96 -3.50 -11.57 11.82
N LYS C 97 -4.47 -11.28 10.96
CA LYS C 97 -5.57 -10.38 11.31
C LYS C 97 -6.67 -10.46 10.26
N LYS C 98 -7.92 -10.51 10.73
CA LYS C 98 -9.06 -10.58 9.82
C LYS C 98 -10.03 -9.46 10.14
N GLU D 1 17.24 -27.41 -13.74
CA GLU D 1 16.99 -27.90 -12.36
C GLU D 1 18.22 -27.70 -11.49
N LYS D 2 18.31 -26.56 -10.82
CA LYS D 2 19.44 -26.27 -9.96
C LYS D 2 18.98 -25.88 -8.57
N LEU D 3 19.83 -26.13 -7.58
CA LEU D 3 19.53 -25.79 -6.20
C LEU D 3 20.81 -25.47 -5.45
N GLY D 4 21.57 -26.51 -5.15
CA GLY D 4 22.82 -26.36 -4.43
C GLY D 4 23.56 -27.67 -4.37
N LYS D 5 24.24 -27.93 -3.25
CA LYS D 5 24.98 -29.17 -3.10
C LYS D 5 24.79 -29.74 -1.71
N LEU D 6 24.65 -31.05 -1.64
CA LEU D 6 24.46 -31.74 -0.37
C LEU D 6 25.62 -32.69 -0.11
N GLN D 7 26.28 -32.52 1.01
CA GLN D 7 27.40 -33.37 1.38
C GLN D 7 26.87 -34.55 2.18
N TYR D 8 27.25 -35.77 1.79
CA TYR D 8 26.79 -36.95 2.48
C TYR D 8 27.81 -38.09 2.39
N SER D 9 27.82 -38.90 3.43
CA SER D 9 28.73 -40.04 3.51
C SER D 9 27.92 -41.31 3.74
N LEU D 10 27.80 -42.12 2.70
CA LEU D 10 27.04 -43.36 2.80
C LEU D 10 27.97 -44.56 2.97
N ASP D 11 27.42 -45.62 3.53
CA ASP D 11 28.15 -46.86 3.72
C ASP D 11 27.15 -48.01 3.82
N TYR D 12 27.62 -49.23 3.95
CA TYR D 12 26.71 -50.36 4.00
C TYR D 12 26.99 -51.26 5.20
N ASP D 13 25.97 -52.01 5.60
CA ASP D 13 26.08 -52.94 6.71
C ASP D 13 25.45 -54.27 6.32
N PHE D 14 26.08 -55.36 6.73
CA PHE D 14 25.59 -56.68 6.40
C PHE D 14 25.03 -57.40 7.62
N GLN D 15 25.19 -56.81 8.80
CA GLN D 15 24.71 -57.41 10.03
C GLN D 15 23.20 -57.18 10.17
N ASN D 16 22.76 -55.98 9.80
CA ASN D 16 21.36 -55.63 9.87
C ASN D 16 20.74 -55.55 8.48
N ASN D 17 21.60 -55.76 7.48
CA ASN D 17 21.19 -55.73 6.06
C ASN D 17 20.50 -54.43 5.70
N GLN D 18 21.28 -53.36 5.57
CA GLN D 18 20.75 -52.05 5.22
C GLN D 18 21.88 -51.11 4.83
N LEU D 19 21.53 -50.00 4.20
CA LEU D 19 22.51 -49.02 3.79
C LEU D 19 22.45 -47.82 4.72
N LEU D 20 23.61 -47.41 5.22
CA LEU D 20 23.67 -46.28 6.14
C LEU D 20 23.70 -44.97 5.37
N VAL D 21 22.56 -44.31 5.32
CA VAL D 21 22.45 -43.03 4.64
C VAL D 21 22.68 -41.89 5.62
N GLY D 22 23.92 -41.46 5.72
CA GLY D 22 24.25 -40.38 6.63
C GLY D 22 24.57 -39.10 5.89
N ILE D 23 23.68 -38.13 5.96
CA ILE D 23 23.89 -36.86 5.29
C ILE D 23 24.58 -35.89 6.24
N ILE D 24 25.53 -35.13 5.72
CA ILE D 24 26.25 -34.18 6.54
C ILE D 24 25.49 -32.87 6.63
N GLN D 25 25.29 -32.22 5.49
CA GLN D 25 24.58 -30.95 5.43
C GLN D 25 24.30 -30.56 4.00
N ALA D 26 23.45 -29.54 3.82
CA ALA D 26 23.11 -29.04 2.51
C ALA D 26 23.46 -27.57 2.40
N ALA D 27 24.02 -27.17 1.27
CA ALA D 27 24.43 -25.79 1.08
C ALA D 27 23.71 -25.18 -0.12
N GLU D 28 23.23 -23.95 0.07
CA GLU D 28 22.53 -23.18 -0.95
C GLU D 28 21.14 -23.75 -1.23
N LEU D 29 20.14 -23.09 -0.67
CA LEU D 29 18.75 -23.49 -0.85
C LEU D 29 17.89 -22.26 -1.14
N PRO D 30 17.05 -22.33 -2.18
CA PRO D 30 16.15 -21.23 -2.58
C PRO D 30 15.25 -20.73 -1.45
N ALA D 31 14.77 -19.50 -1.61
CA ALA D 31 13.90 -18.87 -0.62
C ALA D 31 12.44 -19.26 -0.85
N LEU D 32 11.88 -19.97 0.12
CA LEU D 32 10.49 -20.40 0.05
C LEU D 32 9.64 -19.56 1.00
N ASP D 33 9.92 -19.68 2.29
CA ASP D 33 9.20 -18.90 3.29
C ASP D 33 9.64 -17.45 3.20
N MET D 34 8.67 -16.55 3.00
CA MET D 34 8.93 -15.12 2.85
C MET D 34 9.90 -14.61 3.91
N GLY D 35 10.93 -13.91 3.45
CA GLY D 35 11.92 -13.40 4.36
C GLY D 35 13.30 -13.98 4.08
N GLY D 36 13.38 -14.80 3.03
CA GLY D 36 14.64 -15.40 2.65
C GLY D 36 15.11 -16.41 3.67
N THR D 37 14.17 -16.99 4.38
CA THR D 37 14.48 -17.97 5.41
C THR D 37 13.49 -19.12 5.37
N SER D 38 13.77 -20.11 4.54
CA SER D 38 12.91 -21.27 4.40
C SER D 38 13.18 -22.27 5.52
N ASP D 39 12.28 -23.23 5.68
CA ASP D 39 12.41 -24.27 6.71
C ASP D 39 12.50 -25.62 6.01
N PRO D 40 13.64 -25.91 5.36
CA PRO D 40 13.82 -27.14 4.61
C PRO D 40 14.33 -28.32 5.43
N TYR D 41 13.60 -29.42 5.33
CA TYR D 41 13.95 -30.66 5.98
C TYR D 41 13.91 -31.77 4.93
N VAL D 42 14.85 -32.69 5.00
CA VAL D 42 14.92 -33.76 4.01
C VAL D 42 14.14 -34.99 4.42
N LYS D 43 13.38 -35.53 3.49
CA LYS D 43 12.61 -36.74 3.73
C LYS D 43 12.95 -37.75 2.64
N VAL D 44 13.10 -38.99 3.03
CA VAL D 44 13.47 -40.03 2.09
C VAL D 44 12.24 -40.65 1.42
N PHE D 45 12.28 -40.71 0.11
CA PHE D 45 11.22 -41.30 -0.67
C PHE D 45 11.80 -42.43 -1.49
N LEU D 46 11.06 -43.52 -1.60
CA LEU D 46 11.55 -44.67 -2.35
C LEU D 46 10.65 -44.97 -3.53
N LEU D 47 11.11 -45.88 -4.37
CA LEU D 47 10.39 -46.31 -5.55
C LEU D 47 9.22 -47.24 -5.11
N PRO D 48 8.55 -48.00 -6.03
CA PRO D 48 7.44 -48.91 -5.66
C PRO D 48 7.73 -49.85 -4.46
N ASP D 49 8.98 -49.88 -4.01
CA ASP D 49 9.38 -50.68 -2.86
C ASP D 49 8.52 -50.31 -1.65
N LYS D 50 8.54 -49.01 -1.32
CA LYS D 50 7.78 -48.46 -0.19
C LYS D 50 7.98 -49.21 1.12
N LYS D 51 9.17 -49.77 1.33
CA LYS D 51 9.46 -50.50 2.55
C LYS D 51 10.39 -49.72 3.46
N LYS D 52 10.22 -48.40 3.46
CA LYS D 52 11.03 -47.51 4.31
C LYS D 52 10.59 -46.06 4.14
N LYS D 53 10.38 -45.39 5.26
CA LYS D 53 9.96 -43.99 5.24
C LYS D 53 10.47 -43.30 6.51
N PHE D 54 11.35 -42.34 6.34
CA PHE D 54 11.92 -41.62 7.47
C PHE D 54 11.99 -40.12 7.16
N GLU D 55 11.79 -39.30 8.18
CA GLU D 55 11.83 -37.87 8.03
C GLU D 55 12.83 -37.28 9.02
N THR D 56 13.51 -36.22 8.62
CA THR D 56 14.51 -35.59 9.47
C THR D 56 13.88 -34.50 10.34
N LYS D 57 14.72 -33.81 11.11
CA LYS D 57 14.26 -32.75 11.98
C LYS D 57 14.00 -31.47 11.18
N VAL D 58 12.95 -30.76 11.53
CA VAL D 58 12.62 -29.52 10.85
C VAL D 58 13.67 -28.45 11.13
N HIS D 59 14.38 -28.04 10.09
CA HIS D 59 15.40 -27.02 10.21
C HIS D 59 14.76 -25.68 9.87
N ARG D 60 14.29 -24.99 10.89
CA ARG D 60 13.59 -23.73 10.69
C ARG D 60 14.53 -22.56 10.36
N LYS D 61 14.06 -21.71 9.44
CA LYS D 61 14.75 -20.51 8.99
C LYS D 61 16.24 -20.72 8.74
N THR D 62 16.56 -21.33 7.61
CA THR D 62 17.96 -21.55 7.26
C THR D 62 18.10 -21.96 5.81
N LEU D 63 19.23 -21.57 5.21
CA LEU D 63 19.53 -21.92 3.82
C LEU D 63 20.73 -22.83 3.81
N ASN D 64 21.09 -23.31 5.00
CA ASN D 64 22.22 -24.20 5.19
C ASN D 64 21.97 -25.08 6.42
N PRO D 65 21.14 -26.12 6.28
CA PRO D 65 20.80 -27.02 7.38
C PRO D 65 21.97 -27.90 7.81
N VAL D 66 22.21 -27.95 9.11
CA VAL D 66 23.29 -28.75 9.68
C VAL D 66 22.76 -29.57 10.86
N PHE D 67 23.06 -30.86 10.85
CA PHE D 67 22.63 -31.77 11.91
C PHE D 67 23.29 -33.13 11.75
N ASN D 68 23.35 -33.59 10.50
CA ASN D 68 23.93 -34.89 10.15
C ASN D 68 23.02 -36.02 10.58
N GLU D 69 21.80 -36.02 10.05
CA GLU D 69 20.83 -37.06 10.38
C GLU D 69 21.21 -38.39 9.71
N GLN D 70 20.74 -39.48 10.29
CA GLN D 70 21.03 -40.81 9.76
C GLN D 70 19.74 -41.52 9.36
N PHE D 71 19.74 -42.07 8.16
CA PHE D 71 18.59 -42.81 7.67
C PHE D 71 18.97 -44.27 7.42
N THR D 72 18.16 -45.17 7.95
CA THR D 72 18.38 -46.58 7.80
C THR D 72 17.70 -47.11 6.54
N PHE D 73 18.48 -47.35 5.49
CA PHE D 73 17.93 -47.87 4.25
C PHE D 73 17.60 -49.35 4.43
N LYS D 74 16.48 -49.60 5.07
CA LYS D 74 16.03 -50.96 5.35
C LYS D 74 15.72 -51.74 4.09
N VAL D 75 16.71 -52.50 3.63
CA VAL D 75 16.59 -53.34 2.46
C VAL D 75 17.89 -54.13 2.27
N PRO D 76 17.77 -55.43 1.95
CA PRO D 76 18.95 -56.28 1.74
C PRO D 76 19.86 -55.76 0.64
N TYR D 77 21.17 -55.90 0.82
CA TYR D 77 22.14 -55.44 -0.17
C TYR D 77 21.93 -56.15 -1.51
N SER D 78 21.32 -57.32 -1.46
CA SER D 78 21.05 -58.11 -2.66
C SER D 78 19.84 -57.55 -3.43
N GLU D 79 19.18 -56.55 -2.84
CA GLU D 79 18.02 -55.93 -3.45
C GLU D 79 18.33 -54.49 -3.86
N LEU D 80 19.59 -54.09 -3.70
CA LEU D 80 19.99 -52.74 -4.04
C LEU D 80 19.94 -52.49 -5.55
N GLY D 81 19.99 -53.58 -6.32
CA GLY D 81 19.96 -53.47 -7.76
C GLY D 81 18.64 -52.91 -8.27
N GLY D 82 17.57 -53.16 -7.52
CA GLY D 82 16.27 -52.66 -7.90
C GLY D 82 15.71 -51.76 -6.83
N LYS D 83 16.57 -50.97 -6.21
CA LYS D 83 16.15 -50.06 -5.15
C LYS D 83 16.84 -48.70 -5.30
N THR D 84 16.14 -47.76 -5.91
CA THR D 84 16.66 -46.41 -6.10
C THR D 84 16.08 -45.47 -5.04
N LEU D 85 16.97 -44.81 -4.30
CA LEU D 85 16.54 -43.90 -3.25
C LEU D 85 16.39 -42.48 -3.79
N VAL D 86 15.37 -41.78 -3.31
CA VAL D 86 15.11 -40.41 -3.72
C VAL D 86 14.95 -39.52 -2.48
N MET D 87 15.96 -38.71 -2.19
CA MET D 87 15.90 -37.82 -1.04
C MET D 87 15.39 -36.46 -1.48
N ALA D 88 14.22 -36.09 -0.99
CA ALA D 88 13.62 -34.82 -1.34
C ALA D 88 13.59 -33.87 -0.15
N VAL D 89 13.88 -32.61 -0.40
CA VAL D 89 13.87 -31.61 0.66
C VAL D 89 12.57 -30.81 0.61
N TYR D 90 11.87 -30.77 1.74
CA TYR D 90 10.60 -30.09 1.83
C TYR D 90 10.66 -28.91 2.78
N ASP D 91 9.89 -27.87 2.50
CA ASP D 91 9.84 -26.69 3.36
C ASP D 91 8.72 -26.84 4.37
N PHE D 92 8.88 -26.22 5.53
CA PHE D 92 7.88 -26.31 6.58
C PHE D 92 7.58 -24.95 7.18
N ASP D 93 7.26 -23.98 6.34
CA ASP D 93 6.94 -22.62 6.79
C ASP D 93 5.73 -22.62 7.74
N ARG D 94 4.93 -23.70 7.68
CA ARG D 94 3.75 -23.88 8.52
C ARG D 94 2.71 -22.79 8.26
N PHE D 95 2.63 -22.30 7.03
CA PHE D 95 1.66 -21.27 6.72
C PHE D 95 1.21 -21.37 5.26
N SER D 96 2.13 -21.14 4.35
CA SER D 96 1.82 -21.18 2.92
C SER D 96 1.83 -22.61 2.39
N LYS D 97 1.56 -22.74 1.10
CA LYS D 97 1.55 -24.04 0.46
C LYS D 97 2.97 -24.40 0.04
N HIS D 98 3.83 -24.57 1.05
CA HIS D 98 5.24 -24.92 0.84
C HIS D 98 5.38 -26.06 -0.17
N ASP D 99 6.07 -25.76 -1.26
CA ASP D 99 6.29 -26.73 -2.34
C ASP D 99 7.61 -27.47 -2.11
N ILE D 100 7.93 -28.39 -3.00
CA ILE D 100 9.18 -29.14 -2.90
C ILE D 100 10.32 -28.32 -3.49
N ILE D 101 11.34 -28.09 -2.68
CA ILE D 101 12.49 -27.30 -3.12
C ILE D 101 13.28 -28.04 -4.19
N GLY D 102 13.64 -29.28 -3.89
CA GLY D 102 14.38 -30.08 -4.81
C GLY D 102 14.64 -31.47 -4.26
N GLU D 103 15.34 -32.28 -5.01
CA GLU D 103 15.64 -33.63 -4.58
C GLU D 103 16.82 -34.20 -5.34
N PHE D 104 17.27 -35.38 -4.95
CA PHE D 104 18.36 -36.04 -5.62
C PHE D 104 18.15 -37.55 -5.54
N LYS D 105 18.44 -38.23 -6.64
CA LYS D 105 18.27 -39.66 -6.71
C LYS D 105 19.44 -40.28 -7.44
N VAL D 106 19.72 -41.53 -7.16
CA VAL D 106 20.82 -42.24 -7.81
C VAL D 106 20.57 -43.75 -7.79
N PRO D 107 20.70 -44.41 -8.94
CA PRO D 107 20.51 -45.85 -9.04
C PRO D 107 21.56 -46.61 -8.24
N MET D 108 21.12 -47.28 -7.18
CA MET D 108 22.02 -48.03 -6.31
C MET D 108 22.67 -49.17 -7.07
N ASN D 109 22.05 -49.57 -8.17
CA ASN D 109 22.56 -50.65 -9.01
C ASN D 109 23.87 -50.24 -9.67
N THR D 110 24.16 -48.94 -9.65
CA THR D 110 25.38 -48.41 -10.23
C THR D 110 26.31 -47.89 -9.14
N VAL D 111 25.91 -48.09 -7.90
CA VAL D 111 26.70 -47.64 -6.76
C VAL D 111 27.31 -48.84 -6.05
N ASP D 112 28.62 -48.97 -6.15
CA ASP D 112 29.32 -50.08 -5.53
C ASP D 112 29.45 -49.87 -4.02
N PHE D 113 29.47 -50.97 -3.28
CA PHE D 113 29.59 -50.92 -1.85
C PHE D 113 30.92 -51.52 -1.41
N GLY D 114 31.98 -51.15 -2.12
CA GLY D 114 33.30 -51.64 -1.81
C GLY D 114 33.75 -51.20 -0.43
N HIS D 115 33.51 -49.94 -0.12
CA HIS D 115 33.89 -49.39 1.19
C HIS D 115 32.88 -48.34 1.64
N VAL D 116 33.08 -47.11 1.19
CA VAL D 116 32.19 -46.01 1.58
C VAL D 116 31.88 -45.11 0.39
N THR D 117 30.75 -44.43 0.46
CA THR D 117 30.34 -43.52 -0.61
C THR D 117 30.49 -42.06 -0.16
N GLU D 118 31.68 -41.52 -0.35
CA GLU D 118 31.94 -40.13 0.01
C GLU D 118 31.96 -39.26 -1.23
N GLU D 119 30.88 -38.54 -1.46
CA GLU D 119 30.76 -37.68 -2.63
C GLU D 119 29.89 -36.47 -2.31
N TRP D 120 29.99 -35.46 -3.16
CA TRP D 120 29.21 -34.25 -2.99
C TRP D 120 28.09 -34.23 -4.02
N ARG D 121 26.92 -34.65 -3.59
CA ARG D 121 25.77 -34.75 -4.49
C ARG D 121 25.19 -33.38 -4.80
N ASP D 122 24.82 -33.22 -6.07
CA ASP D 122 24.21 -31.99 -6.55
C ASP D 122 22.72 -32.01 -6.26
N LEU D 123 22.17 -30.85 -5.95
CA LEU D 123 20.75 -30.74 -5.67
C LEU D 123 20.03 -30.14 -6.88
N GLN D 124 18.97 -30.79 -7.31
CA GLN D 124 18.21 -30.31 -8.45
C GLN D 124 16.77 -30.03 -8.03
N SER D 125 16.24 -28.89 -8.47
CA SER D 125 14.88 -28.51 -8.15
C SER D 125 13.88 -29.44 -8.83
N ALA D 126 12.86 -29.85 -8.09
CA ALA D 126 11.86 -30.74 -8.63
C ALA D 126 10.46 -30.30 -8.25
N GLU D 127 9.81 -29.58 -9.16
CA GLU D 127 8.46 -29.10 -8.93
C GLU D 127 7.47 -30.24 -9.11
N LYS D 128 7.26 -31.02 -8.06
CA LYS D 128 6.35 -32.15 -8.11
C LYS D 128 4.92 -31.67 -7.96
N GLU A 1 -25.82 34.40 -13.34
CA GLU A 1 -25.58 34.19 -11.89
C GLU A 1 -26.29 32.93 -11.39
N LYS A 2 -25.53 31.85 -11.21
CA LYS A 2 -26.09 30.60 -10.73
C LYS A 2 -25.15 29.94 -9.73
N LEU A 3 -25.60 29.81 -8.50
CA LEU A 3 -24.82 29.18 -7.44
C LEU A 3 -25.67 28.12 -6.75
N GLY A 4 -26.88 27.94 -7.25
CA GLY A 4 -27.79 26.97 -6.68
C GLY A 4 -28.89 27.63 -5.88
N LYS A 5 -29.34 26.96 -4.83
CA LYS A 5 -30.39 27.51 -3.97
C LYS A 5 -30.11 27.15 -2.52
N LEU A 6 -30.46 28.05 -1.61
CA LEU A 6 -30.23 27.84 -0.21
C LEU A 6 -31.54 27.90 0.56
N GLN A 7 -31.75 26.89 1.41
CA GLN A 7 -32.96 26.83 2.22
C GLN A 7 -32.66 27.38 3.61
N TYR A 8 -33.44 28.35 4.06
CA TYR A 8 -33.21 28.95 5.36
C TYR A 8 -34.49 29.49 5.97
N SER A 9 -34.47 29.68 7.29
CA SER A 9 -35.61 30.20 8.02
C SER A 9 -35.14 31.23 9.04
N LEU A 10 -35.44 32.50 8.79
CA LEU A 10 -35.02 33.57 9.67
C LEU A 10 -36.10 33.92 10.67
N ASP A 11 -35.74 33.96 11.95
CA ASP A 11 -36.68 34.31 13.00
C ASP A 11 -36.09 35.45 13.82
N TYR A 12 -36.93 36.18 14.54
CA TYR A 12 -36.45 37.31 15.32
C TYR A 12 -36.63 37.09 16.82
N ASP A 13 -35.82 37.80 17.59
CA ASP A 13 -35.87 37.73 19.04
C ASP A 13 -35.63 39.13 19.61
N PHE A 14 -36.45 39.50 20.60
CA PHE A 14 -36.34 40.82 21.20
C PHE A 14 -35.68 40.79 22.57
N GLN A 15 -35.55 39.60 23.16
CA GLN A 15 -34.94 39.48 24.48
C GLN A 15 -33.44 39.73 24.41
N ASN A 16 -32.84 39.34 23.30
CA ASN A 16 -31.40 39.52 23.11
C ASN A 16 -31.16 40.57 22.03
N ASN A 17 -32.24 41.02 21.40
CA ASN A 17 -32.18 42.02 20.33
C ASN A 17 -31.33 41.53 19.17
N GLN A 18 -31.79 40.45 18.53
CA GLN A 18 -31.06 39.89 17.41
C GLN A 18 -31.98 39.04 16.54
N LEU A 19 -31.47 38.67 15.37
CA LEU A 19 -32.20 37.82 14.45
C LEU A 19 -31.50 36.47 14.37
N LEU A 20 -32.27 35.42 14.61
CA LEU A 20 -31.72 34.08 14.58
C LEU A 20 -31.64 33.58 13.14
N VAL A 21 -30.45 33.67 12.58
CA VAL A 21 -30.22 33.23 11.22
C VAL A 21 -29.90 31.75 11.20
N GLY A 22 -30.88 30.95 10.82
CA GLY A 22 -30.69 29.52 10.75
C GLY A 22 -30.87 28.99 9.35
N ILE A 23 -29.83 28.38 8.81
CA ILE A 23 -29.89 27.83 7.46
C ILE A 23 -30.05 26.33 7.51
N ILE A 24 -30.74 25.77 6.52
CA ILE A 24 -30.96 24.34 6.45
C ILE A 24 -29.86 23.68 5.64
N GLN A 25 -29.73 24.09 4.39
CA GLN A 25 -28.71 23.51 3.51
C GLN A 25 -28.62 24.30 2.21
N ALA A 26 -27.60 23.97 1.42
CA ALA A 26 -27.37 24.61 0.14
C ALA A 26 -27.25 23.52 -0.92
N ALA A 27 -27.87 23.71 -2.07
CA ALA A 27 -27.83 22.71 -3.12
C ALA A 27 -27.36 23.26 -4.45
N GLU A 28 -26.65 22.41 -5.20
CA GLU A 28 -26.13 22.74 -6.52
C GLU A 28 -24.99 23.76 -6.47
N LEU A 29 -24.01 23.49 -5.62
CA LEU A 29 -22.86 24.37 -5.50
C LEU A 29 -21.81 24.03 -6.56
N PRO A 30 -21.12 25.03 -7.11
CA PRO A 30 -20.09 24.81 -8.14
C PRO A 30 -18.86 24.10 -7.59
N ALA A 31 -18.16 23.37 -8.46
CA ALA A 31 -16.97 22.65 -8.07
C ALA A 31 -15.73 23.52 -8.24
N LEU A 32 -14.91 23.57 -7.20
CA LEU A 32 -13.69 24.36 -7.22
C LEU A 32 -12.48 23.47 -6.97
N ASP A 33 -12.53 22.68 -5.90
CA ASP A 33 -11.43 21.79 -5.57
C ASP A 33 -11.26 20.72 -6.64
N MET A 34 -10.02 20.39 -6.95
CA MET A 34 -9.70 19.39 -7.97
C MET A 34 -10.19 18.02 -7.53
N GLY A 35 -11.37 17.66 -8.02
CA GLY A 35 -11.96 16.38 -7.68
C GLY A 35 -13.45 16.40 -7.91
N GLY A 36 -14.02 17.60 -7.95
CA GLY A 36 -15.44 17.73 -8.18
C GLY A 36 -16.20 18.06 -6.91
N THR A 37 -15.51 17.99 -5.79
CA THR A 37 -16.12 18.28 -4.51
C THR A 37 -15.32 19.33 -3.76
N SER A 38 -15.81 20.56 -3.82
CA SER A 38 -15.14 21.68 -3.16
C SER A 38 -15.38 21.66 -1.66
N ASP A 39 -14.75 22.59 -0.96
CA ASP A 39 -14.90 22.71 0.50
C ASP A 39 -15.56 24.05 0.81
N PRO A 40 -16.87 24.17 0.54
CA PRO A 40 -17.60 25.41 0.75
C PRO A 40 -18.21 25.58 2.13
N TYR A 41 -17.95 26.73 2.72
CA TYR A 41 -18.50 27.09 4.01
C TYR A 41 -19.06 28.50 3.93
N VAL A 42 -20.18 28.74 4.56
CA VAL A 42 -20.81 30.04 4.52
C VAL A 42 -20.28 30.97 5.59
N LYS A 43 -19.85 32.15 5.18
CA LYS A 43 -19.35 33.14 6.12
C LYS A 43 -20.25 34.35 6.08
N VAL A 44 -20.77 34.73 7.24
CA VAL A 44 -21.66 35.86 7.35
C VAL A 44 -20.89 37.17 7.44
N PHE A 45 -21.11 38.03 6.46
CA PHE A 45 -20.44 39.31 6.43
C PHE A 45 -21.48 40.42 6.53
N LEU A 46 -21.05 41.60 6.91
CA LEU A 46 -21.97 42.73 7.07
C LEU A 46 -21.54 43.90 6.20
N LEU A 47 -22.45 44.86 6.06
CA LEU A 47 -22.20 46.07 5.29
C LEU A 47 -21.30 47.00 6.13
N PRO A 48 -21.11 48.32 5.76
CA PRO A 48 -20.25 49.26 6.51
C PRO A 48 -20.29 49.11 8.04
N ASP A 49 -21.42 48.64 8.57
CA ASP A 49 -21.58 48.40 10.01
C ASP A 49 -20.41 47.58 10.54
N LYS A 50 -20.11 46.48 9.83
CA LYS A 50 -19.01 45.57 10.15
C LYS A 50 -18.89 45.23 11.64
N LYS A 51 -20.00 44.89 12.28
CA LYS A 51 -19.98 44.54 13.70
C LYS A 51 -20.29 43.07 13.91
N LYS A 52 -20.36 42.30 12.82
CA LYS A 52 -20.66 40.88 12.93
C LYS A 52 -19.83 40.07 11.94
N LYS A 53 -19.22 39.00 12.45
CA LYS A 53 -18.40 38.11 11.63
C LYS A 53 -18.31 36.74 12.31
N PHE A 54 -18.85 35.72 11.66
CA PHE A 54 -18.84 34.38 12.22
C PHE A 54 -18.38 33.36 11.17
N GLU A 55 -17.43 32.52 11.55
CA GLU A 55 -16.90 31.49 10.68
C GLU A 55 -17.59 30.16 10.98
N THR A 56 -18.08 29.51 9.95
CA THR A 56 -18.77 28.24 10.11
C THR A 56 -17.80 27.07 9.95
N LYS A 57 -18.29 25.87 10.23
CA LYS A 57 -17.49 24.67 10.11
C LYS A 57 -17.30 24.32 8.64
N VAL A 58 -16.05 24.27 8.19
CA VAL A 58 -15.76 23.95 6.80
C VAL A 58 -16.22 22.54 6.45
N HIS A 59 -17.08 22.45 5.44
CA HIS A 59 -17.59 21.17 4.98
C HIS A 59 -16.70 20.67 3.86
N ARG A 60 -15.78 19.78 4.19
CA ARG A 60 -14.84 19.25 3.22
C ARG A 60 -15.50 18.32 2.20
N LYS A 61 -15.19 18.55 0.94
CA LYS A 61 -15.68 17.76 -0.19
C LYS A 61 -17.20 17.62 -0.20
N THR A 62 -17.90 18.62 -0.74
CA THR A 62 -19.36 18.57 -0.81
C THR A 62 -19.91 19.66 -1.72
N LEU A 63 -21.02 19.35 -2.38
CA LEU A 63 -21.70 20.30 -3.25
C LEU A 63 -23.12 20.46 -2.76
N ASN A 64 -23.39 19.86 -1.61
CA ASN A 64 -24.70 19.89 -0.97
C ASN A 64 -24.51 19.61 0.52
N PRO A 65 -24.05 20.61 1.27
CA PRO A 65 -23.79 20.46 2.70
C PRO A 65 -25.04 20.64 3.57
N VAL A 66 -25.08 19.86 4.64
CA VAL A 66 -26.16 19.91 5.62
C VAL A 66 -25.55 19.99 7.01
N PHE A 67 -25.87 21.03 7.76
CA PHE A 67 -25.31 21.20 9.09
C PHE A 67 -26.21 22.07 9.98
N ASN A 68 -26.91 23.01 9.35
CA ASN A 68 -27.81 23.93 10.07
C ASN A 68 -27.00 24.87 10.93
N GLU A 69 -26.23 25.74 10.29
CA GLU A 69 -25.42 26.71 10.99
C GLU A 69 -26.30 27.80 11.61
N GLN A 70 -26.01 28.13 12.86
CA GLN A 70 -26.76 29.14 13.57
C GLN A 70 -25.94 30.42 13.70
N PHE A 71 -26.44 31.50 13.13
CA PHE A 71 -25.75 32.78 13.19
C PHE A 71 -26.56 33.79 14.00
N THR A 72 -25.94 34.31 15.03
CA THR A 72 -26.57 35.29 15.90
C THR A 72 -26.41 36.70 15.33
N PHE A 73 -27.42 37.15 14.60
CA PHE A 73 -27.39 38.49 14.01
C PHE A 73 -27.73 39.51 15.07
N LYS A 74 -26.76 39.78 15.95
CA LYS A 74 -26.93 40.73 17.04
C LYS A 74 -27.01 42.17 16.52
N VAL A 75 -28.21 42.54 16.08
CA VAL A 75 -28.48 43.87 15.57
C VAL A 75 -29.86 44.29 16.05
N PRO A 76 -29.96 45.41 16.78
CA PRO A 76 -31.24 45.91 17.28
C PRO A 76 -32.27 46.05 16.17
N TYR A 77 -33.52 45.70 16.48
CA TYR A 77 -34.61 45.78 15.50
C TYR A 77 -34.78 47.20 14.97
N SER A 78 -34.35 48.18 15.76
CA SER A 78 -34.44 49.57 15.37
C SER A 78 -33.43 49.88 14.26
N GLU A 79 -32.37 49.07 14.19
CA GLU A 79 -31.32 49.25 13.19
C GLU A 79 -31.47 48.24 12.06
N LEU A 80 -32.51 47.42 12.15
CA LEU A 80 -32.77 46.39 11.15
C LEU A 80 -32.93 46.98 9.76
N GLY A 81 -33.73 48.04 9.66
CA GLY A 81 -33.97 48.67 8.37
C GLY A 81 -32.70 49.25 7.76
N GLY A 82 -31.84 49.80 8.61
CA GLY A 82 -30.61 50.39 8.13
C GLY A 82 -29.46 49.39 8.11
N LYS A 83 -29.79 48.12 8.01
CA LYS A 83 -28.77 47.07 7.97
C LYS A 83 -29.07 46.07 6.86
N THR A 84 -28.02 45.55 6.25
CA THR A 84 -28.16 44.58 5.17
C THR A 84 -27.34 43.33 5.48
N LEU A 85 -27.97 42.16 5.35
CA LEU A 85 -27.30 40.90 5.61
C LEU A 85 -26.68 40.35 4.34
N VAL A 86 -25.40 40.02 4.40
CA VAL A 86 -24.69 39.46 3.24
C VAL A 86 -24.10 38.10 3.58
N MET A 87 -24.69 37.05 3.01
CA MET A 87 -24.22 35.70 3.24
C MET A 87 -23.44 35.21 2.03
N ALA A 88 -22.14 35.02 2.22
CA ALA A 88 -21.28 34.57 1.13
C ALA A 88 -20.70 33.20 1.42
N VAL A 89 -20.61 32.36 0.41
CA VAL A 89 -20.05 31.04 0.56
C VAL A 89 -18.60 31.05 0.09
N TYR A 90 -17.70 30.66 0.97
CA TYR A 90 -16.28 30.63 0.68
C TYR A 90 -15.79 29.20 0.55
N ASP A 91 -14.84 28.99 -0.35
CA ASP A 91 -14.27 27.67 -0.56
C ASP A 91 -12.97 27.55 0.24
N PHE A 92 -12.64 26.33 0.65
CA PHE A 92 -11.44 26.10 1.41
C PHE A 92 -10.68 24.90 0.84
N ASP A 93 -10.35 24.97 -0.45
CA ASP A 93 -9.60 23.91 -1.14
C ASP A 93 -8.24 23.65 -0.49
N ARG A 94 -7.79 24.60 0.33
CA ARG A 94 -6.52 24.50 1.07
C ARG A 94 -5.30 24.48 0.14
N PHE A 95 -5.42 25.04 -1.06
CA PHE A 95 -4.28 25.06 -1.98
C PHE A 95 -4.28 26.31 -2.83
N SER A 96 -5.32 26.47 -3.61
CA SER A 96 -5.45 27.62 -4.50
C SER A 96 -5.96 28.82 -3.71
N LYS A 97 -5.89 29.99 -4.32
CA LYS A 97 -6.37 31.20 -3.67
C LYS A 97 -7.89 31.27 -3.80
N HIS A 98 -8.54 30.30 -3.15
CA HIS A 98 -10.00 30.18 -3.13
C HIS A 98 -10.67 31.50 -2.83
N ASP A 99 -11.76 31.77 -3.55
CA ASP A 99 -12.50 33.00 -3.39
C ASP A 99 -13.98 32.72 -3.14
N ILE A 100 -14.80 33.74 -3.29
CA ILE A 100 -16.23 33.61 -3.11
C ILE A 100 -16.87 33.16 -4.41
N ILE A 101 -17.45 31.96 -4.40
CA ILE A 101 -18.09 31.42 -5.59
C ILE A 101 -19.46 32.06 -5.81
N GLY A 102 -20.06 32.53 -4.72
CA GLY A 102 -21.36 33.16 -4.81
C GLY A 102 -21.84 33.65 -3.46
N GLU A 103 -22.92 34.41 -3.47
CA GLU A 103 -23.48 34.96 -2.24
C GLU A 103 -24.88 35.49 -2.49
N PHE A 104 -25.52 35.99 -1.44
CA PHE A 104 -26.85 36.56 -1.54
C PHE A 104 -27.05 37.59 -0.45
N LYS A 105 -27.82 38.63 -0.77
CA LYS A 105 -28.08 39.69 0.18
C LYS A 105 -29.56 40.05 0.14
N VAL A 106 -30.11 40.39 1.29
CA VAL A 106 -31.51 40.76 1.38
C VAL A 106 -31.69 41.98 2.27
N PRO A 107 -32.43 42.99 1.79
CA PRO A 107 -32.69 44.20 2.57
C PRO A 107 -33.60 43.90 3.75
N MET A 108 -33.03 43.95 4.95
CA MET A 108 -33.78 43.67 6.18
C MET A 108 -34.94 44.64 6.35
N ASN A 109 -34.83 45.81 5.71
CA ASN A 109 -35.87 46.83 5.77
C ASN A 109 -37.16 46.32 5.13
N THR A 110 -37.01 45.46 4.14
CA THR A 110 -38.15 44.90 3.43
C THR A 110 -38.66 43.63 4.12
N VAL A 111 -37.80 43.04 4.94
CA VAL A 111 -38.15 41.82 5.65
C VAL A 111 -39.05 42.13 6.83
N ASP A 112 -40.26 41.56 6.82
CA ASP A 112 -41.20 41.75 7.90
C ASP A 112 -40.96 40.72 8.99
N PHE A 113 -40.52 41.19 10.15
CA PHE A 113 -40.25 40.31 11.27
C PHE A 113 -41.49 40.10 12.12
N GLY A 114 -42.57 39.69 11.46
CA GLY A 114 -43.81 39.44 12.17
C GLY A 114 -43.77 38.10 12.88
N HIS A 115 -43.22 37.11 12.18
CA HIS A 115 -43.10 35.77 12.72
C HIS A 115 -41.78 35.14 12.27
N VAL A 116 -41.82 34.41 11.18
CA VAL A 116 -40.62 33.76 10.64
C VAL A 116 -40.56 33.96 9.13
N THR A 117 -39.35 34.16 8.63
CA THR A 117 -39.13 34.35 7.21
C THR A 117 -38.53 33.10 6.59
N GLU A 118 -39.38 32.23 6.07
CA GLU A 118 -38.94 31.00 5.44
C GLU A 118 -39.10 31.10 3.93
N GLU A 119 -38.04 30.80 3.20
CA GLU A 119 -38.06 30.86 1.75
C GLU A 119 -36.86 30.15 1.15
N TRP A 120 -36.96 29.80 -0.12
CA TRP A 120 -35.86 29.15 -0.81
C TRP A 120 -35.09 30.19 -1.62
N ARG A 121 -34.12 30.82 -0.97
CA ARG A 121 -33.32 31.86 -1.61
C ARG A 121 -32.45 31.30 -2.71
N ASP A 122 -32.50 31.96 -3.86
CA ASP A 122 -31.69 31.58 -4.99
C ASP A 122 -30.28 32.10 -4.79
N LEU A 123 -29.31 31.27 -5.09
CA LEU A 123 -27.91 31.65 -4.93
C LEU A 123 -27.35 32.13 -6.25
N GLN A 124 -26.68 33.27 -6.22
CA GLN A 124 -26.09 33.84 -7.43
C GLN A 124 -24.58 33.96 -7.30
N SER A 125 -23.90 33.76 -8.42
CA SER A 125 -22.45 33.84 -8.46
C SER A 125 -22.00 35.30 -8.47
N ALA A 126 -21.20 35.67 -7.48
CA ALA A 126 -20.70 37.03 -7.38
C ALA A 126 -19.18 37.01 -7.25
N GLU A 127 -18.51 37.13 -8.38
CA GLU A 127 -17.05 37.11 -8.41
C GLU A 127 -16.46 38.34 -7.73
N LYS A 128 -15.97 38.16 -6.53
CA LYS A 128 -15.37 39.23 -5.77
C LYS A 128 -13.85 39.24 -5.96
N MET B 1 32.43 1.73 -16.23
CA MET B 1 33.54 1.02 -15.55
C MET B 1 33.36 1.08 -14.03
N ALA B 2 33.15 2.28 -13.51
CA ALA B 2 32.94 2.48 -12.07
C ALA B 2 31.48 2.81 -11.81
N ALA B 3 30.92 2.28 -10.72
CA ALA B 3 29.53 2.51 -10.36
C ALA B 3 28.59 2.00 -11.45
N GLU B 4 28.26 0.71 -11.39
CA GLU B 4 27.38 0.10 -12.36
C GLU B 4 25.93 0.25 -11.96
N PRO B 5 25.02 0.37 -12.95
CA PRO B 5 23.58 0.50 -12.70
C PRO B 5 22.99 -0.75 -12.07
N LEU B 6 22.01 -0.56 -11.21
CA LEU B 6 21.35 -1.67 -10.55
C LEU B 6 20.13 -2.10 -11.35
N THR B 7 19.29 -2.92 -10.74
CA THR B 7 18.06 -3.37 -11.40
C THR B 7 17.09 -2.20 -11.56
N GLU B 8 16.19 -2.31 -12.52
CA GLU B 8 15.19 -1.27 -12.80
C GLU B 8 14.56 -0.71 -11.52
N LEU B 9 13.88 -1.57 -10.76
CA LEU B 9 13.22 -1.14 -9.53
C LEU B 9 14.23 -0.60 -8.52
N GLU B 10 15.44 -1.16 -8.51
CA GLU B 10 16.48 -0.70 -7.60
C GLU B 10 16.83 0.75 -7.88
N GLU B 11 16.99 1.06 -9.16
CA GLU B 11 17.31 2.42 -9.57
C GLU B 11 16.16 3.37 -9.21
N SER B 12 14.93 2.87 -9.39
CA SER B 12 13.73 3.65 -9.10
C SER B 12 13.65 3.99 -7.61
N ILE B 13 13.88 3.01 -6.75
CA ILE B 13 13.81 3.24 -5.32
C ILE B 13 14.99 4.09 -4.84
N GLU B 14 16.12 3.99 -5.54
CA GLU B 14 17.29 4.77 -5.18
C GLU B 14 16.99 6.26 -5.34
N THR B 15 16.25 6.60 -6.40
CA THR B 15 15.88 7.97 -6.68
C THR B 15 15.14 8.61 -5.51
N VAL B 16 14.04 7.97 -5.08
CA VAL B 16 13.24 8.49 -3.98
C VAL B 16 14.02 8.50 -2.67
N VAL B 17 14.99 7.58 -2.55
CA VAL B 17 15.82 7.51 -1.36
C VAL B 17 16.64 8.80 -1.23
N THR B 18 17.22 9.24 -2.34
CA THR B 18 18.00 10.47 -2.33
C THR B 18 17.12 11.66 -1.95
N THR B 19 15.96 11.75 -2.58
CA THR B 19 15.01 12.83 -2.31
C THR B 19 14.63 12.83 -0.82
N PHE B 20 14.33 11.65 -0.30
CA PHE B 20 13.95 11.48 1.09
C PHE B 20 15.09 11.94 2.00
N PHE B 21 16.31 11.55 1.65
CA PHE B 21 17.50 11.90 2.41
C PHE B 21 17.83 13.39 2.28
N THR B 22 17.32 14.03 1.23
CA THR B 22 17.56 15.44 1.01
C THR B 22 16.68 16.29 1.92
N PHE B 23 15.55 15.73 2.33
CA PHE B 23 14.63 16.46 3.19
C PHE B 23 14.82 16.08 4.66
N ALA B 24 15.01 14.80 4.91
CA ALA B 24 15.23 14.32 6.28
C ALA B 24 16.63 14.67 6.73
N ARG B 25 16.85 15.95 6.99
CA ARG B 25 18.15 16.47 7.42
C ARG B 25 18.08 17.97 7.66
N GLN B 26 16.94 18.57 7.33
CA GLN B 26 16.76 20.01 7.50
C GLN B 26 16.63 20.38 8.97
N GLU B 27 15.84 19.62 9.71
CA GLU B 27 15.65 19.88 11.13
C GLU B 27 16.54 18.98 11.97
N GLY B 28 16.54 17.69 11.68
CA GLY B 28 17.37 16.77 12.43
C GLY B 28 16.93 15.33 12.25
N ARG B 29 17.76 14.40 12.73
CA ARG B 29 17.47 12.97 12.64
C ARG B 29 17.28 12.54 11.18
N LYS B 30 18.40 12.37 10.48
CA LYS B 30 18.37 11.96 9.08
C LYS B 30 17.89 10.51 8.93
N ASP B 31 16.58 10.33 9.08
CA ASP B 31 15.94 9.03 8.98
C ASP B 31 14.42 9.20 9.07
N SER B 32 14.01 10.31 9.68
CA SER B 32 12.59 10.60 9.84
C SER B 32 12.31 12.04 9.40
N LEU B 33 11.04 12.32 9.10
CA LEU B 33 10.63 13.65 8.64
C LEU B 33 9.78 14.37 9.69
N SER B 34 10.21 15.57 10.04
CA SER B 34 9.47 16.38 10.99
C SER B 34 8.28 17.04 10.29
N VAL B 35 7.39 17.64 11.07
CA VAL B 35 6.19 18.30 10.53
C VAL B 35 6.56 19.31 9.45
N ASN B 36 7.57 20.13 9.73
CA ASN B 36 8.02 21.14 8.79
C ASN B 36 8.61 20.52 7.52
N GLU B 37 9.56 19.60 7.70
CA GLU B 37 10.22 18.94 6.58
C GLU B 37 9.21 18.22 5.68
N PHE B 38 8.19 17.64 6.30
CA PHE B 38 7.15 16.92 5.57
C PHE B 38 6.40 17.89 4.65
N LYS B 39 6.04 19.05 5.18
CA LYS B 39 5.32 20.06 4.42
C LYS B 39 6.20 20.63 3.30
N GLU B 40 7.47 20.86 3.62
CA GLU B 40 8.42 21.41 2.65
C GLU B 40 8.51 20.55 1.40
N LEU B 41 8.42 19.24 1.58
CA LEU B 41 8.47 18.31 0.45
C LEU B 41 7.25 18.48 -0.44
N VAL B 42 6.08 18.48 0.17
CA VAL B 42 4.82 18.60 -0.55
C VAL B 42 4.73 19.93 -1.32
N THR B 43 5.08 21.01 -0.65
CA THR B 43 5.02 22.34 -1.26
C THR B 43 6.18 22.58 -2.23
N GLN B 44 7.06 21.62 -2.39
CA GLN B 44 8.20 21.78 -3.28
C GLN B 44 8.10 20.92 -4.53
N GLN B 45 8.09 19.60 -4.36
CA GLN B 45 8.04 18.70 -5.51
C GLN B 45 6.76 17.89 -5.58
N LEU B 46 5.67 18.41 -5.02
CA LEU B 46 4.40 17.70 -5.07
C LEU B 46 3.19 18.64 -5.15
N PRO B 47 3.22 19.69 -6.00
CA PRO B 47 2.10 20.62 -6.11
C PRO B 47 1.11 20.23 -7.20
N HIS B 48 1.43 19.16 -7.92
CA HIS B 48 0.59 18.69 -9.01
C HIS B 48 -0.21 17.46 -8.57
N LEU B 49 0.43 16.56 -7.85
CA LEU B 49 -0.23 15.34 -7.40
C LEU B 49 -1.18 15.63 -6.24
N LEU B 50 -0.64 16.14 -5.14
CA LEU B 50 -1.45 16.47 -3.97
C LEU B 50 -1.52 17.98 -3.80
N LYS B 51 -2.59 18.57 -4.31
CA LYS B 51 -2.76 20.01 -4.23
C LYS B 51 -3.32 20.44 -2.86
N ASP B 52 -2.44 20.52 -1.88
CA ASP B 52 -2.82 20.94 -0.54
C ASP B 52 -1.61 21.52 0.17
N VAL B 53 -1.65 22.82 0.43
CA VAL B 53 -0.57 23.50 1.10
C VAL B 53 -1.09 24.23 2.33
N GLY B 54 -2.31 23.90 2.71
CA GLY B 54 -2.93 24.54 3.86
C GLY B 54 -3.22 23.58 4.99
N SER B 55 -3.60 22.35 4.66
CA SER B 55 -3.92 21.37 5.67
C SER B 55 -3.01 20.15 5.59
N LEU B 56 -1.74 20.36 5.92
CA LEU B 56 -0.76 19.27 5.90
C LEU B 56 -0.94 18.41 7.14
N ASP B 57 -1.40 19.03 8.21
CA ASP B 57 -1.63 18.34 9.48
C ASP B 57 -2.70 17.26 9.32
N GLU B 58 -3.64 17.50 8.42
CA GLU B 58 -4.72 16.56 8.15
C GLU B 58 -4.14 15.22 7.69
N LYS B 59 -3.11 15.29 6.85
CA LYS B 59 -2.46 14.10 6.32
C LYS B 59 -1.52 13.51 7.36
N MET B 60 -0.85 14.40 8.09
CA MET B 60 0.08 13.97 9.13
C MET B 60 -0.63 13.12 10.18
N LYS B 61 -1.82 13.56 10.58
CA LYS B 61 -2.61 12.85 11.58
C LYS B 61 -3.27 11.60 11.00
N SER B 62 -2.94 11.29 9.76
CA SER B 62 -3.48 10.11 9.09
C SER B 62 -2.36 9.13 8.78
N LEU B 63 -1.17 9.66 8.51
CA LEU B 63 0.00 8.86 8.19
C LEU B 63 0.70 8.41 9.46
N ASP B 64 0.86 9.33 10.41
CA ASP B 64 1.52 9.03 11.67
C ASP B 64 0.59 8.26 12.59
N VAL B 65 0.97 7.03 12.91
CA VAL B 65 0.17 6.18 13.77
C VAL B 65 0.75 6.11 15.17
N ASN B 66 1.85 6.83 15.39
CA ASN B 66 2.49 6.85 16.70
C ASN B 66 2.21 8.18 17.38
N GLN B 67 1.84 9.17 16.57
CA GLN B 67 1.48 10.51 17.02
C GLN B 67 2.61 11.19 17.78
N ASP B 68 3.75 11.33 17.14
CA ASP B 68 4.89 12.01 17.76
C ASP B 68 5.31 13.20 16.90
N SER B 69 4.61 13.36 15.77
CA SER B 69 4.85 14.45 14.83
C SER B 69 6.18 14.28 14.10
N GLU B 70 6.59 13.04 13.90
CA GLU B 70 7.81 12.73 13.20
C GLU B 70 7.62 11.48 12.36
N LEU B 71 7.40 11.67 11.08
CA LEU B 71 7.17 10.58 10.15
C LEU B 71 8.46 9.79 9.92
N LYS B 72 8.57 8.62 10.52
CA LYS B 72 9.76 7.79 10.36
C LYS B 72 9.76 7.16 8.96
N PHE B 73 10.78 6.37 8.66
CA PHE B 73 10.92 5.72 7.34
C PHE B 73 9.63 5.03 6.91
N ASN B 74 9.06 4.23 7.80
CA ASN B 74 7.83 3.50 7.51
C ASN B 74 6.65 4.44 7.33
N GLU B 75 6.50 5.36 8.27
CA GLU B 75 5.40 6.32 8.25
C GLU B 75 5.46 7.23 7.02
N TYR B 76 6.68 7.62 6.64
CA TYR B 76 6.88 8.48 5.49
C TYR B 76 6.51 7.77 4.19
N TRP B 77 6.85 6.48 4.13
CA TRP B 77 6.55 5.68 2.94
C TRP B 77 5.05 5.55 2.72
N ARG B 78 4.27 5.72 3.78
CA ARG B 78 2.82 5.64 3.69
C ARG B 78 2.28 6.76 2.80
N LEU B 79 3.03 7.85 2.71
CA LEU B 79 2.64 8.99 1.88
C LEU B 79 2.70 8.58 0.41
N ILE B 80 3.72 7.82 0.04
CA ILE B 80 3.91 7.36 -1.32
C ILE B 80 2.74 6.50 -1.77
N GLY B 81 2.18 5.75 -0.82
CA GLY B 81 1.03 4.92 -1.12
C GLY B 81 -0.17 5.74 -1.56
N GLU B 82 -0.36 6.87 -0.90
CA GLU B 82 -1.46 7.76 -1.23
C GLU B 82 -1.15 8.51 -2.52
N LEU B 83 0.14 8.73 -2.78
CA LEU B 83 0.56 9.43 -3.98
C LEU B 83 0.20 8.61 -5.22
N ALA B 84 0.51 7.32 -5.18
CA ALA B 84 0.20 6.42 -6.28
C ALA B 84 -1.32 6.29 -6.42
N LYS B 85 -2.00 6.45 -5.30
CA LYS B 85 -3.46 6.37 -5.27
C LYS B 85 -4.05 7.62 -5.91
N GLU B 86 -3.34 8.74 -5.76
CA GLU B 86 -3.79 10.02 -6.29
C GLU B 86 -3.47 10.18 -7.78
N ILE B 87 -2.71 9.25 -8.35
CA ILE B 87 -2.38 9.34 -9.77
C ILE B 87 -3.23 8.36 -10.58
N ARG B 88 -3.76 7.34 -9.92
CA ARG B 88 -4.58 6.35 -10.59
C ARG B 88 -6.06 6.51 -10.24
N LYS B 89 -6.33 6.73 -8.97
CA LYS B 89 -7.71 6.90 -8.50
C LYS B 89 -8.05 8.36 -8.32
N LYS B 90 -7.27 9.05 -7.49
CA LYS B 90 -7.47 10.46 -7.20
C LYS B 90 -8.85 10.66 -6.59
N LYS B 91 -9.77 11.27 -7.34
CA LYS B 91 -11.11 11.50 -6.86
C LYS B 91 -12.13 10.79 -7.74
N ASP B 92 -12.06 9.47 -7.74
CA ASP B 92 -12.97 8.65 -8.55
C ASP B 92 -14.37 8.69 -7.95
N LEU B 93 -15.05 9.80 -8.19
CA LEU B 93 -16.40 10.02 -7.71
C LEU B 93 -17.05 11.06 -8.60
N LYS B 94 -16.33 12.15 -8.82
CA LYS B 94 -16.82 13.23 -9.66
C LYS B 94 -15.83 13.50 -10.79
N ILE B 95 -14.75 14.22 -10.49
CA ILE B 95 -13.73 14.52 -11.50
C ILE B 95 -12.59 13.53 -11.39
N ARG B 96 -12.34 12.80 -12.47
CA ARG B 96 -11.29 11.79 -12.51
C ARG B 96 -10.12 12.28 -13.37
N LYS B 97 -9.25 11.35 -13.75
CA LYS B 97 -8.07 11.63 -14.58
C LYS B 97 -7.07 12.49 -13.81
N LYS B 98 -6.18 13.15 -14.54
CA LYS B 98 -5.17 13.99 -13.91
C LYS B 98 -5.23 15.41 -14.48
N MET C 1 -5.34 6.19 -17.94
CA MET C 1 -5.45 6.00 -19.40
C MET C 1 -4.10 6.22 -20.07
N ALA C 2 -3.42 7.28 -19.64
CA ALA C 2 -2.12 7.64 -20.18
C ALA C 2 -1.34 8.44 -19.16
N ALA C 3 -0.16 8.93 -19.55
CA ALA C 3 0.68 9.71 -18.64
C ALA C 3 1.19 10.98 -19.32
N GLU C 4 1.06 12.09 -18.61
CA GLU C 4 1.53 13.38 -19.09
C GLU C 4 2.86 13.71 -18.43
N PRO C 5 3.59 14.75 -18.89
CA PRO C 5 4.88 15.13 -18.30
C PRO C 5 4.74 15.46 -16.81
N LEU C 6 5.13 14.51 -15.96
CA LEU C 6 5.02 14.67 -14.52
C LEU C 6 6.34 15.15 -13.91
N THR C 7 6.34 15.39 -12.60
CA THR C 7 7.55 15.83 -11.89
C THR C 7 8.33 14.64 -11.32
N GLU C 8 9.46 14.95 -10.68
CA GLU C 8 10.36 13.94 -10.09
C GLU C 8 9.62 12.83 -9.34
N LEU C 9 9.01 13.19 -8.22
CA LEU C 9 8.30 12.22 -7.37
C LEU C 9 7.23 11.45 -8.15
N GLU C 10 6.59 12.12 -9.09
CA GLU C 10 5.54 11.49 -9.90
C GLU C 10 6.14 10.52 -10.92
N GLU C 11 7.31 10.86 -11.44
CA GLU C 11 7.98 10.01 -12.42
C GLU C 11 8.47 8.73 -11.74
N SER C 12 8.88 8.86 -10.48
CA SER C 12 9.37 7.72 -9.72
C SER C 12 8.28 6.67 -9.51
N ILE C 13 7.05 7.13 -9.30
CA ILE C 13 5.93 6.21 -9.08
C ILE C 13 5.40 5.71 -10.43
N GLU C 14 5.71 6.43 -11.50
CA GLU C 14 5.28 6.06 -12.83
C GLU C 14 6.14 4.92 -13.38
N THR C 15 7.38 4.85 -12.92
CA THR C 15 8.32 3.82 -13.36
C THR C 15 7.75 2.43 -13.09
N VAL C 16 7.31 2.19 -11.86
CA VAL C 16 6.75 0.89 -11.49
C VAL C 16 5.45 0.63 -12.26
N VAL C 17 4.76 1.70 -12.66
CA VAL C 17 3.53 1.57 -13.42
C VAL C 17 3.86 1.06 -14.81
N THR C 18 4.95 1.57 -15.37
CA THR C 18 5.40 1.14 -16.69
C THR C 18 5.74 -0.34 -16.66
N THR C 19 6.46 -0.75 -15.60
CA THR C 19 6.82 -2.15 -15.42
C THR C 19 5.58 -3.02 -15.37
N PHE C 20 4.55 -2.53 -14.69
CA PHE C 20 3.28 -3.25 -14.57
C PHE C 20 2.68 -3.51 -15.95
N PHE C 21 2.61 -2.48 -16.78
CA PHE C 21 2.05 -2.58 -18.12
C PHE C 21 2.93 -3.44 -19.04
N THR C 22 4.20 -3.57 -18.71
CA THR C 22 5.11 -4.36 -19.54
C THR C 22 5.22 -5.80 -19.05
N PHE C 23 4.54 -6.11 -17.95
CA PHE C 23 4.60 -7.47 -17.40
C PHE C 23 3.21 -8.12 -17.41
N ALA C 24 2.19 -7.32 -17.22
CA ALA C 24 0.82 -7.83 -17.21
C ALA C 24 0.25 -7.81 -18.62
N ARG C 25 0.88 -8.54 -19.53
CA ARG C 25 0.44 -8.59 -20.91
C ARG C 25 0.88 -9.87 -21.59
N GLN C 26 0.70 -10.98 -20.89
CA GLN C 26 1.07 -12.28 -21.43
C GLN C 26 -0.16 -13.18 -21.49
N GLU C 27 -0.99 -13.10 -20.46
CA GLU C 27 -2.19 -13.90 -20.38
C GLU C 27 -3.40 -13.12 -20.91
N GLY C 28 -3.72 -12.00 -20.26
CA GLY C 28 -4.84 -11.20 -20.71
C GLY C 28 -5.19 -10.06 -19.77
N ARG C 29 -5.69 -8.96 -20.35
CA ARG C 29 -6.09 -7.76 -19.61
C ARG C 29 -4.89 -7.12 -18.90
N LYS C 30 -4.29 -6.16 -19.57
CA LYS C 30 -3.11 -5.45 -19.05
C LYS C 30 -3.47 -4.51 -17.89
N ASP C 31 -4.73 -4.50 -17.51
CA ASP C 31 -5.20 -3.65 -16.42
C ASP C 31 -5.22 -4.43 -15.12
N SER C 32 -4.78 -5.68 -15.21
CA SER C 32 -4.76 -6.56 -14.05
C SER C 32 -3.60 -7.54 -14.16
N LEU C 33 -3.18 -8.07 -13.03
CA LEU C 33 -2.09 -9.04 -13.00
C LEU C 33 -2.65 -10.45 -12.92
N SER C 34 -2.26 -11.30 -13.86
CA SER C 34 -2.71 -12.67 -13.88
C SER C 34 -1.85 -13.53 -12.94
N VAL C 35 -1.70 -14.81 -13.26
CA VAL C 35 -0.92 -15.71 -12.41
C VAL C 35 0.47 -15.95 -12.98
N ASN C 36 0.57 -16.17 -14.29
CA ASN C 36 1.86 -16.41 -14.92
C ASN C 36 2.72 -15.15 -14.88
N GLU C 37 2.12 -14.03 -15.27
CA GLU C 37 2.80 -12.74 -15.30
C GLU C 37 3.33 -12.37 -13.91
N PHE C 38 2.56 -12.70 -12.89
CA PHE C 38 2.94 -12.39 -11.51
C PHE C 38 4.18 -13.19 -11.12
N LYS C 39 4.19 -14.47 -11.44
CA LYS C 39 5.31 -15.33 -11.13
C LYS C 39 6.55 -14.94 -11.94
N GLU C 40 6.33 -14.59 -13.21
CA GLU C 40 7.43 -14.18 -14.10
C GLU C 40 8.10 -12.91 -13.57
N LEU C 41 7.33 -12.08 -12.90
CA LEU C 41 7.83 -10.82 -12.34
C LEU C 41 8.81 -11.06 -11.20
N VAL C 42 8.41 -11.84 -10.20
CA VAL C 42 9.26 -12.10 -9.04
C VAL C 42 10.43 -13.01 -9.39
N THR C 43 10.21 -13.95 -10.30
CA THR C 43 11.27 -14.88 -10.69
C THR C 43 12.11 -14.34 -11.84
N GLN C 44 12.33 -13.03 -11.84
CA GLN C 44 13.12 -12.38 -12.88
C GLN C 44 13.51 -10.96 -12.50
N GLN C 45 12.52 -10.11 -12.30
CA GLN C 45 12.77 -8.71 -11.97
C GLN C 45 13.15 -8.52 -10.50
N LEU C 46 12.41 -9.15 -9.59
CA LEU C 46 12.71 -9.02 -8.17
C LEU C 46 12.91 -10.37 -7.50
N PRO C 47 13.97 -11.13 -7.85
CA PRO C 47 14.22 -12.44 -7.26
C PRO C 47 15.02 -12.36 -5.95
N HIS C 48 15.72 -11.25 -5.77
CA HIS C 48 16.51 -11.04 -4.57
C HIS C 48 15.80 -10.10 -3.61
N LEU C 49 15.19 -9.05 -4.15
CA LEU C 49 14.46 -8.10 -3.32
C LEU C 49 13.31 -8.83 -2.65
N LEU C 50 12.45 -9.43 -3.47
CA LEU C 50 11.35 -10.23 -2.97
C LEU C 50 11.89 -11.63 -2.78
N LYS C 51 12.25 -11.94 -1.55
CA LYS C 51 12.86 -13.21 -1.22
C LYS C 51 11.85 -14.36 -1.11
N ASP C 52 11.26 -14.73 -2.24
CA ASP C 52 10.32 -15.83 -2.30
C ASP C 52 9.81 -16.03 -3.72
N VAL C 53 10.21 -17.14 -4.31
CA VAL C 53 9.79 -17.48 -5.67
C VAL C 53 9.05 -18.80 -5.65
N GLY C 54 8.76 -19.28 -4.44
CA GLY C 54 8.07 -20.55 -4.30
C GLY C 54 6.66 -20.37 -3.79
N SER C 55 6.50 -19.56 -2.75
CA SER C 55 5.19 -19.32 -2.17
C SER C 55 4.56 -18.05 -2.75
N LEU C 56 4.84 -17.80 -4.03
CA LEU C 56 4.30 -16.65 -4.73
C LEU C 56 2.77 -16.69 -4.69
N ASP C 57 2.23 -17.90 -4.72
CA ASP C 57 0.79 -18.10 -4.70
C ASP C 57 0.21 -17.66 -3.34
N GLU C 58 1.02 -17.78 -2.29
CA GLU C 58 0.62 -17.38 -0.95
C GLU C 58 0.45 -15.86 -0.89
N LYS C 59 1.46 -15.15 -1.39
CA LYS C 59 1.43 -13.70 -1.41
C LYS C 59 0.29 -13.20 -2.28
N MET C 60 0.04 -13.94 -3.37
CA MET C 60 -1.03 -13.59 -4.30
C MET C 60 -2.38 -13.60 -3.59
N LYS C 61 -2.65 -14.67 -2.84
CA LYS C 61 -3.90 -14.82 -2.12
C LYS C 61 -4.01 -13.79 -0.98
N SER C 62 -2.87 -13.34 -0.49
CA SER C 62 -2.84 -12.36 0.59
C SER C 62 -3.08 -10.95 0.06
N LEU C 63 -2.77 -10.74 -1.22
CA LEU C 63 -2.96 -9.43 -1.84
C LEU C 63 -4.36 -9.31 -2.43
N ASP C 64 -4.78 -10.35 -3.14
CA ASP C 64 -6.10 -10.38 -3.77
C ASP C 64 -7.18 -10.62 -2.71
N VAL C 65 -7.83 -9.54 -2.30
CA VAL C 65 -8.88 -9.62 -1.30
C VAL C 65 -10.18 -10.13 -1.91
N ASN C 66 -10.24 -10.12 -3.24
CA ASN C 66 -11.41 -10.58 -3.97
C ASN C 66 -11.31 -12.09 -4.16
N GLN C 67 -10.08 -12.55 -4.35
CA GLN C 67 -9.77 -13.96 -4.56
C GLN C 67 -10.51 -14.46 -5.79
N ASP C 68 -10.37 -13.73 -6.89
CA ASP C 68 -11.00 -14.09 -8.14
C ASP C 68 -9.93 -14.42 -9.18
N SER C 69 -8.69 -14.40 -8.71
CA SER C 69 -7.52 -14.69 -9.54
C SER C 69 -7.26 -13.58 -10.55
N GLU C 70 -7.54 -12.35 -10.14
CA GLU C 70 -7.30 -11.19 -10.98
C GLU C 70 -6.86 -10.02 -10.12
N LEU C 71 -5.56 -9.79 -10.08
CA LEU C 71 -5.01 -8.72 -9.28
C LEU C 71 -5.23 -7.36 -9.95
N LYS C 72 -6.21 -6.62 -9.45
CA LYS C 72 -6.54 -5.31 -9.98
C LYS C 72 -5.40 -4.32 -9.74
N PHE C 73 -5.40 -3.23 -10.49
CA PHE C 73 -4.36 -2.20 -10.36
C PHE C 73 -4.55 -1.37 -9.09
N ASN C 74 -4.49 -2.07 -7.97
CA ASN C 74 -4.63 -1.47 -6.65
C ASN C 74 -4.13 -2.47 -5.62
N GLU C 75 -4.69 -3.67 -5.69
CA GLU C 75 -4.28 -4.75 -4.79
C GLU C 75 -2.86 -5.20 -5.13
N TYR C 76 -2.54 -5.15 -6.43
CA TYR C 76 -1.23 -5.54 -6.91
C TYR C 76 -0.15 -4.58 -6.41
N TRP C 77 -0.50 -3.31 -6.28
CA TRP C 77 0.45 -2.28 -5.84
C TRP C 77 0.99 -2.61 -4.46
N ARG C 78 0.21 -3.35 -3.68
CA ARG C 78 0.62 -3.75 -2.33
C ARG C 78 1.93 -4.54 -2.37
N LEU C 79 2.15 -5.26 -3.47
CA LEU C 79 3.36 -6.03 -3.65
C LEU C 79 4.59 -5.13 -3.64
N ILE C 80 4.45 -3.96 -4.26
CA ILE C 80 5.53 -2.98 -4.32
C ILE C 80 5.81 -2.44 -2.93
N GLY C 81 4.77 -2.36 -2.11
CA GLY C 81 4.93 -1.89 -0.75
C GLY C 81 5.66 -2.91 0.10
N GLU C 82 5.42 -4.18 -0.19
CA GLU C 82 6.06 -5.27 0.55
C GLU C 82 7.56 -5.29 0.30
N LEU C 83 7.95 -5.25 -0.97
CA LEU C 83 9.37 -5.26 -1.32
C LEU C 83 10.06 -3.97 -0.87
N ALA C 84 9.28 -2.93 -0.64
CA ALA C 84 9.81 -1.66 -0.19
C ALA C 84 10.18 -1.73 1.28
N LYS C 85 9.28 -2.27 2.10
CA LYS C 85 9.52 -2.40 3.53
C LYS C 85 10.56 -3.48 3.79
N GLU C 86 10.76 -4.34 2.80
CA GLU C 86 11.73 -5.43 2.88
C GLU C 86 13.16 -4.89 2.88
N ILE C 87 13.32 -3.60 2.57
CA ILE C 87 14.65 -2.99 2.55
C ILE C 87 15.06 -2.57 3.96
N ARG C 88 14.09 -2.50 4.86
CA ARG C 88 14.34 -2.10 6.23
C ARG C 88 14.14 -3.29 7.17
N LYS C 89 13.05 -4.02 6.96
CA LYS C 89 12.74 -5.18 7.78
C LYS C 89 13.33 -6.44 7.15
N LYS C 90 13.26 -7.54 7.88
CA LYS C 90 13.77 -8.83 7.40
C LYS C 90 12.66 -9.88 7.43
N LYS C 91 11.89 -9.86 8.52
CA LYS C 91 10.76 -10.77 8.70
C LYS C 91 9.89 -10.24 9.82
N ASP C 92 10.08 -8.96 10.10
CA ASP C 92 9.37 -8.25 11.15
C ASP C 92 7.99 -7.82 10.69
N LEU C 93 7.16 -8.79 10.36
CA LEU C 93 5.80 -8.52 9.91
C LEU C 93 4.90 -9.71 10.25
N LYS C 94 4.45 -10.43 9.22
CA LYS C 94 3.57 -11.59 9.36
C LYS C 94 2.18 -11.19 9.87
N ILE C 95 2.12 -10.73 11.12
CA ILE C 95 0.89 -10.29 11.80
C ILE C 95 -0.26 -11.29 11.70
N ARG C 96 -1.40 -10.91 12.28
CA ARG C 96 -2.59 -11.75 12.27
C ARG C 96 -3.82 -10.93 12.65
N LYS C 97 -4.54 -10.48 11.64
CA LYS C 97 -5.72 -9.68 11.84
C LYS C 97 -6.80 -10.10 10.84
N LYS C 98 -8.05 -10.16 11.29
CA LYS C 98 -9.15 -10.54 10.42
C LYS C 98 -9.95 -9.32 10.01
N GLU D 1 17.29 -26.37 -13.27
CA GLU D 1 16.82 -26.81 -11.95
C GLU D 1 17.97 -26.82 -10.95
N LYS D 2 18.06 -25.78 -10.13
CA LYS D 2 19.12 -25.68 -9.13
C LYS D 2 18.54 -25.60 -7.73
N LEU D 3 18.99 -26.47 -6.87
CA LEU D 3 18.54 -26.51 -5.48
C LEU D 3 19.73 -26.30 -4.54
N GLY D 4 20.92 -26.46 -5.08
CA GLY D 4 22.12 -26.29 -4.29
C GLY D 4 23.02 -27.50 -4.34
N LYS D 5 23.67 -27.81 -3.24
CA LYS D 5 24.57 -28.96 -3.17
C LYS D 5 24.45 -29.63 -1.80
N LEU D 6 24.55 -30.95 -1.79
CA LEU D 6 24.45 -31.71 -0.56
C LEU D 6 25.66 -32.62 -0.36
N GLN D 7 26.24 -32.56 0.82
CA GLN D 7 27.40 -33.39 1.14
C GLN D 7 26.95 -34.55 2.01
N TYR D 8 27.34 -35.77 1.63
CA TYR D 8 26.92 -36.95 2.38
C TYR D 8 27.88 -38.12 2.17
N SER D 9 27.68 -39.17 2.95
CA SER D 9 28.49 -40.38 2.87
C SER D 9 27.59 -41.60 2.94
N LEU D 10 27.83 -42.58 2.08
CA LEU D 10 27.03 -43.80 2.07
C LEU D 10 27.88 -45.03 2.37
N ASP D 11 27.41 -45.84 3.30
CA ASP D 11 28.09 -47.08 3.66
C ASP D 11 27.04 -48.18 3.80
N TYR D 12 27.47 -49.43 3.82
CA TYR D 12 26.52 -50.53 3.92
C TYR D 12 26.75 -51.36 5.18
N ASP D 13 25.66 -51.92 5.68
CA ASP D 13 25.71 -52.76 6.85
C ASP D 13 25.58 -54.22 6.44
N PHE D 14 26.39 -55.09 7.03
CA PHE D 14 26.39 -56.50 6.68
C PHE D 14 25.79 -57.39 7.78
N GLN D 15 25.38 -56.81 8.89
CA GLN D 15 24.82 -57.60 9.98
C GLN D 15 23.28 -57.54 9.97
N ASN D 16 22.73 -56.36 9.73
CA ASN D 16 21.27 -56.22 9.69
C ASN D 16 20.80 -56.00 8.27
N ASN D 17 21.77 -55.92 7.35
CA ASN D 17 21.51 -55.75 5.90
C ASN D 17 20.71 -54.49 5.59
N GLN D 18 21.42 -53.38 5.43
CA GLN D 18 20.80 -52.10 5.11
C GLN D 18 21.88 -51.09 4.69
N LEU D 19 21.45 -49.99 4.12
CA LEU D 19 22.38 -48.94 3.69
C LEU D 19 22.29 -47.76 4.64
N LEU D 20 23.42 -47.38 5.21
CA LEU D 20 23.48 -46.27 6.14
C LEU D 20 23.55 -44.95 5.39
N VAL D 21 22.40 -44.32 5.20
CA VAL D 21 22.33 -43.05 4.50
C VAL D 21 22.61 -41.91 5.48
N GLY D 22 23.84 -41.42 5.47
CA GLY D 22 24.22 -40.35 6.36
C GLY D 22 24.49 -39.06 5.63
N ILE D 23 23.58 -38.11 5.77
CA ILE D 23 23.72 -36.81 5.14
C ILE D 23 24.36 -35.82 6.11
N ILE D 24 25.32 -35.05 5.62
CA ILE D 24 26.02 -34.09 6.45
C ILE D 24 25.26 -32.76 6.48
N GLN D 25 25.14 -32.13 5.31
CA GLN D 25 24.46 -30.85 5.21
C GLN D 25 24.10 -30.53 3.77
N ALA D 26 23.30 -29.47 3.60
CA ALA D 26 22.89 -29.01 2.29
C ALA D 26 23.05 -27.49 2.23
N ALA D 27 23.54 -26.98 1.13
CA ALA D 27 23.75 -25.54 0.99
C ALA D 27 23.09 -24.98 -0.26
N GLU D 28 22.97 -23.65 -0.27
CA GLU D 28 22.38 -22.91 -1.40
C GLU D 28 20.91 -23.21 -1.58
N LEU D 29 20.22 -23.48 -0.48
CA LEU D 29 18.80 -23.79 -0.53
C LEU D 29 17.99 -22.55 -0.91
N PRO D 30 17.01 -22.70 -1.83
CA PRO D 30 16.14 -21.60 -2.28
C PRO D 30 15.20 -21.07 -1.19
N ALA D 31 14.59 -19.93 -1.46
CA ALA D 31 13.66 -19.30 -0.52
C ALA D 31 12.28 -19.93 -0.64
N LEU D 32 11.58 -20.05 0.49
CA LEU D 32 10.24 -20.62 0.51
C LEU D 32 9.30 -19.76 1.35
N ASP D 33 9.71 -19.41 2.55
CA ASP D 33 8.88 -18.58 3.42
C ASP D 33 9.30 -17.12 3.31
N MET D 34 8.37 -16.22 3.57
CA MET D 34 8.61 -14.78 3.48
C MET D 34 9.83 -14.35 4.30
N GLY D 35 10.90 -13.97 3.60
CA GLY D 35 12.11 -13.55 4.26
C GLY D 35 13.35 -14.13 3.61
N GLY D 36 13.13 -15.01 2.63
CA GLY D 36 14.25 -15.63 1.94
C GLY D 36 14.74 -16.87 2.65
N THR D 37 13.98 -17.31 3.64
CA THR D 37 14.35 -18.48 4.40
C THR D 37 13.38 -19.62 4.13
N SER D 38 13.56 -20.71 4.85
CA SER D 38 12.71 -21.88 4.71
C SER D 38 12.95 -22.84 5.87
N ASP D 39 12.06 -23.81 6.01
CA ASP D 39 12.18 -24.84 7.04
C ASP D 39 12.33 -26.18 6.33
N PRO D 40 13.48 -26.42 5.70
CA PRO D 40 13.71 -27.61 4.90
C PRO D 40 14.18 -28.84 5.68
N TYR D 41 13.42 -29.91 5.52
CA TYR D 41 13.76 -31.19 6.12
C TYR D 41 13.76 -32.24 5.02
N VAL D 42 14.74 -33.13 5.05
CA VAL D 42 14.85 -34.14 4.01
C VAL D 42 14.02 -35.39 4.35
N LYS D 43 13.09 -35.72 3.45
CA LYS D 43 12.26 -36.89 3.63
C LYS D 43 12.68 -37.95 2.63
N VAL D 44 13.09 -39.09 3.14
CA VAL D 44 13.55 -40.18 2.30
C VAL D 44 12.39 -41.00 1.76
N PHE D 45 12.17 -40.88 0.46
CA PHE D 45 11.11 -41.61 -0.21
C PHE D 45 11.71 -42.64 -1.15
N LEU D 46 10.94 -43.65 -1.50
CA LEU D 46 11.43 -44.70 -2.37
C LEU D 46 10.50 -44.90 -3.56
N LEU D 47 10.90 -45.78 -4.45
CA LEU D 47 10.13 -46.14 -5.64
C LEU D 47 8.98 -47.08 -5.20
N PRO D 48 8.30 -47.86 -6.11
CA PRO D 48 7.23 -48.80 -5.72
C PRO D 48 7.51 -49.59 -4.42
N ASP D 49 8.79 -49.70 -4.04
CA ASP D 49 9.19 -50.38 -2.81
C ASP D 49 8.42 -49.78 -1.63
N LYS D 50 8.76 -48.52 -1.33
CA LYS D 50 8.13 -47.76 -0.24
C LYS D 50 8.12 -48.53 1.08
N LYS D 51 9.09 -49.41 1.27
CA LYS D 51 9.18 -50.19 2.49
C LYS D 51 10.08 -49.46 3.47
N LYS D 52 9.98 -48.14 3.49
CA LYS D 52 10.79 -47.30 4.37
C LYS D 52 10.36 -45.84 4.24
N LYS D 53 10.47 -45.10 5.33
CA LYS D 53 10.11 -43.69 5.36
C LYS D 53 10.59 -43.09 6.68
N PHE D 54 11.26 -41.96 6.62
CA PHE D 54 11.77 -41.31 7.82
C PHE D 54 11.68 -39.79 7.70
N GLU D 55 11.11 -39.17 8.71
CA GLU D 55 10.98 -37.72 8.76
C GLU D 55 12.10 -37.15 9.61
N THR D 56 12.98 -36.36 8.99
CA THR D 56 14.09 -35.77 9.71
C THR D 56 13.64 -34.59 10.57
N LYS D 57 14.56 -34.03 11.33
CA LYS D 57 14.27 -32.91 12.20
C LYS D 57 13.93 -31.67 11.37
N VAL D 58 12.84 -31.02 11.73
CA VAL D 58 12.42 -29.82 11.03
C VAL D 58 13.38 -28.65 11.34
N HIS D 59 14.33 -28.45 10.44
CA HIS D 59 15.31 -27.37 10.59
C HIS D 59 14.64 -26.06 10.23
N ARG D 60 14.21 -25.32 11.24
CA ARG D 60 13.51 -24.07 11.02
C ARG D 60 14.44 -22.92 10.63
N LYS D 61 14.01 -22.17 9.63
CA LYS D 61 14.70 -20.99 9.11
C LYS D 61 16.21 -21.18 8.96
N THR D 62 16.60 -21.88 7.91
CA THR D 62 18.01 -22.11 7.64
C THR D 62 18.22 -22.52 6.18
N LEU D 63 19.23 -21.93 5.55
CA LEU D 63 19.57 -22.23 4.18
C LEU D 63 20.80 -23.12 4.13
N ASN D 64 21.20 -23.59 5.30
CA ASN D 64 22.36 -24.45 5.45
C ASN D 64 22.21 -25.27 6.74
N PRO D 65 21.36 -26.31 6.72
CA PRO D 65 21.11 -27.15 7.89
C PRO D 65 22.23 -28.15 8.17
N VAL D 66 23.09 -27.81 9.11
CA VAL D 66 24.20 -28.67 9.51
C VAL D 66 23.81 -29.46 10.75
N PHE D 67 23.33 -30.68 10.56
CA PHE D 67 22.92 -31.50 11.69
C PHE D 67 23.46 -32.92 11.58
N ASN D 68 23.51 -33.45 10.36
CA ASN D 68 24.00 -34.80 10.10
C ASN D 68 23.08 -35.85 10.72
N GLU D 69 22.03 -36.19 10.01
CA GLU D 69 21.05 -37.17 10.47
C GLU D 69 21.24 -38.47 9.70
N GLN D 70 20.75 -39.58 10.26
CA GLN D 70 20.91 -40.88 9.63
C GLN D 70 19.57 -41.53 9.29
N PHE D 71 19.53 -42.21 8.14
CA PHE D 71 18.33 -42.91 7.70
C PHE D 71 18.65 -44.39 7.50
N THR D 72 17.79 -45.25 8.03
CA THR D 72 17.96 -46.69 7.91
C THR D 72 17.30 -47.21 6.63
N PHE D 73 18.13 -47.48 5.62
CA PHE D 73 17.62 -48.00 4.35
C PHE D 73 17.36 -49.50 4.48
N LYS D 74 16.17 -49.84 4.97
CA LYS D 74 15.78 -51.23 5.19
C LYS D 74 15.57 -51.98 3.87
N VAL D 75 16.66 -52.44 3.29
CA VAL D 75 16.65 -53.22 2.06
C VAL D 75 17.97 -54.00 1.96
N PRO D 76 17.88 -55.33 1.81
CA PRO D 76 19.07 -56.19 1.71
C PRO D 76 19.91 -55.85 0.48
N TYR D 77 21.22 -56.05 0.59
CA TYR D 77 22.15 -55.80 -0.51
C TYR D 77 21.74 -56.56 -1.76
N SER D 78 21.03 -57.65 -1.56
CA SER D 78 20.56 -58.51 -2.65
C SER D 78 19.51 -57.79 -3.50
N GLU D 79 18.85 -56.80 -2.90
CA GLU D 79 17.81 -56.05 -3.60
C GLU D 79 18.32 -54.68 -4.02
N LEU D 80 19.58 -54.40 -3.73
CA LEU D 80 20.20 -53.12 -4.07
C LEU D 80 20.21 -52.91 -5.58
N GLY D 81 20.31 -54.01 -6.32
CA GLY D 81 20.35 -53.94 -7.77
C GLY D 81 19.04 -53.49 -8.37
N GLY D 82 17.98 -53.49 -7.57
CA GLY D 82 16.69 -53.06 -8.05
C GLY D 82 16.02 -52.11 -7.08
N LYS D 83 16.79 -51.13 -6.59
CA LYS D 83 16.27 -50.16 -5.64
C LYS D 83 16.87 -48.78 -5.89
N THR D 84 16.01 -47.78 -5.96
CA THR D 84 16.41 -46.40 -6.19
C THR D 84 15.78 -45.50 -5.15
N LEU D 85 16.60 -44.92 -4.29
CA LEU D 85 16.10 -44.03 -3.24
C LEU D 85 16.13 -42.58 -3.70
N VAL D 86 15.17 -41.78 -3.24
CA VAL D 86 15.11 -40.38 -3.61
C VAL D 86 15.13 -39.51 -2.35
N MET D 87 15.99 -38.51 -2.35
CA MET D 87 16.09 -37.59 -1.24
C MET D 87 15.42 -36.28 -1.59
N ALA D 88 14.21 -36.11 -1.11
CA ALA D 88 13.45 -34.90 -1.38
C ALA D 88 13.41 -33.99 -0.15
N VAL D 89 13.84 -32.76 -0.35
CA VAL D 89 13.84 -31.81 0.74
C VAL D 89 12.52 -31.03 0.74
N TYR D 90 11.77 -31.20 1.81
CA TYR D 90 10.46 -30.57 1.95
C TYR D 90 10.53 -29.41 2.93
N ASP D 91 9.79 -28.36 2.64
CA ASP D 91 9.74 -27.20 3.51
C ASP D 91 8.59 -27.35 4.51
N PHE D 92 8.71 -26.69 5.64
CA PHE D 92 7.68 -26.75 6.66
C PHE D 92 7.47 -25.36 7.27
N ASP D 93 7.13 -24.40 6.43
CA ASP D 93 6.89 -23.02 6.88
C ASP D 93 5.81 -22.96 7.96
N ARG D 94 4.95 -23.99 7.99
CA ARG D 94 3.88 -24.13 8.97
C ARG D 94 2.80 -23.07 8.79
N PHE D 95 2.60 -22.59 7.57
CA PHE D 95 1.59 -21.58 7.32
C PHE D 95 0.99 -21.72 5.92
N SER D 96 1.84 -21.62 4.92
CA SER D 96 1.41 -21.68 3.53
C SER D 96 1.58 -23.08 2.95
N LYS D 97 1.36 -23.18 1.64
CA LYS D 97 1.49 -24.44 0.93
C LYS D 97 2.95 -24.70 0.58
N HIS D 98 3.67 -25.26 1.53
CA HIS D 98 5.09 -25.55 1.33
C HIS D 98 5.27 -26.70 0.33
N ASP D 99 5.95 -26.40 -0.76
CA ASP D 99 6.20 -27.37 -1.82
C ASP D 99 7.58 -28.01 -1.65
N ILE D 100 8.02 -28.72 -2.67
CA ILE D 100 9.32 -29.36 -2.67
C ILE D 100 10.33 -28.46 -3.36
N ILE D 101 11.29 -27.93 -2.61
CA ILE D 101 12.31 -27.04 -3.18
C ILE D 101 13.21 -27.80 -4.14
N GLY D 102 13.31 -29.10 -3.97
CA GLY D 102 14.14 -29.91 -4.85
C GLY D 102 14.40 -31.30 -4.30
N GLU D 103 15.16 -32.09 -5.06
CA GLU D 103 15.47 -33.45 -4.66
C GLU D 103 16.63 -34.00 -5.49
N PHE D 104 17.04 -35.22 -5.18
CA PHE D 104 18.11 -35.89 -5.91
C PHE D 104 17.97 -37.39 -5.71
N LYS D 105 18.26 -38.15 -6.75
CA LYS D 105 18.14 -39.61 -6.67
C LYS D 105 19.27 -40.29 -7.42
N VAL D 106 19.59 -41.50 -7.02
CA VAL D 106 20.64 -42.27 -7.67
C VAL D 106 20.37 -43.77 -7.51
N PRO D 107 20.36 -44.52 -8.61
CA PRO D 107 20.14 -45.96 -8.58
C PRO D 107 21.30 -46.68 -7.89
N MET D 108 20.98 -47.45 -6.86
CA MET D 108 22.00 -48.17 -6.10
C MET D 108 22.67 -49.24 -6.94
N ASN D 109 22.08 -49.56 -8.08
CA ASN D 109 22.64 -50.57 -8.98
C ASN D 109 23.90 -50.06 -9.66
N THR D 110 24.05 -48.74 -9.71
CA THR D 110 25.22 -48.13 -10.34
C THR D 110 26.24 -47.70 -9.28
N VAL D 111 25.87 -47.89 -8.02
CA VAL D 111 26.75 -47.51 -6.92
C VAL D 111 27.27 -48.76 -6.23
N ASP D 112 28.59 -48.91 -6.22
CA ASP D 112 29.21 -50.06 -5.58
C ASP D 112 29.27 -49.86 -4.07
N PHE D 113 29.05 -50.92 -3.34
CA PHE D 113 29.07 -50.85 -1.88
C PHE D 113 30.30 -51.57 -1.34
N GLY D 114 31.41 -51.45 -2.06
CA GLY D 114 32.64 -52.08 -1.66
C GLY D 114 33.22 -51.48 -0.40
N HIS D 115 33.06 -50.18 -0.24
CA HIS D 115 33.57 -49.49 0.94
C HIS D 115 32.61 -48.38 1.38
N VAL D 116 33.02 -47.13 1.20
CA VAL D 116 32.19 -46.00 1.59
C VAL D 116 32.14 -44.96 0.47
N THR D 117 30.95 -44.68 -0.02
CA THR D 117 30.76 -43.72 -1.09
C THR D 117 30.55 -42.32 -0.52
N GLU D 118 31.63 -41.55 -0.44
CA GLU D 118 31.57 -40.19 0.09
C GLU D 118 31.67 -39.18 -1.06
N GLU D 119 30.66 -38.34 -1.20
CA GLU D 119 30.64 -37.35 -2.27
C GLU D 119 29.67 -36.21 -1.96
N TRP D 120 29.68 -35.20 -2.83
CA TRP D 120 28.81 -34.06 -2.70
C TRP D 120 27.98 -33.93 -3.97
N ARG D 121 26.80 -34.54 -3.93
CA ARG D 121 25.90 -34.54 -5.08
C ARG D 121 25.22 -33.18 -5.24
N ASP D 122 24.96 -32.81 -6.49
CA ASP D 122 24.29 -31.56 -6.81
C ASP D 122 22.80 -31.73 -6.56
N LEU D 123 22.15 -30.65 -6.15
CA LEU D 123 20.73 -30.68 -5.87
C LEU D 123 19.96 -30.01 -7.00
N GLN D 124 18.91 -30.68 -7.47
CA GLN D 124 18.09 -30.16 -8.55
C GLN D 124 16.65 -29.92 -8.09
N SER D 125 16.06 -28.83 -8.54
CA SER D 125 14.69 -28.50 -8.17
C SER D 125 13.68 -29.22 -9.06
N ALA D 126 13.29 -30.43 -8.66
CA ALA D 126 12.32 -31.19 -9.41
C ALA D 126 10.92 -30.96 -8.86
N GLU D 127 10.22 -30.01 -9.46
CA GLU D 127 8.86 -29.67 -9.03
C GLU D 127 7.93 -30.86 -9.19
N LYS D 128 6.98 -30.99 -8.28
CA LYS D 128 6.03 -32.09 -8.31
C LYS D 128 4.61 -31.55 -8.28
N GLU A 1 -26.20 34.76 -13.14
CA GLU A 1 -25.57 34.49 -11.83
C GLU A 1 -26.37 33.45 -11.05
N LYS A 2 -25.86 32.23 -11.00
CA LYS A 2 -26.55 31.17 -10.28
C LYS A 2 -25.61 30.48 -9.30
N LEU A 3 -26.10 30.29 -8.09
CA LEU A 3 -25.32 29.61 -7.06
C LEU A 3 -26.17 28.52 -6.42
N GLY A 4 -27.45 28.49 -6.78
CA GLY A 4 -28.35 27.50 -6.25
C GLY A 4 -29.43 28.10 -5.37
N LYS A 5 -29.88 27.33 -4.41
CA LYS A 5 -30.91 27.78 -3.49
C LYS A 5 -30.53 27.42 -2.07
N LEU A 6 -30.84 28.31 -1.14
CA LEU A 6 -30.53 28.09 0.26
C LEU A 6 -31.79 28.11 1.10
N GLN A 7 -31.91 27.14 1.99
CA GLN A 7 -33.07 27.05 2.88
C GLN A 7 -32.68 27.61 4.23
N TYR A 8 -33.46 28.57 4.73
CA TYR A 8 -33.15 29.18 6.01
C TYR A 8 -34.41 29.67 6.74
N SER A 9 -34.29 29.76 8.05
CA SER A 9 -35.37 30.23 8.90
C SER A 9 -34.92 31.47 9.65
N LEU A 10 -35.57 32.60 9.39
CA LEU A 10 -35.21 33.85 10.04
C LEU A 10 -36.18 34.18 11.17
N ASP A 11 -35.67 34.18 12.40
CA ASP A 11 -36.49 34.50 13.56
C ASP A 11 -35.81 35.61 14.36
N TYR A 12 -36.59 36.41 15.07
CA TYR A 12 -36.02 37.53 15.84
C TYR A 12 -36.05 37.25 17.34
N ASP A 13 -35.10 37.85 18.04
CA ASP A 13 -35.01 37.70 19.49
C ASP A 13 -35.20 39.04 20.17
N PHE A 14 -35.82 39.03 21.34
CA PHE A 14 -36.08 40.24 22.08
C PHE A 14 -35.59 40.11 23.53
N GLN A 15 -34.61 39.25 23.76
CA GLN A 15 -34.08 39.05 25.11
C GLN A 15 -32.64 39.55 25.20
N ASN A 16 -31.88 39.37 24.12
CA ASN A 16 -30.49 39.81 24.10
C ASN A 16 -30.25 40.75 22.92
N ASN A 17 -31.31 40.97 22.13
CA ASN A 17 -31.29 41.87 20.97
C ASN A 17 -30.44 41.33 19.83
N GLN A 18 -31.06 40.51 18.98
CA GLN A 18 -30.38 39.92 17.83
C GLN A 18 -31.36 39.16 16.95
N LEU A 19 -30.93 38.89 15.73
CA LEU A 19 -31.73 38.11 14.79
C LEU A 19 -31.07 36.76 14.60
N LEU A 20 -31.86 35.70 14.71
CA LEU A 20 -31.32 34.36 14.57
C LEU A 20 -31.41 33.89 13.13
N VAL A 21 -30.27 33.84 12.47
CA VAL A 21 -30.20 33.39 11.09
C VAL A 21 -29.83 31.92 11.05
N GLY A 22 -30.83 31.08 10.88
CA GLY A 22 -30.58 29.65 10.82
C GLY A 22 -30.56 29.13 9.41
N ILE A 23 -29.35 28.89 8.90
CA ILE A 23 -29.19 28.38 7.55
C ILE A 23 -29.19 26.86 7.56
N ILE A 24 -30.30 26.29 7.11
CA ILE A 24 -30.48 24.84 7.10
C ILE A 24 -29.47 24.16 6.18
N GLN A 25 -29.60 24.41 4.88
CA GLN A 25 -28.71 23.81 3.90
C GLN A 25 -28.76 24.57 2.58
N ALA A 26 -27.84 24.23 1.68
CA ALA A 26 -27.77 24.86 0.37
C ALA A 26 -27.59 23.79 -0.70
N ALA A 27 -28.11 24.06 -1.89
CA ALA A 27 -28.00 23.11 -2.99
C ALA A 27 -27.57 23.80 -4.27
N GLU A 28 -27.13 22.99 -5.25
CA GLU A 28 -26.68 23.49 -6.56
C GLU A 28 -25.37 24.28 -6.48
N LEU A 29 -24.54 23.95 -5.49
CA LEU A 29 -23.27 24.66 -5.32
C LEU A 29 -22.25 24.18 -6.35
N PRO A 30 -21.57 25.13 -7.04
CA PRO A 30 -20.55 24.82 -8.05
C PRO A 30 -19.33 24.12 -7.47
N ALA A 31 -18.56 23.47 -8.33
CA ALA A 31 -17.37 22.75 -7.91
C ALA A 31 -16.11 23.57 -8.16
N LEU A 32 -15.37 23.84 -7.09
CA LEU A 32 -14.13 24.61 -7.19
C LEU A 32 -12.93 23.68 -7.10
N ASP A 33 -12.87 22.92 -6.01
CA ASP A 33 -11.77 21.98 -5.76
C ASP A 33 -11.68 20.94 -6.89
N MET A 34 -10.45 20.57 -7.22
CA MET A 34 -10.20 19.58 -8.27
C MET A 34 -10.65 18.20 -7.82
N GLY A 35 -11.80 17.79 -8.30
CA GLY A 35 -12.35 16.51 -7.94
C GLY A 35 -13.86 16.51 -8.11
N GLY A 36 -14.45 17.70 -8.06
CA GLY A 36 -15.88 17.83 -8.22
C GLY A 36 -16.59 18.09 -6.90
N THR A 37 -15.82 18.17 -5.83
CA THR A 37 -16.38 18.42 -4.52
C THR A 37 -15.58 19.48 -3.78
N SER A 38 -16.14 20.68 -3.68
CA SER A 38 -15.48 21.79 -3.01
C SER A 38 -15.75 21.75 -1.51
N ASP A 39 -15.09 22.65 -0.78
CA ASP A 39 -15.27 22.78 0.67
C ASP A 39 -15.90 24.13 0.94
N PRO A 40 -17.21 24.29 0.71
CA PRO A 40 -17.90 25.55 0.87
C PRO A 40 -18.44 25.80 2.28
N TYR A 41 -18.11 26.97 2.82
CA TYR A 41 -18.58 27.38 4.13
C TYR A 41 -19.15 28.80 4.02
N VAL A 42 -20.32 29.01 4.60
CA VAL A 42 -20.98 30.32 4.51
C VAL A 42 -20.48 31.27 5.60
N LYS A 43 -19.85 32.35 5.16
CA LYS A 43 -19.36 33.36 6.10
C LYS A 43 -20.24 34.59 6.00
N VAL A 44 -20.69 35.06 7.15
CA VAL A 44 -21.57 36.23 7.19
C VAL A 44 -20.78 37.52 7.28
N PHE A 45 -21.08 38.43 6.36
CA PHE A 45 -20.43 39.73 6.33
C PHE A 45 -21.49 40.81 6.37
N LEU A 46 -21.16 41.95 6.93
CA LEU A 46 -22.12 43.03 7.05
C LEU A 46 -21.64 44.29 6.33
N LEU A 47 -22.50 45.30 6.33
CA LEU A 47 -22.20 46.59 5.73
C LEU A 47 -21.22 47.33 6.65
N PRO A 48 -20.93 48.65 6.46
CA PRO A 48 -20.01 49.42 7.33
C PRO A 48 -20.17 49.14 8.83
N ASP A 49 -21.35 48.64 9.23
CA ASP A 49 -21.63 48.27 10.62
C ASP A 49 -20.50 47.42 11.18
N LYS A 50 -20.21 46.32 10.48
CA LYS A 50 -19.14 45.38 10.83
C LYS A 50 -19.09 45.04 12.32
N LYS A 51 -20.23 45.02 12.98
CA LYS A 51 -20.29 44.69 14.40
C LYS A 51 -20.54 43.19 14.58
N LYS A 52 -20.10 42.41 13.61
CA LYS A 52 -20.28 40.97 13.65
C LYS A 52 -19.50 40.29 12.53
N LYS A 53 -18.99 39.10 12.83
CA LYS A 53 -18.23 38.31 11.88
C LYS A 53 -18.21 36.87 12.37
N PHE A 54 -18.85 35.97 11.63
CA PHE A 54 -18.91 34.57 12.04
C PHE A 54 -18.43 33.64 10.93
N GLU A 55 -17.60 32.69 11.31
CA GLU A 55 -17.08 31.69 10.38
C GLU A 55 -17.73 30.35 10.69
N THR A 56 -18.46 29.80 9.74
CA THR A 56 -19.13 28.53 9.93
C THR A 56 -18.17 27.35 9.90
N LYS A 57 -18.71 26.15 10.09
CA LYS A 57 -17.91 24.94 10.08
C LYS A 57 -17.55 24.55 8.66
N VAL A 58 -16.32 24.11 8.46
CA VAL A 58 -15.87 23.71 7.14
C VAL A 58 -16.59 22.43 6.69
N HIS A 59 -17.16 22.47 5.50
CA HIS A 59 -17.84 21.32 4.94
C HIS A 59 -16.99 20.73 3.84
N ARG A 60 -16.05 19.88 4.24
CA ARG A 60 -15.09 19.26 3.32
C ARG A 60 -15.75 18.34 2.30
N LYS A 61 -15.43 18.60 1.03
CA LYS A 61 -15.88 17.82 -0.13
C LYS A 61 -17.40 17.59 -0.14
N THR A 62 -18.14 18.60 -0.56
CA THR A 62 -19.59 18.49 -0.65
C THR A 62 -20.19 19.69 -1.37
N LEU A 63 -21.17 19.41 -2.23
CA LEU A 63 -21.85 20.47 -2.98
C LEU A 63 -23.26 20.64 -2.42
N ASN A 64 -23.52 19.94 -1.33
CA ASN A 64 -24.81 19.98 -0.66
C ASN A 64 -24.61 19.81 0.84
N PRO A 65 -24.12 20.85 1.52
CA PRO A 65 -23.82 20.81 2.94
C PRO A 65 -25.04 21.03 3.83
N VAL A 66 -25.26 20.10 4.74
CA VAL A 66 -26.36 20.17 5.68
C VAL A 66 -25.79 20.23 7.10
N PHE A 67 -26.34 21.11 7.93
CA PHE A 67 -25.85 21.26 9.31
C PHE A 67 -26.73 22.19 10.11
N ASN A 68 -27.18 23.26 9.48
CA ASN A 68 -28.01 24.28 10.12
C ASN A 68 -27.19 25.06 11.14
N GLU A 69 -26.25 25.84 10.63
CA GLU A 69 -25.37 26.63 11.49
C GLU A 69 -26.16 27.81 12.09
N GLN A 70 -25.79 28.21 13.30
CA GLN A 70 -26.48 29.32 13.97
C GLN A 70 -25.63 30.59 13.97
N PHE A 71 -26.16 31.64 13.38
CA PHE A 71 -25.47 32.93 13.33
C PHE A 71 -26.17 33.93 14.24
N THR A 72 -25.40 34.55 15.12
CA THR A 72 -25.92 35.55 16.05
C THR A 72 -25.81 36.95 15.44
N PHE A 73 -26.90 37.44 14.88
CA PHE A 73 -26.92 38.77 14.29
C PHE A 73 -27.13 39.82 15.37
N LYS A 74 -26.04 40.15 16.07
CA LYS A 74 -26.08 41.13 17.15
C LYS A 74 -26.37 42.53 16.65
N VAL A 75 -27.66 42.88 16.60
CA VAL A 75 -28.10 44.19 16.16
C VAL A 75 -29.48 44.46 16.74
N PRO A 76 -29.67 45.63 17.37
CA PRO A 76 -30.96 46.00 17.97
C PRO A 76 -32.10 45.93 16.97
N TYR A 77 -33.27 45.48 17.43
CA TYR A 77 -34.45 45.37 16.58
C TYR A 77 -34.90 46.75 16.07
N SER A 78 -34.30 47.80 16.61
CA SER A 78 -34.64 49.16 16.21
C SER A 78 -33.57 49.70 15.26
N GLU A 79 -32.51 48.93 15.04
CA GLU A 79 -31.42 49.34 14.18
C GLU A 79 -31.30 48.41 12.98
N LEU A 80 -32.34 47.63 12.73
CA LEU A 80 -32.33 46.69 11.62
C LEU A 80 -32.73 47.39 10.31
N GLY A 81 -33.28 48.59 10.45
CA GLY A 81 -33.71 49.34 9.28
C GLY A 81 -32.55 49.65 8.35
N GLY A 82 -31.46 50.13 8.93
CA GLY A 82 -30.29 50.44 8.14
C GLY A 82 -29.23 49.37 8.27
N LYS A 83 -29.67 48.12 8.39
CA LYS A 83 -28.77 47.01 8.55
C LYS A 83 -29.07 45.91 7.53
N THR A 84 -28.22 45.80 6.53
CA THR A 84 -28.36 44.78 5.50
C THR A 84 -27.23 43.77 5.63
N LEU A 85 -27.58 42.53 5.94
CA LEU A 85 -26.59 41.47 6.09
C LEU A 85 -26.39 40.71 4.80
N VAL A 86 -25.16 40.26 4.57
CA VAL A 86 -24.84 39.50 3.38
C VAL A 86 -24.24 38.15 3.77
N MET A 87 -24.62 37.11 3.04
CA MET A 87 -24.11 35.79 3.31
C MET A 87 -23.34 35.29 2.10
N ALA A 88 -22.03 35.17 2.25
CA ALA A 88 -21.18 34.72 1.16
C ALA A 88 -20.58 33.36 1.45
N VAL A 89 -20.75 32.44 0.52
CA VAL A 89 -20.20 31.10 0.69
C VAL A 89 -18.77 31.07 0.12
N TYR A 90 -17.82 30.75 0.98
CA TYR A 90 -16.43 30.72 0.60
C TYR A 90 -15.95 29.29 0.39
N ASP A 91 -14.93 29.16 -0.44
CA ASP A 91 -14.33 27.85 -0.74
C ASP A 91 -13.16 27.58 0.20
N PHE A 92 -12.83 26.31 0.36
CA PHE A 92 -11.72 25.92 1.21
C PHE A 92 -11.02 24.70 0.62
N ASP A 93 -10.67 24.79 -0.67
CA ASP A 93 -9.98 23.69 -1.38
C ASP A 93 -8.63 23.36 -0.74
N ARG A 94 -8.15 24.29 0.10
CA ARG A 94 -6.89 24.14 0.84
C ARG A 94 -5.67 24.18 -0.08
N PHE A 95 -5.77 24.83 -1.23
CA PHE A 95 -4.63 24.93 -2.13
C PHE A 95 -4.70 26.18 -3.00
N SER A 96 -5.70 26.22 -3.85
CA SER A 96 -5.89 27.34 -4.76
C SER A 96 -6.44 28.54 -4.00
N LYS A 97 -6.46 29.67 -4.67
CA LYS A 97 -6.98 30.88 -4.08
C LYS A 97 -8.50 30.75 -3.98
N HIS A 98 -8.98 30.49 -2.76
CA HIS A 98 -10.40 30.31 -2.51
C HIS A 98 -11.19 31.48 -3.05
N ASP A 99 -12.06 31.19 -4.01
CA ASP A 99 -12.88 32.21 -4.65
C ASP A 99 -14.32 32.12 -4.15
N ILE A 100 -15.00 33.26 -4.15
CA ILE A 100 -16.39 33.32 -3.72
C ILE A 100 -17.30 32.77 -4.80
N ILE A 101 -17.87 31.60 -4.56
CA ILE A 101 -18.78 30.96 -5.52
C ILE A 101 -20.05 31.78 -5.69
N GLY A 102 -20.45 32.48 -4.64
CA GLY A 102 -21.65 33.28 -4.69
C GLY A 102 -22.04 33.82 -3.34
N GLU A 103 -23.13 34.59 -3.30
CA GLU A 103 -23.61 35.18 -2.06
C GLU A 103 -25.01 35.74 -2.25
N PHE A 104 -25.56 36.29 -1.18
CA PHE A 104 -26.88 36.89 -1.22
C PHE A 104 -27.04 37.87 -0.07
N LYS A 105 -27.92 38.85 -0.24
CA LYS A 105 -28.18 39.85 0.79
C LYS A 105 -29.63 40.29 0.73
N VAL A 106 -30.16 40.70 1.86
CA VAL A 106 -31.54 41.16 1.94
C VAL A 106 -31.68 42.28 2.96
N PRO A 107 -32.29 43.40 2.56
CA PRO A 107 -32.51 44.55 3.45
C PRO A 107 -33.53 44.23 4.54
N MET A 108 -33.08 44.25 5.79
CA MET A 108 -33.96 43.95 6.92
C MET A 108 -35.02 45.01 7.11
N ASN A 109 -34.83 46.16 6.45
CA ASN A 109 -35.80 47.25 6.54
C ASN A 109 -37.11 46.85 5.87
N THR A 110 -37.00 46.07 4.81
CA THR A 110 -38.17 45.61 4.08
C THR A 110 -38.74 44.32 4.68
N VAL A 111 -37.88 43.56 5.35
CA VAL A 111 -38.32 42.31 5.96
C VAL A 111 -38.85 42.57 7.36
N ASP A 112 -40.16 42.40 7.52
CA ASP A 112 -40.80 42.62 8.81
C ASP A 112 -40.52 41.45 9.75
N PHE A 113 -40.13 41.78 10.97
CA PHE A 113 -39.81 40.77 11.98
C PHE A 113 -41.06 40.45 12.81
N GLY A 114 -42.14 40.12 12.11
CA GLY A 114 -43.39 39.80 12.78
C GLY A 114 -43.28 38.59 13.66
N HIS A 115 -42.64 37.54 13.18
CA HIS A 115 -42.46 36.31 13.95
C HIS A 115 -41.34 35.48 13.38
N VAL A 116 -41.63 34.75 12.30
CA VAL A 116 -40.65 33.91 11.65
C VAL A 116 -40.75 34.05 10.14
N THR A 117 -39.62 33.96 9.47
CA THR A 117 -39.59 34.09 8.02
C THR A 117 -38.78 32.95 7.40
N GLU A 118 -39.46 31.88 7.01
CA GLU A 118 -38.81 30.74 6.39
C GLU A 118 -39.16 30.70 4.92
N GLU A 119 -38.14 30.86 4.07
CA GLU A 119 -38.35 30.86 2.63
C GLU A 119 -37.15 30.26 1.91
N TRP A 120 -37.31 30.02 0.61
CA TRP A 120 -36.24 29.47 -0.20
C TRP A 120 -35.51 30.60 -0.90
N ARG A 121 -34.33 30.93 -0.41
CA ARG A 121 -33.56 32.03 -0.98
C ARG A 121 -32.72 31.57 -2.17
N ASP A 122 -32.86 32.28 -3.27
CA ASP A 122 -32.10 31.99 -4.47
C ASP A 122 -30.71 32.60 -4.33
N LEU A 123 -29.70 31.83 -4.69
CA LEU A 123 -28.32 32.28 -4.59
C LEU A 123 -27.76 32.66 -5.96
N GLN A 124 -26.95 33.70 -5.98
CA GLN A 124 -26.35 34.17 -7.23
C GLN A 124 -24.83 34.23 -7.09
N SER A 125 -24.13 33.96 -8.19
CA SER A 125 -22.68 33.98 -8.18
C SER A 125 -22.14 35.40 -8.30
N ALA A 126 -22.11 36.12 -7.19
CA ALA A 126 -21.60 37.47 -7.18
C ALA A 126 -20.07 37.45 -7.09
N GLU A 127 -19.44 37.49 -8.26
CA GLU A 127 -18.00 37.44 -8.36
C GLU A 127 -17.36 38.69 -7.76
N LYS A 128 -16.42 38.48 -6.84
CA LYS A 128 -15.73 39.57 -6.19
C LYS A 128 -14.23 39.49 -6.50
N MET B 1 33.28 0.42 -16.13
CA MET B 1 33.91 1.37 -15.20
C MET B 1 33.15 1.40 -13.88
N ALA B 2 33.59 2.25 -12.97
CA ALA B 2 32.96 2.38 -11.66
C ALA B 2 31.65 3.15 -11.75
N ALA B 3 30.92 3.19 -10.64
CA ALA B 3 29.63 3.88 -10.56
C ALA B 3 28.63 3.28 -11.54
N GLU B 4 28.63 1.97 -11.62
CA GLU B 4 27.72 1.24 -12.51
C GLU B 4 26.31 1.24 -11.95
N PRO B 5 25.30 1.33 -12.83
CA PRO B 5 23.90 1.34 -12.41
C PRO B 5 23.42 -0.04 -11.96
N LEU B 6 22.44 -0.05 -11.06
CA LEU B 6 21.90 -1.28 -10.52
C LEU B 6 20.62 -1.66 -11.28
N THR B 7 19.73 -2.41 -10.62
CA THR B 7 18.48 -2.81 -11.24
C THR B 7 17.52 -1.61 -11.28
N GLU B 8 16.63 -1.58 -12.27
CA GLU B 8 15.67 -0.49 -12.44
C GLU B 8 14.99 -0.13 -11.11
N LEU B 9 14.48 -1.14 -10.42
CA LEU B 9 13.79 -0.92 -9.14
C LEU B 9 14.74 -0.32 -8.11
N GLU B 10 15.96 -0.83 -8.05
CA GLU B 10 16.95 -0.35 -7.10
C GLU B 10 17.30 1.11 -7.39
N GLU B 11 17.44 1.44 -8.67
CA GLU B 11 17.74 2.81 -9.06
C GLU B 11 16.59 3.73 -8.67
N SER B 12 15.37 3.26 -8.87
CA SER B 12 14.18 4.03 -8.56
C SER B 12 14.07 4.31 -7.06
N ILE B 13 14.24 3.29 -6.23
CA ILE B 13 14.16 3.48 -4.79
C ILE B 13 15.27 4.40 -4.31
N GLU B 14 16.44 4.30 -4.92
CA GLU B 14 17.58 5.14 -4.56
C GLU B 14 17.25 6.60 -4.85
N THR B 15 16.53 6.82 -5.94
CA THR B 15 16.13 8.16 -6.36
C THR B 15 15.22 8.81 -5.31
N VAL B 16 14.20 8.09 -4.87
CA VAL B 16 13.27 8.63 -3.88
C VAL B 16 13.91 8.67 -2.50
N VAL B 17 14.82 7.74 -2.22
CA VAL B 17 15.49 7.69 -0.92
C VAL B 17 16.35 8.94 -0.71
N THR B 18 17.14 9.31 -1.71
CA THR B 18 17.99 10.48 -1.60
C THR B 18 17.14 11.75 -1.45
N THR B 19 16.05 11.83 -2.21
CA THR B 19 15.16 12.98 -2.13
C THR B 19 14.53 13.05 -0.74
N PHE B 20 14.13 11.89 -0.21
CA PHE B 20 13.54 11.80 1.11
C PHE B 20 14.54 12.25 2.17
N PHE B 21 15.79 11.85 1.99
CA PHE B 21 16.86 12.21 2.93
C PHE B 21 17.18 13.69 2.82
N THR B 22 16.85 14.29 1.70
CA THR B 22 17.09 15.72 1.47
C THR B 22 16.17 16.55 2.36
N PHE B 23 15.02 16.00 2.69
CA PHE B 23 14.07 16.68 3.55
C PHE B 23 14.24 16.28 5.00
N ALA B 24 14.44 14.99 5.25
CA ALA B 24 14.64 14.47 6.60
C ALA B 24 16.03 14.84 7.11
N ARG B 25 16.18 16.09 7.52
CA ARG B 25 17.45 16.61 8.02
C ARG B 25 17.32 18.10 8.34
N GLN B 26 16.28 18.72 7.82
CA GLN B 26 16.04 20.15 8.03
C GLN B 26 15.83 20.47 9.50
N GLU B 27 14.94 19.75 10.13
CA GLU B 27 14.65 19.97 11.54
C GLU B 27 15.58 19.16 12.41
N GLY B 28 15.51 17.84 12.28
CA GLY B 28 16.36 16.98 13.07
C GLY B 28 16.02 15.53 12.89
N ARG B 29 16.89 14.64 13.39
CA ARG B 29 16.69 13.20 13.28
C ARG B 29 16.62 12.78 11.81
N LYS B 30 17.77 12.81 11.15
CA LYS B 30 17.88 12.44 9.73
C LYS B 30 17.52 10.98 9.52
N ASP B 31 16.22 10.73 9.42
CA ASP B 31 15.68 9.39 9.22
C ASP B 31 14.16 9.47 9.17
N SER B 32 13.62 10.44 9.88
CA SER B 32 12.18 10.64 9.93
C SER B 32 11.83 12.05 9.45
N LEU B 33 10.57 12.25 9.12
CA LEU B 33 10.10 13.54 8.63
C LEU B 33 9.34 14.27 9.73
N SER B 34 9.82 15.46 10.07
CA SER B 34 9.16 16.27 11.06
C SER B 34 7.99 17.02 10.41
N VAL B 35 7.26 17.80 11.20
CA VAL B 35 6.10 18.53 10.71
C VAL B 35 6.48 19.51 9.58
N ASN B 36 7.56 20.24 9.75
CA ASN B 36 8.00 21.21 8.75
C ASN B 36 8.52 20.51 7.50
N GLU B 37 9.37 19.51 7.70
CA GLU B 37 9.97 18.77 6.58
C GLU B 37 8.92 18.05 5.75
N PHE B 38 7.91 17.51 6.41
CA PHE B 38 6.84 16.80 5.73
C PHE B 38 6.07 17.75 4.80
N LYS B 39 5.83 18.96 5.29
CA LYS B 39 5.12 19.96 4.51
C LYS B 39 5.97 20.43 3.33
N GLU B 40 7.27 20.48 3.54
CA GLU B 40 8.21 20.92 2.51
C GLU B 40 8.19 20.01 1.28
N LEU B 41 7.70 18.79 1.45
CA LEU B 41 7.63 17.83 0.36
C LEU B 41 6.54 18.21 -0.64
N VAL B 42 5.29 18.18 -0.18
CA VAL B 42 4.15 18.49 -1.05
C VAL B 42 4.10 19.97 -1.42
N THR B 43 4.43 20.83 -0.48
CA THR B 43 4.40 22.27 -0.72
C THR B 43 5.69 22.74 -1.42
N GLN B 44 6.16 21.96 -2.39
CA GLN B 44 7.37 22.31 -3.11
C GLN B 44 7.56 21.43 -4.33
N GLN B 45 7.89 20.17 -4.11
CA GLN B 45 8.16 19.24 -5.21
C GLN B 45 6.93 18.49 -5.67
N LEU B 46 5.84 18.53 -4.92
CA LEU B 46 4.64 17.81 -5.33
C LEU B 46 3.35 18.62 -5.13
N PRO B 47 3.22 19.80 -5.76
CA PRO B 47 2.03 20.62 -5.65
C PRO B 47 1.05 20.35 -6.80
N HIS B 48 1.34 19.32 -7.58
CA HIS B 48 0.52 18.97 -8.72
C HIS B 48 -0.29 17.70 -8.46
N LEU B 49 0.40 16.64 -8.07
CA LEU B 49 -0.26 15.37 -7.79
C LEU B 49 -1.23 15.50 -6.62
N LEU B 50 -0.78 16.16 -5.57
CA LEU B 50 -1.59 16.39 -4.39
C LEU B 50 -1.70 17.89 -4.13
N LYS B 51 -2.85 18.46 -4.42
CA LYS B 51 -3.05 19.89 -4.23
C LYS B 51 -3.74 20.20 -2.90
N ASP B 52 -2.99 20.12 -1.82
CA ASP B 52 -3.50 20.41 -0.49
C ASP B 52 -2.37 20.88 0.40
N VAL B 53 -2.27 22.19 0.55
CA VAL B 53 -1.24 22.80 1.37
C VAL B 53 -1.85 23.44 2.61
N GLY B 54 -3.16 23.29 2.74
CA GLY B 54 -3.86 23.86 3.88
C GLY B 54 -4.14 22.83 4.96
N SER B 55 -4.58 21.65 4.55
CA SER B 55 -4.90 20.60 5.49
C SER B 55 -3.77 19.59 5.58
N LEU B 56 -2.59 20.06 5.94
CA LEU B 56 -1.42 19.18 6.06
C LEU B 56 -1.60 18.25 7.25
N ASP B 57 -2.21 18.77 8.30
CA ASP B 57 -2.44 18.01 9.52
C ASP B 57 -3.42 16.87 9.26
N GLU B 58 -4.33 17.06 8.32
CA GLU B 58 -5.30 16.03 7.96
C GLU B 58 -4.59 14.78 7.47
N LYS B 59 -3.54 14.99 6.69
CA LYS B 59 -2.74 13.89 6.15
C LYS B 59 -1.87 13.30 7.26
N MET B 60 -1.24 14.18 8.04
CA MET B 60 -0.37 13.76 9.13
C MET B 60 -1.10 12.83 10.10
N LYS B 61 -2.30 13.23 10.51
CA LYS B 61 -3.09 12.45 11.46
C LYS B 61 -3.70 11.20 10.82
N SER B 62 -3.48 11.00 9.54
CA SER B 62 -4.00 9.83 8.85
C SER B 62 -2.88 8.86 8.49
N LEU B 63 -1.67 9.40 8.34
CA LEU B 63 -0.51 8.59 8.00
C LEU B 63 0.19 8.11 9.27
N ASP B 64 0.29 8.99 10.25
CA ASP B 64 0.92 8.66 11.52
C ASP B 64 -0.05 7.86 12.39
N VAL B 65 0.28 6.60 12.62
CA VAL B 65 -0.56 5.73 13.43
C VAL B 65 -0.07 5.66 14.87
N ASN B 66 1.02 6.36 15.16
CA ASN B 66 1.57 6.37 16.50
C ASN B 66 1.29 7.72 17.16
N GLN B 67 1.12 8.74 16.32
CA GLN B 67 0.80 10.09 16.75
C GLN B 67 1.88 10.68 17.65
N ASP B 68 3.04 10.95 17.06
CA ASP B 68 4.15 11.55 17.80
C ASP B 68 4.76 12.68 16.99
N SER B 69 4.13 12.98 15.85
CA SER B 69 4.55 14.06 14.95
C SER B 69 5.86 13.73 14.24
N GLU B 70 6.21 12.46 14.21
CA GLU B 70 7.43 12.03 13.55
C GLU B 70 7.10 10.96 12.53
N LEU B 71 7.12 11.33 11.26
CA LEU B 71 6.80 10.39 10.19
C LEU B 71 8.05 9.64 9.77
N LYS B 72 8.17 8.39 10.21
CA LYS B 72 9.33 7.58 9.84
C LYS B 72 9.19 7.14 8.39
N PHE B 73 10.19 6.45 7.86
CA PHE B 73 10.15 6.00 6.46
C PHE B 73 8.91 5.15 6.19
N ASN B 74 8.47 4.41 7.20
CA ASN B 74 7.30 3.55 7.07
C ASN B 74 6.04 4.39 6.87
N GLU B 75 5.84 5.38 7.74
CA GLU B 75 4.68 6.26 7.64
C GLU B 75 4.79 7.17 6.43
N TYR B 76 6.01 7.56 6.10
CA TYR B 76 6.27 8.42 4.94
C TYR B 76 5.89 7.70 3.66
N TRP B 77 6.18 6.40 3.61
CA TRP B 77 5.86 5.59 2.43
C TRP B 77 4.35 5.54 2.23
N ARG B 78 3.61 5.61 3.32
CA ARG B 78 2.15 5.57 3.27
C ARG B 78 1.62 6.74 2.44
N LEU B 79 2.33 7.87 2.48
CA LEU B 79 1.94 9.04 1.72
C LEU B 79 2.04 8.74 0.23
N ILE B 80 3.18 8.14 -0.15
CA ILE B 80 3.43 7.76 -1.53
C ILE B 80 2.39 6.74 -1.99
N GLY B 81 1.91 5.94 -1.05
CA GLY B 81 0.91 4.94 -1.35
C GLY B 81 -0.35 5.56 -1.92
N GLU B 82 -0.73 6.72 -1.38
CA GLU B 82 -1.91 7.41 -1.86
C GLU B 82 -1.58 8.20 -3.10
N LEU B 83 -0.36 8.73 -3.15
CA LEU B 83 0.11 9.52 -4.30
C LEU B 83 0.00 8.71 -5.58
N ALA B 84 0.48 7.47 -5.53
CA ALA B 84 0.44 6.58 -6.68
C ALA B 84 -0.99 6.30 -7.10
N LYS B 85 -1.89 6.20 -6.13
CA LYS B 85 -3.28 5.95 -6.42
C LYS B 85 -3.95 7.22 -6.94
N GLU B 86 -3.49 8.37 -6.46
CA GLU B 86 -4.05 9.66 -6.87
C GLU B 86 -3.76 9.98 -8.34
N ILE B 87 -2.96 9.14 -9.00
CA ILE B 87 -2.65 9.36 -10.40
C ILE B 87 -3.69 8.70 -11.32
N ARG B 88 -4.49 7.81 -10.75
CA ARG B 88 -5.51 7.11 -11.53
C ARG B 88 -6.86 7.11 -10.80
N LYS B 89 -6.81 6.99 -9.48
CA LYS B 89 -8.01 7.00 -8.65
C LYS B 89 -8.47 8.44 -8.47
N LYS B 90 -7.55 9.27 -7.96
CA LYS B 90 -7.79 10.69 -7.70
C LYS B 90 -9.15 10.94 -7.06
N LYS B 91 -10.14 11.33 -7.87
CA LYS B 91 -11.48 11.58 -7.39
C LYS B 91 -12.49 10.93 -8.33
N ASP B 92 -12.33 9.62 -8.52
CA ASP B 92 -13.20 8.83 -9.39
C ASP B 92 -14.62 8.77 -8.84
N LEU B 93 -15.30 9.89 -8.95
CA LEU B 93 -16.67 10.04 -8.48
C LEU B 93 -17.35 11.15 -9.27
N LYS B 94 -16.70 12.31 -9.31
CA LYS B 94 -17.22 13.45 -10.05
C LYS B 94 -16.28 13.80 -11.20
N ILE B 95 -14.99 13.96 -10.89
CA ILE B 95 -13.99 14.26 -11.90
C ILE B 95 -12.87 13.22 -11.85
N ARG B 96 -12.84 12.35 -12.84
CA ARG B 96 -11.85 11.29 -12.90
C ARG B 96 -10.59 11.79 -13.60
N LYS B 97 -9.61 10.89 -13.72
CA LYS B 97 -8.35 11.18 -14.37
C LYS B 97 -7.54 12.23 -13.59
N LYS B 98 -6.65 12.92 -14.28
CA LYS B 98 -5.80 13.93 -13.65
C LYS B 98 -5.81 15.22 -14.45
N MET C 1 -5.14 7.17 -18.28
CA MET C 1 -5.02 7.12 -19.73
C MET C 1 -3.55 7.18 -20.14
N ALA C 2 -2.96 8.35 -19.99
CA ALA C 2 -1.56 8.57 -20.35
C ALA C 2 -0.96 9.64 -19.44
N ALA C 3 0.36 9.67 -19.36
CA ALA C 3 1.04 10.64 -18.52
C ALA C 3 1.94 11.56 -19.34
N GLU C 4 1.90 12.84 -19.01
CA GLU C 4 2.70 13.84 -19.69
C GLU C 4 3.95 14.11 -18.83
N PRO C 5 4.89 14.96 -19.29
CA PRO C 5 6.08 15.29 -18.52
C PRO C 5 5.71 15.88 -17.16
N LEU C 6 5.95 15.12 -16.11
CA LEU C 6 5.61 15.54 -14.76
C LEU C 6 6.86 15.89 -13.96
N THR C 7 6.75 15.93 -12.65
CA THR C 7 7.90 16.25 -11.80
C THR C 7 8.66 14.98 -11.43
N GLU C 8 9.79 15.14 -10.75
CA GLU C 8 10.63 14.03 -10.33
C GLU C 8 9.84 12.92 -9.66
N LEU C 9 9.18 13.23 -8.56
CA LEU C 9 8.39 12.25 -7.82
C LEU C 9 7.31 11.60 -8.67
N GLU C 10 6.59 12.41 -9.43
CA GLU C 10 5.52 11.91 -10.28
C GLU C 10 6.06 10.95 -11.34
N GLU C 11 7.19 11.29 -11.93
CA GLU C 11 7.80 10.43 -12.94
C GLU C 11 8.42 9.19 -12.30
N SER C 12 8.83 9.32 -11.04
CA SER C 12 9.43 8.21 -10.32
C SER C 12 8.39 7.10 -10.13
N ILE C 13 7.17 7.48 -9.76
CA ILE C 13 6.11 6.50 -9.56
C ILE C 13 5.59 6.01 -10.90
N GLU C 14 5.79 6.80 -11.95
CA GLU C 14 5.35 6.43 -13.29
C GLU C 14 6.28 5.34 -13.83
N THR C 15 7.48 5.29 -13.28
CA THR C 15 8.47 4.31 -13.69
C THR C 15 7.96 2.89 -13.46
N VAL C 16 7.31 2.66 -12.32
CA VAL C 16 6.78 1.32 -12.00
C VAL C 16 5.55 1.03 -12.84
N VAL C 17 4.86 2.08 -13.28
CA VAL C 17 3.68 1.92 -14.12
C VAL C 17 4.13 1.43 -15.48
N THR C 18 5.31 1.90 -15.89
CA THR C 18 5.89 1.52 -17.16
C THR C 18 6.26 0.03 -17.13
N THR C 19 6.86 -0.41 -16.03
CA THR C 19 7.23 -1.81 -15.87
C THR C 19 5.97 -2.68 -15.91
N PHE C 20 4.90 -2.15 -15.34
CA PHE C 20 3.61 -2.82 -15.32
C PHE C 20 3.13 -3.06 -16.74
N PHE C 21 3.18 -2.00 -17.55
CA PHE C 21 2.75 -2.08 -18.95
C PHE C 21 3.66 -2.99 -19.77
N THR C 22 4.89 -3.19 -19.30
CA THR C 22 5.85 -4.02 -20.01
C THR C 22 5.59 -5.52 -19.75
N PHE C 23 5.06 -5.83 -18.57
CA PHE C 23 4.79 -7.22 -18.22
C PHE C 23 3.33 -7.58 -18.50
N ALA C 24 2.42 -6.65 -18.26
CA ALA C 24 0.99 -6.88 -18.49
C ALA C 24 0.66 -6.76 -19.96
N ARG C 25 1.27 -7.62 -20.75
CA ARG C 25 1.06 -7.64 -22.19
C ARG C 25 1.52 -8.98 -22.76
N GLN C 26 1.59 -9.97 -21.90
CA GLN C 26 2.00 -11.31 -22.29
C GLN C 26 0.78 -12.19 -22.44
N GLU C 27 -0.19 -12.02 -21.55
CA GLU C 27 -1.41 -12.81 -21.60
C GLU C 27 -2.55 -12.00 -22.21
N GLY C 28 -2.83 -10.83 -21.63
CA GLY C 28 -3.90 -10.01 -22.18
C GLY C 28 -4.38 -8.94 -21.21
N ARG C 29 -4.93 -7.86 -21.78
CA ARG C 29 -5.46 -6.73 -21.01
C ARG C 29 -4.37 -6.02 -20.22
N LYS C 30 -3.81 -4.97 -20.82
CA LYS C 30 -2.74 -4.19 -20.18
C LYS C 30 -3.30 -3.25 -19.11
N ASP C 31 -4.24 -3.76 -18.33
CA ASP C 31 -4.86 -3.00 -17.26
C ASP C 31 -4.92 -3.87 -16.01
N SER C 32 -4.34 -5.06 -16.14
CA SER C 32 -4.31 -6.02 -15.06
C SER C 32 -3.12 -6.95 -15.22
N LEU C 33 -2.64 -7.50 -14.13
CA LEU C 33 -1.51 -8.41 -14.15
C LEU C 33 -2.00 -9.86 -14.14
N SER C 34 -1.61 -10.62 -15.15
CA SER C 34 -2.01 -12.01 -15.24
C SER C 34 -1.07 -12.92 -14.46
N VAL C 35 -1.47 -14.18 -14.28
CA VAL C 35 -0.69 -15.16 -13.53
C VAL C 35 0.68 -15.43 -14.14
N ASN C 36 0.74 -15.71 -15.44
CA ASN C 36 2.00 -16.00 -16.11
C ASN C 36 2.93 -14.80 -16.07
N GLU C 37 2.36 -13.62 -16.27
CA GLU C 37 3.13 -12.38 -16.28
C GLU C 37 3.66 -12.08 -14.88
N PHE C 38 2.83 -12.36 -13.88
CA PHE C 38 3.21 -12.12 -12.48
C PHE C 38 4.39 -13.02 -12.10
N LYS C 39 4.31 -14.30 -12.48
CA LYS C 39 5.36 -15.25 -12.18
C LYS C 39 6.65 -14.89 -12.92
N GLU C 40 6.51 -14.36 -14.12
CA GLU C 40 7.67 -13.95 -14.89
C GLU C 40 8.35 -12.77 -14.21
N LEU C 41 7.54 -11.84 -13.72
CA LEU C 41 8.02 -10.65 -13.04
C LEU C 41 8.92 -10.99 -11.86
N VAL C 42 8.44 -11.85 -10.96
CA VAL C 42 9.20 -12.22 -9.77
C VAL C 42 10.44 -13.06 -10.11
N THR C 43 10.38 -13.81 -11.18
CA THR C 43 11.51 -14.66 -11.56
C THR C 43 12.46 -13.93 -12.52
N GLN C 44 12.23 -12.64 -12.76
CA GLN C 44 13.08 -11.90 -13.67
C GLN C 44 13.49 -10.53 -13.12
N GLN C 45 12.51 -9.76 -12.65
CA GLN C 45 12.78 -8.42 -12.13
C GLN C 45 12.72 -8.36 -10.61
N LEU C 46 12.11 -9.35 -9.97
CA LEU C 46 11.99 -9.34 -8.51
C LEU C 46 12.52 -10.62 -7.86
N PRO C 47 13.75 -11.09 -8.18
CA PRO C 47 14.30 -12.30 -7.59
C PRO C 47 15.20 -12.02 -6.38
N HIS C 48 15.40 -10.74 -6.08
CA HIS C 48 16.24 -10.34 -4.97
C HIS C 48 15.49 -9.45 -3.99
N LEU C 49 14.89 -8.37 -4.49
CA LEU C 49 14.14 -7.46 -3.62
C LEU C 49 12.96 -8.20 -3.00
N LEU C 50 12.32 -9.04 -3.79
CA LEU C 50 11.21 -9.85 -3.31
C LEU C 50 11.80 -11.14 -2.75
N LYS C 51 11.63 -11.35 -1.47
CA LYS C 51 12.20 -12.52 -0.80
C LYS C 51 11.32 -13.77 -0.93
N ASP C 52 10.76 -13.98 -2.12
CA ASP C 52 9.93 -15.15 -2.39
C ASP C 52 9.66 -15.26 -3.89
N VAL C 53 10.18 -16.32 -4.49
CA VAL C 53 9.99 -16.55 -5.91
C VAL C 53 9.42 -17.94 -6.13
N GLY C 54 8.89 -18.54 -5.08
CA GLY C 54 8.33 -19.87 -5.19
C GLY C 54 6.90 -19.94 -4.71
N SER C 55 6.61 -19.26 -3.61
CA SER C 55 5.27 -19.25 -3.05
C SER C 55 4.47 -18.06 -3.59
N LEU C 56 4.75 -17.71 -4.84
CA LEU C 56 4.07 -16.59 -5.51
C LEU C 56 2.56 -16.84 -5.55
N ASP C 57 2.18 -18.11 -5.75
CA ASP C 57 0.77 -18.48 -5.80
C ASP C 57 0.06 -18.10 -4.51
N GLU C 58 0.77 -18.29 -3.39
CA GLU C 58 0.23 -17.97 -2.08
C GLU C 58 0.19 -16.46 -1.89
N LYS C 59 1.23 -15.79 -2.37
CA LYS C 59 1.33 -14.33 -2.27
C LYS C 59 0.22 -13.66 -3.08
N MET C 60 -0.04 -14.20 -4.27
CA MET C 60 -1.07 -13.66 -5.15
C MET C 60 -2.43 -13.70 -4.46
N LYS C 61 -2.67 -14.76 -3.69
CA LYS C 61 -3.92 -14.91 -2.96
C LYS C 61 -4.06 -13.83 -1.87
N SER C 62 -2.94 -13.31 -1.41
CA SER C 62 -2.94 -12.29 -0.38
C SER C 62 -3.07 -10.90 -0.98
N LEU C 63 -2.74 -10.79 -2.26
CA LEU C 63 -2.81 -9.52 -2.97
C LEU C 63 -4.19 -9.32 -3.55
N ASP C 64 -4.71 -10.37 -4.17
CA ASP C 64 -6.03 -10.32 -4.79
C ASP C 64 -7.13 -10.59 -3.76
N VAL C 65 -7.82 -9.54 -3.36
CA VAL C 65 -8.90 -9.66 -2.39
C VAL C 65 -10.20 -10.03 -3.09
N ASN C 66 -10.20 -9.88 -4.41
CA ASN C 66 -11.38 -10.20 -5.21
C ASN C 66 -11.45 -11.71 -5.40
N GLN C 67 -10.25 -12.31 -5.46
CA GLN C 67 -10.10 -13.75 -5.64
C GLN C 67 -10.62 -14.18 -7.01
N ASP C 68 -10.37 -13.34 -8.01
CA ASP C 68 -10.80 -13.61 -9.37
C ASP C 68 -9.58 -13.94 -10.24
N SER C 69 -8.42 -13.93 -9.58
CA SER C 69 -7.14 -14.24 -10.23
C SER C 69 -6.76 -13.20 -11.29
N GLU C 70 -7.22 -11.98 -11.08
CA GLU C 70 -6.92 -10.88 -11.99
C GLU C 70 -6.47 -9.67 -11.18
N LEU C 71 -5.16 -9.49 -11.09
CA LEU C 71 -4.58 -8.40 -10.33
C LEU C 71 -4.83 -7.05 -11.02
N LYS C 72 -5.75 -6.28 -10.47
CA LYS C 72 -6.08 -4.97 -11.03
C LYS C 72 -5.02 -3.95 -10.64
N PHE C 73 -5.20 -2.70 -11.08
CA PHE C 73 -4.26 -1.62 -10.79
C PHE C 73 -4.42 -1.13 -9.34
N ASN C 74 -4.45 -2.09 -8.44
CA ASN C 74 -4.59 -1.85 -7.01
C ASN C 74 -3.99 -3.03 -6.27
N GLU C 75 -4.43 -4.22 -6.68
CA GLU C 75 -3.94 -5.47 -6.11
C GLU C 75 -2.48 -5.66 -6.46
N TYR C 76 -2.11 -5.24 -7.67
CA TYR C 76 -0.74 -5.37 -8.14
C TYR C 76 0.19 -4.39 -7.42
N TRP C 77 -0.30 -3.18 -7.18
CA TRP C 77 0.51 -2.16 -6.50
C TRP C 77 0.87 -2.62 -5.10
N ARG C 78 0.02 -3.44 -4.51
CA ARG C 78 0.26 -3.97 -3.16
C ARG C 78 1.60 -4.68 -3.13
N LEU C 79 1.94 -5.38 -4.21
CA LEU C 79 3.19 -6.09 -4.32
C LEU C 79 4.36 -5.11 -4.30
N ILE C 80 4.21 -4.01 -5.05
CA ILE C 80 5.24 -2.98 -5.12
C ILE C 80 5.49 -2.38 -3.74
N GLY C 81 4.41 -2.15 -3.01
CA GLY C 81 4.53 -1.60 -1.67
C GLY C 81 5.22 -2.57 -0.73
N GLU C 82 4.96 -3.86 -0.93
CA GLU C 82 5.56 -4.89 -0.10
C GLU C 82 7.05 -5.03 -0.35
N LEU C 83 7.44 -5.13 -1.62
CA LEU C 83 8.86 -5.27 -1.96
C LEU C 83 9.66 -4.05 -1.53
N ALA C 84 9.01 -2.90 -1.48
CA ALA C 84 9.67 -1.66 -1.07
C ALA C 84 10.02 -1.71 0.42
N LYS C 85 9.12 -2.27 1.22
CA LYS C 85 9.35 -2.37 2.66
C LYS C 85 10.18 -3.60 2.99
N GLU C 86 10.31 -4.50 2.02
CA GLU C 86 11.06 -5.74 2.21
C GLU C 86 12.54 -5.43 2.45
N ILE C 87 12.99 -4.28 1.95
CA ILE C 87 14.39 -3.87 2.11
C ILE C 87 14.60 -3.28 3.51
N ARG C 88 13.51 -3.05 4.22
CA ARG C 88 13.57 -2.50 5.56
C ARG C 88 13.23 -3.56 6.59
N LYS C 89 12.20 -4.33 6.30
CA LYS C 89 11.77 -5.41 7.18
C LYS C 89 12.16 -6.75 6.58
N LYS C 90 13.05 -7.46 7.26
CA LYS C 90 13.52 -8.74 6.78
C LYS C 90 12.42 -9.80 6.88
N LYS C 91 11.94 -10.02 8.11
CA LYS C 91 10.90 -11.01 8.35
C LYS C 91 9.94 -10.52 9.44
N ASP C 92 9.93 -9.22 9.68
CA ASP C 92 9.08 -8.66 10.71
C ASP C 92 7.73 -8.23 10.14
N LEU C 93 6.90 -9.21 9.84
CA LEU C 93 5.57 -8.95 9.30
C LEU C 93 4.62 -10.11 9.63
N LYS C 94 4.32 -10.92 8.62
CA LYS C 94 3.43 -12.08 8.76
C LYS C 94 1.98 -11.65 9.00
N ILE C 95 1.71 -11.08 10.18
CA ILE C 95 0.39 -10.60 10.60
C ILE C 95 -0.68 -11.71 10.52
N ARG C 96 -1.91 -11.35 10.89
CA ARG C 96 -3.04 -12.26 10.87
C ARG C 96 -4.32 -11.50 11.22
N LYS C 97 -4.99 -10.98 10.19
CA LYS C 97 -6.20 -10.22 10.38
C LYS C 97 -7.20 -10.53 9.26
N LYS C 98 -8.47 -10.65 9.61
CA LYS C 98 -9.51 -10.93 8.64
C LYS C 98 -10.26 -9.67 8.29
N GLU D 1 17.40 -27.53 -13.37
CA GLU D 1 17.25 -28.03 -11.99
C GLU D 1 18.39 -27.52 -11.12
N LYS D 2 18.07 -26.61 -10.21
CA LYS D 2 19.09 -26.03 -9.32
C LYS D 2 18.66 -26.07 -7.86
N LEU D 3 18.99 -27.15 -7.18
CA LEU D 3 18.65 -27.28 -5.77
C LEU D 3 19.90 -27.07 -4.91
N GLY D 4 21.07 -27.32 -5.48
CA GLY D 4 22.31 -27.12 -4.76
C GLY D 4 23.18 -28.36 -4.75
N LYS D 5 23.86 -28.60 -3.64
CA LYS D 5 24.74 -29.76 -3.49
C LYS D 5 24.62 -30.32 -2.08
N LEU D 6 24.76 -31.63 -1.97
CA LEU D 6 24.66 -32.29 -0.67
C LEU D 6 25.85 -33.21 -0.44
N GLN D 7 26.47 -33.08 0.73
CA GLN D 7 27.61 -33.91 1.08
C GLN D 7 27.14 -35.08 1.93
N TYR D 8 27.52 -36.29 1.56
CA TYR D 8 27.08 -37.47 2.30
C TYR D 8 28.09 -38.59 2.24
N SER D 9 28.10 -39.39 3.30
CA SER D 9 28.99 -40.54 3.42
C SER D 9 28.19 -41.74 3.87
N LEU D 10 27.91 -42.65 2.95
CA LEU D 10 27.10 -43.81 3.26
C LEU D 10 27.93 -45.08 3.43
N ASP D 11 27.55 -45.89 4.39
CA ASP D 11 28.21 -47.16 4.66
C ASP D 11 27.15 -48.23 4.83
N TYR D 12 27.52 -49.42 5.27
CA TYR D 12 26.55 -50.50 5.42
C TYR D 12 26.92 -51.43 6.56
N ASP D 13 25.90 -51.97 7.22
CA ASP D 13 26.12 -52.91 8.31
C ASP D 13 25.35 -54.19 8.04
N PHE D 14 26.05 -55.32 8.11
CA PHE D 14 25.44 -56.60 7.84
C PHE D 14 24.95 -57.29 9.10
N GLN D 15 25.22 -56.69 10.27
CA GLN D 15 24.78 -57.29 11.53
C GLN D 15 23.27 -57.14 11.69
N ASN D 16 22.73 -56.02 11.22
CA ASN D 16 21.31 -55.76 11.29
C ASN D 16 20.72 -55.66 9.88
N ASN D 17 21.59 -55.87 8.89
CA ASN D 17 21.20 -55.83 7.47
C ASN D 17 20.55 -54.51 7.09
N GLN D 18 21.32 -53.44 7.13
CA GLN D 18 20.81 -52.13 6.78
C GLN D 18 21.93 -51.23 6.29
N LEU D 19 21.57 -50.25 5.47
CA LEU D 19 22.54 -49.30 4.95
C LEU D 19 22.52 -48.05 5.81
N LEU D 20 23.70 -47.62 6.24
CA LEU D 20 23.81 -46.45 7.08
C LEU D 20 23.85 -45.19 6.23
N VAL D 21 22.68 -44.58 6.05
CA VAL D 21 22.58 -43.36 5.25
C VAL D 21 22.85 -42.14 6.13
N GLY D 22 24.09 -41.68 6.11
CA GLY D 22 24.47 -40.53 6.90
C GLY D 22 24.79 -39.33 6.03
N ILE D 23 23.98 -38.29 6.14
CA ILE D 23 24.17 -37.08 5.37
C ILE D 23 24.90 -36.04 6.22
N ILE D 24 25.82 -35.32 5.62
CA ILE D 24 26.58 -34.31 6.33
C ILE D 24 25.85 -32.98 6.38
N GLN D 25 25.60 -32.42 5.21
CA GLN D 25 24.90 -31.14 5.11
C GLN D 25 24.53 -30.84 3.67
N ALA D 26 23.68 -29.83 3.49
CA ALA D 26 23.24 -29.41 2.17
C ALA D 26 23.54 -27.94 1.97
N ALA D 27 23.94 -27.56 0.76
CA ALA D 27 24.27 -26.17 0.48
C ALA D 27 23.64 -25.72 -0.83
N GLU D 28 23.59 -24.39 -1.01
CA GLU D 28 23.03 -23.76 -2.21
C GLU D 28 21.53 -24.02 -2.35
N LEU D 29 20.85 -24.18 -1.22
CA LEU D 29 19.41 -24.43 -1.25
C LEU D 29 18.63 -23.17 -1.63
N PRO D 30 17.58 -23.30 -2.45
CA PRO D 30 16.76 -22.18 -2.89
C PRO D 30 15.83 -21.66 -1.79
N ALA D 31 15.33 -20.44 -1.97
CA ALA D 31 14.44 -19.82 -1.00
C ALA D 31 12.98 -20.02 -1.41
N LEU D 32 12.17 -20.54 -0.49
CA LEU D 32 10.75 -20.77 -0.76
C LEU D 32 9.88 -19.97 0.20
N ASP D 33 10.38 -19.73 1.40
CA ASP D 33 9.66 -18.98 2.40
C ASP D 33 9.96 -17.49 2.24
N MET D 34 8.95 -16.66 2.49
CA MET D 34 9.12 -15.22 2.36
C MET D 34 10.10 -14.71 3.41
N GLY D 35 11.26 -14.32 2.94
CA GLY D 35 12.30 -13.82 3.82
C GLY D 35 13.67 -14.19 3.30
N GLY D 36 13.71 -14.87 2.17
CA GLY D 36 14.97 -15.27 1.58
C GLY D 36 15.56 -16.48 2.27
N THR D 37 14.68 -17.36 2.73
CA THR D 37 15.09 -18.57 3.43
C THR D 37 14.03 -19.65 3.26
N SER D 38 14.29 -20.81 3.84
CA SER D 38 13.34 -21.92 3.78
C SER D 38 13.52 -22.82 5.01
N ASP D 39 12.58 -23.72 5.21
CA ASP D 39 12.64 -24.69 6.30
C ASP D 39 12.78 -26.07 5.68
N PRO D 40 13.97 -26.40 5.17
CA PRO D 40 14.20 -27.65 4.47
C PRO D 40 14.64 -28.81 5.36
N TYR D 41 13.84 -29.86 5.31
CA TYR D 41 14.13 -31.08 6.03
C TYR D 41 14.06 -32.23 5.02
N VAL D 42 15.04 -33.10 5.05
CA VAL D 42 15.08 -34.20 4.10
C VAL D 42 14.27 -35.40 4.56
N LYS D 43 13.35 -35.81 3.71
CA LYS D 43 12.51 -36.97 3.99
C LYS D 43 12.81 -38.03 2.95
N VAL D 44 13.29 -39.17 3.40
CA VAL D 44 13.65 -40.25 2.50
C VAL D 44 12.42 -40.87 1.87
N PHE D 45 12.48 -41.03 0.55
CA PHE D 45 11.40 -41.62 -0.20
C PHE D 45 11.92 -42.84 -0.93
N LEU D 46 11.17 -43.91 -0.92
CA LEU D 46 11.59 -45.15 -1.56
C LEU D 46 10.65 -45.52 -2.69
N LEU D 47 11.01 -46.58 -3.39
CA LEU D 47 10.23 -47.12 -4.49
C LEU D 47 9.06 -47.94 -3.90
N PRO D 48 8.34 -48.80 -4.69
CA PRO D 48 7.23 -49.63 -4.15
C PRO D 48 7.53 -50.35 -2.83
N ASP D 49 8.81 -50.40 -2.44
CA ASP D 49 9.23 -51.03 -1.19
C ASP D 49 8.43 -50.45 -0.02
N LYS D 50 8.57 -49.13 0.16
CA LYS D 50 7.86 -48.38 1.21
C LYS D 50 8.05 -48.98 2.62
N LYS D 51 9.16 -49.65 2.84
CA LYS D 51 9.43 -50.24 4.15
C LYS D 51 10.48 -49.44 4.89
N LYS D 52 10.41 -48.12 4.72
CA LYS D 52 11.35 -47.20 5.37
C LYS D 52 10.95 -45.76 5.06
N LYS D 53 10.77 -44.97 6.11
CA LYS D 53 10.39 -43.58 5.97
C LYS D 53 10.77 -42.80 7.22
N PHE D 54 11.94 -42.19 7.19
CA PHE D 54 12.43 -41.43 8.33
C PHE D 54 12.39 -39.94 8.02
N GLU D 55 11.89 -39.16 8.97
CA GLU D 55 11.81 -37.73 8.82
C GLU D 55 12.86 -37.07 9.70
N THR D 56 13.66 -36.20 9.11
CA THR D 56 14.72 -35.51 9.83
C THR D 56 14.19 -34.35 10.66
N LYS D 57 15.11 -33.62 11.28
CA LYS D 57 14.76 -32.46 12.10
C LYS D 57 14.47 -31.26 11.21
N VAL D 58 13.41 -30.53 11.53
CA VAL D 58 13.05 -29.37 10.73
C VAL D 58 14.03 -28.22 10.99
N HIS D 59 14.92 -28.01 10.04
CA HIS D 59 15.91 -26.94 10.13
C HIS D 59 15.25 -25.65 9.64
N ARG D 60 14.62 -24.94 10.57
CA ARG D 60 13.90 -23.72 10.26
C ARG D 60 14.81 -22.58 9.79
N LYS D 61 14.34 -21.89 8.74
CA LYS D 61 15.00 -20.74 8.13
C LYS D 61 16.51 -20.92 7.96
N THR D 62 16.90 -21.63 6.92
CA THR D 62 18.31 -21.86 6.63
C THR D 62 18.47 -22.45 5.22
N LEU D 63 19.52 -22.04 4.53
CA LEU D 63 19.79 -22.54 3.19
C LEU D 63 21.04 -23.42 3.21
N ASN D 64 21.55 -23.65 4.41
CA ASN D 64 22.72 -24.47 4.63
C ASN D 64 22.60 -25.16 5.98
N PRO D 65 21.73 -26.18 6.06
CA PRO D 65 21.50 -26.92 7.29
C PRO D 65 22.63 -27.88 7.65
N VAL D 66 22.95 -27.94 8.93
CA VAL D 66 24.01 -28.80 9.42
C VAL D 66 23.53 -29.54 10.66
N PHE D 67 23.56 -30.85 10.62
CA PHE D 67 23.13 -31.67 11.73
C PHE D 67 23.75 -33.06 11.66
N ASN D 68 23.69 -33.64 10.45
CA ASN D 68 24.23 -34.97 10.17
C ASN D 68 23.32 -36.05 10.75
N GLU D 69 22.10 -36.09 10.25
CA GLU D 69 21.12 -37.09 10.69
C GLU D 69 21.43 -38.44 10.06
N GLN D 70 20.92 -39.51 10.66
CA GLN D 70 21.15 -40.85 10.16
C GLN D 70 19.84 -41.55 9.81
N PHE D 71 19.80 -42.13 8.62
CA PHE D 71 18.62 -42.87 8.18
C PHE D 71 18.97 -44.35 8.06
N THR D 72 18.25 -45.17 8.80
CA THR D 72 18.46 -46.61 8.78
C THR D 72 17.72 -47.26 7.60
N PHE D 73 18.48 -47.68 6.60
CA PHE D 73 17.90 -48.32 5.43
C PHE D 73 17.59 -49.78 5.74
N LYS D 74 16.43 -50.01 6.33
CA LYS D 74 15.98 -51.35 6.71
C LYS D 74 15.70 -52.23 5.49
N VAL D 75 16.76 -52.80 4.93
CA VAL D 75 16.66 -53.68 3.78
C VAL D 75 17.99 -54.41 3.59
N PRO D 76 17.94 -55.74 3.43
CA PRO D 76 19.15 -56.55 3.22
C PRO D 76 19.90 -56.14 1.97
N TYR D 77 21.22 -56.24 2.01
CA TYR D 77 22.06 -55.87 0.87
C TYR D 77 21.72 -56.73 -0.36
N SER D 78 21.14 -57.89 -0.11
CA SER D 78 20.74 -58.80 -1.16
C SER D 78 19.61 -58.22 -2.00
N GLU D 79 18.87 -57.27 -1.41
CA GLU D 79 17.76 -56.62 -2.09
C GLU D 79 18.12 -55.19 -2.47
N LEU D 80 19.39 -54.83 -2.27
CA LEU D 80 19.86 -53.49 -2.59
C LEU D 80 19.87 -53.25 -4.10
N GLY D 81 20.01 -54.33 -4.86
CA GLY D 81 20.05 -54.24 -6.30
C GLY D 81 18.76 -53.69 -6.88
N GLY D 82 17.64 -54.10 -6.29
CA GLY D 82 16.35 -53.63 -6.75
C GLY D 82 15.71 -52.70 -5.74
N LYS D 83 16.53 -51.90 -5.08
CA LYS D 83 16.03 -50.95 -4.09
C LYS D 83 16.61 -49.57 -4.32
N THR D 84 15.92 -48.78 -5.12
CA THR D 84 16.34 -47.42 -5.42
C THR D 84 15.73 -46.44 -4.44
N LEU D 85 16.59 -45.70 -3.74
CA LEU D 85 16.12 -44.73 -2.76
C LEU D 85 16.35 -43.31 -3.25
N VAL D 86 15.47 -42.41 -2.85
CA VAL D 86 15.58 -41.00 -3.22
C VAL D 86 15.48 -40.13 -1.97
N MET D 87 16.18 -39.02 -1.99
CA MET D 87 16.17 -38.09 -0.86
C MET D 87 15.54 -36.78 -1.29
N ALA D 88 14.29 -36.58 -0.91
CA ALA D 88 13.57 -35.38 -1.26
C ALA D 88 13.59 -34.38 -0.10
N VAL D 89 13.92 -33.14 -0.40
CA VAL D 89 13.95 -32.10 0.61
C VAL D 89 12.62 -31.36 0.63
N TYR D 90 11.95 -31.41 1.76
CA TYR D 90 10.66 -30.77 1.92
C TYR D 90 10.78 -29.55 2.81
N ASP D 91 9.90 -28.58 2.61
CA ASP D 91 9.89 -27.36 3.40
C ASP D 91 8.74 -27.40 4.40
N PHE D 92 8.88 -26.70 5.51
CA PHE D 92 7.84 -26.66 6.53
C PHE D 92 7.75 -25.28 7.16
N ASP D 93 7.72 -24.25 6.31
CA ASP D 93 7.65 -22.86 6.74
C ASP D 93 6.44 -22.59 7.65
N ARG D 94 5.39 -23.40 7.50
CA ARG D 94 4.15 -23.29 8.29
C ARG D 94 3.28 -22.13 7.83
N PHE D 95 3.60 -21.55 6.68
CA PHE D 95 2.82 -20.44 6.16
C PHE D 95 2.28 -20.74 4.77
N SER D 96 3.18 -20.86 3.80
CA SER D 96 2.81 -21.15 2.43
C SER D 96 2.61 -22.65 2.22
N LYS D 97 2.17 -23.04 1.03
CA LYS D 97 1.95 -24.44 0.71
C LYS D 97 3.28 -25.10 0.36
N HIS D 98 4.11 -25.27 1.38
CA HIS D 98 5.43 -25.87 1.24
C HIS D 98 5.36 -27.25 0.61
N ASP D 99 6.25 -27.49 -0.34
CA ASP D 99 6.32 -28.76 -1.05
C ASP D 99 7.77 -29.20 -1.19
N ILE D 100 8.04 -30.09 -2.13
CA ILE D 100 9.39 -30.58 -2.36
C ILE D 100 10.19 -29.55 -3.15
N ILE D 101 11.30 -29.11 -2.58
CA ILE D 101 12.16 -28.11 -3.21
C ILE D 101 13.09 -28.79 -4.21
N GLY D 102 13.29 -30.08 -4.04
CA GLY D 102 14.14 -30.85 -4.92
C GLY D 102 14.47 -32.19 -4.33
N GLU D 103 15.23 -32.99 -5.06
CA GLU D 103 15.59 -34.31 -4.60
C GLU D 103 16.77 -34.87 -5.39
N PHE D 104 17.15 -36.09 -5.04
CA PHE D 104 18.22 -36.80 -5.73
C PHE D 104 18.06 -38.28 -5.46
N LYS D 105 18.45 -39.10 -6.41
CA LYS D 105 18.34 -40.55 -6.26
C LYS D 105 19.61 -41.22 -6.74
N VAL D 106 19.88 -42.40 -6.21
CA VAL D 106 21.07 -43.14 -6.60
C VAL D 106 20.76 -44.64 -6.69
N PRO D 107 21.13 -45.25 -7.83
CA PRO D 107 20.90 -46.68 -8.04
C PRO D 107 21.84 -47.55 -7.21
N MET D 108 21.30 -48.12 -6.14
CA MET D 108 22.09 -48.97 -5.23
C MET D 108 22.66 -50.19 -5.96
N ASN D 109 22.02 -50.56 -7.07
CA ASN D 109 22.47 -51.69 -7.86
C ASN D 109 23.86 -51.42 -8.43
N THR D 110 24.08 -50.16 -8.80
CA THR D 110 25.34 -49.73 -9.36
C THR D 110 26.36 -49.41 -8.27
N VAL D 111 25.86 -48.86 -7.17
CA VAL D 111 26.71 -48.49 -6.04
C VAL D 111 27.29 -49.72 -5.35
N ASP D 112 28.61 -49.80 -5.29
CA ASP D 112 29.28 -50.93 -4.65
C ASP D 112 29.27 -50.75 -3.14
N PHE D 113 29.41 -51.85 -2.42
CA PHE D 113 29.41 -51.80 -0.96
C PHE D 113 30.69 -52.41 -0.40
N GLY D 114 31.81 -52.12 -1.05
CA GLY D 114 33.09 -52.65 -0.59
C GLY D 114 33.49 -52.06 0.74
N HIS D 115 33.42 -50.74 0.85
CA HIS D 115 33.78 -50.06 2.09
C HIS D 115 32.75 -48.98 2.41
N VAL D 116 32.95 -47.79 1.85
CA VAL D 116 32.04 -46.67 2.07
C VAL D 116 31.87 -45.86 0.80
N THR D 117 30.81 -45.08 0.75
CA THR D 117 30.53 -44.25 -0.41
C THR D 117 30.44 -42.78 0.01
N GLU D 118 31.52 -42.04 -0.19
CA GLU D 118 31.56 -40.63 0.16
C GLU D 118 31.76 -39.79 -1.09
N GLU D 119 30.85 -38.86 -1.33
CA GLU D 119 30.92 -37.99 -2.50
C GLU D 119 30.03 -36.76 -2.33
N TRP D 120 30.18 -35.81 -3.24
CA TRP D 120 29.39 -34.59 -3.22
C TRP D 120 28.30 -34.69 -4.28
N ARG D 121 27.15 -35.20 -3.88
CA ARG D 121 26.03 -35.38 -4.78
C ARG D 121 25.37 -34.06 -5.15
N ASP D 122 24.99 -33.95 -6.41
CA ASP D 122 24.32 -32.77 -6.93
C ASP D 122 22.83 -32.84 -6.58
N LEU D 123 22.24 -31.69 -6.32
CA LEU D 123 20.83 -31.62 -5.97
C LEU D 123 20.03 -31.00 -7.10
N GLN D 124 18.98 -31.67 -7.54
CA GLN D 124 18.15 -31.18 -8.63
C GLN D 124 16.72 -30.96 -8.16
N SER D 125 16.12 -29.85 -8.61
CA SER D 125 14.76 -29.51 -8.25
C SER D 125 13.77 -30.19 -9.19
N ALA D 126 13.13 -31.24 -8.70
CA ALA D 126 12.16 -31.98 -9.48
C ALA D 126 10.74 -31.68 -9.01
N GLU D 127 9.88 -31.29 -9.94
CA GLU D 127 8.49 -30.98 -9.61
C GLU D 127 7.75 -32.25 -9.25
N LYS D 128 7.24 -32.30 -8.02
CA LYS D 128 6.52 -33.47 -7.53
C LYS D 128 5.13 -33.08 -7.07
N GLU A 1 -25.26 35.05 -13.19
CA GLU A 1 -24.65 34.54 -11.95
C GLU A 1 -25.43 33.35 -11.41
N LYS A 2 -24.83 32.18 -11.47
CA LYS A 2 -25.47 30.96 -10.99
C LYS A 2 -24.64 30.31 -9.89
N LEU A 3 -25.27 30.11 -8.74
CA LEU A 3 -24.60 29.49 -7.60
C LEU A 3 -25.52 28.45 -6.96
N GLY A 4 -26.69 28.25 -7.57
CA GLY A 4 -27.64 27.30 -7.05
C GLY A 4 -28.72 27.97 -6.23
N LYS A 5 -29.25 27.26 -5.25
CA LYS A 5 -30.30 27.79 -4.38
C LYS A 5 -30.03 27.41 -2.94
N LEU A 6 -30.43 28.27 -2.02
CA LEU A 6 -30.23 28.03 -0.60
C LEU A 6 -31.54 28.17 0.16
N GLN A 7 -31.83 27.20 1.00
CA GLN A 7 -33.04 27.21 1.79
C GLN A 7 -32.68 27.64 3.21
N TYR A 8 -33.42 28.59 3.75
CA TYR A 8 -33.12 29.08 5.10
C TYR A 8 -34.36 29.63 5.80
N SER A 9 -34.26 29.73 7.11
CA SER A 9 -35.35 30.23 7.95
C SER A 9 -34.81 31.26 8.93
N LEU A 10 -35.33 32.48 8.86
CA LEU A 10 -34.88 33.54 9.74
C LEU A 10 -35.96 33.89 10.76
N ASP A 11 -35.68 33.69 12.03
CA ASP A 11 -36.64 34.03 13.08
C ASP A 11 -36.03 35.12 13.96
N TYR A 12 -36.88 36.00 14.46
CA TYR A 12 -36.42 37.11 15.28
C TYR A 12 -36.63 36.86 16.77
N ASP A 13 -35.71 37.39 17.57
CA ASP A 13 -35.79 37.26 19.02
C ASP A 13 -35.51 38.62 19.66
N PHE A 14 -36.46 39.10 20.44
CA PHE A 14 -36.33 40.39 21.10
C PHE A 14 -35.80 40.26 22.51
N GLN A 15 -35.64 39.03 22.99
CA GLN A 15 -35.15 38.80 24.34
C GLN A 15 -33.66 39.09 24.42
N ASN A 16 -32.95 38.78 23.34
CA ASN A 16 -31.51 39.00 23.27
C ASN A 16 -31.20 40.04 22.19
N ASN A 17 -32.25 40.50 21.52
CA ASN A 17 -32.15 41.52 20.48
C ASN A 17 -31.23 41.07 19.35
N GLN A 18 -31.64 40.04 18.62
CA GLN A 18 -30.86 39.53 17.51
C GLN A 18 -31.73 38.73 16.56
N LEU A 19 -31.21 38.48 15.38
CA LEU A 19 -31.92 37.69 14.38
C LEU A 19 -31.25 36.34 14.24
N LEU A 20 -32.06 35.28 14.28
CA LEU A 20 -31.54 33.94 14.18
C LEU A 20 -31.46 33.52 12.72
N VAL A 21 -30.27 33.63 12.15
CA VAL A 21 -30.05 33.24 10.77
C VAL A 21 -29.76 31.75 10.69
N GLY A 22 -30.80 30.97 10.47
CA GLY A 22 -30.65 29.53 10.39
C GLY A 22 -30.78 29.03 8.96
N ILE A 23 -29.64 28.73 8.36
CA ILE A 23 -29.63 28.21 7.00
C ILE A 23 -29.80 26.70 7.02
N ILE A 24 -30.69 26.20 6.18
CA ILE A 24 -30.94 24.76 6.12
C ILE A 24 -29.87 24.05 5.31
N GLN A 25 -29.78 24.39 4.03
CA GLN A 25 -28.81 23.76 3.14
C GLN A 25 -28.69 24.53 1.83
N ALA A 26 -27.64 24.20 1.09
CA ALA A 26 -27.38 24.80 -0.21
C ALA A 26 -27.29 23.69 -1.25
N ALA A 27 -27.91 23.91 -2.41
CA ALA A 27 -27.92 22.89 -3.44
C ALA A 27 -27.34 23.37 -4.76
N GLU A 28 -26.61 22.48 -5.41
CA GLU A 28 -26.00 22.72 -6.72
C GLU A 28 -24.95 23.82 -6.68
N LEU A 29 -23.91 23.61 -5.88
CA LEU A 29 -22.82 24.57 -5.77
C LEU A 29 -21.76 24.27 -6.83
N PRO A 30 -21.05 25.30 -7.32
CA PRO A 30 -19.99 25.13 -8.33
C PRO A 30 -18.77 24.41 -7.78
N ALA A 31 -18.07 23.69 -8.65
CA ALA A 31 -16.88 22.95 -8.27
C ALA A 31 -15.66 23.86 -8.22
N LEU A 32 -14.75 23.56 -7.30
CA LEU A 32 -13.53 24.33 -7.16
C LEU A 32 -12.33 23.42 -6.95
N ASP A 33 -12.48 22.41 -6.10
CA ASP A 33 -11.39 21.48 -5.83
C ASP A 33 -11.12 20.59 -7.05
N MET A 34 -9.93 20.04 -7.11
CA MET A 34 -9.53 19.18 -8.22
C MET A 34 -10.12 17.78 -8.05
N GLY A 35 -11.41 17.67 -8.31
CA GLY A 35 -12.09 16.40 -8.19
C GLY A 35 -13.54 16.47 -8.60
N GLY A 36 -14.05 17.69 -8.74
CA GLY A 36 -15.43 17.88 -9.14
C GLY A 36 -16.28 18.40 -7.99
N THR A 37 -15.67 18.46 -6.83
CA THR A 37 -16.34 18.94 -5.63
C THR A 37 -15.63 20.18 -5.11
N SER A 38 -16.07 20.67 -3.96
CA SER A 38 -15.48 21.84 -3.35
C SER A 38 -15.61 21.75 -1.84
N ASP A 39 -14.97 22.66 -1.13
CA ASP A 39 -15.04 22.71 0.33
C ASP A 39 -15.59 24.08 0.72
N PRO A 40 -16.87 24.37 0.38
CA PRO A 40 -17.47 25.66 0.63
C PRO A 40 -18.22 25.79 1.95
N TYR A 41 -17.91 26.85 2.67
CA TYR A 41 -18.57 27.16 3.93
C TYR A 41 -19.11 28.58 3.85
N VAL A 42 -20.29 28.80 4.42
CA VAL A 42 -20.91 30.11 4.36
C VAL A 42 -20.46 31.03 5.49
N LYS A 43 -19.78 32.11 5.12
CA LYS A 43 -19.30 33.07 6.09
C LYS A 43 -20.13 34.34 5.98
N VAL A 44 -20.56 34.86 7.10
CA VAL A 44 -21.38 36.05 7.11
C VAL A 44 -20.56 37.33 6.95
N PHE A 45 -21.08 38.24 6.15
CA PHE A 45 -20.44 39.52 5.91
C PHE A 45 -21.45 40.63 6.11
N LEU A 46 -21.02 41.75 6.63
CA LEU A 46 -21.93 42.86 6.89
C LEU A 46 -21.45 44.12 6.18
N LEU A 47 -22.35 45.10 6.14
CA LEU A 47 -22.06 46.40 5.55
C LEU A 47 -21.09 47.17 6.48
N PRO A 48 -20.84 48.50 6.30
CA PRO A 48 -19.93 49.27 7.17
C PRO A 48 -20.04 48.94 8.67
N ASP A 49 -21.19 48.40 9.09
CA ASP A 49 -21.41 48.02 10.49
C ASP A 49 -20.26 47.14 10.98
N LYS A 50 -20.10 45.99 10.32
CA LYS A 50 -19.04 45.02 10.61
C LYS A 50 -18.92 44.67 12.09
N LYS A 51 -20.00 44.82 12.86
CA LYS A 51 -19.97 44.50 14.27
C LYS A 51 -20.37 43.05 14.49
N LYS A 52 -19.92 42.18 13.60
CA LYS A 52 -20.23 40.76 13.66
C LYS A 52 -19.51 39.99 12.57
N LYS A 53 -19.09 38.78 12.90
CA LYS A 53 -18.41 37.91 11.96
C LYS A 53 -18.40 36.49 12.50
N PHE A 54 -18.97 35.56 11.75
CA PHE A 54 -19.05 34.17 12.18
C PHE A 54 -18.55 33.24 11.08
N GLU A 55 -17.74 32.26 11.49
CA GLU A 55 -17.20 31.28 10.58
C GLU A 55 -17.92 29.95 10.78
N THR A 56 -18.37 29.34 9.69
CA THR A 56 -19.09 28.07 9.78
C THR A 56 -18.13 26.88 9.68
N LYS A 57 -18.70 25.68 9.77
CA LYS A 57 -17.93 24.46 9.69
C LYS A 57 -17.54 24.21 8.23
N VAL A 58 -16.27 23.88 8.00
CA VAL A 58 -15.79 23.63 6.66
C VAL A 58 -16.43 22.35 6.09
N HIS A 59 -17.31 22.54 5.12
CA HIS A 59 -17.99 21.42 4.47
C HIS A 59 -17.09 20.89 3.37
N ARG A 60 -16.24 19.94 3.70
CA ARG A 60 -15.29 19.39 2.76
C ARG A 60 -15.90 18.40 1.78
N LYS A 61 -15.45 18.51 0.54
CA LYS A 61 -15.87 17.64 -0.57
C LYS A 61 -17.38 17.47 -0.68
N THR A 62 -18.09 18.54 -1.02
CA THR A 62 -19.52 18.47 -1.18
C THR A 62 -20.06 19.69 -1.91
N LEU A 63 -21.19 19.51 -2.57
CA LEU A 63 -21.84 20.57 -3.30
C LEU A 63 -23.28 20.70 -2.81
N ASN A 64 -23.53 20.07 -1.67
CA ASN A 64 -24.84 20.08 -1.04
C ASN A 64 -24.68 19.87 0.46
N PRO A 65 -24.21 20.91 1.18
CA PRO A 65 -23.96 20.83 2.62
C PRO A 65 -25.24 20.95 3.45
N VAL A 66 -25.38 20.02 4.38
CA VAL A 66 -26.52 20.00 5.29
C VAL A 66 -26.05 19.98 6.74
N PHE A 67 -25.92 21.16 7.33
CA PHE A 67 -25.47 21.27 8.70
C PHE A 67 -26.42 22.14 9.54
N ASN A 68 -26.97 23.17 8.91
CA ASN A 68 -27.91 24.09 9.57
C ASN A 68 -27.20 24.88 10.68
N GLU A 69 -26.14 25.58 10.31
CA GLU A 69 -25.40 26.39 11.26
C GLU A 69 -26.24 27.59 11.70
N GLN A 70 -26.04 28.03 12.94
CA GLN A 70 -26.80 29.15 13.47
C GLN A 70 -25.91 30.38 13.63
N PHE A 71 -26.31 31.47 12.97
CA PHE A 71 -25.57 32.71 13.05
C PHE A 71 -26.33 33.71 13.93
N THR A 72 -25.65 34.20 14.95
CA THR A 72 -26.24 35.15 15.88
C THR A 72 -26.07 36.58 15.36
N PHE A 73 -27.12 37.10 14.71
CA PHE A 73 -27.09 38.45 14.18
C PHE A 73 -27.31 39.45 15.31
N LYS A 74 -26.24 39.72 16.05
CA LYS A 74 -26.30 40.63 17.19
C LYS A 74 -26.48 42.09 16.76
N VAL A 75 -27.72 42.49 16.59
CA VAL A 75 -28.07 43.85 16.21
C VAL A 75 -29.53 44.11 16.59
N PRO A 76 -29.80 45.27 17.22
CA PRO A 76 -31.17 45.62 17.62
C PRO A 76 -32.12 45.65 16.43
N TYR A 77 -33.33 45.16 16.63
CA TYR A 77 -34.34 45.13 15.57
C TYR A 77 -34.62 46.53 15.04
N SER A 78 -34.36 47.53 15.88
CA SER A 78 -34.57 48.92 15.52
C SER A 78 -33.52 49.38 14.50
N GLU A 79 -32.40 48.66 14.44
CA GLU A 79 -31.32 49.01 13.53
C GLU A 79 -31.39 48.16 12.26
N LEU A 80 -32.36 47.27 12.20
CA LEU A 80 -32.53 46.39 11.04
C LEU A 80 -32.84 47.21 9.79
N GLY A 81 -33.40 48.40 9.98
CA GLY A 81 -33.74 49.26 8.87
C GLY A 81 -32.51 49.77 8.13
N GLY A 82 -31.36 49.74 8.79
CA GLY A 82 -30.13 50.20 8.18
C GLY A 82 -29.03 49.18 8.33
N LYS A 83 -29.41 47.91 8.44
CA LYS A 83 -28.46 46.84 8.60
C LYS A 83 -28.66 45.76 7.53
N THR A 84 -27.94 45.88 6.44
CA THR A 84 -28.02 44.92 5.36
C THR A 84 -26.97 43.84 5.54
N LEU A 85 -27.41 42.62 5.80
CA LEU A 85 -26.49 41.51 6.00
C LEU A 85 -26.39 40.67 4.74
N VAL A 86 -25.19 40.16 4.47
CA VAL A 86 -24.96 39.33 3.29
C VAL A 86 -24.28 38.03 3.69
N MET A 87 -24.52 36.98 2.92
CA MET A 87 -23.92 35.69 3.20
C MET A 87 -23.10 35.27 2.00
N ALA A 88 -21.81 35.09 2.21
CA ALA A 88 -20.92 34.70 1.13
C ALA A 88 -20.36 33.31 1.38
N VAL A 89 -20.34 32.48 0.36
CA VAL A 89 -19.83 31.14 0.47
C VAL A 89 -18.36 31.09 0.04
N TYR A 90 -17.50 30.67 0.94
CA TYR A 90 -16.07 30.61 0.68
C TYR A 90 -15.62 29.16 0.57
N ASP A 91 -14.75 28.88 -0.38
CA ASP A 91 -14.22 27.53 -0.58
C ASP A 91 -12.92 27.36 0.20
N PHE A 92 -12.58 26.13 0.51
CA PHE A 92 -11.36 25.84 1.26
C PHE A 92 -10.67 24.62 0.65
N ASP A 93 -10.36 24.70 -0.66
CA ASP A 93 -9.69 23.61 -1.39
C ASP A 93 -8.37 23.20 -0.74
N ARG A 94 -7.85 24.07 0.13
CA ARG A 94 -6.60 23.82 0.87
C ARG A 94 -5.37 23.84 -0.01
N PHE A 95 -5.40 24.56 -1.12
CA PHE A 95 -4.24 24.63 -2.00
C PHE A 95 -4.21 25.93 -2.78
N SER A 96 -5.18 26.12 -3.65
CA SER A 96 -5.27 27.30 -4.47
C SER A 96 -5.82 28.45 -3.66
N LYS A 97 -5.69 29.67 -4.18
CA LYS A 97 -6.20 30.84 -3.50
C LYS A 97 -7.71 30.91 -3.68
N HIS A 98 -8.41 30.01 -2.99
CA HIS A 98 -9.87 29.91 -3.03
C HIS A 98 -10.51 31.26 -2.75
N ASP A 99 -11.48 31.62 -3.58
CA ASP A 99 -12.17 32.89 -3.46
C ASP A 99 -13.66 32.67 -3.20
N ILE A 100 -14.46 33.71 -3.41
CA ILE A 100 -15.88 33.64 -3.21
C ILE A 100 -16.55 33.19 -4.51
N ILE A 101 -17.17 32.02 -4.49
CA ILE A 101 -17.84 31.49 -5.67
C ILE A 101 -19.21 32.11 -5.85
N GLY A 102 -19.71 32.76 -4.80
CA GLY A 102 -21.02 33.38 -4.87
C GLY A 102 -21.48 33.88 -3.51
N GLU A 103 -22.59 34.60 -3.51
CA GLU A 103 -23.16 35.15 -2.29
C GLU A 103 -24.58 35.62 -2.52
N PHE A 104 -25.21 36.09 -1.45
CA PHE A 104 -26.57 36.60 -1.50
C PHE A 104 -26.78 37.57 -0.34
N LYS A 105 -27.70 38.50 -0.50
CA LYS A 105 -27.97 39.49 0.53
C LYS A 105 -29.47 39.68 0.69
N VAL A 106 -29.88 40.08 1.89
CA VAL A 106 -31.28 40.31 2.17
C VAL A 106 -31.48 41.71 2.77
N PRO A 107 -32.27 42.55 2.10
CA PRO A 107 -32.54 43.91 2.58
C PRO A 107 -33.51 43.88 3.76
N MET A 108 -32.96 43.91 4.97
CA MET A 108 -33.76 43.88 6.20
C MET A 108 -34.73 45.04 6.26
N ASN A 109 -34.39 46.16 5.63
CA ASN A 109 -35.25 47.32 5.62
C ASN A 109 -36.54 47.03 4.83
N THR A 110 -36.45 46.06 3.92
CA THR A 110 -37.57 45.68 3.10
C THR A 110 -38.19 44.37 3.60
N VAL A 111 -37.81 43.96 4.80
CA VAL A 111 -38.32 42.74 5.40
C VAL A 111 -38.88 43.04 6.79
N ASP A 112 -40.15 42.72 6.99
CA ASP A 112 -40.78 42.93 8.29
C ASP A 112 -40.58 41.71 9.17
N PHE A 113 -40.18 41.95 10.41
CA PHE A 113 -39.95 40.87 11.35
C PHE A 113 -41.24 40.51 12.08
N GLY A 114 -42.23 40.06 11.32
CA GLY A 114 -43.50 39.69 11.90
C GLY A 114 -43.42 38.35 12.60
N HIS A 115 -42.77 37.39 11.96
CA HIS A 115 -42.62 36.06 12.53
C HIS A 115 -41.33 35.40 12.07
N VAL A 116 -41.39 34.72 10.94
CA VAL A 116 -40.23 34.03 10.41
C VAL A 116 -40.12 34.23 8.90
N THR A 117 -38.89 34.28 8.41
CA THR A 117 -38.63 34.46 7.00
C THR A 117 -38.13 33.15 6.38
N GLU A 118 -39.04 32.37 5.83
CA GLU A 118 -38.69 31.10 5.21
C GLU A 118 -38.87 31.20 3.70
N GLU A 119 -37.79 31.06 2.95
CA GLU A 119 -37.86 31.15 1.51
C GLU A 119 -36.71 30.42 0.83
N TRP A 120 -36.86 30.19 -0.46
CA TRP A 120 -35.81 29.53 -1.25
C TRP A 120 -35.06 30.59 -2.03
N ARG A 121 -34.02 31.13 -1.41
CA ARG A 121 -33.22 32.18 -2.02
C ARG A 121 -32.31 31.64 -3.12
N ASP A 122 -32.36 32.28 -4.27
CA ASP A 122 -31.52 31.91 -5.39
C ASP A 122 -30.13 32.49 -5.19
N LEU A 123 -29.12 31.64 -5.35
CA LEU A 123 -27.75 32.06 -5.15
C LEU A 123 -27.16 32.60 -6.45
N GLN A 124 -26.23 33.53 -6.34
CA GLN A 124 -25.60 34.12 -7.51
C GLN A 124 -24.08 34.19 -7.32
N SER A 125 -23.34 33.89 -8.37
CA SER A 125 -21.88 33.92 -8.31
C SER A 125 -21.35 35.34 -8.41
N ALA A 126 -21.47 36.10 -7.34
CA ALA A 126 -20.98 37.47 -7.32
C ALA A 126 -19.50 37.49 -7.01
N GLU A 127 -18.69 37.48 -8.07
CA GLU A 127 -17.23 37.49 -7.95
C GLU A 127 -16.78 38.75 -7.21
N LYS A 128 -15.78 38.60 -6.37
CA LYS A 128 -15.25 39.72 -5.59
C LYS A 128 -13.74 39.79 -5.77
N MET B 1 33.22 -0.76 -16.22
CA MET B 1 33.58 0.51 -15.52
C MET B 1 32.93 0.54 -14.15
N ALA B 2 33.23 1.59 -13.39
CA ALA B 2 32.67 1.74 -12.05
C ALA B 2 31.34 2.50 -12.12
N ALA B 3 30.71 2.68 -10.96
CA ALA B 3 29.44 3.38 -10.86
C ALA B 3 28.37 2.68 -11.69
N GLU B 4 28.43 1.36 -11.70
CA GLU B 4 27.48 0.54 -12.44
C GLU B 4 26.10 0.61 -11.80
N PRO B 5 25.05 0.71 -12.63
CA PRO B 5 23.66 0.79 -12.14
C PRO B 5 23.18 -0.54 -11.55
N LEU B 6 22.09 -0.46 -10.79
CA LEU B 6 21.50 -1.63 -10.17
C LEU B 6 20.33 -2.14 -11.00
N THR B 7 19.50 -2.99 -10.41
CA THR B 7 18.33 -3.53 -11.09
C THR B 7 17.25 -2.45 -11.18
N GLU B 8 16.34 -2.58 -12.16
CA GLU B 8 15.27 -1.61 -12.39
C GLU B 8 14.63 -1.08 -11.11
N LEU B 9 13.94 -1.94 -10.36
CA LEU B 9 13.27 -1.52 -9.14
C LEU B 9 14.26 -1.02 -8.08
N GLU B 10 15.48 -1.57 -8.11
CA GLU B 10 16.51 -1.17 -7.16
C GLU B 10 16.93 0.27 -7.43
N GLU B 11 16.92 0.64 -8.71
CA GLU B 11 17.26 1.99 -9.13
C GLU B 11 16.13 2.95 -8.74
N SER B 12 14.90 2.48 -8.91
CA SER B 12 13.72 3.27 -8.59
C SER B 12 13.67 3.60 -7.10
N ILE B 13 13.87 2.60 -6.25
CA ILE B 13 13.83 2.83 -4.81
C ILE B 13 14.99 3.72 -4.36
N GLU B 14 16.13 3.63 -5.04
CA GLU B 14 17.28 4.44 -4.70
C GLU B 14 17.02 5.92 -4.99
N THR B 15 16.35 6.18 -6.12
CA THR B 15 16.05 7.53 -6.52
C THR B 15 15.07 8.22 -5.54
N VAL B 16 14.12 7.47 -5.00
CA VAL B 16 13.17 8.05 -4.05
C VAL B 16 13.80 8.20 -2.68
N VAL B 17 14.66 7.25 -2.30
CA VAL B 17 15.34 7.31 -1.02
C VAL B 17 16.28 8.50 -1.00
N THR B 18 16.93 8.76 -2.12
CA THR B 18 17.84 9.89 -2.25
C THR B 18 17.09 11.21 -1.98
N THR B 19 15.93 11.37 -2.59
CA THR B 19 15.13 12.59 -2.39
C THR B 19 14.61 12.66 -0.96
N PHE B 20 14.24 11.51 -0.42
CA PHE B 20 13.72 11.41 0.94
C PHE B 20 14.80 11.83 1.93
N PHE B 21 16.02 11.37 1.69
CA PHE B 21 17.15 11.67 2.55
C PHE B 21 17.52 13.14 2.48
N THR B 22 17.33 13.76 1.31
CA THR B 22 17.64 15.17 1.13
C THR B 22 16.76 16.05 2.02
N PHE B 23 15.57 15.55 2.36
CA PHE B 23 14.65 16.29 3.20
C PHE B 23 14.74 15.85 4.65
N ALA B 24 15.04 14.57 4.87
CA ALA B 24 15.18 14.03 6.22
C ALA B 24 16.54 14.39 6.82
N ARG B 25 16.80 15.69 6.91
CA ARG B 25 18.05 16.20 7.46
C ARG B 25 18.02 17.73 7.48
N GLN B 26 16.82 18.29 7.56
CA GLN B 26 16.67 19.73 7.59
C GLN B 26 16.58 20.21 9.02
N GLU B 27 15.81 19.48 9.82
CA GLU B 27 15.64 19.82 11.22
C GLU B 27 16.48 18.89 12.10
N GLY B 28 16.27 17.58 11.95
CA GLY B 28 17.04 16.64 12.75
C GLY B 28 16.58 15.21 12.56
N ARG B 29 17.44 14.26 12.93
CA ARG B 29 17.18 12.83 12.80
C ARG B 29 17.07 12.42 11.34
N LYS B 30 18.23 12.12 10.74
CA LYS B 30 18.29 11.72 9.33
C LYS B 30 17.72 10.31 9.11
N ASP B 31 16.42 10.20 9.30
CA ASP B 31 15.70 8.92 9.15
C ASP B 31 14.22 9.15 9.35
N SER B 32 13.89 10.25 10.04
CA SER B 32 12.51 10.62 10.30
C SER B 32 12.25 12.03 9.77
N LEU B 33 11.04 12.24 9.26
CA LEU B 33 10.65 13.53 8.72
C LEU B 33 9.87 14.33 9.75
N SER B 34 10.41 15.50 10.11
CA SER B 34 9.75 16.38 11.06
C SER B 34 8.58 17.09 10.37
N VAL B 35 7.76 17.77 11.14
CA VAL B 35 6.58 18.48 10.62
C VAL B 35 6.96 19.43 9.49
N ASN B 36 7.94 20.29 9.75
CA ASN B 36 8.39 21.26 8.76
C ASN B 36 8.94 20.59 7.51
N GLU B 37 9.77 19.57 7.71
CA GLU B 37 10.38 18.85 6.60
C GLU B 37 9.33 18.13 5.75
N PHE B 38 8.38 17.49 6.41
CA PHE B 38 7.31 16.77 5.74
C PHE B 38 6.51 17.69 4.82
N LYS B 39 6.15 18.86 5.33
CA LYS B 39 5.39 19.83 4.55
C LYS B 39 6.27 20.49 3.49
N GLU B 40 7.55 20.62 3.78
CA GLU B 40 8.49 21.24 2.86
C GLU B 40 8.64 20.39 1.60
N LEU B 41 8.39 19.09 1.74
CA LEU B 41 8.49 18.16 0.63
C LEU B 41 7.30 18.33 -0.33
N VAL B 42 6.08 18.21 0.20
CA VAL B 42 4.88 18.33 -0.59
C VAL B 42 4.72 19.74 -1.18
N THR B 43 4.99 20.75 -0.37
CA THR B 43 4.88 22.13 -0.81
C THR B 43 6.13 22.56 -1.57
N GLN B 44 6.60 21.71 -2.47
CA GLN B 44 7.78 22.01 -3.26
C GLN B 44 7.88 21.08 -4.47
N GLN B 45 7.87 19.79 -4.23
CA GLN B 45 7.97 18.81 -5.32
C GLN B 45 6.71 17.98 -5.50
N LEU B 46 5.58 18.51 -5.06
CA LEU B 46 4.33 17.77 -5.19
C LEU B 46 3.11 18.71 -5.29
N PRO B 47 3.13 19.68 -6.22
CA PRO B 47 2.03 20.61 -6.40
C PRO B 47 1.18 20.25 -7.62
N HIS B 48 1.19 18.97 -7.99
CA HIS B 48 0.46 18.51 -9.16
C HIS B 48 -0.44 17.32 -8.83
N LEU B 49 0.15 16.22 -8.38
CA LEU B 49 -0.61 15.01 -8.04
C LEU B 49 -1.51 15.22 -6.84
N LEU B 50 -0.96 15.79 -5.77
CA LEU B 50 -1.70 16.05 -4.55
C LEU B 50 -1.60 17.52 -4.20
N LYS B 51 -2.72 18.22 -4.25
CA LYS B 51 -2.74 19.64 -3.96
C LYS B 51 -3.38 19.92 -2.59
N ASP B 52 -2.57 19.79 -1.55
CA ASP B 52 -3.05 20.03 -0.18
C ASP B 52 -1.94 20.63 0.67
N VAL B 53 -1.89 21.95 0.70
CA VAL B 53 -0.89 22.66 1.49
C VAL B 53 -1.53 23.39 2.67
N GLY B 54 -2.85 23.49 2.63
CA GLY B 54 -3.58 24.18 3.68
C GLY B 54 -4.01 23.24 4.80
N SER B 55 -3.94 21.95 4.55
CA SER B 55 -4.31 20.97 5.56
C SER B 55 -3.30 19.82 5.60
N LEU B 56 -2.03 20.17 5.76
CA LEU B 56 -0.97 19.18 5.83
C LEU B 56 -1.12 18.38 7.11
N ASP B 57 -1.62 19.03 8.15
CA ASP B 57 -1.83 18.38 9.43
C ASP B 57 -2.86 17.26 9.29
N GLU B 58 -3.80 17.43 8.36
CA GLU B 58 -4.82 16.42 8.12
C GLU B 58 -4.17 15.17 7.54
N LYS B 59 -3.07 15.37 6.82
CA LYS B 59 -2.32 14.27 6.21
C LYS B 59 -1.50 13.57 7.28
N MET B 60 -0.76 14.36 8.04
CA MET B 60 0.10 13.85 9.11
C MET B 60 -0.70 13.05 10.14
N LYS B 61 -1.86 13.57 10.54
CA LYS B 61 -2.69 12.90 11.53
C LYS B 61 -3.32 11.62 10.98
N SER B 62 -3.19 11.39 9.69
CA SER B 62 -3.75 10.19 9.07
C SER B 62 -2.62 9.19 8.73
N LEU B 63 -1.48 9.72 8.30
CA LEU B 63 -0.34 8.89 7.94
C LEU B 63 0.40 8.42 9.17
N ASP B 64 0.58 9.32 10.13
CA ASP B 64 1.26 8.98 11.38
C ASP B 64 0.27 8.38 12.35
N VAL B 65 0.31 7.06 12.49
CA VAL B 65 -0.61 6.36 13.38
C VAL B 65 -0.11 6.37 14.82
N ASN B 66 1.11 6.86 15.03
CA ASN B 66 1.69 6.93 16.35
C ASN B 66 1.49 8.35 16.92
N GLN B 67 1.41 9.30 15.99
CA GLN B 67 1.17 10.71 16.30
C GLN B 67 2.23 11.29 17.24
N ASP B 68 3.46 11.35 16.76
CA ASP B 68 4.56 11.93 17.55
C ASP B 68 5.22 13.06 16.76
N SER B 69 4.59 13.39 15.63
CA SER B 69 5.05 14.46 14.74
C SER B 69 6.38 14.10 14.09
N GLU B 70 6.64 12.81 13.93
CA GLU B 70 7.86 12.34 13.31
C GLU B 70 7.53 11.23 12.33
N LEU B 71 7.53 11.55 11.06
CA LEU B 71 7.22 10.59 10.02
C LEU B 71 8.45 9.75 9.71
N LYS B 72 8.51 8.55 10.26
CA LYS B 72 9.64 7.66 10.04
C LYS B 72 9.58 7.11 8.62
N PHE B 73 10.58 6.32 8.25
CA PHE B 73 10.65 5.73 6.91
C PHE B 73 9.35 5.01 6.55
N ASN B 74 8.75 4.35 7.52
CA ASN B 74 7.50 3.62 7.31
C ASN B 74 6.32 4.56 7.11
N GLU B 75 6.19 5.54 8.00
CA GLU B 75 5.11 6.51 7.93
C GLU B 75 5.24 7.41 6.71
N TYR B 76 6.48 7.75 6.36
CA TYR B 76 6.74 8.60 5.21
C TYR B 76 6.37 7.88 3.92
N TRP B 77 6.66 6.58 3.87
CA TRP B 77 6.35 5.78 2.69
C TRP B 77 4.84 5.77 2.42
N ARG B 78 4.07 5.91 3.49
CA ARG B 78 2.61 5.93 3.38
C ARG B 78 2.16 7.09 2.50
N LEU B 79 2.90 8.19 2.56
CA LEU B 79 2.58 9.37 1.75
C LEU B 79 2.67 9.02 0.27
N ILE B 80 3.77 8.36 -0.08
CA ILE B 80 4.00 7.95 -1.47
C ILE B 80 2.95 6.92 -1.88
N GLY B 81 2.54 6.10 -0.92
CA GLY B 81 1.53 5.09 -1.18
C GLY B 81 0.21 5.70 -1.61
N GLU B 82 -0.19 6.76 -0.91
CA GLU B 82 -1.43 7.46 -1.24
C GLU B 82 -1.30 8.12 -2.60
N LEU B 83 -0.11 8.61 -2.90
CA LEU B 83 0.17 9.25 -4.19
C LEU B 83 0.01 8.27 -5.34
N ALA B 84 0.50 7.06 -5.16
CA ALA B 84 0.42 6.02 -6.17
C ALA B 84 -1.04 5.69 -6.49
N LYS B 85 -1.91 5.90 -5.51
CA LYS B 85 -3.32 5.64 -5.69
C LYS B 85 -4.01 6.88 -6.26
N GLU B 86 -3.51 8.05 -5.91
CA GLU B 86 -4.07 9.30 -6.38
C GLU B 86 -3.76 9.57 -7.85
N ILE B 87 -2.85 8.79 -8.41
CA ILE B 87 -2.49 8.94 -9.82
C ILE B 87 -3.38 8.06 -10.69
N ARG B 88 -4.13 7.18 -10.05
CA ARG B 88 -5.03 6.28 -10.76
C ARG B 88 -6.47 6.53 -10.35
N LYS B 89 -6.73 6.41 -9.05
CA LYS B 89 -8.07 6.60 -8.51
C LYS B 89 -8.45 8.07 -8.50
N LYS B 90 -7.58 8.90 -7.92
CA LYS B 90 -7.81 10.34 -7.81
C LYS B 90 -9.18 10.61 -7.21
N LYS B 91 -10.15 10.99 -8.03
CA LYS B 91 -11.49 11.27 -7.55
C LYS B 91 -12.51 10.59 -8.46
N ASP B 92 -12.58 9.27 -8.35
CA ASP B 92 -13.50 8.48 -9.17
C ASP B 92 -14.94 8.75 -8.75
N LEU B 93 -15.52 9.77 -9.37
CA LEU B 93 -16.90 10.16 -9.12
C LEU B 93 -17.28 11.26 -10.09
N LYS B 94 -16.45 12.30 -10.16
CA LYS B 94 -16.70 13.42 -11.05
C LYS B 94 -15.48 13.67 -11.94
N ILE B 95 -14.48 14.36 -11.40
CA ILE B 95 -13.27 14.64 -12.15
C ILE B 95 -12.17 13.65 -11.76
N ARG B 96 -11.94 12.67 -12.61
CA ARG B 96 -10.94 11.65 -12.36
C ARG B 96 -9.61 12.08 -12.98
N LYS B 97 -9.70 12.69 -14.16
CA LYS B 97 -8.53 13.17 -14.90
C LYS B 97 -7.63 12.01 -15.32
N LYS B 98 -6.35 12.30 -15.51
CA LYS B 98 -5.39 11.30 -15.93
C LYS B 98 -4.05 11.53 -15.24
N MET C 1 -6.76 7.50 -18.13
CA MET C 1 -6.14 6.21 -18.40
C MET C 1 -4.73 6.41 -18.96
N ALA C 2 -4.34 7.67 -19.08
CA ALA C 2 -3.02 8.01 -19.60
C ALA C 2 -2.32 8.96 -18.63
N ALA C 3 -1.12 9.39 -18.98
CA ALA C 3 -0.35 10.29 -18.11
C ALA C 3 0.07 11.53 -18.86
N GLU C 4 0.69 12.45 -18.13
CA GLU C 4 1.18 13.70 -18.66
C GLU C 4 2.47 14.07 -17.92
N PRO C 5 3.26 15.05 -18.42
CA PRO C 5 4.50 15.49 -17.77
C PRO C 5 4.34 15.62 -16.25
N LEU C 6 5.02 14.74 -15.52
CA LEU C 6 4.94 14.72 -14.06
C LEU C 6 6.21 15.28 -13.45
N THR C 7 6.19 15.46 -12.13
CA THR C 7 7.36 15.95 -11.41
C THR C 7 8.24 14.78 -10.97
N GLU C 8 9.42 15.08 -10.45
CA GLU C 8 10.39 14.08 -10.01
C GLU C 8 9.75 12.88 -9.30
N LEU C 9 9.09 13.14 -8.17
CA LEU C 9 8.45 12.08 -7.39
C LEU C 9 7.37 11.34 -8.17
N GLU C 10 6.60 12.09 -8.96
CA GLU C 10 5.52 11.52 -9.75
C GLU C 10 6.06 10.65 -10.89
N GLU C 11 7.25 10.98 -11.36
CA GLU C 11 7.88 10.22 -12.44
C GLU C 11 8.37 8.87 -11.93
N SER C 12 8.81 8.84 -10.68
CA SER C 12 9.31 7.62 -10.06
C SER C 12 8.19 6.57 -9.92
N ILE C 13 7.02 7.02 -9.48
CA ILE C 13 5.89 6.11 -9.31
C ILE C 13 5.32 5.69 -10.65
N GLU C 14 5.69 6.40 -11.70
CA GLU C 14 5.23 6.08 -13.04
C GLU C 14 6.10 4.96 -13.63
N THR C 15 7.34 4.91 -13.17
CA THR C 15 8.28 3.89 -13.63
C THR C 15 7.77 2.48 -13.28
N VAL C 16 7.34 2.29 -12.04
CA VAL C 16 6.83 1.00 -11.60
C VAL C 16 5.54 0.64 -12.36
N VAL C 17 4.77 1.66 -12.73
CA VAL C 17 3.54 1.44 -13.48
C VAL C 17 3.89 0.91 -14.87
N THR C 18 4.99 1.41 -15.41
CA THR C 18 5.47 0.98 -16.71
C THR C 18 5.81 -0.51 -16.68
N THR C 19 6.46 -0.93 -15.60
CA THR C 19 6.83 -2.34 -15.42
C THR C 19 5.57 -3.20 -15.36
N PHE C 20 4.57 -2.72 -14.65
CA PHE C 20 3.31 -3.43 -14.50
C PHE C 20 2.59 -3.55 -15.86
N PHE C 21 2.54 -2.44 -16.58
CA PHE C 21 1.87 -2.37 -17.87
C PHE C 21 2.56 -3.22 -18.94
N THR C 22 3.81 -3.57 -18.73
CA THR C 22 4.55 -4.38 -19.70
C THR C 22 4.59 -5.85 -19.31
N PHE C 23 4.26 -6.14 -18.06
CA PHE C 23 4.29 -7.52 -17.59
C PHE C 23 2.89 -8.12 -17.53
N ALA C 24 1.90 -7.30 -17.22
CA ALA C 24 0.52 -7.77 -17.14
C ALA C 24 -0.16 -7.71 -18.49
N ARG C 25 0.34 -8.49 -19.44
CA ARG C 25 -0.23 -8.53 -20.78
C ARG C 25 0.12 -9.83 -21.50
N GLN C 26 0.27 -10.90 -20.73
CA GLN C 26 0.62 -12.20 -21.30
C GLN C 26 -0.59 -13.12 -21.33
N GLU C 27 -1.45 -13.00 -20.34
CA GLU C 27 -2.65 -13.82 -20.27
C GLU C 27 -3.86 -13.05 -20.79
N GLY C 28 -4.11 -11.88 -20.21
CA GLY C 28 -5.23 -11.07 -20.62
C GLY C 28 -5.53 -9.93 -19.68
N ARG C 29 -6.12 -8.87 -20.23
CA ARG C 29 -6.48 -7.67 -19.46
C ARG C 29 -5.25 -7.01 -18.86
N LYS C 30 -4.67 -6.07 -19.60
CA LYS C 30 -3.47 -5.36 -19.15
C LYS C 30 -3.79 -4.30 -18.11
N ASP C 31 -4.90 -4.47 -17.42
CA ASP C 31 -5.32 -3.54 -16.38
C ASP C 31 -5.31 -4.25 -15.04
N SER C 32 -4.86 -5.50 -15.06
CA SER C 32 -4.79 -6.32 -13.86
C SER C 32 -3.67 -7.34 -13.99
N LEU C 33 -3.16 -7.81 -12.86
CA LEU C 33 -2.08 -8.78 -12.86
C LEU C 33 -2.63 -10.20 -12.80
N SER C 34 -2.31 -11.00 -13.81
CA SER C 34 -2.76 -12.37 -13.86
C SER C 34 -1.77 -13.28 -13.10
N VAL C 35 -2.14 -14.54 -12.92
CA VAL C 35 -1.31 -15.50 -12.20
C VAL C 35 0.03 -15.79 -12.89
N ASN C 36 0.00 -16.03 -14.19
CA ASN C 36 1.23 -16.33 -14.94
C ASN C 36 2.13 -15.11 -14.99
N GLU C 37 1.53 -13.94 -15.21
CA GLU C 37 2.28 -12.69 -15.30
C GLU C 37 2.91 -12.36 -13.95
N PHE C 38 2.17 -12.62 -12.88
CA PHE C 38 2.65 -12.34 -11.52
C PHE C 38 3.91 -13.16 -11.22
N LYS C 39 3.83 -14.46 -11.49
CA LYS C 39 4.96 -15.35 -11.24
C LYS C 39 6.11 -15.07 -12.20
N GLU C 40 5.78 -14.64 -13.41
CA GLU C 40 6.81 -14.32 -14.39
C GLU C 40 7.55 -13.05 -14.00
N LEU C 41 6.87 -12.18 -13.26
CA LEU C 41 7.46 -10.93 -12.82
C LEU C 41 8.36 -11.12 -11.60
N VAL C 42 7.82 -11.73 -10.55
CA VAL C 42 8.57 -11.94 -9.32
C VAL C 42 9.82 -12.80 -9.51
N THR C 43 9.71 -13.88 -10.27
CA THR C 43 10.84 -14.78 -10.49
C THR C 43 11.74 -14.28 -11.62
N GLN C 44 11.64 -13.01 -11.97
CA GLN C 44 12.45 -12.45 -13.04
C GLN C 44 12.99 -11.07 -12.68
N GLN C 45 12.09 -10.15 -12.37
CA GLN C 45 12.45 -8.79 -12.06
C GLN C 45 12.67 -8.56 -10.55
N LEU C 46 12.03 -9.37 -9.70
CA LEU C 46 12.19 -9.17 -8.25
C LEU C 46 12.57 -10.44 -7.46
N PRO C 47 13.53 -11.27 -7.95
CA PRO C 47 13.94 -12.47 -7.21
C PRO C 47 15.07 -12.17 -6.24
N HIS C 48 15.45 -10.89 -6.19
CA HIS C 48 16.52 -10.44 -5.32
C HIS C 48 15.95 -9.66 -4.14
N LEU C 49 14.88 -8.90 -4.40
CA LEU C 49 14.25 -8.09 -3.36
C LEU C 49 13.25 -8.95 -2.58
N LEU C 50 12.35 -9.61 -3.29
CA LEU C 50 11.37 -10.47 -2.65
C LEU C 50 12.03 -11.78 -2.29
N LYS C 51 12.14 -12.04 -1.00
CA LYS C 51 12.81 -13.25 -0.51
C LYS C 51 11.88 -14.46 -0.50
N ASP C 52 11.33 -14.78 -1.67
CA ASP C 52 10.44 -15.95 -1.84
C ASP C 52 10.00 -16.06 -3.28
N VAL C 53 10.17 -17.25 -3.85
CA VAL C 53 9.78 -17.52 -5.23
C VAL C 53 9.05 -18.86 -5.29
N GLY C 54 8.73 -19.41 -4.14
CA GLY C 54 8.05 -20.68 -4.07
C GLY C 54 6.67 -20.57 -3.46
N SER C 55 6.58 -19.85 -2.35
CA SER C 55 5.30 -19.68 -1.67
C SER C 55 4.60 -18.42 -2.15
N LEU C 56 4.90 -18.01 -3.38
CA LEU C 56 4.32 -16.81 -3.97
C LEU C 56 2.80 -16.92 -4.05
N ASP C 57 2.31 -18.15 -4.21
CA ASP C 57 0.88 -18.38 -4.29
C ASP C 57 0.19 -17.96 -2.98
N GLU C 58 0.92 -18.11 -1.88
CA GLU C 58 0.42 -17.74 -0.56
C GLU C 58 0.31 -16.21 -0.47
N LYS C 59 1.31 -15.53 -0.99
CA LYS C 59 1.33 -14.07 -0.98
C LYS C 59 0.19 -13.54 -1.86
N MET C 60 0.02 -14.18 -3.00
CA MET C 60 -1.03 -13.79 -3.95
C MET C 60 -2.41 -13.88 -3.30
N LYS C 61 -2.65 -14.97 -2.58
CA LYS C 61 -3.93 -15.17 -1.90
C LYS C 61 -4.14 -14.15 -0.79
N SER C 62 -3.05 -13.58 -0.30
CA SER C 62 -3.12 -12.58 0.76
C SER C 62 -3.18 -11.17 0.16
N LEU C 63 -2.88 -11.05 -1.12
CA LEU C 63 -2.90 -9.75 -1.80
C LEU C 63 -4.29 -9.47 -2.34
N ASP C 64 -5.03 -10.52 -2.64
CA ASP C 64 -6.38 -10.38 -3.15
C ASP C 64 -7.37 -10.39 -1.99
N VAL C 65 -8.42 -9.60 -2.09
CA VAL C 65 -9.42 -9.50 -1.03
C VAL C 65 -10.62 -10.40 -1.28
N ASN C 66 -11.15 -10.35 -2.49
CA ASN C 66 -12.32 -11.16 -2.84
C ASN C 66 -11.87 -12.51 -3.39
N GLN C 67 -10.59 -12.61 -3.74
CA GLN C 67 -10.00 -13.83 -4.27
C GLN C 67 -10.72 -14.27 -5.55
N ASP C 68 -10.51 -13.51 -6.61
CA ASP C 68 -11.12 -13.82 -7.90
C ASP C 68 -10.06 -14.27 -8.88
N SER C 69 -8.82 -14.40 -8.36
CA SER C 69 -7.67 -14.83 -9.15
C SER C 69 -7.16 -13.72 -10.07
N GLU C 70 -7.61 -12.50 -9.81
CA GLU C 70 -7.20 -11.36 -10.60
C GLU C 70 -6.66 -10.26 -9.67
N LEU C 71 -5.43 -9.86 -9.89
CA LEU C 71 -4.83 -8.82 -9.05
C LEU C 71 -5.23 -7.45 -9.56
N LYS C 72 -6.14 -6.81 -8.85
CA LYS C 72 -6.62 -5.48 -9.21
C LYS C 72 -5.55 -4.43 -8.92
N PHE C 73 -5.80 -3.19 -9.34
CA PHE C 73 -4.85 -2.09 -9.17
C PHE C 73 -4.39 -1.95 -7.71
N ASN C 74 -5.34 -1.79 -6.81
CA ASN C 74 -5.05 -1.62 -5.38
C ASN C 74 -4.41 -2.89 -4.79
N GLU C 75 -4.96 -4.03 -5.17
CA GLU C 75 -4.47 -5.32 -4.67
C GLU C 75 -3.02 -5.56 -5.10
N TYR C 76 -2.72 -5.27 -6.35
CA TYR C 76 -1.37 -5.45 -6.87
C TYR C 76 -0.40 -4.48 -6.22
N TRP C 77 -0.88 -3.27 -5.95
CA TRP C 77 -0.06 -2.24 -5.32
C TRP C 77 0.52 -2.72 -3.99
N ARG C 78 -0.25 -3.54 -3.27
CA ARG C 78 0.19 -4.05 -1.98
C ARG C 78 1.52 -4.81 -2.10
N LEU C 79 1.76 -5.41 -3.26
CA LEU C 79 3.00 -6.15 -3.49
C LEU C 79 4.18 -5.18 -3.42
N ILE C 80 3.99 -3.99 -3.99
CA ILE C 80 5.01 -2.96 -4.00
C ILE C 80 5.29 -2.48 -2.58
N GLY C 81 4.25 -2.42 -1.77
CA GLY C 81 4.41 -1.98 -0.39
C GLY C 81 5.16 -3.00 0.43
N GLU C 82 4.94 -4.28 0.13
CA GLU C 82 5.59 -5.35 0.86
C GLU C 82 7.07 -5.44 0.50
N LEU C 83 7.39 -5.34 -0.79
CA LEU C 83 8.79 -5.42 -1.22
C LEU C 83 9.57 -4.19 -0.74
N ALA C 84 8.86 -3.11 -0.46
CA ALA C 84 9.49 -1.89 0.02
C ALA C 84 9.94 -2.05 1.48
N LYS C 85 9.11 -2.71 2.27
CA LYS C 85 9.43 -2.92 3.68
C LYS C 85 10.43 -4.07 3.85
N GLU C 86 10.57 -4.88 2.80
CA GLU C 86 11.49 -6.01 2.81
C GLU C 86 12.95 -5.55 2.86
N ILE C 87 13.18 -4.26 2.66
CA ILE C 87 14.53 -3.72 2.68
C ILE C 87 14.93 -3.23 4.08
N ARG C 88 13.94 -3.08 4.95
CA ARG C 88 14.20 -2.62 6.32
C ARG C 88 13.77 -3.68 7.33
N LYS C 89 13.00 -4.65 6.87
CA LYS C 89 12.53 -5.75 7.71
C LYS C 89 12.96 -7.08 7.13
N LYS C 90 12.90 -8.12 7.92
CA LYS C 90 13.27 -9.46 7.47
C LYS C 90 12.12 -10.43 7.68
N LYS C 91 11.62 -10.47 8.91
CA LYS C 91 10.50 -11.34 9.26
C LYS C 91 9.62 -10.68 10.29
N ASP C 92 9.86 -9.39 10.49
CA ASP C 92 9.14 -8.59 11.46
C ASP C 92 7.80 -8.12 10.89
N LEU C 93 6.94 -9.08 10.54
CA LEU C 93 5.63 -8.77 9.97
C LEU C 93 4.73 -10.00 10.03
N LYS C 94 4.00 -10.25 8.94
CA LYS C 94 3.07 -11.39 8.82
C LYS C 94 1.81 -11.14 9.64
N ILE C 95 1.96 -11.14 10.97
CA ILE C 95 0.87 -10.92 11.93
C ILE C 95 -0.37 -11.79 11.63
N ARG C 96 -1.48 -11.47 12.29
CA ARG C 96 -2.72 -12.20 12.11
C ARG C 96 -3.92 -11.32 12.49
N LYS C 97 -4.54 -10.70 11.48
CA LYS C 97 -5.68 -9.83 11.71
C LYS C 97 -6.85 -10.20 10.82
N LYS C 98 -8.05 -10.18 11.37
CA LYS C 98 -9.25 -10.52 10.63
C LYS C 98 -10.25 -9.36 10.70
N GLU D 1 17.20 -26.31 -13.20
CA GLU D 1 16.69 -26.32 -11.82
C GLU D 1 17.84 -26.48 -10.83
N LYS D 2 18.18 -25.42 -10.12
CA LYS D 2 19.26 -25.45 -9.16
C LYS D 2 18.72 -25.38 -7.72
N LEU D 3 19.16 -26.31 -6.89
CA LEU D 3 18.74 -26.34 -5.50
C LEU D 3 19.92 -26.17 -4.55
N GLY D 4 21.12 -26.33 -5.10
CA GLY D 4 22.32 -26.18 -4.29
C GLY D 4 23.20 -27.41 -4.34
N LYS D 5 23.90 -27.68 -3.25
CA LYS D 5 24.79 -28.83 -3.16
C LYS D 5 24.60 -29.53 -1.82
N LEU D 6 24.74 -30.85 -1.81
CA LEU D 6 24.59 -31.63 -0.60
C LEU D 6 25.76 -32.56 -0.40
N GLN D 7 26.30 -32.59 0.82
CA GLN D 7 27.42 -33.45 1.15
C GLN D 7 26.89 -34.64 1.94
N TYR D 8 27.25 -35.84 1.52
CA TYR D 8 26.78 -37.03 2.22
C TYR D 8 27.77 -38.18 2.12
N SER D 9 27.58 -39.17 2.98
CA SER D 9 28.43 -40.33 3.02
C SER D 9 27.57 -41.59 3.15
N LEU D 10 27.72 -42.50 2.20
CA LEU D 10 26.97 -43.75 2.21
C LEU D 10 27.81 -44.87 2.81
N ASP D 11 27.36 -45.38 3.96
CA ASP D 11 28.05 -46.46 4.63
C ASP D 11 27.20 -47.73 4.55
N TYR D 12 27.77 -48.80 4.03
CA TYR D 12 27.03 -50.05 3.89
C TYR D 12 27.36 -51.00 5.04
N ASP D 13 26.36 -51.72 5.50
CA ASP D 13 26.54 -52.68 6.58
C ASP D 13 26.07 -54.06 6.12
N PHE D 14 26.42 -55.08 6.88
CA PHE D 14 26.06 -56.44 6.52
C PHE D 14 25.38 -57.18 7.67
N GLN D 15 25.54 -56.68 8.89
CA GLN D 15 24.94 -57.33 10.05
C GLN D 15 23.43 -57.12 10.06
N ASN D 16 23.00 -56.04 9.42
CA ASN D 16 21.59 -55.71 9.33
C ASN D 16 21.13 -55.77 7.88
N ASN D 17 22.10 -55.96 6.99
CA ASN D 17 21.85 -56.03 5.55
C ASN D 17 21.09 -54.80 5.06
N GLN D 18 21.71 -53.64 5.21
CA GLN D 18 21.11 -52.39 4.80
C GLN D 18 22.17 -51.31 4.63
N LEU D 19 21.78 -50.15 4.13
CA LEU D 19 22.71 -49.05 3.92
C LEU D 19 22.40 -47.90 4.86
N LEU D 20 23.44 -47.25 5.34
CA LEU D 20 23.29 -46.12 6.23
C LEU D 20 23.61 -44.83 5.49
N VAL D 21 22.58 -44.04 5.24
CA VAL D 21 22.75 -42.78 4.54
C VAL D 21 23.03 -41.66 5.53
N GLY D 22 24.29 -41.27 5.60
CA GLY D 22 24.68 -40.20 6.51
C GLY D 22 24.90 -38.89 5.78
N ILE D 23 23.89 -38.04 5.79
CA ILE D 23 23.99 -36.75 5.12
C ILE D 23 24.67 -35.75 6.05
N ILE D 24 25.69 -35.08 5.53
CA ILE D 24 26.44 -34.12 6.31
C ILE D 24 25.70 -32.80 6.41
N GLN D 25 25.46 -32.16 5.27
CA GLN D 25 24.76 -30.89 5.23
C GLN D 25 24.33 -30.52 3.81
N ALA D 26 23.53 -29.47 3.71
CA ALA D 26 23.05 -28.97 2.44
C ALA D 26 23.34 -27.48 2.37
N ALA D 27 23.73 -26.98 1.21
CA ALA D 27 24.06 -25.57 1.07
C ALA D 27 23.45 -24.96 -0.18
N GLU D 28 23.30 -23.63 -0.13
CA GLU D 28 22.77 -22.83 -1.23
C GLU D 28 21.29 -23.10 -1.50
N LEU D 29 20.53 -23.36 -0.45
CA LEU D 29 19.11 -23.61 -0.60
C LEU D 29 18.36 -22.32 -0.90
N PRO D 30 17.38 -22.36 -1.81
CA PRO D 30 16.59 -21.18 -2.20
C PRO D 30 15.60 -20.72 -1.13
N ALA D 31 15.01 -19.57 -1.37
CA ALA D 31 14.03 -18.98 -0.45
C ALA D 31 12.63 -19.52 -0.71
N LEU D 32 12.02 -20.09 0.32
CA LEU D 32 10.67 -20.64 0.22
C LEU D 32 9.74 -19.93 1.21
N ASP D 33 10.30 -19.55 2.36
CA ASP D 33 9.54 -18.84 3.38
C ASP D 33 9.86 -17.35 3.30
N MET D 34 8.85 -16.51 3.55
CA MET D 34 9.01 -15.07 3.48
C MET D 34 10.11 -14.59 4.41
N GLY D 35 11.09 -13.91 3.85
CA GLY D 35 12.20 -13.42 4.64
C GLY D 35 13.48 -14.13 4.28
N GLY D 36 13.40 -15.02 3.29
CA GLY D 36 14.57 -15.76 2.85
C GLY D 36 15.07 -16.69 3.94
N THR D 37 14.15 -17.21 4.72
CA THR D 37 14.48 -18.11 5.81
C THR D 37 13.51 -19.28 5.84
N SER D 38 13.70 -20.20 4.90
CA SER D 38 12.86 -21.38 4.80
C SER D 38 13.22 -22.39 5.88
N ASP D 39 12.36 -23.40 6.05
CA ASP D 39 12.58 -24.47 7.03
C ASP D 39 12.74 -25.78 6.29
N PRO D 40 13.89 -25.99 5.64
CA PRO D 40 14.15 -27.18 4.84
C PRO D 40 14.56 -28.41 5.64
N TYR D 41 13.75 -29.46 5.52
CA TYR D 41 14.03 -30.73 6.16
C TYR D 41 13.97 -31.81 5.10
N VAL D 42 14.91 -32.73 5.11
CA VAL D 42 14.95 -33.77 4.10
C VAL D 42 14.15 -35.01 4.52
N LYS D 43 13.28 -35.44 3.64
CA LYS D 43 12.47 -36.62 3.90
C LYS D 43 12.80 -37.67 2.83
N VAL D 44 13.06 -38.87 3.28
CA VAL D 44 13.41 -39.94 2.35
C VAL D 44 12.18 -40.52 1.69
N PHE D 45 12.29 -40.74 0.40
CA PHE D 45 11.20 -41.31 -0.37
C PHE D 45 11.75 -42.40 -1.27
N LEU D 46 11.03 -43.49 -1.38
CA LEU D 46 11.46 -44.60 -2.19
C LEU D 46 10.58 -44.78 -3.42
N LEU D 47 11.00 -45.68 -4.29
CA LEU D 47 10.26 -45.99 -5.51
C LEU D 47 9.07 -46.90 -5.11
N PRO D 48 8.33 -47.54 -6.06
CA PRO D 48 7.19 -48.43 -5.74
C PRO D 48 7.39 -49.32 -4.50
N ASP D 49 8.65 -49.62 -4.17
CA ASP D 49 8.98 -50.43 -2.99
C ASP D 49 8.25 -49.91 -1.76
N LYS D 50 8.49 -48.65 -1.43
CA LYS D 50 7.85 -47.96 -0.30
C LYS D 50 7.95 -48.74 1.01
N LYS D 51 8.99 -49.54 1.19
CA LYS D 51 9.16 -50.30 2.42
C LYS D 51 9.93 -49.52 3.47
N LYS D 52 9.81 -48.19 3.44
CA LYS D 52 10.50 -47.33 4.39
C LYS D 52 9.99 -45.90 4.30
N LYS D 53 10.17 -45.16 5.39
CA LYS D 53 9.75 -43.77 5.48
C LYS D 53 10.40 -43.12 6.70
N PHE D 54 11.03 -41.98 6.50
CA PHE D 54 11.70 -41.29 7.61
C PHE D 54 11.73 -39.79 7.34
N GLU D 55 11.40 -39.01 8.37
CA GLU D 55 11.41 -37.56 8.28
C GLU D 55 12.43 -37.00 9.27
N THR D 56 13.32 -36.14 8.77
CA THR D 56 14.36 -35.56 9.62
C THR D 56 13.80 -34.48 10.53
N LYS D 57 14.69 -33.85 11.30
CA LYS D 57 14.29 -32.80 12.22
C LYS D 57 14.05 -31.51 11.45
N VAL D 58 13.00 -30.79 11.80
CA VAL D 58 12.68 -29.54 11.13
C VAL D 58 13.73 -28.47 11.44
N HIS D 59 14.55 -28.18 10.45
CA HIS D 59 15.60 -27.17 10.59
C HIS D 59 14.99 -25.82 10.22
N ARG D 60 14.44 -25.13 11.20
CA ARG D 60 13.78 -23.86 10.98
C ARG D 60 14.75 -22.71 10.70
N LYS D 61 14.35 -21.88 9.74
CA LYS D 61 15.08 -20.68 9.32
C LYS D 61 16.56 -20.92 9.06
N THR D 62 16.87 -21.55 7.94
CA THR D 62 18.25 -21.81 7.58
C THR D 62 18.37 -22.27 6.12
N LEU D 63 19.42 -21.81 5.45
CA LEU D 63 19.67 -22.19 4.06
C LEU D 63 20.87 -23.11 4.02
N ASN D 64 21.29 -23.53 5.21
CA ASN D 64 22.44 -24.43 5.36
C ASN D 64 22.21 -25.31 6.60
N PRO D 65 21.36 -26.33 6.47
CA PRO D 65 21.03 -27.24 7.56
C PRO D 65 22.16 -28.18 7.93
N VAL D 66 22.60 -28.10 9.19
CA VAL D 66 23.66 -28.95 9.70
C VAL D 66 23.15 -29.73 10.91
N PHE D 67 23.24 -31.05 10.82
CA PHE D 67 22.78 -31.92 11.90
C PHE D 67 23.33 -33.33 11.71
N ASN D 68 23.38 -33.75 10.44
CA ASN D 68 23.89 -35.06 10.06
C ASN D 68 22.96 -36.17 10.57
N GLU D 69 21.71 -36.13 10.13
CA GLU D 69 20.72 -37.12 10.52
C GLU D 69 21.09 -38.50 9.95
N GLN D 70 20.57 -39.55 10.57
CA GLN D 70 20.84 -40.91 10.15
C GLN D 70 19.61 -41.55 9.53
N PHE D 71 19.76 -42.13 8.34
CA PHE D 71 18.65 -42.80 7.67
C PHE D 71 18.96 -44.29 7.51
N THR D 72 18.11 -45.11 8.09
CA THR D 72 18.26 -46.56 8.02
C THR D 72 17.62 -47.11 6.75
N PHE D 73 18.42 -47.22 5.69
CA PHE D 73 17.93 -47.74 4.41
C PHE D 73 17.88 -49.27 4.47
N LYS D 74 16.86 -49.78 5.17
CA LYS D 74 16.67 -51.22 5.33
C LYS D 74 16.34 -51.92 4.01
N VAL D 75 17.36 -52.16 3.22
CA VAL D 75 17.22 -52.84 1.94
C VAL D 75 18.44 -53.71 1.71
N PRO D 76 18.25 -55.02 1.48
CA PRO D 76 19.35 -55.94 1.24
C PRO D 76 20.21 -55.51 0.06
N TYR D 77 21.52 -55.63 0.19
CA TYR D 77 22.43 -55.25 -0.89
C TYR D 77 22.18 -56.09 -2.14
N SER D 78 21.54 -57.24 -1.94
CA SER D 78 21.22 -58.14 -3.04
C SER D 78 20.02 -57.62 -3.84
N GLU D 79 19.32 -56.63 -3.27
CA GLU D 79 18.16 -56.04 -3.92
C GLU D 79 18.34 -54.53 -4.07
N LEU D 80 19.58 -54.08 -3.92
CA LEU D 80 19.89 -52.66 -4.03
C LEU D 80 19.88 -52.21 -5.49
N GLY D 81 20.10 -53.16 -6.40
CA GLY D 81 20.12 -52.86 -7.82
C GLY D 81 18.81 -52.25 -8.29
N GLY D 82 17.70 -52.81 -7.85
CA GLY D 82 16.41 -52.30 -8.23
C GLY D 82 15.77 -51.46 -7.15
N LYS D 83 16.60 -50.73 -6.41
CA LYS D 83 16.10 -49.89 -5.33
C LYS D 83 16.70 -48.49 -5.39
N THR D 84 16.22 -47.68 -6.32
CA THR D 84 16.70 -46.32 -6.46
C THR D 84 15.98 -45.41 -5.46
N LEU D 85 16.70 -44.97 -4.43
CA LEU D 85 16.13 -44.11 -3.42
C LEU D 85 16.30 -42.64 -3.80
N VAL D 86 15.40 -41.80 -3.32
CA VAL D 86 15.45 -40.38 -3.62
C VAL D 86 15.39 -39.57 -2.32
N MET D 87 16.10 -38.46 -2.30
CA MET D 87 16.13 -37.58 -1.14
C MET D 87 15.48 -36.25 -1.49
N ALA D 88 14.27 -36.04 -1.00
CA ALA D 88 13.54 -34.82 -1.28
C ALA D 88 13.54 -33.88 -0.08
N VAL D 89 13.86 -32.62 -0.32
CA VAL D 89 13.87 -31.64 0.74
C VAL D 89 12.55 -30.90 0.77
N TYR D 90 11.93 -30.84 1.93
CA TYR D 90 10.64 -30.20 2.10
C TYR D 90 10.77 -29.01 3.04
N ASP D 91 9.96 -27.99 2.81
CA ASP D 91 9.96 -26.81 3.68
C ASP D 91 8.87 -26.95 4.73
N PHE D 92 9.07 -26.31 5.87
CA PHE D 92 8.10 -26.38 6.94
C PHE D 92 7.87 -25.00 7.57
N ASP D 93 7.55 -24.02 6.74
CA ASP D 93 7.27 -22.66 7.22
C ASP D 93 6.10 -22.64 8.21
N ARG D 94 5.31 -23.72 8.17
CA ARG D 94 4.15 -23.91 9.05
C ARG D 94 3.04 -22.91 8.79
N PHE D 95 2.96 -22.39 7.57
CA PHE D 95 1.93 -21.43 7.23
C PHE D 95 1.53 -21.56 5.76
N SER D 96 2.47 -21.30 4.87
CA SER D 96 2.25 -21.36 3.45
C SER D 96 2.13 -22.81 2.96
N LYS D 97 1.76 -22.99 1.70
CA LYS D 97 1.61 -24.31 1.11
C LYS D 97 2.98 -24.85 0.68
N HIS D 98 3.88 -24.93 1.65
CA HIS D 98 5.23 -25.44 1.42
C HIS D 98 5.22 -26.80 0.72
N ASP D 99 6.05 -26.93 -0.31
CA ASP D 99 6.13 -28.17 -1.07
C ASP D 99 7.58 -28.64 -1.17
N ILE D 100 7.86 -29.51 -2.14
CA ILE D 100 9.21 -30.02 -2.34
C ILE D 100 10.08 -28.96 -3.00
N ILE D 101 11.19 -28.64 -2.36
CA ILE D 101 12.12 -27.62 -2.87
C ILE D 101 12.99 -28.23 -3.96
N GLY D 102 13.24 -29.52 -3.83
CA GLY D 102 14.08 -30.22 -4.79
C GLY D 102 14.37 -31.62 -4.32
N GLU D 103 15.04 -32.39 -5.13
CA GLU D 103 15.37 -33.77 -4.78
C GLU D 103 16.51 -34.30 -5.63
N PHE D 104 17.19 -35.31 -5.12
CA PHE D 104 18.27 -35.94 -5.84
C PHE D 104 18.17 -37.46 -5.66
N LYS D 105 18.39 -38.18 -6.74
CA LYS D 105 18.32 -39.63 -6.71
C LYS D 105 19.57 -40.22 -7.30
N VAL D 106 19.90 -41.43 -6.90
CA VAL D 106 21.09 -42.10 -7.40
C VAL D 106 20.80 -43.59 -7.61
N PRO D 107 21.06 -44.10 -8.82
CA PRO D 107 20.85 -45.51 -9.13
C PRO D 107 21.83 -46.41 -8.40
N MET D 108 21.34 -47.09 -7.36
CA MET D 108 22.17 -47.97 -6.54
C MET D 108 22.69 -49.14 -7.38
N ASN D 109 22.07 -49.37 -8.53
CA ASN D 109 22.48 -50.43 -9.42
C ASN D 109 23.86 -50.13 -9.99
N THR D 110 24.19 -48.85 -10.07
CA THR D 110 25.48 -48.42 -10.60
C THR D 110 26.45 -48.15 -9.45
N VAL D 111 25.92 -47.88 -8.27
CA VAL D 111 26.76 -47.61 -7.10
C VAL D 111 27.24 -48.91 -6.46
N ASP D 112 28.53 -49.18 -6.61
CA ASP D 112 29.11 -50.38 -6.04
C ASP D 112 29.33 -50.20 -4.54
N PHE D 113 29.27 -51.29 -3.81
CA PHE D 113 29.43 -51.24 -2.37
C PHE D 113 30.82 -51.75 -1.95
N GLY D 114 31.82 -51.44 -2.77
CA GLY D 114 33.17 -51.86 -2.47
C GLY D 114 33.75 -51.09 -1.30
N HIS D 115 33.39 -49.81 -1.22
CA HIS D 115 33.84 -48.92 -0.16
C HIS D 115 32.76 -47.88 0.12
N VAL D 116 32.97 -47.03 1.12
CA VAL D 116 32.00 -46.01 1.45
C VAL D 116 31.91 -44.96 0.34
N THR D 117 30.71 -44.49 0.06
CA THR D 117 30.50 -43.51 -1.00
C THR D 117 30.37 -42.10 -0.41
N GLU D 118 31.42 -41.30 -0.56
CA GLU D 118 31.41 -39.93 -0.05
C GLU D 118 31.65 -38.95 -1.19
N GLU D 119 30.67 -38.08 -1.44
CA GLU D 119 30.78 -37.09 -2.51
C GLU D 119 29.89 -35.88 -2.23
N TRP D 120 29.99 -34.89 -3.11
CA TRP D 120 29.20 -33.67 -2.99
C TRP D 120 28.23 -33.60 -4.17
N ARG D 121 27.08 -34.23 -4.03
CA ARG D 121 26.09 -34.27 -5.09
C ARG D 121 25.37 -32.93 -5.22
N ASP D 122 25.15 -32.52 -6.45
CA ASP D 122 24.45 -31.29 -6.74
C ASP D 122 22.95 -31.50 -6.62
N LEU D 123 22.25 -30.50 -6.15
CA LEU D 123 20.82 -30.59 -5.95
C LEU D 123 20.04 -29.87 -7.06
N GLN D 124 18.92 -30.45 -7.45
CA GLN D 124 18.07 -29.88 -8.49
C GLN D 124 16.67 -29.64 -7.95
N SER D 125 16.10 -28.50 -8.29
CA SER D 125 14.77 -28.14 -7.84
C SER D 125 13.69 -28.79 -8.71
N ALA D 126 13.47 -30.07 -8.49
CA ALA D 126 12.46 -30.80 -9.26
C ALA D 126 11.07 -30.59 -8.66
N GLU D 127 10.35 -29.62 -9.22
CA GLU D 127 9.00 -29.30 -8.75
C GLU D 127 8.04 -30.46 -8.98
N LYS D 128 7.00 -30.53 -8.16
CA LYS D 128 6.03 -31.60 -8.25
C LYS D 128 4.62 -31.03 -8.40
N GLU A 1 -25.85 35.20 -13.10
CA GLU A 1 -25.16 34.78 -11.87
C GLU A 1 -25.94 33.66 -11.20
N LYS A 2 -25.44 32.44 -11.31
CA LYS A 2 -26.10 31.29 -10.72
C LYS A 2 -25.26 30.68 -9.61
N LEU A 3 -25.91 30.25 -8.56
CA LEU A 3 -25.23 29.63 -7.43
C LEU A 3 -26.14 28.62 -6.75
N GLY A 4 -27.35 28.47 -7.29
CA GLY A 4 -28.31 27.54 -6.72
C GLY A 4 -29.33 28.22 -5.85
N LYS A 5 -29.78 27.53 -4.82
CA LYS A 5 -30.76 28.09 -3.90
C LYS A 5 -30.41 27.71 -2.47
N LEU A 6 -30.78 28.57 -1.53
CA LEU A 6 -30.49 28.33 -0.13
C LEU A 6 -31.78 28.34 0.68
N GLN A 7 -32.04 27.24 1.38
CA GLN A 7 -33.23 27.13 2.20
C GLN A 7 -32.90 27.62 3.59
N TYR A 8 -33.69 28.56 4.10
CA TYR A 8 -33.42 29.11 5.42
C TYR A 8 -34.69 29.65 6.09
N SER A 9 -34.64 29.75 7.41
CA SER A 9 -35.75 30.27 8.19
C SER A 9 -35.22 31.24 9.24
N LEU A 10 -35.48 32.52 9.02
CA LEU A 10 -35.00 33.55 9.93
C LEU A 10 -36.09 33.99 10.89
N ASP A 11 -35.78 34.02 12.16
CA ASP A 11 -36.73 34.44 13.18
C ASP A 11 -36.08 35.51 14.04
N TYR A 12 -36.86 36.22 14.83
CA TYR A 12 -36.33 37.28 15.66
C TYR A 12 -36.59 37.03 17.13
N ASP A 13 -35.66 37.45 17.97
CA ASP A 13 -35.80 37.31 19.41
C ASP A 13 -35.76 38.67 20.08
N PHE A 14 -36.73 38.92 20.93
CA PHE A 14 -36.83 40.20 21.63
C PHE A 14 -36.28 40.13 23.05
N GLN A 15 -35.85 38.95 23.46
CA GLN A 15 -35.32 38.78 24.81
C GLN A 15 -33.86 39.20 24.86
N ASN A 16 -33.20 39.16 23.72
CA ASN A 16 -31.79 39.53 23.62
C ASN A 16 -31.56 40.51 22.46
N ASN A 17 -32.62 40.76 21.69
CA ASN A 17 -32.56 41.66 20.54
C ASN A 17 -31.58 41.13 19.50
N GLN A 18 -31.97 40.06 18.83
CA GLN A 18 -31.14 39.46 17.80
C GLN A 18 -31.98 38.69 16.80
N LEU A 19 -31.44 38.48 15.61
CA LEU A 19 -32.12 37.73 14.57
C LEU A 19 -31.48 36.35 14.45
N LEU A 20 -32.27 35.32 14.70
CA LEU A 20 -31.77 33.96 14.62
C LEU A 20 -31.64 33.52 13.17
N VAL A 21 -30.42 33.58 12.66
CA VAL A 21 -30.15 33.18 11.29
C VAL A 21 -30.02 31.67 11.22
N GLY A 22 -31.16 31.00 11.04
CA GLY A 22 -31.17 29.57 10.95
C GLY A 22 -31.21 29.08 9.53
N ILE A 23 -30.05 28.72 9.00
CA ILE A 23 -29.95 28.21 7.64
C ILE A 23 -30.16 26.71 7.63
N ILE A 24 -30.90 26.22 6.64
CA ILE A 24 -31.18 24.80 6.54
C ILE A 24 -30.12 24.12 5.68
N GLN A 25 -30.11 24.43 4.39
CA GLN A 25 -29.14 23.84 3.47
C GLN A 25 -29.07 24.63 2.16
N ALA A 26 -28.02 24.38 1.39
CA ALA A 26 -27.81 25.03 0.11
C ALA A 26 -27.65 23.96 -0.96
N ALA A 27 -28.11 24.23 -2.17
CA ALA A 27 -28.03 23.25 -3.24
C ALA A 27 -27.60 23.87 -4.56
N GLU A 28 -27.03 23.03 -5.43
CA GLU A 28 -26.58 23.42 -6.77
C GLU A 28 -25.39 24.39 -6.71
N LEU A 29 -24.51 24.17 -5.75
CA LEU A 29 -23.32 25.00 -5.59
C LEU A 29 -22.24 24.59 -6.60
N PRO A 30 -21.56 25.56 -7.23
CA PRO A 30 -20.50 25.27 -8.19
C PRO A 30 -19.27 24.67 -7.52
N ALA A 31 -18.51 23.90 -8.28
CA ALA A 31 -17.31 23.25 -7.77
C ALA A 31 -16.13 24.22 -7.78
N LEU A 32 -15.11 23.91 -6.99
CA LEU A 32 -13.92 24.74 -6.91
C LEU A 32 -12.69 23.86 -6.81
N ASP A 33 -12.67 23.00 -5.80
CA ASP A 33 -11.56 22.10 -5.57
C ASP A 33 -11.37 21.15 -6.76
N MET A 34 -10.14 20.74 -7.00
CA MET A 34 -9.81 19.85 -8.11
C MET A 34 -10.39 18.46 -7.86
N GLY A 35 -11.46 18.16 -8.55
CA GLY A 35 -12.12 16.88 -8.41
C GLY A 35 -13.59 16.98 -8.71
N GLY A 36 -14.08 18.19 -8.89
CA GLY A 36 -15.47 18.41 -9.19
C GLY A 36 -16.30 18.64 -7.95
N THR A 37 -15.63 19.06 -6.88
CA THR A 37 -16.28 19.33 -5.62
C THR A 37 -15.70 20.61 -5.01
N SER A 38 -16.14 20.95 -3.82
CA SER A 38 -15.66 22.14 -3.15
C SER A 38 -15.83 22.01 -1.64
N ASP A 39 -15.21 22.91 -0.91
CA ASP A 39 -15.32 22.93 0.55
C ASP A 39 -15.93 24.27 0.96
N PRO A 40 -17.22 24.49 0.65
CA PRO A 40 -17.89 25.73 0.91
C PRO A 40 -18.60 25.82 2.25
N TYR A 41 -18.36 26.93 2.95
CA TYR A 41 -18.98 27.20 4.22
C TYR A 41 -19.61 28.60 4.16
N VAL A 42 -20.70 28.79 4.88
CA VAL A 42 -21.40 30.06 4.85
C VAL A 42 -20.80 31.04 5.88
N LYS A 43 -20.26 32.12 5.37
CA LYS A 43 -19.68 33.14 6.22
C LYS A 43 -20.56 34.38 6.21
N VAL A 44 -21.11 34.70 7.36
CA VAL A 44 -21.98 35.85 7.50
C VAL A 44 -21.17 37.13 7.52
N PHE A 45 -21.63 38.10 6.74
CA PHE A 45 -20.98 39.39 6.65
C PHE A 45 -22.02 40.49 6.80
N LEU A 46 -21.59 41.66 7.20
CA LEU A 46 -22.52 42.76 7.38
C LEU A 46 -22.10 43.99 6.59
N LEU A 47 -23.00 44.96 6.55
CA LEU A 47 -22.76 46.23 5.87
C LEU A 47 -21.88 47.11 6.79
N PRO A 48 -21.74 48.45 6.55
CA PRO A 48 -20.93 49.34 7.42
C PRO A 48 -21.01 49.07 8.94
N ASP A 49 -22.09 48.41 9.37
CA ASP A 49 -22.26 48.04 10.79
C ASP A 49 -21.02 47.30 11.28
N LYS A 50 -20.78 46.13 10.68
CA LYS A 50 -19.62 45.29 10.99
C LYS A 50 -19.49 44.97 12.47
N LYS A 51 -20.59 45.06 13.22
CA LYS A 51 -20.55 44.77 14.65
C LYS A 51 -20.98 43.34 14.91
N LYS A 52 -20.54 42.44 14.03
CA LYS A 52 -20.87 41.02 14.14
C LYS A 52 -20.22 40.24 13.00
N LYS A 53 -19.73 39.04 13.32
CA LYS A 53 -19.10 38.17 12.34
C LYS A 53 -19.09 36.75 12.86
N PHE A 54 -19.05 35.78 11.98
CA PHE A 54 -19.05 34.38 12.40
C PHE A 54 -18.47 33.49 11.30
N GLU A 55 -17.79 32.44 11.73
CA GLU A 55 -17.20 31.47 10.81
C GLU A 55 -17.80 30.09 11.09
N THR A 56 -18.34 29.46 10.06
CA THR A 56 -18.96 28.16 10.21
C THR A 56 -17.95 27.03 10.02
N LYS A 57 -18.42 25.79 10.01
CA LYS A 57 -17.55 24.64 9.86
C LYS A 57 -17.34 24.35 8.38
N VAL A 58 -16.10 24.13 7.99
CA VAL A 58 -15.77 23.83 6.60
C VAL A 58 -16.41 22.51 6.17
N HIS A 59 -17.32 22.60 5.22
CA HIS A 59 -18.00 21.41 4.71
C HIS A 59 -17.19 20.84 3.56
N ARG A 60 -16.06 20.24 3.92
CA ARG A 60 -15.14 19.66 2.95
C ARG A 60 -15.80 18.62 2.05
N LYS A 61 -15.60 18.81 0.74
CA LYS A 61 -16.13 17.93 -0.30
C LYS A 61 -17.63 17.71 -0.15
N THR A 62 -18.39 18.79 -0.22
CA THR A 62 -19.84 18.71 -0.10
C THR A 62 -20.51 19.88 -0.83
N LEU A 63 -21.35 19.57 -1.81
CA LEU A 63 -22.04 20.61 -2.58
C LEU A 63 -23.38 20.94 -1.95
N ASN A 64 -23.88 20.04 -1.10
CA ASN A 64 -25.15 20.23 -0.42
C ASN A 64 -24.93 20.20 1.09
N PRO A 65 -24.52 21.34 1.68
CA PRO A 65 -24.24 21.42 3.11
C PRO A 65 -25.50 21.40 3.98
N VAL A 66 -25.76 20.25 4.59
CA VAL A 66 -26.91 20.08 5.45
C VAL A 66 -26.48 20.06 6.92
N PHE A 67 -25.69 21.06 7.30
CA PHE A 67 -25.19 21.14 8.67
C PHE A 67 -26.17 21.90 9.58
N ASN A 68 -26.94 22.80 8.97
CA ASN A 68 -27.94 23.59 9.70
C ASN A 68 -27.29 24.43 10.81
N GLU A 69 -26.33 25.26 10.44
CA GLU A 69 -25.63 26.11 11.39
C GLU A 69 -26.52 27.25 11.90
N GLN A 70 -25.98 28.07 12.79
CA GLN A 70 -26.73 29.19 13.37
C GLN A 70 -25.82 30.40 13.59
N PHE A 71 -26.37 31.58 13.37
CA PHE A 71 -25.63 32.82 13.57
C PHE A 71 -26.45 33.78 14.42
N THR A 72 -25.85 34.29 15.49
CA THR A 72 -26.52 35.21 16.39
C THR A 72 -26.37 36.64 15.89
N PHE A 73 -27.40 37.14 15.21
CA PHE A 73 -27.40 38.49 14.69
C PHE A 73 -27.76 39.48 15.79
N LYS A 74 -26.80 39.75 16.67
CA LYS A 74 -27.02 40.67 17.78
C LYS A 74 -27.19 42.11 17.31
N VAL A 75 -28.44 42.51 17.11
CA VAL A 75 -28.78 43.86 16.68
C VAL A 75 -30.23 44.15 17.03
N PRO A 76 -30.49 45.28 17.70
CA PRO A 76 -31.85 45.66 18.08
C PRO A 76 -32.75 45.87 16.87
N TYR A 77 -34.02 45.52 17.00
CA TYR A 77 -34.98 45.67 15.91
C TYR A 77 -35.11 47.13 15.49
N SER A 78 -34.69 48.02 16.37
CA SER A 78 -34.74 49.45 16.09
C SER A 78 -33.66 49.84 15.08
N GLU A 79 -32.60 49.03 15.00
CA GLU A 79 -31.51 49.29 14.07
C GLU A 79 -31.63 48.38 12.85
N LEU A 80 -32.63 47.51 12.88
CA LEU A 80 -32.88 46.57 11.79
C LEU A 80 -33.24 47.30 10.50
N GLY A 81 -33.88 48.46 10.65
CA GLY A 81 -34.29 49.25 9.49
C GLY A 81 -33.12 49.75 8.68
N GLY A 82 -31.95 49.79 9.29
CA GLY A 82 -30.75 50.26 8.61
C GLY A 82 -29.65 49.23 8.68
N LYS A 83 -30.03 47.96 8.72
CA LYS A 83 -29.07 46.88 8.81
C LYS A 83 -29.35 45.82 7.75
N THR A 84 -28.53 45.80 6.70
CA THR A 84 -28.67 44.83 5.64
C THR A 84 -27.68 43.69 5.87
N LEU A 85 -28.20 42.49 6.06
CA LEU A 85 -27.35 41.32 6.29
C LEU A 85 -27.01 40.64 4.98
N VAL A 86 -25.77 40.19 4.86
CA VAL A 86 -25.32 39.50 3.67
C VAL A 86 -24.65 38.19 4.07
N MET A 87 -24.80 37.17 3.25
CA MET A 87 -24.19 35.89 3.53
C MET A 87 -23.50 35.34 2.29
N ALA A 88 -22.19 35.15 2.40
CA ALA A 88 -21.41 34.65 1.29
C ALA A 88 -20.93 33.25 1.58
N VAL A 89 -20.82 32.43 0.54
CA VAL A 89 -20.34 31.08 0.70
C VAL A 89 -18.89 31.01 0.24
N TYR A 90 -17.99 30.70 1.16
CA TYR A 90 -16.57 30.64 0.87
C TYR A 90 -16.08 29.20 0.79
N ASP A 91 -15.18 28.96 -0.17
CA ASP A 91 -14.60 27.64 -0.36
C ASP A 91 -13.31 27.51 0.43
N PHE A 92 -12.87 26.29 0.67
CA PHE A 92 -11.65 26.04 1.41
C PHE A 92 -10.90 24.84 0.81
N ASP A 93 -10.60 24.92 -0.48
CA ASP A 93 -9.88 23.85 -1.21
C ASP A 93 -8.54 23.51 -0.55
N ARG A 94 -8.05 24.41 0.31
CA ARG A 94 -6.80 24.22 1.05
C ARG A 94 -5.56 24.22 0.13
N PHE A 95 -5.63 24.91 -1.00
CA PHE A 95 -4.48 24.96 -1.89
C PHE A 95 -4.46 26.29 -2.66
N SER A 96 -5.42 26.45 -3.54
CA SER A 96 -5.51 27.65 -4.35
C SER A 96 -6.18 28.77 -3.57
N LYS A 97 -6.18 29.97 -4.12
CA LYS A 97 -6.82 31.09 -3.46
C LYS A 97 -8.31 31.02 -3.73
N HIS A 98 -8.99 30.17 -2.96
CA HIS A 98 -10.44 29.96 -3.07
C HIS A 98 -11.19 31.29 -3.20
N ASP A 99 -12.02 31.36 -4.21
CA ASP A 99 -12.81 32.56 -4.49
C ASP A 99 -14.23 32.38 -3.99
N ILE A 100 -14.89 33.50 -3.69
CA ILE A 100 -16.27 33.46 -3.21
C ILE A 100 -17.19 33.14 -4.38
N ILE A 101 -17.57 31.87 -4.49
CA ILE A 101 -18.43 31.40 -5.57
C ILE A 101 -19.73 32.18 -5.68
N GLY A 102 -20.23 32.68 -4.56
CA GLY A 102 -21.47 33.44 -4.59
C GLY A 102 -21.91 33.90 -3.22
N GLU A 103 -23.00 34.67 -3.20
CA GLU A 103 -23.55 35.20 -1.96
C GLU A 103 -24.98 35.67 -2.16
N PHE A 104 -25.59 36.21 -1.11
CA PHE A 104 -26.94 36.74 -1.16
C PHE A 104 -27.16 37.73 -0.02
N LYS A 105 -28.11 38.61 -0.19
CA LYS A 105 -28.43 39.60 0.83
C LYS A 105 -29.89 40.02 0.74
N VAL A 106 -30.42 40.55 1.83
CA VAL A 106 -31.80 40.98 1.86
C VAL A 106 -31.98 42.18 2.80
N PRO A 107 -32.64 43.25 2.32
CA PRO A 107 -32.90 44.44 3.13
C PRO A 107 -33.90 44.15 4.25
N MET A 108 -33.41 44.13 5.48
CA MET A 108 -34.25 43.83 6.64
C MET A 108 -35.31 44.90 6.86
N ASN A 109 -35.15 46.05 6.22
CA ASN A 109 -36.13 47.13 6.36
C ASN A 109 -37.41 46.77 5.61
N THR A 110 -37.28 45.87 4.65
CA THR A 110 -38.40 45.41 3.87
C THR A 110 -39.07 44.20 4.51
N VAL A 111 -38.27 43.37 5.15
CA VAL A 111 -38.77 42.15 5.79
C VAL A 111 -39.35 42.46 7.17
N ASP A 112 -40.67 42.41 7.27
CA ASP A 112 -41.33 42.66 8.55
C ASP A 112 -41.15 41.47 9.48
N PHE A 113 -40.96 41.75 10.76
CA PHE A 113 -40.76 40.71 11.75
C PHE A 113 -42.10 40.19 12.25
N GLY A 114 -42.82 39.53 11.36
CA GLY A 114 -44.11 38.97 11.73
C GLY A 114 -43.98 37.86 12.74
N HIS A 115 -43.17 36.87 12.40
CA HIS A 115 -42.94 35.72 13.28
C HIS A 115 -41.70 34.96 12.83
N VAL A 116 -41.83 34.21 11.75
CA VAL A 116 -40.72 33.44 11.20
C VAL A 116 -40.68 33.60 9.69
N THR A 117 -39.54 34.05 9.18
CA THR A 117 -39.38 34.25 7.75
C THR A 117 -38.77 33.01 7.08
N GLU A 118 -39.64 32.14 6.59
CA GLU A 118 -39.21 30.93 5.91
C GLU A 118 -39.37 31.09 4.40
N GLU A 119 -38.26 30.98 3.67
CA GLU A 119 -38.30 31.12 2.23
C GLU A 119 -37.10 30.44 1.59
N TRP A 120 -37.16 30.28 0.28
CA TRP A 120 -36.09 29.66 -0.47
C TRP A 120 -35.39 30.73 -1.29
N ARG A 121 -34.31 31.26 -0.75
CA ARG A 121 -33.57 32.34 -1.39
C ARG A 121 -32.74 31.83 -2.56
N ASP A 122 -32.78 32.57 -3.65
CA ASP A 122 -32.00 32.25 -4.83
C ASP A 122 -30.57 32.75 -4.63
N LEU A 123 -29.62 31.91 -4.94
CA LEU A 123 -28.21 32.27 -4.77
C LEU A 123 -27.63 32.79 -6.08
N GLN A 124 -26.73 33.76 -5.98
CA GLN A 124 -26.10 34.35 -7.14
C GLN A 124 -24.59 34.42 -6.97
N SER A 125 -23.87 34.31 -8.06
CA SER A 125 -22.42 34.38 -8.04
C SER A 125 -21.97 35.84 -8.03
N ALA A 126 -21.22 36.22 -7.01
CA ALA A 126 -20.74 37.58 -6.89
C ALA A 126 -19.23 37.61 -6.66
N GLU A 127 -18.51 37.94 -7.71
CA GLU A 127 -17.05 38.01 -7.64
C GLU A 127 -16.62 39.18 -6.76
N LYS A 128 -15.86 38.88 -5.73
CA LYS A 128 -15.39 39.90 -4.79
C LYS A 128 -13.88 40.06 -4.91
N MET B 1 33.78 0.66 -16.25
CA MET B 1 34.10 1.49 -15.08
C MET B 1 33.27 1.05 -13.88
N ALA B 2 33.55 1.61 -12.71
CA ALA B 2 32.81 1.27 -11.51
C ALA B 2 31.51 2.05 -11.45
N ALA B 3 30.75 1.85 -10.36
CA ALA B 3 29.47 2.53 -10.16
C ALA B 3 28.50 2.18 -11.28
N GLU B 4 28.30 0.89 -11.48
CA GLU B 4 27.40 0.41 -12.52
C GLU B 4 25.96 0.43 -12.01
N PRO B 5 24.99 0.69 -12.91
CA PRO B 5 23.57 0.73 -12.55
C PRO B 5 23.06 -0.60 -12.00
N LEU B 6 22.19 -0.52 -11.01
CA LEU B 6 21.63 -1.71 -10.38
C LEU B 6 20.42 -2.22 -11.18
N THR B 7 19.63 -3.09 -10.57
CA THR B 7 18.46 -3.65 -11.22
C THR B 7 17.40 -2.56 -11.45
N GLU B 8 16.53 -2.78 -12.44
CA GLU B 8 15.46 -1.86 -12.81
C GLU B 8 14.82 -1.15 -11.61
N LEU B 9 14.08 -1.91 -10.82
CA LEU B 9 13.39 -1.36 -9.66
C LEU B 9 14.35 -0.93 -8.56
N GLU B 10 15.52 -1.54 -8.49
CA GLU B 10 16.51 -1.19 -7.49
C GLU B 10 16.97 0.25 -7.65
N GLU B 11 17.04 0.69 -8.91
CA GLU B 11 17.45 2.06 -9.21
C GLU B 11 16.33 3.05 -8.87
N SER B 12 15.10 2.64 -9.14
CA SER B 12 13.94 3.48 -8.88
C SER B 12 13.80 3.77 -7.39
N ILE B 13 13.92 2.73 -6.57
CA ILE B 13 13.81 2.90 -5.13
C ILE B 13 15.03 3.62 -4.56
N GLU B 14 16.14 3.55 -5.29
CA GLU B 14 17.37 4.20 -4.86
C GLU B 14 17.29 5.70 -5.04
N THR B 15 16.66 6.15 -6.12
CA THR B 15 16.54 7.58 -6.39
C THR B 15 15.62 8.28 -5.39
N VAL B 16 14.57 7.59 -4.92
CA VAL B 16 13.66 8.21 -3.96
C VAL B 16 14.29 8.28 -2.58
N VAL B 17 15.19 7.33 -2.28
CA VAL B 17 15.89 7.32 -1.00
C VAL B 17 16.77 8.55 -0.90
N THR B 18 17.36 8.94 -2.02
CA THR B 18 18.20 10.12 -2.07
C THR B 18 17.39 11.36 -1.71
N THR B 19 16.23 11.52 -2.35
CA THR B 19 15.36 12.64 -2.10
C THR B 19 14.91 12.64 -0.64
N PHE B 20 14.62 11.44 -0.12
CA PHE B 20 14.20 11.26 1.25
C PHE B 20 15.26 11.80 2.21
N PHE B 21 16.50 11.35 2.02
CA PHE B 21 17.61 11.76 2.87
C PHE B 21 17.94 13.24 2.68
N THR B 22 17.55 13.79 1.54
CA THR B 22 17.80 15.20 1.26
C THR B 22 16.91 16.09 2.15
N PHE B 23 15.78 15.54 2.56
CA PHE B 23 14.85 16.27 3.42
C PHE B 23 15.02 15.86 4.88
N ALA B 24 15.17 14.56 5.11
CA ALA B 24 15.34 14.05 6.47
C ALA B 24 16.75 14.35 6.99
N ARG B 25 16.95 15.60 7.41
CA ARG B 25 18.25 16.06 7.91
C ARG B 25 18.20 17.54 8.24
N GLN B 26 17.15 18.20 7.76
CA GLN B 26 16.98 19.64 7.98
C GLN B 26 16.84 19.94 9.46
N GLU B 27 15.91 19.26 10.12
CA GLU B 27 15.67 19.48 11.54
C GLU B 27 16.45 18.50 12.39
N GLY B 28 16.35 17.22 12.09
CA GLY B 28 17.07 16.23 12.86
C GLY B 28 16.50 14.84 12.69
N ARG B 29 17.26 13.84 13.16
CA ARG B 29 16.87 12.43 13.10
C ARG B 29 16.75 11.97 11.65
N LYS B 30 17.90 11.85 10.99
CA LYS B 30 17.95 11.42 9.59
C LYS B 30 17.50 9.96 9.46
N ASP B 31 16.20 9.77 9.39
CA ASP B 31 15.56 8.47 9.27
C ASP B 31 14.06 8.66 9.16
N SER B 32 13.59 9.78 9.69
CA SER B 32 12.19 10.13 9.65
C SER B 32 12.03 11.56 9.12
N LEU B 33 10.79 11.95 8.84
CA LEU B 33 10.50 13.27 8.33
C LEU B 33 9.77 14.11 9.38
N SER B 34 10.35 15.24 9.75
CA SER B 34 9.73 16.13 10.71
C SER B 34 8.58 16.89 10.04
N VAL B 35 7.80 17.61 10.83
CA VAL B 35 6.64 18.36 10.32
C VAL B 35 7.05 19.35 9.22
N ASN B 36 8.01 20.22 9.53
CA ASN B 36 8.47 21.22 8.56
C ASN B 36 9.11 20.55 7.35
N GLU B 37 9.99 19.59 7.60
CA GLU B 37 10.66 18.87 6.52
C GLU B 37 9.66 18.22 5.58
N PHE B 38 8.64 17.60 6.16
CA PHE B 38 7.59 16.93 5.40
C PHE B 38 6.85 17.92 4.51
N LYS B 39 6.54 19.09 5.06
CA LYS B 39 5.83 20.12 4.32
C LYS B 39 6.68 20.65 3.16
N GLU B 40 7.98 20.81 3.40
CA GLU B 40 8.89 21.29 2.38
C GLU B 40 8.90 20.37 1.15
N LEU B 41 8.62 19.10 1.38
CA LEU B 41 8.59 18.12 0.30
C LEU B 41 7.38 18.35 -0.61
N VAL B 42 6.19 18.31 -0.04
CA VAL B 42 4.95 18.47 -0.80
C VAL B 42 4.80 19.87 -1.40
N THR B 43 5.30 20.89 -0.71
CA THR B 43 5.18 22.26 -1.19
C THR B 43 6.25 22.58 -2.24
N GLN B 44 7.09 21.60 -2.57
CA GLN B 44 8.13 21.83 -3.55
C GLN B 44 8.00 20.93 -4.77
N GLN B 45 8.31 19.64 -4.61
CA GLN B 45 8.27 18.70 -5.73
C GLN B 45 6.95 17.94 -5.85
N LEU B 46 5.86 18.51 -5.35
CA LEU B 46 4.56 17.86 -5.45
C LEU B 46 3.41 18.87 -5.61
N PRO B 47 3.51 19.82 -6.56
CA PRO B 47 2.47 20.82 -6.78
C PRO B 47 1.54 20.45 -7.92
N HIS B 48 1.45 19.16 -8.22
CA HIS B 48 0.60 18.69 -9.31
C HIS B 48 -0.21 17.46 -8.90
N LEU B 49 0.44 16.50 -8.26
CA LEU B 49 -0.24 15.27 -7.83
C LEU B 49 -1.25 15.53 -6.72
N LEU B 50 -0.78 16.13 -5.62
CA LEU B 50 -1.64 16.44 -4.49
C LEU B 50 -1.63 17.94 -4.23
N LYS B 51 -2.74 18.60 -4.54
CA LYS B 51 -2.84 20.03 -4.33
C LYS B 51 -3.42 20.35 -2.96
N ASP B 52 -2.58 20.29 -1.94
CA ASP B 52 -3.00 20.58 -0.58
C ASP B 52 -1.84 21.13 0.24
N VAL B 53 -1.76 22.45 0.31
CA VAL B 53 -0.69 23.11 1.06
C VAL B 53 -1.25 23.80 2.30
N GLY B 54 -2.58 23.75 2.44
CA GLY B 54 -3.22 24.38 3.57
C GLY B 54 -3.40 23.42 4.73
N SER B 55 -3.91 22.24 4.45
CA SER B 55 -4.14 21.25 5.48
C SER B 55 -3.12 20.12 5.41
N LEU B 56 -1.85 20.47 5.62
CA LEU B 56 -0.78 19.50 5.60
C LEU B 56 -0.88 18.60 6.83
N ASP B 57 -1.39 19.17 7.91
CA ASP B 57 -1.57 18.44 9.16
C ASP B 57 -2.55 17.29 8.99
N GLU B 58 -3.50 17.47 8.08
CA GLU B 58 -4.50 16.46 7.79
C GLU B 58 -3.84 15.19 7.27
N LYS B 59 -2.75 15.36 6.54
CA LYS B 59 -2.01 14.22 5.99
C LYS B 59 -1.13 13.60 7.06
N MET B 60 -0.50 14.46 7.86
CA MET B 60 0.37 14.01 8.94
C MET B 60 -0.42 13.15 9.93
N LYS B 61 -1.62 13.59 10.27
CA LYS B 61 -2.47 12.86 11.22
C LYS B 61 -3.14 11.66 10.57
N SER B 62 -2.69 11.29 9.38
CA SER B 62 -3.22 10.14 8.67
C SER B 62 -2.10 9.13 8.42
N LEU B 63 -0.89 9.64 8.24
CA LEU B 63 0.27 8.79 8.01
C LEU B 63 0.86 8.33 9.32
N ASP B 64 0.96 9.25 10.28
CA ASP B 64 1.50 8.95 11.60
C ASP B 64 0.54 8.03 12.34
N VAL B 65 1.03 6.88 12.77
CA VAL B 65 0.19 5.91 13.46
C VAL B 65 0.42 5.91 14.97
N ASN B 66 1.30 6.79 15.45
CA ASN B 66 1.58 6.85 16.89
C ASN B 66 1.38 8.27 17.43
N GLN B 67 1.24 9.22 16.52
CA GLN B 67 1.05 10.63 16.86
C GLN B 67 2.19 11.16 17.71
N ASP B 68 3.36 11.28 17.10
CA ASP B 68 4.52 11.80 17.81
C ASP B 68 5.12 12.96 17.04
N SER B 69 4.41 13.36 15.98
CA SER B 69 4.81 14.48 15.13
C SER B 69 6.05 14.15 14.31
N GLU B 70 6.28 12.87 14.07
CA GLU B 70 7.41 12.44 13.29
C GLU B 70 7.00 11.34 12.32
N LEU B 71 7.15 11.61 11.04
CA LEU B 71 6.79 10.64 10.02
C LEU B 71 7.96 9.71 9.77
N LYS B 72 7.90 8.52 10.37
CA LYS B 72 8.96 7.53 10.22
C LYS B 72 9.04 7.05 8.78
N PHE B 73 10.13 6.37 8.44
CA PHE B 73 10.34 5.85 7.08
C PHE B 73 9.10 5.10 6.58
N ASN B 74 8.59 4.21 7.42
CA ASN B 74 7.41 3.42 7.08
C ASN B 74 6.18 4.30 6.87
N GLU B 75 6.01 5.28 7.73
CA GLU B 75 4.86 6.18 7.67
C GLU B 75 4.98 7.14 6.49
N TYR B 76 6.19 7.60 6.21
CA TYR B 76 6.44 8.52 5.11
C TYR B 76 6.15 7.83 3.79
N TRP B 77 6.52 6.55 3.69
CA TRP B 77 6.30 5.77 2.49
C TRP B 77 4.81 5.61 2.20
N ARG B 78 3.99 5.71 3.25
CA ARG B 78 2.55 5.59 3.12
C ARG B 78 2.01 6.69 2.22
N LEU B 79 2.67 7.85 2.23
CA LEU B 79 2.27 8.97 1.40
C LEU B 79 2.42 8.59 -0.06
N ILE B 80 3.56 7.97 -0.37
CA ILE B 80 3.86 7.53 -1.73
C ILE B 80 2.83 6.50 -2.18
N GLY B 81 2.36 5.70 -1.23
CA GLY B 81 1.38 4.68 -1.52
C GLY B 81 0.08 5.29 -2.02
N GLU B 82 -0.35 6.36 -1.37
CA GLU B 82 -1.57 7.05 -1.76
C GLU B 82 -1.31 7.94 -2.97
N LEU B 83 -0.07 8.39 -3.14
CA LEU B 83 0.29 9.22 -4.28
C LEU B 83 0.08 8.45 -5.58
N ALA B 84 0.54 7.21 -5.60
CA ALA B 84 0.39 6.35 -6.78
C ALA B 84 -1.09 6.09 -7.05
N LYS B 85 -1.87 6.04 -5.98
CA LYS B 85 -3.30 5.81 -6.09
C LYS B 85 -4.00 7.08 -6.59
N GLU B 86 -3.49 8.22 -6.16
CA GLU B 86 -4.05 9.52 -6.54
C GLU B 86 -3.74 9.88 -7.99
N ILE B 87 -2.79 9.20 -8.61
CA ILE B 87 -2.46 9.50 -10.01
C ILE B 87 -3.35 8.69 -10.94
N ARG B 88 -3.86 7.57 -10.45
CA ARG B 88 -4.72 6.70 -11.25
C ARG B 88 -6.19 6.94 -10.90
N LYS B 89 -6.49 6.92 -9.62
CA LYS B 89 -7.85 7.13 -9.13
C LYS B 89 -8.20 8.61 -9.13
N LYS B 90 -7.26 9.44 -8.66
CA LYS B 90 -7.46 10.87 -8.57
C LYS B 90 -8.75 11.19 -7.81
N LYS B 91 -9.75 11.69 -8.51
CA LYS B 91 -11.02 12.00 -7.90
C LYS B 91 -12.14 11.37 -8.70
N ASP B 92 -12.21 10.03 -8.65
CA ASP B 92 -13.21 9.28 -9.38
C ASP B 92 -14.58 9.43 -8.72
N LEU B 93 -15.18 10.57 -8.98
CA LEU B 93 -16.50 10.91 -8.46
C LEU B 93 -17.15 11.92 -9.40
N LYS B 94 -16.42 13.00 -9.67
CA LYS B 94 -16.90 14.05 -10.55
C LYS B 94 -15.88 14.30 -11.66
N ILE B 95 -14.75 14.91 -11.27
CA ILE B 95 -13.68 15.20 -12.22
C ILE B 95 -12.42 14.44 -11.84
N ARG B 96 -12.05 13.46 -12.66
CA ARG B 96 -10.86 12.67 -12.42
C ARG B 96 -9.91 12.74 -13.60
N LYS B 97 -8.82 11.97 -13.52
CA LYS B 97 -7.79 11.91 -14.56
C LYS B 97 -6.91 13.16 -14.55
N LYS B 98 -5.68 13.00 -14.99
CA LYS B 98 -4.73 14.10 -15.04
C LYS B 98 -5.14 15.14 -16.09
N MET C 1 -4.58 6.98 -17.39
CA MET C 1 -4.89 6.43 -18.71
C MET C 1 -3.77 6.74 -19.69
N ALA C 2 -3.20 7.93 -19.55
CA ALA C 2 -2.11 8.37 -20.41
C ALA C 2 -1.21 9.35 -19.66
N ALA C 3 0.00 8.92 -19.33
CA ALA C 3 0.94 9.76 -18.60
C ALA C 3 1.60 10.79 -19.50
N GLU C 4 1.99 11.91 -18.90
CA GLU C 4 2.63 13.01 -19.62
C GLU C 4 3.87 13.44 -18.85
N PRO C 5 4.68 14.40 -19.34
CA PRO C 5 5.87 14.88 -18.61
C PRO C 5 5.52 15.28 -17.18
N LEU C 6 6.06 14.56 -16.21
CA LEU C 6 5.77 14.83 -14.81
C LEU C 6 7.02 15.30 -14.07
N THR C 7 6.89 15.54 -12.77
CA THR C 7 8.01 15.99 -11.97
C THR C 7 8.81 14.80 -11.41
N GLU C 8 9.90 15.11 -10.73
CA GLU C 8 10.81 14.12 -10.14
C GLU C 8 10.06 13.00 -9.41
N LEU C 9 9.31 13.36 -8.38
CA LEU C 9 8.58 12.38 -7.58
C LEU C 9 7.57 11.59 -8.44
N GLU C 10 6.88 12.30 -9.32
CA GLU C 10 5.90 11.68 -10.19
C GLU C 10 6.55 10.69 -11.17
N GLU C 11 7.70 11.08 -11.72
CA GLU C 11 8.41 10.22 -12.65
C GLU C 11 8.92 8.96 -11.96
N SER C 12 9.31 9.11 -10.70
CA SER C 12 9.81 8.00 -9.91
C SER C 12 8.73 6.94 -9.71
N ILE C 13 7.48 7.36 -9.71
CA ILE C 13 6.38 6.42 -9.53
C ILE C 13 5.75 6.09 -10.89
N GLU C 14 6.29 6.69 -11.95
CA GLU C 14 5.80 6.47 -13.29
C GLU C 14 6.58 5.32 -13.95
N THR C 15 7.86 5.24 -13.60
CA THR C 15 8.72 4.20 -14.17
C THR C 15 8.22 2.80 -13.81
N VAL C 16 7.59 2.65 -12.65
CA VAL C 16 7.06 1.36 -12.23
C VAL C 16 5.83 1.01 -13.04
N VAL C 17 5.14 2.03 -13.54
CA VAL C 17 3.94 1.83 -14.35
C VAL C 17 4.36 1.24 -15.69
N THR C 18 5.52 1.66 -16.17
CA THR C 18 6.06 1.15 -17.42
C THR C 18 6.31 -0.35 -17.31
N THR C 19 6.88 -0.77 -16.18
CA THR C 19 7.15 -2.18 -15.94
C THR C 19 5.84 -2.95 -15.80
N PHE C 20 4.81 -2.26 -15.32
CA PHE C 20 3.50 -2.85 -15.15
C PHE C 20 2.87 -3.16 -16.51
N PHE C 21 2.92 -2.18 -17.41
CA PHE C 21 2.35 -2.32 -18.74
C PHE C 21 3.18 -3.22 -19.66
N THR C 22 4.43 -3.47 -19.30
CA THR C 22 5.29 -4.32 -20.12
C THR C 22 5.14 -5.79 -19.73
N PHE C 23 4.59 -6.04 -18.55
CA PHE C 23 4.40 -7.41 -18.09
C PHE C 23 2.94 -7.81 -18.26
N ALA C 24 2.03 -6.88 -18.02
CA ALA C 24 0.59 -7.13 -18.15
C ALA C 24 0.17 -7.03 -19.61
N ARG C 25 0.79 -7.86 -20.44
CA ARG C 25 0.49 -7.88 -21.86
C ARG C 25 0.91 -9.20 -22.48
N GLN C 26 1.11 -10.20 -21.63
CA GLN C 26 1.51 -11.52 -22.09
C GLN C 26 0.29 -12.42 -22.21
N GLU C 27 -0.63 -12.26 -21.28
CA GLU C 27 -1.85 -13.06 -21.28
C GLU C 27 -3.04 -12.26 -21.76
N GLY C 28 -3.62 -11.43 -20.89
CA GLY C 28 -4.77 -10.64 -21.28
C GLY C 28 -5.11 -9.58 -20.27
N ARG C 29 -5.72 -8.49 -20.75
CA ARG C 29 -6.13 -7.35 -19.91
C ARG C 29 -4.93 -6.64 -19.32
N LYS C 30 -4.51 -5.56 -19.98
CA LYS C 30 -3.36 -4.78 -19.51
C LYS C 30 -3.74 -3.91 -18.31
N ASP C 31 -4.95 -4.10 -17.82
CA ASP C 31 -5.45 -3.36 -16.69
C ASP C 31 -5.20 -4.13 -15.40
N SER C 32 -4.59 -5.30 -15.53
CA SER C 32 -4.31 -6.15 -14.38
C SER C 32 -3.22 -7.16 -14.69
N LEU C 33 -2.65 -7.75 -13.64
CA LEU C 33 -1.60 -8.74 -13.80
C LEU C 33 -2.21 -10.14 -13.69
N SER C 34 -2.01 -10.95 -14.71
CA SER C 34 -2.53 -12.31 -14.70
C SER C 34 -1.64 -13.23 -13.87
N VAL C 35 -2.06 -14.48 -13.72
CA VAL C 35 -1.33 -15.46 -12.91
C VAL C 35 0.11 -15.70 -13.40
N ASN C 36 0.28 -15.92 -14.70
CA ASN C 36 1.60 -16.19 -15.25
C ASN C 36 2.42 -14.90 -15.33
N GLU C 37 1.78 -13.81 -15.76
CA GLU C 37 2.44 -12.53 -15.88
C GLU C 37 3.03 -12.08 -14.54
N PHE C 38 2.23 -12.20 -13.49
CA PHE C 38 2.65 -11.81 -12.15
C PHE C 38 3.81 -12.69 -11.70
N LYS C 39 3.69 -13.98 -11.93
CA LYS C 39 4.72 -14.94 -11.53
C LYS C 39 6.02 -14.68 -12.30
N GLU C 40 5.90 -14.34 -13.57
CA GLU C 40 7.05 -14.06 -14.41
C GLU C 40 7.79 -12.81 -13.91
N LEU C 41 7.02 -11.83 -13.45
CA LEU C 41 7.58 -10.58 -12.96
C LEU C 41 8.53 -10.80 -11.77
N VAL C 42 8.05 -11.51 -10.76
CA VAL C 42 8.84 -11.77 -9.56
C VAL C 42 10.03 -12.70 -9.82
N THR C 43 9.87 -13.64 -10.74
CA THR C 43 10.93 -14.59 -11.03
C THR C 43 11.91 -14.05 -12.07
N GLN C 44 11.79 -12.77 -12.41
CA GLN C 44 12.69 -12.18 -13.39
C GLN C 44 13.25 -10.84 -12.93
N GLN C 45 12.36 -9.88 -12.68
CA GLN C 45 12.79 -8.53 -12.29
C GLN C 45 12.91 -8.35 -10.78
N LEU C 46 12.24 -9.19 -9.99
CA LEU C 46 12.30 -9.04 -8.53
C LEU C 46 12.67 -10.32 -7.77
N PRO C 47 13.71 -11.08 -8.20
CA PRO C 47 14.10 -12.30 -7.49
C PRO C 47 15.04 -12.00 -6.33
N HIS C 48 15.52 -10.77 -6.28
CA HIS C 48 16.44 -10.34 -5.23
C HIS C 48 15.67 -9.64 -4.11
N LEU C 49 14.86 -8.66 -4.48
CA LEU C 49 14.09 -7.91 -3.50
C LEU C 49 13.02 -8.82 -2.89
N LEU C 50 12.32 -9.55 -3.76
CA LEU C 50 11.32 -10.50 -3.31
C LEU C 50 11.97 -11.86 -3.24
N LYS C 51 12.20 -12.33 -2.04
CA LYS C 51 12.87 -13.62 -1.84
C LYS C 51 11.90 -14.78 -1.93
N ASP C 52 10.60 -14.48 -2.01
CA ASP C 52 9.61 -15.54 -2.11
C ASP C 52 9.06 -15.63 -3.52
N VAL C 53 9.65 -16.51 -4.32
CA VAL C 53 9.22 -16.73 -5.68
C VAL C 53 8.63 -18.13 -5.81
N GLY C 54 8.56 -18.82 -4.67
CA GLY C 54 8.02 -20.17 -4.65
C GLY C 54 6.61 -20.19 -4.13
N SER C 55 6.35 -19.42 -3.10
CA SER C 55 5.02 -19.35 -2.51
C SER C 55 4.28 -18.13 -3.05
N LEU C 56 4.59 -17.77 -4.30
CA LEU C 56 3.99 -16.64 -4.98
C LEU C 56 2.48 -16.77 -5.00
N ASP C 57 1.99 -17.99 -5.24
CA ASP C 57 0.56 -18.25 -5.30
C ASP C 57 -0.11 -17.92 -3.96
N GLU C 58 0.61 -18.12 -2.88
CA GLU C 58 0.10 -17.83 -1.54
C GLU C 58 0.00 -16.32 -1.36
N LYS C 59 1.08 -15.63 -1.70
CA LYS C 59 1.15 -14.19 -1.58
C LYS C 59 0.14 -13.52 -2.52
N MET C 60 -0.05 -14.12 -3.69
CA MET C 60 -1.01 -13.61 -4.68
C MET C 60 -2.40 -13.57 -4.06
N LYS C 61 -2.71 -14.59 -3.28
CA LYS C 61 -4.00 -14.69 -2.61
C LYS C 61 -4.19 -13.54 -1.61
N SER C 62 -3.08 -13.09 -1.05
CA SER C 62 -3.11 -11.99 -0.08
C SER C 62 -3.09 -10.63 -0.77
N LEU C 63 -2.96 -10.65 -2.10
CA LEU C 63 -2.91 -9.41 -2.87
C LEU C 63 -4.20 -9.21 -3.65
N ASP C 64 -4.74 -10.30 -4.19
CA ASP C 64 -5.97 -10.25 -4.97
C ASP C 64 -7.14 -9.81 -4.07
N VAL C 65 -7.10 -10.31 -2.82
CA VAL C 65 -8.09 -10.04 -1.75
C VAL C 65 -9.55 -10.39 -2.12
N ASN C 66 -10.06 -9.89 -3.23
CA ASN C 66 -11.44 -10.19 -3.63
C ASN C 66 -11.51 -11.61 -4.17
N GLN C 67 -10.35 -12.16 -4.50
CA GLN C 67 -10.19 -13.53 -4.98
C GLN C 67 -10.97 -13.83 -6.25
N ASP C 68 -10.57 -13.20 -7.35
CA ASP C 68 -11.20 -13.45 -8.65
C ASP C 68 -10.14 -13.71 -9.70
N SER C 69 -8.89 -13.77 -9.25
CA SER C 69 -7.74 -14.03 -10.12
C SER C 69 -7.52 -12.89 -11.12
N GLU C 70 -7.33 -11.68 -10.58
CA GLU C 70 -7.13 -10.51 -11.40
C GLU C 70 -6.45 -9.41 -10.59
N LEU C 71 -5.13 -9.33 -10.70
CA LEU C 71 -4.36 -8.34 -9.97
C LEU C 71 -4.51 -6.96 -10.62
N LYS C 72 -5.63 -6.31 -10.33
CA LYS C 72 -5.94 -5.00 -10.88
C LYS C 72 -4.92 -3.95 -10.45
N PHE C 73 -4.82 -2.86 -11.22
CA PHE C 73 -3.87 -1.79 -10.95
C PHE C 73 -4.31 -0.96 -9.72
N ASN C 74 -4.46 -1.66 -8.62
CA ASN C 74 -4.84 -1.09 -7.34
C ASN C 74 -4.36 -2.04 -6.27
N GLU C 75 -4.72 -3.30 -6.44
CA GLU C 75 -4.31 -4.34 -5.51
C GLU C 75 -2.91 -4.84 -5.88
N TYR C 76 -2.57 -4.69 -7.15
CA TYR C 76 -1.26 -5.10 -7.65
C TYR C 76 -0.15 -4.27 -7.03
N TRP C 77 -0.43 -2.99 -6.77
CA TRP C 77 0.55 -2.09 -6.20
C TRP C 77 1.02 -2.57 -4.83
N ARG C 78 0.20 -3.39 -4.17
CA ARG C 78 0.55 -3.91 -2.85
C ARG C 78 1.89 -4.63 -2.91
N LEU C 79 2.16 -5.34 -4.00
CA LEU C 79 3.42 -6.06 -4.17
C LEU C 79 4.59 -5.08 -4.11
N ILE C 80 4.43 -3.94 -4.80
CA ILE C 80 5.47 -2.92 -4.83
C ILE C 80 5.70 -2.35 -3.44
N GLY C 81 4.62 -2.22 -2.68
CA GLY C 81 4.73 -1.72 -1.33
C GLY C 81 5.40 -2.72 -0.41
N GLU C 82 5.14 -4.00 -0.65
CA GLU C 82 5.72 -5.07 0.16
C GLU C 82 7.23 -5.19 -0.09
N LEU C 83 7.64 -5.18 -1.36
CA LEU C 83 9.06 -5.30 -1.69
C LEU C 83 9.82 -4.07 -1.21
N ALA C 84 9.13 -2.94 -1.10
CA ALA C 84 9.74 -1.71 -0.65
C ALA C 84 10.12 -1.81 0.83
N LYS C 85 9.29 -2.49 1.61
CA LYS C 85 9.55 -2.64 3.04
C LYS C 85 10.45 -3.85 3.30
N GLU C 86 10.49 -4.77 2.33
CA GLU C 86 11.30 -5.99 2.44
C GLU C 86 12.80 -5.66 2.42
N ILE C 87 13.13 -4.40 2.17
CA ILE C 87 14.53 -3.97 2.14
C ILE C 87 14.92 -3.39 3.52
N ARG C 88 13.93 -3.22 4.38
CA ARG C 88 14.16 -2.69 5.73
C ARG C 88 13.66 -3.69 6.78
N LYS C 89 12.81 -4.61 6.34
CA LYS C 89 12.24 -5.64 7.21
C LYS C 89 12.52 -7.02 6.61
N LYS C 90 11.92 -8.05 7.19
CA LYS C 90 12.08 -9.41 6.70
C LYS C 90 10.93 -10.29 7.19
N LYS C 91 11.17 -11.08 8.23
CA LYS C 91 10.15 -11.97 8.78
C LYS C 91 9.67 -11.40 10.11
N ASP C 92 9.68 -10.09 10.21
CA ASP C 92 9.28 -9.40 11.44
C ASP C 92 7.82 -8.97 11.41
N LEU C 93 7.15 -9.15 10.28
CA LEU C 93 5.76 -8.74 10.16
C LEU C 93 4.82 -9.95 10.07
N LYS C 94 4.45 -10.31 8.84
CA LYS C 94 3.55 -11.43 8.56
C LYS C 94 2.11 -11.08 8.93
N ILE C 95 1.83 -11.05 10.24
CA ILE C 95 0.50 -10.73 10.81
C ILE C 95 -0.64 -11.58 10.23
N ARG C 96 -1.84 -11.39 10.80
CA ARG C 96 -3.03 -12.11 10.39
C ARG C 96 -4.24 -11.54 11.13
N LYS C 97 -4.99 -10.68 10.46
CA LYS C 97 -6.17 -10.07 11.06
C LYS C 97 -7.35 -10.10 10.11
N LYS C 98 -8.46 -10.63 10.58
CA LYS C 98 -9.68 -10.70 9.80
C LYS C 98 -10.75 -9.83 10.43
N GLU D 1 17.83 -27.91 -13.82
CA GLU D 1 17.33 -27.27 -12.59
C GLU D 1 18.28 -27.55 -11.44
N LYS D 2 18.74 -26.50 -10.78
CA LYS D 2 19.69 -26.65 -9.68
C LYS D 2 19.03 -26.49 -8.33
N LEU D 3 19.53 -27.23 -7.35
CA LEU D 3 19.03 -27.18 -5.99
C LEU D 3 20.18 -26.96 -5.02
N GLY D 4 21.40 -27.17 -5.51
CA GLY D 4 22.57 -26.99 -4.69
C GLY D 4 23.44 -28.22 -4.69
N LYS D 5 24.10 -28.48 -3.57
CA LYS D 5 24.98 -29.65 -3.44
C LYS D 5 24.82 -30.27 -2.06
N LEU D 6 24.94 -31.59 -2.00
CA LEU D 6 24.79 -32.31 -0.75
C LEU D 6 26.01 -33.18 -0.48
N GLN D 7 26.61 -32.99 0.69
CA GLN D 7 27.76 -33.78 1.09
C GLN D 7 27.27 -34.92 1.96
N TYR D 8 27.52 -36.15 1.57
CA TYR D 8 27.06 -37.29 2.34
C TYR D 8 27.96 -38.51 2.18
N SER D 9 27.69 -39.52 2.99
CA SER D 9 28.44 -40.76 2.97
C SER D 9 27.52 -41.95 3.25
N LEU D 10 27.65 -43.01 2.47
CA LEU D 10 26.82 -44.19 2.64
C LEU D 10 27.66 -45.42 2.95
N ASP D 11 27.22 -46.21 3.92
CA ASP D 11 27.92 -47.44 4.28
C ASP D 11 26.93 -48.58 4.39
N TYR D 12 27.42 -49.80 4.51
CA TYR D 12 26.56 -50.95 4.59
C TYR D 12 26.78 -51.73 5.88
N ASP D 13 25.71 -52.31 6.39
CA ASP D 13 25.77 -53.11 7.61
C ASP D 13 25.33 -54.54 7.32
N PHE D 14 26.01 -55.49 7.93
CA PHE D 14 25.70 -56.90 7.73
C PHE D 14 25.22 -57.57 9.02
N GLN D 15 24.98 -56.77 10.05
CA GLN D 15 24.54 -57.33 11.33
C GLN D 15 23.01 -57.38 11.37
N ASN D 16 22.36 -56.36 10.84
CA ASN D 16 20.90 -56.33 10.79
C ASN D 16 20.43 -56.05 9.37
N ASN D 17 21.39 -55.88 8.47
CA ASN D 17 21.14 -55.63 7.04
C ASN D 17 20.44 -54.29 6.82
N GLN D 18 21.26 -53.25 6.68
CA GLN D 18 20.76 -51.90 6.45
C GLN D 18 21.86 -51.01 5.91
N LEU D 19 21.47 -49.95 5.22
CA LEU D 19 22.43 -48.99 4.69
C LEU D 19 22.38 -47.75 5.56
N LEU D 20 23.53 -47.33 6.07
CA LEU D 20 23.58 -46.16 6.92
C LEU D 20 23.74 -44.90 6.07
N VAL D 21 22.65 -44.19 5.89
CA VAL D 21 22.65 -42.96 5.13
C VAL D 21 23.01 -41.80 6.03
N GLY D 22 24.26 -41.37 5.95
CA GLY D 22 24.72 -40.27 6.77
C GLY D 22 24.97 -39.03 5.95
N ILE D 23 24.06 -38.07 6.04
CA ILE D 23 24.19 -36.82 5.32
C ILE D 23 24.92 -35.80 6.17
N ILE D 24 26.00 -35.25 5.63
CA ILE D 24 26.80 -34.27 6.34
C ILE D 24 26.10 -32.93 6.37
N GLN D 25 25.91 -32.33 5.19
CA GLN D 25 25.24 -31.04 5.10
C GLN D 25 24.86 -30.73 3.65
N ALA D 26 23.99 -29.74 3.50
CA ALA D 26 23.54 -29.31 2.18
C ALA D 26 23.81 -27.83 2.02
N ALA D 27 24.11 -27.40 0.81
CA ALA D 27 24.41 -26.00 0.55
C ALA D 27 23.81 -25.54 -0.77
N GLU D 28 23.78 -24.21 -0.96
CA GLU D 28 23.24 -23.58 -2.17
C GLU D 28 21.74 -23.81 -2.32
N LEU D 29 21.04 -23.96 -1.19
CA LEU D 29 19.60 -24.17 -1.21
C LEU D 29 18.86 -22.90 -1.65
N PRO D 30 17.82 -23.04 -2.49
CA PRO D 30 17.03 -21.91 -2.99
C PRO D 30 16.13 -21.27 -1.92
N ALA D 31 15.68 -20.06 -2.20
CA ALA D 31 14.81 -19.31 -1.29
C ALA D 31 13.35 -19.74 -1.48
N LEU D 32 12.68 -20.03 -0.37
CA LEU D 32 11.28 -20.45 -0.41
C LEU D 32 10.46 -19.57 0.54
N ASP D 33 10.87 -19.53 1.80
CA ASP D 33 10.17 -18.74 2.81
C ASP D 33 10.45 -17.25 2.64
N MET D 34 9.50 -16.42 3.05
CA MET D 34 9.62 -14.98 2.96
C MET D 34 10.86 -14.49 3.72
N GLY D 35 11.71 -13.75 3.03
CA GLY D 35 12.92 -13.27 3.64
C GLY D 35 14.14 -13.97 3.07
N GLY D 36 13.90 -15.06 2.35
CA GLY D 36 14.99 -15.82 1.76
C GLY D 36 15.52 -16.87 2.69
N THR D 37 14.91 -16.97 3.85
CA THR D 37 15.33 -17.94 4.85
C THR D 37 14.35 -19.10 4.94
N SER D 38 14.49 -20.07 4.04
CA SER D 38 13.63 -21.24 4.01
C SER D 38 13.89 -22.17 5.19
N ASP D 39 12.95 -23.08 5.45
CA ASP D 39 13.05 -24.03 6.55
C ASP D 39 13.00 -25.45 5.97
N PRO D 40 14.05 -25.87 5.24
CA PRO D 40 14.07 -27.16 4.59
C PRO D 40 14.74 -28.28 5.39
N TYR D 41 14.19 -29.47 5.23
CA TYR D 41 14.72 -30.68 5.87
C TYR D 41 14.66 -31.82 4.86
N VAL D 42 15.49 -32.83 5.04
CA VAL D 42 15.55 -33.94 4.10
C VAL D 42 14.71 -35.13 4.55
N LYS D 43 13.67 -35.45 3.79
CA LYS D 43 12.82 -36.58 4.10
C LYS D 43 13.04 -37.67 3.07
N VAL D 44 13.53 -38.81 3.53
CA VAL D 44 13.81 -39.92 2.64
C VAL D 44 12.53 -40.60 2.18
N PHE D 45 12.45 -40.86 0.88
CA PHE D 45 11.31 -41.51 0.29
C PHE D 45 11.76 -42.74 -0.48
N LEU D 46 10.86 -43.70 -0.63
CA LEU D 46 11.18 -44.93 -1.33
C LEU D 46 10.25 -45.15 -2.50
N LEU D 47 10.65 -46.06 -3.38
CA LEU D 47 9.88 -46.44 -4.54
C LEU D 47 8.70 -47.34 -4.07
N PRO D 48 7.98 -48.10 -4.97
CA PRO D 48 6.86 -48.98 -4.55
C PRO D 48 7.14 -49.82 -3.29
N ASP D 49 8.40 -49.94 -2.90
CA ASP D 49 8.80 -50.67 -1.70
C ASP D 49 8.05 -50.14 -0.48
N LYS D 50 8.20 -48.83 -0.26
CA LYS D 50 7.55 -48.10 0.84
C LYS D 50 7.62 -48.82 2.19
N LYS D 51 8.76 -49.45 2.48
CA LYS D 51 8.92 -50.14 3.74
C LYS D 51 9.84 -49.38 4.68
N LYS D 52 9.98 -48.08 4.45
CA LYS D 52 10.84 -47.24 5.28
C LYS D 52 10.64 -45.77 4.95
N LYS D 53 10.75 -44.93 5.97
CA LYS D 53 10.61 -43.48 5.83
C LYS D 53 11.09 -42.81 7.12
N PHE D 54 11.84 -41.74 6.99
CA PHE D 54 12.36 -41.04 8.16
C PHE D 54 12.23 -39.53 8.02
N GLU D 55 11.70 -38.91 9.05
CA GLU D 55 11.53 -37.46 9.09
C GLU D 55 12.66 -36.83 9.89
N THR D 56 13.42 -35.94 9.25
CA THR D 56 14.53 -35.29 9.91
C THR D 56 14.07 -34.05 10.68
N LYS D 57 15.01 -33.43 11.38
CA LYS D 57 14.72 -32.24 12.15
C LYS D 57 14.59 -31.04 11.22
N VAL D 58 13.59 -30.20 11.47
CA VAL D 58 13.39 -29.02 10.64
C VAL D 58 14.49 -27.99 10.92
N HIS D 59 15.10 -27.51 9.85
CA HIS D 59 16.16 -26.52 9.98
C HIS D 59 15.63 -25.16 9.53
N ARG D 60 14.90 -24.52 10.43
CA ARG D 60 14.29 -23.23 10.14
C ARG D 60 15.33 -22.13 9.95
N LYS D 61 15.09 -21.31 8.93
CA LYS D 61 15.96 -20.19 8.59
C LYS D 61 17.40 -20.64 8.39
N THR D 62 17.58 -21.75 7.68
CA THR D 62 18.91 -22.29 7.44
C THR D 62 19.01 -22.88 6.03
N LEU D 63 19.65 -22.15 5.11
CA LEU D 63 19.84 -22.62 3.74
C LEU D 63 21.06 -23.52 3.65
N ASN D 64 21.72 -23.68 4.79
CA ASN D 64 22.90 -24.52 4.89
C ASN D 64 22.81 -25.35 6.16
N PRO D 65 21.97 -26.40 6.15
CA PRO D 65 21.75 -27.26 7.32
C PRO D 65 22.96 -28.10 7.67
N VAL D 66 23.34 -28.07 8.95
CA VAL D 66 24.47 -28.83 9.46
C VAL D 66 24.06 -29.57 10.73
N PHE D 67 23.61 -30.80 10.58
CA PHE D 67 23.16 -31.58 11.73
C PHE D 67 23.66 -33.03 11.63
N ASN D 68 23.77 -33.52 10.40
CA ASN D 68 24.23 -34.89 10.13
C ASN D 68 23.26 -35.91 10.71
N GLU D 69 22.04 -35.91 10.19
CA GLU D 69 21.03 -36.85 10.64
C GLU D 69 21.35 -38.26 10.16
N GLN D 70 20.77 -39.26 10.81
CA GLN D 70 21.02 -40.65 10.47
C GLN D 70 19.75 -41.35 10.02
N PHE D 71 19.82 -41.99 8.85
CA PHE D 71 18.68 -42.73 8.33
C PHE D 71 19.06 -44.20 8.13
N THR D 72 18.22 -45.09 8.65
CA THR D 72 18.45 -46.52 8.53
C THR D 72 17.69 -47.10 7.34
N PHE D 73 18.43 -47.45 6.29
CA PHE D 73 17.83 -48.05 5.12
C PHE D 73 17.62 -49.54 5.37
N LYS D 74 16.56 -49.84 6.11
CA LYS D 74 16.22 -51.22 6.46
C LYS D 74 15.87 -52.05 5.23
N VAL D 75 16.80 -52.90 4.81
CA VAL D 75 16.60 -53.77 3.66
C VAL D 75 17.84 -54.63 3.45
N PRO D 76 17.66 -55.92 3.13
CA PRO D 76 18.78 -56.83 2.88
C PRO D 76 19.60 -56.39 1.67
N TYR D 77 20.91 -56.62 1.72
CA TYR D 77 21.82 -56.26 0.64
C TYR D 77 21.40 -56.90 -0.69
N SER D 78 20.68 -58.00 -0.60
CA SER D 78 20.21 -58.71 -1.77
C SER D 78 19.12 -57.92 -2.50
N GLU D 79 18.33 -57.18 -1.72
CA GLU D 79 17.25 -56.37 -2.28
C GLU D 79 17.76 -55.00 -2.67
N LEU D 80 19.00 -54.71 -2.32
CA LEU D 80 19.62 -53.43 -2.62
C LEU D 80 19.78 -53.26 -4.13
N GLY D 81 20.01 -54.36 -4.82
CA GLY D 81 20.19 -54.34 -6.27
C GLY D 81 18.94 -53.87 -7.01
N GLY D 82 17.79 -54.04 -6.38
CA GLY D 82 16.54 -53.61 -7.00
C GLY D 82 15.82 -52.58 -6.18
N LYS D 83 16.59 -51.81 -5.41
CA LYS D 83 16.02 -50.78 -4.56
C LYS D 83 16.68 -49.44 -4.82
N THR D 84 15.87 -48.43 -5.06
CA THR D 84 16.36 -47.08 -5.31
C THR D 84 15.79 -46.14 -4.27
N LEU D 85 16.67 -45.43 -3.57
CA LEU D 85 16.24 -44.50 -2.54
C LEU D 85 16.33 -43.07 -3.04
N VAL D 86 15.39 -42.24 -2.60
CA VAL D 86 15.37 -40.84 -3.01
C VAL D 86 15.41 -39.93 -1.79
N MET D 87 16.14 -38.84 -1.91
CA MET D 87 16.27 -37.87 -0.83
C MET D 87 15.62 -36.56 -1.24
N ALA D 88 14.42 -36.31 -0.75
CA ALA D 88 13.69 -35.10 -1.08
C ALA D 88 13.75 -34.09 0.05
N VAL D 89 14.04 -32.85 -0.29
CA VAL D 89 14.11 -31.78 0.70
C VAL D 89 12.79 -31.01 0.72
N TYR D 90 12.13 -31.01 1.86
CA TYR D 90 10.85 -30.35 2.05
C TYR D 90 10.99 -29.13 2.94
N ASP D 91 10.27 -28.07 2.61
CA ASP D 91 10.30 -26.84 3.40
C ASP D 91 9.18 -26.86 4.45
N PHE D 92 9.39 -26.16 5.56
CA PHE D 92 8.41 -26.13 6.62
C PHE D 92 8.29 -24.73 7.23
N ASP D 93 7.97 -23.75 6.39
CA ASP D 93 7.80 -22.37 6.84
C ASP D 93 6.65 -22.27 7.85
N ARG D 94 5.75 -23.27 7.82
CA ARG D 94 4.60 -23.37 8.71
C ARG D 94 3.49 -22.37 8.40
N PHE D 95 3.47 -21.81 7.21
CA PHE D 95 2.43 -20.85 6.86
C PHE D 95 2.06 -20.96 5.39
N SER D 96 3.04 -20.74 4.53
CA SER D 96 2.83 -20.80 3.10
C SER D 96 2.72 -22.26 2.65
N LYS D 97 2.36 -22.47 1.40
CA LYS D 97 2.23 -23.81 0.86
C LYS D 97 3.60 -24.37 0.48
N HIS D 98 4.40 -24.63 1.51
CA HIS D 98 5.75 -25.17 1.33
C HIS D 98 5.72 -26.46 0.51
N ASP D 99 6.64 -26.55 -0.44
CA ASP D 99 6.71 -27.71 -1.33
C ASP D 99 8.11 -28.33 -1.26
N ILE D 100 8.40 -29.19 -2.21
CA ILE D 100 9.70 -29.84 -2.29
C ILE D 100 10.57 -29.07 -3.29
N ILE D 101 11.56 -28.35 -2.75
CA ILE D 101 12.46 -27.55 -3.58
C ILE D 101 13.28 -28.42 -4.53
N GLY D 102 13.55 -29.65 -4.14
CA GLY D 102 14.32 -30.54 -4.99
C GLY D 102 14.56 -31.88 -4.34
N GLU D 103 15.29 -32.74 -5.04
CA GLU D 103 15.59 -34.08 -4.55
C GLU D 103 16.66 -34.73 -5.40
N PHE D 104 17.09 -35.90 -4.99
CA PHE D 104 18.07 -36.68 -5.72
C PHE D 104 17.85 -38.16 -5.44
N LYS D 105 18.04 -38.97 -6.47
CA LYS D 105 17.86 -40.41 -6.35
C LYS D 105 19.05 -41.14 -6.92
N VAL D 106 19.49 -42.17 -6.23
CA VAL D 106 20.64 -42.94 -6.67
C VAL D 106 20.31 -44.43 -6.78
N PRO D 107 20.55 -45.03 -7.96
CA PRO D 107 20.30 -46.45 -8.17
C PRO D 107 21.36 -47.30 -7.47
N MET D 108 20.93 -48.01 -6.43
CA MET D 108 21.84 -48.85 -5.66
C MET D 108 22.33 -50.06 -6.46
N ASN D 109 21.74 -50.26 -7.62
CA ASN D 109 22.14 -51.37 -8.49
C ASN D 109 23.51 -51.09 -9.09
N THR D 110 23.77 -49.83 -9.38
CA THR D 110 25.04 -49.41 -9.94
C THR D 110 26.04 -49.05 -8.84
N VAL D 111 25.52 -48.87 -7.63
CA VAL D 111 26.35 -48.52 -6.49
C VAL D 111 26.60 -49.73 -5.60
N ASP D 112 27.70 -50.41 -5.83
CA ASP D 112 28.08 -51.58 -5.04
C ASP D 112 28.56 -51.15 -3.67
N PHE D 113 28.25 -51.94 -2.67
CA PHE D 113 28.65 -51.63 -1.30
C PHE D 113 30.05 -52.15 -1.00
N GLY D 114 31.01 -51.73 -1.81
CA GLY D 114 32.39 -52.14 -1.64
C GLY D 114 32.90 -51.85 -0.24
N HIS D 115 32.80 -50.60 0.17
CA HIS D 115 33.24 -50.20 1.50
C HIS D 115 32.42 -49.01 1.99
N VAL D 116 32.63 -47.86 1.36
CA VAL D 116 31.93 -46.64 1.73
C VAL D 116 31.72 -45.74 0.52
N THR D 117 30.48 -45.35 0.30
CA THR D 117 30.14 -44.49 -0.82
C THR D 117 30.14 -43.02 -0.38
N GLU D 118 31.30 -42.38 -0.50
CA GLU D 118 31.43 -40.98 -0.12
C GLU D 118 31.63 -40.13 -1.36
N GLU D 119 30.66 -39.26 -1.63
CA GLU D 119 30.73 -38.40 -2.79
C GLU D 119 29.98 -37.10 -2.54
N TRP D 120 30.26 -36.10 -3.36
CA TRP D 120 29.60 -34.81 -3.25
C TRP D 120 28.55 -34.72 -4.34
N ARG D 121 27.42 -35.35 -4.10
CA ARG D 121 26.34 -35.38 -5.07
C ARG D 121 25.64 -34.03 -5.18
N ASP D 122 25.43 -33.62 -6.42
CA ASP D 122 24.75 -32.38 -6.73
C ASP D 122 23.25 -32.55 -6.56
N LEU D 123 22.56 -31.47 -6.27
CA LEU D 123 21.12 -31.52 -6.06
C LEU D 123 20.40 -30.84 -7.22
N GLN D 124 19.26 -31.40 -7.61
CA GLN D 124 18.46 -30.84 -8.69
C GLN D 124 17.02 -30.64 -8.23
N SER D 125 16.34 -29.68 -8.85
CA SER D 125 14.97 -29.38 -8.49
C SER D 125 13.99 -30.34 -9.19
N ALA D 126 13.02 -30.83 -8.44
CA ALA D 126 12.03 -31.74 -8.96
C ALA D 126 10.64 -31.33 -8.48
N GLU D 127 9.89 -30.67 -9.35
CA GLU D 127 8.56 -30.20 -9.03
C GLU D 127 7.61 -31.36 -8.75
N LYS D 128 6.69 -31.14 -7.83
CA LYS D 128 5.71 -32.15 -7.47
C LYS D 128 4.38 -31.83 -8.12
N GLU A 1 -26.16 35.21 -13.26
CA GLU A 1 -25.53 34.56 -12.10
C GLU A 1 -26.00 33.11 -11.98
N LYS A 2 -25.07 32.23 -11.70
CA LYS A 2 -25.37 30.82 -11.53
C LYS A 2 -24.62 30.23 -10.34
N LEU A 3 -25.33 29.49 -9.51
CA LEU A 3 -24.73 28.86 -8.34
C LEU A 3 -25.60 27.71 -7.87
N GLY A 4 -26.68 28.06 -7.18
CA GLY A 4 -27.59 27.05 -6.68
C GLY A 4 -28.72 27.68 -5.88
N LYS A 5 -29.33 26.91 -5.01
CA LYS A 5 -30.43 27.42 -4.19
C LYS A 5 -30.19 27.10 -2.72
N LEU A 6 -30.36 28.10 -1.87
CA LEU A 6 -30.14 27.91 -0.45
C LEU A 6 -31.46 27.94 0.31
N GLN A 7 -31.72 26.87 1.04
CA GLN A 7 -32.93 26.76 1.83
C GLN A 7 -32.65 27.25 3.24
N TYR A 8 -33.43 28.21 3.72
CA TYR A 8 -33.22 28.74 5.07
C TYR A 8 -34.52 29.28 5.67
N SER A 9 -34.47 29.58 6.95
CA SER A 9 -35.62 30.09 7.68
C SER A 9 -35.19 31.18 8.66
N LEU A 10 -35.78 32.35 8.55
CA LEU A 10 -35.42 33.45 9.43
C LEU A 10 -36.54 33.75 10.41
N ASP A 11 -36.18 33.90 11.68
CA ASP A 11 -37.14 34.22 12.73
C ASP A 11 -36.56 35.32 13.61
N TYR A 12 -37.38 35.94 14.45
CA TYR A 12 -36.88 37.03 15.29
C TYR A 12 -37.14 36.77 16.77
N ASP A 13 -36.30 37.35 17.60
CA ASP A 13 -36.42 37.22 19.04
C ASP A 13 -36.42 38.60 19.69
N PHE A 14 -37.33 38.81 20.64
CA PHE A 14 -37.45 40.10 21.31
C PHE A 14 -36.94 40.05 22.74
N GLN A 15 -36.39 38.92 23.16
CA GLN A 15 -35.87 38.80 24.51
C GLN A 15 -34.39 39.16 24.53
N ASN A 16 -33.66 38.75 23.50
CA ASN A 16 -32.24 39.05 23.40
C ASN A 16 -32.02 40.13 22.35
N ASN A 17 -33.11 40.49 21.66
CA ASN A 17 -33.08 41.54 20.64
C ASN A 17 -32.11 41.20 19.51
N GLN A 18 -32.51 40.26 18.66
CA GLN A 18 -31.69 39.84 17.53
C GLN A 18 -32.51 38.96 16.58
N LEU A 19 -32.00 38.78 15.37
CA LEU A 19 -32.67 37.95 14.38
C LEU A 19 -31.97 36.59 14.30
N LEU A 20 -32.74 35.54 14.45
CA LEU A 20 -32.20 34.19 14.40
C LEU A 20 -32.05 33.75 12.95
N VAL A 21 -30.82 33.75 12.47
CA VAL A 21 -30.52 33.34 11.11
C VAL A 21 -30.20 31.86 11.07
N GLY A 22 -31.14 31.06 10.59
CA GLY A 22 -30.93 29.64 10.49
C GLY A 22 -30.98 29.16 9.05
N ILE A 23 -29.92 28.49 8.64
CA ILE A 23 -29.83 27.97 7.28
C ILE A 23 -29.97 26.45 7.30
N ILE A 24 -30.61 25.89 6.28
CA ILE A 24 -30.81 24.46 6.21
C ILE A 24 -29.71 23.80 5.38
N GLN A 25 -29.67 24.14 4.09
CA GLN A 25 -28.67 23.57 3.19
C GLN A 25 -28.62 24.34 1.88
N ALA A 26 -27.60 24.03 1.08
CA ALA A 26 -27.42 24.67 -0.22
C ALA A 26 -27.45 23.62 -1.32
N ALA A 27 -28.41 23.74 -2.21
CA ALA A 27 -28.56 22.78 -3.30
C ALA A 27 -27.60 23.07 -4.46
N GLU A 28 -26.47 22.37 -4.44
CA GLU A 28 -25.42 22.47 -5.46
C GLU A 28 -24.59 23.74 -5.32
N LEU A 29 -23.27 23.56 -5.37
CA LEU A 29 -22.32 24.66 -5.26
C LEU A 29 -21.19 24.44 -6.28
N PRO A 30 -20.51 25.52 -6.71
CA PRO A 30 -19.41 25.42 -7.68
C PRO A 30 -18.22 24.60 -7.15
N ALA A 31 -17.53 23.96 -8.07
CA ALA A 31 -16.37 23.14 -7.73
C ALA A 31 -15.10 23.97 -7.80
N LEU A 32 -14.28 23.86 -6.76
CA LEU A 32 -13.02 24.60 -6.69
C LEU A 32 -11.85 23.64 -6.45
N ASP A 33 -12.06 22.69 -5.55
CA ASP A 33 -11.03 21.71 -5.23
C ASP A 33 -10.85 20.72 -6.38
N MET A 34 -9.63 20.25 -6.56
CA MET A 34 -9.33 19.31 -7.63
C MET A 34 -9.88 17.93 -7.29
N GLY A 35 -11.09 17.69 -7.78
CA GLY A 35 -11.75 16.44 -7.52
C GLY A 35 -13.24 16.55 -7.75
N GLY A 36 -13.74 17.79 -7.67
CA GLY A 36 -15.15 18.04 -7.89
C GLY A 36 -15.86 18.45 -6.62
N THR A 37 -15.35 17.99 -5.49
CA THR A 37 -15.94 18.31 -4.20
C THR A 37 -15.11 19.36 -3.47
N SER A 38 -15.60 20.60 -3.48
CA SER A 38 -14.92 21.70 -2.82
C SER A 38 -15.20 21.67 -1.32
N ASP A 39 -14.64 22.64 -0.60
CA ASP A 39 -14.83 22.75 0.85
C ASP A 39 -15.49 24.09 1.15
N PRO A 40 -16.77 24.26 0.78
CA PRO A 40 -17.49 25.52 0.96
C PRO A 40 -18.26 25.63 2.27
N TYR A 41 -18.11 26.79 2.91
CA TYR A 41 -18.81 27.09 4.15
C TYR A 41 -19.45 28.46 4.01
N VAL A 42 -20.47 28.73 4.81
CA VAL A 42 -21.17 30.01 4.71
C VAL A 42 -20.72 31.00 5.79
N LYS A 43 -20.10 32.08 5.37
CA LYS A 43 -19.64 33.10 6.31
C LYS A 43 -20.53 34.33 6.18
N VAL A 44 -21.12 34.72 7.29
CA VAL A 44 -22.01 35.88 7.30
C VAL A 44 -21.21 37.17 7.27
N PHE A 45 -21.66 38.10 6.45
CA PHE A 45 -21.01 39.39 6.34
C PHE A 45 -22.04 40.49 6.51
N LEU A 46 -21.61 41.60 7.09
CA LEU A 46 -22.50 42.71 7.34
C LEU A 46 -22.08 43.92 6.51
N LEU A 47 -22.99 44.86 6.40
CA LEU A 47 -22.76 46.10 5.68
C LEU A 47 -21.88 47.01 6.58
N PRO A 48 -21.75 48.36 6.32
CA PRO A 48 -20.94 49.26 7.17
C PRO A 48 -20.98 48.96 8.67
N ASP A 49 -22.09 48.38 9.15
CA ASP A 49 -22.24 48.00 10.56
C ASP A 49 -21.00 47.25 11.04
N LYS A 50 -20.72 46.12 10.39
CA LYS A 50 -19.55 45.28 10.70
C LYS A 50 -19.40 44.98 12.20
N LYS A 51 -20.51 45.02 12.93
CA LYS A 51 -20.47 44.75 14.36
C LYS A 51 -20.80 43.29 14.65
N LYS A 52 -20.86 42.48 13.60
CA LYS A 52 -21.17 41.07 13.72
C LYS A 52 -20.66 40.29 12.51
N LYS A 53 -20.00 39.18 12.79
CA LYS A 53 -19.45 38.31 11.76
C LYS A 53 -19.09 36.96 12.38
N PHE A 54 -19.53 35.88 11.75
CA PHE A 54 -19.26 34.54 12.28
C PHE A 54 -18.87 33.57 11.17
N GLU A 55 -17.93 32.69 11.48
CA GLU A 55 -17.45 31.68 10.55
C GLU A 55 -18.06 30.33 10.90
N THR A 56 -18.71 29.68 9.94
CA THR A 56 -19.36 28.40 10.18
C THR A 56 -18.38 27.23 10.10
N LYS A 57 -18.91 26.02 10.19
CA LYS A 57 -18.11 24.81 10.12
C LYS A 57 -17.70 24.52 8.68
N VAL A 58 -16.43 24.24 8.46
CA VAL A 58 -15.95 23.95 7.12
C VAL A 58 -16.45 22.58 6.63
N HIS A 59 -17.36 22.62 5.68
CA HIS A 59 -17.93 21.40 5.11
C HIS A 59 -17.01 20.93 3.99
N ARG A 60 -15.99 20.18 4.36
CA ARG A 60 -15.01 19.68 3.40
C ARG A 60 -15.56 18.58 2.51
N LYS A 61 -15.21 18.67 1.23
CA LYS A 61 -15.58 17.71 0.19
C LYS A 61 -17.09 17.50 0.11
N THR A 62 -17.81 18.52 -0.32
CA THR A 62 -19.25 18.43 -0.46
C THR A 62 -19.80 19.60 -1.28
N LEU A 63 -20.76 19.31 -2.14
CA LEU A 63 -21.38 20.33 -2.97
C LEU A 63 -22.76 20.67 -2.42
N ASN A 64 -23.20 19.83 -1.48
CA ASN A 64 -24.50 20.01 -0.82
C ASN A 64 -24.29 19.97 0.67
N PRO A 65 -23.95 21.12 1.28
CA PRO A 65 -23.68 21.21 2.71
C PRO A 65 -24.93 21.16 3.58
N VAL A 66 -24.97 20.21 4.49
CA VAL A 66 -26.07 20.05 5.42
C VAL A 66 -25.54 20.06 6.84
N PHE A 67 -25.97 21.04 7.63
CA PHE A 67 -25.52 21.17 9.00
C PHE A 67 -26.53 21.97 9.83
N ASN A 68 -27.12 22.98 9.20
CA ASN A 68 -28.11 23.84 9.84
C ASN A 68 -27.48 24.67 10.96
N GLU A 69 -26.48 25.47 10.60
CA GLU A 69 -25.80 26.30 11.57
C GLU A 69 -26.71 27.44 12.06
N GLN A 70 -26.34 28.06 13.18
CA GLN A 70 -27.12 29.14 13.75
C GLN A 70 -26.27 30.39 13.90
N PHE A 71 -26.79 31.51 13.40
CA PHE A 71 -26.08 32.78 13.51
C PHE A 71 -26.94 33.78 14.29
N THR A 72 -26.34 34.38 15.30
CA THR A 72 -27.03 35.37 16.13
C THR A 72 -26.86 36.77 15.56
N PHE A 73 -27.85 37.23 14.80
CA PHE A 73 -27.81 38.56 14.21
C PHE A 73 -28.20 39.59 15.27
N LYS A 74 -27.22 39.95 16.10
CA LYS A 74 -27.41 40.89 17.20
C LYS A 74 -27.71 42.32 16.75
N VAL A 75 -28.86 42.50 16.13
CA VAL A 75 -29.29 43.81 15.67
C VAL A 75 -30.69 44.09 16.19
N PRO A 76 -30.88 45.25 16.85
CA PRO A 76 -32.18 45.63 17.38
C PRO A 76 -33.28 45.58 16.33
N TYR A 77 -34.44 45.08 16.71
CA TYR A 77 -35.57 44.98 15.79
C TYR A 77 -36.03 46.37 15.32
N SER A 78 -35.52 47.40 15.96
CA SER A 78 -35.86 48.77 15.60
C SER A 78 -34.73 49.40 14.79
N GLU A 79 -33.67 48.64 14.55
CA GLU A 79 -32.52 49.13 13.79
C GLU A 79 -32.22 48.21 12.61
N LEU A 80 -33.19 47.36 12.28
CA LEU A 80 -33.02 46.41 11.18
C LEU A 80 -33.26 47.08 9.83
N GLY A 81 -33.82 48.30 9.87
CA GLY A 81 -34.11 49.02 8.64
C GLY A 81 -32.86 49.29 7.84
N GLY A 82 -31.87 49.88 8.49
CA GLY A 82 -30.62 50.19 7.83
C GLY A 82 -29.58 49.14 8.13
N LYS A 83 -30.00 47.88 8.08
CA LYS A 83 -29.10 46.78 8.34
C LYS A 83 -29.32 45.63 7.36
N THR A 84 -28.55 45.65 6.29
CA THR A 84 -28.65 44.61 5.27
C THR A 84 -27.62 43.52 5.54
N LEU A 85 -28.10 42.32 5.81
CA LEU A 85 -27.22 41.19 6.08
C LEU A 85 -26.97 40.40 4.81
N VAL A 86 -25.77 39.88 4.66
CA VAL A 86 -25.42 39.09 3.48
C VAL A 86 -24.76 37.78 3.91
N MET A 87 -24.94 36.75 3.10
CA MET A 87 -24.36 35.45 3.37
C MET A 87 -23.51 35.01 2.19
N ALA A 88 -22.21 34.91 2.40
CA ALA A 88 -21.30 34.52 1.34
C ALA A 88 -20.70 33.15 1.59
N VAL A 89 -20.61 32.35 0.53
CA VAL A 89 -20.05 31.02 0.65
C VAL A 89 -18.57 31.05 0.25
N TYR A 90 -17.72 30.64 1.17
CA TYR A 90 -16.28 30.65 0.96
C TYR A 90 -15.76 29.22 0.88
N ASP A 91 -14.85 28.98 -0.05
CA ASP A 91 -14.25 27.65 -0.21
C ASP A 91 -12.98 27.56 0.62
N PHE A 92 -12.60 26.34 0.97
CA PHE A 92 -11.41 26.10 1.76
C PHE A 92 -10.66 24.89 1.20
N ASP A 93 -10.34 24.93 -0.09
CA ASP A 93 -9.61 23.84 -0.77
C ASP A 93 -8.23 23.58 -0.15
N ARG A 94 -7.78 24.51 0.70
CA ARG A 94 -6.51 24.40 1.40
C ARG A 94 -5.30 24.45 0.46
N PHE A 95 -5.43 25.10 -0.69
CA PHE A 95 -4.31 25.19 -1.61
C PHE A 95 -4.40 26.44 -2.46
N SER A 96 -5.39 26.46 -3.33
CA SER A 96 -5.60 27.58 -4.22
C SER A 96 -6.06 28.79 -3.43
N LYS A 97 -5.90 29.96 -4.02
CA LYS A 97 -6.33 31.19 -3.36
C LYS A 97 -7.84 31.33 -3.51
N HIS A 98 -8.55 30.41 -2.87
CA HIS A 98 -10.01 30.35 -2.89
C HIS A 98 -10.65 31.67 -2.49
N ASP A 99 -11.68 32.05 -3.24
CA ASP A 99 -12.41 33.29 -3.01
C ASP A 99 -13.91 33.00 -2.97
N ILE A 100 -14.71 34.01 -2.64
CA ILE A 100 -16.16 33.86 -2.56
C ILE A 100 -16.71 33.52 -3.95
N ILE A 101 -17.26 32.31 -4.08
CA ILE A 101 -17.82 31.88 -5.35
C ILE A 101 -19.23 32.44 -5.56
N GLY A 102 -19.91 32.74 -4.46
CA GLY A 102 -21.25 33.28 -4.55
C GLY A 102 -21.79 33.71 -3.21
N GLU A 103 -22.92 34.38 -3.22
CA GLU A 103 -23.55 34.86 -2.00
C GLU A 103 -24.97 35.33 -2.27
N PHE A 104 -25.64 35.77 -1.22
CA PHE A 104 -26.99 36.30 -1.31
C PHE A 104 -27.22 37.29 -0.19
N LYS A 105 -28.10 38.25 -0.41
CA LYS A 105 -28.40 39.27 0.58
C LYS A 105 -29.89 39.57 0.60
N VAL A 106 -30.37 40.11 1.71
CA VAL A 106 -31.79 40.43 1.85
C VAL A 106 -31.98 41.72 2.65
N PRO A 107 -32.73 42.68 2.10
CA PRO A 107 -33.02 43.95 2.78
C PRO A 107 -34.08 43.77 3.87
N MET A 108 -33.65 43.87 5.13
CA MET A 108 -34.56 43.71 6.26
C MET A 108 -35.57 44.84 6.37
N ASN A 109 -35.31 45.94 5.68
CA ASN A 109 -36.21 47.08 5.68
C ASN A 109 -37.48 46.73 4.89
N THR A 110 -37.28 45.95 3.83
CA THR A 110 -38.39 45.52 2.99
C THR A 110 -39.07 44.30 3.59
N VAL A 111 -38.26 43.36 4.06
CA VAL A 111 -38.78 42.15 4.68
C VAL A 111 -38.99 42.36 6.16
N ASP A 112 -40.18 42.79 6.52
CA ASP A 112 -40.54 43.05 7.91
C ASP A 112 -40.57 41.75 8.71
N PHE A 113 -40.45 41.87 10.02
CA PHE A 113 -40.46 40.71 10.90
C PHE A 113 -41.87 40.43 11.40
N GLY A 114 -42.65 39.74 10.60
CA GLY A 114 -44.01 39.40 10.99
C GLY A 114 -44.04 38.28 11.99
N HIS A 115 -43.53 37.12 11.58
CA HIS A 115 -43.46 35.95 12.43
C HIS A 115 -42.25 35.12 12.05
N VAL A 116 -42.29 34.58 10.83
CA VAL A 116 -41.20 33.77 10.31
C VAL A 116 -41.06 33.97 8.82
N THR A 117 -39.83 34.06 8.35
CA THR A 117 -39.57 34.25 6.94
C THR A 117 -38.84 33.05 6.37
N GLU A 118 -39.60 32.15 5.75
CA GLU A 118 -39.03 30.95 5.15
C GLU A 118 -39.14 31.03 3.63
N GLU A 119 -38.02 30.84 2.95
CA GLU A 119 -38.00 30.90 1.50
C GLU A 119 -36.79 30.18 0.93
N TRP A 120 -36.83 29.92 -0.36
CA TRP A 120 -35.75 29.25 -1.06
C TRP A 120 -34.98 30.30 -1.86
N ARG A 121 -34.05 30.96 -1.20
CA ARG A 121 -33.26 32.01 -1.81
C ARG A 121 -32.28 31.48 -2.84
N ASP A 122 -32.23 32.15 -3.97
CA ASP A 122 -31.34 31.80 -5.06
C ASP A 122 -29.94 32.32 -4.75
N LEU A 123 -28.94 31.52 -5.08
CA LEU A 123 -27.55 31.90 -4.85
C LEU A 123 -26.99 32.59 -6.09
N GLN A 124 -26.38 33.75 -5.89
CA GLN A 124 -25.81 34.51 -7.00
C GLN A 124 -24.29 34.48 -6.95
N SER A 125 -23.67 34.44 -8.11
CA SER A 125 -22.22 34.43 -8.20
C SER A 125 -21.66 35.84 -8.07
N ALA A 126 -21.27 36.20 -6.87
CA ALA A 126 -20.71 37.52 -6.61
C ALA A 126 -19.19 37.44 -6.54
N GLU A 127 -18.55 37.58 -7.69
CA GLU A 127 -17.10 37.54 -7.80
C GLU A 127 -16.48 38.72 -7.04
N LYS A 128 -15.60 38.43 -6.08
CA LYS A 128 -14.97 39.46 -5.28
C LYS A 128 -13.50 39.64 -5.68
N MET B 1 34.09 -0.42 -16.71
CA MET B 1 34.44 0.63 -15.72
C MET B 1 33.45 0.60 -14.56
N ALA B 2 33.57 1.58 -13.67
CA ALA B 2 32.70 1.69 -12.52
C ALA B 2 31.44 2.48 -12.89
N ALA B 3 30.62 2.79 -11.89
CA ALA B 3 29.39 3.55 -12.09
C ALA B 3 28.44 2.80 -13.03
N GLU B 4 28.38 1.49 -12.85
CA GLU B 4 27.51 0.63 -13.66
C GLU B 4 26.07 0.73 -13.19
N PRO B 5 25.11 0.52 -14.10
CA PRO B 5 23.68 0.59 -13.77
C PRO B 5 23.26 -0.55 -12.84
N LEU B 6 22.06 -0.41 -12.29
CA LEU B 6 21.50 -1.41 -11.40
C LEU B 6 20.21 -1.95 -11.98
N THR B 7 19.50 -2.78 -11.22
CA THR B 7 18.23 -3.29 -11.70
C THR B 7 17.22 -2.15 -11.80
N GLU B 8 16.26 -2.27 -12.71
CA GLU B 8 15.25 -1.23 -12.92
C GLU B 8 14.68 -0.69 -11.61
N LEU B 9 14.12 -1.57 -10.79
CA LEU B 9 13.52 -1.16 -9.52
C LEU B 9 14.58 -0.73 -8.51
N GLU B 10 15.82 -1.22 -8.66
CA GLU B 10 16.90 -0.85 -7.75
C GLU B 10 17.23 0.64 -7.93
N GLU B 11 17.30 1.07 -9.19
CA GLU B 11 17.59 2.46 -9.49
C GLU B 11 16.39 3.33 -9.10
N SER B 12 15.21 2.77 -9.25
CA SER B 12 13.97 3.48 -8.92
C SER B 12 13.91 3.85 -7.44
N ILE B 13 14.31 2.92 -6.57
CA ILE B 13 14.29 3.19 -5.14
C ILE B 13 15.47 4.07 -4.74
N GLU B 14 16.58 3.94 -5.45
CA GLU B 14 17.77 4.75 -5.16
C GLU B 14 17.45 6.23 -5.34
N THR B 15 16.71 6.54 -6.39
CA THR B 15 16.34 7.92 -6.69
C THR B 15 15.54 8.55 -5.55
N VAL B 16 14.45 7.90 -5.14
CA VAL B 16 13.61 8.43 -4.06
C VAL B 16 14.38 8.47 -2.74
N VAL B 17 15.25 7.49 -2.50
CA VAL B 17 16.05 7.46 -1.29
C VAL B 17 16.99 8.67 -1.26
N THR B 18 17.50 9.04 -2.44
CA THR B 18 18.37 10.19 -2.57
C THR B 18 17.64 11.45 -2.14
N THR B 19 16.46 11.67 -2.71
CA THR B 19 15.65 12.83 -2.39
C THR B 19 15.26 12.83 -0.92
N PHE B 20 14.94 11.65 -0.42
CA PHE B 20 14.57 11.46 0.98
C PHE B 20 15.69 11.94 1.90
N PHE B 21 16.92 11.50 1.61
CA PHE B 21 18.08 11.87 2.42
C PHE B 21 18.49 13.32 2.17
N THR B 22 17.86 13.95 1.19
CA THR B 22 18.16 15.34 0.88
C THR B 22 17.30 16.28 1.73
N PHE B 23 16.18 15.77 2.21
CA PHE B 23 15.29 16.56 3.05
C PHE B 23 15.38 16.12 4.51
N ALA B 24 15.63 14.84 4.73
CA ALA B 24 15.74 14.29 6.07
C ALA B 24 17.12 14.60 6.65
N ARG B 25 17.38 15.88 6.87
CA ARG B 25 18.65 16.35 7.43
C ARG B 25 18.63 17.89 7.48
N GLN B 26 17.44 18.45 7.51
CA GLN B 26 17.27 19.89 7.56
C GLN B 26 17.04 20.34 8.98
N GLU B 27 16.27 19.56 9.73
CA GLU B 27 15.97 19.89 11.12
C GLU B 27 16.75 19.01 12.08
N GLY B 28 16.58 17.70 11.96
CA GLY B 28 17.29 16.80 12.84
C GLY B 28 17.03 15.33 12.55
N ARG B 29 18.04 14.50 12.82
CA ARG B 29 17.98 13.07 12.60
C ARG B 29 17.87 12.73 11.11
N LYS B 30 19.02 12.52 10.48
CA LYS B 30 19.05 12.16 9.06
C LYS B 30 18.53 10.75 8.86
N ASP B 31 17.22 10.62 8.97
CA ASP B 31 16.53 9.33 8.85
C ASP B 31 15.02 9.54 8.92
N SER B 32 14.63 10.63 9.55
CA SER B 32 13.23 10.95 9.72
C SER B 32 12.91 12.33 9.15
N LEU B 33 11.66 12.54 8.80
CA LEU B 33 11.20 13.81 8.27
C LEU B 33 10.41 14.56 9.33
N SER B 34 10.96 15.67 9.81
CA SER B 34 10.30 16.47 10.82
C SER B 34 9.10 17.21 10.20
N VAL B 35 8.36 17.95 11.03
CA VAL B 35 7.18 18.68 10.58
C VAL B 35 7.50 19.59 9.39
N ASN B 36 8.53 20.41 9.54
CA ASN B 36 8.90 21.35 8.47
C ASN B 36 9.48 20.60 7.27
N GLU B 37 10.37 19.66 7.53
CA GLU B 37 11.01 18.88 6.47
C GLU B 37 9.97 18.19 5.60
N PHE B 38 8.98 17.60 6.24
CA PHE B 38 7.90 16.91 5.55
C PHE B 38 7.14 17.87 4.65
N LYS B 39 6.87 19.07 5.17
CA LYS B 39 6.13 20.08 4.42
C LYS B 39 6.95 20.56 3.22
N GLU B 40 8.25 20.76 3.43
CA GLU B 40 9.14 21.22 2.36
C GLU B 40 9.08 20.29 1.15
N LEU B 41 9.10 18.99 1.44
CA LEU B 41 9.08 17.97 0.39
C LEU B 41 7.83 18.11 -0.50
N VAL B 42 6.66 18.09 0.11
CA VAL B 42 5.41 18.17 -0.65
C VAL B 42 5.16 19.55 -1.25
N THR B 43 5.46 20.60 -0.52
CA THR B 43 5.22 21.97 -1.00
C THR B 43 6.14 22.32 -2.18
N GLN B 44 7.30 21.70 -2.26
CA GLN B 44 8.25 22.01 -3.31
C GLN B 44 8.23 20.99 -4.46
N GLN B 45 8.14 19.71 -4.15
CA GLN B 45 8.19 18.70 -5.19
C GLN B 45 6.86 17.97 -5.39
N LEU B 46 5.79 18.46 -4.79
CA LEU B 46 4.49 17.81 -4.96
C LEU B 46 3.32 18.81 -4.96
N PRO B 47 3.41 19.95 -5.69
CA PRO B 47 2.33 20.93 -5.73
C PRO B 47 1.42 20.69 -6.92
N HIS B 48 1.46 19.47 -7.45
CA HIS B 48 0.65 19.09 -8.60
C HIS B 48 -0.24 17.90 -8.28
N LEU B 49 0.37 16.79 -7.87
CA LEU B 49 -0.37 15.57 -7.56
C LEU B 49 -1.30 15.79 -6.36
N LEU B 50 -0.75 16.31 -5.27
CA LEU B 50 -1.53 16.58 -4.07
C LEU B 50 -1.50 18.07 -3.77
N LYS B 51 -2.57 18.75 -4.13
CA LYS B 51 -2.66 20.18 -3.91
C LYS B 51 -3.26 20.50 -2.55
N ASP B 52 -2.43 20.41 -1.51
CA ASP B 52 -2.86 20.71 -0.16
C ASP B 52 -1.72 21.29 0.65
N VAL B 53 -1.70 22.61 0.76
CA VAL B 53 -0.66 23.31 1.52
C VAL B 53 -1.25 23.94 2.77
N GLY B 54 -2.49 23.57 3.08
CA GLY B 54 -3.15 24.11 4.24
C GLY B 54 -3.34 23.07 5.32
N SER B 55 -3.86 21.92 4.96
CA SER B 55 -4.12 20.86 5.93
C SER B 55 -2.97 19.86 5.98
N LEU B 56 -1.77 20.34 6.31
CA LEU B 56 -0.60 19.48 6.42
C LEU B 56 -0.76 18.56 7.62
N ASP B 57 -1.47 19.04 8.64
CA ASP B 57 -1.72 18.29 9.84
C ASP B 57 -2.57 17.06 9.53
N GLU B 58 -3.49 17.21 8.57
CA GLU B 58 -4.36 16.13 8.14
C GLU B 58 -3.52 14.98 7.58
N LYS B 59 -2.42 15.32 6.91
CA LYS B 59 -1.54 14.31 6.34
C LYS B 59 -0.71 13.66 7.44
N MET B 60 -0.06 14.49 8.25
CA MET B 60 0.78 14.01 9.35
C MET B 60 0.01 13.07 10.28
N LYS B 61 -1.19 13.47 10.66
CA LYS B 61 -2.03 12.68 11.56
C LYS B 61 -2.45 11.35 10.95
N SER B 62 -2.51 11.28 9.62
CA SER B 62 -2.92 10.06 8.95
C SER B 62 -1.72 9.17 8.62
N LEU B 63 -0.57 9.77 8.39
CA LEU B 63 0.63 9.02 8.05
C LEU B 63 1.32 8.50 9.31
N ASP B 64 1.42 9.35 10.32
CA ASP B 64 2.05 8.96 11.57
C ASP B 64 1.04 8.27 12.48
N VAL B 65 1.28 6.99 12.74
CA VAL B 65 0.38 6.21 13.58
C VAL B 65 0.85 6.22 15.03
N ASN B 66 2.00 6.83 15.26
CA ASN B 66 2.55 6.92 16.62
C ASN B 66 2.26 8.30 17.18
N GLN B 67 2.19 9.27 16.28
CA GLN B 67 1.89 10.66 16.61
C GLN B 67 2.94 11.27 17.54
N ASP B 68 4.14 11.44 17.02
CA ASP B 68 5.22 12.05 17.79
C ASP B 68 5.82 13.23 17.01
N SER B 69 5.18 13.53 15.88
CA SER B 69 5.58 14.63 15.00
C SER B 69 6.92 14.36 14.31
N GLU B 70 7.20 13.09 14.06
CA GLU B 70 8.44 12.70 13.40
C GLU B 70 8.17 11.56 12.42
N LEU B 71 8.10 11.89 11.15
CA LEU B 71 7.82 10.90 10.11
C LEU B 71 9.07 10.08 9.81
N LYS B 72 9.14 8.88 10.37
CA LYS B 72 10.29 8.01 10.13
C LYS B 72 10.23 7.45 8.71
N PHE B 73 11.26 6.72 8.29
CA PHE B 73 11.32 6.15 6.95
C PHE B 73 10.04 5.38 6.59
N ASN B 74 9.60 4.53 7.51
CA ASN B 74 8.40 3.71 7.30
C ASN B 74 7.16 4.59 7.14
N GLU B 75 7.00 5.54 8.06
CA GLU B 75 5.84 6.43 8.05
C GLU B 75 5.88 7.38 6.85
N TYR B 76 7.08 7.76 6.44
CA TYR B 76 7.26 8.66 5.30
C TYR B 76 6.86 7.96 4.01
N TRP B 77 7.22 6.68 3.90
CA TRP B 77 6.91 5.90 2.71
C TRP B 77 5.40 5.76 2.54
N ARG B 78 4.66 5.92 3.63
CA ARG B 78 3.20 5.83 3.58
C ARG B 78 2.63 6.92 2.70
N LEU B 79 3.33 8.06 2.64
CA LEU B 79 2.90 9.18 1.82
C LEU B 79 2.94 8.78 0.35
N ILE B 80 4.04 8.13 -0.04
CA ILE B 80 4.22 7.68 -1.41
C ILE B 80 3.14 6.67 -1.78
N GLY B 81 2.69 5.93 -0.78
CA GLY B 81 1.64 4.94 -0.98
C GLY B 81 0.35 5.58 -1.44
N GLU B 82 -0.01 6.69 -0.79
CA GLU B 82 -1.22 7.40 -1.14
C GLU B 82 -1.04 8.16 -2.46
N LEU B 83 0.20 8.54 -2.75
CA LEU B 83 0.50 9.26 -3.98
C LEU B 83 0.16 8.41 -5.19
N ALA B 84 0.56 7.15 -5.15
CA ALA B 84 0.30 6.22 -6.25
C ALA B 84 -1.20 6.05 -6.47
N LYS B 85 -1.96 6.08 -5.37
CA LYS B 85 -3.39 5.94 -5.45
C LYS B 85 -4.04 7.25 -5.89
N GLU B 86 -3.38 8.36 -5.58
CA GLU B 86 -3.88 9.68 -5.94
C GLU B 86 -3.69 9.98 -7.42
N ILE B 87 -2.75 9.29 -8.06
CA ILE B 87 -2.49 9.49 -9.47
C ILE B 87 -3.32 8.52 -10.32
N ARG B 88 -3.79 7.46 -9.70
CA ARG B 88 -4.59 6.46 -10.41
C ARG B 88 -6.08 6.68 -10.19
N LYS B 89 -6.47 6.83 -8.93
CA LYS B 89 -7.86 7.02 -8.59
C LYS B 89 -8.21 8.51 -8.46
N LYS B 90 -7.31 9.27 -7.84
CA LYS B 90 -7.52 10.69 -7.62
C LYS B 90 -8.80 10.91 -6.79
N LYS B 91 -9.90 11.19 -7.44
CA LYS B 91 -11.17 11.39 -6.75
C LYS B 91 -12.27 10.66 -7.51
N ASP B 92 -12.32 9.35 -7.31
CA ASP B 92 -13.32 8.50 -7.97
C ASP B 92 -14.69 8.76 -7.38
N LEU B 93 -15.30 9.84 -7.83
CA LEU B 93 -16.63 10.26 -7.40
C LEU B 93 -17.18 11.31 -8.36
N LYS B 94 -16.39 12.35 -8.57
CA LYS B 94 -16.80 13.43 -9.47
C LYS B 94 -15.79 13.58 -10.61
N ILE B 95 -14.61 14.10 -10.28
CA ILE B 95 -13.55 14.28 -11.25
C ILE B 95 -12.39 13.34 -10.95
N ARG B 96 -12.26 12.30 -11.75
CA ARG B 96 -11.20 11.32 -11.57
C ARG B 96 -10.15 11.43 -12.67
N LYS B 97 -9.24 10.46 -12.70
CA LYS B 97 -8.15 10.40 -13.68
C LYS B 97 -7.10 11.49 -13.40
N LYS B 98 -7.13 12.58 -14.16
CA LYS B 98 -6.18 13.66 -13.96
C LYS B 98 -6.68 14.94 -14.62
N MET C 1 -4.99 6.54 -17.93
CA MET C 1 -5.18 6.23 -19.35
C MET C 1 -4.01 6.76 -20.16
N ALA C 2 -3.37 7.80 -19.62
CA ALA C 2 -2.24 8.43 -20.26
C ALA C 2 -1.47 9.24 -19.24
N ALA C 3 -0.16 9.36 -19.42
CA ALA C 3 0.66 10.10 -18.49
C ALA C 3 1.36 11.27 -19.16
N GLU C 4 1.23 12.44 -18.54
CA GLU C 4 1.87 13.65 -19.04
C GLU C 4 3.19 13.86 -18.31
N PRO C 5 4.11 14.67 -18.86
CA PRO C 5 5.40 14.96 -18.21
C PRO C 5 5.19 15.57 -16.84
N LEU C 6 5.55 14.82 -15.80
CA LEU C 6 5.36 15.25 -14.42
C LEU C 6 6.70 15.57 -13.75
N THR C 7 6.68 15.76 -12.44
CA THR C 7 7.89 16.08 -11.70
C THR C 7 8.68 14.82 -11.30
N GLU C 8 9.82 15.02 -10.65
CA GLU C 8 10.70 13.93 -10.22
C GLU C 8 9.95 12.81 -9.51
N LEU C 9 9.33 13.13 -8.37
CA LEU C 9 8.60 12.14 -7.57
C LEU C 9 7.49 11.47 -8.38
N GLU C 10 6.73 12.25 -9.13
CA GLU C 10 5.65 11.72 -9.94
C GLU C 10 6.20 10.81 -11.03
N GLU C 11 7.39 11.13 -11.51
CA GLU C 11 8.04 10.33 -12.55
C GLU C 11 8.51 9.00 -11.99
N SER C 12 8.99 9.03 -10.75
CA SER C 12 9.47 7.82 -10.08
C SER C 12 8.35 6.78 -9.95
N ILE C 13 7.17 7.23 -9.54
CA ILE C 13 6.03 6.33 -9.39
C ILE C 13 5.45 5.96 -10.76
N GLU C 14 5.84 6.69 -11.78
CA GLU C 14 5.37 6.43 -13.13
C GLU C 14 6.25 5.36 -13.78
N THR C 15 7.52 5.34 -13.39
CA THR C 15 8.47 4.39 -13.92
C THR C 15 8.07 2.95 -13.57
N VAL C 16 7.45 2.77 -12.41
CA VAL C 16 7.02 1.44 -11.99
C VAL C 16 5.75 1.05 -12.74
N VAL C 17 5.05 2.06 -13.27
CA VAL C 17 3.83 1.84 -14.03
C VAL C 17 4.18 1.20 -15.37
N THR C 18 5.32 1.58 -15.93
CA THR C 18 5.76 1.03 -17.20
C THR C 18 6.09 -0.45 -17.04
N THR C 19 6.62 -0.83 -15.87
CA THR C 19 6.94 -2.22 -15.59
C THR C 19 5.65 -3.04 -15.49
N PHE C 20 4.62 -2.40 -14.97
CA PHE C 20 3.32 -3.04 -14.83
C PHE C 20 2.69 -3.25 -16.20
N PHE C 21 2.74 -2.21 -17.03
CA PHE C 21 2.14 -2.25 -18.36
C PHE C 21 2.97 -3.06 -19.36
N THR C 22 4.11 -3.59 -18.94
CA THR C 22 4.94 -4.39 -19.84
C THR C 22 4.86 -5.87 -19.48
N PHE C 23 4.57 -6.15 -18.22
CA PHE C 23 4.46 -7.53 -17.75
C PHE C 23 3.01 -8.00 -17.78
N ALA C 24 2.10 -7.11 -17.41
CA ALA C 24 0.68 -7.44 -17.39
C ALA C 24 0.01 -7.08 -18.71
N ARG C 25 0.32 -7.84 -19.75
CA ARG C 25 -0.25 -7.62 -21.06
C ARG C 25 0.07 -8.80 -21.99
N GLN C 26 0.21 -9.97 -21.39
CA GLN C 26 0.51 -11.18 -22.15
C GLN C 26 -0.68 -12.12 -22.12
N GLU C 27 -1.22 -12.34 -20.92
CA GLU C 27 -2.34 -13.23 -20.74
C GLU C 27 -3.64 -12.56 -21.14
N GLY C 28 -4.07 -11.58 -20.36
CA GLY C 28 -5.29 -10.88 -20.67
C GLY C 28 -5.53 -9.69 -19.77
N ARG C 29 -6.09 -8.63 -20.35
CA ARG C 29 -6.39 -7.38 -19.64
C ARG C 29 -5.12 -6.73 -19.09
N LYS C 30 -4.63 -5.73 -19.82
CA LYS C 30 -3.42 -5.01 -19.42
C LYS C 30 -3.70 -4.02 -18.28
N ASP C 31 -4.84 -4.21 -17.61
CA ASP C 31 -5.23 -3.34 -16.50
C ASP C 31 -5.08 -4.09 -15.18
N SER C 32 -4.62 -5.33 -15.26
CA SER C 32 -4.45 -6.15 -14.08
C SER C 32 -3.47 -7.30 -14.33
N LEU C 33 -2.98 -7.90 -13.24
CA LEU C 33 -2.06 -9.00 -13.32
C LEU C 33 -2.81 -10.32 -13.28
N SER C 34 -2.52 -11.23 -14.21
CA SER C 34 -3.17 -12.53 -14.24
C SER C 34 -2.47 -13.50 -13.29
N VAL C 35 -1.75 -14.49 -13.82
CA VAL C 35 -1.06 -15.44 -12.97
C VAL C 35 0.36 -15.72 -13.46
N ASN C 36 0.50 -16.02 -14.75
CA ASN C 36 1.81 -16.32 -15.33
C ASN C 36 2.65 -15.05 -15.37
N GLU C 37 2.00 -13.94 -15.70
CA GLU C 37 2.65 -12.66 -15.78
C GLU C 37 3.21 -12.24 -14.42
N PHE C 38 2.49 -12.60 -13.36
CA PHE C 38 2.90 -12.26 -12.01
C PHE C 38 4.09 -13.12 -11.61
N LYS C 39 4.03 -14.41 -11.93
CA LYS C 39 5.12 -15.32 -11.59
C LYS C 39 6.38 -14.99 -12.39
N GLU C 40 6.20 -14.56 -13.63
CA GLU C 40 7.32 -14.19 -14.48
C GLU C 40 7.96 -12.90 -13.97
N LEU C 41 7.15 -12.06 -13.37
CA LEU C 41 7.62 -10.78 -12.84
C LEU C 41 8.55 -11.00 -11.65
N VAL C 42 8.10 -11.78 -10.68
CA VAL C 42 8.89 -12.04 -9.48
C VAL C 42 10.15 -12.85 -9.79
N THR C 43 10.02 -13.82 -10.69
CA THR C 43 11.17 -14.65 -11.05
C THR C 43 11.94 -14.05 -12.24
N GLN C 44 12.11 -12.73 -12.22
CA GLN C 44 12.82 -12.05 -13.30
C GLN C 44 13.22 -10.64 -12.87
N GLN C 45 12.24 -9.83 -12.49
CA GLN C 45 12.49 -8.45 -12.09
C GLN C 45 12.65 -8.32 -10.58
N LEU C 46 12.11 -9.29 -9.83
CA LEU C 46 12.21 -9.26 -8.36
C LEU C 46 12.81 -10.56 -7.79
N PRO C 47 13.93 -11.08 -8.32
CA PRO C 47 14.52 -12.33 -7.83
C PRO C 47 15.32 -12.14 -6.54
N HIS C 48 15.80 -10.93 -6.32
CA HIS C 48 16.60 -10.63 -5.13
C HIS C 48 15.88 -9.63 -4.25
N LEU C 49 15.04 -8.79 -4.85
CA LEU C 49 14.30 -7.79 -4.10
C LEU C 49 13.20 -8.46 -3.31
N LEU C 50 12.60 -9.50 -3.88
CA LEU C 50 11.57 -10.27 -3.20
C LEU C 50 12.21 -11.56 -2.71
N LYS C 51 12.11 -11.81 -1.42
CA LYS C 51 12.72 -13.00 -0.84
C LYS C 51 11.85 -14.25 -1.01
N ASP C 52 11.43 -14.49 -2.25
CA ASP C 52 10.62 -15.66 -2.61
C ASP C 52 10.34 -15.65 -4.11
N VAL C 53 10.51 -16.81 -4.72
CA VAL C 53 10.26 -16.97 -6.16
C VAL C 53 9.58 -18.31 -6.42
N GLY C 54 9.03 -18.90 -5.37
CA GLY C 54 8.38 -20.18 -5.50
C GLY C 54 6.97 -20.18 -4.94
N SER C 55 6.81 -19.69 -3.72
CA SER C 55 5.52 -19.65 -3.06
C SER C 55 4.76 -18.38 -3.45
N LEU C 56 4.94 -17.94 -4.69
CA LEU C 56 4.28 -16.75 -5.20
C LEU C 56 2.76 -16.89 -5.14
N ASP C 57 2.29 -18.12 -5.35
CA ASP C 57 0.87 -18.41 -5.33
C ASP C 57 0.26 -18.06 -3.97
N GLU C 58 1.06 -18.21 -2.92
CA GLU C 58 0.61 -17.89 -1.57
C GLU C 58 0.45 -16.37 -1.42
N LYS C 59 1.44 -15.64 -1.94
CA LYS C 59 1.41 -14.18 -1.86
C LYS C 59 0.24 -13.63 -2.68
N MET C 60 -0.06 -14.30 -3.78
CA MET C 60 -1.15 -13.89 -4.66
C MET C 60 -2.47 -13.85 -3.87
N LYS C 61 -2.75 -14.93 -3.14
CA LYS C 61 -3.97 -15.03 -2.34
C LYS C 61 -3.97 -14.01 -1.20
N SER C 62 -2.79 -13.58 -0.79
CA SER C 62 -2.67 -12.61 0.29
C SER C 62 -2.75 -11.17 -0.24
N LEU C 63 -2.57 -11.01 -1.54
CA LEU C 63 -2.62 -9.69 -2.17
C LEU C 63 -4.03 -9.41 -2.69
N ASP C 64 -4.65 -10.44 -3.25
CA ASP C 64 -6.01 -10.31 -3.78
C ASP C 64 -7.03 -10.51 -2.67
N VAL C 65 -7.45 -9.40 -2.05
CA VAL C 65 -8.42 -9.44 -0.96
C VAL C 65 -9.82 -9.70 -1.48
N ASN C 66 -9.97 -9.64 -2.79
CA ASN C 66 -11.25 -9.88 -3.44
C ASN C 66 -11.38 -11.36 -3.72
N GLN C 67 -10.23 -11.96 -4.03
CA GLN C 67 -10.12 -13.38 -4.33
C GLN C 67 -10.94 -13.73 -5.55
N ASP C 68 -10.65 -13.06 -6.65
CA ASP C 68 -11.35 -13.31 -7.90
C ASP C 68 -10.34 -13.72 -8.96
N SER C 69 -9.08 -13.79 -8.55
CA SER C 69 -7.95 -14.20 -9.40
C SER C 69 -7.60 -13.13 -10.42
N GLU C 70 -7.73 -11.87 -10.01
CA GLU C 70 -7.39 -10.76 -10.87
C GLU C 70 -6.76 -9.64 -10.04
N LEU C 71 -5.46 -9.53 -10.13
CA LEU C 71 -4.73 -8.52 -9.39
C LEU C 71 -4.90 -7.16 -10.06
N LYS C 72 -5.96 -6.45 -9.66
CA LYS C 72 -6.28 -5.13 -10.20
C LYS C 72 -5.19 -4.11 -9.88
N PHE C 73 -5.32 -2.93 -10.47
CA PHE C 73 -4.38 -1.83 -10.26
C PHE C 73 -4.55 -1.21 -8.86
N ASN C 74 -4.45 -2.06 -7.86
CA ASN C 74 -4.59 -1.69 -6.46
C ASN C 74 -4.11 -2.86 -5.61
N GLU C 75 -4.55 -4.05 -5.99
CA GLU C 75 -4.17 -5.28 -5.29
C GLU C 75 -2.72 -5.60 -5.59
N TYR C 76 -2.35 -5.43 -6.87
CA TYR C 76 -0.99 -5.71 -7.31
C TYR C 76 -0.01 -4.71 -6.69
N TRP C 77 -0.48 -3.49 -6.46
CA TRP C 77 0.36 -2.44 -5.89
C TRP C 77 0.87 -2.86 -4.52
N ARG C 78 0.09 -3.67 -3.81
CA ARG C 78 0.46 -4.13 -2.47
C ARG C 78 1.81 -4.86 -2.52
N LEU C 79 2.10 -5.49 -3.64
CA LEU C 79 3.37 -6.21 -3.80
C LEU C 79 4.53 -5.21 -3.81
N ILE C 80 4.31 -4.07 -4.47
CA ILE C 80 5.31 -3.02 -4.56
C ILE C 80 5.60 -2.46 -3.18
N GLY C 81 4.55 -2.32 -2.37
CA GLY C 81 4.70 -1.82 -1.03
C GLY C 81 5.46 -2.78 -0.15
N GLU C 82 5.27 -4.07 -0.39
CA GLU C 82 5.95 -5.10 0.39
C GLU C 82 7.41 -5.21 -0.01
N LEU C 83 7.71 -5.19 -1.31
CA LEU C 83 9.11 -5.30 -1.76
C LEU C 83 9.91 -4.08 -1.31
N ALA C 84 9.23 -2.95 -1.14
CA ALA C 84 9.88 -1.73 -0.70
C ALA C 84 10.34 -1.86 0.75
N LYS C 85 9.63 -2.68 1.52
CA LYS C 85 9.97 -2.87 2.92
C LYS C 85 10.81 -4.13 3.10
N GLU C 86 10.92 -4.93 2.03
CA GLU C 86 11.70 -6.17 2.06
C GLU C 86 13.16 -5.88 2.34
N ILE C 87 13.63 -4.72 1.89
CA ILE C 87 15.02 -4.33 2.10
C ILE C 87 15.21 -3.80 3.52
N ARG C 88 14.13 -3.33 4.14
CA ARG C 88 14.19 -2.80 5.50
C ARG C 88 13.96 -3.91 6.52
N LYS C 89 12.91 -4.67 6.32
CA LYS C 89 12.58 -5.76 7.22
C LYS C 89 13.06 -7.08 6.66
N LYS C 90 13.86 -7.78 7.45
CA LYS C 90 14.40 -9.07 7.06
C LYS C 90 13.28 -10.10 6.93
N LYS C 91 12.60 -10.34 8.03
CA LYS C 91 11.51 -11.31 8.09
C LYS C 91 10.70 -11.06 9.35
N ASP C 92 10.90 -9.88 9.92
CA ASP C 92 10.25 -9.50 11.17
C ASP C 92 8.93 -8.80 10.92
N LEU C 93 7.91 -9.59 10.57
CA LEU C 93 6.58 -9.07 10.33
C LEU C 93 5.53 -10.12 10.72
N LYS C 94 5.21 -11.00 9.77
CA LYS C 94 4.24 -12.09 9.95
C LYS C 94 2.82 -11.57 10.19
N ILE C 95 2.59 -11.00 11.38
CA ILE C 95 1.29 -10.45 11.80
C ILE C 95 0.17 -11.50 11.74
N ARG C 96 -1.00 -11.11 12.23
CA ARG C 96 -2.17 -11.99 12.22
C ARG C 96 -3.42 -11.17 12.54
N LYS C 97 -4.15 -10.81 11.51
CA LYS C 97 -5.37 -10.02 11.68
C LYS C 97 -6.47 -10.60 10.81
N LYS C 98 -7.72 -10.38 11.22
CA LYS C 98 -8.86 -10.87 10.49
C LYS C 98 -9.84 -9.73 10.26
N GLU D 1 17.24 -26.74 -13.63
CA GLU D 1 16.70 -26.66 -12.25
C GLU D 1 17.80 -26.88 -11.22
N LYS D 2 18.05 -25.88 -10.40
CA LYS D 2 19.09 -25.98 -9.38
C LYS D 2 18.49 -25.89 -7.99
N LEU D 3 18.88 -26.82 -7.12
CA LEU D 3 18.40 -26.83 -5.75
C LEU D 3 19.56 -26.59 -4.79
N GLY D 4 20.78 -26.70 -5.30
CA GLY D 4 21.96 -26.48 -4.48
C GLY D 4 22.88 -27.69 -4.47
N LYS D 5 23.52 -27.91 -3.33
CA LYS D 5 24.43 -29.05 -3.19
C LYS D 5 24.20 -29.73 -1.85
N LEU D 6 24.34 -31.04 -1.82
CA LEU D 6 24.14 -31.80 -0.59
C LEU D 6 25.32 -32.73 -0.35
N GLN D 7 25.95 -32.58 0.81
CA GLN D 7 27.07 -33.42 1.16
C GLN D 7 26.55 -34.58 2.01
N TYR D 8 26.93 -35.80 1.65
CA TYR D 8 26.46 -36.97 2.39
C TYR D 8 27.46 -38.12 2.35
N SER D 9 27.34 -38.98 3.34
CA SER D 9 28.21 -40.14 3.46
C SER D 9 27.37 -41.40 3.61
N LEU D 10 27.58 -42.36 2.73
CA LEU D 10 26.81 -43.60 2.79
C LEU D 10 27.71 -44.80 3.02
N ASP D 11 27.35 -45.63 3.99
CA ASP D 11 28.09 -46.84 4.28
C ASP D 11 27.12 -48.00 4.37
N TYR D 12 27.61 -49.23 4.31
CA TYR D 12 26.73 -50.38 4.35
C TYR D 12 26.95 -51.21 5.60
N ASP D 13 25.85 -51.67 6.18
CA ASP D 13 25.90 -52.49 7.39
C ASP D 13 25.27 -53.85 7.10
N PHE D 14 26.06 -54.90 7.19
CA PHE D 14 25.59 -56.25 6.93
C PHE D 14 25.13 -56.94 8.21
N GLN D 15 25.31 -56.28 9.35
CA GLN D 15 24.92 -56.85 10.63
C GLN D 15 23.40 -56.82 10.79
N ASN D 16 22.77 -55.82 10.20
CA ASN D 16 21.32 -55.67 10.29
C ASN D 16 20.70 -55.60 8.90
N ASN D 17 21.55 -55.73 7.89
CA ASN D 17 21.13 -55.69 6.48
C ASN D 17 20.42 -54.40 6.12
N GLN D 18 21.19 -53.31 6.08
CA GLN D 18 20.66 -52.01 5.73
C GLN D 18 21.79 -51.05 5.40
N LEU D 19 21.47 -49.97 4.71
CA LEU D 19 22.47 -48.97 4.35
C LEU D 19 22.36 -47.77 5.27
N LEU D 20 23.50 -47.34 5.80
CA LEU D 20 23.54 -46.22 6.71
C LEU D 20 23.66 -44.92 5.92
N VAL D 21 22.53 -44.24 5.74
CA VAL D 21 22.50 -42.99 5.02
C VAL D 21 22.72 -41.83 5.98
N GLY D 22 23.94 -41.29 5.97
CA GLY D 22 24.27 -40.19 6.84
C GLY D 22 24.50 -38.91 6.07
N ILE D 23 23.47 -38.08 5.99
CA ILE D 23 23.57 -36.81 5.29
C ILE D 23 24.29 -35.80 6.17
N ILE D 24 25.27 -35.12 5.61
CA ILE D 24 26.04 -34.14 6.35
C ILE D 24 25.30 -32.81 6.43
N GLN D 25 25.06 -32.19 5.27
CA GLN D 25 24.37 -30.91 5.21
C GLN D 25 24.02 -30.55 3.77
N ALA D 26 23.25 -29.48 3.62
CA ALA D 26 22.85 -29.00 2.31
C ALA D 26 23.15 -27.51 2.21
N ALA D 27 23.39 -27.02 1.00
CA ALA D 27 23.71 -25.61 0.82
C ALA D 27 23.11 -25.07 -0.47
N GLU D 28 22.91 -23.75 -0.49
CA GLU D 28 22.37 -23.03 -1.65
C GLU D 28 20.92 -23.39 -1.94
N LEU D 29 20.15 -23.67 -0.89
CA LEU D 29 18.75 -24.03 -1.05
C LEU D 29 17.93 -22.79 -1.44
N PRO D 30 16.86 -22.98 -2.26
CA PRO D 30 16.00 -21.89 -2.71
C PRO D 30 15.15 -21.30 -1.58
N ALA D 31 14.54 -20.15 -1.85
CA ALA D 31 13.71 -19.46 -0.88
C ALA D 31 12.22 -19.59 -1.22
N LEU D 32 11.44 -20.04 -0.24
CA LEU D 32 10.00 -20.19 -0.40
C LEU D 32 9.28 -19.27 0.58
N ASP D 33 9.58 -19.46 1.85
CA ASP D 33 8.99 -18.66 2.91
C ASP D 33 9.47 -17.21 2.76
N MET D 34 8.53 -16.28 2.78
CA MET D 34 8.84 -14.86 2.63
C MET D 34 9.85 -14.41 3.67
N GLY D 35 11.06 -14.13 3.20
CA GLY D 35 12.13 -13.71 4.09
C GLY D 35 13.45 -14.32 3.68
N GLY D 36 13.41 -15.18 2.68
CA GLY D 36 14.62 -15.83 2.19
C GLY D 36 15.12 -16.86 3.18
N THR D 37 14.22 -17.38 3.98
CA THR D 37 14.56 -18.38 4.98
C THR D 37 13.40 -19.35 5.16
N SER D 38 13.45 -20.47 4.45
CA SER D 38 12.41 -21.48 4.54
C SER D 38 12.75 -22.53 5.60
N ASP D 39 11.89 -23.53 5.74
CA ASP D 39 12.10 -24.61 6.71
C ASP D 39 12.29 -25.94 5.96
N PRO D 40 13.47 -26.14 5.35
CA PRO D 40 13.75 -27.33 4.55
C PRO D 40 14.19 -28.53 5.38
N TYR D 41 13.39 -29.59 5.32
CA TYR D 41 13.70 -30.83 6.00
C TYR D 41 13.60 -31.98 4.99
N VAL D 42 14.60 -32.83 4.96
CA VAL D 42 14.63 -33.94 4.00
C VAL D 42 13.83 -35.14 4.50
N LYS D 43 13.07 -35.71 3.59
CA LYS D 43 12.28 -36.89 3.88
C LYS D 43 12.60 -37.95 2.84
N VAL D 44 13.07 -39.09 3.28
CA VAL D 44 13.45 -40.16 2.38
C VAL D 44 12.24 -40.95 1.91
N PHE D 45 12.07 -41.01 0.60
CA PHE D 45 10.98 -41.73 -0.01
C PHE D 45 11.55 -42.82 -0.91
N LEU D 46 10.79 -43.88 -1.11
CA LEU D 46 11.25 -44.99 -1.93
C LEU D 46 10.26 -45.30 -3.03
N LEU D 47 10.66 -46.23 -3.89
CA LEU D 47 9.83 -46.69 -5.00
C LEU D 47 8.78 -47.68 -4.43
N PRO D 48 8.05 -48.49 -5.27
CA PRO D 48 7.05 -49.47 -4.78
C PRO D 48 7.49 -50.27 -3.54
N ASP D 49 8.79 -50.30 -3.26
CA ASP D 49 9.34 -50.99 -2.09
C ASP D 49 8.61 -50.52 -0.84
N LYS D 50 8.71 -49.22 -0.58
CA LYS D 50 8.07 -48.56 0.57
C LYS D 50 8.35 -49.24 1.90
N LYS D 51 9.44 -49.97 2.01
CA LYS D 51 9.77 -50.64 3.26
C LYS D 51 10.68 -49.76 4.11
N LYS D 52 10.49 -48.45 3.99
CA LYS D 52 11.30 -47.48 4.73
C LYS D 52 10.79 -46.07 4.46
N LYS D 53 10.93 -45.21 5.47
CA LYS D 53 10.51 -43.82 5.37
C LYS D 53 10.97 -43.09 6.63
N PHE D 54 11.56 -41.92 6.46
CA PHE D 54 12.04 -41.17 7.61
C PHE D 54 11.87 -39.67 7.40
N GLU D 55 11.58 -38.97 8.48
CA GLU D 55 11.39 -37.54 8.46
C GLU D 55 12.39 -36.88 9.40
N THR D 56 13.24 -36.02 8.85
CA THR D 56 14.25 -35.33 9.66
C THR D 56 13.64 -34.24 10.53
N LYS D 57 14.48 -33.56 11.29
CA LYS D 57 14.02 -32.49 12.16
C LYS D 57 13.70 -31.25 11.33
N VAL D 58 12.65 -30.55 11.71
CA VAL D 58 12.26 -29.34 10.99
C VAL D 58 13.30 -28.23 11.20
N HIS D 59 14.17 -28.07 10.21
CA HIS D 59 15.22 -27.05 10.27
C HIS D 59 14.61 -25.70 9.93
N ARG D 60 14.02 -25.06 10.92
CA ARG D 60 13.35 -23.78 10.75
C ARG D 60 14.28 -22.65 10.32
N LYS D 61 13.79 -21.89 9.34
CA LYS D 61 14.47 -20.71 8.78
C LYS D 61 15.96 -20.92 8.56
N THR D 62 16.30 -21.64 7.51
CA THR D 62 17.70 -21.89 7.19
C THR D 62 17.85 -22.32 5.73
N LEU D 63 18.95 -21.91 5.12
CA LEU D 63 19.25 -22.25 3.74
C LEU D 63 20.36 -23.29 3.70
N ASN D 64 21.12 -23.35 4.79
CA ASN D 64 22.21 -24.29 4.93
C ASN D 64 22.00 -25.09 6.22
N PRO D 65 21.11 -26.10 6.18
CA PRO D 65 20.80 -26.91 7.35
C PRO D 65 21.88 -27.91 7.71
N VAL D 66 22.36 -27.82 8.93
CA VAL D 66 23.38 -28.74 9.45
C VAL D 66 22.80 -29.51 10.63
N PHE D 67 23.01 -30.82 10.65
CA PHE D 67 22.49 -31.65 11.73
C PHE D 67 23.06 -33.06 11.65
N ASN D 68 23.03 -33.62 10.44
CA ASN D 68 23.54 -34.97 10.18
C ASN D 68 22.60 -36.03 10.75
N GLU D 69 21.42 -36.13 10.17
CA GLU D 69 20.45 -37.13 10.59
C GLU D 69 20.77 -38.48 9.93
N GLN D 70 20.53 -39.55 10.65
CA GLN D 70 20.81 -40.89 10.15
C GLN D 70 19.56 -41.59 9.66
N PHE D 71 19.61 -42.12 8.45
CA PHE D 71 18.48 -42.85 7.89
C PHE D 71 18.86 -44.32 7.68
N THR D 72 18.00 -45.21 8.15
CA THR D 72 18.24 -46.63 8.03
C THR D 72 17.56 -47.19 6.78
N PHE D 73 18.36 -47.54 5.77
CA PHE D 73 17.83 -48.10 4.54
C PHE D 73 17.50 -49.57 4.76
N LYS D 74 16.38 -49.81 5.43
CA LYS D 74 15.91 -51.17 5.76
C LYS D 74 15.60 -51.99 4.51
N VAL D 75 16.62 -52.65 3.99
CA VAL D 75 16.50 -53.50 2.82
C VAL D 75 17.76 -54.35 2.69
N PRO D 76 17.61 -55.65 2.42
CA PRO D 76 18.75 -56.56 2.27
C PRO D 76 19.68 -56.11 1.15
N TYR D 77 20.99 -56.31 1.36
CA TYR D 77 21.98 -55.92 0.36
C TYR D 77 21.75 -56.65 -0.97
N SER D 78 21.10 -57.80 -0.89
CA SER D 78 20.80 -58.60 -2.06
C SER D 78 19.66 -58.00 -2.87
N GLU D 79 18.98 -57.02 -2.29
CA GLU D 79 17.86 -56.36 -2.96
C GLU D 79 18.13 -54.87 -3.14
N LEU D 80 19.38 -54.46 -2.96
CA LEU D 80 19.73 -53.05 -3.09
C LEU D 80 19.82 -52.65 -4.56
N GLY D 81 20.03 -53.64 -5.43
CA GLY D 81 20.15 -53.37 -6.85
C GLY D 81 18.86 -52.88 -7.47
N GLY D 82 17.76 -53.52 -7.13
CA GLY D 82 16.47 -53.14 -7.68
C GLY D 82 15.71 -52.19 -6.77
N LYS D 83 16.43 -51.53 -5.87
CA LYS D 83 15.80 -50.60 -4.94
C LYS D 83 16.45 -49.22 -5.01
N THR D 84 15.89 -48.36 -5.83
CA THR D 84 16.39 -47.00 -5.98
C THR D 84 15.71 -46.07 -4.98
N LEU D 85 16.50 -45.33 -4.22
CA LEU D 85 15.97 -44.43 -3.22
C LEU D 85 15.96 -42.99 -3.72
N VAL D 86 15.04 -42.19 -3.19
CA VAL D 86 14.94 -40.79 -3.54
C VAL D 86 14.92 -39.94 -2.28
N MET D 87 15.66 -38.84 -2.31
CA MET D 87 15.72 -37.94 -1.16
C MET D 87 15.09 -36.61 -1.53
N ALA D 88 13.91 -36.35 -1.02
CA ALA D 88 13.21 -35.11 -1.31
C ALA D 88 13.26 -34.16 -0.13
N VAL D 89 13.56 -32.90 -0.40
CA VAL D 89 13.60 -31.89 0.64
C VAL D 89 12.30 -31.09 0.63
N TYR D 90 11.54 -31.26 1.70
CA TYR D 90 10.27 -30.58 1.84
C TYR D 90 10.39 -29.36 2.72
N ASP D 91 9.63 -28.32 2.41
CA ASP D 91 9.65 -27.09 3.19
C ASP D 91 8.52 -27.12 4.22
N PHE D 92 8.65 -26.32 5.26
CA PHE D 92 7.64 -26.25 6.29
C PHE D 92 7.41 -24.81 6.73
N ASP D 93 6.95 -23.99 5.78
CA ASP D 93 6.67 -22.57 6.03
C ASP D 93 5.82 -22.36 7.29
N ARG D 94 4.96 -23.34 7.58
CA ARG D 94 4.06 -23.29 8.74
C ARG D 94 3.03 -22.18 8.57
N PHE D 95 2.74 -21.84 7.31
CA PHE D 95 1.77 -20.79 7.02
C PHE D 95 0.88 -21.15 5.83
N SER D 96 1.49 -21.59 4.73
CA SER D 96 0.71 -21.90 3.53
C SER D 96 1.01 -23.31 2.99
N LYS D 97 0.78 -23.49 1.68
CA LYS D 97 0.98 -24.77 1.02
C LYS D 97 2.42 -24.93 0.53
N HIS D 98 3.31 -25.27 1.44
CA HIS D 98 4.71 -25.52 1.11
C HIS D 98 4.84 -26.73 0.20
N ASP D 99 5.78 -26.68 -0.73
CA ASP D 99 6.00 -27.76 -1.67
C ASP D 99 7.42 -28.29 -1.59
N ILE D 100 7.80 -29.13 -2.54
CA ILE D 100 9.14 -29.70 -2.59
C ILE D 100 10.05 -28.82 -3.42
N ILE D 101 11.11 -28.31 -2.81
CA ILE D 101 12.05 -27.44 -3.51
C ILE D 101 12.93 -28.23 -4.46
N GLY D 102 13.06 -29.53 -4.21
CA GLY D 102 13.87 -30.37 -5.06
C GLY D 102 14.15 -31.72 -4.45
N GLU D 103 14.87 -32.55 -5.17
CA GLU D 103 15.20 -33.88 -4.70
C GLU D 103 16.28 -34.50 -5.58
N PHE D 104 16.76 -35.68 -5.19
CA PHE D 104 17.77 -36.38 -5.96
C PHE D 104 17.60 -37.88 -5.76
N LYS D 105 17.97 -38.65 -6.77
CA LYS D 105 17.86 -40.10 -6.71
C LYS D 105 19.04 -40.74 -7.42
N VAL D 106 19.48 -41.88 -6.93
CA VAL D 106 20.59 -42.59 -7.52
C VAL D 106 20.36 -44.10 -7.45
N PRO D 107 20.50 -44.80 -8.58
CA PRO D 107 20.31 -46.25 -8.62
C PRO D 107 21.42 -46.98 -7.86
N MET D 108 21.05 -47.63 -6.77
CA MET D 108 22.02 -48.35 -5.93
C MET D 108 22.67 -49.51 -6.69
N ASN D 109 22.05 -49.94 -7.78
CA ASN D 109 22.58 -51.03 -8.58
C ASN D 109 23.87 -50.60 -9.27
N THR D 110 23.98 -49.32 -9.57
CA THR D 110 25.16 -48.77 -10.22
C THR D 110 26.20 -48.36 -9.17
N VAL D 111 25.82 -48.45 -7.91
CA VAL D 111 26.71 -48.12 -6.81
C VAL D 111 27.30 -49.38 -6.21
N ASP D 112 28.60 -49.39 -6.01
CA ASP D 112 29.27 -50.55 -5.43
C ASP D 112 29.42 -50.39 -3.93
N PHE D 113 29.36 -51.49 -3.20
CA PHE D 113 29.49 -51.45 -1.75
C PHE D 113 30.85 -51.98 -1.32
N GLY D 114 31.89 -51.29 -1.75
CA GLY D 114 33.24 -51.67 -1.41
C GLY D 114 33.61 -51.25 0.00
N HIS D 115 33.43 -49.98 0.30
CA HIS D 115 33.75 -49.46 1.62
C HIS D 115 32.79 -48.34 2.02
N VAL D 116 33.06 -47.13 1.55
CA VAL D 116 32.21 -45.98 1.86
C VAL D 116 31.93 -45.16 0.61
N THR D 117 30.69 -44.72 0.47
CA THR D 117 30.29 -43.92 -0.67
C THR D 117 30.02 -42.48 -0.21
N GLU D 118 31.04 -41.64 -0.28
CA GLU D 118 30.92 -40.25 0.11
C GLU D 118 31.17 -39.34 -1.08
N GLU D 119 30.28 -38.38 -1.30
CA GLU D 119 30.43 -37.47 -2.43
C GLU D 119 29.59 -36.21 -2.22
N TRP D 120 29.85 -35.20 -3.06
CA TRP D 120 29.13 -33.95 -2.99
C TRP D 120 28.00 -33.95 -4.01
N ARG D 121 26.90 -34.57 -3.64
CA ARG D 121 25.73 -34.70 -4.50
C ARG D 121 25.14 -33.37 -4.92
N ASP D 122 24.77 -33.30 -6.19
CA ASP D 122 24.14 -32.12 -6.77
C ASP D 122 22.66 -32.15 -6.46
N LEU D 123 22.05 -30.99 -6.30
CA LEU D 123 20.64 -30.93 -6.00
C LEU D 123 19.87 -30.29 -7.15
N GLN D 124 18.80 -30.95 -7.58
CA GLN D 124 17.97 -30.46 -8.66
C GLN D 124 16.54 -30.18 -8.15
N SER D 125 15.92 -29.15 -8.69
CA SER D 125 14.57 -28.78 -8.31
C SER D 125 13.55 -29.56 -9.14
N ALA D 126 13.04 -30.65 -8.59
CA ALA D 126 12.06 -31.46 -9.29
C ALA D 126 10.69 -31.32 -8.65
N GLU D 127 9.83 -30.54 -9.29
CA GLU D 127 8.48 -30.33 -8.79
C GLU D 127 7.66 -31.61 -8.92
N LYS D 128 7.11 -32.07 -7.81
CA LYS D 128 6.31 -33.29 -7.80
C LYS D 128 4.82 -32.95 -7.82
N GLU A 1 -25.27 34.94 -13.08
CA GLU A 1 -24.82 34.68 -11.70
C GLU A 1 -25.74 33.66 -11.02
N LYS A 2 -25.37 32.39 -11.09
CA LYS A 2 -26.17 31.34 -10.48
C LYS A 2 -25.30 30.46 -9.60
N LEU A 3 -25.82 30.07 -8.44
CA LEU A 3 -25.10 29.23 -7.51
C LEU A 3 -26.05 28.26 -6.81
N GLY A 4 -27.20 28.05 -7.41
CA GLY A 4 -28.18 27.15 -6.83
C GLY A 4 -29.14 27.89 -5.91
N LYS A 5 -29.57 27.22 -4.86
CA LYS A 5 -30.49 27.84 -3.91
C LYS A 5 -30.12 27.44 -2.48
N LEU A 6 -30.57 28.24 -1.53
CA LEU A 6 -30.30 28.00 -0.12
C LEU A 6 -31.59 28.09 0.68
N GLN A 7 -31.85 27.08 1.49
CA GLN A 7 -33.04 27.05 2.32
C GLN A 7 -32.70 27.62 3.69
N TYR A 8 -33.50 28.56 4.17
CA TYR A 8 -33.23 29.17 5.46
C TYR A 8 -34.50 29.63 6.18
N SER A 9 -34.39 29.73 7.50
CA SER A 9 -35.49 30.18 8.33
C SER A 9 -34.99 31.22 9.31
N LEU A 10 -35.41 32.45 9.12
CA LEU A 10 -34.96 33.55 9.98
C LEU A 10 -36.06 34.06 10.89
N ASP A 11 -35.86 33.94 12.19
CA ASP A 11 -36.82 34.43 13.16
C ASP A 11 -36.16 35.53 13.98
N TYR A 12 -36.87 36.06 14.98
CA TYR A 12 -36.30 37.14 15.77
C TYR A 12 -36.68 37.01 17.24
N ASP A 13 -35.89 37.63 18.10
CA ASP A 13 -36.13 37.61 19.54
C ASP A 13 -35.95 39.02 20.09
N PHE A 14 -36.83 39.42 21.00
CA PHE A 14 -36.76 40.75 21.58
C PHE A 14 -36.23 40.71 23.02
N GLN A 15 -36.00 39.52 23.55
CA GLN A 15 -35.47 39.41 24.91
C GLN A 15 -34.00 39.81 24.89
N ASN A 16 -33.32 39.44 23.82
CA ASN A 16 -31.91 39.76 23.62
C ASN A 16 -31.79 40.76 22.48
N ASN A 17 -32.93 40.99 21.82
CA ASN A 17 -33.03 41.92 20.69
C ASN A 17 -32.02 41.57 19.61
N GLN A 18 -32.30 40.51 18.87
CA GLN A 18 -31.43 40.04 17.80
C GLN A 18 -32.23 39.17 16.83
N LEU A 19 -31.63 38.90 15.67
CA LEU A 19 -32.28 38.08 14.66
C LEU A 19 -31.63 36.70 14.63
N LEU A 20 -32.45 35.67 14.66
CA LEU A 20 -31.95 34.31 14.64
C LEU A 20 -31.81 33.83 13.21
N VAL A 21 -30.59 33.92 12.69
CA VAL A 21 -30.30 33.50 11.34
C VAL A 21 -29.98 32.01 11.32
N GLY A 22 -30.97 31.20 10.96
CA GLY A 22 -30.78 29.78 10.91
C GLY A 22 -30.96 29.23 9.51
N ILE A 23 -29.86 28.98 8.83
CA ILE A 23 -29.89 28.43 7.49
C ILE A 23 -29.92 26.91 7.57
N ILE A 24 -30.61 26.28 6.63
CA ILE A 24 -30.72 24.82 6.61
C ILE A 24 -29.59 24.20 5.79
N GLN A 25 -29.60 24.49 4.50
CA GLN A 25 -28.58 23.95 3.60
C GLN A 25 -28.58 24.68 2.26
N ALA A 26 -27.60 24.35 1.44
CA ALA A 26 -27.45 24.93 0.12
C ALA A 26 -27.33 23.81 -0.90
N ALA A 27 -27.85 24.03 -2.10
CA ALA A 27 -27.80 23.00 -3.14
C ALA A 27 -27.27 23.54 -4.46
N GLU A 28 -26.74 22.63 -5.27
CA GLU A 28 -26.20 22.94 -6.59
C GLU A 28 -24.99 23.87 -6.52
N LEU A 29 -24.16 23.68 -5.49
CA LEU A 29 -22.96 24.49 -5.33
C LEU A 29 -21.91 24.10 -6.38
N PRO A 30 -21.11 25.07 -6.85
CA PRO A 30 -20.07 24.83 -7.86
C PRO A 30 -18.85 24.14 -7.28
N ALA A 31 -18.05 23.54 -8.16
CA ALA A 31 -16.84 22.83 -7.75
C ALA A 31 -15.61 23.74 -7.84
N LEU A 32 -14.80 23.69 -6.80
CA LEU A 32 -13.59 24.50 -6.73
C LEU A 32 -12.36 23.61 -6.59
N ASP A 33 -12.41 22.69 -5.63
CA ASP A 33 -11.29 21.77 -5.39
C ASP A 33 -11.09 20.84 -6.57
N MET A 34 -9.89 20.31 -6.71
CA MET A 34 -9.55 19.41 -7.80
C MET A 34 -10.08 18.00 -7.53
N GLY A 35 -11.39 17.87 -7.49
CA GLY A 35 -12.02 16.59 -7.23
C GLY A 35 -13.50 16.60 -7.52
N GLY A 36 -13.96 17.66 -8.17
CA GLY A 36 -15.37 17.77 -8.50
C GLY A 36 -16.21 18.16 -7.29
N THR A 37 -15.53 18.68 -6.27
CA THR A 37 -16.19 19.10 -5.05
C THR A 37 -15.51 20.35 -4.51
N SER A 38 -16.05 20.91 -3.43
CA SER A 38 -15.49 22.10 -2.82
C SER A 38 -15.71 22.07 -1.32
N ASP A 39 -15.11 23.01 -0.62
CA ASP A 39 -15.25 23.12 0.83
C ASP A 39 -15.90 24.46 1.14
N PRO A 40 -17.18 24.64 0.81
CA PRO A 40 -17.88 25.89 0.98
C PRO A 40 -18.58 26.07 2.32
N TYR A 41 -18.22 27.13 3.01
CA TYR A 41 -18.84 27.47 4.28
C TYR A 41 -19.39 28.89 4.17
N VAL A 42 -20.42 29.21 4.96
CA VAL A 42 -21.02 30.52 4.88
C VAL A 42 -20.52 31.46 5.97
N LYS A 43 -20.16 32.66 5.55
CA LYS A 43 -19.68 33.67 6.48
C LYS A 43 -20.51 34.94 6.32
N VAL A 44 -20.90 35.53 7.43
CA VAL A 44 -21.72 36.74 7.39
C VAL A 44 -20.88 37.98 7.09
N PHE A 45 -21.14 38.57 5.94
CA PHE A 45 -20.43 39.77 5.52
C PHE A 45 -21.38 40.96 5.61
N LEU A 46 -21.35 41.61 6.76
CA LEU A 46 -22.23 42.75 7.01
C LEU A 46 -21.73 44.02 6.35
N LEU A 47 -22.62 45.02 6.34
CA LEU A 47 -22.33 46.33 5.79
C LEU A 47 -21.42 47.10 6.77
N PRO A 48 -21.19 48.44 6.59
CA PRO A 48 -20.33 49.24 7.51
C PRO A 48 -20.56 48.99 9.00
N ASP A 49 -21.70 48.37 9.36
CA ASP A 49 -22.02 48.05 10.75
C ASP A 49 -20.85 47.31 11.40
N LYS A 50 -20.51 46.16 10.80
CA LYS A 50 -19.38 45.32 11.24
C LYS A 50 -19.44 44.98 12.74
N LYS A 51 -20.61 45.03 13.33
CA LYS A 51 -20.77 44.71 14.74
C LYS A 51 -21.12 43.23 14.90
N LYS A 52 -20.58 42.41 14.00
CA LYS A 52 -20.85 40.97 14.01
C LYS A 52 -20.04 40.28 12.92
N LYS A 53 -19.60 39.06 13.20
CA LYS A 53 -18.83 38.27 12.25
C LYS A 53 -18.79 36.84 12.73
N PHE A 54 -19.12 35.90 11.86
CA PHE A 54 -19.13 34.50 12.25
C PHE A 54 -18.73 33.58 11.09
N GLU A 55 -17.91 32.60 11.40
CA GLU A 55 -17.45 31.61 10.43
C GLU A 55 -18.08 30.27 10.78
N THR A 56 -18.76 29.66 9.82
CA THR A 56 -19.42 28.38 10.05
C THR A 56 -18.46 27.21 9.98
N LYS A 57 -18.99 26.02 10.15
CA LYS A 57 -18.21 24.79 10.11
C LYS A 57 -17.70 24.54 8.70
N VAL A 58 -16.44 24.15 8.59
CA VAL A 58 -15.84 23.86 7.29
C VAL A 58 -16.49 22.60 6.69
N HIS A 59 -17.29 22.80 5.66
CA HIS A 59 -17.98 21.70 5.00
C HIS A 59 -17.07 21.16 3.89
N ARG A 60 -16.11 20.34 4.30
CA ARG A 60 -15.13 19.77 3.39
C ARG A 60 -15.73 18.78 2.38
N LYS A 61 -15.36 18.98 1.12
CA LYS A 61 -15.78 18.13 0.00
C LYS A 61 -17.28 17.86 -0.05
N THR A 62 -18.05 18.87 -0.44
CA THR A 62 -19.50 18.71 -0.54
C THR A 62 -20.13 19.86 -1.31
N LEU A 63 -21.15 19.53 -2.10
CA LEU A 63 -21.89 20.51 -2.87
C LEU A 63 -23.31 20.60 -2.35
N ASN A 64 -23.53 19.92 -1.24
CA ASN A 64 -24.83 19.87 -0.57
C ASN A 64 -24.58 19.71 0.92
N PRO A 65 -24.19 20.80 1.59
CA PRO A 65 -23.86 20.79 3.02
C PRO A 65 -25.06 20.97 3.94
N VAL A 66 -25.50 19.88 4.54
CA VAL A 66 -26.60 19.93 5.49
C VAL A 66 -26.03 20.03 6.90
N PHE A 67 -26.28 21.15 7.56
CA PHE A 67 -25.76 21.37 8.91
C PHE A 67 -26.76 22.13 9.78
N ASN A 68 -27.40 23.14 9.20
CA ASN A 68 -28.35 23.97 9.93
C ASN A 68 -27.65 24.70 11.07
N GLU A 69 -26.74 25.58 10.71
CA GLU A 69 -25.97 26.34 11.69
C GLU A 69 -26.69 27.65 12.00
N GLN A 70 -26.67 28.05 13.27
CA GLN A 70 -27.35 29.27 13.70
C GLN A 70 -26.39 30.42 13.94
N PHE A 71 -26.76 31.59 13.43
CA PHE A 71 -25.97 32.80 13.62
C PHE A 71 -26.79 33.84 14.39
N THR A 72 -26.16 34.43 15.40
CA THR A 72 -26.83 35.43 16.22
C THR A 72 -26.59 36.84 15.66
N PHE A 73 -27.63 37.41 15.05
CA PHE A 73 -27.52 38.75 14.48
C PHE A 73 -27.58 39.80 15.59
N LYS A 74 -26.41 40.14 16.12
CA LYS A 74 -26.30 41.12 17.22
C LYS A 74 -26.64 42.54 16.77
N VAL A 75 -27.93 42.84 16.69
CA VAL A 75 -28.41 44.17 16.31
C VAL A 75 -29.89 44.29 16.67
N PRO A 76 -30.26 45.33 17.42
CA PRO A 76 -31.66 45.56 17.82
C PRO A 76 -32.57 45.79 16.62
N TYR A 77 -33.83 45.40 16.76
CA TYR A 77 -34.80 45.56 15.68
C TYR A 77 -34.99 47.03 15.30
N SER A 78 -34.60 47.91 16.21
CA SER A 78 -34.71 49.35 15.99
C SER A 78 -33.71 49.80 14.91
N GLU A 79 -32.64 49.04 14.75
CA GLU A 79 -31.61 49.34 13.77
C GLU A 79 -31.69 48.39 12.58
N LEU A 80 -32.64 47.45 12.65
CA LEU A 80 -32.84 46.45 11.60
C LEU A 80 -33.22 47.09 10.27
N GLY A 81 -34.01 48.17 10.34
CA GLY A 81 -34.45 48.86 9.15
C GLY A 81 -33.29 49.38 8.31
N GLY A 82 -32.20 49.71 8.95
CA GLY A 82 -31.04 50.21 8.24
C GLY A 82 -29.88 49.26 8.32
N LYS A 83 -30.18 47.98 8.46
CA LYS A 83 -29.15 46.95 8.56
C LYS A 83 -29.36 45.87 7.51
N THR A 84 -28.55 45.91 6.47
CA THR A 84 -28.61 44.92 5.42
C THR A 84 -27.59 43.81 5.66
N LEU A 85 -28.04 42.56 5.64
CA LEU A 85 -27.14 41.45 5.88
C LEU A 85 -26.79 40.75 4.58
N VAL A 86 -25.54 40.31 4.49
CA VAL A 86 -25.04 39.60 3.32
C VAL A 86 -24.39 38.30 3.75
N MET A 87 -24.84 37.20 3.19
CA MET A 87 -24.28 35.90 3.51
C MET A 87 -23.45 35.39 2.34
N ALA A 88 -22.14 35.37 2.51
CA ALA A 88 -21.24 34.92 1.46
C ALA A 88 -20.71 33.54 1.75
N VAL A 89 -20.60 32.72 0.73
CA VAL A 89 -20.09 31.37 0.89
C VAL A 89 -18.66 31.30 0.35
N TYR A 90 -17.74 30.88 1.22
CA TYR A 90 -16.34 30.78 0.86
C TYR A 90 -15.88 29.33 0.80
N ASP A 91 -14.97 29.05 -0.12
CA ASP A 91 -14.43 27.70 -0.29
C ASP A 91 -13.14 27.55 0.50
N PHE A 92 -12.78 26.32 0.80
CA PHE A 92 -11.56 26.02 1.54
C PHE A 92 -10.84 24.83 0.91
N ASP A 93 -10.50 24.96 -0.37
CA ASP A 93 -9.79 23.91 -1.12
C ASP A 93 -8.47 23.52 -0.44
N ARG A 94 -7.97 24.39 0.43
CA ARG A 94 -6.75 24.16 1.20
C ARG A 94 -5.50 24.12 0.32
N PHE A 95 -5.49 24.84 -0.79
CA PHE A 95 -4.33 24.87 -1.66
C PHE A 95 -4.25 26.18 -2.42
N SER A 96 -5.21 26.38 -3.30
CA SER A 96 -5.28 27.58 -4.09
C SER A 96 -5.81 28.73 -3.26
N LYS A 97 -5.69 29.94 -3.76
CA LYS A 97 -6.20 31.09 -3.06
C LYS A 97 -7.69 31.20 -3.35
N HIS A 98 -8.45 30.30 -2.73
CA HIS A 98 -9.90 30.22 -2.90
C HIS A 98 -10.57 31.58 -2.87
N ASP A 99 -11.52 31.75 -3.77
CA ASP A 99 -12.26 32.99 -3.90
C ASP A 99 -13.74 32.74 -3.57
N ILE A 100 -14.48 33.81 -3.37
CA ILE A 100 -15.90 33.71 -3.05
C ILE A 100 -16.66 33.20 -4.28
N ILE A 101 -17.30 32.06 -4.17
CA ILE A 101 -18.04 31.51 -5.29
C ILE A 101 -19.37 32.23 -5.48
N GLY A 102 -19.98 32.67 -4.39
CA GLY A 102 -21.24 33.37 -4.48
C GLY A 102 -21.71 33.88 -3.13
N GLU A 103 -22.85 34.56 -3.14
CA GLU A 103 -23.42 35.12 -1.92
C GLU A 103 -24.86 35.58 -2.17
N PHE A 104 -25.48 36.13 -1.14
CA PHE A 104 -26.83 36.65 -1.25
C PHE A 104 -27.06 37.69 -0.17
N LYS A 105 -27.88 38.68 -0.47
CA LYS A 105 -28.18 39.74 0.47
C LYS A 105 -29.68 39.97 0.55
N VAL A 106 -30.14 40.42 1.69
CA VAL A 106 -31.56 40.68 1.89
C VAL A 106 -31.77 41.94 2.72
N PRO A 107 -32.58 42.88 2.21
CA PRO A 107 -32.87 44.14 2.90
C PRO A 107 -33.90 43.94 4.01
N MET A 108 -33.43 43.98 5.26
CA MET A 108 -34.30 43.80 6.42
C MET A 108 -35.29 44.97 6.55
N ASN A 109 -35.06 46.01 5.77
CA ASN A 109 -35.94 47.17 5.75
C ASN A 109 -37.30 46.76 5.21
N THR A 110 -37.28 45.94 4.17
CA THR A 110 -38.51 45.46 3.54
C THR A 110 -39.02 44.22 4.27
N VAL A 111 -38.11 43.42 4.80
CA VAL A 111 -38.47 42.21 5.52
C VAL A 111 -38.80 42.55 6.96
N ASP A 112 -40.08 42.75 7.23
CA ASP A 112 -40.54 43.09 8.56
C ASP A 112 -40.48 41.89 9.48
N PHE A 113 -40.42 42.16 10.78
CA PHE A 113 -40.36 41.09 11.77
C PHE A 113 -41.75 40.61 12.16
N GLY A 114 -42.46 40.04 11.19
CA GLY A 114 -43.80 39.53 11.45
C GLY A 114 -43.78 38.39 12.45
N HIS A 115 -43.22 37.26 12.05
CA HIS A 115 -43.12 36.10 12.92
C HIS A 115 -41.88 35.30 12.56
N VAL A 116 -41.97 34.53 11.49
CA VAL A 116 -40.85 33.71 11.04
C VAL A 116 -40.67 33.84 9.53
N THR A 117 -39.47 34.19 9.11
CA THR A 117 -39.17 34.35 7.71
C THR A 117 -38.62 33.05 7.13
N GLU A 118 -39.50 32.21 6.65
CA GLU A 118 -39.11 30.93 6.06
C GLU A 118 -39.34 30.97 4.56
N GLU A 119 -38.27 30.98 3.79
CA GLU A 119 -38.35 31.03 2.34
C GLU A 119 -37.18 30.33 1.68
N TRP A 120 -37.22 30.24 0.37
CA TRP A 120 -36.16 29.60 -0.40
C TRP A 120 -35.36 30.66 -1.14
N ARG A 121 -34.18 30.97 -0.63
CA ARG A 121 -33.32 32.00 -1.21
C ARG A 121 -32.48 31.46 -2.35
N ASP A 122 -32.31 32.27 -3.37
CA ASP A 122 -31.51 31.91 -4.53
C ASP A 122 -30.08 32.38 -4.31
N LEU A 123 -29.11 31.60 -4.77
CA LEU A 123 -27.72 31.96 -4.61
C LEU A 123 -27.16 32.51 -5.92
N GLN A 124 -26.43 33.61 -5.85
CA GLN A 124 -25.85 34.22 -7.04
C GLN A 124 -24.34 34.31 -6.92
N SER A 125 -23.65 34.03 -8.01
CA SER A 125 -22.20 34.08 -8.04
C SER A 125 -21.69 35.51 -8.18
N ALA A 126 -21.74 36.27 -7.09
CA ALA A 126 -21.28 37.65 -7.10
C ALA A 126 -19.76 37.68 -7.00
N GLU A 127 -19.10 37.90 -8.13
CA GLU A 127 -17.64 37.94 -8.17
C GLU A 127 -17.12 39.19 -7.46
N LYS A 128 -16.44 38.97 -6.36
CA LYS A 128 -15.88 40.06 -5.57
C LYS A 128 -14.41 40.25 -5.93
N MET B 1 32.81 0.96 -16.70
CA MET B 1 34.09 0.87 -15.96
C MET B 1 33.83 0.85 -14.45
N ALA B 2 33.24 1.94 -13.96
CA ALA B 2 32.93 2.07 -12.54
C ALA B 2 31.55 2.67 -12.36
N ALA B 3 31.02 2.61 -11.14
CA ALA B 3 29.70 3.14 -10.84
C ALA B 3 28.64 2.53 -11.75
N GLU B 4 28.59 1.20 -11.74
CA GLU B 4 27.64 0.46 -12.55
C GLU B 4 26.21 0.69 -12.08
N PRO B 5 25.25 0.68 -13.02
CA PRO B 5 23.82 0.88 -12.70
C PRO B 5 23.24 -0.32 -11.96
N LEU B 6 22.17 -0.09 -11.22
CA LEU B 6 21.52 -1.14 -10.47
C LEU B 6 20.38 -1.75 -11.30
N THR B 7 19.59 -2.60 -10.67
CA THR B 7 18.47 -3.23 -11.36
C THR B 7 17.37 -2.19 -11.63
N GLU B 8 16.45 -2.52 -12.54
CA GLU B 8 15.36 -1.62 -12.92
C GLU B 8 14.70 -0.95 -11.70
N LEU B 9 14.16 -1.77 -10.80
CA LEU B 9 13.48 -1.25 -9.62
C LEU B 9 14.46 -0.67 -8.59
N GLU B 10 15.72 -1.08 -8.68
CA GLU B 10 16.73 -0.58 -7.76
C GLU B 10 17.05 0.88 -8.08
N GLU B 11 17.05 1.20 -9.37
CA GLU B 11 17.33 2.55 -9.83
C GLU B 11 16.17 3.48 -9.45
N SER B 12 14.97 2.92 -9.36
CA SER B 12 13.78 3.69 -9.01
C SER B 12 13.76 4.00 -7.52
N ILE B 13 14.04 2.99 -6.69
CA ILE B 13 14.05 3.20 -5.25
C ILE B 13 15.24 4.06 -4.82
N GLU B 14 16.32 3.99 -5.59
CA GLU B 14 17.51 4.79 -5.29
C GLU B 14 17.22 6.27 -5.49
N THR B 15 16.49 6.60 -6.56
CA THR B 15 16.18 7.99 -6.86
C THR B 15 15.22 8.59 -5.82
N VAL B 16 14.40 7.75 -5.17
CA VAL B 16 13.49 8.29 -4.17
C VAL B 16 14.19 8.37 -2.82
N VAL B 17 15.15 7.48 -2.60
CA VAL B 17 15.91 7.46 -1.37
C VAL B 17 16.79 8.70 -1.27
N THR B 18 17.42 9.08 -2.38
CA THR B 18 18.28 10.26 -2.39
C THR B 18 17.46 11.51 -2.08
N THR B 19 16.28 11.63 -2.66
CA THR B 19 15.42 12.78 -2.41
C THR B 19 14.95 12.77 -0.95
N PHE B 20 14.57 11.59 -0.47
CA PHE B 20 14.13 11.44 0.91
C PHE B 20 15.26 11.83 1.86
N PHE B 21 16.49 11.45 1.51
CA PHE B 21 17.66 11.77 2.32
C PHE B 21 18.05 13.24 2.21
N THR B 22 17.35 13.98 1.36
CA THR B 22 17.62 15.40 1.19
C THR B 22 16.72 16.21 2.13
N PHE B 23 15.56 15.65 2.45
CA PHE B 23 14.62 16.31 3.32
C PHE B 23 14.75 15.82 4.75
N ALA B 24 15.02 14.52 4.90
CA ALA B 24 15.18 13.91 6.22
C ALA B 24 16.57 14.23 6.78
N ARG B 25 16.86 15.52 6.90
CA ARG B 25 18.14 16.00 7.39
C ARG B 25 18.14 17.54 7.42
N GLN B 26 16.96 18.13 7.45
CA GLN B 26 16.85 19.59 7.47
C GLN B 26 16.79 20.09 8.90
N GLU B 27 16.10 19.33 9.74
CA GLU B 27 15.97 19.66 11.16
C GLU B 27 16.89 18.77 11.98
N GLY B 28 16.56 17.48 12.04
CA GLY B 28 17.37 16.56 12.80
C GLY B 28 16.94 15.12 12.61
N ARG B 29 17.84 14.19 12.92
CA ARG B 29 17.59 12.76 12.79
C ARG B 29 17.43 12.34 11.34
N LYS B 30 18.55 12.08 10.67
CA LYS B 30 18.55 11.67 9.27
C LYS B 30 17.97 10.25 9.13
N ASP B 31 16.66 10.18 9.06
CA ASP B 31 15.94 8.91 8.94
C ASP B 31 14.45 9.17 8.93
N SER B 32 14.06 10.20 9.68
CA SER B 32 12.66 10.54 9.80
C SER B 32 12.39 11.94 9.26
N LEU B 33 11.12 12.23 9.01
CA LEU B 33 10.70 13.52 8.49
C LEU B 33 9.95 14.30 9.57
N SER B 34 10.49 15.45 9.94
CA SER B 34 9.86 16.31 10.92
C SER B 34 8.70 17.06 10.27
N VAL B 35 7.99 17.86 11.05
CA VAL B 35 6.85 18.63 10.54
C VAL B 35 7.24 19.55 9.39
N ASN B 36 8.28 20.34 9.60
CA ASN B 36 8.76 21.27 8.58
C ASN B 36 9.27 20.53 7.36
N GLU B 37 10.08 19.50 7.59
CA GLU B 37 10.68 18.71 6.51
C GLU B 37 9.61 18.01 5.67
N PHE B 38 8.59 17.49 6.34
CA PHE B 38 7.51 16.79 5.66
C PHE B 38 6.77 17.73 4.71
N LYS B 39 6.50 18.95 5.19
CA LYS B 39 5.82 19.94 4.39
C LYS B 39 6.71 20.44 3.24
N GLU B 40 8.02 20.47 3.50
CA GLU B 40 8.98 20.91 2.50
C GLU B 40 8.95 20.01 1.26
N LEU B 41 8.68 18.74 1.48
CA LEU B 41 8.61 17.77 0.39
C LEU B 41 7.42 18.06 -0.52
N VAL B 42 6.23 18.10 0.05
CA VAL B 42 5.02 18.34 -0.72
C VAL B 42 4.95 19.77 -1.27
N THR B 43 5.20 20.75 -0.43
CA THR B 43 5.15 22.14 -0.84
C THR B 43 6.46 22.57 -1.52
N GLN B 44 6.84 21.83 -2.56
CA GLN B 44 8.04 22.11 -3.32
C GLN B 44 8.15 21.21 -4.54
N GLN B 45 8.16 19.90 -4.29
CA GLN B 45 8.29 18.92 -5.38
C GLN B 45 7.00 18.18 -5.65
N LEU B 46 5.89 18.63 -5.09
CA LEU B 46 4.62 17.96 -5.31
C LEU B 46 3.44 18.95 -5.40
N PRO B 47 3.53 19.99 -6.25
CA PRO B 47 2.46 20.96 -6.43
C PRO B 47 1.63 20.66 -7.68
N HIS B 48 1.56 19.38 -8.03
CA HIS B 48 0.82 18.96 -9.21
C HIS B 48 -0.02 17.71 -8.93
N LEU B 49 0.63 16.65 -8.46
CA LEU B 49 -0.06 15.40 -8.17
C LEU B 49 -1.13 15.61 -7.09
N LEU B 50 -0.71 16.14 -5.95
CA LEU B 50 -1.63 16.39 -4.86
C LEU B 50 -1.57 17.87 -4.48
N LYS B 51 -2.72 18.52 -4.46
CA LYS B 51 -2.76 19.94 -4.15
C LYS B 51 -3.34 20.20 -2.76
N ASP B 52 -2.46 20.39 -1.79
CA ASP B 52 -2.87 20.67 -0.42
C ASP B 52 -1.73 21.28 0.37
N VAL B 53 -1.86 22.57 0.68
CA VAL B 53 -0.84 23.28 1.44
C VAL B 53 -1.46 24.00 2.63
N GLY B 54 -2.78 23.90 2.74
CA GLY B 54 -3.48 24.55 3.83
C GLY B 54 -3.90 23.59 4.92
N SER B 55 -3.69 22.30 4.69
CA SER B 55 -4.06 21.29 5.67
C SER B 55 -3.05 20.13 5.65
N LEU B 56 -1.78 20.47 5.83
CA LEU B 56 -0.72 19.47 5.86
C LEU B 56 -0.88 18.59 7.09
N ASP B 57 -1.43 19.17 8.16
CA ASP B 57 -1.65 18.47 9.41
C ASP B 57 -2.62 17.30 9.20
N GLU B 58 -3.57 17.48 8.28
CA GLU B 58 -4.56 16.46 7.98
C GLU B 58 -3.86 15.20 7.45
N LYS B 59 -2.75 15.39 6.76
CA LYS B 59 -1.99 14.27 6.22
C LYS B 59 -1.17 13.62 7.31
N MET B 60 -0.52 14.44 8.13
CA MET B 60 0.29 13.94 9.23
C MET B 60 -0.53 13.06 10.17
N LYS B 61 -1.71 13.53 10.53
CA LYS B 61 -2.59 12.81 11.45
C LYS B 61 -3.17 11.54 10.79
N SER B 62 -3.09 11.46 9.47
CA SER B 62 -3.61 10.31 8.75
C SER B 62 -2.51 9.28 8.52
N LEU B 63 -1.28 9.76 8.37
CA LEU B 63 -0.15 8.88 8.13
C LEU B 63 0.41 8.37 9.45
N ASP B 64 0.64 9.28 10.39
CA ASP B 64 1.17 8.92 11.70
C ASP B 64 0.03 8.47 12.60
N VAL B 65 -0.18 7.16 12.64
CA VAL B 65 -1.24 6.59 13.45
C VAL B 65 -0.75 6.29 14.87
N ASN B 66 0.40 6.84 15.22
CA ASN B 66 0.96 6.64 16.55
C ASN B 66 1.18 7.98 17.26
N GLN B 67 1.24 9.05 16.46
CA GLN B 67 1.41 10.41 16.97
C GLN B 67 2.77 10.60 17.65
N ASP B 68 3.82 10.48 16.87
CA ASP B 68 5.18 10.64 17.36
C ASP B 68 5.71 11.99 16.90
N SER B 69 4.94 12.64 16.01
CA SER B 69 5.31 13.94 15.46
C SER B 69 6.58 13.81 14.62
N GLU B 70 6.83 12.61 14.15
CA GLU B 70 8.00 12.31 13.36
C GLU B 70 7.67 11.18 12.39
N LEU B 71 7.71 11.47 11.11
CA LEU B 71 7.40 10.49 10.09
C LEU B 71 8.65 9.74 9.66
N LYS B 72 8.87 8.56 10.22
CA LYS B 72 10.05 7.76 9.86
C LYS B 72 9.87 7.21 8.46
N PHE B 73 10.92 6.60 7.92
CA PHE B 73 10.88 6.04 6.57
C PHE B 73 9.71 5.06 6.40
N ASN B 74 9.30 4.45 7.50
CA ASN B 74 8.19 3.51 7.48
C ASN B 74 6.86 4.22 7.21
N GLU B 75 6.58 5.25 8.01
CA GLU B 75 5.36 6.03 7.85
C GLU B 75 5.41 6.88 6.59
N TYR B 76 6.61 7.31 6.24
CA TYR B 76 6.83 8.14 5.06
C TYR B 76 6.40 7.44 3.78
N TRP B 77 6.56 6.12 3.74
CA TRP B 77 6.17 5.33 2.57
C TRP B 77 4.67 5.44 2.32
N ARG B 78 3.90 5.58 3.39
CA ARG B 78 2.44 5.69 3.27
C ARG B 78 2.04 6.92 2.46
N LEU B 79 2.88 7.96 2.51
CA LEU B 79 2.61 9.19 1.75
C LEU B 79 2.67 8.89 0.26
N ILE B 80 3.71 8.18 -0.14
CA ILE B 80 3.90 7.81 -1.55
C ILE B 80 2.78 6.88 -2.01
N GLY B 81 2.25 6.10 -1.06
CA GLY B 81 1.17 5.19 -1.37
C GLY B 81 -0.08 5.93 -1.79
N GLU B 82 -0.34 7.07 -1.15
CA GLU B 82 -1.49 7.89 -1.48
C GLU B 82 -1.26 8.61 -2.80
N LEU B 83 -0.01 8.96 -3.06
CA LEU B 83 0.37 9.65 -4.29
C LEU B 83 0.08 8.77 -5.52
N ALA B 84 0.41 7.49 -5.40
CA ALA B 84 0.19 6.54 -6.49
C ALA B 84 -1.30 6.39 -6.79
N LYS B 85 -2.13 6.57 -5.77
CA LYS B 85 -3.57 6.47 -5.94
C LYS B 85 -4.13 7.74 -6.56
N GLU B 86 -3.52 8.86 -6.23
CA GLU B 86 -3.97 10.15 -6.75
C GLU B 86 -3.54 10.37 -8.21
N ILE B 87 -2.74 9.46 -8.74
CA ILE B 87 -2.28 9.62 -10.12
C ILE B 87 -3.16 8.85 -11.10
N ARG B 88 -3.95 7.89 -10.61
CA ARG B 88 -4.82 7.12 -11.49
C ARG B 88 -6.25 7.07 -10.97
N LYS B 89 -6.42 7.01 -9.66
CA LYS B 89 -7.75 6.96 -9.06
C LYS B 89 -8.24 8.36 -8.73
N LYS B 90 -7.47 9.06 -7.90
CA LYS B 90 -7.81 10.43 -7.48
C LYS B 90 -9.24 10.45 -6.91
N LYS B 91 -10.06 11.36 -7.40
CA LYS B 91 -11.43 11.48 -6.93
C LYS B 91 -12.37 10.74 -7.88
N ASP B 92 -12.31 9.42 -7.81
CA ASP B 92 -13.13 8.55 -8.65
C ASP B 92 -14.59 8.61 -8.19
N LEU B 93 -15.24 9.71 -8.53
CA LEU B 93 -16.63 9.95 -8.18
C LEU B 93 -17.17 11.09 -9.02
N LYS B 94 -16.31 12.09 -9.27
CA LYS B 94 -16.68 13.25 -10.07
C LYS B 94 -15.73 13.40 -11.25
N ILE B 95 -14.53 13.87 -10.96
CA ILE B 95 -13.52 14.04 -11.99
C ILE B 95 -12.25 13.32 -11.60
N ARG B 96 -11.74 12.51 -12.51
CA ARG B 96 -10.53 11.75 -12.27
C ARG B 96 -9.32 12.52 -12.79
N LYS B 97 -9.49 13.13 -13.97
CA LYS B 97 -8.46 13.93 -14.63
C LYS B 97 -7.24 13.07 -14.96
N LYS B 98 -6.30 12.98 -14.02
CA LYS B 98 -5.09 12.21 -14.23
C LYS B 98 -4.43 11.92 -12.90
N MET C 1 -5.86 8.83 -19.01
CA MET C 1 -5.47 7.44 -19.27
C MET C 1 -3.99 7.38 -19.59
N ALA C 2 -3.47 8.46 -20.13
CA ALA C 2 -2.06 8.55 -20.49
C ALA C 2 -1.35 9.56 -19.60
N ALA C 3 -0.07 9.33 -19.36
CA ALA C 3 0.72 10.21 -18.52
C ALA C 3 1.07 11.51 -19.25
N GLU C 4 1.44 12.52 -18.47
CA GLU C 4 1.81 13.82 -19.00
C GLU C 4 3.12 14.25 -18.34
N PRO C 5 3.72 15.40 -18.70
CA PRO C 5 4.97 15.86 -18.08
C PRO C 5 4.89 15.84 -16.55
N LEU C 6 5.69 14.97 -15.95
CA LEU C 6 5.69 14.82 -14.50
C LEU C 6 7.04 15.22 -13.90
N THR C 7 7.07 15.40 -12.59
CA THR C 7 8.30 15.77 -11.89
C THR C 7 9.06 14.52 -11.43
N GLU C 8 10.17 14.73 -10.71
CA GLU C 8 11.01 13.62 -10.22
C GLU C 8 10.19 12.57 -9.46
N LEU C 9 9.54 13.00 -8.39
CA LEU C 9 8.73 12.11 -7.56
C LEU C 9 7.68 11.38 -8.39
N GLU C 10 6.98 12.13 -9.23
CA GLU C 10 5.92 11.58 -10.06
C GLU C 10 6.48 10.58 -11.08
N GLU C 11 7.63 10.90 -11.67
CA GLU C 11 8.24 10.01 -12.65
C GLU C 11 8.71 8.72 -11.97
N SER C 12 9.09 8.84 -10.70
CA SER C 12 9.55 7.70 -9.92
C SER C 12 8.43 6.67 -9.75
N ILE C 13 7.21 7.15 -9.58
CA ILE C 13 6.07 6.25 -9.42
C ILE C 13 5.46 5.91 -10.77
N GLU C 14 5.98 6.52 -11.83
CA GLU C 14 5.48 6.27 -13.18
C GLU C 14 6.23 5.09 -13.80
N THR C 15 7.55 5.05 -13.58
CA THR C 15 8.37 3.98 -14.13
C THR C 15 7.91 2.61 -13.65
N VAL C 16 7.40 2.53 -12.42
CA VAL C 16 6.92 1.26 -11.88
C VAL C 16 5.63 0.84 -12.58
N VAL C 17 4.84 1.83 -13.00
CA VAL C 17 3.60 1.57 -13.72
C VAL C 17 3.93 1.14 -15.14
N THR C 18 5.01 1.72 -15.67
CA THR C 18 5.48 1.40 -17.00
C THR C 18 5.82 -0.10 -17.09
N THR C 19 6.53 -0.60 -16.08
CA THR C 19 6.90 -2.01 -16.02
C THR C 19 5.65 -2.89 -15.99
N PHE C 20 4.65 -2.44 -15.24
CA PHE C 20 3.40 -3.17 -15.12
C PHE C 20 2.70 -3.25 -16.47
N PHE C 21 2.62 -2.12 -17.16
CA PHE C 21 1.96 -2.04 -18.45
C PHE C 21 2.71 -2.82 -19.53
N THR C 22 4.03 -2.96 -19.38
CA THR C 22 4.82 -3.68 -20.36
C THR C 22 4.78 -5.18 -20.11
N PHE C 23 4.43 -5.57 -18.89
CA PHE C 23 4.34 -6.97 -18.54
C PHE C 23 2.93 -7.49 -18.77
N ALA C 24 1.95 -6.61 -18.55
CA ALA C 24 0.54 -6.95 -18.73
C ALA C 24 0.16 -6.95 -20.21
N ARG C 25 0.77 -7.86 -20.97
CA ARG C 25 0.49 -7.99 -22.39
C ARG C 25 0.75 -9.43 -22.84
N GLN C 26 0.92 -10.32 -21.87
CA GLN C 26 1.21 -11.71 -22.16
C GLN C 26 -0.07 -12.54 -22.16
N GLU C 27 -1.00 -12.22 -21.27
CA GLU C 27 -2.25 -12.95 -21.20
C GLU C 27 -3.44 -12.09 -21.68
N GLY C 28 -4.11 -11.40 -20.76
CA GLY C 28 -5.25 -10.60 -21.17
C GLY C 28 -5.56 -9.47 -20.20
N ARG C 29 -6.13 -8.39 -20.75
CA ARG C 29 -6.52 -7.21 -19.98
C ARG C 29 -5.31 -6.55 -19.32
N LYS C 30 -4.77 -5.54 -19.99
CA LYS C 30 -3.60 -4.81 -19.49
C LYS C 30 -3.95 -3.93 -18.30
N ASP C 31 -5.22 -3.91 -17.93
CA ASP C 31 -5.67 -3.13 -16.77
C ASP C 31 -5.46 -3.95 -15.51
N SER C 32 -4.85 -5.11 -15.67
CA SER C 32 -4.60 -6.02 -14.57
C SER C 32 -3.42 -6.93 -14.87
N LEU C 33 -2.94 -7.63 -13.85
CA LEU C 33 -1.83 -8.56 -14.02
C LEU C 33 -2.35 -9.99 -13.89
N SER C 34 -2.15 -10.78 -14.93
CA SER C 34 -2.59 -12.16 -14.92
C SER C 34 -1.63 -13.04 -14.10
N VAL C 35 -2.02 -14.29 -13.88
CA VAL C 35 -1.20 -15.22 -13.09
C VAL C 35 0.17 -15.47 -13.72
N ASN C 36 0.21 -15.66 -15.04
CA ASN C 36 1.48 -15.91 -15.72
C ASN C 36 2.34 -14.67 -15.72
N GLU C 37 1.72 -13.54 -16.00
CA GLU C 37 2.41 -12.27 -16.04
C GLU C 37 2.97 -11.91 -14.66
N PHE C 38 2.19 -12.21 -13.62
CA PHE C 38 2.59 -11.94 -12.25
C PHE C 38 3.84 -12.74 -11.89
N LYS C 39 3.84 -14.02 -12.25
CA LYS C 39 4.97 -14.89 -11.95
C LYS C 39 6.17 -14.52 -12.81
N GLU C 40 5.92 -14.04 -14.02
CA GLU C 40 6.99 -13.64 -14.93
C GLU C 40 7.70 -12.40 -14.40
N LEU C 41 6.99 -11.63 -13.58
CA LEU C 41 7.54 -10.41 -13.01
C LEU C 41 8.51 -10.73 -11.87
N VAL C 42 8.12 -11.64 -10.99
CA VAL C 42 8.95 -12.00 -9.84
C VAL C 42 10.13 -12.89 -10.24
N THR C 43 9.89 -13.82 -11.16
CA THR C 43 10.95 -14.75 -11.57
C THR C 43 11.80 -14.16 -12.70
N GLN C 44 11.88 -12.83 -12.76
CA GLN C 44 12.65 -12.16 -13.79
C GLN C 44 13.13 -10.79 -13.34
N GLN C 45 12.19 -9.97 -12.86
CA GLN C 45 12.52 -8.60 -12.43
C GLN C 45 12.88 -8.54 -10.94
N LEU C 46 12.09 -9.18 -10.08
CA LEU C 46 12.36 -9.15 -8.63
C LEU C 46 12.58 -10.54 -8.05
N PRO C 47 13.71 -11.20 -8.35
CA PRO C 47 14.00 -12.53 -7.83
C PRO C 47 14.71 -12.49 -6.48
N HIS C 48 15.38 -11.38 -6.19
CA HIS C 48 16.11 -11.24 -4.93
C HIS C 48 15.49 -10.17 -4.04
N LEU C 49 14.94 -9.13 -4.65
CA LEU C 49 14.30 -8.05 -3.91
C LEU C 49 13.10 -8.59 -3.14
N LEU C 50 12.42 -9.55 -3.77
CA LEU C 50 11.29 -10.20 -3.15
C LEU C 50 11.76 -11.53 -2.61
N LYS C 51 11.62 -11.72 -1.32
CA LYS C 51 12.09 -12.93 -0.66
C LYS C 51 11.12 -14.09 -0.82
N ASP C 52 10.56 -14.24 -2.01
CA ASP C 52 9.64 -15.33 -2.32
C ASP C 52 9.39 -15.39 -3.81
N VAL C 53 9.81 -16.49 -4.42
CA VAL C 53 9.62 -16.69 -5.85
C VAL C 53 9.00 -18.06 -6.10
N GLY C 54 8.47 -18.66 -5.04
CA GLY C 54 7.86 -19.97 -5.15
C GLY C 54 6.44 -20.01 -4.65
N SER C 55 6.20 -19.35 -3.53
CA SER C 55 4.87 -19.31 -2.93
C SER C 55 4.07 -18.12 -3.45
N LEU C 56 4.26 -17.81 -4.73
CA LEU C 56 3.58 -16.69 -5.37
C LEU C 56 2.08 -16.90 -5.40
N ASP C 57 1.67 -18.16 -5.44
CA ASP C 57 0.25 -18.50 -5.48
C ASP C 57 -0.45 -17.98 -4.24
N GLU C 58 0.29 -17.91 -3.14
CA GLU C 58 -0.23 -17.41 -1.88
C GLU C 58 -0.39 -15.89 -1.95
N LYS C 59 0.69 -15.20 -2.34
CA LYS C 59 0.67 -13.75 -2.45
C LYS C 59 -0.39 -13.28 -3.44
N MET C 60 -0.51 -14.01 -4.54
CA MET C 60 -1.48 -13.70 -5.59
C MET C 60 -2.89 -13.66 -5.02
N LYS C 61 -3.16 -14.52 -4.06
CA LYS C 61 -4.47 -14.59 -3.45
C LYS C 61 -4.63 -13.57 -2.32
N SER C 62 -3.59 -13.41 -1.52
CA SER C 62 -3.60 -12.48 -0.41
C SER C 62 -3.64 -11.03 -0.87
N LEU C 63 -3.07 -10.74 -2.03
CA LEU C 63 -3.04 -9.37 -2.54
C LEU C 63 -4.26 -9.05 -3.40
N ASP C 64 -4.95 -10.08 -3.87
CA ASP C 64 -6.13 -9.90 -4.73
C ASP C 64 -7.34 -9.48 -3.89
N VAL C 65 -7.41 -10.02 -2.67
CA VAL C 65 -8.46 -9.76 -1.67
C VAL C 65 -9.89 -10.16 -2.11
N ASN C 66 -10.29 -9.87 -3.34
CA ASN C 66 -11.63 -10.24 -3.79
C ASN C 66 -11.64 -11.66 -4.36
N GLN C 67 -10.43 -12.13 -4.69
CA GLN C 67 -10.22 -13.47 -5.20
C GLN C 67 -10.92 -13.69 -6.54
N ASP C 68 -10.61 -12.87 -7.54
CA ASP C 68 -11.19 -13.03 -8.86
C ASP C 68 -10.10 -13.43 -9.85
N SER C 69 -8.86 -13.50 -9.32
CA SER C 69 -7.68 -13.90 -10.09
C SER C 69 -7.27 -12.84 -11.10
N GLU C 70 -7.75 -11.63 -10.92
CA GLU C 70 -7.43 -10.53 -11.81
C GLU C 70 -6.83 -9.38 -11.00
N LEU C 71 -5.52 -9.46 -10.76
CA LEU C 71 -4.82 -8.44 -9.98
C LEU C 71 -5.01 -7.06 -10.58
N LYS C 72 -5.90 -6.28 -9.98
CA LYS C 72 -6.20 -4.94 -10.44
C LYS C 72 -5.10 -3.96 -10.05
N PHE C 73 -5.23 -2.71 -10.46
CA PHE C 73 -4.23 -1.68 -10.15
C PHE C 73 -3.97 -1.56 -8.66
N ASN C 74 -5.04 -1.39 -7.89
CA ASN C 74 -4.94 -1.25 -6.44
C ASN C 74 -4.36 -2.50 -5.79
N GLU C 75 -4.84 -3.65 -6.24
CA GLU C 75 -4.41 -4.95 -5.74
C GLU C 75 -2.95 -5.22 -6.07
N TYR C 76 -2.56 -4.94 -7.31
CA TYR C 76 -1.19 -5.17 -7.76
C TYR C 76 -0.20 -4.26 -7.05
N TRP C 77 -0.62 -3.02 -6.77
CA TRP C 77 0.25 -2.05 -6.11
C TRP C 77 0.76 -2.59 -4.78
N ARG C 78 -0.03 -3.43 -4.12
CA ARG C 78 0.35 -4.01 -2.85
C ARG C 78 1.69 -4.74 -2.96
N LEU C 79 1.96 -5.33 -4.12
CA LEU C 79 3.21 -6.05 -4.34
C LEU C 79 4.38 -5.07 -4.29
N ILE C 80 4.17 -3.89 -4.85
CA ILE C 80 5.20 -2.85 -4.87
C ILE C 80 5.46 -2.37 -3.45
N GLY C 81 4.39 -2.27 -2.67
CA GLY C 81 4.51 -1.83 -1.30
C GLY C 81 5.22 -2.86 -0.44
N GLU C 82 5.06 -4.13 -0.80
CA GLU C 82 5.69 -5.21 -0.06
C GLU C 82 7.19 -5.24 -0.32
N LEU C 83 7.59 -5.13 -1.59
CA LEU C 83 9.02 -5.14 -1.93
C LEU C 83 9.73 -3.93 -1.32
N ALA C 84 8.97 -2.88 -1.05
CA ALA C 84 9.51 -1.67 -0.47
C ALA C 84 9.85 -1.91 1.00
N LYS C 85 9.03 -2.71 1.67
CA LYS C 85 9.26 -3.01 3.07
C LYS C 85 10.18 -4.21 3.21
N GLU C 86 10.35 -4.96 2.13
CA GLU C 86 11.21 -6.15 2.12
C GLU C 86 12.67 -5.78 2.43
N ILE C 87 13.11 -4.64 1.93
CA ILE C 87 14.47 -4.18 2.16
C ILE C 87 14.60 -3.53 3.55
N ARG C 88 13.47 -3.27 4.18
CA ARG C 88 13.46 -2.65 5.50
C ARG C 88 13.31 -3.71 6.59
N LYS C 89 12.36 -4.62 6.39
CA LYS C 89 12.11 -5.68 7.33
C LYS C 89 12.48 -7.03 6.74
N LYS C 90 13.31 -7.76 7.46
CA LYS C 90 13.76 -9.07 7.03
C LYS C 90 12.62 -10.08 7.02
N LYS C 91 11.98 -10.26 8.16
CA LYS C 91 10.87 -11.21 8.30
C LYS C 91 10.03 -10.88 9.51
N ASP C 92 10.08 -9.61 9.92
CA ASP C 92 9.36 -9.15 11.10
C ASP C 92 7.96 -8.63 10.73
N LEU C 93 7.11 -9.53 10.26
CA LEU C 93 5.75 -9.17 9.89
C LEU C 93 4.77 -10.31 10.22
N LYS C 94 4.52 -11.18 9.23
CA LYS C 94 3.62 -12.33 9.38
C LYS C 94 2.16 -11.88 9.49
N ILE C 95 1.82 -11.31 10.64
CA ILE C 95 0.45 -10.80 10.95
C ILE C 95 -0.63 -11.89 10.85
N ARG C 96 -1.79 -11.58 11.42
CA ARG C 96 -2.94 -12.49 11.39
C ARG C 96 -4.23 -11.68 11.58
N LYS C 97 -4.25 -10.49 10.99
CA LYS C 97 -5.41 -9.61 11.09
C LYS C 97 -6.49 -10.01 10.09
N LYS C 98 -7.72 -10.09 10.56
CA LYS C 98 -8.84 -10.45 9.71
C LYS C 98 -9.97 -9.45 9.90
N GLU D 1 17.36 -27.18 -13.35
CA GLU D 1 17.10 -27.65 -11.97
C GLU D 1 18.31 -27.42 -11.08
N LYS D 2 18.25 -26.41 -10.23
CA LYS D 2 19.34 -26.09 -9.32
C LYS D 2 18.83 -25.99 -7.88
N LEU D 3 19.31 -26.89 -7.03
CA LEU D 3 18.90 -26.89 -5.63
C LEU D 3 20.13 -26.70 -4.74
N GLY D 4 21.31 -26.93 -5.30
CA GLY D 4 22.53 -26.77 -4.54
C GLY D 4 23.37 -28.02 -4.50
N LYS D 5 24.01 -28.27 -3.37
CA LYS D 5 24.84 -29.46 -3.19
C LYS D 5 24.66 -30.04 -1.80
N LEU D 6 24.78 -31.35 -1.70
CA LEU D 6 24.61 -32.03 -0.42
C LEU D 6 25.81 -32.91 -0.12
N GLN D 7 26.37 -32.75 1.06
CA GLN D 7 27.52 -33.54 1.48
C GLN D 7 27.03 -34.73 2.30
N TYR D 8 27.44 -35.92 1.94
CA TYR D 8 27.01 -37.11 2.66
C TYR D 8 28.05 -38.23 2.59
N SER D 9 27.90 -39.21 3.47
CA SER D 9 28.78 -40.36 3.53
C SER D 9 27.95 -41.60 3.85
N LEU D 10 27.88 -42.52 2.91
CA LEU D 10 27.09 -43.73 3.09
C LEU D 10 27.98 -44.96 3.29
N ASP D 11 27.57 -45.82 4.20
CA ASP D 11 28.29 -47.05 4.48
C ASP D 11 27.29 -48.20 4.59
N TYR D 12 27.72 -49.37 5.03
CA TYR D 12 26.82 -50.51 5.11
C TYR D 12 27.07 -51.36 6.35
N ASP D 13 26.02 -52.00 6.82
CA ASP D 13 26.08 -52.88 7.97
C ASP D 13 25.71 -54.30 7.55
N PHE D 14 26.47 -55.28 7.98
CA PHE D 14 26.20 -56.66 7.61
C PHE D 14 25.80 -57.50 8.82
N GLN D 15 25.35 -56.84 9.88
CA GLN D 15 24.94 -57.55 11.08
C GLN D 15 23.41 -57.64 11.14
N ASN D 16 22.73 -56.61 10.64
CA ASN D 16 21.27 -56.60 10.63
C ASN D 16 20.75 -56.32 9.22
N ASN D 17 21.68 -56.21 8.27
CA ASN D 17 21.37 -55.95 6.86
C ASN D 17 20.71 -54.60 6.66
N GLN D 18 21.53 -53.56 6.52
CA GLN D 18 21.03 -52.21 6.32
C GLN D 18 22.14 -51.29 5.85
N LEU D 19 21.76 -50.26 5.12
CA LEU D 19 22.72 -49.27 4.64
C LEU D 19 22.68 -48.06 5.56
N LEU D 20 23.83 -47.54 5.92
CA LEU D 20 23.89 -46.39 6.81
C LEU D 20 23.94 -45.11 6.01
N VAL D 21 22.79 -44.47 5.87
CA VAL D 21 22.69 -43.23 5.13
C VAL D 21 22.91 -42.05 6.08
N GLY D 22 24.12 -41.51 6.06
CA GLY D 22 24.43 -40.38 6.91
C GLY D 22 24.65 -39.12 6.10
N ILE D 23 23.70 -38.21 6.14
CA ILE D 23 23.81 -36.97 5.41
C ILE D 23 24.43 -35.91 6.31
N ILE D 24 25.43 -35.21 5.81
CA ILE D 24 26.11 -34.18 6.60
C ILE D 24 25.33 -32.89 6.59
N GLN D 25 25.17 -32.29 5.41
CA GLN D 25 24.44 -31.04 5.28
C GLN D 25 24.19 -30.70 3.82
N ALA D 26 23.35 -29.70 3.60
CA ALA D 26 23.02 -29.25 2.25
C ALA D 26 23.28 -27.76 2.14
N ALA D 27 23.78 -27.32 1.00
CA ALA D 27 24.09 -25.92 0.79
C ALA D 27 23.52 -25.42 -0.54
N GLU D 28 23.46 -24.10 -0.68
CA GLU D 28 22.95 -23.42 -1.88
C GLU D 28 21.45 -23.62 -2.04
N LEU D 29 20.75 -23.84 -0.93
CA LEU D 29 19.30 -24.04 -0.96
C LEU D 29 18.59 -22.73 -1.28
N PRO D 30 17.56 -22.78 -2.13
CA PRO D 30 16.79 -21.60 -2.52
C PRO D 30 15.69 -21.25 -1.51
N ALA D 31 15.10 -20.07 -1.70
CA ALA D 31 14.02 -19.60 -0.83
C ALA D 31 12.70 -20.25 -1.21
N LEU D 32 11.88 -20.56 -0.22
CA LEU D 32 10.58 -21.18 -0.46
C LEU D 32 9.46 -20.31 0.12
N ASP D 33 9.66 -19.84 1.35
CA ASP D 33 8.68 -19.01 1.99
C ASP D 33 9.18 -17.57 2.06
N MET D 34 8.24 -16.64 2.23
CA MET D 34 8.58 -15.21 2.28
C MET D 34 9.52 -14.90 3.44
N GLY D 35 10.75 -14.58 3.09
CA GLY D 35 11.75 -14.27 4.09
C GLY D 35 13.13 -14.64 3.63
N GLY D 36 13.22 -15.18 2.41
CA GLY D 36 14.50 -15.56 1.87
C GLY D 36 15.06 -16.79 2.56
N THR D 37 14.17 -17.55 3.15
CA THR D 37 14.55 -18.76 3.86
C THR D 37 13.52 -19.85 3.64
N SER D 38 13.66 -20.94 4.38
CA SER D 38 12.75 -22.07 4.27
C SER D 38 12.98 -23.03 5.44
N ASP D 39 12.10 -23.99 5.57
CA ASP D 39 12.21 -25.02 6.61
C ASP D 39 12.38 -26.36 5.90
N PRO D 40 13.56 -26.60 5.30
CA PRO D 40 13.84 -27.79 4.53
C PRO D 40 14.32 -28.98 5.35
N TYR D 41 13.55 -30.04 5.32
CA TYR D 41 13.90 -31.28 6.00
C TYR D 41 13.87 -32.41 4.98
N VAL D 42 14.87 -33.26 5.01
CA VAL D 42 14.97 -34.36 4.06
C VAL D 42 14.18 -35.58 4.50
N LYS D 43 13.20 -35.95 3.71
CA LYS D 43 12.38 -37.11 3.98
C LYS D 43 12.80 -38.22 3.03
N VAL D 44 13.35 -39.29 3.59
CA VAL D 44 13.83 -40.39 2.78
C VAL D 44 12.68 -41.18 2.17
N PHE D 45 12.49 -41.01 0.88
CA PHE D 45 11.45 -41.72 0.16
C PHE D 45 12.09 -42.82 -0.68
N LEU D 46 11.34 -43.88 -0.92
CA LEU D 46 11.84 -45.01 -1.69
C LEU D 46 10.91 -45.34 -2.83
N LEU D 47 11.35 -46.27 -3.67
CA LEU D 47 10.57 -46.74 -4.79
C LEU D 47 9.44 -47.65 -4.26
N PRO D 48 8.68 -48.39 -5.13
CA PRO D 48 7.60 -49.30 -4.68
C PRO D 48 7.96 -50.20 -3.48
N ASP D 49 9.24 -50.27 -3.13
CA ASP D 49 9.70 -51.05 -1.99
C ASP D 49 8.89 -50.66 -0.75
N LYS D 50 8.83 -49.36 -0.50
CA LYS D 50 8.08 -48.78 0.62
C LYS D 50 8.32 -49.49 1.96
N LYS D 51 9.51 -50.05 2.15
CA LYS D 51 9.83 -50.74 3.38
C LYS D 51 10.69 -49.86 4.28
N LYS D 52 10.54 -48.55 4.12
CA LYS D 52 11.31 -47.59 4.90
C LYS D 52 10.81 -46.17 4.66
N LYS D 53 10.85 -45.37 5.71
CA LYS D 53 10.44 -43.98 5.68
C LYS D 53 10.91 -43.29 6.94
N PHE D 54 11.66 -42.21 6.80
CA PHE D 54 12.17 -41.50 7.97
C PHE D 54 12.06 -40.00 7.80
N GLU D 55 11.62 -39.34 8.86
CA GLU D 55 11.48 -37.91 8.88
C GLU D 55 12.62 -37.29 9.69
N THR D 56 13.29 -36.31 9.12
CA THR D 56 14.39 -35.66 9.82
C THR D 56 13.87 -34.50 10.66
N LYS D 57 14.75 -33.84 11.41
CA LYS D 57 14.34 -32.74 12.23
C LYS D 57 14.08 -31.51 11.37
N VAL D 58 12.96 -30.84 11.61
CA VAL D 58 12.62 -29.66 10.84
C VAL D 58 13.63 -28.55 11.11
N HIS D 59 14.37 -28.18 10.08
CA HIS D 59 15.36 -27.12 10.19
C HIS D 59 14.69 -25.80 9.87
N ARG D 60 14.09 -25.20 10.89
CA ARG D 60 13.36 -23.95 10.74
C ARG D 60 14.24 -22.80 10.27
N LYS D 61 13.81 -22.17 9.18
CA LYS D 61 14.45 -21.02 8.57
C LYS D 61 15.98 -21.10 8.51
N THR D 62 16.47 -21.82 7.52
CA THR D 62 17.90 -21.97 7.32
C THR D 62 18.18 -22.44 5.89
N LEU D 63 19.14 -21.80 5.24
CA LEU D 63 19.49 -22.15 3.88
C LEU D 63 20.71 -23.07 3.88
N ASN D 64 21.20 -23.37 5.07
CA ASN D 64 22.35 -24.23 5.24
C ASN D 64 22.18 -25.06 6.51
N PRO D 65 21.32 -26.09 6.45
CA PRO D 65 21.04 -26.96 7.59
C PRO D 65 22.20 -27.87 7.95
N VAL D 66 22.56 -27.87 9.23
CA VAL D 66 23.63 -28.71 9.74
C VAL D 66 23.13 -29.49 10.94
N PHE D 67 23.03 -30.80 10.81
CA PHE D 67 22.54 -31.64 11.89
C PHE D 67 23.12 -33.05 11.79
N ASN D 68 23.32 -33.50 10.55
CA ASN D 68 23.89 -34.83 10.28
C ASN D 68 22.96 -35.93 10.77
N GLU D 69 21.78 -36.00 10.18
CA GLU D 69 20.81 -37.02 10.53
C GLU D 69 21.19 -38.37 9.93
N GLN D 70 20.76 -39.44 10.57
CA GLN D 70 21.07 -40.78 10.11
C GLN D 70 19.80 -41.54 9.76
N PHE D 71 19.80 -42.17 8.59
CA PHE D 71 18.67 -42.95 8.12
C PHE D 71 19.01 -44.43 8.09
N THR D 72 18.13 -45.24 8.64
CA THR D 72 18.32 -46.68 8.68
C THR D 72 17.70 -47.33 7.46
N PHE D 73 18.53 -47.66 6.48
CA PHE D 73 18.07 -48.29 5.25
C PHE D 73 17.83 -49.78 5.48
N LYS D 74 16.72 -50.11 6.13
CA LYS D 74 16.39 -51.50 6.43
C LYS D 74 16.05 -52.29 5.17
N VAL D 75 17.04 -52.97 4.62
CA VAL D 75 16.87 -53.78 3.43
C VAL D 75 18.11 -54.65 3.24
N PRO D 76 17.93 -55.93 2.85
CA PRO D 76 19.04 -56.84 2.63
C PRO D 76 19.98 -56.33 1.55
N TYR D 77 21.28 -56.52 1.75
CA TYR D 77 22.29 -56.08 0.79
C TYR D 77 22.08 -56.77 -0.56
N SER D 78 21.42 -57.93 -0.52
CA SER D 78 21.15 -58.70 -1.71
C SER D 78 20.01 -58.07 -2.53
N GLU D 79 19.34 -57.10 -1.94
CA GLU D 79 18.24 -56.40 -2.61
C GLU D 79 18.63 -54.97 -2.94
N LEU D 80 19.90 -54.65 -2.74
CA LEU D 80 20.44 -53.32 -3.01
C LEU D 80 20.40 -53.01 -4.50
N GLY D 81 20.60 -54.04 -5.32
CA GLY D 81 20.60 -53.85 -6.77
C GLY D 81 19.27 -53.32 -7.28
N GLY D 82 18.18 -53.82 -6.74
CA GLY D 82 16.87 -53.37 -7.17
C GLY D 82 16.24 -52.43 -6.16
N LYS D 83 17.08 -51.63 -5.51
CA LYS D 83 16.59 -50.68 -4.52
C LYS D 83 17.20 -49.30 -4.73
N THR D 84 16.45 -48.43 -5.36
CA THR D 84 16.88 -47.07 -5.61
C THR D 84 16.15 -46.12 -4.66
N LEU D 85 16.89 -45.26 -3.99
CA LEU D 85 16.32 -44.34 -3.03
C LEU D 85 16.21 -42.93 -3.61
N VAL D 86 15.21 -42.20 -3.16
CA VAL D 86 14.99 -40.83 -3.60
C VAL D 86 14.83 -39.91 -2.40
N MET D 87 15.91 -39.26 -2.02
CA MET D 87 15.88 -38.35 -0.88
C MET D 87 15.38 -36.99 -1.32
N ALA D 88 14.16 -36.68 -0.93
CA ALA D 88 13.55 -35.41 -1.29
C ALA D 88 13.51 -34.47 -0.10
N VAL D 89 13.86 -33.22 -0.32
CA VAL D 89 13.84 -32.25 0.75
C VAL D 89 12.55 -31.44 0.69
N TYR D 90 11.75 -31.56 1.75
CA TYR D 90 10.47 -30.89 1.84
C TYR D 90 10.56 -29.69 2.76
N ASP D 91 9.78 -28.67 2.47
CA ASP D 91 9.76 -27.46 3.29
C ASP D 91 8.53 -27.49 4.20
N PHE D 92 8.65 -26.86 5.36
CA PHE D 92 7.55 -26.80 6.29
C PHE D 92 7.41 -25.39 6.85
N ASP D 93 7.09 -24.44 5.97
CA ASP D 93 6.91 -23.04 6.36
C ASP D 93 5.84 -22.89 7.46
N ARG D 94 5.01 -23.93 7.60
CA ARG D 94 3.95 -24.00 8.61
C ARG D 94 2.76 -23.10 8.27
N PHE D 95 2.57 -22.73 7.01
CA PHE D 95 1.43 -21.89 6.64
C PHE D 95 1.02 -22.05 5.18
N SER D 96 1.92 -21.72 4.27
CA SER D 96 1.64 -21.81 2.84
C SER D 96 1.72 -23.24 2.34
N LYS D 97 1.46 -23.43 1.05
CA LYS D 97 1.49 -24.75 0.44
C LYS D 97 2.94 -25.12 0.11
N HIS D 98 3.71 -25.40 1.15
CA HIS D 98 5.11 -25.77 1.02
C HIS D 98 5.26 -27.01 0.13
N ASP D 99 6.18 -26.94 -0.82
CA ASP D 99 6.42 -28.03 -1.75
C ASP D 99 7.84 -28.57 -1.62
N ILE D 100 8.24 -29.43 -2.54
CA ILE D 100 9.56 -30.01 -2.54
C ILE D 100 10.52 -29.11 -3.32
N ILE D 101 11.51 -28.56 -2.62
CA ILE D 101 12.47 -27.67 -3.25
C ILE D 101 13.41 -28.43 -4.18
N GLY D 102 13.56 -29.73 -3.94
CA GLY D 102 14.43 -30.53 -4.78
C GLY D 102 14.64 -31.92 -4.21
N GLU D 103 15.40 -32.73 -4.94
CA GLU D 103 15.66 -34.10 -4.53
C GLU D 103 16.87 -34.65 -5.27
N PHE D 104 17.32 -35.83 -4.84
CA PHE D 104 18.44 -36.49 -5.48
C PHE D 104 18.29 -38.00 -5.35
N LYS D 105 18.76 -38.72 -6.35
CA LYS D 105 18.68 -40.17 -6.37
C LYS D 105 20.01 -40.76 -6.80
N VAL D 106 20.20 -42.04 -6.51
CA VAL D 106 21.42 -42.72 -6.89
C VAL D 106 21.18 -44.22 -7.02
N PRO D 107 21.56 -44.80 -8.16
CA PRO D 107 21.40 -46.24 -8.40
C PRO D 107 22.34 -47.05 -7.52
N MET D 108 21.80 -47.65 -6.48
CA MET D 108 22.59 -48.45 -5.56
C MET D 108 23.21 -49.65 -6.26
N ASN D 109 22.63 -50.04 -7.39
CA ASN D 109 23.16 -51.16 -8.16
C ASN D 109 24.55 -50.82 -8.70
N THR D 110 24.81 -49.53 -8.86
CA THR D 110 26.09 -49.05 -9.36
C THR D 110 27.01 -48.67 -8.21
N VAL D 111 26.51 -48.82 -6.99
CA VAL D 111 27.28 -48.49 -5.79
C VAL D 111 27.64 -49.77 -5.04
N ASP D 112 28.86 -50.25 -5.26
CA ASP D 112 29.33 -51.46 -4.60
C ASP D 112 29.64 -51.20 -3.13
N PHE D 113 29.15 -52.10 -2.28
CA PHE D 113 29.36 -51.98 -0.85
C PHE D 113 30.74 -52.52 -0.45
N GLY D 114 31.78 -51.94 -1.03
CA GLY D 114 33.14 -52.36 -0.73
C GLY D 114 33.90 -51.31 0.04
N HIS D 115 33.44 -50.07 -0.05
CA HIS D 115 34.06 -48.95 0.64
C HIS D 115 32.99 -47.97 1.09
N VAL D 116 33.41 -46.83 1.64
CA VAL D 116 32.47 -45.82 2.09
C VAL D 116 32.17 -44.84 0.96
N THR D 117 30.89 -44.59 0.75
CA THR D 117 30.44 -43.70 -0.31
C THR D 117 30.50 -42.24 0.13
N GLU D 118 31.68 -41.65 0.00
CA GLU D 118 31.89 -40.25 0.35
C GLU D 118 31.95 -39.42 -0.91
N GLU D 119 30.96 -38.58 -1.12
CA GLU D 119 30.90 -37.74 -2.31
C GLU D 119 30.01 -36.53 -2.07
N TRP D 120 30.09 -35.58 -2.99
CA TRP D 120 29.28 -34.37 -2.92
C TRP D 120 28.17 -34.46 -3.96
N ARG D 121 27.00 -34.90 -3.52
CA ARG D 121 25.87 -35.07 -4.40
C ARG D 121 25.27 -33.74 -4.84
N ASP D 122 24.96 -33.67 -6.12
CA ASP D 122 24.34 -32.49 -6.71
C ASP D 122 22.86 -32.48 -6.37
N LEU D 123 22.32 -31.30 -6.08
CA LEU D 123 20.92 -31.17 -5.75
C LEU D 123 20.16 -30.51 -6.89
N GLN D 124 19.08 -31.15 -7.31
CA GLN D 124 18.27 -30.63 -8.41
C GLN D 124 16.84 -30.38 -7.96
N SER D 125 16.31 -29.23 -8.34
CA SER D 125 14.94 -28.87 -8.00
C SER D 125 13.97 -29.56 -8.96
N ALA D 126 13.65 -30.81 -8.64
CA ALA D 126 12.74 -31.58 -9.45
C ALA D 126 11.30 -31.35 -9.02
N GLU D 127 10.51 -30.81 -9.93
CA GLU D 127 9.10 -30.54 -9.65
C GLU D 127 8.36 -31.83 -9.37
N LYS D 128 7.57 -31.85 -8.31
CA LYS D 128 6.83 -33.03 -7.94
C LYS D 128 5.36 -32.69 -7.73
N GLU A 1 -25.54 34.26 -13.03
CA GLU A 1 -25.21 34.12 -11.60
C GLU A 1 -25.91 32.91 -11.00
N LYS A 2 -25.35 31.73 -11.25
CA LYS A 2 -25.91 30.49 -10.73
C LYS A 2 -25.10 29.97 -9.55
N LEU A 3 -25.76 29.80 -8.42
CA LEU A 3 -25.10 29.29 -7.24
C LEU A 3 -26.05 28.36 -6.49
N GLY A 4 -27.10 27.94 -7.18
CA GLY A 4 -28.07 27.05 -6.59
C GLY A 4 -29.07 27.78 -5.71
N LYS A 5 -29.60 27.07 -4.72
CA LYS A 5 -30.57 27.66 -3.79
C LYS A 5 -30.21 27.29 -2.36
N LEU A 6 -30.53 28.17 -1.44
CA LEU A 6 -30.25 27.94 -0.03
C LEU A 6 -31.53 27.94 0.79
N GLN A 7 -31.76 26.86 1.52
CA GLN A 7 -32.94 26.77 2.36
C GLN A 7 -32.58 27.31 3.74
N TYR A 8 -33.33 28.28 4.21
CA TYR A 8 -33.04 28.88 5.51
C TYR A 8 -34.29 29.31 6.24
N SER A 9 -34.12 29.64 7.51
CA SER A 9 -35.21 30.07 8.35
C SER A 9 -34.78 31.27 9.18
N LEU A 10 -35.55 32.35 9.11
CA LEU A 10 -35.23 33.55 9.88
C LEU A 10 -36.25 33.76 10.98
N ASP A 11 -35.77 33.74 12.22
CA ASP A 11 -36.62 33.96 13.38
C ASP A 11 -36.20 35.26 14.05
N TYR A 12 -36.96 35.73 15.02
CA TYR A 12 -36.61 36.97 15.69
C TYR A 12 -36.74 36.84 17.20
N ASP A 13 -35.83 37.49 17.91
CA ASP A 13 -35.83 37.46 19.36
C ASP A 13 -35.70 38.87 19.91
N PHE A 14 -36.54 39.20 20.87
CA PHE A 14 -36.53 40.54 21.47
C PHE A 14 -35.98 40.51 22.89
N GLN A 15 -35.65 39.32 23.40
CA GLN A 15 -35.12 39.20 24.75
C GLN A 15 -33.67 39.66 24.77
N ASN A 16 -32.97 39.44 23.66
CA ASN A 16 -31.58 39.86 23.53
C ASN A 16 -31.43 40.75 22.30
N ASN A 17 -32.54 40.91 21.59
CA ASN A 17 -32.61 41.74 20.38
C ASN A 17 -31.63 41.26 19.31
N GLN A 18 -32.03 40.23 18.59
CA GLN A 18 -31.20 39.65 17.53
C GLN A 18 -32.03 38.75 16.63
N LEU A 19 -31.61 38.60 15.40
CA LEU A 19 -32.30 37.74 14.45
C LEU A 19 -31.70 36.36 14.48
N LEU A 20 -32.55 35.35 14.42
CA LEU A 20 -32.12 33.97 14.43
C LEU A 20 -31.89 33.51 13.01
N VAL A 21 -30.65 33.64 12.54
CA VAL A 21 -30.31 33.22 11.20
C VAL A 21 -29.90 31.76 11.19
N GLY A 22 -30.84 30.90 10.84
CA GLY A 22 -30.57 29.47 10.80
C GLY A 22 -30.73 28.92 9.40
N ILE A 23 -29.62 28.58 8.77
CA ILE A 23 -29.66 28.03 7.42
C ILE A 23 -29.69 26.51 7.51
N ILE A 24 -30.41 25.89 6.59
CA ILE A 24 -30.53 24.43 6.57
C ILE A 24 -29.43 23.82 5.71
N GLN A 25 -29.40 24.19 4.44
CA GLN A 25 -28.42 23.65 3.51
C GLN A 25 -28.35 24.48 2.24
N ALA A 26 -27.30 24.24 1.46
CA ALA A 26 -27.10 24.92 0.19
C ALA A 26 -26.94 23.86 -0.90
N ALA A 27 -27.66 24.00 -1.99
CA ALA A 27 -27.59 23.01 -3.06
C ALA A 27 -27.07 23.60 -4.36
N GLU A 28 -26.45 22.74 -5.18
CA GLU A 28 -25.92 23.11 -6.48
C GLU A 28 -24.79 24.13 -6.39
N LEU A 29 -23.84 23.87 -5.49
CA LEU A 29 -22.70 24.76 -5.32
C LEU A 29 -21.62 24.42 -6.35
N PRO A 30 -21.05 25.43 -7.02
CA PRO A 30 -20.00 25.24 -8.03
C PRO A 30 -18.74 24.58 -7.47
N ALA A 31 -18.03 23.86 -8.33
CA ALA A 31 -16.81 23.16 -7.93
C ALA A 31 -15.59 24.07 -8.10
N LEU A 32 -14.78 24.15 -7.05
CA LEU A 32 -13.58 24.97 -7.09
C LEU A 32 -12.36 24.08 -6.93
N ASP A 33 -12.38 23.23 -5.92
CA ASP A 33 -11.29 22.31 -5.64
C ASP A 33 -11.13 21.29 -6.76
N MET A 34 -9.89 20.88 -7.01
CA MET A 34 -9.59 19.91 -8.06
C MET A 34 -10.02 18.51 -7.61
N GLY A 35 -11.30 18.25 -7.76
CA GLY A 35 -11.87 16.98 -7.38
C GLY A 35 -13.37 16.96 -7.61
N GLY A 36 -13.96 18.13 -7.63
CA GLY A 36 -15.38 18.26 -7.86
C GLY A 36 -16.10 18.71 -6.61
N THR A 37 -15.59 18.33 -5.46
CA THR A 37 -16.18 18.70 -4.20
C THR A 37 -15.31 19.72 -3.47
N SER A 38 -15.70 20.98 -3.56
CA SER A 38 -14.97 22.07 -2.93
C SER A 38 -15.19 22.08 -1.42
N ASP A 39 -14.56 23.03 -0.74
CA ASP A 39 -14.69 23.17 0.72
C ASP A 39 -15.35 24.52 1.02
N PRO A 40 -16.64 24.69 0.69
CA PRO A 40 -17.34 25.95 0.87
C PRO A 40 -18.02 26.12 2.23
N TYR A 41 -17.69 27.20 2.90
CA TYR A 41 -18.28 27.53 4.19
C TYR A 41 -18.88 28.93 4.08
N VAL A 42 -20.04 29.14 4.69
CA VAL A 42 -20.69 30.44 4.61
C VAL A 42 -20.28 31.36 5.75
N LYS A 43 -20.10 32.62 5.44
CA LYS A 43 -19.73 33.61 6.42
C LYS A 43 -20.62 34.83 6.28
N VAL A 44 -20.99 35.41 7.40
CA VAL A 44 -21.86 36.58 7.39
C VAL A 44 -21.07 37.85 7.14
N PHE A 45 -21.59 38.67 6.25
CA PHE A 45 -20.96 39.94 5.92
C PHE A 45 -21.98 41.05 6.11
N LEU A 46 -21.53 42.16 6.65
CA LEU A 46 -22.42 43.29 6.90
C LEU A 46 -21.96 44.54 6.17
N LEU A 47 -22.84 45.53 6.15
CA LEU A 47 -22.58 46.82 5.52
C LEU A 47 -21.62 47.62 6.44
N PRO A 48 -21.42 48.96 6.25
CA PRO A 48 -20.53 49.78 7.11
C PRO A 48 -20.68 49.52 8.61
N ASP A 49 -21.80 48.89 9.01
CA ASP A 49 -22.07 48.54 10.39
C ASP A 49 -20.87 47.80 10.99
N LYS A 50 -20.51 46.69 10.32
CA LYS A 50 -19.37 45.85 10.70
C LYS A 50 -19.33 45.52 12.21
N LYS A 51 -20.49 45.41 12.83
CA LYS A 51 -20.55 45.09 14.25
C LYS A 51 -20.80 43.61 14.46
N LYS A 52 -20.23 42.79 13.58
CA LYS A 52 -20.39 41.35 13.65
C LYS A 52 -19.56 40.65 12.58
N LYS A 53 -19.06 39.47 12.91
CA LYS A 53 -18.27 38.66 11.98
C LYS A 53 -18.24 37.22 12.47
N PHE A 54 -18.94 36.34 11.77
CA PHE A 54 -19.01 34.94 12.16
C PHE A 54 -18.84 34.03 10.94
N GLU A 55 -18.00 33.01 11.09
CA GLU A 55 -17.76 32.06 10.02
C GLU A 55 -18.22 30.68 10.47
N THR A 56 -18.77 29.90 9.55
CA THR A 56 -19.27 28.58 9.87
C THR A 56 -18.15 27.54 9.88
N LYS A 57 -18.53 26.28 10.05
CA LYS A 57 -17.57 25.18 10.08
C LYS A 57 -17.11 24.87 8.66
N VAL A 58 -15.82 24.67 8.50
CA VAL A 58 -15.26 24.35 7.18
C VAL A 58 -15.85 23.04 6.66
N HIS A 59 -16.72 23.17 5.67
CA HIS A 59 -17.37 22.01 5.08
C HIS A 59 -16.46 21.43 3.99
N ARG A 60 -15.50 20.63 4.41
CA ARG A 60 -14.54 20.02 3.49
C ARG A 60 -15.19 18.99 2.57
N LYS A 61 -14.96 19.18 1.27
CA LYS A 61 -15.46 18.29 0.22
C LYS A 61 -16.98 18.13 0.24
N THR A 62 -17.69 19.09 -0.35
CA THR A 62 -19.14 19.02 -0.41
C THR A 62 -19.73 20.08 -1.33
N LEU A 63 -20.82 19.73 -1.99
CA LEU A 63 -21.52 20.64 -2.89
C LEU A 63 -22.92 20.87 -2.34
N ASN A 64 -23.17 20.26 -1.20
CA ASN A 64 -24.45 20.35 -0.51
C ASN A 64 -24.20 20.20 0.99
N PRO A 65 -23.64 21.25 1.63
CA PRO A 65 -23.31 21.23 3.05
C PRO A 65 -24.54 21.18 3.95
N VAL A 66 -24.57 20.18 4.80
CA VAL A 66 -25.67 20.00 5.75
C VAL A 66 -25.14 20.04 7.18
N PHE A 67 -25.29 21.20 7.82
CA PHE A 67 -24.83 21.37 9.19
C PHE A 67 -25.84 22.18 10.00
N ASN A 68 -26.57 23.05 9.32
CA ASN A 68 -27.59 23.89 9.96
C ASN A 68 -26.97 24.77 11.04
N GLU A 69 -26.00 25.59 10.65
CA GLU A 69 -25.35 26.49 11.58
C GLU A 69 -26.28 27.65 11.93
N GLN A 70 -26.15 28.16 13.14
CA GLN A 70 -26.99 29.26 13.59
C GLN A 70 -26.15 30.50 13.85
N PHE A 71 -26.63 31.63 13.36
CA PHE A 71 -25.94 32.89 13.55
C PHE A 71 -26.84 33.89 14.26
N THR A 72 -26.29 34.56 15.28
CA THR A 72 -27.02 35.55 16.03
C THR A 72 -26.73 36.95 15.47
N PHE A 73 -27.75 37.56 14.88
CA PHE A 73 -27.62 38.89 14.32
C PHE A 73 -27.81 39.95 15.40
N LYS A 74 -26.72 40.33 16.07
CA LYS A 74 -26.79 41.31 17.15
C LYS A 74 -27.01 42.73 16.61
N VAL A 75 -28.26 43.06 16.39
CA VAL A 75 -28.68 44.37 15.92
C VAL A 75 -30.13 44.60 16.35
N PRO A 76 -30.38 45.65 17.15
CA PRO A 76 -31.73 45.97 17.62
C PRO A 76 -32.70 46.16 16.45
N TYR A 77 -33.93 45.68 16.62
CA TYR A 77 -34.96 45.78 15.59
C TYR A 77 -35.22 47.24 15.19
N SER A 78 -34.86 48.17 16.07
CA SER A 78 -35.04 49.59 15.80
C SER A 78 -34.08 50.05 14.70
N GLU A 79 -32.97 49.33 14.54
CA GLU A 79 -31.97 49.65 13.53
C GLU A 79 -32.08 48.70 12.35
N LEU A 80 -33.00 47.73 12.47
CA LEU A 80 -33.22 46.73 11.42
C LEU A 80 -33.61 47.39 10.11
N GLY A 81 -34.37 48.48 10.20
CA GLY A 81 -34.81 49.20 9.01
C GLY A 81 -33.66 49.80 8.22
N GLY A 82 -32.49 49.92 8.83
CA GLY A 82 -31.35 50.48 8.15
C GLY A 82 -30.17 49.54 8.17
N LYS A 83 -30.43 48.25 8.33
CA LYS A 83 -29.38 47.25 8.38
C LYS A 83 -29.63 46.15 7.38
N THR A 84 -28.65 45.90 6.52
CA THR A 84 -28.76 44.86 5.51
C THR A 84 -27.59 43.89 5.65
N LEU A 85 -27.89 42.62 5.83
CA LEU A 85 -26.86 41.60 5.99
C LEU A 85 -26.82 40.69 4.77
N VAL A 86 -25.64 40.17 4.47
CA VAL A 86 -25.46 39.28 3.35
C VAL A 86 -24.69 38.03 3.79
N MET A 87 -24.93 36.93 3.12
CA MET A 87 -24.25 35.68 3.45
C MET A 87 -23.42 35.24 2.25
N ALA A 88 -22.11 35.28 2.40
CA ALA A 88 -21.21 34.90 1.33
C ALA A 88 -20.58 33.55 1.59
N VAL A 89 -20.53 32.72 0.56
CA VAL A 89 -19.92 31.40 0.69
C VAL A 89 -18.48 31.44 0.20
N TYR A 90 -17.57 31.09 1.10
CA TYR A 90 -16.14 31.09 0.80
C TYR A 90 -15.61 29.67 0.71
N ASP A 91 -14.78 29.41 -0.29
CA ASP A 91 -14.19 28.09 -0.47
C ASP A 91 -12.86 27.99 0.27
N PHE A 92 -12.50 26.78 0.66
CA PHE A 92 -11.26 26.55 1.35
C PHE A 92 -10.55 25.32 0.77
N ASP A 93 -10.24 25.38 -0.52
CA ASP A 93 -9.56 24.29 -1.23
C ASP A 93 -8.17 24.00 -0.62
N ARG A 94 -7.69 24.94 0.20
CA ARG A 94 -6.41 24.81 0.90
C ARG A 94 -5.21 24.79 -0.06
N PHE A 95 -5.31 25.43 -1.21
CA PHE A 95 -4.21 25.46 -2.16
C PHE A 95 -4.28 26.69 -3.04
N SER A 96 -5.29 26.74 -3.88
CA SER A 96 -5.49 27.84 -4.79
C SER A 96 -6.00 29.07 -4.05
N LYS A 97 -6.07 30.19 -4.75
CA LYS A 97 -6.57 31.42 -4.15
C LYS A 97 -8.09 31.40 -4.09
N HIS A 98 -8.61 30.51 -3.25
CA HIS A 98 -10.05 30.35 -3.06
C HIS A 98 -10.72 31.68 -2.76
N ASP A 99 -11.86 31.90 -3.38
CA ASP A 99 -12.60 33.14 -3.23
C ASP A 99 -14.07 32.88 -2.94
N ILE A 100 -14.86 33.94 -2.97
CA ILE A 100 -16.29 33.84 -2.74
C ILE A 100 -16.98 33.45 -4.05
N ILE A 101 -17.55 32.25 -4.08
CA ILE A 101 -18.22 31.77 -5.28
C ILE A 101 -19.59 32.41 -5.44
N GLY A 102 -20.12 32.98 -4.37
CA GLY A 102 -21.42 33.61 -4.44
C GLY A 102 -21.94 34.06 -3.09
N GLU A 103 -23.11 34.70 -3.11
CA GLU A 103 -23.73 35.20 -1.90
C GLU A 103 -25.18 35.58 -2.18
N PHE A 104 -25.85 36.13 -1.18
CA PHE A 104 -27.22 36.57 -1.33
C PHE A 104 -27.51 37.69 -0.33
N LYS A 105 -28.30 38.66 -0.75
CA LYS A 105 -28.64 39.80 0.10
C LYS A 105 -30.13 39.84 0.37
N VAL A 106 -30.49 40.25 1.58
CA VAL A 106 -31.89 40.35 1.97
C VAL A 106 -32.14 41.65 2.73
N PRO A 107 -33.03 42.51 2.21
CA PRO A 107 -33.37 43.78 2.84
C PRO A 107 -34.31 43.58 4.03
N MET A 108 -33.76 43.69 5.23
CA MET A 108 -34.54 43.51 6.44
C MET A 108 -35.56 44.62 6.64
N ASN A 109 -35.35 45.73 5.95
CA ASN A 109 -36.29 46.85 6.04
C ASN A 109 -37.61 46.45 5.40
N THR A 110 -37.51 45.71 4.31
CA THR A 110 -38.68 45.24 3.59
C THR A 110 -39.28 44.01 4.27
N VAL A 111 -38.40 43.13 4.75
CA VAL A 111 -38.84 41.90 5.42
C VAL A 111 -39.13 42.18 6.89
N ASP A 112 -40.41 42.37 7.20
CA ASP A 112 -40.82 42.66 8.57
C ASP A 112 -40.79 41.39 9.41
N PHE A 113 -40.49 41.55 10.69
CA PHE A 113 -40.40 40.43 11.62
C PHE A 113 -41.78 40.12 12.22
N GLY A 114 -42.74 39.81 11.35
CA GLY A 114 -44.09 39.50 11.80
C GLY A 114 -44.13 38.25 12.65
N HIS A 115 -43.42 37.21 12.21
CA HIS A 115 -43.38 35.94 12.93
C HIS A 115 -42.10 35.20 12.57
N VAL A 116 -42.07 34.64 11.37
CA VAL A 116 -40.90 33.90 10.90
C VAL A 116 -40.82 33.99 9.39
N THR A 117 -39.61 33.91 8.87
CA THR A 117 -39.40 33.97 7.43
C THR A 117 -38.59 32.77 6.97
N GLU A 118 -39.29 31.69 6.64
CA GLU A 118 -38.66 30.48 6.17
C GLU A 118 -38.96 30.31 4.69
N GLU A 119 -37.93 30.36 3.87
CA GLU A 119 -38.10 30.23 2.43
C GLU A 119 -36.85 29.65 1.78
N TRP A 120 -36.90 29.55 0.47
CA TRP A 120 -35.79 29.02 -0.31
C TRP A 120 -35.25 30.12 -1.21
N ARG A 121 -34.29 30.85 -0.71
CA ARG A 121 -33.69 31.95 -1.46
C ARG A 121 -32.66 31.43 -2.44
N ASP A 122 -32.72 31.91 -3.67
CA ASP A 122 -31.77 31.51 -4.69
C ASP A 122 -30.46 32.23 -4.45
N LEU A 123 -29.36 31.54 -4.73
CA LEU A 123 -28.04 32.10 -4.52
C LEU A 123 -27.50 32.70 -5.81
N GLN A 124 -26.77 33.80 -5.69
CA GLN A 124 -26.20 34.48 -6.85
C GLN A 124 -24.68 34.48 -6.75
N SER A 125 -24.02 34.11 -7.85
CA SER A 125 -22.57 34.08 -7.89
C SER A 125 -22.01 35.50 -8.05
N ALA A 126 -21.97 36.24 -6.95
CA ALA A 126 -21.45 37.59 -6.96
C ALA A 126 -19.93 37.57 -6.86
N GLU A 127 -19.28 37.41 -8.01
CA GLU A 127 -17.83 37.37 -8.07
C GLU A 127 -17.24 38.69 -7.58
N LYS A 128 -16.41 38.62 -6.55
CA LYS A 128 -15.80 39.81 -5.97
C LYS A 128 -14.41 40.03 -6.55
N MET B 1 32.71 0.98 -16.48
CA MET B 1 33.73 0.58 -15.48
C MET B 1 33.25 0.89 -14.07
N ALA B 2 33.22 2.18 -13.73
CA ALA B 2 32.77 2.62 -12.42
C ALA B 2 31.30 2.99 -12.46
N ALA B 3 30.61 2.84 -11.33
CA ALA B 3 29.19 3.14 -11.23
C ALA B 3 28.39 2.25 -12.17
N GLU B 4 28.29 0.99 -11.83
CA GLU B 4 27.57 0.02 -12.64
C GLU B 4 26.07 0.15 -12.40
N PRO B 5 25.26 -0.14 -13.44
CA PRO B 5 23.80 -0.07 -13.33
C PRO B 5 23.23 -1.13 -12.40
N LEU B 6 22.10 -0.83 -11.80
CA LEU B 6 21.47 -1.76 -10.87
C LEU B 6 20.17 -2.27 -11.48
N THR B 7 19.38 -3.00 -10.70
CA THR B 7 18.12 -3.53 -11.18
C THR B 7 17.12 -2.39 -11.40
N GLU B 8 16.15 -2.64 -12.28
CA GLU B 8 15.11 -1.67 -12.64
C GLU B 8 14.54 -0.96 -11.41
N LEU B 9 14.04 -1.74 -10.45
CA LEU B 9 13.45 -1.17 -9.24
C LEU B 9 14.51 -0.68 -8.26
N GLU B 10 15.72 -1.23 -8.36
CA GLU B 10 16.81 -0.83 -7.46
C GLU B 10 17.17 0.63 -7.67
N GLU B 11 17.28 1.04 -8.93
CA GLU B 11 17.61 2.42 -9.24
C GLU B 11 16.42 3.32 -8.96
N SER B 12 15.22 2.77 -9.12
CA SER B 12 14.00 3.51 -8.89
C SER B 12 13.85 3.90 -7.41
N ILE B 13 14.14 2.96 -6.51
CA ILE B 13 14.04 3.22 -5.09
C ILE B 13 15.19 4.12 -4.62
N GLU B 14 16.32 4.03 -5.31
CA GLU B 14 17.48 4.85 -4.97
C GLU B 14 17.14 6.33 -5.16
N THR B 15 16.40 6.63 -6.22
CA THR B 15 15.98 7.99 -6.53
C THR B 15 15.18 8.60 -5.37
N VAL B 16 14.16 7.88 -4.90
CA VAL B 16 13.33 8.39 -3.83
C VAL B 16 14.07 8.39 -2.49
N VAL B 17 14.96 7.41 -2.28
CA VAL B 17 15.73 7.32 -1.04
C VAL B 17 16.68 8.50 -0.89
N THR B 18 17.42 8.82 -1.96
CA THR B 18 18.36 9.93 -1.89
C THR B 18 17.62 11.26 -1.69
N THR B 19 16.49 11.44 -2.38
CA THR B 19 15.71 12.66 -2.25
C THR B 19 15.14 12.76 -0.83
N PHE B 20 14.63 11.63 -0.33
CA PHE B 20 14.07 11.57 1.01
C PHE B 20 15.12 11.91 2.06
N PHE B 21 16.33 11.39 1.86
CA PHE B 21 17.42 11.61 2.80
C PHE B 21 17.86 13.07 2.82
N THR B 22 17.72 13.76 1.69
CA THR B 22 18.10 15.17 1.59
C THR B 22 17.17 16.04 2.44
N PHE B 23 15.90 15.70 2.48
CA PHE B 23 14.93 16.46 3.25
C PHE B 23 14.86 15.98 4.70
N ALA B 24 15.02 14.68 4.89
CA ALA B 24 14.98 14.09 6.24
C ALA B 24 16.30 14.26 6.97
N ARG B 25 16.76 15.50 7.05
CA ARG B 25 18.00 15.83 7.73
C ARG B 25 18.16 17.34 7.80
N GLN B 26 17.04 18.04 7.68
CA GLN B 26 17.02 19.48 7.70
C GLN B 26 16.95 19.96 9.15
N GLU B 27 16.04 19.38 9.91
CA GLU B 27 15.86 19.76 11.30
C GLU B 27 16.69 18.87 12.21
N GLY B 28 16.42 17.57 12.20
CA GLY B 28 17.17 16.66 13.05
C GLY B 28 16.78 15.22 12.83
N ARG B 29 17.70 14.31 13.20
CA ARG B 29 17.50 12.86 13.06
C ARG B 29 17.31 12.47 11.59
N LYS B 30 18.42 12.33 10.87
CA LYS B 30 18.37 11.97 9.45
C LYS B 30 17.88 10.53 9.27
N ASP B 31 16.56 10.41 9.20
CA ASP B 31 15.88 9.12 9.04
C ASP B 31 14.37 9.35 9.14
N SER B 32 14.01 10.47 9.74
CA SER B 32 12.61 10.82 9.93
C SER B 32 12.33 12.23 9.41
N LEU B 33 11.06 12.50 9.12
CA LEU B 33 10.62 13.79 8.61
C LEU B 33 9.85 14.55 9.70
N SER B 34 10.30 15.74 10.02
CA SER B 34 9.63 16.56 11.01
C SER B 34 8.46 17.29 10.35
N VAL B 35 7.82 18.20 11.07
CA VAL B 35 6.66 18.93 10.53
C VAL B 35 7.03 19.73 9.28
N ASN B 36 8.01 20.62 9.41
CA ASN B 36 8.44 21.45 8.29
C ASN B 36 9.03 20.60 7.17
N GLU B 37 9.89 19.65 7.55
CA GLU B 37 10.53 18.76 6.57
C GLU B 37 9.49 18.03 5.71
N PHE B 38 8.47 17.49 6.36
CA PHE B 38 7.41 16.76 5.66
C PHE B 38 6.67 17.68 4.70
N LYS B 39 6.35 18.89 5.16
CA LYS B 39 5.64 19.85 4.33
C LYS B 39 6.51 20.35 3.19
N GLU B 40 7.80 20.55 3.46
CA GLU B 40 8.75 21.01 2.46
C GLU B 40 8.81 20.06 1.27
N LEU B 41 8.57 18.78 1.52
CA LEU B 41 8.60 17.77 0.48
C LEU B 41 7.49 18.01 -0.54
N VAL B 42 6.25 18.06 -0.06
CA VAL B 42 5.10 18.25 -0.93
C VAL B 42 5.01 19.68 -1.46
N THR B 43 5.17 20.65 -0.58
CA THR B 43 5.09 22.06 -0.97
C THR B 43 6.38 22.55 -1.62
N GLN B 44 6.86 21.77 -2.61
CA GLN B 44 8.08 22.11 -3.33
C GLN B 44 8.30 21.14 -4.49
N GLN B 45 8.26 19.84 -4.19
CA GLN B 45 8.50 18.85 -5.22
C GLN B 45 7.22 18.21 -5.76
N LEU B 46 6.08 18.47 -5.13
CA LEU B 46 4.85 17.85 -5.60
C LEU B 46 3.62 18.77 -5.47
N PRO B 47 3.60 19.89 -6.21
CA PRO B 47 2.48 20.82 -6.20
C PRO B 47 1.55 20.57 -7.38
N HIS B 48 1.79 19.47 -8.07
CA HIS B 48 1.01 19.10 -9.25
C HIS B 48 0.09 17.91 -8.97
N LEU B 49 0.64 16.85 -8.38
CA LEU B 49 -0.14 15.66 -8.08
C LEU B 49 -1.09 15.90 -6.91
N LEU B 50 -0.58 16.58 -5.89
CA LEU B 50 -1.38 16.89 -4.72
C LEU B 50 -1.43 18.40 -4.53
N LYS B 51 -2.57 18.91 -4.12
CA LYS B 51 -2.73 20.35 -3.92
C LYS B 51 -3.42 20.67 -2.60
N ASP B 52 -2.67 20.52 -1.51
CA ASP B 52 -3.18 20.81 -0.17
C ASP B 52 -2.06 21.33 0.70
N VAL B 53 -1.93 22.64 0.74
CA VAL B 53 -0.88 23.28 1.53
C VAL B 53 -1.49 23.96 2.75
N GLY B 54 -2.82 24.04 2.77
CA GLY B 54 -3.51 24.67 3.86
C GLY B 54 -3.80 23.70 5.00
N SER B 55 -4.08 22.45 4.65
CA SER B 55 -4.37 21.45 5.66
C SER B 55 -3.45 20.24 5.51
N LEU B 56 -2.15 20.51 5.49
CA LEU B 56 -1.16 19.46 5.37
C LEU B 56 -1.17 18.61 6.64
N ASP B 57 -1.62 19.23 7.73
CA ASP B 57 -1.70 18.55 9.01
C ASP B 57 -2.69 17.38 8.93
N GLU B 58 -3.67 17.51 8.04
CA GLU B 58 -4.68 16.47 7.84
C GLU B 58 -3.98 15.18 7.40
N LYS B 59 -3.02 15.33 6.50
CA LYS B 59 -2.27 14.21 5.98
C LYS B 59 -1.34 13.64 7.05
N MET B 60 -0.68 14.55 7.77
CA MET B 60 0.26 14.16 8.83
C MET B 60 -0.44 13.30 9.90
N LYS B 61 -1.59 13.76 10.37
CA LYS B 61 -2.33 13.05 11.41
C LYS B 61 -2.90 11.72 10.88
N SER B 62 -2.99 11.59 9.57
CA SER B 62 -3.51 10.37 8.95
C SER B 62 -2.41 9.35 8.70
N LEU B 63 -1.18 9.83 8.53
CA LEU B 63 -0.05 8.95 8.26
C LEU B 63 0.61 8.50 9.56
N ASP B 64 0.91 9.46 10.43
CA ASP B 64 1.56 9.14 11.71
C ASP B 64 0.53 8.60 12.69
N VAL B 65 0.41 7.28 12.73
CA VAL B 65 -0.53 6.61 13.62
C VAL B 65 0.01 6.56 15.04
N ASN B 66 1.27 6.92 15.22
CA ASN B 66 1.89 6.92 16.53
C ASN B 66 1.66 8.29 17.18
N GLN B 67 1.45 9.28 16.31
CA GLN B 67 1.16 10.65 16.72
C GLN B 67 2.22 11.22 17.66
N ASP B 68 3.44 11.34 17.18
CA ASP B 68 4.53 11.89 17.98
C ASP B 68 5.25 12.98 17.18
N SER B 69 4.75 13.21 15.96
CA SER B 69 5.26 14.24 15.05
C SER B 69 6.59 13.85 14.39
N GLU B 70 6.90 12.56 14.41
CA GLU B 70 8.13 12.07 13.80
C GLU B 70 7.80 11.02 12.74
N LEU B 71 7.75 11.44 11.49
CA LEU B 71 7.43 10.54 10.38
C LEU B 71 8.68 9.78 9.95
N LYS B 72 8.76 8.52 10.34
CA LYS B 72 9.91 7.70 9.96
C LYS B 72 9.78 7.27 8.52
N PHE B 73 10.85 6.71 7.96
CA PHE B 73 10.86 6.24 6.57
C PHE B 73 9.65 5.38 6.26
N ASN B 74 9.29 4.52 7.21
CA ASN B 74 8.14 3.63 7.05
C ASN B 74 6.83 4.41 6.89
N GLU B 75 6.60 5.37 7.78
CA GLU B 75 5.39 6.19 7.74
C GLU B 75 5.43 7.15 6.55
N TYR B 76 6.64 7.58 6.20
CA TYR B 76 6.82 8.50 5.08
C TYR B 76 6.42 7.82 3.77
N TRP B 77 6.62 6.51 3.70
CA TRP B 77 6.27 5.76 2.50
C TRP B 77 4.75 5.73 2.32
N ARG B 78 4.01 5.89 3.42
CA ARG B 78 2.55 5.91 3.37
C ARG B 78 2.09 7.04 2.47
N LEU B 79 2.83 8.14 2.48
CA LEU B 79 2.53 9.30 1.65
C LEU B 79 2.63 8.89 0.19
N ILE B 80 3.73 8.24 -0.16
CA ILE B 80 3.98 7.79 -1.52
C ILE B 80 2.88 6.83 -1.97
N GLY B 81 2.38 6.03 -1.04
CA GLY B 81 1.31 5.10 -1.35
C GLY B 81 0.06 5.82 -1.81
N GLU B 82 -0.27 6.90 -1.11
CA GLU B 82 -1.44 7.69 -1.45
C GLU B 82 -1.18 8.52 -2.71
N LEU B 83 0.08 8.90 -2.92
CA LEU B 83 0.47 9.68 -4.09
C LEU B 83 0.17 8.91 -5.37
N ALA B 84 0.63 7.67 -5.41
CA ALA B 84 0.41 6.81 -6.57
C ALA B 84 -1.08 6.56 -6.77
N LYS B 85 -1.81 6.52 -5.67
CA LYS B 85 -3.25 6.32 -5.72
C LYS B 85 -3.92 7.57 -6.28
N GLU B 86 -3.38 8.73 -5.91
CA GLU B 86 -3.91 10.01 -6.35
C GLU B 86 -3.60 10.28 -7.83
N ILE B 87 -2.72 9.49 -8.43
CA ILE B 87 -2.37 9.67 -9.83
C ILE B 87 -3.27 8.83 -10.74
N ARG B 88 -3.93 7.83 -10.15
CA ARG B 88 -4.80 6.95 -10.91
C ARG B 88 -6.26 7.11 -10.47
N LYS B 89 -6.47 7.24 -9.17
CA LYS B 89 -7.81 7.38 -8.62
C LYS B 89 -8.22 8.85 -8.59
N LYS B 90 -7.29 9.70 -8.15
CA LYS B 90 -7.52 11.15 -8.04
C LYS B 90 -8.74 11.44 -7.15
N LYS B 91 -9.88 11.72 -7.75
CA LYS B 91 -11.10 12.01 -6.99
C LYS B 91 -12.30 11.35 -7.66
N ASP B 92 -12.16 10.05 -7.95
CA ASP B 92 -13.21 9.27 -8.59
C ASP B 92 -14.55 9.41 -7.86
N LEU B 93 -15.35 10.35 -8.33
CA LEU B 93 -16.66 10.65 -7.75
C LEU B 93 -17.29 11.76 -8.56
N LYS B 94 -16.52 12.82 -8.79
CA LYS B 94 -16.96 13.97 -9.57
C LYS B 94 -15.97 14.19 -10.71
N ILE B 95 -14.70 14.36 -10.35
CA ILE B 95 -13.64 14.55 -11.33
C ILE B 95 -12.87 13.23 -11.48
N ARG B 96 -12.75 12.75 -12.69
CA ARG B 96 -12.08 11.48 -12.96
C ARG B 96 -10.56 11.62 -12.88
N LYS B 97 -9.88 10.50 -13.11
CA LYS B 97 -8.43 10.43 -13.07
C LYS B 97 -7.76 11.51 -13.92
N LYS B 98 -6.71 12.11 -13.39
CA LYS B 98 -5.96 13.17 -14.06
C LYS B 98 -6.88 14.33 -14.42
N MET C 1 -4.22 7.29 -18.04
CA MET C 1 -4.66 6.90 -19.38
C MET C 1 -3.66 7.39 -20.42
N ALA C 2 -2.89 8.40 -20.06
CA ALA C 2 -1.89 8.97 -20.96
C ALA C 2 -0.79 9.65 -20.17
N ALA C 3 0.44 9.55 -20.66
CA ALA C 3 1.59 10.15 -20.01
C ALA C 3 1.60 11.66 -20.17
N GLU C 4 2.20 12.34 -19.22
CA GLU C 4 2.28 13.80 -19.23
C GLU C 4 3.58 14.22 -18.54
N PRO C 5 3.96 15.51 -18.62
CA PRO C 5 5.17 16.01 -17.97
C PRO C 5 5.13 15.78 -16.46
N LEU C 6 5.89 14.78 -16.01
CA LEU C 6 5.92 14.43 -14.60
C LEU C 6 7.24 14.86 -13.96
N THR C 7 7.18 15.25 -12.70
CA THR C 7 8.37 15.68 -11.96
C THR C 7 9.12 14.46 -11.43
N GLU C 8 10.21 14.70 -10.70
CA GLU C 8 11.03 13.62 -10.13
C GLU C 8 10.19 12.58 -9.39
N LEU C 9 9.43 13.04 -8.41
CA LEU C 9 8.58 12.16 -7.60
C LEU C 9 7.53 11.45 -8.45
N GLU C 10 6.94 12.18 -9.38
CA GLU C 10 5.91 11.61 -10.24
C GLU C 10 6.51 10.56 -11.18
N GLU C 11 7.72 10.81 -11.68
CA GLU C 11 8.38 9.87 -12.56
C GLU C 11 8.82 8.63 -11.79
N SER C 12 9.06 8.81 -10.49
CA SER C 12 9.48 7.71 -9.63
C SER C 12 8.42 6.61 -9.57
N ILE C 13 7.16 7.00 -9.76
CA ILE C 13 6.05 6.05 -9.76
C ILE C 13 5.63 5.73 -11.18
N GLU C 14 6.14 6.49 -12.14
CA GLU C 14 5.82 6.27 -13.54
C GLU C 14 6.59 5.07 -14.06
N THR C 15 7.80 4.89 -13.55
CA THR C 15 8.66 3.80 -13.96
C THR C 15 8.01 2.45 -13.65
N VAL C 16 7.56 2.27 -12.41
CA VAL C 16 6.93 1.02 -12.01
C VAL C 16 5.64 0.77 -12.80
N VAL C 17 4.93 1.85 -13.15
CA VAL C 17 3.71 1.72 -13.94
C VAL C 17 4.07 1.20 -15.33
N THR C 18 5.24 1.59 -15.80
CA THR C 18 5.73 1.16 -17.10
C THR C 18 6.02 -0.34 -17.08
N THR C 19 6.67 -0.80 -16.00
CA THR C 19 6.99 -2.21 -15.84
C THR C 19 5.72 -3.04 -15.74
N PHE C 20 4.67 -2.42 -15.21
CA PHE C 20 3.37 -3.07 -15.07
C PHE C 20 2.78 -3.37 -16.45
N PHE C 21 2.73 -2.34 -17.30
CA PHE C 21 2.16 -2.48 -18.64
C PHE C 21 3.03 -3.33 -19.56
N THR C 22 4.31 -3.46 -19.27
CA THR C 22 5.19 -4.24 -20.11
C THR C 22 5.09 -5.74 -19.78
N PHE C 23 4.56 -6.04 -18.61
CA PHE C 23 4.39 -7.43 -18.20
C PHE C 23 2.94 -7.87 -18.33
N ALA C 24 2.02 -6.94 -18.09
CA ALA C 24 0.59 -7.22 -18.18
C ALA C 24 0.13 -7.24 -19.65
N ARG C 25 0.75 -8.11 -20.43
CA ARG C 25 0.42 -8.25 -21.83
C ARG C 25 0.87 -9.61 -22.35
N GLN C 26 0.91 -10.58 -21.44
CA GLN C 26 1.32 -11.93 -21.80
C GLN C 26 0.12 -12.84 -21.84
N GLU C 27 -0.86 -12.57 -20.99
CA GLU C 27 -2.07 -13.37 -20.95
C GLU C 27 -3.25 -12.58 -21.50
N GLY C 28 -3.68 -11.55 -20.78
CA GLY C 28 -4.80 -10.74 -21.24
C GLY C 28 -5.16 -9.62 -20.29
N ARG C 29 -5.72 -8.55 -20.85
CA ARG C 29 -6.15 -7.36 -20.10
C ARG C 29 -4.98 -6.65 -19.44
N LYS C 30 -4.45 -5.64 -20.13
CA LYS C 30 -3.31 -4.87 -19.63
C LYS C 30 -3.73 -3.93 -18.49
N ASP C 31 -4.98 -4.03 -18.08
CA ASP C 31 -5.49 -3.19 -17.00
C ASP C 31 -5.41 -3.94 -15.68
N SER C 32 -4.81 -5.12 -15.73
CA SER C 32 -4.67 -5.97 -14.56
C SER C 32 -3.45 -6.87 -14.70
N LEU C 33 -3.12 -7.59 -13.65
CA LEU C 33 -1.98 -8.50 -13.66
C LEU C 33 -2.46 -9.94 -13.56
N SER C 34 -2.15 -10.74 -14.57
CA SER C 34 -2.54 -12.14 -14.59
C SER C 34 -1.57 -12.99 -13.76
N VAL C 35 -1.91 -14.26 -13.55
CA VAL C 35 -1.08 -15.15 -12.74
C VAL C 35 0.27 -15.47 -13.40
N ASN C 36 0.26 -15.75 -14.70
CA ASN C 36 1.50 -16.09 -15.41
C ASN C 36 2.43 -14.89 -15.45
N GLU C 37 1.85 -13.73 -15.75
CA GLU C 37 2.60 -12.48 -15.83
C GLU C 37 3.18 -12.12 -14.47
N PHE C 38 2.42 -12.39 -13.42
CA PHE C 38 2.85 -12.10 -12.06
C PHE C 38 4.08 -12.93 -11.70
N LYS C 39 4.02 -14.21 -11.99
CA LYS C 39 5.11 -15.12 -11.69
C LYS C 39 6.33 -14.82 -12.56
N GLU C 40 6.09 -14.45 -13.81
CA GLU C 40 7.17 -14.11 -14.72
C GLU C 40 7.87 -12.83 -14.29
N LEU C 41 7.16 -12.00 -13.54
CA LEU C 41 7.70 -10.74 -13.05
C LEU C 41 8.53 -10.93 -11.78
N VAL C 42 7.93 -11.58 -10.78
CA VAL C 42 8.61 -11.80 -9.51
C VAL C 42 9.81 -12.71 -9.66
N THR C 43 9.74 -13.68 -10.55
CA THR C 43 10.85 -14.60 -10.76
C THR C 43 11.77 -14.12 -11.89
N GLN C 44 11.88 -12.80 -12.03
CA GLN C 44 12.72 -12.21 -13.06
C GLN C 44 13.27 -10.86 -12.60
N GLN C 45 12.38 -9.91 -12.35
CA GLN C 45 12.78 -8.58 -11.93
C GLN C 45 13.03 -8.52 -10.42
N LEU C 46 12.28 -9.32 -9.66
CA LEU C 46 12.42 -9.32 -8.20
C LEU C 46 12.78 -10.71 -7.64
N PRO C 47 13.85 -11.38 -8.13
CA PRO C 47 14.22 -12.71 -7.64
C PRO C 47 14.94 -12.67 -6.30
N HIS C 48 15.54 -11.52 -5.99
CA HIS C 48 16.25 -11.36 -4.74
C HIS C 48 15.60 -10.26 -3.89
N LEU C 49 14.87 -9.36 -4.54
CA LEU C 49 14.20 -8.28 -3.83
C LEU C 49 13.03 -8.85 -3.04
N LEU C 50 12.33 -9.80 -3.66
CA LEU C 50 11.22 -10.46 -3.02
C LEU C 50 11.76 -11.69 -2.31
N LYS C 51 11.48 -11.80 -1.02
CA LYS C 51 11.97 -12.92 -0.23
C LYS C 51 11.09 -14.16 -0.36
N ASP C 52 10.72 -14.47 -1.60
CA ASP C 52 9.89 -15.63 -1.93
C ASP C 52 9.57 -15.65 -3.42
N VAL C 53 9.95 -16.73 -4.09
CA VAL C 53 9.70 -16.88 -5.51
C VAL C 53 9.01 -18.21 -5.79
N GLY C 54 8.57 -18.87 -4.72
CA GLY C 54 7.91 -20.16 -4.87
C GLY C 54 6.48 -20.11 -4.39
N SER C 55 6.27 -19.60 -3.19
CA SER C 55 4.93 -19.51 -2.62
C SER C 55 4.23 -18.23 -3.06
N LEU C 56 4.45 -17.86 -4.32
CA LEU C 56 3.86 -16.65 -4.88
C LEU C 56 2.33 -16.75 -4.87
N ASP C 57 1.83 -17.97 -5.03
CA ASP C 57 0.40 -18.23 -5.04
C ASP C 57 -0.23 -17.79 -3.71
N GLU C 58 0.55 -17.86 -2.64
CA GLU C 58 0.07 -17.46 -1.32
C GLU C 58 -0.09 -15.94 -1.26
N LYS C 59 0.94 -15.24 -1.72
CA LYS C 59 0.93 -13.77 -1.73
C LYS C 59 -0.15 -13.28 -2.69
N MET C 60 -0.30 -13.98 -3.80
CA MET C 60 -1.30 -13.64 -4.79
C MET C 60 -2.69 -13.65 -4.17
N LYS C 61 -2.97 -14.68 -3.38
CA LYS C 61 -4.27 -14.81 -2.71
C LYS C 61 -4.45 -13.72 -1.64
N SER C 62 -3.34 -13.29 -1.06
CA SER C 62 -3.36 -12.24 -0.04
C SER C 62 -3.57 -10.86 -0.66
N LEU C 63 -3.26 -10.73 -1.95
CA LEU C 63 -3.42 -9.45 -2.65
C LEU C 63 -4.70 -9.43 -3.47
N ASP C 64 -5.16 -10.61 -3.87
CA ASP C 64 -6.37 -10.77 -4.68
C ASP C 64 -7.60 -10.22 -3.94
N VAL C 65 -7.52 -10.22 -2.60
CA VAL C 65 -8.59 -9.74 -1.68
C VAL C 65 -9.99 -10.25 -2.01
N ASN C 66 -10.62 -9.76 -3.09
CA ASN C 66 -11.96 -10.21 -3.46
C ASN C 66 -11.89 -11.63 -4.04
N GLN C 67 -10.69 -11.99 -4.46
CA GLN C 67 -10.39 -13.31 -4.99
C GLN C 67 -11.11 -13.61 -6.30
N ASP C 68 -10.79 -12.86 -7.34
CA ASP C 68 -11.39 -13.10 -8.66
C ASP C 68 -10.30 -13.53 -9.64
N SER C 69 -9.09 -13.74 -9.10
CA SER C 69 -7.93 -14.17 -9.87
C SER C 69 -7.55 -13.15 -10.92
N GLU C 70 -7.65 -11.89 -10.56
CA GLU C 70 -7.32 -10.79 -11.45
C GLU C 70 -6.84 -9.59 -10.64
N LEU C 71 -5.52 -9.47 -10.50
CA LEU C 71 -4.95 -8.39 -9.73
C LEU C 71 -5.14 -7.05 -10.43
N LYS C 72 -6.06 -6.24 -9.91
CA LYS C 72 -6.33 -4.93 -10.49
C LYS C 72 -5.22 -3.95 -10.15
N PHE C 73 -5.36 -2.71 -10.60
CA PHE C 73 -4.36 -1.68 -10.34
C PHE C 73 -4.07 -1.53 -8.85
N ASN C 74 -5.12 -1.35 -8.05
CA ASN C 74 -4.97 -1.20 -6.60
C ASN C 74 -4.43 -2.47 -5.97
N GLU C 75 -4.94 -3.60 -6.44
CA GLU C 75 -4.55 -4.91 -5.95
C GLU C 75 -3.06 -5.18 -6.19
N TYR C 76 -2.62 -4.94 -7.43
CA TYR C 76 -1.24 -5.16 -7.82
C TYR C 76 -0.27 -4.22 -7.12
N TRP C 77 -0.68 -2.96 -6.92
CA TRP C 77 0.18 -1.97 -6.28
C TRP C 77 0.62 -2.42 -4.89
N ARG C 78 -0.19 -3.26 -4.25
CA ARG C 78 0.14 -3.76 -2.92
C ARG C 78 1.44 -4.53 -2.94
N LEU C 79 1.76 -5.14 -4.09
CA LEU C 79 3.00 -5.88 -4.24
C LEU C 79 4.19 -4.93 -4.12
N ILE C 80 4.06 -3.76 -4.74
CA ILE C 80 5.09 -2.74 -4.71
C ILE C 80 5.29 -2.23 -3.29
N GLY C 81 4.19 -2.08 -2.56
CA GLY C 81 4.25 -1.60 -1.20
C GLY C 81 4.93 -2.59 -0.28
N GLU C 82 4.76 -3.88 -0.56
CA GLU C 82 5.37 -4.92 0.25
C GLU C 82 6.86 -5.02 -0.04
N LEU C 83 7.25 -5.04 -1.31
CA LEU C 83 8.67 -5.14 -1.67
C LEU C 83 9.44 -3.91 -1.19
N ALA C 84 8.71 -2.80 -1.00
CA ALA C 84 9.30 -1.57 -0.53
C ALA C 84 9.81 -1.73 0.90
N LYS C 85 9.06 -2.49 1.71
CA LYS C 85 9.44 -2.71 3.09
C LYS C 85 10.32 -3.96 3.22
N GLU C 86 10.41 -4.72 2.13
CA GLU C 86 11.23 -5.93 2.10
C GLU C 86 12.71 -5.57 2.25
N ILE C 87 13.04 -4.36 1.84
CA ILE C 87 14.41 -3.87 1.93
C ILE C 87 14.65 -3.21 3.29
N ARG C 88 13.64 -3.24 4.13
CA ARG C 88 13.72 -2.64 5.47
C ARG C 88 13.80 -3.74 6.52
N LYS C 89 12.77 -4.57 6.59
CA LYS C 89 12.72 -5.66 7.56
C LYS C 89 12.85 -7.00 6.83
N LYS C 90 13.18 -8.06 7.57
CA LYS C 90 13.33 -9.37 6.96
C LYS C 90 12.04 -10.18 7.00
N LYS C 91 11.60 -10.51 8.20
CA LYS C 91 10.38 -11.31 8.37
C LYS C 91 9.61 -10.80 9.59
N ASP C 92 9.95 -9.60 10.02
CA ASP C 92 9.34 -8.99 11.19
C ASP C 92 7.99 -8.37 10.85
N LEU C 93 7.05 -9.20 10.41
CA LEU C 93 5.72 -8.73 10.05
C LEU C 93 4.69 -9.84 10.27
N LYS C 94 4.45 -10.64 9.22
CA LYS C 94 3.48 -11.74 9.26
C LYS C 94 2.05 -11.21 9.32
N ILE C 95 1.68 -10.63 10.47
CA ILE C 95 0.35 -10.05 10.74
C ILE C 95 -0.81 -11.05 10.55
N ARG C 96 -1.99 -10.65 11.03
CA ARG C 96 -3.19 -11.46 10.94
C ARG C 96 -4.41 -10.59 11.24
N LYS C 97 -5.08 -10.13 10.18
CA LYS C 97 -6.25 -9.28 10.32
C LYS C 97 -7.43 -9.88 9.55
N LYS C 98 -8.63 -9.63 10.05
CA LYS C 98 -9.84 -10.14 9.42
C LYS C 98 -10.88 -9.03 9.29
N GLU D 1 17.42 -27.09 -13.12
CA GLU D 1 16.86 -27.35 -11.78
C GLU D 1 17.97 -27.33 -10.75
N LYS D 2 18.13 -26.21 -10.06
CA LYS D 2 19.18 -26.08 -9.07
C LYS D 2 18.62 -26.10 -7.65
N LEU D 3 19.15 -26.98 -6.82
CA LEU D 3 18.72 -27.08 -5.43
C LEU D 3 19.93 -26.96 -4.51
N GLY D 4 21.11 -26.97 -5.08
CA GLY D 4 22.33 -26.86 -4.32
C GLY D 4 23.13 -28.13 -4.34
N LYS D 5 23.87 -28.38 -3.25
CA LYS D 5 24.70 -29.57 -3.14
C LYS D 5 24.54 -30.19 -1.76
N LEU D 6 24.65 -31.51 -1.69
CA LEU D 6 24.51 -32.22 -0.44
C LEU D 6 25.76 -33.01 -0.12
N GLN D 7 26.25 -32.87 1.10
CA GLN D 7 27.42 -33.61 1.55
C GLN D 7 26.95 -34.79 2.38
N TYR D 8 27.35 -36.00 2.00
CA TYR D 8 26.92 -37.18 2.72
C TYR D 8 27.91 -38.33 2.55
N SER D 9 27.82 -39.29 3.45
CA SER D 9 28.68 -40.46 3.43
C SER D 9 27.86 -41.72 3.62
N LEU D 10 27.92 -42.61 2.64
CA LEU D 10 27.16 -43.85 2.69
C LEU D 10 28.06 -45.02 3.08
N ASP D 11 27.74 -45.68 4.18
CA ASP D 11 28.51 -46.84 4.62
C ASP D 11 27.58 -48.06 4.67
N TYR D 12 28.14 -49.24 4.48
CA TYR D 12 27.33 -50.45 4.48
C TYR D 12 27.61 -51.30 5.70
N ASP D 13 26.55 -51.85 6.27
CA ASP D 13 26.67 -52.70 7.44
C ASP D 13 26.07 -54.07 7.14
N PHE D 14 26.82 -55.11 7.46
CA PHE D 14 26.37 -56.47 7.20
C PHE D 14 25.90 -57.17 8.48
N GLN D 15 25.98 -56.48 9.61
CA GLN D 15 25.56 -57.05 10.88
C GLN D 15 24.04 -56.97 11.00
N ASN D 16 23.48 -55.87 10.50
CA ASN D 16 22.04 -55.65 10.54
C ASN D 16 21.45 -55.65 9.13
N ASN D 17 22.34 -55.90 8.16
CA ASN D 17 21.97 -55.97 6.74
C ASN D 17 21.22 -54.72 6.30
N GLN D 18 21.94 -53.61 6.19
CA GLN D 18 21.34 -52.35 5.77
C GLN D 18 22.41 -51.34 5.39
N LEU D 19 22.00 -50.29 4.69
CA LEU D 19 22.92 -49.24 4.29
C LEU D 19 22.74 -48.03 5.19
N LEU D 20 23.82 -47.57 5.76
CA LEU D 20 23.78 -46.44 6.66
C LEU D 20 23.91 -45.15 5.86
N VAL D 21 22.79 -44.47 5.71
CA VAL D 21 22.77 -43.21 4.98
C VAL D 21 23.03 -42.06 5.92
N GLY D 22 24.28 -41.63 5.97
CA GLY D 22 24.66 -40.53 6.83
C GLY D 22 24.80 -39.23 6.06
N ILE D 23 23.87 -38.32 6.29
CA ILE D 23 23.89 -37.03 5.62
C ILE D 23 24.51 -35.98 6.52
N ILE D 24 25.49 -35.26 5.99
CA ILE D 24 26.17 -34.23 6.75
C ILE D 24 25.35 -32.95 6.75
N GLN D 25 25.22 -32.34 5.57
CA GLN D 25 24.47 -31.10 5.44
C GLN D 25 24.23 -30.76 3.98
N ALA D 26 23.36 -29.79 3.74
CA ALA D 26 23.04 -29.33 2.40
C ALA D 26 23.19 -27.82 2.36
N ALA D 27 23.45 -27.28 1.17
CA ALA D 27 23.61 -25.84 1.02
C ALA D 27 23.04 -25.36 -0.30
N GLU D 28 22.90 -24.04 -0.43
CA GLU D 28 22.38 -23.38 -1.64
C GLU D 28 20.88 -23.62 -1.82
N LEU D 29 20.20 -23.91 -0.73
CA LEU D 29 18.75 -24.16 -0.77
C LEU D 29 17.98 -22.87 -1.13
N PRO D 30 16.97 -22.99 -2.02
CA PRO D 30 16.15 -21.85 -2.45
C PRO D 30 15.21 -21.33 -1.36
N ALA D 31 14.67 -20.12 -1.59
CA ALA D 31 13.76 -19.49 -0.64
C ALA D 31 12.31 -19.81 -1.00
N LEU D 32 11.61 -20.48 -0.09
CA LEU D 32 10.22 -20.85 -0.30
C LEU D 32 9.30 -20.14 0.69
N ASP D 33 9.83 -19.86 1.88
CA ASP D 33 9.06 -19.20 2.93
C ASP D 33 9.35 -17.70 2.92
N MET D 34 8.29 -16.91 3.12
CA MET D 34 8.40 -15.45 3.12
C MET D 34 9.43 -14.97 4.13
N GLY D 35 10.53 -14.47 3.62
CA GLY D 35 11.58 -13.98 4.48
C GLY D 35 12.96 -14.37 3.97
N GLY D 36 12.99 -15.06 2.84
CA GLY D 36 14.25 -15.49 2.26
C GLY D 36 14.79 -16.71 2.95
N THR D 37 13.90 -17.42 3.62
CA THR D 37 14.27 -18.62 4.33
C THR D 37 13.33 -19.77 3.99
N SER D 38 13.64 -20.94 4.50
CA SER D 38 12.83 -22.12 4.29
C SER D 38 13.00 -23.05 5.48
N ASP D 39 12.04 -23.93 5.70
CA ASP D 39 12.09 -24.90 6.79
C ASP D 39 12.13 -26.29 6.18
N PRO D 40 13.22 -26.66 5.50
CA PRO D 40 13.34 -27.91 4.80
C PRO D 40 14.07 -29.01 5.54
N TYR D 41 13.56 -30.22 5.40
CA TYR D 41 14.15 -31.40 5.97
C TYR D 41 14.11 -32.50 4.93
N VAL D 42 15.09 -33.39 4.96
CA VAL D 42 15.15 -34.46 3.98
C VAL D 42 14.31 -35.66 4.40
N LYS D 43 13.44 -36.08 3.49
CA LYS D 43 12.60 -37.25 3.72
C LYS D 43 12.98 -38.31 2.71
N VAL D 44 13.48 -39.42 3.21
CA VAL D 44 13.93 -40.51 2.35
C VAL D 44 12.76 -41.34 1.85
N PHE D 45 12.51 -41.25 0.55
CA PHE D 45 11.44 -42.00 -0.07
C PHE D 45 12.05 -43.12 -0.92
N LEU D 46 11.31 -44.20 -1.07
CA LEU D 46 11.80 -45.34 -1.84
C LEU D 46 10.89 -45.62 -3.01
N LEU D 47 11.33 -46.53 -3.86
CA LEU D 47 10.57 -46.94 -5.04
C LEU D 47 9.41 -47.86 -4.57
N PRO D 48 8.69 -48.59 -5.47
CA PRO D 48 7.59 -49.50 -5.07
C PRO D 48 7.87 -50.38 -3.84
N ASP D 49 9.16 -50.50 -3.47
CA ASP D 49 9.57 -51.27 -2.29
C ASP D 49 8.76 -50.82 -1.08
N LYS D 50 8.78 -49.50 -0.84
CA LYS D 50 8.05 -48.85 0.26
C LYS D 50 8.16 -49.61 1.60
N LYS D 51 9.31 -50.21 1.84
CA LYS D 51 9.52 -50.95 3.09
C LYS D 51 10.41 -50.15 4.02
N LYS D 52 10.28 -48.82 3.94
CA LYS D 52 11.06 -47.91 4.76
C LYS D 52 10.64 -46.47 4.51
N LYS D 53 10.70 -45.66 5.55
CA LYS D 53 10.36 -44.24 5.48
C LYS D 53 10.86 -43.55 6.74
N PHE D 54 11.57 -42.46 6.56
CA PHE D 54 12.11 -41.72 7.69
C PHE D 54 12.16 -40.23 7.38
N GLU D 55 11.79 -39.43 8.37
CA GLU D 55 11.80 -37.98 8.24
C GLU D 55 12.78 -37.39 9.24
N THR D 56 13.56 -36.42 8.79
CA THR D 56 14.54 -35.78 9.65
C THR D 56 13.88 -34.71 10.51
N LYS D 57 14.67 -33.97 11.27
CA LYS D 57 14.13 -32.92 12.13
C LYS D 57 13.83 -31.69 11.27
N VAL D 58 12.77 -30.98 11.60
CA VAL D 58 12.41 -29.79 10.88
C VAL D 58 13.44 -28.68 11.12
N HIS D 59 14.31 -28.50 10.15
CA HIS D 59 15.35 -27.47 10.25
C HIS D 59 14.73 -26.14 9.82
N ARG D 60 14.08 -25.49 10.77
CA ARG D 60 13.39 -24.23 10.51
C ARG D 60 14.35 -23.06 10.26
N LYS D 61 13.97 -22.23 9.29
CA LYS D 61 14.69 -21.03 8.90
C LYS D 61 16.19 -21.26 8.69
N THR D 62 16.54 -22.01 7.67
CA THR D 62 17.93 -22.28 7.35
C THR D 62 18.08 -22.79 5.93
N LEU D 63 19.06 -22.26 5.22
CA LEU D 63 19.32 -22.68 3.85
C LEU D 63 20.60 -23.49 3.82
N ASN D 64 21.05 -23.84 5.03
CA ASN D 64 22.26 -24.63 5.23
C ASN D 64 22.07 -25.47 6.50
N PRO D 65 21.21 -26.50 6.42
CA PRO D 65 20.90 -27.37 7.55
C PRO D 65 22.08 -28.23 7.99
N VAL D 66 22.75 -27.79 9.04
CA VAL D 66 23.88 -28.52 9.59
C VAL D 66 23.45 -29.29 10.83
N PHE D 67 22.99 -30.50 10.62
CA PHE D 67 22.53 -31.34 11.72
C PHE D 67 23.19 -32.71 11.69
N ASN D 68 23.43 -33.21 10.48
CA ASN D 68 24.07 -34.51 10.29
C ASN D 68 23.21 -35.60 10.93
N GLU D 69 22.11 -35.93 10.28
CA GLU D 69 21.21 -36.96 10.76
C GLU D 69 21.57 -38.31 10.13
N GLN D 70 20.81 -39.35 10.45
CA GLN D 70 21.09 -40.68 9.93
C GLN D 70 19.81 -41.42 9.55
N PHE D 71 19.85 -42.07 8.39
CA PHE D 71 18.72 -42.85 7.92
C PHE D 71 19.11 -44.33 7.83
N THR D 72 18.21 -45.20 8.26
CA THR D 72 18.46 -46.63 8.25
C THR D 72 17.82 -47.28 7.02
N PHE D 73 18.63 -47.59 6.01
CA PHE D 73 18.15 -48.22 4.80
C PHE D 73 18.03 -49.73 5.03
N LYS D 74 16.99 -50.13 5.76
CA LYS D 74 16.77 -51.53 6.09
C LYS D 74 16.39 -52.35 4.86
N VAL D 75 17.40 -52.89 4.21
CA VAL D 75 17.23 -53.73 3.02
C VAL D 75 18.53 -54.49 2.80
N PRO D 76 18.45 -55.81 2.56
CA PRO D 76 19.63 -56.63 2.31
C PRO D 76 20.42 -56.12 1.12
N TYR D 77 21.76 -56.15 1.23
CA TYR D 77 22.62 -55.69 0.14
C TYR D 77 22.38 -56.52 -1.12
N SER D 78 21.80 -57.70 -0.95
CA SER D 78 21.49 -58.59 -2.05
C SER D 78 20.35 -58.02 -2.90
N GLU D 79 19.58 -57.11 -2.28
CA GLU D 79 18.46 -56.47 -2.96
C GLU D 79 18.79 -55.03 -3.30
N LEU D 80 20.03 -54.63 -3.03
CA LEU D 80 20.48 -53.28 -3.31
C LEU D 80 20.44 -52.97 -4.80
N GLY D 81 20.70 -53.99 -5.61
CA GLY D 81 20.68 -53.82 -7.04
C GLY D 81 19.30 -53.50 -7.57
N GLY D 82 18.28 -54.02 -6.89
CA GLY D 82 16.91 -53.78 -7.29
C GLY D 82 16.24 -52.76 -6.39
N LYS D 83 17.03 -51.92 -5.78
CA LYS D 83 16.51 -50.90 -4.89
C LYS D 83 17.08 -49.53 -5.24
N THR D 84 16.22 -48.53 -5.30
CA THR D 84 16.62 -47.17 -5.63
C THR D 84 16.01 -46.20 -4.62
N LEU D 85 16.85 -45.44 -3.94
CA LEU D 85 16.38 -44.49 -2.94
C LEU D 85 16.29 -43.09 -3.52
N VAL D 86 15.23 -42.39 -3.17
CA VAL D 86 15.02 -41.03 -3.63
C VAL D 86 14.79 -40.12 -2.43
N MET D 87 15.84 -39.44 -2.03
CA MET D 87 15.76 -38.54 -0.89
C MET D 87 15.34 -37.15 -1.37
N ALA D 88 14.15 -36.74 -0.96
CA ALA D 88 13.62 -35.45 -1.34
C ALA D 88 13.59 -34.51 -0.14
N VAL D 89 13.70 -33.22 -0.40
CA VAL D 89 13.66 -32.24 0.66
C VAL D 89 12.28 -31.60 0.73
N TYR D 90 11.66 -31.68 1.91
CA TYR D 90 10.33 -31.12 2.11
C TYR D 90 10.38 -29.95 3.07
N ASP D 91 9.63 -28.91 2.75
CA ASP D 91 9.57 -27.71 3.60
C ASP D 91 8.39 -27.81 4.55
N PHE D 92 8.50 -27.18 5.71
CA PHE D 92 7.43 -27.20 6.70
C PHE D 92 7.22 -25.81 7.29
N ASP D 93 6.98 -24.82 6.42
CA ASP D 93 6.73 -23.44 6.83
C ASP D 93 5.52 -23.32 7.78
N ARG D 94 4.63 -24.31 7.71
CA ARG D 94 3.43 -24.35 8.54
C ARG D 94 2.47 -23.21 8.23
N PHE D 95 2.46 -22.72 7.00
CA PHE D 95 1.57 -21.64 6.63
C PHE D 95 1.08 -21.77 5.20
N SER D 96 2.00 -21.79 4.25
CA SER D 96 1.65 -21.90 2.85
C SER D 96 1.67 -23.36 2.38
N LYS D 97 1.44 -23.57 1.08
CA LYS D 97 1.44 -24.91 0.52
C LYS D 97 2.88 -25.34 0.25
N HIS D 98 3.54 -25.81 1.29
CA HIS D 98 4.92 -26.27 1.16
C HIS D 98 4.97 -27.59 0.41
N ASP D 99 5.84 -27.66 -0.58
CA ASP D 99 5.99 -28.85 -1.39
C ASP D 99 7.44 -29.31 -1.38
N ILE D 100 7.76 -30.25 -2.23
CA ILE D 100 9.12 -30.76 -2.35
C ILE D 100 9.97 -29.72 -3.08
N ILE D 101 10.98 -29.21 -2.40
CA ILE D 101 11.86 -28.20 -2.97
C ILE D 101 12.78 -28.81 -4.02
N GLY D 102 13.10 -30.08 -3.84
CA GLY D 102 13.96 -30.77 -4.76
C GLY D 102 14.26 -32.18 -4.30
N GLU D 103 14.99 -32.93 -5.12
CA GLU D 103 15.33 -34.30 -4.81
C GLU D 103 16.58 -34.75 -5.56
N PHE D 104 17.00 -35.98 -5.31
CA PHE D 104 18.13 -36.57 -5.97
C PHE D 104 18.04 -38.08 -5.85
N LYS D 105 18.63 -38.79 -6.79
CA LYS D 105 18.59 -40.24 -6.79
C LYS D 105 19.93 -40.80 -7.28
N VAL D 106 20.19 -42.04 -6.91
CA VAL D 106 21.42 -42.70 -7.30
C VAL D 106 21.18 -44.19 -7.53
N PRO D 107 21.60 -44.72 -8.69
CA PRO D 107 21.44 -46.13 -9.02
C PRO D 107 22.31 -47.01 -8.12
N MET D 108 21.69 -47.61 -7.11
CA MET D 108 22.41 -48.45 -6.16
C MET D 108 23.05 -49.66 -6.84
N ASN D 109 22.46 -50.09 -7.96
CA ASN D 109 23.00 -51.23 -8.70
C ASN D 109 24.36 -50.90 -9.31
N THR D 110 24.63 -49.61 -9.47
CA THR D 110 25.88 -49.15 -10.03
C THR D 110 26.87 -48.74 -8.94
N VAL D 111 26.44 -48.87 -7.69
CA VAL D 111 27.27 -48.51 -6.57
C VAL D 111 27.83 -49.77 -5.90
N ASP D 112 29.15 -49.90 -5.90
CA ASP D 112 29.79 -51.04 -5.28
C ASP D 112 29.94 -50.81 -3.78
N PHE D 113 29.32 -51.68 -2.99
CA PHE D 113 29.35 -51.57 -1.53
C PHE D 113 30.64 -52.16 -0.96
N GLY D 114 31.76 -51.80 -1.58
CA GLY D 114 33.05 -52.30 -1.12
C GLY D 114 33.69 -51.37 -0.11
N HIS D 115 33.34 -50.09 -0.18
CA HIS D 115 33.89 -49.10 0.72
C HIS D 115 32.88 -47.99 0.95
N VAL D 116 33.25 -47.02 1.79
CA VAL D 116 32.38 -45.90 2.10
C VAL D 116 32.21 -44.99 0.88
N THR D 117 30.99 -44.61 0.61
CA THR D 117 30.70 -43.75 -0.52
C THR D 117 30.50 -42.31 -0.06
N GLU D 118 31.61 -41.59 0.07
CA GLU D 118 31.57 -40.20 0.50
C GLU D 118 31.77 -39.31 -0.72
N GLU D 119 30.78 -38.49 -1.03
CA GLU D 119 30.85 -37.62 -2.19
C GLU D 119 29.97 -36.38 -2.00
N TRP D 120 30.09 -35.44 -2.93
CA TRP D 120 29.33 -34.21 -2.91
C TRP D 120 28.33 -34.23 -4.07
N ARG D 121 27.19 -34.86 -3.85
CA ARG D 121 26.16 -34.97 -4.86
C ARG D 121 25.39 -33.65 -5.01
N ASP D 122 25.04 -33.33 -6.24
CA ASP D 122 24.29 -32.11 -6.52
C ASP D 122 22.81 -32.39 -6.40
N LEU D 123 22.05 -31.38 -6.00
CA LEU D 123 20.61 -31.52 -5.84
C LEU D 123 19.86 -30.79 -6.94
N GLN D 124 18.73 -31.34 -7.35
CA GLN D 124 17.93 -30.74 -8.41
C GLN D 124 16.53 -30.41 -7.89
N SER D 125 15.96 -29.30 -8.35
CA SER D 125 14.62 -28.91 -7.94
C SER D 125 13.58 -29.52 -8.87
N ALA D 126 13.36 -30.82 -8.71
CA ALA D 126 12.39 -31.54 -9.53
C ALA D 126 11.02 -31.50 -8.88
N GLU D 127 10.04 -30.96 -9.60
CA GLU D 127 8.69 -30.86 -9.10
C GLU D 127 8.01 -32.23 -9.05
N LYS D 128 7.03 -32.36 -8.18
CA LYS D 128 6.29 -33.60 -8.04
C LYS D 128 4.80 -33.31 -8.08
N GLU A 1 -26.23 34.50 -13.54
CA GLU A 1 -25.48 33.92 -12.40
C GLU A 1 -26.24 32.73 -11.83
N LYS A 2 -25.50 31.74 -11.36
CA LYS A 2 -26.11 30.55 -10.78
C LYS A 2 -25.23 29.95 -9.70
N LEU A 3 -25.70 29.98 -8.47
CA LEU A 3 -24.97 29.41 -7.35
C LEU A 3 -25.79 28.31 -6.70
N GLY A 4 -27.06 28.25 -7.06
CA GLY A 4 -27.95 27.24 -6.53
C GLY A 4 -29.09 27.84 -5.73
N LYS A 5 -29.51 27.12 -4.70
CA LYS A 5 -30.60 27.57 -3.84
C LYS A 5 -30.26 27.28 -2.39
N LEU A 6 -30.64 28.18 -1.50
CA LEU A 6 -30.37 28.01 -0.08
C LEU A 6 -31.66 28.14 0.72
N GLN A 7 -32.00 27.07 1.44
CA GLN A 7 -33.19 27.07 2.26
C GLN A 7 -32.80 27.50 3.67
N TYR A 8 -33.40 28.57 4.14
CA TYR A 8 -33.10 29.09 5.47
C TYR A 8 -34.35 29.55 6.20
N SER A 9 -34.20 29.78 7.49
CA SER A 9 -35.29 30.22 8.33
C SER A 9 -34.83 31.37 9.24
N LEU A 10 -35.36 32.55 9.00
CA LEU A 10 -34.99 33.72 9.80
C LEU A 10 -36.00 33.94 10.91
N ASP A 11 -35.49 34.12 12.13
CA ASP A 11 -36.33 34.39 13.28
C ASP A 11 -35.71 35.54 14.07
N TYR A 12 -36.52 36.23 14.85
CA TYR A 12 -36.03 37.38 15.60
C TYR A 12 -36.14 37.17 17.11
N ASP A 13 -35.21 37.77 17.83
CA ASP A 13 -35.19 37.69 19.28
C ASP A 13 -35.09 39.10 19.85
N PHE A 14 -35.91 39.41 20.83
CA PHE A 14 -35.95 40.74 21.42
C PHE A 14 -35.29 40.78 22.80
N GLN A 15 -34.78 39.64 23.27
CA GLN A 15 -34.14 39.60 24.58
C GLN A 15 -32.66 39.93 24.46
N ASN A 16 -32.04 39.53 23.35
CA ASN A 16 -30.62 39.82 23.12
C ASN A 16 -30.46 40.84 22.00
N ASN A 17 -31.59 41.24 21.43
CA ASN A 17 -31.64 42.24 20.36
C ASN A 17 -30.81 41.80 19.16
N GLN A 18 -31.31 40.83 18.41
CA GLN A 18 -30.61 40.32 17.24
C GLN A 18 -31.51 39.42 16.40
N LEU A 19 -31.06 39.11 15.20
CA LEU A 19 -31.80 38.22 14.32
C LEU A 19 -31.06 36.90 14.18
N LEU A 20 -31.76 35.81 14.46
CA LEU A 20 -31.15 34.50 14.36
C LEU A 20 -31.25 33.96 12.95
N VAL A 21 -30.12 33.95 12.26
CA VAL A 21 -30.07 33.47 10.90
C VAL A 21 -29.78 31.97 10.89
N GLY A 22 -30.84 31.18 10.83
CA GLY A 22 -30.70 29.75 10.81
C GLY A 22 -30.81 29.19 9.42
N ILE A 23 -29.67 28.91 8.80
CA ILE A 23 -29.64 28.35 7.46
C ILE A 23 -29.69 26.83 7.53
N ILE A 24 -30.54 26.23 6.71
CA ILE A 24 -30.67 24.78 6.71
C ILE A 24 -29.56 24.15 5.87
N GLN A 25 -29.55 24.45 4.58
CA GLN A 25 -28.55 23.90 3.67
C GLN A 25 -28.60 24.58 2.32
N ALA A 26 -27.57 24.36 1.52
CA ALA A 26 -27.48 24.92 0.18
C ALA A 26 -27.32 23.81 -0.84
N ALA A 27 -27.95 23.98 -2.00
CA ALA A 27 -27.89 22.96 -3.04
C ALA A 27 -27.51 23.57 -4.38
N GLU A 28 -27.03 22.72 -5.29
CA GLU A 28 -26.63 23.10 -6.64
C GLU A 28 -25.40 24.01 -6.61
N LEU A 29 -24.46 23.68 -5.74
CA LEU A 29 -23.23 24.47 -5.62
C LEU A 29 -22.22 24.08 -6.72
N PRO A 30 -21.67 25.09 -7.43
CA PRO A 30 -20.67 24.85 -8.48
C PRO A 30 -19.38 24.23 -7.95
N ALA A 31 -18.63 23.58 -8.83
CA ALA A 31 -17.38 22.94 -8.45
C ALA A 31 -16.22 23.93 -8.47
N LEU A 32 -15.30 23.75 -7.53
CA LEU A 32 -14.13 24.62 -7.42
C LEU A 32 -12.87 23.79 -7.20
N ASP A 33 -12.92 22.92 -6.20
CA ASP A 33 -11.78 22.07 -5.86
C ASP A 33 -11.50 21.04 -6.96
N MET A 34 -10.27 20.57 -7.00
CA MET A 34 -9.85 19.58 -8.00
C MET A 34 -10.36 18.20 -7.62
N GLY A 35 -11.62 17.97 -7.91
CA GLY A 35 -12.24 16.69 -7.59
C GLY A 35 -13.75 16.76 -7.72
N GLY A 36 -14.27 17.97 -7.89
CA GLY A 36 -15.71 18.14 -8.02
C GLY A 36 -16.33 18.67 -6.75
N THR A 37 -16.14 17.94 -5.66
CA THR A 37 -16.67 18.33 -4.38
C THR A 37 -15.70 19.27 -3.66
N SER A 38 -16.00 20.56 -3.72
CA SER A 38 -15.16 21.58 -3.09
C SER A 38 -15.43 21.66 -1.58
N ASP A 39 -14.81 22.64 -0.94
CA ASP A 39 -14.97 22.85 0.50
C ASP A 39 -15.62 24.21 0.73
N PRO A 40 -16.91 24.38 0.38
CA PRO A 40 -17.60 25.65 0.50
C PRO A 40 -18.30 25.86 1.83
N TYR A 41 -17.94 26.94 2.50
CA TYR A 41 -18.55 27.30 3.77
C TYR A 41 -19.13 28.71 3.64
N VAL A 42 -20.16 28.99 4.41
CA VAL A 42 -20.80 30.30 4.34
C VAL A 42 -20.26 31.26 5.39
N LYS A 43 -19.73 32.38 4.95
CA LYS A 43 -19.22 33.39 5.85
C LYS A 43 -20.08 34.63 5.76
N VAL A 44 -20.55 35.11 6.89
CA VAL A 44 -21.41 36.27 6.93
C VAL A 44 -20.60 37.56 6.81
N PHE A 45 -21.07 38.44 5.95
CA PHE A 45 -20.43 39.73 5.74
C PHE A 45 -21.49 40.82 5.77
N LEU A 46 -21.10 42.00 6.22
CA LEU A 46 -22.04 43.10 6.32
C LEU A 46 -21.54 44.32 5.57
N LEU A 47 -22.32 45.38 5.64
CA LEU A 47 -21.99 46.65 5.01
C LEU A 47 -21.03 47.42 5.94
N PRO A 48 -20.73 48.73 5.70
CA PRO A 48 -19.83 49.54 6.55
C PRO A 48 -19.96 49.29 8.07
N ASP A 49 -21.13 48.81 8.51
CA ASP A 49 -21.38 48.48 9.91
C ASP A 49 -20.23 47.65 10.48
N LYS A 50 -20.02 46.48 9.85
CA LYS A 50 -18.95 45.54 10.23
C LYS A 50 -18.96 45.18 11.72
N LYS A 51 -20.09 45.31 12.38
CA LYS A 51 -20.19 44.98 13.80
C LYS A 51 -20.61 43.53 13.99
N LYS A 52 -20.15 42.67 13.09
CA LYS A 52 -20.49 41.24 13.15
C LYS A 52 -19.68 40.46 12.13
N LYS A 53 -19.22 39.29 12.54
CA LYS A 53 -18.46 38.40 11.68
C LYS A 53 -18.48 36.98 12.27
N PHE A 54 -18.68 35.99 11.42
CA PHE A 54 -18.74 34.60 11.88
C PHE A 54 -18.29 33.66 10.78
N GLU A 55 -17.38 32.77 11.12
CA GLU A 55 -16.87 31.79 10.18
C GLU A 55 -17.46 30.42 10.51
N THR A 56 -18.00 29.74 9.51
CA THR A 56 -18.61 28.43 9.71
C THR A 56 -17.59 27.31 9.58
N LYS A 57 -18.03 26.09 9.87
CA LYS A 57 -17.17 24.92 9.77
C LYS A 57 -16.94 24.58 8.31
N VAL A 58 -15.68 24.43 7.92
CA VAL A 58 -15.37 24.11 6.54
C VAL A 58 -16.01 22.79 6.13
N HIS A 59 -16.95 22.88 5.21
CA HIS A 59 -17.66 21.71 4.71
C HIS A 59 -16.80 21.04 3.64
N ARG A 60 -15.78 20.32 4.10
CA ARG A 60 -14.84 19.66 3.22
C ARG A 60 -15.48 18.62 2.30
N LYS A 61 -15.16 18.75 1.01
CA LYS A 61 -15.62 17.84 -0.05
C LYS A 61 -17.14 17.61 -0.04
N THR A 62 -17.88 18.59 -0.52
CA THR A 62 -19.33 18.48 -0.60
C THR A 62 -19.93 19.64 -1.40
N LEU A 63 -21.03 19.35 -2.08
CA LEU A 63 -21.74 20.36 -2.87
C LEU A 63 -23.16 20.50 -2.36
N ASN A 64 -23.38 19.97 -1.16
CA ASN A 64 -24.68 20.00 -0.52
C ASN A 64 -24.48 19.85 0.99
N PRO A 65 -23.96 20.90 1.65
CA PRO A 65 -23.68 20.87 3.08
C PRO A 65 -24.93 21.01 3.95
N VAL A 66 -25.11 20.06 4.84
CA VAL A 66 -26.24 20.05 5.76
C VAL A 66 -25.76 20.11 7.21
N PHE A 67 -25.57 21.32 7.70
CA PHE A 67 -25.07 21.52 9.08
C PHE A 67 -26.04 22.36 9.91
N ASN A 68 -26.66 23.35 9.27
CA ASN A 68 -27.60 24.25 9.94
C ASN A 68 -26.89 25.06 11.01
N GLU A 69 -25.91 25.85 10.59
CA GLU A 69 -25.15 26.70 11.50
C GLU A 69 -26.00 27.86 12.00
N GLN A 70 -25.65 28.38 13.17
CA GLN A 70 -26.38 29.48 13.78
C GLN A 70 -25.54 30.76 13.77
N PHE A 71 -26.08 31.81 13.19
CA PHE A 71 -25.39 33.09 13.14
C PHE A 71 -26.17 34.13 13.96
N THR A 72 -25.48 34.79 14.88
CA THR A 72 -26.08 35.80 15.72
C THR A 72 -25.93 37.19 15.09
N PHE A 73 -27.01 37.68 14.48
CA PHE A 73 -26.99 38.99 13.85
C PHE A 73 -27.17 40.07 14.93
N LYS A 74 -26.13 40.24 15.74
CA LYS A 74 -26.13 41.19 16.84
C LYS A 74 -26.26 42.63 16.36
N VAL A 75 -27.48 43.15 16.44
CA VAL A 75 -27.78 44.51 16.06
C VAL A 75 -29.23 44.83 16.41
N PRO A 76 -29.48 46.00 16.99
CA PRO A 76 -30.85 46.41 17.37
C PRO A 76 -31.79 46.43 16.17
N TYR A 77 -33.00 45.95 16.38
CA TYR A 77 -34.02 45.92 15.32
C TYR A 77 -34.32 47.34 14.82
N SER A 78 -33.95 48.32 15.62
CA SER A 78 -34.15 49.72 15.28
C SER A 78 -33.14 50.18 14.24
N GLU A 79 -32.08 49.38 14.05
CA GLU A 79 -31.05 49.70 13.07
C GLU A 79 -31.07 48.69 11.93
N LEU A 80 -32.04 47.79 11.99
CA LEU A 80 -32.19 46.75 10.98
C LEU A 80 -32.56 47.34 9.61
N GLY A 81 -33.16 48.53 9.64
CA GLY A 81 -33.56 49.21 8.42
C GLY A 81 -32.37 49.53 7.53
N GLY A 82 -31.23 49.78 8.15
CA GLY A 82 -30.03 50.10 7.40
C GLY A 82 -28.96 49.06 7.62
N LYS A 83 -29.39 47.83 7.90
CA LYS A 83 -28.46 46.74 8.14
C LYS A 83 -28.77 45.54 7.25
N THR A 84 -28.45 45.67 5.98
CA THR A 84 -28.67 44.60 5.02
C THR A 84 -27.50 43.60 5.10
N LEU A 85 -27.78 42.42 5.62
CA LEU A 85 -26.76 41.39 5.77
C LEU A 85 -26.60 40.60 4.48
N VAL A 86 -25.40 40.09 4.25
CA VAL A 86 -25.12 39.30 3.06
C VAL A 86 -24.46 37.99 3.46
N MET A 87 -24.77 36.93 2.72
CA MET A 87 -24.20 35.62 2.98
C MET A 87 -23.38 35.17 1.79
N ALA A 88 -22.07 35.14 1.95
CA ALA A 88 -21.17 34.75 0.88
C ALA A 88 -20.57 33.38 1.14
N VAL A 89 -20.55 32.54 0.12
CA VAL A 89 -19.99 31.21 0.24
C VAL A 89 -18.55 31.20 -0.25
N TYR A 90 -17.65 30.83 0.63
CA TYR A 90 -16.23 30.80 0.32
C TYR A 90 -15.72 29.36 0.30
N ASP A 91 -14.88 29.05 -0.67
CA ASP A 91 -14.31 27.71 -0.78
C ASP A 91 -13.00 27.63 -0.01
N PHE A 92 -12.67 26.45 0.44
CA PHE A 92 -11.45 26.21 1.17
C PHE A 92 -10.75 24.97 0.62
N ASP A 93 -10.44 25.00 -0.68
CA ASP A 93 -9.77 23.89 -1.36
C ASP A 93 -8.42 23.54 -0.72
N ARG A 94 -7.91 24.47 0.09
CA ARG A 94 -6.65 24.30 0.84
C ARG A 94 -5.43 24.27 -0.07
N PHE A 95 -5.51 24.85 -1.26
CA PHE A 95 -4.37 24.88 -2.16
C PHE A 95 -4.38 26.09 -3.07
N SER A 96 -5.34 26.11 -3.97
CA SER A 96 -5.46 27.21 -4.92
C SER A 96 -5.99 28.45 -4.22
N LYS A 97 -5.99 29.57 -4.92
CA LYS A 97 -6.49 30.81 -4.36
C LYS A 97 -8.01 30.79 -4.45
N HIS A 98 -8.62 30.00 -3.57
CA HIS A 98 -10.07 29.85 -3.52
C HIS A 98 -10.79 31.19 -3.62
N ASP A 99 -11.84 31.19 -4.42
CA ASP A 99 -12.61 32.41 -4.67
C ASP A 99 -14.00 32.29 -4.07
N ILE A 100 -14.78 33.34 -4.26
CA ILE A 100 -16.15 33.36 -3.78
C ILE A 100 -17.05 32.69 -4.82
N ILE A 101 -17.77 31.66 -4.41
CA ILE A 101 -18.63 30.93 -5.34
C ILE A 101 -19.91 31.72 -5.62
N GLY A 102 -20.26 32.60 -4.69
CA GLY A 102 -21.45 33.40 -4.84
C GLY A 102 -21.94 33.92 -3.51
N GLU A 103 -23.04 34.65 -3.53
CA GLU A 103 -23.60 35.22 -2.32
C GLU A 103 -25.04 35.66 -2.54
N PHE A 104 -25.71 36.01 -1.46
CA PHE A 104 -27.08 36.50 -1.52
C PHE A 104 -27.28 37.52 -0.40
N LYS A 105 -28.11 38.51 -0.65
CA LYS A 105 -28.38 39.55 0.33
C LYS A 105 -29.84 39.97 0.27
N VAL A 106 -30.36 40.42 1.39
CA VAL A 106 -31.75 40.84 1.46
C VAL A 106 -31.91 42.03 2.40
N PRO A 107 -32.54 43.11 1.92
CA PRO A 107 -32.77 44.32 2.73
C PRO A 107 -33.73 44.06 3.88
N MET A 108 -33.19 44.09 5.09
CA MET A 108 -33.99 43.82 6.29
C MET A 108 -34.96 44.96 6.60
N ASN A 109 -34.87 46.05 5.87
CA ASN A 109 -35.76 47.19 6.07
C ASN A 109 -37.15 46.86 5.54
N THR A 110 -37.19 46.29 4.35
CA THR A 110 -38.44 45.94 3.72
C THR A 110 -38.97 44.61 4.26
N VAL A 111 -38.06 43.74 4.66
CA VAL A 111 -38.43 42.45 5.22
C VAL A 111 -38.70 42.58 6.71
N ASP A 112 -39.99 42.65 7.05
CA ASP A 112 -40.41 42.81 8.43
C ASP A 112 -40.18 41.52 9.21
N PHE A 113 -40.12 41.65 10.53
CA PHE A 113 -39.91 40.51 11.40
C PHE A 113 -41.19 40.22 12.19
N GLY A 114 -42.32 40.26 11.50
CA GLY A 114 -43.61 40.00 12.13
C GLY A 114 -43.67 38.65 12.82
N HIS A 115 -43.07 37.63 12.21
CA HIS A 115 -43.07 36.30 12.80
C HIS A 115 -41.79 35.55 12.45
N VAL A 116 -41.76 34.98 11.25
CA VAL A 116 -40.60 34.23 10.77
C VAL A 116 -40.47 34.39 9.26
N THR A 117 -39.26 34.23 8.76
CA THR A 117 -39.01 34.34 7.33
C THR A 117 -38.24 33.12 6.83
N GLU A 118 -38.96 32.07 6.49
CA GLU A 118 -38.34 30.85 5.97
C GLU A 118 -38.63 30.73 4.48
N GLU A 119 -37.59 30.57 3.68
CA GLU A 119 -37.75 30.45 2.24
C GLU A 119 -36.49 29.89 1.60
N TRP A 120 -36.62 29.51 0.33
CA TRP A 120 -35.50 28.98 -0.44
C TRP A 120 -35.04 30.05 -1.43
N ARG A 121 -34.15 30.91 -0.97
CA ARG A 121 -33.64 32.00 -1.80
C ARG A 121 -32.68 31.48 -2.85
N ASP A 122 -32.81 32.03 -4.05
CA ASP A 122 -31.96 31.69 -5.17
C ASP A 122 -30.59 32.30 -4.97
N LEU A 123 -29.56 31.53 -5.24
CA LEU A 123 -28.19 31.99 -5.06
C LEU A 123 -27.57 32.39 -6.39
N GLN A 124 -26.77 33.45 -6.37
CA GLN A 124 -26.11 33.93 -7.57
C GLN A 124 -24.60 33.99 -7.37
N SER A 125 -23.86 33.59 -8.40
CA SER A 125 -22.41 33.58 -8.35
C SER A 125 -21.82 34.98 -8.59
N ALA A 126 -21.87 35.81 -7.55
CA ALA A 126 -21.35 37.16 -7.64
C ALA A 126 -19.85 37.17 -7.36
N GLU A 127 -19.07 37.52 -8.35
CA GLU A 127 -17.62 37.56 -8.22
C GLU A 127 -17.20 38.74 -7.35
N LYS A 128 -16.15 38.53 -6.57
CA LYS A 128 -15.63 39.56 -5.69
C LYS A 128 -14.12 39.70 -5.89
N MET B 1 33.66 0.11 -15.66
CA MET B 1 34.28 0.76 -14.48
C MET B 1 33.31 0.75 -13.31
N ALA B 2 33.49 1.68 -12.38
CA ALA B 2 32.62 1.77 -11.22
C ALA B 2 31.32 2.49 -11.59
N ALA B 3 30.52 2.82 -10.56
CA ALA B 3 29.25 3.53 -10.75
C ALA B 3 28.32 2.75 -11.68
N GLU B 4 28.26 1.43 -11.47
CA GLU B 4 27.40 0.58 -12.29
C GLU B 4 25.96 0.66 -11.80
N PRO B 5 25.00 0.54 -12.71
CA PRO B 5 23.58 0.60 -12.37
C PRO B 5 23.08 -0.68 -11.69
N LEU B 6 21.98 -0.55 -10.98
CA LEU B 6 21.39 -1.69 -10.29
C LEU B 6 20.14 -2.13 -11.04
N THR B 7 19.31 -2.94 -10.41
CA THR B 7 18.08 -3.39 -11.03
C THR B 7 17.12 -2.21 -11.15
N GLU B 8 16.25 -2.25 -12.15
CA GLU B 8 15.28 -1.18 -12.42
C GLU B 8 14.62 -0.66 -11.13
N LEU B 9 13.97 -1.56 -10.39
CA LEU B 9 13.28 -1.18 -9.16
C LEU B 9 14.27 -0.68 -8.09
N GLU B 10 15.49 -1.19 -8.12
CA GLU B 10 16.50 -0.77 -7.14
C GLU B 10 16.88 0.69 -7.36
N GLU B 11 16.84 1.12 -8.61
CA GLU B 11 17.16 2.50 -8.95
C GLU B 11 15.99 3.40 -8.59
N SER B 12 14.78 2.88 -8.77
CA SER B 12 13.56 3.62 -8.46
C SER B 12 13.47 3.89 -6.96
N ILE B 13 13.92 2.95 -6.14
CA ILE B 13 13.88 3.12 -4.70
C ILE B 13 15.05 3.98 -4.23
N GLU B 14 16.12 4.03 -5.01
CA GLU B 14 17.29 4.82 -4.67
C GLU B 14 16.97 6.31 -4.72
N THR B 15 16.34 6.74 -5.81
CA THR B 15 16.00 8.15 -5.98
C THR B 15 15.05 8.65 -4.89
N VAL B 16 14.02 7.86 -4.56
CA VAL B 16 13.06 8.29 -3.53
C VAL B 16 13.72 8.35 -2.15
N VAL B 17 14.58 7.38 -1.84
CA VAL B 17 15.27 7.36 -0.56
C VAL B 17 16.20 8.57 -0.46
N THR B 18 16.81 8.92 -1.59
CA THR B 18 17.70 10.08 -1.64
C THR B 18 16.93 11.34 -1.27
N THR B 19 15.82 11.58 -1.96
CA THR B 19 14.99 12.74 -1.69
C THR B 19 14.47 12.71 -0.25
N PHE B 20 14.07 11.52 0.20
CA PHE B 20 13.57 11.32 1.56
C PHE B 20 14.63 11.74 2.58
N PHE B 21 15.85 11.26 2.39
CA PHE B 21 16.94 11.58 3.30
C PHE B 21 17.33 13.04 3.22
N THR B 22 17.21 13.63 2.03
CA THR B 22 17.56 15.04 1.84
C THR B 22 16.62 15.94 2.63
N PHE B 23 15.38 15.49 2.83
CA PHE B 23 14.41 16.26 3.57
C PHE B 23 14.44 15.89 5.06
N ALA B 24 14.80 14.65 5.35
CA ALA B 24 14.88 14.17 6.73
C ALA B 24 16.17 14.62 7.40
N ARG B 25 16.49 15.90 7.25
CA ARG B 25 17.69 16.46 7.84
C ARG B 25 17.58 17.99 7.85
N GLN B 26 16.37 18.47 8.05
CA GLN B 26 16.14 19.91 8.09
C GLN B 26 16.05 20.36 9.54
N GLU B 27 15.34 19.57 10.34
CA GLU B 27 15.17 19.87 11.75
C GLU B 27 16.00 18.91 12.60
N GLY B 28 15.72 17.62 12.51
CA GLY B 28 16.48 16.66 13.29
C GLY B 28 16.02 15.23 13.10
N ARG B 29 16.85 14.29 13.56
CA ARG B 29 16.56 12.85 13.47
C ARG B 29 16.51 12.39 12.02
N LYS B 30 17.70 12.13 11.45
CA LYS B 30 17.83 11.69 10.06
C LYS B 30 17.29 10.27 9.85
N ASP B 31 15.98 10.15 9.82
CA ASP B 31 15.30 8.87 9.60
C ASP B 31 13.80 9.08 9.63
N SER B 32 13.38 10.22 10.16
CA SER B 32 11.98 10.56 10.24
C SER B 32 11.76 11.99 9.79
N LEU B 33 10.54 12.32 9.39
CA LEU B 33 10.21 13.66 8.94
C LEU B 33 9.34 14.38 9.95
N SER B 34 9.79 15.54 10.40
CA SER B 34 9.03 16.33 11.36
C SER B 34 7.83 16.98 10.63
N VAL B 35 6.98 17.67 11.37
CA VAL B 35 5.79 18.30 10.80
C VAL B 35 6.16 19.29 9.69
N ASN B 36 7.06 20.21 10.01
CA ASN B 36 7.50 21.21 9.05
C ASN B 36 8.26 20.56 7.89
N GLU B 37 9.14 19.61 8.21
CA GLU B 37 9.91 18.92 7.18
C GLU B 37 8.99 18.20 6.19
N PHE B 38 7.95 17.58 6.72
CA PHE B 38 6.98 16.86 5.91
C PHE B 38 6.25 17.83 4.98
N LYS B 39 5.90 19.00 5.52
CA LYS B 39 5.21 20.01 4.75
C LYS B 39 6.11 20.56 3.63
N GLU B 40 7.40 20.70 3.94
CA GLU B 40 8.36 21.22 2.96
C GLU B 40 8.46 20.29 1.76
N LEU B 41 8.15 19.01 1.96
CA LEU B 41 8.20 18.02 0.88
C LEU B 41 7.06 18.26 -0.11
N VAL B 42 5.83 18.28 0.40
CA VAL B 42 4.66 18.46 -0.46
C VAL B 42 4.59 19.86 -1.05
N THR B 43 4.94 20.87 -0.25
CA THR B 43 4.89 22.26 -0.70
C THR B 43 6.16 22.62 -1.50
N GLN B 44 6.73 21.65 -2.18
CA GLN B 44 7.93 21.88 -2.96
C GLN B 44 7.97 20.95 -4.17
N GLN B 45 7.86 19.65 -3.93
CA GLN B 45 7.91 18.68 -5.01
C GLN B 45 6.59 17.95 -5.20
N LEU B 46 5.49 18.51 -4.73
CA LEU B 46 4.19 17.87 -4.90
C LEU B 46 3.03 18.87 -4.99
N PRO B 47 3.13 19.92 -5.82
CA PRO B 47 2.06 20.90 -5.97
C PRO B 47 1.19 20.56 -7.19
N HIS B 48 1.17 19.28 -7.53
CA HIS B 48 0.42 18.81 -8.69
C HIS B 48 -0.45 17.59 -8.34
N LEU B 49 0.18 16.52 -7.87
CA LEU B 49 -0.55 15.30 -7.52
C LEU B 49 -1.48 15.52 -6.33
N LEU B 50 -0.94 15.98 -5.23
CA LEU B 50 -1.72 16.24 -4.04
C LEU B 50 -1.77 17.74 -3.78
N LYS B 51 -2.85 18.37 -4.23
CA LYS B 51 -2.99 19.82 -4.06
C LYS B 51 -3.61 20.16 -2.71
N ASP B 52 -2.79 20.09 -1.66
CA ASP B 52 -3.25 20.42 -0.31
C ASP B 52 -2.09 20.97 0.51
N VAL B 53 -1.99 22.29 0.57
CA VAL B 53 -0.94 22.95 1.32
C VAL B 53 -1.50 23.61 2.57
N GLY B 54 -2.80 23.44 2.78
CA GLY B 54 -3.44 24.04 3.92
C GLY B 54 -3.75 23.04 5.02
N SER B 55 -4.38 21.94 4.65
CA SER B 55 -4.73 20.92 5.63
C SER B 55 -3.67 19.84 5.72
N LEU B 56 -2.46 20.24 6.07
CA LEU B 56 -1.35 19.30 6.22
C LEU B 56 -1.61 18.38 7.40
N ASP B 57 -2.27 18.94 8.41
CA ASP B 57 -2.61 18.19 9.63
C ASP B 57 -3.53 17.02 9.30
N GLU B 58 -4.41 17.21 8.30
CA GLU B 58 -5.33 16.16 7.90
C GLU B 58 -4.56 14.97 7.33
N LYS B 59 -3.45 15.26 6.67
CA LYS B 59 -2.61 14.20 6.09
C LYS B 59 -1.81 13.53 7.20
N MET B 60 -1.20 14.37 8.03
CA MET B 60 -0.39 13.91 9.16
C MET B 60 -1.17 12.97 10.07
N LYS B 61 -2.36 13.40 10.47
CA LYS B 61 -3.20 12.61 11.39
C LYS B 61 -3.88 11.44 10.68
N SER B 62 -3.48 11.16 9.44
CA SER B 62 -4.05 10.05 8.70
C SER B 62 -2.95 9.05 8.35
N LEU B 63 -1.76 9.57 8.07
CA LEU B 63 -0.62 8.74 7.73
C LEU B 63 0.05 8.24 9.00
N ASP B 64 0.12 9.10 10.00
CA ASP B 64 0.72 8.73 11.27
C ASP B 64 -0.33 8.11 12.17
N VAL B 65 -0.23 6.81 12.37
CA VAL B 65 -1.18 6.08 13.20
C VAL B 65 -0.63 5.92 14.62
N ASN B 66 0.52 6.50 14.88
CA ASN B 66 1.14 6.43 16.20
C ASN B 66 0.95 7.76 16.91
N GLN B 67 0.96 8.83 16.11
CA GLN B 67 0.76 10.20 16.59
C GLN B 67 1.88 10.70 17.51
N ASP B 68 3.11 10.68 17.03
CA ASP B 68 4.23 11.15 17.81
C ASP B 68 4.87 12.37 17.12
N SER B 69 4.22 12.80 16.04
CA SER B 69 4.65 13.95 15.26
C SER B 69 5.94 13.68 14.49
N GLU B 70 6.33 12.42 14.40
CA GLU B 70 7.53 12.04 13.69
C GLU B 70 7.17 11.05 12.58
N LEU B 71 7.18 11.54 11.35
CA LEU B 71 6.85 10.69 10.21
C LEU B 71 8.02 9.77 9.90
N LYS B 72 8.05 8.61 10.54
CA LYS B 72 9.12 7.64 10.33
C LYS B 72 9.09 7.13 8.90
N PHE B 73 10.14 6.41 8.50
CA PHE B 73 10.25 5.86 7.15
C PHE B 73 8.97 5.14 6.72
N ASN B 74 8.43 4.33 7.63
CA ASN B 74 7.21 3.58 7.36
C ASN B 74 6.02 4.52 7.15
N GLU B 75 5.87 5.49 8.05
CA GLU B 75 4.78 6.45 7.97
C GLU B 75 4.92 7.35 6.73
N TYR B 76 6.16 7.66 6.39
CA TYR B 76 6.44 8.50 5.23
C TYR B 76 6.08 7.77 3.94
N TRP B 77 6.37 6.48 3.90
CA TRP B 77 6.07 5.67 2.73
C TRP B 77 4.56 5.58 2.51
N ARG B 78 3.80 5.79 3.57
CA ARG B 78 2.34 5.75 3.48
C ARG B 78 1.84 6.85 2.57
N LEU B 79 2.57 7.96 2.53
CA LEU B 79 2.22 9.09 1.68
C LEU B 79 2.28 8.66 0.22
N ILE B 80 3.34 7.96 -0.13
CA ILE B 80 3.54 7.47 -1.49
C ILE B 80 2.43 6.50 -1.87
N GLY B 81 1.93 5.78 -0.87
CA GLY B 81 0.85 4.84 -1.10
C GLY B 81 -0.40 5.51 -1.62
N GLU B 82 -0.77 6.62 -1.00
CA GLU B 82 -1.95 7.37 -1.40
C GLU B 82 -1.67 8.13 -2.69
N LEU B 83 -0.40 8.50 -2.89
CA LEU B 83 0.01 9.23 -4.07
C LEU B 83 -0.16 8.37 -5.33
N ALA B 84 0.24 7.11 -5.22
CA ALA B 84 0.12 6.17 -6.33
C ALA B 84 -1.35 5.90 -6.65
N LYS B 85 -2.20 6.14 -5.66
CA LYS B 85 -3.63 5.93 -5.82
C LYS B 85 -4.26 7.18 -6.41
N GLU B 86 -3.72 8.34 -6.04
CA GLU B 86 -4.21 9.63 -6.51
C GLU B 86 -3.85 9.89 -7.97
N ILE B 87 -2.99 9.06 -8.55
CA ILE B 87 -2.61 9.24 -9.94
C ILE B 87 -3.56 8.50 -10.88
N ARG B 88 -4.33 7.57 -10.33
CA ARG B 88 -5.28 6.81 -11.13
C ARG B 88 -6.70 6.98 -10.60
N LYS B 89 -6.89 6.69 -9.33
CA LYS B 89 -8.19 6.82 -8.70
C LYS B 89 -8.57 8.29 -8.56
N LYS B 90 -7.68 9.06 -7.95
CA LYS B 90 -7.87 10.50 -7.71
C LYS B 90 -9.26 10.78 -7.13
N LYS B 91 -10.21 11.17 -7.97
CA LYS B 91 -11.56 11.45 -7.53
C LYS B 91 -12.56 10.86 -8.52
N ASP B 92 -12.36 9.58 -8.84
CA ASP B 92 -13.22 8.85 -9.77
C ASP B 92 -14.64 8.82 -9.26
N LEU B 93 -15.37 9.86 -9.60
CA LEU B 93 -16.75 10.07 -9.20
C LEU B 93 -17.22 11.37 -9.84
N LYS B 94 -16.28 12.29 -9.99
CA LYS B 94 -16.55 13.59 -10.60
C LYS B 94 -15.46 13.95 -11.61
N ILE B 95 -14.22 14.04 -11.14
CA ILE B 95 -13.09 14.40 -11.99
C ILE B 95 -12.01 13.33 -11.94
N ARG B 96 -11.45 12.98 -13.10
CA ARG B 96 -10.40 11.97 -13.16
C ARG B 96 -9.10 12.57 -13.69
N LYS B 97 -9.17 13.08 -14.92
CA LYS B 97 -8.04 13.72 -15.61
C LYS B 97 -6.97 12.71 -16.06
N LYS B 98 -6.96 11.53 -15.46
CA LYS B 98 -6.00 10.47 -15.80
C LYS B 98 -4.56 10.91 -15.51
N MET C 1 -5.08 6.44 -17.70
CA MET C 1 -3.92 5.61 -18.03
C MET C 1 -2.93 6.40 -18.87
N ALA C 2 -3.05 7.72 -18.81
CA ALA C 2 -2.18 8.61 -19.55
C ALA C 2 -2.01 9.92 -18.79
N ALA C 3 -0.82 10.13 -18.24
CA ALA C 3 -0.55 11.35 -17.48
C ALA C 3 0.46 12.23 -18.20
N GLU C 4 0.30 13.53 -18.03
CA GLU C 4 1.18 14.52 -18.64
C GLU C 4 2.45 14.65 -17.78
N PRO C 5 3.55 15.21 -18.35
CA PRO C 5 4.83 15.40 -17.66
C PRO C 5 4.69 15.64 -16.15
N LEU C 6 5.30 14.77 -15.36
CA LEU C 6 5.21 14.86 -13.90
C LEU C 6 6.55 15.23 -13.27
N THR C 7 6.51 15.51 -11.97
CA THR C 7 7.71 15.89 -11.22
C THR C 7 8.55 14.65 -10.88
N GLU C 8 9.65 14.85 -10.15
CA GLU C 8 10.56 13.75 -9.77
C GLU C 8 9.80 12.61 -9.09
N LEU C 9 9.19 12.89 -7.95
CA LEU C 9 8.46 11.88 -7.18
C LEU C 9 7.39 11.19 -8.03
N GLU C 10 6.66 11.96 -8.81
CA GLU C 10 5.61 11.43 -9.66
C GLU C 10 6.19 10.57 -10.78
N GLU C 11 7.41 10.89 -11.20
CA GLU C 11 8.06 10.13 -12.25
C GLU C 11 8.57 8.80 -11.70
N SER C 12 9.02 8.82 -10.45
CA SER C 12 9.53 7.62 -9.79
C SER C 12 8.43 6.56 -9.69
N ILE C 13 7.24 6.97 -9.26
CA ILE C 13 6.13 6.03 -9.15
C ILE C 13 5.64 5.62 -10.53
N GLU C 14 5.84 6.48 -11.51
CA GLU C 14 5.44 6.19 -12.87
C GLU C 14 6.29 5.04 -13.42
N THR C 15 7.52 4.93 -12.90
CA THR C 15 8.44 3.89 -13.32
C THR C 15 7.93 2.50 -12.91
N VAL C 16 7.26 2.41 -11.77
CA VAL C 16 6.74 1.13 -11.31
C VAL C 16 5.42 0.81 -12.02
N VAL C 17 4.76 1.84 -12.53
CA VAL C 17 3.51 1.66 -13.25
C VAL C 17 3.81 1.25 -14.68
N THR C 18 4.82 1.88 -15.27
CA THR C 18 5.22 1.59 -16.63
C THR C 18 5.73 0.15 -16.77
N THR C 19 6.31 -0.37 -15.69
CA THR C 19 6.82 -1.74 -15.70
C THR C 19 5.66 -2.71 -15.56
N PHE C 20 4.69 -2.34 -14.74
CA PHE C 20 3.51 -3.17 -14.52
C PHE C 20 2.73 -3.27 -15.83
N PHE C 21 2.66 -2.15 -16.55
CA PHE C 21 1.95 -2.09 -17.82
C PHE C 21 2.66 -2.91 -18.90
N THR C 22 3.98 -3.05 -18.78
CA THR C 22 4.76 -3.81 -19.74
C THR C 22 4.85 -5.28 -19.34
N PHE C 23 4.26 -5.61 -18.20
CA PHE C 23 4.27 -6.98 -17.74
C PHE C 23 2.87 -7.58 -17.84
N ALA C 24 1.86 -6.77 -17.52
CA ALA C 24 0.47 -7.21 -17.58
C ALA C 24 -0.06 -7.12 -19.01
N ARG C 25 0.67 -7.74 -19.92
CA ARG C 25 0.29 -7.76 -21.32
C ARG C 25 0.60 -9.11 -21.94
N GLN C 26 0.58 -10.14 -21.12
CA GLN C 26 0.88 -11.49 -21.59
C GLN C 26 -0.40 -12.31 -21.67
N GLU C 27 -1.21 -12.25 -20.63
CA GLU C 27 -2.45 -13.02 -20.57
C GLU C 27 -3.64 -12.22 -21.11
N GLY C 28 -4.03 -11.18 -20.40
CA GLY C 28 -5.15 -10.37 -20.83
C GLY C 28 -5.55 -9.32 -19.80
N ARG C 29 -6.04 -8.19 -20.30
CA ARG C 29 -6.48 -7.06 -19.46
C ARG C 29 -5.30 -6.42 -18.74
N LYS C 30 -4.68 -5.44 -19.40
CA LYS C 30 -3.52 -4.74 -18.83
C LYS C 30 -3.88 -3.90 -17.61
N ASP C 31 -5.17 -3.84 -17.30
CA ASP C 31 -5.64 -3.10 -16.13
C ASP C 31 -5.57 -3.98 -14.89
N SER C 32 -4.99 -5.16 -15.06
CA SER C 32 -4.88 -6.12 -13.97
C SER C 32 -3.68 -7.03 -14.16
N LEU C 33 -3.23 -7.63 -13.07
CA LEU C 33 -2.11 -8.55 -13.10
C LEU C 33 -2.63 -9.99 -13.08
N SER C 34 -2.37 -10.73 -14.14
CA SER C 34 -2.81 -12.11 -14.23
C SER C 34 -1.87 -13.03 -13.45
N VAL C 35 -2.15 -14.33 -13.48
CA VAL C 35 -1.36 -15.31 -12.73
C VAL C 35 0.02 -15.57 -13.36
N ASN C 36 0.05 -15.77 -14.67
CA ASN C 36 1.32 -16.06 -15.36
C ASN C 36 2.22 -14.84 -15.33
N GLU C 37 1.64 -13.68 -15.57
CA GLU C 37 2.37 -12.42 -15.57
C GLU C 37 2.97 -12.13 -14.21
N PHE C 38 2.24 -12.48 -13.16
CA PHE C 38 2.70 -12.25 -11.79
C PHE C 38 3.91 -13.12 -11.49
N LYS C 39 3.86 -14.37 -11.92
CA LYS C 39 4.95 -15.31 -11.70
C LYS C 39 6.17 -14.91 -12.51
N GLU C 40 5.94 -14.36 -13.70
CA GLU C 40 7.02 -13.91 -14.56
C GLU C 40 7.63 -12.61 -14.04
N LEU C 41 6.87 -11.90 -13.22
CA LEU C 41 7.32 -10.63 -12.66
C LEU C 41 8.35 -10.87 -11.56
N VAL C 42 7.96 -11.67 -10.57
CA VAL C 42 8.83 -11.96 -9.44
C VAL C 42 10.07 -12.75 -9.87
N THR C 43 9.87 -13.82 -10.65
CA THR C 43 10.96 -14.66 -11.10
C THR C 43 11.64 -14.07 -12.35
N GLN C 44 12.01 -12.80 -12.27
CA GLN C 44 12.66 -12.13 -13.39
C GLN C 44 13.13 -10.73 -12.98
N GLN C 45 12.26 -9.97 -12.33
CA GLN C 45 12.61 -8.62 -11.90
C GLN C 45 13.03 -8.56 -10.43
N LEU C 46 12.32 -9.30 -9.57
CA LEU C 46 12.65 -9.28 -8.14
C LEU C 46 13.00 -10.67 -7.61
N PRO C 47 14.19 -11.19 -7.95
CA PRO C 47 14.63 -12.51 -7.47
C PRO C 47 15.29 -12.44 -6.10
N HIS C 48 15.79 -11.26 -5.75
CA HIS C 48 16.45 -11.06 -4.46
C HIS C 48 15.65 -10.11 -3.58
N LEU C 49 15.08 -9.07 -4.18
CA LEU C 49 14.29 -8.09 -3.43
C LEU C 49 13.15 -8.81 -2.73
N LEU C 50 12.42 -9.61 -3.50
CA LEU C 50 11.36 -10.42 -2.95
C LEU C 50 11.95 -11.76 -2.58
N LYS C 51 12.17 -11.96 -1.29
CA LYS C 51 12.80 -13.17 -0.78
C LYS C 51 11.83 -14.36 -0.76
N ASP C 52 11.09 -14.54 -1.84
CA ASP C 52 10.14 -15.64 -1.98
C ASP C 52 9.54 -15.67 -3.37
N VAL C 53 10.00 -16.61 -4.18
CA VAL C 53 9.50 -16.76 -5.53
C VAL C 53 8.84 -18.14 -5.67
N GLY C 54 8.72 -18.82 -4.54
CA GLY C 54 8.13 -20.14 -4.52
C GLY C 54 6.71 -20.12 -4.00
N SER C 55 6.51 -19.41 -2.90
CA SER C 55 5.19 -19.31 -2.29
C SER C 55 4.43 -18.12 -2.87
N LEU C 56 4.73 -17.79 -4.12
CA LEU C 56 4.09 -16.68 -4.82
C LEU C 56 2.58 -16.89 -4.86
N ASP C 57 2.17 -18.14 -5.09
CA ASP C 57 0.76 -18.50 -5.16
C ASP C 57 0.05 -18.13 -3.85
N GLU C 58 0.75 -18.31 -2.75
CA GLU C 58 0.22 -17.98 -1.43
C GLU C 58 0.08 -16.48 -1.28
N LYS C 59 1.12 -15.76 -1.67
CA LYS C 59 1.10 -14.30 -1.60
C LYS C 59 -0.01 -13.73 -2.48
N MET C 60 -0.19 -14.33 -3.65
CA MET C 60 -1.21 -13.90 -4.59
C MET C 60 -2.59 -13.97 -3.96
N LYS C 61 -2.83 -15.05 -3.21
CA LYS C 61 -4.10 -15.26 -2.53
C LYS C 61 -4.27 -14.29 -1.35
N SER C 62 -3.16 -13.74 -0.89
CA SER C 62 -3.18 -12.80 0.23
C SER C 62 -3.32 -11.37 -0.28
N LEU C 63 -3.02 -11.17 -1.55
CA LEU C 63 -3.12 -9.85 -2.16
C LEU C 63 -4.51 -9.64 -2.75
N ASP C 64 -4.98 -10.64 -3.49
CA ASP C 64 -6.30 -10.57 -4.10
C ASP C 64 -7.35 -10.92 -3.06
N VAL C 65 -7.85 -9.89 -2.37
CA VAL C 65 -8.86 -10.05 -1.34
C VAL C 65 -10.20 -10.50 -1.91
N ASN C 66 -10.31 -10.43 -3.23
CA ASN C 66 -11.52 -10.85 -3.92
C ASN C 66 -11.39 -12.31 -4.32
N GLN C 67 -10.14 -12.73 -4.51
CA GLN C 67 -9.80 -14.09 -4.87
C GLN C 67 -10.48 -14.52 -6.17
N ASP C 68 -10.57 -13.60 -7.12
CA ASP C 68 -11.19 -13.92 -8.41
C ASP C 68 -10.09 -14.20 -9.44
N SER C 69 -8.87 -14.35 -8.92
CA SER C 69 -7.69 -14.64 -9.74
C SER C 69 -7.36 -13.48 -10.67
N GLU C 70 -7.46 -12.27 -10.14
CA GLU C 70 -7.17 -11.07 -10.92
C GLU C 70 -6.75 -9.94 -10.01
N LEU C 71 -5.47 -9.61 -10.04
CA LEU C 71 -4.94 -8.55 -9.22
C LEU C 71 -5.17 -7.20 -9.89
N LYS C 72 -6.22 -6.51 -9.48
CA LYS C 72 -6.55 -5.20 -10.06
C LYS C 72 -5.51 -4.15 -9.66
N PHE C 73 -5.62 -2.96 -10.24
CA PHE C 73 -4.68 -1.87 -9.94
C PHE C 73 -4.97 -1.26 -8.56
N ASN C 74 -4.83 -2.09 -7.54
CA ASN C 74 -5.05 -1.71 -6.16
C ASN C 74 -4.57 -2.85 -5.28
N GLU C 75 -4.95 -4.06 -5.67
CA GLU C 75 -4.56 -5.27 -4.96
C GLU C 75 -3.12 -5.62 -5.30
N TYR C 76 -2.76 -5.42 -6.57
CA TYR C 76 -1.40 -5.71 -7.05
C TYR C 76 -0.38 -4.76 -6.41
N TRP C 77 -0.79 -3.51 -6.20
CA TRP C 77 0.09 -2.50 -5.62
C TRP C 77 0.60 -2.93 -4.24
N ARG C 78 -0.19 -3.75 -3.57
CA ARG C 78 0.18 -4.23 -2.23
C ARG C 78 1.55 -4.91 -2.27
N LEU C 79 1.84 -5.60 -3.38
CA LEU C 79 3.13 -6.28 -3.53
C LEU C 79 4.27 -5.27 -3.51
N ILE C 80 4.04 -4.12 -4.14
CA ILE C 80 5.03 -3.05 -4.21
C ILE C 80 5.28 -2.51 -2.80
N GLY C 81 4.23 -2.50 -1.99
CA GLY C 81 4.37 -2.01 -0.63
C GLY C 81 5.10 -3.02 0.24
N GLU C 82 4.90 -4.30 -0.05
CA GLU C 82 5.54 -5.36 0.70
C GLU C 82 7.04 -5.39 0.43
N LEU C 83 7.43 -5.28 -0.83
CA LEU C 83 8.86 -5.28 -1.18
C LEU C 83 9.56 -4.07 -0.59
N ALA C 84 8.78 -3.02 -0.29
CA ALA C 84 9.32 -1.81 0.29
C ALA C 84 9.72 -2.04 1.74
N LYS C 85 8.86 -2.72 2.49
CA LYS C 85 9.14 -3.01 3.89
C LYS C 85 10.14 -4.16 4.01
N GLU C 86 10.24 -4.95 2.94
CA GLU C 86 11.17 -6.09 2.91
C GLU C 86 12.62 -5.64 3.01
N ILE C 87 12.90 -4.42 2.57
CA ILE C 87 14.26 -3.90 2.62
C ILE C 87 14.56 -3.27 3.97
N ARG C 88 13.52 -2.95 4.74
CA ARG C 88 13.71 -2.33 6.05
C ARG C 88 13.65 -3.39 7.14
N LYS C 89 12.75 -4.35 7.00
CA LYS C 89 12.58 -5.41 7.98
C LYS C 89 13.11 -6.73 7.44
N LYS C 90 12.96 -7.81 8.21
CA LYS C 90 13.45 -9.12 7.79
C LYS C 90 12.31 -10.13 7.66
N LYS C 91 11.60 -10.37 8.75
CA LYS C 91 10.50 -11.33 8.76
C LYS C 91 9.56 -11.01 9.92
N ASP C 92 9.76 -9.84 10.48
CA ASP C 92 9.00 -9.37 11.63
C ASP C 92 7.70 -8.71 11.21
N LEU C 93 6.86 -9.45 10.49
CA LEU C 93 5.58 -8.93 10.03
C LEU C 93 4.53 -10.05 9.99
N LYS C 94 4.09 -10.41 8.78
CA LYS C 94 3.08 -11.46 8.56
C LYS C 94 1.70 -11.03 9.06
N ILE C 95 1.55 -10.97 10.39
CA ILE C 95 0.29 -10.59 11.07
C ILE C 95 -0.86 -11.54 10.74
N ARG C 96 -1.90 -11.49 11.56
CA ARG C 96 -3.07 -12.35 11.36
C ARG C 96 -4.32 -11.70 11.96
N LYS C 97 -5.11 -11.08 11.10
CA LYS C 97 -6.35 -10.41 11.52
C LYS C 97 -7.34 -10.39 10.37
N LYS C 98 -8.59 -10.69 10.66
CA LYS C 98 -9.64 -10.70 9.64
C LYS C 98 -10.19 -9.30 9.44
N GLU D 1 17.36 -27.05 -13.49
CA GLU D 1 17.18 -27.59 -12.12
C GLU D 1 18.36 -27.19 -11.24
N LYS D 2 18.19 -26.09 -10.52
CA LYS D 2 19.24 -25.60 -9.62
C LYS D 2 18.74 -25.64 -8.19
N LEU D 3 19.54 -26.22 -7.30
CA LEU D 3 19.16 -26.30 -5.90
C LEU D 3 20.40 -26.38 -5.01
N GLY D 4 21.57 -26.32 -5.62
CA GLY D 4 22.81 -26.38 -4.87
C GLY D 4 23.46 -27.73 -4.95
N LYS D 5 24.19 -28.09 -3.91
CA LYS D 5 24.89 -29.37 -3.85
C LYS D 5 24.81 -29.95 -2.44
N LEU D 6 24.82 -31.27 -2.35
CA LEU D 6 24.76 -31.94 -1.07
C LEU D 6 25.88 -32.95 -0.93
N GLN D 7 26.68 -32.80 0.11
CA GLN D 7 27.79 -33.70 0.37
C GLN D 7 27.36 -34.77 1.35
N TYR D 8 27.66 -36.02 1.05
CA TYR D 8 27.26 -37.12 1.92
C TYR D 8 28.21 -38.32 1.80
N SER D 9 28.03 -39.28 2.70
CA SER D 9 28.82 -40.48 2.73
C SER D 9 27.93 -41.68 3.04
N LEU D 10 27.98 -42.70 2.20
CA LEU D 10 27.16 -43.89 2.40
C LEU D 10 28.01 -45.13 2.62
N ASP D 11 27.77 -45.82 3.72
CA ASP D 11 28.47 -47.05 4.04
C ASP D 11 27.45 -48.16 4.25
N TYR D 12 27.84 -49.41 4.04
CA TYR D 12 26.91 -50.52 4.18
C TYR D 12 27.27 -51.43 5.35
N ASP D 13 26.24 -52.01 5.95
CA ASP D 13 26.40 -52.93 7.07
C ASP D 13 25.87 -54.29 6.65
N PHE D 14 26.59 -55.35 6.98
CA PHE D 14 26.17 -56.70 6.60
C PHE D 14 25.74 -57.54 7.80
N GLN D 15 25.69 -56.92 8.97
CA GLN D 15 25.29 -57.62 10.18
C GLN D 15 23.78 -57.50 10.35
N ASN D 16 23.23 -56.36 9.95
CA ASN D 16 21.79 -56.14 10.03
C ASN D 16 21.22 -55.93 8.64
N ASN D 17 22.11 -55.83 7.66
CA ASN D 17 21.74 -55.65 6.24
C ASN D 17 21.02 -54.33 6.01
N GLN D 18 21.78 -53.25 5.96
CA GLN D 18 21.21 -51.94 5.71
C GLN D 18 22.31 -50.95 5.33
N LEU D 19 21.91 -49.87 4.68
CA LEU D 19 22.85 -48.83 4.27
C LEU D 19 22.75 -47.64 5.20
N LEU D 20 23.88 -47.25 5.75
CA LEU D 20 23.94 -46.13 6.66
C LEU D 20 24.01 -44.83 5.87
N VAL D 21 22.85 -44.22 5.65
CA VAL D 21 22.79 -42.98 4.91
C VAL D 21 23.12 -41.80 5.82
N GLY D 22 24.33 -41.29 5.66
CA GLY D 22 24.77 -40.17 6.46
C GLY D 22 25.04 -38.94 5.60
N ILE D 23 24.11 -37.99 5.64
CA ILE D 23 24.25 -36.77 4.87
C ILE D 23 24.99 -35.72 5.69
N ILE D 24 26.03 -35.13 5.11
CA ILE D 24 26.82 -34.14 5.81
C ILE D 24 26.11 -32.79 5.85
N GLN D 25 25.89 -32.20 4.69
CA GLN D 25 25.24 -30.89 4.62
C GLN D 25 24.78 -30.57 3.20
N ALA D 26 23.88 -29.59 3.10
CA ALA D 26 23.36 -29.13 1.83
C ALA D 26 23.70 -27.66 1.67
N ALA D 27 24.15 -27.26 0.50
CA ALA D 27 24.53 -25.88 0.27
C ALA D 27 23.79 -25.27 -0.92
N GLU D 28 23.66 -23.95 -0.88
CA GLU D 28 23.01 -23.17 -1.96
C GLU D 28 21.52 -23.44 -2.08
N LEU D 29 20.82 -23.52 -0.96
CA LEU D 29 19.38 -23.77 -0.98
C LEU D 29 18.63 -22.48 -1.32
N PRO D 30 17.50 -22.60 -2.04
CA PRO D 30 16.69 -21.45 -2.47
C PRO D 30 15.77 -20.91 -1.38
N ALA D 31 15.15 -19.76 -1.67
CA ALA D 31 14.24 -19.11 -0.75
C ALA D 31 12.78 -19.45 -1.08
N LEU D 32 12.15 -20.23 -0.21
CA LEU D 32 10.76 -20.63 -0.41
C LEU D 32 9.88 -19.93 0.62
N ASP D 33 10.49 -19.48 1.70
CA ASP D 33 9.78 -18.78 2.76
C ASP D 33 10.17 -17.31 2.77
N MET D 34 9.16 -16.45 2.90
CA MET D 34 9.37 -15.01 2.93
C MET D 34 10.35 -14.63 4.03
N GLY D 35 11.48 -14.09 3.61
CA GLY D 35 12.52 -13.71 4.54
C GLY D 35 13.88 -14.16 4.07
N GLY D 36 13.89 -14.95 3.00
CA GLY D 36 15.13 -15.44 2.44
C GLY D 36 15.72 -16.57 3.25
N THR D 37 14.89 -17.19 4.07
CA THR D 37 15.32 -18.30 4.90
C THR D 37 14.20 -19.33 5.06
N SER D 38 14.30 -20.42 4.32
CA SER D 38 13.31 -21.47 4.35
C SER D 38 13.63 -22.49 5.46
N ASP D 39 12.75 -23.47 5.63
CA ASP D 39 12.93 -24.52 6.64
C ASP D 39 13.04 -25.87 5.93
N PRO D 40 14.18 -26.13 5.26
CA PRO D 40 14.38 -27.36 4.49
C PRO D 40 14.97 -28.52 5.29
N TYR D 41 14.29 -29.65 5.24
CA TYR D 41 14.74 -30.87 5.88
C TYR D 41 14.64 -32.01 4.87
N VAL D 42 15.58 -32.94 4.93
CA VAL D 42 15.61 -34.05 3.98
C VAL D 42 14.77 -35.24 4.43
N LYS D 43 13.71 -35.52 3.70
CA LYS D 43 12.84 -36.64 4.01
C LYS D 43 13.10 -37.75 3.00
N VAL D 44 13.69 -38.84 3.47
CA VAL D 44 14.01 -39.98 2.63
C VAL D 44 12.76 -40.70 2.14
N PHE D 45 12.67 -40.88 0.83
CA PHE D 45 11.56 -41.57 0.21
C PHE D 45 12.08 -42.69 -0.67
N LEU D 46 11.27 -43.70 -0.88
CA LEU D 46 11.67 -44.84 -1.69
C LEU D 46 10.80 -44.98 -2.92
N LEU D 47 11.19 -45.90 -3.78
CA LEU D 47 10.47 -46.21 -5.00
C LEU D 47 9.24 -47.08 -4.63
N PRO D 48 8.54 -47.76 -5.60
CA PRO D 48 7.38 -48.62 -5.29
C PRO D 48 7.60 -49.62 -4.14
N ASP D 49 8.83 -49.71 -3.64
CA ASP D 49 9.16 -50.58 -2.51
C ASP D 49 8.35 -50.18 -1.29
N LYS D 50 8.42 -48.88 -0.98
CA LYS D 50 7.70 -48.26 0.15
C LYS D 50 7.71 -49.11 1.43
N LYS D 51 8.90 -49.50 1.87
CA LYS D 51 9.03 -50.29 3.09
C LYS D 51 9.93 -49.59 4.08
N LYS D 52 10.27 -48.33 3.80
CA LYS D 52 11.16 -47.56 4.65
C LYS D 52 10.96 -46.06 4.43
N LYS D 53 10.97 -45.31 5.52
CA LYS D 53 10.79 -43.86 5.49
C LYS D 53 11.25 -43.27 6.81
N PHE D 54 11.75 -42.04 6.78
CA PHE D 54 12.22 -41.39 8.00
C PHE D 54 12.19 -39.87 7.87
N GLU D 55 11.66 -39.22 8.90
CA GLU D 55 11.58 -37.76 8.93
C GLU D 55 12.76 -37.22 9.73
N THR D 56 13.47 -36.26 9.17
CA THR D 56 14.64 -35.69 9.84
C THR D 56 14.28 -34.50 10.73
N LYS D 57 15.30 -33.86 11.28
CA LYS D 57 15.13 -32.70 12.14
C LYS D 57 14.86 -31.46 11.31
N VAL D 58 13.86 -30.69 11.70
CA VAL D 58 13.53 -29.48 10.97
C VAL D 58 14.63 -28.42 11.14
N HIS D 59 15.15 -27.93 10.03
CA HIS D 59 16.18 -26.91 10.06
C HIS D 59 15.53 -25.58 9.71
N ARG D 60 14.92 -24.96 10.71
CA ARG D 60 14.21 -23.70 10.52
C ARG D 60 15.13 -22.54 10.13
N LYS D 61 14.65 -21.76 9.17
CA LYS D 61 15.31 -20.57 8.66
C LYS D 61 16.80 -20.78 8.42
N THR D 62 17.13 -21.48 7.35
CA THR D 62 18.51 -21.74 7.00
C THR D 62 18.63 -22.14 5.54
N LEU D 63 19.77 -21.82 4.94
CA LEU D 63 20.03 -22.16 3.55
C LEU D 63 21.23 -23.07 3.45
N ASN D 64 21.71 -23.52 4.61
CA ASN D 64 22.85 -24.42 4.69
C ASN D 64 22.77 -25.23 5.97
N PRO D 65 22.00 -26.33 5.96
CA PRO D 65 21.82 -27.18 7.13
C PRO D 65 23.01 -28.10 7.39
N VAL D 66 23.35 -28.24 8.67
CA VAL D 66 24.47 -29.07 9.10
C VAL D 66 24.07 -29.81 10.37
N PHE D 67 23.84 -31.11 10.26
CA PHE D 67 23.45 -31.91 11.42
C PHE D 67 23.89 -33.35 11.27
N ASN D 68 23.96 -33.82 10.02
CA ASN D 68 24.37 -35.18 9.71
C ASN D 68 23.38 -36.20 10.27
N GLU D 69 22.15 -36.14 9.80
CA GLU D 69 21.11 -37.07 10.23
C GLU D 69 21.40 -38.45 9.68
N GLN D 70 21.00 -39.48 10.40
CA GLN D 70 21.23 -40.86 9.97
C GLN D 70 19.94 -41.57 9.61
N PHE D 71 19.92 -42.17 8.44
CA PHE D 71 18.76 -42.91 7.98
C PHE D 71 19.14 -44.38 7.80
N THR D 72 18.43 -45.25 8.51
CA THR D 72 18.67 -46.68 8.43
C THR D 72 17.97 -47.28 7.22
N PHE D 73 18.69 -47.43 6.13
CA PHE D 73 18.14 -47.99 4.90
C PHE D 73 18.05 -49.51 5.02
N LYS D 74 17.03 -49.99 5.71
CA LYS D 74 16.83 -51.42 5.92
C LYS D 74 16.51 -52.13 4.61
N VAL D 75 17.55 -52.63 3.97
CA VAL D 75 17.42 -53.33 2.70
C VAL D 75 18.57 -54.33 2.56
N PRO D 76 18.26 -55.61 2.31
CA PRO D 76 19.28 -56.64 2.13
C PRO D 76 20.17 -56.30 0.95
N TYR D 77 21.46 -56.63 1.03
CA TYR D 77 22.40 -56.34 -0.03
C TYR D 77 21.97 -57.01 -1.34
N SER D 78 21.22 -58.09 -1.22
CA SER D 78 20.73 -58.83 -2.37
C SER D 78 19.56 -58.11 -3.04
N GLU D 79 19.00 -57.12 -2.34
CA GLU D 79 17.88 -56.35 -2.86
C GLU D 79 18.34 -54.95 -3.28
N LEU D 80 19.64 -54.72 -3.18
CA LEU D 80 20.24 -53.43 -3.53
C LEU D 80 20.04 -53.07 -4.99
N GLY D 81 20.24 -54.04 -5.88
CA GLY D 81 20.10 -53.81 -7.31
C GLY D 81 18.69 -53.38 -7.70
N GLY D 82 17.70 -53.99 -7.09
CA GLY D 82 16.32 -53.67 -7.39
C GLY D 82 15.75 -52.62 -6.45
N LYS D 83 16.61 -51.76 -5.94
CA LYS D 83 16.19 -50.71 -5.03
C LYS D 83 16.85 -49.38 -5.37
N THR D 84 16.12 -48.30 -5.17
CA THR D 84 16.62 -46.97 -5.44
C THR D 84 15.90 -45.97 -4.54
N LEU D 85 16.65 -45.31 -3.67
CA LEU D 85 16.09 -44.34 -2.75
C LEU D 85 16.25 -42.94 -3.28
N VAL D 86 15.36 -42.05 -2.88
CA VAL D 86 15.41 -40.66 -3.32
C VAL D 86 15.50 -39.74 -2.11
N MET D 87 16.33 -38.72 -2.21
CA MET D 87 16.50 -37.77 -1.14
C MET D 87 15.78 -36.48 -1.49
N ALA D 88 14.59 -36.31 -0.94
CA ALA D 88 13.79 -35.13 -1.21
C ALA D 88 13.82 -34.16 -0.03
N VAL D 89 14.19 -32.93 -0.31
CA VAL D 89 14.26 -31.91 0.73
C VAL D 89 12.94 -31.13 0.74
N TYR D 90 12.24 -31.25 1.85
CA TYR D 90 10.94 -30.60 2.03
C TYR D 90 11.08 -29.41 2.97
N ASP D 91 10.26 -28.39 2.73
CA ASP D 91 10.28 -27.19 3.56
C ASP D 91 9.21 -27.32 4.65
N PHE D 92 9.42 -26.64 5.77
CA PHE D 92 8.48 -26.68 6.88
C PHE D 92 8.34 -25.31 7.53
N ASP D 93 8.08 -24.29 6.71
CA ASP D 93 7.90 -22.92 7.19
C ASP D 93 6.82 -22.85 8.29
N ARG D 94 5.83 -23.75 8.19
CA ARG D 94 4.74 -23.87 9.16
C ARG D 94 3.64 -22.82 8.96
N PHE D 95 3.76 -21.96 7.97
CA PHE D 95 2.76 -20.92 7.74
C PHE D 95 2.06 -21.12 6.39
N SER D 96 2.83 -21.06 5.32
CA SER D 96 2.30 -21.22 3.98
C SER D 96 2.24 -22.69 3.57
N LYS D 97 1.80 -22.95 2.35
CA LYS D 97 1.71 -24.31 1.85
C LYS D 97 3.01 -24.68 1.15
N HIS D 98 4.00 -25.02 1.94
CA HIS D 98 5.31 -25.41 1.43
C HIS D 98 5.22 -26.68 0.59
N ASP D 99 6.23 -26.88 -0.25
CA ASP D 99 6.28 -28.04 -1.13
C ASP D 99 7.73 -28.51 -1.27
N ILE D 100 7.95 -29.52 -2.08
CA ILE D 100 9.29 -30.04 -2.31
C ILE D 100 10.09 -29.06 -3.17
N ILE D 101 11.19 -28.55 -2.63
CA ILE D 101 12.02 -27.61 -3.36
C ILE D 101 12.93 -28.34 -4.35
N GLY D 102 13.28 -29.57 -4.03
CA GLY D 102 14.14 -30.36 -4.89
C GLY D 102 14.43 -31.73 -4.33
N GLU D 103 15.05 -32.58 -5.14
CA GLU D 103 15.36 -33.94 -4.73
C GLU D 103 16.33 -34.58 -5.71
N PHE D 104 17.17 -35.48 -5.22
CA PHE D 104 18.11 -36.19 -6.06
C PHE D 104 18.03 -37.68 -5.78
N LYS D 105 18.40 -38.49 -6.76
CA LYS D 105 18.34 -39.93 -6.61
C LYS D 105 19.38 -40.60 -7.48
N VAL D 106 19.86 -41.76 -7.05
CA VAL D 106 20.85 -42.51 -7.79
C VAL D 106 20.55 -44.01 -7.69
N PRO D 107 20.52 -44.72 -8.82
CA PRO D 107 20.25 -46.16 -8.84
C PRO D 107 21.36 -46.95 -8.15
N MET D 108 21.00 -47.63 -7.07
CA MET D 108 21.96 -48.43 -6.31
C MET D 108 22.50 -49.57 -7.16
N ASN D 109 21.79 -49.89 -8.24
CA ASN D 109 22.18 -50.95 -9.15
C ASN D 109 23.56 -50.65 -9.75
N THR D 110 23.85 -49.37 -9.95
CA THR D 110 25.14 -48.97 -10.50
C THR D 110 26.14 -48.68 -9.39
N VAL D 111 25.63 -48.47 -8.18
CA VAL D 111 26.48 -48.17 -7.03
C VAL D 111 26.86 -49.46 -6.30
N ASP D 112 28.01 -49.99 -6.64
CA ASP D 112 28.51 -51.21 -6.02
C ASP D 112 28.93 -50.93 -4.57
N PHE D 113 28.79 -51.93 -3.71
CA PHE D 113 29.14 -51.77 -2.31
C PHE D 113 30.55 -52.33 -2.04
N GLY D 114 31.53 -51.72 -2.68
CA GLY D 114 32.91 -52.14 -2.50
C GLY D 114 33.46 -51.74 -1.15
N HIS D 115 33.12 -50.54 -0.71
CA HIS D 115 33.57 -50.02 0.59
C HIS D 115 32.64 -48.91 1.07
N VAL D 116 32.91 -47.69 0.64
CA VAL D 116 32.11 -46.54 1.02
C VAL D 116 31.87 -45.62 -0.16
N THR D 117 30.76 -44.89 -0.12
CA THR D 117 30.41 -43.97 -1.18
C THR D 117 30.40 -42.54 -0.67
N GLU D 118 31.53 -41.85 -0.84
CA GLU D 118 31.64 -40.46 -0.41
C GLU D 118 31.66 -39.54 -1.62
N GLU D 119 30.72 -38.62 -1.68
CA GLU D 119 30.64 -37.69 -2.80
C GLU D 119 29.70 -36.52 -2.50
N TRP D 120 29.65 -35.60 -3.44
CA TRP D 120 28.80 -34.42 -3.33
C TRP D 120 27.92 -34.33 -4.57
N ARG D 121 26.72 -34.88 -4.46
CA ARG D 121 25.78 -34.89 -5.56
C ARG D 121 25.10 -33.53 -5.70
N ASP D 122 24.78 -33.16 -6.94
CA ASP D 122 24.11 -31.91 -7.22
C ASP D 122 22.64 -32.01 -6.84
N LEU D 123 22.11 -30.92 -6.32
CA LEU D 123 20.72 -30.87 -5.92
C LEU D 123 19.89 -30.35 -7.08
N GLN D 124 18.91 -31.13 -7.49
CA GLN D 124 18.06 -30.78 -8.62
C GLN D 124 16.65 -30.46 -8.16
N SER D 125 16.13 -29.31 -8.58
CA SER D 125 14.79 -28.88 -8.22
C SER D 125 13.74 -29.61 -9.04
N ALA D 126 13.26 -30.72 -8.51
CA ALA D 126 12.24 -31.52 -9.18
C ALA D 126 10.86 -31.17 -8.65
N GLU D 127 10.09 -30.45 -9.44
CA GLU D 127 8.75 -30.06 -9.06
C GLU D 127 7.81 -31.25 -9.05
N LYS D 128 7.18 -31.48 -7.92
CA LYS D 128 6.24 -32.58 -7.76
C LYS D 128 4.84 -32.03 -7.56
#